data_8XQX
#
_entry.id   8XQX
#
_cell.length_a   1.00
_cell.length_b   1.00
_cell.length_c   1.00
_cell.angle_alpha   90.00
_cell.angle_beta   90.00
_cell.angle_gamma   90.00
#
_symmetry.space_group_name_H-M   'P 1'
#
loop_
_entity.id
_entity.type
_entity.pdbx_description
1 polymer Fhl1
2 polymer Fhl3
3 polymer Ycf2
4 polymer Ctap1
5 polymer Ctap6
6 polymer ARHL
7 polymer PcyA
8 polymer CrTam39
9 polymer ACP
10 polymer CrTam29
11 polymer CrTam34
12 polymer FADL
13 polymer CrTam15
14 polymer CrTam49
15 polymer Ctap7
16 polymer Tic22
17 polymer DnaJ
18 polymer CrTam35
19 polymer CrTam31
20 polymer UNK
21 polymer UNK
22 non-polymer 1,2-DISTEAROYL-MONOGALACTOSYL-DIGLYCERIDE
23 non-polymer 'MAGNESIUM ION'
24 non-polymer 1,2-DI-O-ACYL-3-O-[6-DEOXY-6-SULFO-ALPHA-D-GLUCOPYRANOSYL]-SN-GLYCEROL
25 non-polymer 'DIACYL GLYCEROL'
26 non-polymer 'CHOLESTEROL HEMISUCCINATE'
27 non-polymer 'DIGALACTOSYL DIACYL GLYCEROL (DGDG)'
28 non-polymer Beta-Sitosterol
29 non-polymer 'ZINC ION'
#
loop_
_entity_poly.entity_id
_entity_poly.type
_entity_poly.pdbx_seq_one_letter_code
_entity_poly.pdbx_strand_id
1 'polypeptide(L)'
;MQAAMHAQRPAGPPCSSAPSTSYPVAPSPVSSRSRGLHARRGVAEQRSLGCRSTGSSDQHSNTNDGASGPSRPEQGPELD
WSGLPRRQLAAMAMSPFAALSLPLVNDPAWQQSFETYGGKLREVLLGQQEAAKNVAKQLDEGVTYMDWTYRSTGVDLSAV
WDPELWIRFREAVAQNEPAIFWNKLLDRVQYKENLPQAGLVGDMRISYAKFLELLKDQRVKRLVVYGDMRTAVVEVPHPW
SASVLGHPATHPFYEDSAHNRVSMLRPNPAAPEDVTQWFCAEMPEWDMEKYRFYVDLPGDFWESGVLQRHLAAQRAEGAV
WDPASGQYILPYRAQKKVFQVSTEVQLLDPQESWDFLGWLLAPGRLEFYEKAACVAIALRVLGIVIAISTGSPLFKLVNV
GWGKLRGKGKKNATKDPKKMSKQEKKESQWERLTSSRAREFMTKDEKTGKMRDTGVRFEDIAGMEFLVTEMREIVRMLKG
DEAYKRVGAKCPKGIIFQGPPGTGKTYLARAIAGEAEVPFFSSVGSEFVEMFAGVAAARVNSLFYNARKKAPAIIFIDEI
DAIGRARSTLGGDPGSMERESALLAMLVQMDGIANKTEQVLTIGATNLAQELDAALLRPGRFEVVYEVPQPGPSARMAIL
RYHAKGKPLEGDGQRLLLKTAEATQGWSAAALANLMNEAAILTVRRNVPAISLPMVLELVEGLNWGEQAPRIPDSEAKDR
LALITAAKAVAFALTPGLEPIKSVTMWSGRRGLGPSVDFIAMEDKAAMDMHPEETELMGWRTNFKTNAAVVGDEPLGEFA
HVAGLLVPLYAGRAAEVALFGKDGASLATAQPLADCFEIAYYCVRNSQVHPRFKSLPPLHTTMWLGRDDAGRWRRDPLAI
GFDEELGYHKLTLTLLKASWRRALRLVAQRRSAITKVAAEMLAAPEEKITGARLVEIIESTPLDDLGGEGLDGAAAAAVV
EEAGNEFLPLLKEVLGQVPGIILTGESLAQTDDQGRPLPPSSASTSSADAAASDAAASAGPATELRLDDATLAAVSRTLM
GRLDVVDLIGRNTAVEAAERVRDALLHPETRERLLAMRRWVEGGPGAPEFPPSPLSPEQTAAMSPSGPLYGNLALNLDWW
RRRQDNVISWSAMEILMSRRQVDLYKQDADMTEGAIAKLGPPPAAPAAAIGSSSKSSSGQSS
;
A
2 'polypeptide(L)'
;MRMSGMAIRCAASGSLLASPAASSRPAWRAAPVLCSPRVPCTPLELGVSCRRSCMQRRWSRAANVRTLATSRGEQPQDSG
PSTSGRAELPLDSGIGKLISTTAKAIGLVGLMAVAVLSGPTRAAHARDRLSAQPAAEALIHHQQPYQQPHHHQQQHRSAG
AVANPVLSDLAAAPATLEPATLEPATSTTSALTPVEAAYSAYLRRIAEAYLAEHPQMAAPEHAAHVARVVRSRALGTPLS
FDELMRSAVPAPGEVPNRNSRGQVAEQVRAILDQYDREDFDLGIKQFMLEAKVKAKLEAASRGTSRDRAAPKDYEEALAA
ELFAAEEGAAPKEKAK(TPO)EDMVDDAF(TPO)(TPO)EVVEEAMALFGDANSVKTAWRTQEVLRELSYTQLWALVGEG
HVARVRFYGPEKNKVMATTRASAPGGERLCKVVLPPDPELLDHLVSNGVVVDTGVTEDDRLRASLLVQMLRYTVPFMVIS
GLFWMIHTWILDPLPNKFRRQEFIRYRREMLHVASKLNFRTPAREVRIDTGSPDFIKWDDINGIDEVKKEINEIIEYLRN
PALLRSRGVARIGGVLLAGAPGTGKTLLAKAIAAEGGVRMFTCSGTDFYDVYSGVGARRVRETFDRLRNAAPAILFIDEF
DAMGAARGAQASGDESASIINELLVQMDGFEDNRGIVVLGATNRPGAIDSALIRPGRFDRIIYMPLPDALGRAKIMQVHA
RNKAVDPNINWYEVARAMAGFTGADVMGLMARAARMAARQGRHAITEDDIYAAMENKTMEATLEASTAGDGGGLVGGEGV
EGSPDPIPPQLRRAVSVYEAGKALLAYITPDYEEIARVSVCPLNVLTGFTLFVEDEDKNVNAILTRSELEGRMVVHLAGR
CAEKLVMGEGQMTGMGSPDLFHANLIAREMIMSMGMGRRTGPIDLLRVAATSEAASGADTLRAGPAAADGDPFYYHTTDM
STEQARVALAEVVELLDAAEAKAMYGLAINWRALQALTQALLDRGTITGKEVAHILESNGVIHFPDPYTTGFGWDPDGSL
RYPFKPDTPPEGGSGGGGAAAEGSAPQTPDLSGARGKTWFAGTAYDAPRNADGTFKHGWHWNMPFSVKTELPDWYKKEVE
RYSY
;
B,C
3 'polypeptide(L)'
;MTFLNHYTYLFSIPEKQADKVSGILRLAQARPIETLQNERINKQLNAFLKTYKFEKLITNYKKMQSFIPNNSLNGNKTNS
STNKLYATSLNVFPENPPLMVRKAVSDEADKFSKFTYSKVQVVTNNLNNGMNSKEFIKANNLKPSLRAAESLVLNHLTYN
KFKENLYFKTNNIQPTKSKSTSLFFLNILSNSKPRTCSDFLSSPKIRKTWFRNTAWSLQTQQHRSSNGINLSLQLPYALG
PSVPAGASGQNMYELPVAQSSSRFGTYYFLQKLLSKYLDVWNASADNGSVLSNSENIKLNFSMVSLLDSKMAIQTPNSLY
FVFTQLNQKTFLSYWLLPVAGLALLTPTLLTLTGQSVSVQKFNSFINKKTDMMVLSNTEMPSKSFGTPTLFGTSVEIYLP
NSYMPKGEGESGINRVNSSINAVKKNTVTANLVLDSESQEVATSFQNDLISIKYCFNNLYNYISNKTALSTKNLFLFSAI
KSNATKHKRTQSFFSVENTTTLGNNSNFVKGHFKSSINAFSSYLPSTNVHSMIPLTSLPYLKAISPLYSKFMIDHSLKFI
TPKTTLKLLQHKLNKSPKQMYTKTQNFTGLRDLRALNSFSFGQVNFRTNHFLHSNSRPLNHYNQALKLINGYEQYKNNLQ
INCNKTLDLNTKNKLVYQVNKSHLFNQKCSQIVYKQSLYNRDLCTIRGTGTKVVDYFSHGDKLSNKNGIVLDYFVYSNLL
FDNKTNTIINKDGKQNITKLKLNLTKTTVPFKTLIKKYTSINSLVANEQTRNNLNLGLIHFNGHLSVVSNANLLTGRPVK
FIYYKFDKRLNSYLIYVNQNLKKFIQLNNNFLKPKPLSHQKNKPVEDFNQYATNNSSPPKTNVFEKSFVEDSSLRKPLTS
LRGSKQFLNSLTILFKHQKMFKKKTLKAHKWHSDTQGIFRKHTNSSFGSANFSNGPEESSLSTRLHIQKKRKAKKQRLET
RRQKKRTRFFPRPVWLRSRMFLNFLTERNKYYLNSTITKQGFSLPSKDVVTTKLDWLKEDMRRLPLGAYQYKSLLTQKAG
NKFQRQSFTEVVSTMEYINGIHKALNNSIFNKIVRKSLLSSSQNPLKLRLVANYSKMQFMHRVKLPFYRTLKHSEGTKNL
ANKKQNLRDIKIKANYNNFKSQKANNQPQQNDKDKDKDTMFRDFWVWSYNNTQTNAFNQNLWWLLPNLTTKQSNLEFLTS
TYPTAKETQRAKEEIHGNSIPTASKNQIALIRLNWALNKTNINTFTDYSKRNNLWTTQKLRNQSKNNKTKSLEKQFITNW
EKFFLNKNLNIFSKKIISKVKQKKQKLNYMTSYLNVQSEHNVKIFHNSWWTHLNIKNLVNNQDMVIPVREGYFSVGNFNS
EFINSAIIKSINNKTLVENYVYSPSSEKETMQLLLMSSSILLHLCAIISLVSISQVRCFVKFHLILLYKLSNVYNAILNQ
LSNKLQKNLPIYNNINKLNSRYFYMNHQKSQIKQRKKLLTYFSLTLLKKQFVTVKPLQIRNFASIKNQSSNNSNLTYTDM
LPLSLRANKFRGSKYDISIREEEGQSAHIKPSKSMYAKLNILSLKTIFLKQLLMNKKPSALPSNVGLKSNRETQKSQLIQ
RIKTKELQISLKKNIIGFSKVTKNHILKILFNVIEVFQTAVRNISSFFEKPAEFTTTWIAYGFLVEWSSDFITIIPENVD
IYIWNVFSKIYRTIPLSFISTTLGPASTVFDPVTNSTIPIQMGNFNYQKMVAFPILLSLSHLLHRRILYLFDTLFSTITQ
PDTDLIARQEKGTLFWDIWADFLVTAADYYNVNVAALSTIKAEQNSLIENISNDFDNLTMSSKKPFFMPNKGVSNIKNIF
WIKKLKEPQLPESIVQNREVFVRERKRTLKGLFNIYAPQEETLWNNPTSPKNLSDEKISFKLFNQLNLQLFAEKNKIKPY
FEAYFSTTQQKTNIMQSAFPEANLNRWSVNQFITYQSWHSHNGSNNSNGDLFIDYHPPKTFSHIPALKYNSILQQPIGSL
VCQIYSGLFNKQISKNILLVNPKTTSNNLVDYNVLLIQALAGETEMKIITDNAQRYALVNRGFAIGIKLLREVFDAIALN
TPCIFLLEDIHAIGERRPMLISDFGGGMSDDNGSFKEDFFGSQRDEVHEKNQVVYQLTRHAITHYKKPFKGDYSLAIPTN
LYVTDLFLKLPTQSISNLTNVENHNLSIKNKIQHNGTQSLTETKRNLGGDINKNSYLQLTQFTKTLAPPSTSPFSVLLLK
EEKRLKPNKIVEELPWTSLPGEQLATKPRTSYSVRAKVAMLAELSLSNLSAKLDMITDLLVIIDSVRSNKGFVVFATTDI
PHVLDPALRRPGRLDETICLPNIHTSNILNFTKNYEIFKSAKDTSNFGKKIILNEMQNLTTTSTQRDMYLSCLPTNNQTH
KTKREGVLTMNLKDYNILLNQVYFAEGTGGILNSQMHKDSLQKSLNFALISHSKKLKELNVSKLIGSNGTVSQGNVDQLG
VFAGQIVNKQKKSLQQHLPNSKKSFKKKYKDKAIIYYEVGKFVLNYFLNNQLTQSSIIDKPVSVTNKQTNDITIFGNDFL
NLKTINYLSLYNSKNKILLQLMLIFGGKISQLLSSKNLVKSLKQASINSYMVEEESGSISSAGMPLGQTHLLPKALSVLA
KPMIFSDGYNNQNLKTATTLLLSFIHKRYLYRKNLIVPKLLSFADGNILDEPPSPPFSSLLIPAKRFENYKRFFRDTLTG
DKMGQRKSQITLLEKLQYHMQLRSIKQLNATFSSQENLDFQSNAALTSQKLDTLMSLSTNNLLQNPTNINWYYQNRILKR
HGQYLTNQWWNGQLSEHNAETVFLSDIDWRSSFIKNKNINITKSKNLYRLTQQKNNTDGLDVLLDFPDTDQYYNPKRRRW
LLNNGSWNFWFNFDKLYSEEIVTTWILESLIQTYKYLHKNTELLDFVTNKFITLGYIAPENANLQNISGFPSQSELLSTK
EIILTNSFKRF
;
D
4 'polypeptide(L)'
;MRSAELGRPPRLAQSRLRNVSSHHVTNSCLWLRPPGCRRLVASCAASKESSSASLTAERFITDAKELNATGSGLPIIDGP
DWEEQHWAALKAMSAGRPVALPTPHAKFGPEDLQRIAASGPRLEDLTLEHAERLAGPGQLPTAPDGVALAFRYIPRSVLG
DFRQEVEPDWRSLPAMSPAELYAGLRARNWTSAHYDPAAEPWRLQVFSCDYKHTGVTGWPGYRVVVTSRGGRRRWVDLAE
EGELVQLTEQAPPASPADIGYSHVFAQLYQAYEPRYSPEALAALYGSSSSKGKAAAAAAAQHDTPALRHLDVSYHGTGSA
VAPGSGTAFLMQPSWDAVTGAIRWGLERSGLPELRALRDSLLPEWRPPALELNRSNNNLGVVYFAVCLTLGIVIPALRRS
RILDIRTLEEDPGAAMEFARSKSEARKEGLTGVEFRDVAGLGPILNEVVEVVEFLKDPGTFSKLGARPPKGILLEGDPGT
GKTLLAKALAGEAMVPFYQMSGTEFTEGIVGLGAARVRDLFKRARATAPCVIFVDEIDALGLRRAENDSAKTNEEREQTL
NQLLTEMDGFTPDTGVVFLGATNRADLLDPALMRPGRFDRKIRMPKPDTEGRLEILKLHLRNKQVAPDVDLLQLARDLPG
LVGADLANIVNEAAMTAVRSGRQQLTARDIYAGVDRFTQGEVRPSLPTAHKLPVLCFAAKEIGIALVAGELRDRYGRVEL
VERVSIQPKGRAYSRTMFQRGTDEEYQLMTRGRLLDRIRLALAGGFAVRTALGEETNFTAADIKRATRMAKKYVFYYGFS
EAGGAGITTWANQPYSGDFVIGQQRARKVVSTDAMDAFADWPTVSEDFRFDAPSPSDVTWHRYTDEVRRVLKGCSEDVLG
ILAERQEAMWAGIKALSDRKELLGSELRDIFDAHPAATSRDRDARAELAAAKLDMTIFTEGANSRWPYGIEWLDDAYPKP
YWVQQQEAEAAEAQAKQPAAAL
;
E
5 'polypeptide(L)'
;MKATGLPSLPARALGAAGCSTSPRPAALGWSSRGCASGRRRACARVHVADAEAVASGVAATEAAAAVPALPARATAVVAP
LPEKNYGSLRGGRWPFLYDNVYGLPVVRQVASYGEVLEGIRTGRISQVLWFQAPRAVTASAAAPPPGLGGPQQPQPPPLA
SPDGRCLVRFANGQVKQAVIPPGEPRISQALQQYGTAVSYIPLEPRYMPELAAMRARGAQEAVLGEVDTGAVATPVELPE
DERRGAAVGPTAFEAVAAYGSPEQLAAALDDNYQAAAGQVAALLAEREAWVAEQEALEAAARAERSMSDRAGGGGGGGGT
ALVPSGGFSVGAWLDSIQLTNEQQAMVLKYVPILGPILGSGFIIGLYLLARLVKGDLTDRLKMMDSEADKKKKTALKEAR
IAFLEEEVPGLVAKGASLDDVRKRVQPVNARLGTKLAIGDGEIQSTYEACRLLLSEGVDLSAASSTAASGALAQMESDER
RAAAGAAEGGGEGGDAMNAMMEMGKLNTARIRKATDPKIMDVKKRVRDVRRKLKRESKVQLSDEIIFFDDIAGNKQAKVE
LMEVVDFFRTPEKFKASGARAPKGVLLVGPPGNGKTLMARAVAGESGVAFISSSAAEFIEMYMGLGAARVRDLFNTARSV
APCIIFIDELDAVGRQRQGGGRSNDERDNTVNQLLTEMDGFEAEQQGIVVMGATNRKDVLDAALTRPGRFDRSIEVRRPD
FQGRLEAVKVHLRDKPVAAEIDYVSLASLMGGMSGAQIAGVANTACFLASRDGRSEVNQTDLTLAVEQAKYGRAYDQSRF
VGAGRKKRFAVMEASIALAATLLPAIEPVEYATIIPSTRSPLGRTVLKPHVGRYTTGVWTYRYLREQLLVALAGRAGEEL
VLGRDELSSLNQHRLQMARQVAWKIMNSGMSSHPDYQHLRGLGSNYFDGSSEPGRFQQTTVVMDANQTRSEAVDADMEVE
GLLNGGYKQVFELLVRNRAALDALTELLLEREKISGEEVVQVVEELGHPEDLARRAQWAGYELL
;
F
6 'polypeptide(L)'
;MRQSVRSPGTRASLQSGRAASSCLPVTPLCPLVASTTSAPATSISSSDALLRSTAVASTSTSSPATVPIAARRRHQPRSR
SVAAATPAAAPSPAAAAAPAWRGPGEVGDEDKAVGCLLGAAVGNVLAAPYQGDRHFEVIRLRRNGVTDFWKYDIGAQPVQ
YGQYTGDFANLLAVATSLSASRGVEPAHLLGALTRAYAEGGSSVEVEDASGGSSSGFLPARRYSPYDRLVMDAVLAGTDP
LKVPELAERYLAETTRRHASSSSDRPDREPHGPSDLGAAARAAPIGLAYRRAGGERLLAAVRRSLEFSHPTPLGLDAAHV
VAAAAAWCGRQQPGDAVGATPAALLSHLLNDVAVTAEQCGKLRLLRDNLFQLDEVTDWRAFYAGPQWARLTALFSRLSFH
GLATAGSEFASVVLLALLSSWGRPEQAVIVAASLGGHAPATAQTVGALAGTLYGQSWVPERWWRGLGEGVEGEAGREAVV
QAGRALAAVELADGL
;
G
7 'polypeptide(L)'
;MMSSIPKSIGAQRSAASTRAHALARPVVLAPAASIPARSQGVTSTSGRCLAPPPRAAAGAGAPGTAGPTNAGAAAHEVEV
DAVESPLSPEDIMRLVQQHEDVAAAAESEQLVAQFRDDPQGLYEYVNRAYAEGPRRVTTPISLLQEEITGAVTESYPAAV
ANDIIGMGSWRLKDDVDPVIEFLVARLEGCWREILDTDLCLYPREKWKEQGWDLVDSMDPHQELEGFSYADIPDPAKGEA
GYPRLQLENRVYCSKVFRKLHVEVGLRQDGLQVLHVVVYPRYSYDMPIFGMDIVMVDGRVTLAVVDCCPVRADLKLQPHY
METMALLQRTFLEGTDPALRRIPEWGSKIFSPLALCITPSGPEELAAFAKYAVALHRAYLTMSLNAVPVVAGPGDRREAA
RLQEIQDGQKRFCDNQLVNKKTRRVLEVAMGVEWTEAYMSQLMFDFDPKYEPPYFDASFEKLYTYFDENPSFGEMADEAM
ELERGAEAERANETMAAALSGRSVSREKLAMAMGFLFQNDATFRAAVQTLSGGQVDGNIEERLTDDLMQLLERSE
;
H
8 'polypeptide(L)'
;MSPGALYQLAPERLRASSRRSAAATIFRRDRMRLLRCSAAAQPGEPGEAAGPSTSGSDNSNWWASINRKTGIRGPDPAPA
EEHTNGPARDIIGDRMSRRLEDINKAERQRVWDAMRVAAAHRYASGQMPAWFDPEWLQQEEAPLNAMDRMRGEQRRIEEQ
QQQQGEASSSDKLAMEGGGGDSGAGAGGWSGGGSGGGWWREDDPYWPLRDWGDHPMRWWTLAFAAIMAAGGLATSVATGY
VEPVQAGLGAGALLALAGAAMSDARCVPGALGVKLAWAVCALIVLKEVSVGWQHKRKRRLAASAPRLELTGLAAAALCAG
YMLTDMSGMGEVALPPNPGAVFKSPDVAYRASVWQKWGYGQVQMRV
;
I
9 'polypeptide(L)'
;MALSMIRKSAAAPVRRAAAAPVVVRGRRVITFAAVDKAKVLEDVRSIISTQLGTELEKVAPEAKFVDLGAD(4HH)LDTV
EIMMALEEKFEIALEEEGAEKIATVQDAADMIAAQIAAKGN
;
J
10 'polypeptide(L)'
;MRPCPAVHRRVPPGPVAGHKQLLPLQRSCRGAPLVCRTAAPMAPSWAETRSAAASAPILEPDMLPSTSAPFISPMTPYVP
EEEPTRTPPSIKDTGTLRPASEWYPQWMQYRRREDNYVFWQDKFMRCSTDIPWAEKRWTLFSTVWYLVQQLRFVGTPPAL
RYVAFLGWRALMFQVYAAHKALVLWQCKLDAGLARIGSGGATATFSKTMALRRLHWRNSPLAEALYALNLYKTGRVHLLP
PVAKPIPRPTFFWLF
;
K
11 'polypeptide(L)'
;MQSAARGCHAPAGLSSSLLRSRTYVPPCAPSSSGRVVGSRHITARAAGGKGGGKDDKAKEKADFSALWALRIKNFFSSRR
KYLQQAEQVGDDDKEKAFKAEIAKEERSIRELKDELVAISMEEIEEQEKQGDPRPALAATDIAQARMDLQTSPLTRAVLA
VVRVRELLRALLLLPFSAVGGAVAAWQGLFNSQRYENFLMSEGERIWAWRNRSENERWFWEVFAWDRLIFPILVIVAWEY
LVPNHLVWAVLAPLALLTWMSGRLPTPATPEFWMLAYFGFYRKVWPDAAAWLQGYVVPLMGFA
;
L
12 'polypeptide(L)'
;MNTTRQMAASTSCSSFTSLVAPGTRLRTTVRAPAMQLRNGQRESGAAGTAASASSSSCWRLAATALGQAQLHSGARVSCM
GGVIRSPAVLLRAGVPTRLPQSAHASPLAAVQPVTSTSGSVGELGAASRRTSSGAACSSSSSGSRSAVCTSGPVRGLGRP
LPSAGLRRRRGASPIAAVGTPAVGSGSGVADSGANGSTGSGNGADAAAAATAAAAPSNHHPPGSSNGDNGSSAAASASTS
SATAASASDPAPEPEPAAASTSLDGLPETQKYVYADEWGFSRVGADFPPGSHPSLFSQLLPQALFAFDARAAVAAVAVPL
AAMAAGYGWLWYMHSIAPVWQQALCAALIGTGYAGLFKVAHECAMMRFIPQMPGLQAALGTLLMAPALYSLPSWRLHHLH
HLLHTNMLWQDVWGWHPLTKVELADEMVRSGGSGGAAMAAARLVLTTPIKLFASVGHWLRSWDGLDLRHFHPASYVEVLS
GWAAPLAFAGLVLPAVVSAGGLSGFVSCYLAPWLVFHFWLSVLSLTAHTAPHIPWRAEGDGWDAGRAAVAGTVTLRLPRP
LEVLLNNANYMLPQAVAPGLPMWSAPAAYAVLAARLGPYLTEASMSLKLLTNHVTRWQIYDEEAHTYRPMEEVVDEIEAD
LQQLAAAAQQAQQQLAAQDQEARAQQVEGREEGSGGGVPAVA
;
M
13 'polypeptide(L)'
;MGGELAERKASSASAGPRVVQMRREAIPAELLLVKEDPSKLPAGVLQTREQLKQAQRDINWAGKREQVFAAVAAGWHLAS
FALNLAFWGVEGMPPDRYWPTSPRIRLQIRPGRYGNMDGGQRVYMDYLARSEGVPLN
;
N
14 'polypeptide(L)'
;MQSSIAHRSLAACPVQRNRFVPARCKLASNRIGPKLLSAAIAGTPEQPATSTSTPSSEAGTKDAAVVVGPALVAKEVVST
SGHSDAVPDPNFPELPLSTNRAAGTQYLAIGAAYAVAAGAVAVAALQGPQLLLASPAAADPWSSVLLGCVAATYLRAAGV
FLQLKAASDAAELLCWRHQRLALTAAAYGMVAVLTQAAGLASPQLLGLQLLLSVASAAVVANVARSAWAVRPFVSSLTEG
RSPGGVLAAVAGAMTGSVSTVAGLLLTTTIVVSLYGLFAAVFAPAPALPVAVGAWPGTAAAAAVMDGSAAGLRRLAAGGL
LLTAAASHGLFDFAGSVKQQGPIDVAQAVKKMVVMDMAAPRIRTLKYFLPNPTIYSLLNLGFVAAAVLQSYFLYIAPAWG
VNVNWDTALWGPMYGTAFLGLVYGLVALTKFDWSSVVDAVLRVACWFAELTMWFWDTFVWKFSWSEKTRRA
;
O
15 'polypeptide(L)'
;MATTSAPTSEPWTFDLVGQLRQKFGLGPENWDRFKGQAAEVPGADVPPSGAHVTLKDLSRPAESLPARADEAAVQAALAD
DGGWVGTPDPSKYAAGTTQLSARELQEEVAKGNVMTWKDFKQQVSGLQGPEREALLALVAQRVAAERMFFTLEDGSKVSL
WDLQQYVDNNPELAALAASVRRIAVADPEDPAGRPLPGGGASGLDRSRGLTGAAHMSGQEAEELELDWGQVGRGALWRRR
PTRWLLGGLDGVKDWELEAYAHEPLANQLLGAKYGGRDPRAVVADPAYAADVLRAGPLLGMTFVLRAARDLPLQEVASSW
RGLLGNYLQRQAPLSLPKAVRPAHLDPTDLNGVAWPALLSRPAAAAHAAAEAEAAGAVPDDEMGVAWRVQSGKEAAASVA
AAQQLLQSLPDALCPGPSPAAWPLTGTKLVDEGGRNWRRGGSVWVTLQPEGGVLVQAQTGGVVGEQESYLLTHVQGQEAL
AGAVMSAFMGPQPLDPELAAAARSVLLVPANGFTAANKERDPNHPLYPSFTGVRPGRAPRDVAAYTLAGGRTPLLAAGGP
GEAKLASELRTVMEAALAAAARAEAEALADAATSPSSTSSRAAPAAALAEAEAAEARRARGRAAAAAVMAEGLRRLGPDA
VAMLERTAAEAEAPQGGGAVVVAGAGSASGEKGVGLTSSDIFSLARTLEQE
;
P
16 'polypeptide(L)'
;MDQAPGPLGHLQRSFEHVGRGLASQLEQVEQAFVPMREGVTRWLERTPLAQIIRNAQEGVATQQRQRDQGPWAPMLASIA
MSGAGPRPQPVMDLAMAKDEVKARLAPVPVYTVANPKNEFVLVAGENNTQLGFFFFRKEDAEALIEKIREENPRLARDSK
ILRVPMDNVYEVFTTPREQTGLQGIHFRFMPDMKQVAHALQLYKDAGVPTRQFIGVPVFQAEGLTVTTRDMQYVPLFLCK
EDLDIAVQSAYVQRNAAQIKLYKDKADKYQADYDQIASQLEAAANGRERGGLESRLAKARVKLEAARDKVESVERAPLPK
VEVGSFEEVVMRMTASAGNELAAWSQVMFVAPELLRDSAGAGGKK
;
Q
17 'polypeptide(L)'
;MGQFYSREFDGDPYVDLMRSLPERELVWWAQKVIWLAEGFTFVDHFARTYPRLLQHKCQRCKGAGVMTCPACLGDARVSG
GARRRAALAGLGGVAEGRSAHDHDHEAGADGGCRVCGTACAWDAE(SEP)EWMERWGEWESRLAYYDKATGPLMDEWYED
VLNAGNLEED(TPO)PPVEDDPPGPEVTGRWAEHDRALHKDKKRMAALMRRWGHPYDADANLGYQIVDPTASMGENVWNM
AQVYNSLPPELNPLRTQHLADRGGGNTQAAVEAARSAFDAQVVMEAALLQNLEAAAQDLPKPHRLPPTAGTVACNECGGA
AWGYSFFPNTAVMFGLERPFWGDTLARLSKYWNPTQVADPARTGQLLPYGEGGLRRLLAAGGGGEDEEGGALEAVVGKAP
ATTGRYRRDLELLLAHPELRDGALRVPGGWGPEGGLQTYLRGQQEEQARMQRRRDLAAEASPLELAPAGK
;
R
18 'polypeptide(L)'
;MVHVPFFGIDLPEPRLAAVMPDAVYALVQGTHKLGEYAHDLVFPPTPEDLRKLEQQVNATIPREFDRVRQRYAEGKIAND
EQL(SEP)(SEP)ELEDASFNWYRRQLRTSVVGA(TPO)DEELEDVAVRKLRLEPPALQASLQERALAAAVTAAGGVDLA
AEVADAAALAALAEQEAETRRLLAARQARLADLRKQLRPAHRQAIGTITNASAGMLVGVLVVKSVLTLVRRLFRKKRPAG
AKAPAGAAARRQGSVQSSAAQLQSLAAPAARQQQQSAAAALASAQQAAMRPQAGASASAAAAASGKAAASKEQPKAGAAA
AAADAGAKKTRIVKKR
;
S
19 'polypeptide(L)'
;MASTARRKPVPEAMSED(SEP)VEQEFGGDY(SEP)EASLEYIRALGPKKGAPFAEVDPAEQAAALPPSQAECEAAKAVL
ENYKRDIDALKTYRPSEQERAAIDARRALALEATPEELTWLKMREYYATQRAAAADGAASTSAPGAGDAASAAADNDVAA
LRAEMLRVAMEALGSATETEELEARARSHLAASSAGRQWSRGVAGGAGAAASGEASAAVLAAAADAAVASVMVGTGARYR
DDYLEEERLTRQVAKQRGQRSQAFALSLAAAVGVSVARWWLRRGRGGAGAGGGSGGPSRSRSTQQMQ
;
T
20 'polypeptide(L)'
;(UNK)(UNK)(UNK)(UNK)(UNK)(UNK)(UNK)(UNK)(UNK)(UNK)(UNK)(UNK)(UNK)(UNK)(UNK)(UNK)
(UNK)(UNK)(UNK)(UNK)(UNK)(UNK)(UNK)(UNK)(UNK)(UNK)(UNK)(UNK)(UNK)(UNK)(UNK)(UNK)
Y(UNK)(UNK)(UNK)(UNK)(UNK)(UNK)(UNK)(UNK)(UNK)(UNK)(UNK)(UNK)(UNK)(UNK)(UNK)
(UNK)(UNK)(UNK)(UNK)(UNK)(UNK)(UNK)(UNK)(UNK)(UNK)(UNK)(UNK)(UNK)(UNK)(UNK)(UNK)
(UNK)(UNK)(UNK)(UNK)(UNK)(UNK)VHVFRK(UNK)(UNK)(UNK)(UNK)(UNK)(UNK)(UNK)(UNK)
(UNK)(UNK)(UNK)(UNK)(UNK)(UNK)(UNK)(UNK)(UNK)(UNK)(UNK)(UNK)(UNK)(UNK)(UNK)(UNK)
(UNK)(UNK)(UNK)(UNK)(UNK)(UNK)(UNK)(UNK)(UNK)(UNK)(UNK)(UNK)(UNK)(UNK)(UNK)(UNK)
(UNK)(UNK)(UNK)(UNK)(UNK)(UNK)(UNK)(UNK)(UNK)(UNK)(UNK)(UNK)(UNK)(UNK)(UNK)(UNK)
(UNK)(UNK)(UNK)(UNK)(UNK)(UNK)(UNK)(UNK)(UNK)(UNK)(UNK)(UNK)(UNK)(UNK)(UNK)(UNK)
(UNK)(UNK)(UNK)(UNK)(UNK)(UNK)(UNK)(UNK)
;
U
21 'polypeptide(L)'
;(UNK)(UNK)(UNK)(UNK)(UNK)(UNK)(UNK)(UNK)(UNK)(UNK)(UNK)(UNK)(UNK)(UNK)(UNK)(UNK)
(UNK)(UNK)(UNK)(UNK)(UNK)(UNK)(UNK)(UNK)(UNK)(UNK)(UNK)(UNK)(UNK)(UNK)(UNK)(UNK)
(UNK)(UNK)(UNK)(UNK)(UNK)(UNK)(UNK)(UNK)(UNK)(UNK)(UNK)(UNK)(UNK)(UNK)(UNK)(UNK)
(UNK)(UNK)(UNK)(UNK)(UNK)(UNK)(UNK)(UNK)(UNK)(UNK)(UNK)(UNK)(UNK)(UNK)(UNK)(UNK)
(UNK)(UNK)(UNK)(UNK)(UNK)(UNK)(UNK)(UNK)(UNK)(UNK)(UNK)(UNK)(UNK)(UNK)(UNK)(UNK)
(UNK)(UNK)(UNK)(UNK)(UNK)(UNK)
;
V
#
loop_
_chem_comp.id
_chem_comp.type
_chem_comp.name
_chem_comp.formula
A1LXL non-polymer Beta-Sitosterol 'C29 H50 O'
DGA non-polymer 'DIACYL GLYCEROL' 'C39 H76 O5'
DGD saccharide 'DIGALACTOSYL DIACYL GLYCEROL (DGDG)' 'C51 H96 O15'
LMG non-polymer 1,2-DISTEAROYL-MONOGALACTOSYL-DIGLYCERIDE 'C45 H86 O10'
MG non-polymer 'MAGNESIUM ION' 'Mg 2'
SQD non-polymer 1,2-DI-O-ACYL-3-O-[6-DEOXY-6-SULFO-ALPHA-D-GLUCOPYRANOSYL]-SN-GLYCEROL 'C41 H78 O12 S'
Y01 non-polymer 'CHOLESTEROL HEMISUCCINATE' 'C31 H50 O4'
ZN non-polymer 'ZINC ION' 'Zn 2'
#
# COMPACT_ATOMS: atom_id res chain seq x y z
N ALA A 109 58.18 27.95 1.26
CA ALA A 109 58.41 26.93 0.25
C ALA A 109 57.95 27.40 -1.11
N TRP A 110 56.84 28.15 -1.14
CA TRP A 110 56.35 28.70 -2.40
C TRP A 110 57.35 29.66 -3.02
N GLN A 111 58.03 30.46 -2.20
CA GLN A 111 59.10 31.32 -2.70
C GLN A 111 60.26 30.48 -3.24
N GLN A 112 60.50 29.31 -2.65
CA GLN A 112 61.53 28.42 -3.19
C GLN A 112 61.15 27.90 -4.57
N SER A 113 59.86 27.72 -4.84
CA SER A 113 59.42 27.30 -6.16
C SER A 113 59.46 28.46 -7.14
N PHE A 114 59.13 29.67 -6.67
CA PHE A 114 59.23 30.85 -7.51
C PHE A 114 60.67 31.09 -7.95
N GLU A 115 61.60 31.10 -6.99
CA GLU A 115 63.01 31.34 -7.33
C GLU A 115 63.59 30.22 -8.17
N THR A 116 62.98 29.04 -8.15
CA THR A 116 63.45 27.94 -8.97
C THR A 116 62.93 28.06 -10.41
N TYR A 117 61.63 28.28 -10.58
CA TYR A 117 61.05 28.29 -11.91
C TYR A 117 61.23 29.63 -12.62
N GLY A 118 61.61 30.69 -11.90
CA GLY A 118 61.69 31.99 -12.51
C GLY A 118 62.79 32.09 -13.57
N GLY A 119 63.98 31.61 -13.23
CA GLY A 119 65.08 31.65 -14.18
C GLY A 119 64.82 30.79 -15.40
N LYS A 120 64.16 29.65 -15.20
CA LYS A 120 63.84 28.77 -16.33
C LYS A 120 62.79 29.41 -17.23
N LEU A 121 61.73 29.95 -16.63
CA LEU A 121 60.67 30.57 -17.42
C LEU A 121 61.14 31.84 -18.14
N ARG A 122 62.02 32.62 -17.52
CA ARG A 122 62.49 33.85 -18.14
C ARG A 122 63.22 33.56 -19.44
N GLU A 123 64.14 32.59 -19.42
CA GLU A 123 64.90 32.26 -20.61
C GLU A 123 64.00 31.65 -21.68
N VAL A 124 63.08 30.77 -21.28
CA VAL A 124 62.17 30.15 -22.25
C VAL A 124 61.29 31.20 -22.90
N LEU A 125 60.87 32.22 -22.15
CA LEU A 125 60.05 33.28 -22.72
C LEU A 125 60.86 34.18 -23.63
N LEU A 126 62.06 34.57 -23.20
CA LEU A 126 62.92 35.42 -24.02
C LEU A 126 63.39 34.71 -25.28
N GLY A 127 63.38 33.37 -25.30
CA GLY A 127 63.74 32.63 -26.49
C GLY A 127 62.92 33.00 -27.70
N GLN A 128 61.61 32.74 -27.65
CA GLN A 128 60.76 33.04 -28.79
C GLN A 128 60.42 34.52 -28.86
N GLN A 129 59.71 35.04 -27.84
CA GLN A 129 59.39 36.45 -27.71
C GLN A 129 58.56 36.98 -28.88
N GLU A 130 58.19 36.09 -29.82
CA GLU A 130 57.35 36.47 -30.95
C GLU A 130 55.95 35.88 -30.88
N ALA A 131 55.81 34.63 -30.44
CA ALA A 131 54.49 34.08 -30.14
C ALA A 131 54.09 34.38 -28.71
N ALA A 132 55.07 34.54 -27.82
CA ALA A 132 54.80 34.85 -26.42
C ALA A 132 54.26 36.26 -26.22
N LYS A 133 54.10 37.03 -27.29
CA LYS A 133 53.44 38.33 -27.23
C LYS A 133 52.22 38.40 -28.13
N ASN A 134 51.99 37.39 -28.97
CA ASN A 134 50.71 37.23 -29.64
C ASN A 134 49.82 36.20 -28.96
N VAL A 135 50.41 35.24 -28.25
CA VAL A 135 49.59 34.43 -27.36
C VAL A 135 49.01 35.33 -26.27
N ALA A 136 49.74 36.38 -25.89
CA ALA A 136 49.21 37.34 -24.91
C ALA A 136 47.98 38.05 -25.46
N LYS A 137 48.06 38.53 -26.70
CA LYS A 137 46.91 39.23 -27.27
C LYS A 137 45.74 38.29 -27.50
N GLN A 138 46.00 37.06 -27.96
CA GLN A 138 44.89 36.13 -28.13
C GLN A 138 44.22 35.82 -26.80
N LEU A 139 45.00 35.54 -25.75
CA LEU A 139 44.42 35.23 -24.45
C LEU A 139 43.65 36.42 -23.89
N ASP A 140 44.19 37.63 -24.04
CA ASP A 140 43.52 38.80 -23.47
C ASP A 140 42.25 39.13 -24.23
N GLU A 141 42.28 38.99 -25.56
CA GLU A 141 41.07 39.22 -26.35
C GLU A 141 40.02 38.15 -26.11
N GLY A 142 40.44 36.94 -25.76
CA GLY A 142 39.49 35.90 -25.46
C GLY A 142 38.91 36.05 -24.07
N VAL A 143 39.69 36.59 -23.13
CA VAL A 143 39.18 36.77 -21.79
C VAL A 143 38.36 38.05 -21.68
N THR A 144 38.58 39.03 -22.55
CA THR A 144 37.81 40.26 -22.50
C THR A 144 36.38 40.01 -22.94
N TYR A 145 36.20 39.56 -24.18
CA TYR A 145 34.91 39.13 -24.69
C TYR A 145 34.88 37.60 -24.65
N MET A 146 34.12 37.04 -23.72
CA MET A 146 34.10 35.58 -23.60
C MET A 146 33.29 34.98 -24.74
N ASP A 147 33.71 35.26 -25.97
CA ASP A 147 32.97 34.87 -27.16
C ASP A 147 33.40 33.51 -27.69
N TRP A 148 34.19 32.76 -26.93
CA TRP A 148 34.63 31.45 -27.36
C TRP A 148 33.88 30.33 -26.65
N THR A 149 33.03 30.67 -25.68
CA THR A 149 32.58 29.68 -24.72
C THR A 149 31.50 28.76 -25.27
N TYR A 150 30.75 29.20 -26.29
CA TYR A 150 29.65 28.36 -26.74
C TYR A 150 30.16 27.07 -27.37
N ARG A 151 30.93 27.16 -28.44
CA ARG A 151 31.43 25.95 -29.07
C ARG A 151 32.45 25.20 -28.22
N SER A 152 33.06 25.86 -27.24
CA SER A 152 33.96 25.19 -26.32
C SER A 152 33.22 24.36 -25.29
N THR A 153 32.18 24.91 -24.68
CA THR A 153 31.47 24.24 -23.61
C THR A 153 30.00 23.98 -23.90
N GLY A 154 29.31 24.86 -24.61
CA GLY A 154 27.88 24.80 -24.72
C GLY A 154 27.13 25.85 -23.93
N VAL A 155 27.82 26.61 -23.08
CA VAL A 155 27.23 27.71 -22.33
C VAL A 155 27.74 29.02 -22.92
N ASP A 156 26.86 29.78 -23.55
CA ASP A 156 27.22 31.05 -24.17
C ASP A 156 27.38 32.09 -23.07
N LEU A 157 28.61 32.23 -22.59
CA LEU A 157 28.87 33.11 -21.45
C LEU A 157 28.91 34.57 -21.82
N SER A 158 28.89 34.89 -23.11
CA SER A 158 29.03 36.28 -23.54
C SER A 158 27.83 37.14 -23.20
N ALA A 159 26.72 36.55 -22.76
CA ALA A 159 25.50 37.31 -22.52
C ALA A 159 25.42 37.87 -21.11
N VAL A 160 26.26 37.39 -20.19
CA VAL A 160 26.23 37.88 -18.81
C VAL A 160 27.59 38.45 -18.47
N TRP A 161 28.54 38.34 -19.38
CA TRP A 161 29.89 38.83 -19.19
C TRP A 161 29.96 40.30 -19.57
N ASP A 162 30.74 41.07 -18.81
CA ASP A 162 30.85 42.51 -19.01
C ASP A 162 32.26 42.89 -19.43
N PRO A 163 32.48 43.23 -20.70
CA PRO A 163 33.83 43.63 -21.11
C PRO A 163 34.34 44.91 -20.47
N GLU A 164 33.48 45.91 -20.28
CA GLU A 164 33.99 47.19 -19.80
C GLU A 164 34.50 47.08 -18.37
N LEU A 165 33.82 46.31 -17.53
CA LEU A 165 34.30 46.11 -16.17
C LEU A 165 35.65 45.42 -16.16
N TRP A 166 35.85 44.44 -17.04
CA TRP A 166 37.13 43.75 -17.09
C TRP A 166 38.24 44.69 -17.58
N ILE A 167 37.96 45.48 -18.61
CA ILE A 167 38.96 46.41 -19.11
C ILE A 167 39.32 47.43 -18.03
N ARG A 168 38.33 47.88 -17.27
CA ARG A 168 38.60 48.82 -16.19
C ARG A 168 39.43 48.15 -15.10
N PHE A 169 39.17 46.88 -14.80
CA PHE A 169 39.97 46.18 -13.80
C PHE A 169 41.40 46.02 -14.27
N ARG A 170 41.61 45.71 -15.54
CA ARG A 170 42.95 45.61 -16.07
C ARG A 170 43.70 46.93 -15.96
N GLU A 171 43.03 48.03 -16.32
CA GLU A 171 43.69 49.33 -16.21
C GLU A 171 43.99 49.69 -14.77
N ALA A 172 43.10 49.31 -13.84
CA ALA A 172 43.31 49.69 -12.45
C ALA A 172 44.36 48.80 -11.78
N VAL A 173 44.60 47.62 -12.33
CA VAL A 173 45.69 46.79 -11.81
C VAL A 173 47.01 47.13 -12.51
N ALA A 174 46.96 47.75 -13.68
CA ALA A 174 48.19 48.11 -14.38
C ALA A 174 48.70 49.49 -13.98
N GLN A 175 47.80 50.41 -13.61
CA GLN A 175 48.19 51.74 -13.19
C GLN A 175 47.99 51.96 -11.70
N ASN A 176 47.56 50.94 -10.96
CA ASN A 176 47.37 51.01 -9.51
C ASN A 176 46.52 52.21 -9.11
N GLU A 177 45.34 52.31 -9.70
CA GLU A 177 44.34 53.30 -9.27
C GLU A 177 43.01 52.57 -9.17
N PRO A 178 42.64 52.11 -7.98
CA PRO A 178 41.41 51.33 -7.85
C PRO A 178 40.15 52.10 -8.16
N ALA A 179 40.17 53.43 -8.08
CA ALA A 179 38.99 54.21 -8.40
C ALA A 179 38.48 53.85 -9.79
N ILE A 180 39.38 53.83 -10.78
CA ILE A 180 39.00 53.52 -12.16
C ILE A 180 38.17 52.24 -12.21
N PHE A 181 38.43 51.31 -11.31
CA PHE A 181 37.56 50.15 -11.22
C PHE A 181 36.35 50.44 -10.34
N TRP A 182 36.59 50.82 -9.08
CA TRP A 182 35.51 50.96 -8.12
C TRP A 182 34.44 51.91 -8.62
N ASN A 183 34.85 53.11 -9.03
CA ASN A 183 33.90 54.12 -9.50
C ASN A 183 32.96 53.55 -10.55
N LYS A 184 33.44 52.65 -11.40
CA LYS A 184 32.55 52.02 -12.36
C LYS A 184 31.61 51.04 -11.66
N LEU A 185 32.18 50.05 -10.99
CA LEU A 185 31.37 48.99 -10.39
C LEU A 185 30.29 49.56 -9.49
N LEU A 186 30.61 50.62 -8.76
CA LEU A 186 29.64 51.17 -7.82
C LEU A 186 28.38 51.67 -8.50
N ASP A 187 28.49 52.25 -9.70
CA ASP A 187 27.27 52.74 -10.34
C ASP A 187 26.49 51.62 -11.02
N ARG A 188 27.05 50.40 -11.08
CA ARG A 188 26.27 49.27 -11.51
C ARG A 188 25.32 48.80 -10.42
N VAL A 189 25.84 48.61 -9.21
CA VAL A 189 25.00 48.20 -8.10
C VAL A 189 24.05 49.32 -7.71
N GLN A 190 24.57 50.54 -7.61
CA GLN A 190 23.76 51.69 -7.23
C GLN A 190 23.33 52.48 -8.46
N TYR A 191 22.38 51.92 -9.21
CA TYR A 191 21.91 52.58 -10.42
C TYR A 191 20.67 53.41 -10.18
N LYS A 192 19.92 53.13 -9.11
CA LYS A 192 18.71 53.90 -8.82
C LYS A 192 19.02 55.24 -8.18
N GLU A 193 20.22 55.41 -7.66
CA GLU A 193 20.60 56.69 -7.08
C GLU A 193 21.00 57.70 -8.14
N ASN A 194 21.26 57.25 -9.37
CA ASN A 194 21.80 58.11 -10.41
C ASN A 194 20.74 58.55 -11.41
N LEU A 195 19.46 58.31 -11.14
CA LEU A 195 18.43 58.92 -11.94
C LEU A 195 18.38 60.42 -11.66
N PRO A 196 18.13 61.25 -12.66
CA PRO A 196 18.27 62.71 -12.49
C PRO A 196 17.30 63.23 -11.44
N GLN A 197 17.83 63.95 -10.46
CA GLN A 197 17.03 64.50 -9.37
C GLN A 197 17.25 66.00 -9.24
N ALA A 198 18.02 66.59 -10.13
CA ALA A 198 18.33 68.00 -9.98
C ALA A 198 17.48 68.89 -10.88
N GLY A 199 17.43 68.61 -12.17
CA GLY A 199 16.71 69.48 -13.07
C GLY A 199 15.26 69.09 -13.28
N LEU A 200 14.73 68.20 -12.45
CA LEU A 200 13.35 67.75 -12.54
C LEU A 200 12.71 67.97 -11.18
N VAL A 201 11.59 68.68 -11.15
CA VAL A 201 11.01 69.18 -9.90
C VAL A 201 9.61 68.63 -9.65
N GLY A 202 8.67 68.91 -10.55
CA GLY A 202 7.32 68.45 -10.35
C GLY A 202 6.80 67.62 -11.49
N ASP A 203 5.67 68.01 -12.06
CA ASP A 203 5.17 67.40 -13.29
C ASP A 203 5.94 68.06 -14.43
N MET A 204 7.13 67.55 -14.71
CA MET A 204 8.04 68.17 -15.66
C MET A 204 7.98 67.51 -17.04
N ARG A 205 6.80 67.07 -17.46
CA ARG A 205 6.64 66.51 -18.79
C ARG A 205 6.53 67.61 -19.83
N ILE A 206 7.04 67.33 -21.02
CA ILE A 206 6.70 68.09 -22.21
C ILE A 206 5.93 67.16 -23.14
N SER A 207 5.39 67.74 -24.20
CA SER A 207 4.62 66.97 -25.16
C SER A 207 5.52 66.58 -26.32
N TYR A 208 5.06 65.58 -27.08
CA TYR A 208 5.87 65.09 -28.19
C TYR A 208 6.03 66.14 -29.27
N ALA A 209 5.02 66.99 -29.44
CA ALA A 209 5.13 68.06 -30.44
C ALA A 209 6.04 69.18 -29.94
N LYS A 210 5.96 69.51 -28.65
CA LYS A 210 6.86 70.51 -28.10
C LYS A 210 8.31 70.05 -28.16
N PHE A 211 8.54 68.77 -27.85
CA PHE A 211 9.89 68.22 -27.95
C PHE A 211 10.37 68.20 -29.39
N LEU A 212 9.51 67.81 -30.33
CA LEU A 212 9.90 67.81 -31.73
C LEU A 212 10.25 69.22 -32.19
N GLU A 213 9.46 70.21 -31.77
CA GLU A 213 9.73 71.59 -32.14
C GLU A 213 11.05 72.08 -31.57
N LEU A 214 11.30 71.82 -30.29
CA LEU A 214 12.59 72.17 -29.69
C LEU A 214 13.74 71.47 -30.40
N LEU A 215 13.52 70.26 -30.88
CA LEU A 215 14.58 69.53 -31.57
C LEU A 215 14.91 70.15 -32.91
N LYS A 216 13.88 70.49 -33.70
CA LYS A 216 14.13 71.00 -35.05
C LYS A 216 14.89 72.31 -35.07
N ASP A 217 14.76 73.15 -34.05
CA ASP A 217 15.38 74.46 -34.06
C ASP A 217 16.59 74.55 -33.14
N GLN A 218 17.15 73.42 -32.72
CA GLN A 218 18.44 73.35 -32.04
C GLN A 218 18.43 74.06 -30.69
N ARG A 219 17.50 73.67 -29.83
CA ARG A 219 17.50 74.11 -28.45
C ARG A 219 17.77 72.99 -27.45
N VAL A 220 17.90 71.75 -27.93
CA VAL A 220 18.13 70.61 -27.06
C VAL A 220 19.63 70.34 -26.99
N LYS A 221 20.19 70.37 -25.78
CA LYS A 221 21.62 70.15 -25.63
C LYS A 221 21.98 68.67 -25.58
N ARG A 222 21.25 67.88 -24.80
CA ARG A 222 21.56 66.48 -24.64
C ARG A 222 20.29 65.66 -24.59
N LEU A 223 20.19 64.65 -25.45
CA LEU A 223 19.09 63.70 -25.45
C LEU A 223 19.60 62.40 -24.86
N VAL A 224 18.85 61.85 -23.91
CA VAL A 224 19.25 60.66 -23.19
C VAL A 224 18.17 59.62 -23.39
N VAL A 225 18.35 58.76 -24.35
CA VAL A 225 17.36 57.72 -24.58
C VAL A 225 17.67 56.53 -23.68
N TYR A 226 16.64 55.97 -23.08
CA TYR A 226 16.82 55.02 -21.99
C TYR A 226 16.85 53.59 -22.52
N GLY A 227 16.73 52.65 -21.59
CA GLY A 227 16.92 51.26 -21.95
C GLY A 227 15.87 50.73 -22.90
N ASP A 228 14.59 50.97 -22.59
CA ASP A 228 13.53 50.41 -23.42
C ASP A 228 13.35 51.15 -24.73
N MET A 229 14.02 52.29 -24.89
CA MET A 229 13.96 53.14 -26.07
C MET A 229 12.56 53.74 -26.30
N ARG A 230 11.73 53.80 -25.26
CA ARG A 230 10.41 54.39 -25.35
C ARG A 230 10.21 55.52 -24.35
N THR A 231 11.29 56.12 -23.86
CA THR A 231 11.22 57.16 -22.85
C THR A 231 12.51 57.96 -22.95
N ALA A 232 12.41 59.27 -22.78
CA ALA A 232 13.58 60.10 -22.91
C ALA A 232 13.54 61.23 -21.91
N VAL A 233 14.73 61.72 -21.58
CA VAL A 233 14.93 62.89 -20.73
C VAL A 233 15.64 63.94 -21.57
N VAL A 234 14.90 64.95 -21.99
CA VAL A 234 15.44 66.06 -22.76
C VAL A 234 16.16 67.00 -21.81
N GLU A 235 17.28 67.54 -22.24
CA GLU A 235 18.04 68.51 -21.45
C GLU A 235 18.13 69.81 -22.23
N VAL A 236 17.58 70.87 -21.68
CA VAL A 236 17.45 72.15 -22.36
C VAL A 236 18.06 73.22 -21.46
N PRO A 237 19.06 73.97 -21.92
CA PRO A 237 19.65 74.99 -21.07
C PRO A 237 18.70 76.15 -20.84
N HIS A 238 18.92 76.85 -19.73
CA HIS A 238 18.23 78.11 -19.53
C HIS A 238 18.63 79.07 -20.63
N PRO A 239 17.70 79.85 -21.19
CA PRO A 239 18.03 80.68 -22.35
C PRO A 239 19.22 81.60 -22.17
N TRP A 240 19.47 82.08 -20.96
CA TRP A 240 20.61 82.97 -20.73
C TRP A 240 21.91 82.22 -20.50
N SER A 241 21.85 80.93 -20.21
CA SER A 241 23.02 80.10 -20.03
C SER A 241 23.39 79.33 -21.27
N ALA A 242 22.76 79.63 -22.41
CA ALA A 242 23.01 78.90 -23.64
C ALA A 242 24.20 79.47 -24.41
N SER A 243 24.16 80.76 -24.71
CA SER A 243 25.25 81.42 -25.42
C SER A 243 26.17 82.09 -24.40
N VAL A 244 27.19 82.79 -24.90
CA VAL A 244 28.20 83.38 -24.03
C VAL A 244 27.91 84.87 -23.88
N LEU A 245 26.67 85.27 -24.11
CA LEU A 245 26.29 86.65 -23.88
C LEU A 245 26.53 87.02 -22.42
N GLY A 246 26.99 88.25 -22.21
CA GLY A 246 27.29 88.69 -20.87
C GLY A 246 26.07 89.15 -20.10
N HIS A 247 24.99 88.40 -20.18
CA HIS A 247 23.76 88.79 -19.51
C HIS A 247 23.98 88.76 -18.00
N PRO A 248 23.44 89.73 -17.26
CA PRO A 248 23.63 89.71 -15.81
C PRO A 248 22.66 88.78 -15.09
N ALA A 249 22.47 87.58 -15.65
CA ALA A 249 21.78 86.50 -14.97
C ALA A 249 22.63 85.25 -14.88
N THR A 250 23.62 85.09 -15.74
CA THR A 250 24.61 84.03 -15.66
C THR A 250 25.60 84.35 -14.57
N HIS A 251 26.00 83.32 -13.83
CA HIS A 251 27.06 83.51 -12.85
C HIS A 251 28.32 84.01 -13.54
N PRO A 252 29.05 84.94 -12.94
CA PRO A 252 30.26 85.48 -13.60
C PRO A 252 31.40 84.46 -13.64
N PHE A 253 31.29 83.53 -14.58
CA PHE A 253 32.36 82.54 -14.77
C PHE A 253 33.58 83.17 -15.42
N TYR A 254 33.37 83.89 -16.51
CA TYR A 254 34.46 84.44 -17.33
C TYR A 254 34.38 85.96 -17.32
N GLU A 255 35.45 86.60 -16.85
CA GLU A 255 35.48 88.04 -16.67
C GLU A 255 36.78 88.63 -17.20
N ASP A 256 36.74 89.93 -17.50
CA ASP A 256 37.91 90.67 -17.93
C ASP A 256 38.71 91.11 -16.70
N SER A 257 39.82 91.82 -16.92
CA SER A 257 40.53 92.43 -15.78
C SER A 257 39.66 93.46 -15.10
N ALA A 258 39.25 94.49 -15.84
CA ALA A 258 38.08 95.25 -15.42
C ALA A 258 36.88 94.32 -15.44
N HIS A 259 36.32 94.05 -14.27
CA HIS A 259 35.48 92.87 -14.10
C HIS A 259 34.16 93.00 -14.84
N ASN A 260 34.22 92.86 -16.16
CA ASN A 260 33.04 92.84 -17.03
C ASN A 260 32.99 91.53 -17.78
N ARG A 261 31.87 90.81 -17.66
CA ARG A 261 31.73 89.54 -18.33
C ARG A 261 31.92 89.70 -19.84
N VAL A 262 32.38 88.64 -20.49
CA VAL A 262 32.65 88.71 -21.92
C VAL A 262 31.44 88.21 -22.71
N SER A 263 31.31 88.73 -23.93
CA SER A 263 30.27 88.31 -24.85
C SER A 263 30.88 88.12 -26.23
N MET A 264 30.27 87.24 -27.03
CA MET A 264 30.89 86.80 -28.27
C MET A 264 29.96 87.01 -29.47
N LEU A 265 29.27 88.14 -29.52
CA LEU A 265 28.31 88.36 -30.60
C LEU A 265 29.03 88.64 -31.92
N ARG A 266 28.31 88.42 -33.01
CA ARG A 266 28.75 88.73 -34.36
C ARG A 266 27.51 89.11 -35.16
N PRO A 267 27.49 90.29 -35.78
CA PRO A 267 26.23 90.92 -36.18
C PRO A 267 25.58 90.39 -37.46
N ASN A 268 26.00 89.23 -37.97
CA ASN A 268 25.35 88.64 -39.15
C ASN A 268 25.29 89.64 -40.30
N PRO A 269 26.40 89.88 -41.00
CA PRO A 269 26.38 90.87 -42.09
C PRO A 269 25.32 90.63 -43.15
N ALA A 270 24.78 89.41 -43.22
CA ALA A 270 23.76 89.12 -44.22
C ALA A 270 22.38 89.61 -43.78
N ALA A 271 22.06 89.47 -42.48
CA ALA A 271 20.76 89.84 -41.94
C ALA A 271 20.95 90.67 -40.67
N PRO A 272 21.35 91.93 -40.80
CA PRO A 272 21.49 92.77 -39.61
C PRO A 272 20.14 93.23 -39.08
N GLU A 273 20.16 94.17 -38.13
CA GLU A 273 18.98 94.85 -37.61
C GLU A 273 18.09 93.92 -36.79
N ASP A 274 18.49 92.66 -36.65
CA ASP A 274 17.71 91.68 -35.87
C ASP A 274 18.70 90.88 -35.03
N VAL A 275 18.74 91.18 -33.73
CA VAL A 275 19.75 90.61 -32.85
C VAL A 275 19.65 89.09 -32.73
N THR A 276 18.44 88.54 -32.84
CA THR A 276 18.27 87.10 -32.65
C THR A 276 18.87 86.27 -33.78
N GLN A 277 19.24 86.89 -34.90
CA GLN A 277 19.89 86.21 -36.00
C GLN A 277 21.39 86.45 -36.02
N TRP A 278 21.97 86.87 -34.91
CA TRP A 278 23.40 87.08 -34.84
C TRP A 278 24.09 85.76 -34.48
N PHE A 279 25.40 85.73 -34.66
CA PHE A 279 26.17 84.53 -34.36
C PHE A 279 26.91 84.71 -33.05
N CYS A 280 27.05 83.61 -32.30
CA CYS A 280 27.72 83.66 -31.01
C CYS A 280 28.15 82.25 -30.65
N ALA A 281 29.24 82.15 -29.89
CA ALA A 281 29.77 80.85 -29.49
C ALA A 281 28.85 80.21 -28.46
N GLU A 282 28.94 78.90 -28.35
CA GLU A 282 28.16 78.18 -27.35
C GLU A 282 29.00 77.94 -26.11
N MET A 283 28.31 77.79 -24.98
CA MET A 283 28.95 77.66 -23.70
C MET A 283 29.28 76.20 -23.39
N PRO A 284 30.39 75.93 -22.71
CA PRO A 284 30.70 74.55 -22.31
C PRO A 284 29.56 73.90 -21.55
N GLU A 285 29.29 72.63 -21.88
CA GLU A 285 28.13 71.95 -21.34
C GLU A 285 28.17 71.87 -19.81
N TRP A 286 29.36 71.82 -19.22
CA TRP A 286 29.45 71.73 -17.78
C TRP A 286 29.26 73.08 -17.08
N ASP A 287 28.77 74.09 -17.79
CA ASP A 287 28.50 75.39 -17.22
C ASP A 287 27.08 75.88 -17.47
N MET A 288 26.23 75.03 -18.04
CA MET A 288 24.85 75.39 -18.34
C MET A 288 23.95 75.03 -17.17
N GLU A 289 22.97 75.89 -16.90
CA GLU A 289 21.84 75.53 -16.06
C GLU A 289 20.77 74.91 -16.95
N LYS A 290 20.25 73.76 -16.54
CA LYS A 290 19.48 72.94 -17.47
C LYS A 290 18.17 72.48 -16.85
N TYR A 291 17.09 72.58 -17.62
CA TYR A 291 15.88 71.83 -17.34
C TYR A 291 16.02 70.43 -17.90
N ARG A 292 15.50 69.46 -17.16
CA ARG A 292 15.52 68.06 -17.56
C ARG A 292 14.09 67.58 -17.69
N PHE A 293 13.52 67.73 -18.89
CA PHE A 293 12.14 67.39 -19.17
C PHE A 293 11.98 65.92 -19.47
N TYR A 294 10.79 65.40 -19.21
CA TYR A 294 10.45 64.01 -19.44
C TYR A 294 9.63 63.93 -20.73
N VAL A 295 9.73 62.82 -21.45
CA VAL A 295 8.91 62.65 -22.65
C VAL A 295 8.75 61.17 -22.95
N ASP A 296 7.51 60.77 -23.26
CA ASP A 296 7.21 59.44 -23.78
C ASP A 296 7.31 59.45 -25.29
N LEU A 297 8.10 58.58 -25.81
CA LEU A 297 8.14 58.47 -27.26
C LEU A 297 7.04 57.55 -27.76
N PRO A 298 6.54 57.80 -28.99
CA PRO A 298 5.50 56.97 -29.56
C PRO A 298 6.12 55.65 -29.87
N GLY A 299 5.32 54.68 -30.32
CA GLY A 299 5.85 53.33 -30.57
C GLY A 299 6.43 53.19 -31.96
N ASP A 300 6.42 54.26 -32.74
CA ASP A 300 7.02 54.24 -34.09
C ASP A 300 7.98 55.42 -34.21
N PHE A 301 8.81 55.64 -33.20
CA PHE A 301 9.72 56.81 -33.21
C PHE A 301 10.92 56.44 -34.03
N TRP A 302 11.38 55.20 -33.93
CA TRP A 302 12.61 54.95 -34.69
C TRP A 302 12.34 54.77 -36.16
N GLU A 303 11.24 54.14 -36.53
CA GLU A 303 10.96 53.91 -37.94
C GLU A 303 10.30 55.09 -38.62
N SER A 304 10.23 56.24 -37.97
CA SER A 304 9.78 57.45 -38.64
C SER A 304 10.93 58.34 -39.08
N GLY A 305 12.08 58.23 -38.44
CA GLY A 305 13.28 58.88 -38.89
C GLY A 305 13.42 60.33 -38.53
N VAL A 306 12.89 60.76 -37.38
CA VAL A 306 13.06 62.15 -36.99
C VAL A 306 14.46 62.39 -36.44
N LEU A 307 14.90 61.51 -35.54
CA LEU A 307 16.25 61.65 -34.99
C LEU A 307 17.29 61.45 -36.07
N GLN A 308 17.06 60.54 -37.00
CA GLN A 308 18.01 60.34 -38.09
C GLN A 308 18.07 61.56 -38.99
N ARG A 309 16.91 62.16 -39.29
CA ARG A 309 16.90 63.39 -40.07
C ARG A 309 17.67 64.49 -39.38
N HIS A 310 17.50 64.63 -38.07
CA HIS A 310 18.20 65.69 -37.35
C HIS A 310 19.71 65.44 -37.31
N LEU A 311 20.11 64.22 -36.94
CA LEU A 311 21.52 63.88 -36.94
C LEU A 311 22.15 64.16 -38.29
N ALA A 312 21.51 63.70 -39.37
CA ALA A 312 22.06 63.90 -40.69
C ALA A 312 22.12 65.37 -41.05
N ALA A 313 21.13 66.16 -40.64
CA ALA A 313 21.14 67.57 -40.98
C ALA A 313 22.26 68.31 -40.26
N GLN A 314 22.55 67.93 -39.03
CA GLN A 314 23.52 68.71 -38.26
C GLN A 314 24.94 68.21 -38.46
N ARG A 315 25.09 66.96 -38.87
CA ARG A 315 26.44 66.41 -39.04
C ARG A 315 26.93 66.47 -40.49
N ALA A 316 26.10 66.92 -41.42
CA ALA A 316 26.48 66.98 -42.82
C ALA A 316 27.04 68.33 -43.23
N GLU A 317 27.48 69.16 -42.29
CA GLU A 317 28.06 70.46 -42.59
C GLU A 317 29.34 70.64 -41.78
N GLY A 318 30.39 71.07 -42.47
CA GLY A 318 31.66 71.28 -41.80
C GLY A 318 32.50 72.30 -42.51
N ALA A 319 33.81 72.21 -42.29
CA ALA A 319 34.74 73.13 -42.93
C ALA A 319 34.68 72.98 -44.46
N VAL A 320 35.35 73.92 -45.15
CA VAL A 320 35.41 73.88 -46.60
C VAL A 320 36.72 74.51 -47.03
N TRP A 321 37.11 74.23 -48.28
CA TRP A 321 38.21 74.93 -48.92
C TRP A 321 37.64 75.83 -50.01
N ASP A 322 38.01 77.10 -49.96
CA ASP A 322 37.57 78.04 -50.97
C ASP A 322 38.69 78.24 -51.97
N PRO A 323 38.56 77.77 -53.20
CA PRO A 323 39.62 77.94 -54.18
C PRO A 323 39.53 79.29 -54.89
N ALA A 324 38.35 79.89 -54.85
CA ALA A 324 38.21 81.25 -55.43
C ALA A 324 39.17 82.17 -54.66
N SER A 325 39.11 82.13 -53.33
CA SER A 325 39.99 82.99 -52.50
C SER A 325 41.12 82.14 -51.91
N GLY A 326 41.22 80.88 -52.31
CA GLY A 326 42.35 80.04 -51.87
C GLY A 326 42.53 80.09 -50.36
N GLN A 327 41.58 79.52 -49.61
CA GLN A 327 41.78 79.43 -48.14
C GLN A 327 40.74 78.49 -47.51
N TYR A 328 40.99 78.08 -46.27
CA TYR A 328 39.98 77.25 -45.55
C TYR A 328 38.91 78.20 -45.03
N ILE A 329 37.68 77.72 -44.89
CA ILE A 329 36.55 78.58 -44.55
C ILE A 329 35.53 77.77 -43.77
N LEU A 330 35.06 78.32 -42.65
CA LEU A 330 33.91 77.80 -41.93
C LEU A 330 32.69 78.59 -42.35
N PRO A 331 31.76 78.01 -43.10
CA PRO A 331 30.63 78.79 -43.60
C PRO A 331 29.70 79.25 -42.50
N TYR A 332 28.82 80.19 -42.86
CA TYR A 332 27.87 80.74 -41.89
C TYR A 332 26.81 79.73 -41.51
N ARG A 333 26.34 78.95 -42.48
CA ARG A 333 25.33 77.93 -42.19
C ARG A 333 25.87 76.81 -41.35
N ALA A 334 27.16 76.83 -40.97
CA ALA A 334 27.73 75.84 -40.09
C ALA A 334 28.06 76.41 -38.71
N GLN A 335 27.55 77.59 -38.39
CA GLN A 335 27.78 78.22 -37.10
C GLN A 335 26.46 78.37 -36.36
N LYS A 336 26.57 78.52 -35.04
CA LYS A 336 25.40 78.58 -34.17
C LYS A 336 24.94 80.02 -33.98
N LYS A 337 23.69 80.28 -34.29
CA LYS A 337 23.08 81.58 -34.02
C LYS A 337 22.90 81.71 -32.50
N VAL A 338 22.32 82.82 -32.07
CA VAL A 338 22.11 83.03 -30.64
C VAL A 338 21.10 82.01 -30.12
N PHE A 339 21.38 81.44 -28.96
CA PHE A 339 20.53 80.53 -28.20
C PHE A 339 20.51 79.11 -28.77
N GLN A 340 21.39 78.77 -29.71
CA GLN A 340 21.39 77.44 -30.29
C GLN A 340 22.60 76.65 -29.82
N VAL A 341 22.40 75.36 -29.59
CA VAL A 341 23.44 74.45 -29.10
C VAL A 341 23.50 73.25 -30.05
N SER A 342 24.50 72.42 -29.83
CA SER A 342 24.69 71.20 -30.61
C SER A 342 24.18 70.01 -29.80
N THR A 343 23.40 69.15 -30.46
CA THR A 343 22.71 68.05 -29.78
C THR A 343 23.66 66.89 -29.55
N GLU A 344 23.57 66.28 -28.38
CA GLU A 344 24.35 65.10 -28.02
C GLU A 344 23.40 63.96 -27.67
N VAL A 345 23.31 62.96 -28.53
CA VAL A 345 22.45 61.81 -28.30
C VAL A 345 23.24 60.74 -27.58
N GLN A 346 22.70 60.25 -26.46
CA GLN A 346 23.36 59.23 -25.66
C GLN A 346 22.33 58.19 -25.26
N LEU A 347 22.61 56.94 -25.59
CA LEU A 347 21.74 55.82 -25.28
C LEU A 347 22.31 55.01 -24.12
N LEU A 348 21.44 54.55 -23.24
CA LEU A 348 21.87 53.77 -22.10
C LEU A 348 21.78 52.29 -22.40
N ASP A 349 22.51 51.50 -21.62
CA ASP A 349 22.54 50.06 -21.78
C ASP A 349 21.63 49.43 -20.74
N PRO A 350 20.64 48.63 -21.15
CA PRO A 350 19.81 47.94 -20.17
C PRO A 350 20.59 46.99 -19.28
N GLN A 351 21.65 46.38 -19.79
CA GLN A 351 22.44 45.43 -19.02
C GLN A 351 23.31 46.10 -17.97
N GLU A 352 23.43 47.43 -17.99
CA GLU A 352 24.23 48.17 -17.03
C GLU A 352 23.45 48.52 -15.77
N SER A 353 22.45 47.72 -15.42
CA SER A 353 21.56 48.07 -14.33
C SER A 353 21.84 47.29 -13.05
N TRP A 354 22.00 45.97 -13.14
CA TRP A 354 22.34 45.13 -11.98
C TRP A 354 21.34 45.34 -10.84
N ASP A 355 20.10 44.96 -11.12
CA ASP A 355 19.03 45.10 -10.15
C ASP A 355 19.12 44.12 -9.00
N PHE A 356 19.62 42.90 -9.27
CA PHE A 356 19.67 41.90 -8.22
C PHE A 356 20.57 42.33 -7.07
N LEU A 357 21.77 42.81 -7.37
CA LEU A 357 22.67 43.26 -6.31
C LEU A 357 22.19 44.53 -5.65
N GLY A 358 21.65 45.47 -6.42
CA GLY A 358 21.07 46.66 -5.81
C GLY A 358 19.96 46.34 -4.84
N TRP A 359 19.25 45.24 -5.05
CA TRP A 359 18.24 44.80 -4.10
C TRP A 359 18.87 44.02 -2.96
N LEU A 360 19.94 43.27 -3.24
CA LEU A 360 20.55 42.44 -2.22
C LEU A 360 21.32 43.25 -1.19
N LEU A 361 21.97 44.32 -1.60
CA LEU A 361 22.78 45.15 -0.73
C LEU A 361 22.08 46.47 -0.41
N ALA A 362 20.77 46.41 -0.19
CA ALA A 362 20.04 47.59 0.20
C ALA A 362 20.40 47.97 1.63
N PRO A 363 20.30 49.26 1.99
CA PRO A 363 20.69 49.68 3.35
C PRO A 363 20.04 48.88 4.47
N GLY A 364 18.74 48.58 4.37
CA GLY A 364 18.11 47.78 5.42
C GLY A 364 18.72 46.40 5.53
N ARG A 365 18.95 45.76 4.40
CA ARG A 365 19.61 44.46 4.43
C ARG A 365 21.05 44.60 4.91
N LEU A 366 21.70 45.71 4.60
CA LEU A 366 23.04 45.95 5.10
C LEU A 366 23.07 46.01 6.62
N GLU A 367 22.16 46.79 7.21
CA GLU A 367 22.15 46.92 8.66
C GLU A 367 21.80 45.60 9.32
N PHE A 368 20.89 44.82 8.72
CA PHE A 368 20.59 43.51 9.30
C PHE A 368 21.82 42.61 9.25
N TYR A 369 22.52 42.58 8.12
CA TYR A 369 23.74 41.78 8.02
C TYR A 369 24.73 42.19 9.10
N GLU A 370 24.91 43.50 9.29
CA GLU A 370 25.90 43.98 10.24
C GLU A 370 25.54 43.58 11.67
N LYS A 371 24.28 43.78 12.07
CA LYS A 371 23.88 43.41 13.42
C LYS A 371 24.00 41.91 13.65
N ALA A 372 23.60 41.11 12.66
CA ALA A 372 23.71 39.66 12.80
C ALA A 372 25.15 39.23 12.95
N ALA A 373 26.06 39.81 12.15
CA ALA A 373 27.46 39.44 12.26
C ALA A 373 28.05 39.88 13.59
N CYS A 374 27.62 41.04 14.08
CA CYS A 374 28.09 41.51 15.39
C CYS A 374 27.71 40.53 16.48
N VAL A 375 26.43 40.14 16.54
CA VAL A 375 25.99 39.20 17.56
C VAL A 375 26.67 37.84 17.37
N ALA A 376 26.95 37.48 16.12
CA ALA A 376 27.61 36.20 15.85
C ALA A 376 29.02 36.17 16.43
N ILE A 377 29.83 37.19 16.12
CA ILE A 377 31.19 37.24 16.64
C ILE A 377 31.18 37.37 18.16
N ALA A 378 30.20 38.13 18.69
CA ALA A 378 30.06 38.24 20.13
C ALA A 378 29.84 36.86 20.77
N LEU A 379 28.88 36.10 20.26
CA LEU A 379 28.58 34.81 20.87
C LEU A 379 29.71 33.81 20.67
N ARG A 380 30.41 33.88 19.54
CA ARG A 380 31.56 32.99 19.35
C ARG A 380 32.64 33.27 20.40
N VAL A 381 33.03 34.55 20.56
CA VAL A 381 34.09 34.84 21.52
C VAL A 381 33.62 34.61 22.95
N LEU A 382 32.33 34.82 23.23
CA LEU A 382 31.83 34.58 24.58
C LEU A 382 31.79 33.09 24.90
N GLY A 383 31.40 32.27 23.92
CA GLY A 383 31.42 30.84 24.12
C GLY A 383 32.83 30.32 24.34
N ILE A 384 33.80 30.84 23.58
CA ILE A 384 35.16 30.37 23.83
C ILE A 384 35.70 30.91 25.16
N VAL A 385 35.24 32.07 25.59
CA VAL A 385 35.63 32.58 26.91
C VAL A 385 35.14 31.67 28.01
N ILE A 386 33.86 31.27 27.94
CA ILE A 386 33.32 30.37 28.96
C ILE A 386 33.83 28.95 28.81
N ALA A 387 34.33 28.58 27.62
CA ALA A 387 34.87 27.25 27.43
C ALA A 387 36.32 27.13 27.91
N ILE A 388 37.13 28.17 27.77
CA ILE A 388 38.44 28.18 28.40
C ILE A 388 38.31 28.35 29.91
N SER A 389 37.19 28.89 30.37
CA SER A 389 36.92 29.07 31.79
C SER A 389 36.42 27.81 32.46
N THR A 390 36.59 26.65 31.83
CA THR A 390 36.18 25.39 32.40
C THR A 390 37.40 24.56 32.80
N SER A 421 19.73 24.26 52.05
CA SER A 421 18.84 25.27 52.61
C SER A 421 17.41 25.12 52.08
N LYS A 422 17.27 24.95 50.77
CA LYS A 422 15.96 24.86 50.15
C LYS A 422 15.67 23.50 49.52
N GLN A 423 16.48 23.05 48.57
CA GLN A 423 16.21 21.80 47.88
C GLN A 423 17.21 20.70 48.20
N GLU A 424 18.50 21.03 48.32
CA GLU A 424 19.44 20.06 48.86
C GLU A 424 19.14 19.72 50.31
N LYS A 425 18.22 20.46 50.93
CA LYS A 425 17.45 19.94 52.05
C LYS A 425 16.97 18.52 51.77
N LYS A 426 16.13 18.36 50.75
CA LYS A 426 15.53 17.05 50.46
C LYS A 426 16.56 16.10 49.89
N GLU A 427 17.54 16.60 49.16
CA GLU A 427 18.53 15.72 48.54
C GLU A 427 19.54 15.21 49.56
N SER A 428 19.85 16.02 50.56
CA SER A 428 20.66 15.54 51.68
C SER A 428 19.87 14.54 52.51
N GLN A 429 18.59 14.83 52.74
CA GLN A 429 17.71 13.83 53.34
C GLN A 429 17.73 12.53 52.54
N TRP A 430 17.83 12.64 51.22
CA TRP A 430 17.86 11.49 50.34
C TRP A 430 19.14 10.69 50.52
N GLU A 431 20.29 11.35 50.35
CA GLU A 431 21.56 10.64 50.45
C GLU A 431 21.90 10.20 51.86
N ARG A 432 21.18 10.69 52.88
CA ARG A 432 21.21 10.05 54.18
C ARG A 432 20.25 8.86 54.22
N LEU A 433 19.11 9.01 53.53
CA LEU A 433 18.14 7.93 53.43
C LEU A 433 18.70 6.76 52.64
N THR A 434 19.59 7.03 51.68
CA THR A 434 20.07 6.02 50.75
C THR A 434 21.57 5.74 50.90
N SER A 435 22.15 6.10 52.03
CA SER A 435 23.54 5.76 52.27
C SER A 435 23.64 4.34 52.83
N SER A 436 24.76 3.69 52.53
CA SER A 436 24.99 2.35 53.05
C SER A 436 25.19 2.40 54.56
N ARG A 437 24.36 1.66 55.28
CA ARG A 437 24.43 1.59 56.74
C ARG A 437 25.13 0.32 57.20
N ALA A 438 25.80 -0.40 56.29
CA ALA A 438 26.48 -1.63 56.66
C ALA A 438 27.67 -1.32 57.56
N ARG A 439 27.87 -2.17 58.56
CA ARG A 439 29.01 -1.99 59.46
C ARG A 439 30.28 -2.49 58.80
N GLU A 440 31.31 -1.65 58.77
CA GLU A 440 32.59 -2.00 58.16
C GLU A 440 33.54 -2.49 59.24
N PHE A 441 34.16 -3.63 59.00
CA PHE A 441 35.07 -4.29 59.92
C PHE A 441 36.43 -4.48 59.26
N MET A 442 37.46 -4.55 60.10
CA MET A 442 38.85 -4.82 59.78
C MET A 442 39.53 -3.66 59.05
N THR A 443 38.94 -2.48 59.04
CA THR A 443 39.64 -1.28 58.63
C THR A 443 39.69 -0.31 59.81
N LYS A 444 40.72 0.53 59.83
CA LYS A 444 40.92 1.41 60.98
C LYS A 444 40.11 2.69 60.81
N ASP A 445 39.09 2.84 61.66
CA ASP A 445 38.23 4.03 61.66
C ASP A 445 38.97 5.16 62.38
N GLU A 446 39.17 6.24 61.63
CA GLU A 446 39.99 7.36 62.07
C GLU A 446 39.28 8.28 63.07
N LYS A 447 38.15 7.86 63.64
CA LYS A 447 37.45 8.72 64.57
C LYS A 447 38.20 8.87 65.89
N THR A 448 38.64 7.75 66.47
CA THR A 448 39.33 7.78 67.76
C THR A 448 40.57 6.91 67.84
N GLY A 449 40.95 6.23 66.76
CA GLY A 449 42.09 5.33 66.80
C GLY A 449 41.65 3.88 66.87
N LYS A 450 40.35 3.65 66.76
CA LYS A 450 39.76 2.35 66.92
C LYS A 450 39.55 1.69 65.56
N MET A 451 39.38 0.37 65.57
CA MET A 451 38.94 -0.38 64.40
C MET A 451 38.22 -1.62 64.90
N ARG A 452 37.02 -1.86 64.39
CA ARG A 452 36.17 -2.92 64.90
C ARG A 452 36.74 -4.27 64.49
N ASP A 453 37.18 -5.06 65.48
CA ASP A 453 37.58 -6.43 65.28
C ASP A 453 36.50 -7.35 65.84
N THR A 454 36.44 -8.57 65.32
CA THR A 454 35.45 -9.54 65.75
C THR A 454 35.84 -10.22 67.05
N GLY A 455 37.08 -10.68 67.14
CA GLY A 455 37.54 -11.33 68.35
C GLY A 455 37.41 -12.84 68.30
N VAL A 456 37.21 -13.38 67.10
CA VAL A 456 37.07 -14.82 66.91
C VAL A 456 37.87 -15.22 65.68
N ARG A 457 38.68 -16.25 65.82
CA ARG A 457 39.51 -16.77 64.74
C ARG A 457 39.07 -18.20 64.40
N PHE A 458 39.81 -18.84 63.51
CA PHE A 458 39.40 -20.14 62.99
C PHE A 458 39.59 -21.28 63.97
N GLU A 459 39.86 -21.01 65.24
CA GLU A 459 40.01 -22.07 66.23
C GLU A 459 38.85 -22.13 67.22
N ASP A 460 37.91 -21.18 67.16
CA ASP A 460 36.76 -21.18 68.04
C ASP A 460 35.59 -21.97 67.49
N ILE A 461 35.78 -22.65 66.36
CA ILE A 461 34.71 -23.35 65.67
C ILE A 461 34.96 -24.84 65.76
N ALA A 462 33.96 -25.57 66.24
CA ALA A 462 34.11 -26.99 66.56
C ALA A 462 33.21 -27.83 65.69
N GLY A 463 33.74 -28.96 65.21
CA GLY A 463 32.95 -29.93 64.49
C GLY A 463 32.51 -29.53 63.11
N MET A 464 33.16 -28.57 62.48
CA MET A 464 32.87 -28.16 61.11
C MET A 464 34.14 -28.15 60.28
N GLU A 465 34.93 -29.22 60.40
CA GLU A 465 36.29 -29.23 59.84
C GLU A 465 36.27 -29.07 58.32
N PHE A 466 35.26 -29.63 57.66
CA PHE A 466 35.16 -29.50 56.21
C PHE A 466 34.97 -28.04 55.81
N LEU A 467 34.04 -27.36 56.47
CA LEU A 467 33.77 -25.97 56.12
C LEU A 467 34.93 -25.06 56.49
N VAL A 468 35.60 -25.33 57.61
CA VAL A 468 36.75 -24.51 57.97
C VAL A 468 37.90 -24.75 56.98
N THR A 469 38.03 -25.98 56.46
CA THR A 469 39.05 -26.24 55.46
C THR A 469 38.77 -25.46 54.18
N GLU A 470 37.53 -25.50 53.70
CA GLU A 470 37.17 -24.74 52.52
C GLU A 470 37.42 -23.25 52.74
N MET A 471 36.97 -22.73 53.89
CA MET A 471 37.15 -21.31 54.18
C MET A 471 38.62 -20.94 54.30
N ARG A 472 39.45 -21.82 54.84
CA ARG A 472 40.87 -21.54 54.97
C ARG A 472 41.53 -21.47 53.61
N GLU A 473 41.23 -22.44 52.73
CA GLU A 473 41.83 -22.37 51.41
C GLU A 473 41.35 -21.14 50.65
N ILE A 474 40.10 -20.72 50.87
CA ILE A 474 39.62 -19.52 50.17
C ILE A 474 40.30 -18.27 50.72
N VAL A 475 40.46 -18.15 52.04
CA VAL A 475 41.08 -16.95 52.59
C VAL A 475 42.59 -16.93 52.35
N ARG A 476 43.18 -18.08 52.00
CA ARG A 476 44.57 -18.06 51.53
C ARG A 476 44.63 -17.67 50.06
N MET A 477 43.69 -18.17 49.26
CA MET A 477 43.66 -17.86 47.83
C MET A 477 43.33 -16.39 47.59
N LEU A 478 42.63 -15.74 48.51
CA LEU A 478 42.25 -14.35 48.31
C LEU A 478 43.25 -13.36 48.86
N LYS A 479 44.25 -13.81 49.62
CA LYS A 479 45.14 -12.90 50.35
C LYS A 479 46.58 -12.96 49.87
N GLY A 480 46.80 -12.94 48.56
CA GLY A 480 48.16 -12.91 48.05
C GLY A 480 48.72 -14.30 47.86
N ASP A 481 47.89 -15.20 47.35
CA ASP A 481 48.30 -16.59 47.19
C ASP A 481 49.48 -16.71 46.23
N GLU A 482 49.27 -16.37 44.96
CA GLU A 482 50.22 -16.58 43.88
C GLU A 482 50.52 -18.08 43.71
N ALA A 483 49.85 -18.91 44.51
CA ALA A 483 49.94 -20.35 44.42
C ALA A 483 48.66 -20.99 43.91
N TYR A 484 47.54 -20.30 44.03
CA TYR A 484 46.29 -20.77 43.43
C TYR A 484 46.11 -20.21 42.03
N LYS A 485 46.47 -18.94 41.81
CA LYS A 485 46.54 -18.41 40.46
C LYS A 485 47.75 -18.98 39.71
N ARG A 486 48.72 -19.53 40.45
CA ARG A 486 49.71 -20.42 39.84
C ARG A 486 49.03 -21.50 39.01
N VAL A 487 47.88 -21.98 39.47
CA VAL A 487 47.11 -23.00 38.76
C VAL A 487 45.77 -22.46 38.28
N GLY A 488 45.67 -21.16 38.01
CA GLY A 488 44.44 -20.58 37.49
C GLY A 488 43.22 -20.73 38.38
N ALA A 489 43.41 -21.11 39.64
CA ALA A 489 42.29 -21.34 40.54
C ALA A 489 41.71 -20.01 41.00
N LYS A 490 40.56 -19.64 40.45
CA LYS A 490 39.86 -18.44 40.88
C LYS A 490 38.98 -18.74 42.08
N CYS A 491 38.67 -17.69 42.83
CA CYS A 491 37.81 -17.85 43.99
C CYS A 491 36.35 -17.77 43.58
N PRO A 492 35.49 -18.63 44.11
CA PRO A 492 34.06 -18.48 43.87
C PRO A 492 33.56 -17.25 44.59
N LYS A 493 33.27 -16.19 43.84
CA LYS A 493 32.93 -14.90 44.44
C LYS A 493 31.47 -14.80 44.82
N GLY A 494 30.74 -15.91 44.88
CA GLY A 494 29.44 -15.95 45.51
C GLY A 494 29.29 -17.21 46.33
N ILE A 495 29.08 -17.05 47.64
CA ILE A 495 29.00 -18.18 48.56
C ILE A 495 27.72 -18.04 49.37
N ILE A 496 27.03 -19.15 49.59
CA ILE A 496 25.83 -19.17 50.41
C ILE A 496 25.98 -20.27 51.45
N PHE A 497 25.69 -19.94 52.70
CA PHE A 497 25.56 -20.91 53.77
C PHE A 497 24.07 -21.09 54.06
N GLN A 498 23.64 -22.34 54.21
CA GLN A 498 22.25 -22.63 54.53
C GLN A 498 22.18 -23.87 55.41
N GLY A 499 21.19 -23.89 56.28
CA GLY A 499 21.03 -24.97 57.23
C GLY A 499 20.11 -24.55 58.36
N PRO A 500 19.62 -25.52 59.13
CA PRO A 500 18.64 -25.22 60.19
C PRO A 500 19.19 -24.22 61.18
N PRO A 501 18.32 -23.50 61.89
CA PRO A 501 18.78 -22.46 62.80
C PRO A 501 19.45 -23.04 64.04
N GLY A 502 20.58 -22.47 64.40
CA GLY A 502 21.34 -22.90 65.54
C GLY A 502 22.64 -23.62 65.23
N THR A 503 23.07 -23.62 63.98
CA THR A 503 24.25 -24.36 63.56
C THR A 503 25.52 -23.51 63.55
N GLY A 504 25.41 -22.20 63.73
CA GLY A 504 26.59 -21.37 63.85
C GLY A 504 27.17 -20.91 62.53
N LYS A 505 26.36 -20.23 61.72
CA LYS A 505 26.85 -19.65 60.48
C LYS A 505 27.38 -18.24 60.69
N THR A 506 26.70 -17.45 61.51
CA THR A 506 27.16 -16.10 61.77
C THR A 506 28.47 -16.11 62.56
N TYR A 507 28.70 -17.15 63.36
CA TYR A 507 29.99 -17.29 64.04
C TYR A 507 31.10 -17.57 63.03
N LEU A 508 30.80 -18.40 62.01
CA LEU A 508 31.76 -18.61 60.93
C LEU A 508 32.03 -17.32 60.18
N ALA A 509 31.00 -16.51 59.97
CA ALA A 509 31.20 -15.22 59.31
C ALA A 509 32.08 -14.31 60.16
N ARG A 510 31.86 -14.30 61.48
CA ARG A 510 32.70 -13.49 62.35
C ARG A 510 34.14 -13.94 62.31
N ALA A 511 34.37 -15.26 62.32
CA ALA A 511 35.74 -15.77 62.27
C ALA A 511 36.41 -15.44 60.93
N ILE A 512 35.63 -15.49 59.84
CA ILE A 512 36.17 -15.11 58.53
C ILE A 512 36.55 -13.64 58.52
N ALA A 513 35.65 -12.78 59.02
CA ALA A 513 35.96 -11.36 59.13
C ALA A 513 37.24 -11.14 59.94
N GLY A 514 37.40 -11.87 61.04
CA GLY A 514 38.60 -11.78 61.84
C GLY A 514 39.86 -12.14 61.09
N GLU A 515 39.84 -13.29 60.43
CA GLU A 515 41.06 -13.81 59.81
C GLU A 515 41.27 -13.34 58.37
N ALA A 516 40.42 -12.45 57.85
CA ALA A 516 40.53 -12.03 56.46
C ALA A 516 41.38 -10.78 56.26
N GLU A 517 41.55 -9.96 57.29
CA GLU A 517 42.37 -8.74 57.27
C GLU A 517 42.06 -7.87 56.05
N VAL A 518 40.81 -7.91 55.59
CA VAL A 518 40.34 -7.07 54.50
C VAL A 518 39.06 -6.38 54.96
N PRO A 519 38.60 -5.33 54.26
CA PRO A 519 37.32 -4.73 54.63
C PRO A 519 36.19 -5.76 54.61
N PHE A 520 35.30 -5.66 55.59
CA PHE A 520 34.20 -6.61 55.75
C PHE A 520 32.93 -5.84 56.05
N PHE A 521 31.98 -5.84 55.12
CA PHE A 521 30.75 -5.10 55.28
C PHE A 521 29.65 -6.04 55.74
N SER A 522 29.33 -5.99 57.03
CA SER A 522 28.23 -6.75 57.59
C SER A 522 26.92 -5.98 57.40
N SER A 523 25.91 -6.67 56.90
CA SER A 523 24.61 -6.07 56.67
C SER A 523 23.56 -7.16 56.71
N VAL A 524 22.30 -6.76 56.80
CA VAL A 524 21.20 -7.70 56.87
C VAL A 524 20.25 -7.44 55.73
N GLY A 525 19.49 -8.47 55.34
CA GLY A 525 18.54 -8.34 54.26
C GLY A 525 17.23 -7.68 54.65
N SER A 526 17.15 -7.06 55.83
CA SER A 526 15.91 -6.49 56.32
C SER A 526 15.97 -4.99 56.51
N GLU A 527 17.03 -4.33 56.02
CA GLU A 527 17.21 -2.90 56.22
C GLU A 527 17.03 -2.08 54.95
N PHE A 528 17.02 -2.73 53.79
CA PHE A 528 17.00 -1.99 52.53
C PHE A 528 15.65 -1.34 52.29
N VAL A 529 14.59 -2.14 52.19
CA VAL A 529 13.26 -1.59 51.93
C VAL A 529 12.75 -0.88 53.17
N GLU A 530 12.32 0.37 52.99
CA GLU A 530 11.90 1.20 54.12
C GLU A 530 11.01 2.33 53.59
N MET A 531 10.91 3.40 54.37
CA MET A 531 9.87 4.44 54.23
C MET A 531 9.51 4.74 52.79
N PHE A 532 10.49 5.09 51.97
CA PHE A 532 10.17 5.58 50.63
C PHE A 532 10.54 4.57 49.55
N ALA A 533 10.14 4.89 48.32
CA ALA A 533 10.48 4.07 47.17
C ALA A 533 11.82 4.50 46.60
N GLY A 534 12.52 3.59 45.93
CA GLY A 534 13.83 3.85 45.42
C GLY A 534 14.94 3.85 46.45
N VAL A 535 14.61 3.54 47.71
CA VAL A 535 15.59 3.62 48.78
C VAL A 535 16.46 2.36 48.80
N ALA A 536 15.85 1.19 48.59
CA ALA A 536 16.59 -0.06 48.72
C ALA A 536 17.62 -0.23 47.61
N ALA A 537 17.20 0.02 46.37
CA ALA A 537 18.15 -0.07 45.26
C ALA A 537 19.30 0.91 45.44
N ALA A 538 19.01 2.11 45.95
CA ALA A 538 20.07 3.09 46.16
C ALA A 538 21.00 2.68 47.29
N ARG A 539 20.47 2.05 48.34
CA ARG A 539 21.33 1.57 49.41
C ARG A 539 22.23 0.44 48.92
N VAL A 540 21.68 -0.48 48.12
CA VAL A 540 22.49 -1.54 47.55
C VAL A 540 23.57 -0.97 46.66
N ASN A 541 23.23 0.06 45.88
CA ASN A 541 24.20 0.74 45.04
C ASN A 541 25.32 1.35 45.87
N SER A 542 24.96 2.10 46.91
CA SER A 542 25.96 2.71 47.77
C SER A 542 26.89 1.67 48.38
N LEU A 543 26.30 0.58 48.89
CA LEU A 543 27.11 -0.46 49.52
C LEU A 543 28.07 -1.08 48.52
N PHE A 544 27.58 -1.50 47.36
CA PHE A 544 28.46 -2.15 46.40
C PHE A 544 29.49 -1.19 45.84
N TYR A 545 29.15 0.10 45.77
CA TYR A 545 30.10 1.08 45.28
C TYR A 545 31.26 1.26 46.26
N ASN A 546 30.94 1.49 47.53
CA ASN A 546 32.00 1.66 48.51
C ASN A 546 32.75 0.35 48.74
N ALA A 547 32.15 -0.79 48.38
CA ALA A 547 32.88 -2.05 48.44
C ALA A 547 33.86 -2.16 47.28
N ARG A 548 33.37 -2.02 46.04
CA ARG A 548 34.23 -2.12 44.86
C ARG A 548 35.31 -1.05 44.86
N LYS A 549 35.11 0.05 45.59
CA LYS A 549 36.15 1.05 45.70
C LYS A 549 37.31 0.53 46.55
N LYS A 550 37.02 -0.37 47.49
CA LYS A 550 38.03 -0.89 48.41
C LYS A 550 38.38 -2.35 48.15
N ALA A 551 38.37 -2.76 46.89
CA ALA A 551 38.68 -4.15 46.56
C ALA A 551 40.15 -4.44 46.86
N PRO A 552 40.46 -5.66 47.35
CA PRO A 552 39.54 -6.75 47.65
C PRO A 552 38.81 -6.58 48.98
N ALA A 553 37.58 -7.04 49.06
CA ALA A 553 36.78 -6.90 50.27
C ALA A 553 35.85 -8.10 50.38
N ILE A 554 35.06 -8.11 51.46
CA ILE A 554 34.05 -9.12 51.70
C ILE A 554 32.77 -8.41 52.10
N ILE A 555 31.64 -8.86 51.55
CA ILE A 555 30.33 -8.42 51.98
C ILE A 555 29.62 -9.61 52.59
N PHE A 556 28.75 -9.35 53.57
CA PHE A 556 28.00 -10.39 54.24
C PHE A 556 26.58 -9.91 54.46
N ILE A 557 25.67 -10.33 53.59
CA ILE A 557 24.25 -10.03 53.71
C ILE A 557 23.59 -11.18 54.44
N ASP A 558 23.38 -11.01 55.74
CA ASP A 558 22.74 -12.01 56.56
C ASP A 558 21.24 -11.99 56.35
N GLU A 559 20.64 -13.17 56.29
CA GLU A 559 19.19 -13.32 56.10
C GLU A 559 18.73 -12.65 54.81
N ILE A 560 19.21 -13.18 53.69
CA ILE A 560 18.84 -12.67 52.37
C ILE A 560 17.41 -13.07 52.04
N ASP A 561 16.75 -13.77 52.96
CA ASP A 561 15.38 -14.25 52.72
C ASP A 561 14.43 -13.10 52.41
N ALA A 562 14.74 -11.89 52.86
CA ALA A 562 13.87 -10.76 52.60
C ALA A 562 14.25 -10.01 51.33
N ILE A 563 15.44 -10.24 50.80
CA ILE A 563 15.87 -9.57 49.58
C ILE A 563 15.87 -10.50 48.38
N GLY A 564 16.42 -11.70 48.49
CA GLY A 564 16.45 -12.62 47.38
C GLY A 564 15.28 -13.56 47.35
N ARG A 565 14.19 -13.18 48.02
CA ARG A 565 12.98 -13.99 47.98
C ARG A 565 12.42 -14.00 46.56
N ALA A 566 11.85 -15.14 46.17
CA ALA A 566 11.40 -15.33 44.81
C ALA A 566 10.35 -14.30 44.42
N ARG A 567 10.42 -13.84 43.18
CA ARG A 567 9.43 -12.90 42.64
C ARG A 567 8.10 -13.63 42.51
N SER A 568 7.10 -13.14 43.22
CA SER A 568 5.79 -13.79 43.23
C SER A 568 5.10 -13.60 41.88
N THR A 569 3.88 -14.09 41.76
CA THR A 569 3.09 -13.96 40.54
C THR A 569 2.18 -12.74 40.54
N LEU A 570 1.67 -12.35 41.72
CA LEU A 570 0.84 -11.18 41.87
C LEU A 570 1.17 -10.51 43.20
N GLY A 571 0.36 -9.52 43.57
CA GLY A 571 0.51 -8.78 44.81
C GLY A 571 0.96 -7.36 44.57
N GLY A 572 0.02 -6.41 44.61
CA GLY A 572 0.31 -5.03 44.29
C GLY A 572 0.81 -4.26 45.50
N ASP A 573 2.06 -4.49 45.88
CA ASP A 573 2.57 -3.90 47.10
C ASP A 573 3.77 -3.01 46.80
N PRO A 574 3.78 -1.76 47.30
CA PRO A 574 5.00 -0.95 47.19
C PRO A 574 6.18 -1.57 47.88
N GLY A 575 5.95 -2.32 48.96
CA GLY A 575 7.02 -3.14 49.51
C GLY A 575 7.46 -4.24 48.56
N SER A 576 6.49 -4.83 47.84
CA SER A 576 6.85 -5.75 46.76
C SER A 576 7.61 -5.02 45.66
N MET A 577 7.19 -3.80 45.31
CA MET A 577 7.93 -3.00 44.34
C MET A 577 9.37 -2.77 44.77
N GLU A 578 9.56 -2.40 46.02
CA GLU A 578 10.90 -2.12 46.52
C GLU A 578 11.73 -3.40 46.59
N ARG A 579 11.08 -4.52 46.92
CA ARG A 579 11.77 -5.80 46.88
C ARG A 579 12.23 -6.13 45.48
N GLU A 580 11.37 -5.93 44.48
CA GLU A 580 11.76 -6.18 43.10
C GLU A 580 12.96 -5.32 42.70
N SER A 581 12.89 -4.02 43.02
CA SER A 581 13.97 -3.11 42.64
C SER A 581 15.27 -3.47 43.35
N ALA A 582 15.20 -3.78 44.65
CA ALA A 582 16.39 -4.19 45.37
C ALA A 582 16.96 -5.49 44.80
N LEU A 583 16.08 -6.43 44.45
CA LEU A 583 16.53 -7.71 43.94
C LEU A 583 17.26 -7.53 42.61
N LEU A 584 16.69 -6.77 41.69
CA LEU A 584 17.34 -6.64 40.38
C LEU A 584 18.57 -5.74 40.48
N ALA A 585 18.57 -4.79 41.41
CA ALA A 585 19.78 -3.99 41.64
C ALA A 585 20.91 -4.87 42.17
N MET A 586 20.62 -5.67 43.18
CA MET A 586 21.53 -6.72 43.63
C MET A 586 22.05 -7.56 42.47
N LEU A 587 21.14 -8.03 41.62
CA LEU A 587 21.51 -8.90 40.52
C LEU A 587 22.47 -8.20 39.57
N VAL A 588 22.15 -6.98 39.15
CA VAL A 588 22.99 -6.27 38.21
C VAL A 588 24.31 -5.85 38.86
N GLN A 589 24.32 -5.66 40.17
CA GLN A 589 25.54 -5.21 40.84
C GLN A 589 26.52 -6.35 40.99
N MET A 590 26.03 -7.56 41.27
CA MET A 590 26.95 -8.70 41.21
C MET A 590 27.19 -9.09 39.76
N ASP A 591 26.36 -8.60 38.84
CA ASP A 591 26.72 -8.55 37.43
C ASP A 591 27.70 -7.42 37.16
N GLY A 592 27.69 -6.38 38.00
CA GLY A 592 28.70 -5.33 37.91
C GLY A 592 30.12 -5.86 38.04
N ILE A 593 30.28 -7.06 38.56
CA ILE A 593 31.57 -7.76 38.48
C ILE A 593 31.53 -8.56 37.19
N ALA A 594 31.81 -7.87 36.08
CA ALA A 594 32.03 -8.51 34.79
C ALA A 594 33.49 -8.51 34.39
N ASN A 595 34.20 -7.44 34.69
CA ASN A 595 35.66 -7.44 34.70
C ASN A 595 36.11 -8.18 35.95
N LYS A 596 36.72 -9.35 35.76
CA LYS A 596 37.08 -10.20 36.89
C LYS A 596 38.18 -9.60 37.75
N THR A 597 38.72 -8.43 37.40
CA THR A 597 39.77 -7.82 38.20
C THR A 597 39.25 -7.41 39.57
N GLU A 598 37.97 -7.08 39.66
CA GLU A 598 37.36 -6.85 40.97
C GLU A 598 37.30 -8.16 41.73
N GLN A 599 37.83 -8.16 42.96
CA GLN A 599 37.95 -9.36 43.77
C GLN A 599 37.08 -9.28 45.01
N VAL A 600 35.84 -8.80 44.85
CA VAL A 600 34.88 -8.76 45.95
C VAL A 600 34.29 -10.14 46.14
N LEU A 601 34.21 -10.59 47.38
CA LEU A 601 33.61 -11.85 47.75
C LEU A 601 32.37 -11.60 48.60
N THR A 602 31.25 -12.21 48.22
CA THR A 602 29.98 -11.98 48.89
C THR A 602 29.47 -13.28 49.50
N ILE A 603 28.91 -13.18 50.70
CA ILE A 603 28.46 -14.33 51.46
C ILE A 603 27.02 -14.11 51.89
N GLY A 604 26.20 -15.16 51.78
CA GLY A 604 24.84 -15.14 52.28
C GLY A 604 24.65 -16.24 53.31
N ALA A 605 23.79 -15.98 54.29
CA ALA A 605 23.49 -16.95 55.33
C ALA A 605 21.98 -16.98 55.51
N THR A 606 21.40 -18.18 55.44
CA THR A 606 19.95 -18.34 55.51
C THR A 606 19.60 -19.71 56.05
N ASN A 607 18.32 -19.88 56.40
CA ASN A 607 17.76 -21.19 56.67
C ASN A 607 16.47 -21.44 55.89
N LEU A 608 16.10 -20.52 55.00
CA LEU A 608 14.97 -20.67 54.09
C LEU A 608 15.48 -20.63 52.65
N ALA A 609 16.56 -21.37 52.39
CA ALA A 609 17.21 -21.33 51.09
C ALA A 609 16.29 -21.78 49.97
N GLN A 610 15.24 -22.56 50.27
CA GLN A 610 14.34 -23.00 49.22
C GLN A 610 13.58 -21.83 48.60
N GLU A 611 13.32 -20.78 49.37
CA GLU A 611 12.53 -19.64 48.90
C GLU A 611 13.35 -18.61 48.16
N LEU A 612 14.63 -18.88 47.94
CA LEU A 612 15.48 -18.00 47.16
C LEU A 612 15.04 -18.00 45.69
N ASP A 613 15.52 -17.00 44.95
CA ASP A 613 15.18 -16.85 43.55
C ASP A 613 16.16 -17.66 42.69
N ALA A 614 15.65 -18.23 41.60
CA ALA A 614 16.48 -19.05 40.73
C ALA A 614 17.51 -18.25 39.96
N ALA A 615 17.25 -16.97 39.70
CA ALA A 615 18.23 -16.14 38.99
C ALA A 615 19.49 -15.96 39.81
N LEU A 616 19.36 -15.91 41.14
CA LEU A 616 20.53 -15.76 42.01
C LEU A 616 21.46 -16.96 41.86
N LEU A 617 20.92 -18.17 41.99
CA LEU A 617 21.72 -19.38 41.94
C LEU A 617 22.41 -19.60 40.59
N ARG A 618 22.12 -18.78 39.59
CA ARG A 618 22.76 -18.93 38.30
C ARG A 618 24.28 -18.79 38.43
N PRO A 619 25.06 -19.54 37.66
CA PRO A 619 26.51 -19.34 37.68
C PRO A 619 26.89 -17.91 37.33
N GLY A 620 28.00 -17.47 37.92
CA GLY A 620 28.44 -16.10 37.76
C GLY A 620 27.94 -15.14 38.81
N ARG A 621 26.88 -15.48 39.54
CA ARG A 621 26.42 -14.67 40.66
C ARG A 621 26.59 -15.39 42.00
N PHE A 622 25.99 -16.57 42.15
CA PHE A 622 26.09 -17.36 43.38
C PHE A 622 26.41 -18.79 42.97
N GLU A 623 27.70 -19.08 42.80
CA GLU A 623 28.10 -20.35 42.25
C GLU A 623 28.00 -21.49 43.26
N VAL A 624 28.37 -21.23 44.51
CA VAL A 624 28.50 -22.28 45.52
C VAL A 624 27.52 -22.01 46.65
N VAL A 625 26.83 -23.06 47.08
CA VAL A 625 25.96 -23.01 48.25
C VAL A 625 26.40 -24.13 49.20
N TYR A 626 26.47 -23.80 50.48
CA TYR A 626 26.97 -24.73 51.48
C TYR A 626 25.86 -25.12 52.43
N GLU A 627 25.84 -26.39 52.82
CA GLU A 627 24.90 -26.88 53.81
C GLU A 627 25.64 -27.09 55.12
N VAL A 628 25.01 -26.72 56.22
CA VAL A 628 25.55 -26.98 57.55
C VAL A 628 24.63 -27.95 58.26
N PRO A 629 25.06 -29.19 58.47
CA PRO A 629 24.19 -30.19 59.08
C PRO A 629 24.18 -30.05 60.60
N GLN A 630 23.13 -30.59 61.19
CA GLN A 630 23.16 -30.70 62.64
C GLN A 630 24.28 -31.65 63.05
N PRO A 631 25.05 -31.30 64.08
CA PRO A 631 26.26 -32.05 64.39
C PRO A 631 25.98 -33.51 64.72
N GLY A 632 26.89 -34.37 64.25
CA GLY A 632 26.84 -35.78 64.59
C GLY A 632 27.45 -36.01 65.95
N PRO A 633 27.65 -37.28 66.31
CA PRO A 633 28.18 -37.57 67.65
C PRO A 633 29.58 -37.01 67.89
N SER A 634 30.46 -37.14 66.90
CA SER A 634 31.80 -36.62 67.03
C SER A 634 31.80 -35.10 67.14
N ALA A 635 31.04 -34.43 66.27
CA ALA A 635 30.96 -32.98 66.33
C ALA A 635 30.32 -32.53 67.64
N ARG A 636 29.37 -33.31 68.16
CA ARG A 636 28.76 -32.96 69.43
C ARG A 636 29.77 -33.05 70.57
N MET A 637 30.55 -34.13 70.60
CA MET A 637 31.58 -34.23 71.64
C MET A 637 32.62 -33.13 71.50
N ALA A 638 32.95 -32.74 70.26
CA ALA A 638 33.91 -31.66 70.07
C ALA A 638 33.38 -30.34 70.63
N ILE A 639 32.13 -30.01 70.29
CA ILE A 639 31.54 -28.77 70.78
C ILE A 639 31.46 -28.78 72.30
N LEU A 640 31.14 -29.93 72.88
CA LEU A 640 31.07 -30.01 74.34
C LEU A 640 32.44 -29.84 74.97
N ARG A 641 33.46 -30.56 74.46
CA ARG A 641 34.82 -30.40 74.96
C ARG A 641 35.25 -28.94 74.89
N TYR A 642 34.88 -28.24 73.82
CA TYR A 642 35.29 -26.84 73.70
C TYR A 642 34.60 -25.97 74.74
N HIS A 643 33.27 -26.02 74.80
CA HIS A 643 32.52 -25.15 75.70
C HIS A 643 32.68 -25.52 77.17
N ALA A 644 33.38 -26.62 77.47
CA ALA A 644 33.64 -27.02 78.84
C ALA A 644 34.99 -26.56 79.36
N LYS A 645 35.77 -25.87 78.54
CA LYS A 645 37.03 -25.32 79.02
C LYS A 645 36.78 -24.11 79.89
N GLY A 646 37.05 -24.25 81.19
CA GLY A 646 36.81 -23.20 82.15
C GLY A 646 35.69 -23.46 83.12
N LYS A 647 35.27 -24.71 83.27
CA LYS A 647 34.20 -25.06 84.20
C LYS A 647 34.59 -26.28 85.04
N PRO A 648 34.11 -26.37 86.28
CA PRO A 648 34.43 -27.53 87.12
C PRO A 648 33.66 -28.75 86.66
N LEU A 649 34.33 -29.90 86.63
CA LEU A 649 33.73 -31.18 86.29
C LEU A 649 34.06 -32.19 87.38
N GLU A 650 33.11 -33.09 87.64
CA GLU A 650 33.35 -34.16 88.60
C GLU A 650 33.98 -35.35 87.88
N GLY A 651 35.03 -35.90 88.49
CA GLY A 651 35.66 -37.07 87.92
C GLY A 651 36.28 -36.81 86.57
N ASP A 652 36.44 -37.89 85.81
CA ASP A 652 37.04 -37.83 84.48
C ASP A 652 36.03 -37.23 83.50
N GLY A 653 36.30 -36.02 83.04
CA GLY A 653 35.39 -35.35 82.13
C GLY A 653 35.17 -36.09 80.82
N GLN A 654 36.06 -37.01 80.47
CA GLN A 654 35.93 -37.70 79.19
C GLN A 654 34.72 -38.63 79.17
N ARG A 655 34.51 -39.38 80.25
CA ARG A 655 33.34 -40.25 80.31
C ARG A 655 32.04 -39.44 80.36
N LEU A 656 32.01 -38.40 81.21
CA LEU A 656 30.85 -37.53 81.28
C LEU A 656 30.53 -36.96 79.90
N LEU A 657 31.55 -36.48 79.18
CA LEU A 657 31.31 -35.88 77.88
C LEU A 657 30.85 -36.91 76.87
N LEU A 658 31.44 -38.11 76.89
CA LEU A 658 30.97 -39.17 76.01
C LEU A 658 29.49 -39.45 76.22
N LYS A 659 29.07 -39.57 77.48
CA LYS A 659 27.67 -39.91 77.75
C LYS A 659 26.75 -38.77 77.32
N THR A 660 27.06 -37.53 77.72
CA THR A 660 26.16 -36.44 77.35
C THR A 660 26.23 -36.11 75.87
N ALA A 661 27.24 -36.59 75.16
CA ALA A 661 27.29 -36.37 73.72
C ALA A 661 26.46 -37.41 73.00
N GLU A 662 26.51 -38.67 73.43
CA GLU A 662 25.68 -39.68 72.80
C GLU A 662 24.29 -39.75 73.41
N ALA A 663 23.93 -38.84 74.32
CA ALA A 663 22.57 -38.77 74.84
C ALA A 663 21.75 -37.62 74.26
N THR A 664 22.39 -36.57 73.77
CA THR A 664 21.67 -35.44 73.16
C THR A 664 21.69 -35.54 71.64
N GLN A 665 20.99 -36.53 71.11
CA GLN A 665 20.91 -36.70 69.67
C GLN A 665 19.92 -35.71 69.07
N GLY A 666 20.36 -35.02 68.01
CA GLY A 666 19.51 -34.09 67.31
C GLY A 666 19.62 -32.66 67.78
N TRP A 667 20.56 -32.33 68.65
CA TRP A 667 20.69 -30.99 69.18
C TRP A 667 21.57 -30.13 68.28
N SER A 668 21.44 -28.83 68.42
CA SER A 668 22.27 -27.87 67.71
C SER A 668 23.37 -27.36 68.64
N ALA A 669 24.36 -26.67 68.08
CA ALA A 669 25.51 -26.20 68.85
C ALA A 669 25.12 -25.16 69.90
N ALA A 670 24.21 -24.25 69.53
CA ALA A 670 23.70 -23.30 70.51
C ALA A 670 23.06 -24.02 71.70
N ALA A 671 22.35 -25.11 71.44
CA ALA A 671 21.74 -25.86 72.51
C ALA A 671 22.79 -26.45 73.45
N LEU A 672 23.88 -26.96 72.89
CA LEU A 672 24.91 -27.56 73.73
C LEU A 672 25.64 -26.51 74.55
N ALA A 673 25.93 -25.35 73.95
CA ALA A 673 26.54 -24.26 74.70
C ALA A 673 25.64 -23.84 75.85
N ASN A 674 24.36 -23.60 75.56
CA ASN A 674 23.41 -23.24 76.60
C ASN A 674 23.30 -24.32 77.66
N LEU A 675 23.43 -25.59 77.25
CA LEU A 675 23.37 -26.68 78.21
C LEU A 675 24.51 -26.59 79.21
N MET A 676 25.74 -26.45 78.73
CA MET A 676 26.87 -26.33 79.64
C MET A 676 26.74 -25.10 80.52
N ASN A 677 26.28 -23.98 79.95
CA ASN A 677 26.15 -22.75 80.71
C ASN A 677 25.18 -22.94 81.88
N GLU A 678 23.98 -23.44 81.60
CA GLU A 678 23.00 -23.59 82.66
C GLU A 678 23.38 -24.72 83.62
N ALA A 679 24.19 -25.68 83.15
CA ALA A 679 24.70 -26.68 84.09
C ALA A 679 25.61 -26.03 85.12
N ALA A 680 26.50 -25.13 84.68
CA ALA A 680 27.34 -24.41 85.62
C ALA A 680 26.50 -23.53 86.57
N ILE A 681 25.52 -22.85 86.01
CA ILE A 681 24.65 -21.99 86.82
C ILE A 681 23.96 -22.80 87.91
N LEU A 682 23.44 -23.98 87.57
CA LEU A 682 22.77 -24.81 88.55
C LEU A 682 23.77 -25.40 89.55
N THR A 683 24.98 -25.70 89.07
CA THR A 683 26.03 -26.18 89.98
C THR A 683 26.33 -25.17 91.06
N VAL A 684 26.32 -23.87 90.74
CA VAL A 684 26.56 -22.88 91.78
C VAL A 684 25.25 -22.36 92.36
N ARG A 685 24.10 -22.89 91.92
CA ARG A 685 22.84 -22.49 92.52
C ARG A 685 22.53 -23.26 93.80
N ARG A 686 22.99 -24.51 93.91
CA ARG A 686 22.68 -25.34 95.07
C ARG A 686 23.92 -25.78 95.84
N ASN A 687 25.03 -25.05 95.69
CA ASN A 687 26.23 -25.24 96.49
C ASN A 687 26.79 -26.66 96.36
N VAL A 688 27.18 -27.00 95.13
CA VAL A 688 27.93 -28.23 94.86
C VAL A 688 29.17 -27.82 94.07
N PRO A 689 30.36 -28.34 94.40
CA PRO A 689 31.57 -27.85 93.71
C PRO A 689 31.62 -28.20 92.22
N ALA A 690 31.37 -29.46 91.86
CA ALA A 690 31.59 -29.91 90.51
C ALA A 690 30.27 -30.39 89.91
N ILE A 691 30.33 -30.72 88.61
CA ILE A 691 29.17 -31.18 87.86
C ILE A 691 29.28 -32.68 87.63
N SER A 692 28.31 -33.43 88.13
CA SER A 692 28.27 -34.87 87.95
C SER A 692 27.25 -35.22 86.87
N LEU A 693 27.54 -36.27 86.11
CA LEU A 693 26.74 -36.61 84.93
C LEU A 693 25.26 -36.83 85.23
N PRO A 694 24.85 -37.31 86.42
CA PRO A 694 23.40 -37.34 86.69
C PRO A 694 22.74 -35.97 86.58
N MET A 695 23.40 -34.91 87.01
CA MET A 695 22.79 -33.58 86.94
C MET A 695 22.64 -33.14 85.49
N VAL A 696 23.64 -33.41 84.66
CA VAL A 696 23.53 -33.00 83.27
C VAL A 696 22.51 -33.84 82.53
N LEU A 697 22.33 -35.11 82.91
CA LEU A 697 21.28 -35.91 82.31
C LEU A 697 19.90 -35.40 82.72
N GLU A 698 19.74 -35.07 83.99
CA GLU A 698 18.49 -34.44 84.44
C GLU A 698 18.24 -33.15 83.66
N LEU A 699 19.29 -32.40 83.36
CA LEU A 699 19.13 -31.17 82.60
C LEU A 699 18.66 -31.45 81.18
N VAL A 700 19.22 -32.48 80.53
CA VAL A 700 18.81 -32.74 79.16
C VAL A 700 17.36 -33.25 79.12
N GLU A 701 16.95 -34.02 80.13
CA GLU A 701 15.54 -34.41 80.19
C GLU A 701 14.64 -33.20 80.38
N GLY A 702 14.94 -32.35 81.36
CA GLY A 702 14.12 -31.18 81.60
C GLY A 702 14.14 -30.18 80.45
N LEU A 703 15.16 -30.24 79.60
CA LEU A 703 15.20 -29.35 78.46
C LEU A 703 14.48 -29.93 77.26
N ASN A 704 14.51 -31.25 77.10
CA ASN A 704 13.73 -31.88 76.04
C ASN A 704 12.24 -31.76 76.30
N TRP A 705 11.78 -32.18 77.49
CA TRP A 705 10.36 -32.34 77.73
C TRP A 705 9.72 -31.22 78.55
N GLY A 706 10.43 -30.65 79.52
CA GLY A 706 9.86 -29.62 80.36
C GLY A 706 9.74 -30.04 81.80
N GLU A 707 8.65 -29.65 82.45
CA GLU A 707 8.47 -29.98 83.86
C GLU A 707 8.25 -31.47 84.04
N GLN A 708 8.71 -31.99 85.18
CA GLN A 708 8.61 -33.41 85.47
C GLN A 708 7.29 -33.66 86.20
N ALA A 709 6.51 -34.61 85.69
CA ALA A 709 5.20 -34.89 86.26
C ALA A 709 5.34 -35.71 87.53
N PRO A 710 4.37 -35.62 88.44
CA PRO A 710 4.42 -36.40 89.67
C PRO A 710 3.91 -37.81 89.44
N ARG A 711 4.25 -38.69 90.36
CA ARG A 711 3.87 -40.08 90.26
C ARG A 711 2.36 -40.23 90.46
N ILE A 712 1.90 -41.45 90.29
CA ILE A 712 0.47 -41.75 90.45
C ILE A 712 0.21 -42.03 91.93
N PRO A 713 -0.80 -41.41 92.54
CA PRO A 713 -1.09 -41.67 93.95
C PRO A 713 -1.59 -43.08 94.17
N ASP A 714 -1.26 -43.62 95.34
CA ASP A 714 -1.64 -44.98 95.68
C ASP A 714 -3.15 -45.14 95.71
N SER A 715 -3.64 -46.30 95.28
CA SER A 715 -5.06 -46.59 95.21
C SER A 715 -5.23 -48.09 95.19
N GLU A 716 -6.48 -48.54 95.10
CA GLU A 716 -6.74 -49.89 94.66
C GLU A 716 -6.78 -49.96 93.15
N ALA A 717 -6.49 -48.85 92.48
CA ALA A 717 -6.39 -48.87 91.03
C ALA A 717 -4.94 -48.89 90.59
N LYS A 718 -4.04 -48.31 91.39
CA LYS A 718 -2.63 -48.46 91.10
C LYS A 718 -2.19 -49.90 91.25
N ASP A 719 -2.83 -50.66 92.13
CA ASP A 719 -2.48 -52.07 92.25
C ASP A 719 -2.87 -52.84 91.00
N ARG A 720 -4.04 -52.55 90.43
CA ARG A 720 -4.45 -53.26 89.22
C ARG A 720 -3.66 -52.79 88.01
N LEU A 721 -3.32 -51.51 87.93
CA LEU A 721 -2.44 -51.06 86.86
C LEU A 721 -1.08 -51.73 86.98
N ALA A 722 -0.56 -51.84 88.19
CA ALA A 722 0.69 -52.56 88.40
C ALA A 722 0.58 -53.99 87.92
N LEU A 723 -0.52 -54.66 88.24
CA LEU A 723 -0.66 -56.05 87.85
C LEU A 723 -0.71 -56.21 86.33
N ILE A 724 -1.43 -55.33 85.64
CA ILE A 724 -1.53 -55.52 84.20
C ILE A 724 -0.21 -55.16 83.51
N THR A 725 0.51 -54.16 84.02
CA THR A 725 1.83 -53.87 83.47
C THR A 725 2.79 -55.02 83.74
N ALA A 726 2.69 -55.65 84.91
CA ALA A 726 3.55 -56.78 85.21
C ALA A 726 3.27 -57.96 84.28
N ALA A 727 1.99 -58.22 83.97
CA ALA A 727 1.68 -59.33 83.08
C ALA A 727 2.15 -59.04 81.67
N LYS A 728 2.01 -57.80 81.21
CA LYS A 728 2.54 -57.43 79.92
C LYS A 728 4.06 -57.61 79.86
N ALA A 729 4.77 -57.21 80.91
CA ALA A 729 6.23 -57.34 80.90
C ALA A 729 6.66 -58.79 80.96
N VAL A 730 6.04 -59.59 81.83
CA VAL A 730 6.38 -61.00 81.95
C VAL A 730 6.05 -61.75 80.66
N ALA A 731 5.11 -61.25 79.87
CA ALA A 731 4.85 -61.92 78.59
C ALA A 731 5.75 -61.41 77.47
N PHE A 732 6.22 -60.17 77.56
CA PHE A 732 7.28 -59.71 76.66
C PHE A 732 8.57 -60.48 76.89
N ALA A 733 8.84 -60.86 78.13
CA ALA A 733 10.12 -61.48 78.45
C ALA A 733 10.16 -62.97 78.14
N LEU A 734 9.03 -63.58 77.79
CA LEU A 734 9.01 -64.98 77.38
C LEU A 734 8.57 -65.14 75.94
N THR A 735 8.74 -64.10 75.13
CA THR A 735 8.42 -64.17 73.71
C THR A 735 9.71 -64.40 72.93
N PRO A 736 9.89 -65.53 72.27
CA PRO A 736 11.18 -65.86 71.66
C PRO A 736 11.42 -65.03 70.41
N GLY A 737 12.40 -64.14 70.42
CA GLY A 737 12.60 -63.38 69.18
C GLY A 737 12.62 -61.89 69.40
N LEU A 738 12.47 -61.42 70.62
CA LEU A 738 12.38 -59.96 70.82
C LEU A 738 13.72 -59.43 71.32
N GLU A 739 13.98 -58.15 71.09
CA GLU A 739 15.25 -57.53 71.54
C GLU A 739 15.32 -57.56 73.05
N PRO A 740 16.50 -57.41 73.69
CA PRO A 740 16.52 -57.35 75.15
C PRO A 740 15.69 -56.22 75.83
N ILE A 741 15.04 -56.52 76.97
CA ILE A 741 14.31 -55.52 77.72
C ILE A 741 15.26 -54.77 78.63
N LYS A 742 15.15 -53.45 78.67
CA LYS A 742 16.06 -52.62 79.44
C LYS A 742 15.51 -52.27 80.82
N SER A 743 14.22 -51.95 80.90
CA SER A 743 13.63 -51.61 82.19
C SER A 743 12.12 -51.72 82.08
N VAL A 744 11.48 -51.79 83.24
CA VAL A 744 10.03 -51.66 83.36
C VAL A 744 9.74 -50.55 84.36
N THR A 745 9.13 -49.49 83.88
CA THR A 745 8.87 -48.29 84.66
C THR A 745 7.41 -48.23 85.07
N MET A 746 7.18 -47.58 86.20
CA MET A 746 5.82 -47.35 86.67
C MET A 746 5.51 -45.86 86.77
N TRP A 747 6.46 -44.99 86.44
CA TRP A 747 6.30 -43.56 86.66
C TRP A 747 6.28 -42.76 85.37
N SER A 748 7.34 -42.83 84.58
CA SER A 748 7.40 -42.23 83.25
C SER A 748 7.48 -40.71 83.23
N GLY A 749 7.26 -40.07 84.37
CA GLY A 749 7.47 -38.64 84.52
C GLY A 749 6.93 -37.71 83.46
N ARG A 750 6.03 -38.16 82.60
CA ARG A 750 5.44 -37.31 81.57
C ARG A 750 3.95 -37.17 81.82
N ARG A 751 3.34 -36.23 81.13
CA ARG A 751 1.91 -35.98 81.28
C ARG A 751 1.17 -36.63 80.12
N GLY A 752 0.09 -37.33 80.44
CA GLY A 752 -0.62 -38.13 79.49
C GLY A 752 -0.20 -39.58 79.46
N LEU A 753 1.05 -39.87 79.79
CA LEU A 753 1.60 -41.22 79.66
C LEU A 753 1.63 -41.92 81.01
N GLY A 754 1.62 -43.24 80.97
CA GLY A 754 1.63 -44.05 82.16
C GLY A 754 2.81 -44.99 82.18
N PRO A 755 2.67 -46.13 82.83
CA PRO A 755 3.76 -47.11 82.88
C PRO A 755 4.28 -47.47 81.50
N SER A 756 5.44 -48.13 81.47
CA SER A 756 6.10 -48.39 80.20
C SER A 756 7.04 -49.56 80.33
N VAL A 757 7.32 -50.18 79.18
CA VAL A 757 8.28 -51.28 79.06
C VAL A 757 9.27 -50.90 77.97
N ASP A 758 10.52 -50.72 78.35
CA ASP A 758 11.52 -50.15 77.46
C ASP A 758 12.49 -51.21 76.95
N PHE A 759 13.04 -50.96 75.77
CA PHE A 759 13.99 -51.85 75.11
C PHE A 759 15.29 -51.10 74.84
N ILE A 760 16.37 -51.87 74.63
CA ILE A 760 17.68 -51.28 74.41
C ILE A 760 17.67 -50.46 73.11
N ALA A 761 18.35 -49.32 73.16
CA ALA A 761 18.38 -48.38 72.04
C ALA A 761 19.63 -48.61 71.20
N MET A 762 19.89 -47.69 70.26
CA MET A 762 21.06 -47.83 69.40
C MET A 762 22.35 -47.73 70.20
N GLU A 763 22.36 -46.92 71.26
CA GLU A 763 23.59 -46.73 72.02
C GLU A 763 24.04 -48.02 72.67
N ASP A 764 23.13 -48.74 73.31
CA ASP A 764 23.55 -49.92 74.05
C ASP A 764 23.96 -51.05 73.12
N LYS A 765 23.27 -51.23 72.00
CA LYS A 765 23.70 -52.25 71.05
C LYS A 765 25.02 -51.87 70.40
N ALA A 766 25.24 -50.58 70.15
CA ALA A 766 26.55 -50.13 69.70
C ALA A 766 27.63 -50.50 70.71
N ALA A 767 27.34 -50.35 72.00
CA ALA A 767 28.27 -50.80 73.02
C ALA A 767 28.40 -52.30 73.08
N MET A 768 27.42 -53.05 72.58
CA MET A 768 27.40 -54.50 72.73
C MET A 768 27.88 -55.25 71.50
N ASP A 769 28.14 -54.56 70.38
CA ASP A 769 28.52 -55.21 69.11
C ASP A 769 27.42 -56.16 68.63
N MET A 770 26.22 -55.62 68.38
CA MET A 770 25.17 -56.41 67.77
C MET A 770 24.77 -55.82 66.43
N HIS A 771 24.26 -56.68 65.56
CA HIS A 771 23.81 -56.24 64.25
C HIS A 771 22.71 -55.20 64.39
N PRO A 772 22.61 -54.23 63.48
CA PRO A 772 21.46 -53.33 63.50
C PRO A 772 20.14 -54.05 63.30
N GLU A 773 20.05 -54.87 62.26
CA GLU A 773 18.89 -55.72 62.02
C GLU A 773 19.08 -57.08 62.70
N GLU A 774 18.74 -57.15 63.97
CA GLU A 774 18.84 -58.43 64.65
C GLU A 774 17.48 -59.04 64.94
N THR A 775 16.44 -58.21 65.03
CA THR A 775 15.09 -58.76 65.17
C THR A 775 14.70 -59.54 63.92
N GLU A 776 15.27 -59.20 62.77
CA GLU A 776 15.02 -59.97 61.57
C GLU A 776 15.80 -61.27 61.57
N LEU A 777 17.05 -61.26 62.01
CA LEU A 777 17.86 -62.47 61.98
C LEU A 777 17.44 -63.44 63.08
N MET A 778 16.80 -62.95 64.14
CA MET A 778 16.32 -63.87 65.17
C MET A 778 15.22 -64.78 64.67
N GLY A 779 14.74 -64.56 63.46
CA GLY A 779 13.82 -65.51 62.89
C GLY A 779 14.46 -66.76 62.37
N TRP A 780 15.79 -66.79 62.22
CA TRP A 780 16.47 -67.94 61.64
C TRP A 780 17.61 -68.50 62.47
N ARG A 781 18.06 -67.86 63.54
CA ARG A 781 19.04 -68.51 64.39
C ARG A 781 18.41 -69.71 65.07
N THR A 782 19.25 -70.59 65.61
CA THR A 782 18.76 -71.90 66.02
C THR A 782 19.02 -72.27 67.46
N ASN A 783 20.09 -71.82 68.08
CA ASN A 783 20.38 -72.20 69.47
C ASN A 783 20.75 -70.94 70.25
N PHE A 784 19.76 -70.30 70.86
CA PHE A 784 20.05 -69.08 71.60
C PHE A 784 18.90 -68.76 72.55
N LYS A 785 19.08 -67.65 73.28
CA LYS A 785 18.17 -67.21 74.32
C LYS A 785 18.36 -65.71 74.47
N THR A 786 17.25 -64.97 74.50
CA THR A 786 17.32 -63.51 74.44
C THR A 786 16.98 -62.83 75.75
N ASN A 787 15.80 -63.07 76.32
CA ASN A 787 15.54 -62.60 77.68
C ASN A 787 15.28 -63.75 78.64
N ALA A 788 14.19 -64.48 78.43
CA ALA A 788 13.88 -65.66 79.22
C ALA A 788 13.27 -66.75 78.36
N ALA A 789 13.32 -66.61 77.04
CA ALA A 789 12.81 -67.61 76.11
C ALA A 789 13.96 -68.15 75.30
N VAL A 790 14.08 -69.47 75.25
CA VAL A 790 15.14 -70.14 74.51
C VAL A 790 14.55 -70.78 73.26
N VAL A 791 15.31 -70.73 72.18
CA VAL A 791 14.99 -71.48 70.97
C VAL A 791 16.16 -72.41 70.68
N GLY A 792 15.84 -73.63 70.30
CA GLY A 792 16.83 -74.67 70.18
C GLY A 792 16.79 -75.44 68.88
N ASP A 793 17.87 -75.33 68.10
CA ASP A 793 18.16 -76.15 66.92
C ASP A 793 16.97 -76.26 65.95
N GLU A 794 16.07 -75.30 65.96
CA GLU A 794 15.12 -75.17 64.86
C GLU A 794 14.55 -73.77 64.85
N PRO A 795 14.65 -73.05 63.73
CA PRO A 795 14.28 -71.64 63.71
C PRO A 795 12.77 -71.44 63.69
N LEU A 796 12.38 -70.23 64.03
CA LEU A 796 11.04 -69.76 63.69
C LEU A 796 11.02 -69.42 62.20
N GLY A 797 9.87 -68.99 61.70
CA GLY A 797 9.82 -68.82 60.26
C GLY A 797 9.04 -67.64 59.73
N GLU A 798 9.01 -66.54 60.47
CA GLU A 798 8.24 -65.35 60.12
C GLU A 798 6.75 -65.62 60.18
N PHE A 799 6.34 -66.87 60.35
CA PHE A 799 4.97 -67.14 60.73
C PHE A 799 4.86 -67.31 62.24
N ALA A 800 5.57 -68.29 62.80
CA ALA A 800 5.59 -68.43 64.24
C ALA A 800 6.24 -67.22 64.89
N HIS A 801 7.18 -66.60 64.19
CA HIS A 801 7.89 -65.45 64.77
C HIS A 801 6.96 -64.25 64.94
N VAL A 802 6.17 -63.93 63.92
CA VAL A 802 5.25 -62.81 64.03
C VAL A 802 4.00 -63.21 64.82
N ALA A 803 3.51 -64.42 64.65
CA ALA A 803 2.33 -64.84 65.38
C ALA A 803 2.63 -65.07 66.86
N GLY A 804 3.89 -65.03 67.27
CA GLY A 804 4.17 -65.08 68.69
C GLY A 804 4.08 -63.72 69.33
N LEU A 805 3.90 -62.67 68.52
CA LEU A 805 3.70 -61.33 69.05
C LEU A 805 2.34 -61.15 69.66
N LEU A 806 1.42 -62.08 69.46
CA LEU A 806 0.04 -61.88 69.86
C LEU A 806 -0.21 -62.24 71.30
N VAL A 807 0.73 -62.91 71.96
CA VAL A 807 0.54 -63.29 73.34
C VAL A 807 0.87 -62.12 74.27
N PRO A 808 1.95 -61.36 74.06
CA PRO A 808 2.17 -60.17 74.91
C PRO A 808 1.10 -59.12 74.77
N LEU A 809 0.28 -59.16 73.72
CA LEU A 809 -0.78 -58.20 73.55
C LEU A 809 -2.05 -58.60 74.27
N TYR A 810 -2.26 -59.89 74.47
CA TYR A 810 -3.40 -60.42 75.21
C TYR A 810 -3.07 -60.72 76.66
N ALA A 811 -1.99 -60.17 77.21
CA ALA A 811 -1.59 -60.61 78.54
C ALA A 811 -2.21 -59.78 79.65
N GLY A 812 -2.36 -58.47 79.46
CA GLY A 812 -3.09 -57.68 80.43
C GLY A 812 -4.53 -58.14 80.57
N ARG A 813 -5.24 -58.25 79.45
CA ARG A 813 -6.63 -58.69 79.49
C ARG A 813 -6.75 -60.08 80.06
N ALA A 814 -5.77 -60.94 79.82
CA ALA A 814 -5.83 -62.28 80.37
C ALA A 814 -5.65 -62.27 81.88
N ALA A 815 -4.75 -61.43 82.38
CA ALA A 815 -4.60 -61.31 83.83
C ALA A 815 -5.89 -60.84 84.47
N GLU A 816 -6.53 -59.84 83.87
CA GLU A 816 -7.83 -59.38 84.39
C GLU A 816 -8.88 -60.47 84.35
N VAL A 817 -9.15 -61.03 83.17
CA VAL A 817 -10.21 -62.02 83.05
C VAL A 817 -9.89 -63.29 83.84
N ALA A 818 -8.63 -63.47 84.25
CA ALA A 818 -8.30 -64.67 85.00
C ALA A 818 -8.42 -64.42 86.50
N LEU A 819 -8.15 -63.20 86.95
CA LEU A 819 -8.23 -62.95 88.38
C LEU A 819 -9.61 -62.45 88.81
N PHE A 820 -10.40 -61.93 87.87
CA PHE A 820 -11.65 -61.27 88.23
C PHE A 820 -12.86 -61.70 87.41
N GLY A 821 -12.69 -62.21 86.21
CA GLY A 821 -13.82 -62.48 85.35
C GLY A 821 -14.15 -61.30 84.47
N LYS A 822 -15.16 -61.48 83.62
CA LYS A 822 -15.51 -60.44 82.67
C LYS A 822 -15.87 -59.13 83.35
N ASP A 823 -16.41 -59.19 84.56
CA ASP A 823 -16.78 -57.97 85.27
C ASP A 823 -15.60 -57.08 85.56
N GLY A 824 -14.39 -57.63 85.62
CA GLY A 824 -13.21 -56.86 85.93
C GLY A 824 -12.37 -56.41 84.76
N ALA A 825 -12.82 -56.63 83.54
CA ALA A 825 -12.12 -56.14 82.36
C ALA A 825 -12.21 -54.62 82.30
N SER A 826 -11.19 -53.99 81.75
CA SER A 826 -11.06 -52.55 81.81
C SER A 826 -10.91 -51.96 80.42
N LEU A 827 -10.88 -50.64 80.38
CA LEU A 827 -10.41 -49.92 79.21
C LEU A 827 -8.91 -49.79 79.21
N ALA A 828 -8.24 -50.11 80.31
CA ALA A 828 -6.80 -50.04 80.38
C ALA A 828 -6.14 -51.08 79.50
N THR A 829 -6.85 -52.16 79.18
CA THR A 829 -6.27 -53.28 78.46
C THR A 829 -6.97 -53.53 77.13
N ALA A 830 -7.58 -52.51 76.53
CA ALA A 830 -8.35 -52.73 75.32
C ALA A 830 -7.65 -52.19 74.08
N GLN A 831 -6.75 -51.23 74.25
CA GLN A 831 -6.04 -50.70 73.08
C GLN A 831 -4.99 -51.66 72.56
N PRO A 832 -4.23 -52.39 73.40
CA PRO A 832 -3.42 -53.48 72.85
C PRO A 832 -4.24 -54.51 72.10
N LEU A 833 -5.23 -55.09 72.76
CA LEU A 833 -6.04 -56.13 72.15
C LEU A 833 -6.76 -55.65 70.89
N ALA A 834 -6.98 -54.35 70.77
CA ALA A 834 -7.58 -53.82 69.55
C ALA A 834 -6.59 -53.62 68.43
N ASP A 835 -5.40 -54.21 68.51
CA ASP A 835 -4.39 -54.10 67.45
C ASP A 835 -3.90 -55.45 66.99
N CYS A 836 -4.61 -56.52 67.33
CA CYS A 836 -4.21 -57.89 67.01
C CYS A 836 -4.76 -58.39 65.69
N PHE A 837 -5.94 -57.93 65.27
CA PHE A 837 -6.49 -58.40 64.01
C PHE A 837 -5.63 -57.97 62.84
N GLU A 838 -4.91 -56.84 62.96
CA GLU A 838 -4.06 -56.42 61.86
C GLU A 838 -2.85 -57.32 61.71
N ILE A 839 -2.27 -57.74 62.83
CA ILE A 839 -1.14 -58.65 62.78
C ILE A 839 -1.58 -60.03 62.28
N ALA A 840 -2.70 -60.53 62.78
CA ALA A 840 -3.16 -61.83 62.32
C ALA A 840 -3.60 -61.79 60.87
N TYR A 841 -4.09 -60.65 60.41
CA TYR A 841 -4.46 -60.52 59.01
C TYR A 841 -3.23 -60.54 58.13
N TYR A 842 -2.13 -59.94 58.58
CA TYR A 842 -0.90 -60.07 57.82
C TYR A 842 -0.43 -61.52 57.80
N CYS A 843 -0.47 -62.20 58.94
CA CYS A 843 0.04 -63.57 58.98
C CYS A 843 -0.76 -64.48 58.07
N VAL A 844 -2.06 -64.25 57.94
CA VAL A 844 -2.88 -65.16 57.14
C VAL A 844 -2.88 -64.76 55.67
N ARG A 845 -3.02 -63.48 55.37
CA ARG A 845 -3.31 -63.07 54.00
C ARG A 845 -2.13 -62.48 53.25
N ASN A 846 -1.43 -61.51 53.84
CA ASN A 846 -0.43 -60.76 53.09
C ASN A 846 0.96 -61.37 53.18
N SER A 847 1.25 -62.20 54.16
CA SER A 847 2.61 -62.70 54.28
C SER A 847 2.92 -63.79 53.29
N GLN A 848 1.92 -64.53 52.83
CA GLN A 848 2.08 -65.54 51.79
C GLN A 848 2.87 -66.75 52.26
N VAL A 849 2.87 -67.00 53.57
CA VAL A 849 3.59 -68.14 54.10
C VAL A 849 2.68 -68.97 55.01
N HIS A 850 1.39 -68.78 54.86
CA HIS A 850 0.46 -69.56 55.66
C HIS A 850 0.48 -71.02 55.19
N PRO A 851 0.62 -71.98 56.10
CA PRO A 851 0.67 -73.38 55.69
C PRO A 851 -0.41 -73.83 54.73
N ARG A 852 -1.52 -73.10 54.62
CA ARG A 852 -2.63 -73.61 53.82
C ARG A 852 -2.50 -73.21 52.36
N PHE A 853 -1.99 -72.02 52.10
CA PHE A 853 -2.00 -71.47 50.76
C PHE A 853 -0.69 -71.67 50.02
N LYS A 854 0.25 -72.40 50.62
CA LYS A 854 1.55 -72.64 49.97
C LYS A 854 1.44 -73.61 48.81
N SER A 855 0.44 -74.48 48.81
CA SER A 855 0.32 -75.54 47.82
C SER A 855 -0.60 -75.19 46.67
N LEU A 856 -0.82 -73.92 46.42
CA LEU A 856 -1.69 -73.53 45.31
C LEU A 856 -0.86 -73.12 44.11
N PRO A 857 -1.47 -73.02 42.93
CA PRO A 857 -0.80 -72.41 41.79
C PRO A 857 -0.35 -71.00 42.13
N PRO A 858 0.59 -70.44 41.40
CA PRO A 858 1.17 -69.14 41.75
C PRO A 858 0.29 -67.93 41.43
N LEU A 859 -0.98 -68.00 41.84
CA LEU A 859 -1.90 -66.90 41.62
C LEU A 859 -1.85 -65.93 42.79
N HIS A 860 -1.93 -64.65 42.48
CA HIS A 860 -1.79 -63.57 43.45
C HIS A 860 -3.19 -63.03 43.69
N THR A 861 -3.77 -63.38 44.84
CA THR A 861 -5.18 -63.11 45.10
C THR A 861 -5.42 -61.79 45.80
N THR A 862 -4.43 -60.92 45.88
CA THR A 862 -4.51 -59.69 46.66
C THR A 862 -3.92 -58.50 45.90
N MET A 863 -4.30 -58.33 44.64
CA MET A 863 -3.63 -57.37 43.78
C MET A 863 -4.43 -56.07 43.65
N TRP A 864 -3.76 -54.94 43.85
CA TRP A 864 -4.28 -53.63 43.54
C TRP A 864 -3.42 -53.04 42.44
N LEU A 865 -4.05 -52.42 41.45
CA LEU A 865 -3.39 -52.07 40.21
C LEU A 865 -3.04 -50.60 40.09
N GLY A 866 -2.76 -49.93 41.20
CA GLY A 866 -2.13 -48.62 41.16
C GLY A 866 -3.07 -47.48 41.50
N ARG A 867 -2.47 -46.30 41.64
CA ARG A 867 -3.18 -45.05 41.90
C ARG A 867 -3.16 -44.17 40.66
N ASP A 868 -4.18 -43.34 40.52
CA ASP A 868 -4.18 -42.35 39.46
C ASP A 868 -3.69 -41.02 40.01
N ASP A 869 -3.82 -39.97 39.20
CA ASP A 869 -3.37 -38.66 39.60
C ASP A 869 -4.33 -37.97 40.55
N ALA A 870 -5.60 -38.40 40.59
CA ALA A 870 -6.48 -37.99 41.68
C ALA A 870 -6.25 -38.80 42.94
N GLY A 871 -5.38 -39.79 42.89
CA GLY A 871 -4.99 -40.53 44.07
C GLY A 871 -5.90 -41.66 44.48
N ARG A 872 -6.57 -42.32 43.54
CA ARG A 872 -7.50 -43.39 43.87
C ARG A 872 -6.95 -44.73 43.43
N TRP A 873 -7.11 -45.72 44.28
CA TRP A 873 -6.65 -47.07 44.00
C TRP A 873 -7.71 -47.82 43.23
N ARG A 874 -7.27 -48.87 42.54
CA ARG A 874 -8.20 -49.75 41.85
C ARG A 874 -7.78 -51.19 42.11
N ARG A 875 -8.74 -52.09 42.02
CA ARG A 875 -8.60 -53.48 42.39
C ARG A 875 -8.39 -54.34 41.15
N ASP A 876 -7.82 -55.51 41.35
CA ASP A 876 -7.75 -56.51 40.30
C ASP A 876 -9.17 -56.86 39.85
N PRO A 877 -9.49 -56.76 38.55
CA PRO A 877 -10.87 -56.97 38.12
C PRO A 877 -11.32 -58.41 38.15
N LEU A 878 -10.42 -59.37 38.26
CA LEU A 878 -10.77 -60.78 38.27
C LEU A 878 -11.25 -61.27 39.61
N ALA A 879 -11.16 -60.45 40.65
CA ALA A 879 -11.16 -60.89 42.04
C ALA A 879 -12.54 -60.90 42.65
N ILE A 880 -13.56 -61.28 41.89
CA ILE A 880 -14.92 -61.30 42.40
C ILE A 880 -15.07 -62.46 43.38
N GLY A 881 -15.13 -62.12 44.67
CA GLY A 881 -15.41 -63.12 45.67
C GLY A 881 -14.22 -63.90 46.18
N PHE A 882 -13.02 -63.34 46.10
CA PHE A 882 -11.83 -64.08 46.52
C PHE A 882 -11.73 -64.11 48.03
N ASP A 883 -12.02 -62.99 48.69
CA ASP A 883 -11.85 -62.91 50.13
C ASP A 883 -12.95 -63.69 50.85
N GLU A 884 -14.04 -63.97 50.15
CA GLU A 884 -15.14 -64.70 50.76
C GLU A 884 -14.92 -66.19 50.66
N GLU A 885 -14.35 -66.65 49.54
CA GLU A 885 -14.25 -68.08 49.28
C GLU A 885 -12.92 -68.65 49.72
N LEU A 886 -11.86 -67.86 49.70
CA LEU A 886 -10.61 -68.39 50.23
C LEU A 886 -10.63 -68.48 51.75
N GLY A 887 -11.62 -67.90 52.40
CA GLY A 887 -11.83 -68.09 53.82
C GLY A 887 -10.85 -67.37 54.70
N TYR A 888 -10.57 -66.11 54.41
CA TYR A 888 -9.52 -65.41 55.14
C TYR A 888 -9.97 -65.02 56.54
N HIS A 889 -11.22 -64.61 56.69
CA HIS A 889 -11.71 -64.14 57.97
C HIS A 889 -11.76 -65.26 59.00
N LYS A 890 -12.23 -66.44 58.62
CA LYS A 890 -12.29 -67.53 59.57
C LYS A 890 -10.90 -67.99 59.99
N LEU A 891 -9.92 -67.85 59.10
CA LEU A 891 -8.56 -68.25 59.44
C LEU A 891 -7.93 -67.26 60.39
N THR A 892 -8.17 -65.96 60.17
CA THR A 892 -7.71 -64.97 61.12
C THR A 892 -8.32 -65.19 62.50
N LEU A 893 -9.59 -65.58 62.54
CA LEU A 893 -10.22 -65.78 63.83
C LEU A 893 -9.72 -67.04 64.52
N THR A 894 -9.38 -68.08 63.74
CA THR A 894 -8.74 -69.26 64.34
C THR A 894 -7.40 -68.89 64.97
N LEU A 895 -6.61 -68.08 64.26
CA LEU A 895 -5.35 -67.62 64.83
C LEU A 895 -5.55 -66.86 66.12
N LEU A 896 -6.53 -65.95 66.16
CA LEU A 896 -6.76 -65.13 67.35
C LEU A 896 -7.30 -65.95 68.51
N LYS A 897 -8.21 -66.87 68.26
CA LYS A 897 -8.71 -67.73 69.33
C LYS A 897 -7.58 -68.55 69.95
N ALA A 898 -6.73 -69.14 69.10
CA ALA A 898 -5.60 -69.91 69.62
C ALA A 898 -4.66 -69.03 70.42
N SER A 899 -4.43 -67.80 69.97
CA SER A 899 -3.58 -66.89 70.73
C SER A 899 -4.16 -66.57 72.09
N TRP A 900 -5.46 -66.31 72.15
CA TRP A 900 -6.10 -66.02 73.43
C TRP A 900 -5.94 -67.19 74.40
N ARG A 901 -6.11 -68.42 73.92
CA ARG A 901 -5.95 -69.56 74.83
C ARG A 901 -4.50 -69.71 75.28
N ARG A 902 -3.56 -69.48 74.38
CA ARG A 902 -2.14 -69.49 74.77
C ARG A 902 -1.88 -68.49 75.89
N ALA A 903 -2.36 -67.26 75.74
CA ALA A 903 -2.10 -66.23 76.75
C ALA A 903 -2.78 -66.57 78.07
N LEU A 904 -3.98 -67.14 78.01
CA LEU A 904 -4.65 -67.55 79.23
C LEU A 904 -3.80 -68.56 79.99
N ARG A 905 -3.32 -69.60 79.32
CA ARG A 905 -2.49 -70.58 80.01
C ARG A 905 -1.20 -69.96 80.52
N LEU A 906 -0.62 -69.03 79.77
CA LEU A 906 0.62 -68.40 80.21
C LEU A 906 0.41 -67.63 81.49
N VAL A 907 -0.66 -66.83 81.56
CA VAL A 907 -0.92 -66.04 82.77
C VAL A 907 -1.32 -66.94 83.92
N ALA A 908 -1.92 -68.10 83.63
CA ALA A 908 -2.28 -69.00 84.70
C ALA A 908 -1.06 -69.70 85.28
N GLN A 909 -0.02 -69.90 84.47
CA GLN A 909 1.14 -70.64 84.96
C GLN A 909 2.14 -69.73 85.66
N ARG A 910 2.28 -68.50 85.20
CA ARG A 910 3.22 -67.55 85.78
C ARG A 910 2.53 -66.62 86.76
N ARG A 911 1.55 -67.13 87.49
CA ARG A 911 0.81 -66.30 88.44
C ARG A 911 1.75 -65.70 89.47
N SER A 912 2.64 -66.52 90.03
CA SER A 912 3.49 -66.08 91.13
C SER A 912 4.51 -65.04 90.68
N ALA A 913 5.11 -65.24 89.50
CA ALA A 913 6.08 -64.27 89.02
C ALA A 913 5.42 -62.96 88.66
N ILE A 914 4.19 -63.00 88.16
CA ILE A 914 3.47 -61.76 87.87
C ILE A 914 3.20 -61.01 89.16
N THR A 915 2.66 -61.70 90.16
CA THR A 915 2.47 -61.10 91.47
C THR A 915 3.76 -60.47 92.00
N LYS A 916 4.88 -61.19 91.88
CA LYS A 916 6.11 -60.74 92.50
C LYS A 916 6.74 -59.57 91.73
N VAL A 917 6.67 -59.59 90.40
CA VAL A 917 7.17 -58.46 89.63
C VAL A 917 6.37 -57.21 89.94
N ALA A 918 5.04 -57.35 90.05
CA ALA A 918 4.21 -56.21 90.43
C ALA A 918 4.61 -55.68 91.79
N ALA A 919 4.72 -56.57 92.78
CA ALA A 919 5.08 -56.14 94.12
C ALA A 919 6.44 -55.46 94.14
N GLU A 920 7.40 -55.95 93.36
CA GLU A 920 8.75 -55.40 93.42
C GLU A 920 8.85 -54.06 92.71
N MET A 921 8.11 -53.87 91.61
CA MET A 921 8.14 -52.57 90.97
C MET A 921 7.32 -51.53 91.73
N LEU A 922 6.35 -51.96 92.53
CA LEU A 922 5.62 -50.99 93.35
C LEU A 922 6.48 -50.44 94.48
N ALA A 923 7.36 -51.25 95.05
CA ALA A 923 8.17 -50.87 96.20
C ALA A 923 9.61 -50.54 95.82
N ALA A 924 9.82 -49.89 94.69
CA ALA A 924 11.14 -49.56 94.18
C ALA A 924 11.45 -48.09 94.39
N PRO A 925 12.73 -47.72 94.43
CA PRO A 925 13.07 -46.31 94.71
C PRO A 925 12.52 -45.34 93.68
N GLU A 926 12.85 -45.54 92.41
CA GLU A 926 12.30 -44.73 91.32
C GLU A 926 11.09 -45.38 90.68
N GLU A 927 10.52 -46.39 91.32
CA GLU A 927 9.45 -47.18 90.75
C GLU A 927 9.87 -47.77 89.41
N LYS A 928 11.05 -48.38 89.40
CA LYS A 928 11.61 -48.96 88.19
C LYS A 928 12.21 -50.31 88.53
N ILE A 929 12.13 -51.24 87.60
CA ILE A 929 12.83 -52.51 87.71
C ILE A 929 13.71 -52.65 86.47
N THR A 930 14.82 -53.34 86.62
CA THR A 930 15.76 -53.54 85.52
C THR A 930 15.49 -54.87 84.82
N GLY A 931 15.85 -54.93 83.55
CA GLY A 931 15.57 -56.13 82.77
C GLY A 931 16.20 -57.38 83.35
N ALA A 932 17.43 -57.26 83.86
CA ALA A 932 18.10 -58.44 84.40
C ALA A 932 17.38 -58.97 85.63
N ARG A 933 16.91 -58.08 86.50
CA ARG A 933 16.17 -58.53 87.67
C ARG A 933 14.82 -59.13 87.28
N LEU A 934 14.16 -58.54 86.30
CA LEU A 934 12.92 -59.12 85.80
C LEU A 934 13.14 -60.54 85.32
N VAL A 935 14.19 -60.73 84.51
CA VAL A 935 14.52 -62.04 83.99
C VAL A 935 14.79 -63.01 85.13
N GLU A 936 15.56 -62.58 86.14
CA GLU A 936 15.88 -63.46 87.25
C GLU A 936 14.63 -63.84 88.04
N ILE A 937 13.72 -62.88 88.26
CA ILE A 937 12.47 -63.20 88.93
C ILE A 937 11.71 -64.27 88.16
N ILE A 938 11.57 -64.09 86.85
CA ILE A 938 10.84 -65.08 86.05
C ILE A 938 11.52 -66.43 86.12
N GLU A 939 12.85 -66.45 86.16
CA GLU A 939 13.57 -67.71 86.12
C GLU A 939 13.45 -68.49 87.43
N SER A 940 13.67 -67.82 88.57
CA SER A 940 13.76 -68.54 89.84
C SER A 940 12.43 -69.14 90.29
N THR A 941 11.31 -68.58 89.89
CA THR A 941 10.03 -69.01 90.44
C THR A 941 9.53 -70.26 89.72
N PRO A 942 9.06 -71.27 90.45
CA PRO A 942 8.53 -72.47 89.78
C PRO A 942 7.17 -72.19 89.16
N LEU A 943 6.70 -73.17 88.38
CA LEU A 943 5.40 -73.04 87.74
C LEU A 943 4.27 -73.39 88.69
N ASP A 944 3.06 -73.00 88.31
CA ASP A 944 1.87 -73.22 89.10
C ASP A 944 1.15 -74.48 88.63
N ASP A 945 -0.02 -74.74 89.21
CA ASP A 945 -0.65 -76.05 89.13
C ASP A 945 -1.80 -76.12 88.13
N LEU A 946 -2.22 -75.00 87.56
CA LEU A 946 -3.42 -74.94 86.72
C LEU A 946 -4.66 -75.46 87.45
N GLY A 947 -4.65 -75.43 88.77
CA GLY A 947 -5.70 -76.03 89.56
C GLY A 947 -6.81 -75.10 89.99
N GLY A 948 -6.72 -73.80 89.66
CA GLY A 948 -7.79 -72.89 90.02
C GLY A 948 -7.78 -72.41 91.44
N GLU A 949 -6.61 -72.10 92.00
CA GLU A 949 -6.57 -71.48 93.32
C GLU A 949 -7.14 -70.07 93.28
N GLY A 950 -6.84 -69.32 92.23
CA GLY A 950 -7.36 -67.98 92.06
C GLY A 950 -7.78 -67.71 90.63
N LEU A 951 -8.32 -68.74 89.96
CA LEU A 951 -8.55 -68.68 88.52
C LEU A 951 -10.01 -68.45 88.16
N ASP A 952 -10.79 -67.85 89.07
CA ASP A 952 -12.08 -67.24 88.72
C ASP A 952 -13.15 -68.24 88.30
N GLY A 953 -12.79 -69.52 88.17
CA GLY A 953 -13.81 -70.49 87.77
C GLY A 953 -14.23 -70.42 86.32
N ALA A 954 -14.53 -69.22 85.82
CA ALA A 954 -14.87 -69.09 84.41
C ALA A 954 -13.68 -69.40 83.52
N ALA A 955 -12.53 -68.82 83.82
CA ALA A 955 -11.31 -69.10 83.10
C ALA A 955 -10.60 -70.35 83.62
N ALA A 956 -10.97 -70.84 84.79
CA ALA A 956 -10.39 -72.07 85.33
C ALA A 956 -10.87 -73.32 84.62
N ALA A 957 -11.83 -73.19 83.69
CA ALA A 957 -12.32 -74.31 82.91
C ALA A 957 -11.79 -74.30 81.49
N ALA A 958 -11.64 -73.12 80.90
CA ALA A 958 -11.07 -72.99 79.57
C ALA A 958 -9.56 -73.15 79.55
N VAL A 959 -8.92 -73.22 80.71
CA VAL A 959 -7.46 -73.27 80.80
C VAL A 959 -6.94 -74.69 80.87
N VAL A 960 -7.82 -75.69 80.92
CA VAL A 960 -7.40 -77.09 80.97
C VAL A 960 -7.74 -77.71 79.63
N GLU A 961 -7.68 -76.88 78.59
CA GLU A 961 -8.16 -77.24 77.25
C GLU A 961 -7.48 -78.47 76.67
N GLU A 962 -6.27 -78.81 77.12
CA GLU A 962 -5.43 -79.81 76.44
C GLU A 962 -5.15 -79.37 75.01
N ALA A 963 -4.34 -78.32 74.92
CA ALA A 963 -4.11 -77.50 73.72
C ALA A 963 -4.13 -78.26 72.40
N GLY A 964 -3.47 -79.41 72.33
CA GLY A 964 -3.36 -80.11 71.07
C GLY A 964 -2.41 -79.37 70.15
N ASN A 965 -1.23 -79.09 70.67
CA ASN A 965 -0.33 -78.13 70.04
C ASN A 965 0.43 -78.74 68.87
N GLU A 966 0.75 -80.03 68.96
CA GLU A 966 1.79 -80.62 68.13
C GLU A 966 1.21 -81.53 67.04
N PHE A 967 2.07 -81.89 66.10
CA PHE A 967 1.68 -82.49 64.82
C PHE A 967 1.88 -83.99 64.75
N LEU A 968 2.92 -84.53 65.38
CA LEU A 968 3.21 -85.95 65.28
C LEU A 968 2.08 -86.82 65.84
N PRO A 969 1.51 -86.51 67.01
CA PRO A 969 0.35 -87.27 67.47
C PRO A 969 -0.82 -87.21 66.50
N LEU A 970 -0.96 -86.12 65.74
CA LEU A 970 -1.99 -86.08 64.71
C LEU A 970 -1.59 -86.90 63.50
N LEU A 971 -0.31 -86.88 63.15
CA LEU A 971 0.15 -87.60 61.97
C LEU A 971 0.04 -89.11 62.15
N LYS A 972 0.31 -89.60 63.35
CA LYS A 972 0.25 -91.04 63.58
C LYS A 972 -1.18 -91.54 63.54
N GLU A 973 -2.15 -90.74 63.98
CA GLU A 973 -3.55 -91.14 63.85
C GLU A 973 -3.96 -91.30 62.40
N VAL A 974 -3.23 -90.70 61.48
CA VAL A 974 -3.51 -90.86 60.05
C VAL A 974 -2.72 -92.01 59.46
N LEU A 975 -1.46 -92.16 59.89
CA LEU A 975 -0.66 -93.28 59.40
C LEU A 975 -1.16 -94.61 59.93
N GLY A 976 -1.96 -94.58 61.00
CA GLY A 976 -2.57 -95.81 61.48
C GLY A 976 -3.63 -96.40 60.58
N GLN A 977 -4.00 -95.71 59.50
CA GLN A 977 -5.02 -96.22 58.59
C GLN A 977 -4.44 -97.05 57.47
N VAL A 978 -3.13 -97.00 57.26
CA VAL A 978 -2.47 -97.80 56.23
C VAL A 978 -1.91 -99.07 56.87
N PRO A 979 -2.23 -100.25 56.36
CA PRO A 979 -1.87 -101.48 57.06
C PRO A 979 -0.39 -101.85 56.96
N GLY A 980 0.30 -101.29 55.97
CA GLY A 980 1.70 -101.65 55.77
C GLY A 980 2.64 -101.14 56.86
N ILE A 981 2.40 -99.96 57.37
CA ILE A 981 3.34 -99.29 58.26
C ILE A 981 3.16 -99.78 59.68
N ILE A 982 4.27 -99.94 60.38
CA ILE A 982 4.27 -100.07 61.83
C ILE A 982 5.16 -98.96 62.37
N LEU A 983 4.74 -98.39 63.50
CA LEU A 983 5.38 -97.21 64.06
C LEU A 983 6.24 -97.60 65.24
N THR A 984 7.46 -97.08 65.27
CA THR A 984 8.42 -97.38 66.32
C THR A 984 8.72 -96.11 67.12
N GLY A 985 9.67 -96.21 68.04
CA GLY A 985 10.06 -95.08 68.86
C GLY A 985 11.40 -94.49 68.46
N GLU A 1024 5.06 -103.35 53.87
CA GLU A 1024 5.64 -103.37 55.20
C GLU A 1024 6.74 -102.31 55.32
N LEU A 1025 6.56 -101.38 56.26
CA LEU A 1025 7.51 -100.29 56.45
C LEU A 1025 7.66 -100.01 57.94
N ARG A 1026 8.90 -99.72 58.34
CA ARG A 1026 9.22 -99.44 59.73
C ARG A 1026 9.81 -98.05 59.82
N LEU A 1027 9.09 -97.14 60.47
CA LEU A 1027 9.46 -95.73 60.55
C LEU A 1027 9.55 -95.31 62.01
N ASP A 1028 10.48 -94.42 62.32
CA ASP A 1028 10.64 -93.89 63.66
C ASP A 1028 10.34 -92.40 63.68
N ASP A 1029 10.54 -91.79 64.85
CA ASP A 1029 10.20 -90.38 65.04
C ASP A 1029 11.13 -89.44 64.31
N ALA A 1030 12.40 -89.80 64.14
CA ALA A 1030 13.33 -88.91 63.45
C ALA A 1030 12.98 -88.78 61.98
N THR A 1031 12.65 -89.90 61.33
CA THR A 1031 12.30 -89.86 59.92
C THR A 1031 11.02 -89.08 59.70
N LEU A 1032 9.98 -89.35 60.50
CA LEU A 1032 8.73 -88.61 60.37
C LEU A 1032 8.95 -87.13 60.62
N ALA A 1033 9.70 -86.78 61.65
CA ALA A 1033 9.95 -85.38 61.96
C ALA A 1033 10.66 -84.68 60.81
N ALA A 1034 11.67 -85.33 60.23
CA ALA A 1034 12.43 -84.69 59.15
C ALA A 1034 11.57 -84.54 57.89
N VAL A 1035 10.83 -85.58 57.53
CA VAL A 1035 9.97 -85.50 56.35
C VAL A 1035 8.93 -84.40 56.53
N SER A 1036 8.28 -84.36 57.69
CA SER A 1036 7.25 -83.36 57.91
C SER A 1036 7.82 -81.96 57.93
N ARG A 1037 8.97 -81.77 58.59
CA ARG A 1037 9.56 -80.45 58.62
C ARG A 1037 9.97 -79.98 57.25
N THR A 1038 10.31 -80.90 56.35
CA THR A 1038 10.57 -80.47 54.98
C THR A 1038 9.27 -80.11 54.26
N LEU A 1039 8.25 -80.94 54.39
CA LEU A 1039 7.05 -80.80 53.58
C LEU A 1039 6.01 -79.82 54.13
N MET A 1040 6.01 -79.55 55.42
CA MET A 1040 4.95 -78.78 56.05
C MET A 1040 5.43 -77.55 56.79
N GLY A 1041 6.55 -77.62 57.50
CA GLY A 1041 7.09 -76.43 58.13
C GLY A 1041 7.47 -76.61 59.58
N ARG A 1042 6.99 -75.74 60.45
CA ARG A 1042 7.19 -75.91 61.89
C ARG A 1042 6.11 -76.83 62.45
N LEU A 1043 6.48 -77.63 63.44
CA LEU A 1043 5.69 -78.80 63.83
C LEU A 1043 4.89 -78.61 65.11
N ASP A 1044 4.80 -77.41 65.65
CA ASP A 1044 4.05 -77.20 66.88
C ASP A 1044 3.17 -75.98 66.76
N VAL A 1045 2.48 -75.84 65.62
CA VAL A 1045 1.57 -74.74 65.42
C VAL A 1045 0.23 -75.27 64.94
N VAL A 1046 -0.09 -76.51 65.32
CA VAL A 1046 -1.31 -77.13 64.79
C VAL A 1046 -2.54 -76.37 65.25
N ASP A 1047 -2.46 -75.63 66.36
CA ASP A 1047 -3.62 -74.89 66.82
C ASP A 1047 -3.75 -73.55 66.12
N LEU A 1048 -2.64 -72.88 65.83
CA LEU A 1048 -2.68 -71.62 65.11
C LEU A 1048 -3.19 -71.76 63.69
N ILE A 1049 -2.99 -72.89 63.05
CA ILE A 1049 -3.31 -73.02 61.63
C ILE A 1049 -4.62 -73.75 61.38
N GLY A 1050 -5.19 -74.39 62.39
CA GLY A 1050 -6.43 -75.10 62.17
C GLY A 1050 -6.23 -76.60 62.21
N ARG A 1051 -7.32 -77.33 62.09
CA ARG A 1051 -7.21 -78.78 62.05
C ARG A 1051 -7.45 -79.32 60.66
N ASN A 1052 -8.19 -78.59 59.83
CA ASN A 1052 -8.30 -78.98 58.43
C ASN A 1052 -6.97 -78.84 57.71
N THR A 1053 -6.24 -77.77 57.99
CA THR A 1053 -4.92 -77.60 57.40
C THR A 1053 -3.99 -78.71 57.82
N ALA A 1054 -4.00 -79.07 59.11
CA ALA A 1054 -3.17 -80.16 59.57
C ALA A 1054 -3.59 -81.48 58.95
N VAL A 1055 -4.88 -81.72 58.77
CA VAL A 1055 -5.31 -82.99 58.18
C VAL A 1055 -4.88 -83.08 56.73
N GLU A 1056 -4.97 -81.97 55.99
CA GLU A 1056 -4.49 -81.99 54.61
C GLU A 1056 -2.99 -82.23 54.53
N ALA A 1057 -2.22 -81.52 55.36
CA ALA A 1057 -0.78 -81.70 55.35
C ALA A 1057 -0.41 -83.11 55.76
N ALA A 1058 -1.20 -83.73 56.63
CA ALA A 1058 -0.96 -85.11 57.02
C ALA A 1058 -1.22 -86.05 55.86
N GLU A 1059 -2.28 -85.79 55.08
CA GLU A 1059 -2.49 -86.59 53.87
C GLU A 1059 -1.29 -86.50 52.93
N ARG A 1060 -0.76 -85.28 52.74
CA ARG A 1060 0.36 -85.13 51.82
C ARG A 1060 1.62 -85.80 52.36
N VAL A 1061 1.85 -85.72 53.67
CA VAL A 1061 3.02 -86.36 54.25
C VAL A 1061 2.87 -87.87 54.22
N ARG A 1062 1.64 -88.37 54.27
CA ARG A 1062 1.43 -89.80 54.13
C ARG A 1062 1.76 -90.26 52.71
N ASP A 1063 1.30 -89.52 51.72
CA ASP A 1063 1.61 -89.90 50.34
C ASP A 1063 3.06 -89.62 49.97
N ALA A 1064 3.77 -88.82 50.76
CA ALA A 1064 5.19 -88.58 50.45
C ALA A 1064 6.07 -89.67 51.00
N LEU A 1065 5.62 -90.39 52.02
CA LEU A 1065 6.16 -91.69 52.34
C LEU A 1065 5.53 -92.69 51.38
N LEU A 1066 5.64 -93.97 51.67
CA LEU A 1066 5.06 -95.06 50.90
C LEU A 1066 5.75 -95.31 49.57
N HIS A 1067 6.84 -94.59 49.27
CA HIS A 1067 7.73 -95.00 48.18
C HIS A 1067 9.05 -94.27 48.37
N PRO A 1068 10.18 -94.96 48.26
CA PRO A 1068 11.45 -94.42 48.76
C PRO A 1068 12.10 -93.38 47.86
N GLU A 1069 11.70 -93.31 46.59
CA GLU A 1069 12.36 -92.39 45.68
C GLU A 1069 12.24 -90.95 46.14
N THR A 1070 11.11 -90.60 46.74
CA THR A 1070 10.92 -89.26 47.28
C THR A 1070 11.35 -89.18 48.73
N ARG A 1071 11.18 -90.27 49.48
CA ARG A 1071 11.58 -90.29 50.88
C ARG A 1071 13.06 -89.94 51.02
N GLU A 1072 13.91 -90.57 50.22
CA GLU A 1072 15.33 -90.30 50.35
C GLU A 1072 15.68 -88.88 49.92
N ARG A 1073 14.98 -88.37 48.90
CA ARG A 1073 15.22 -87.00 48.49
C ARG A 1073 14.83 -86.02 49.59
N LEU A 1074 13.71 -86.27 50.26
CA LEU A 1074 13.28 -85.37 51.32
C LEU A 1074 14.25 -85.41 52.50
N LEU A 1075 14.73 -86.60 52.85
CA LEU A 1075 15.69 -86.68 53.95
C LEU A 1075 17.00 -85.98 53.59
N ALA A 1076 17.43 -86.08 52.33
CA ALA A 1076 18.66 -85.41 51.93
C ALA A 1076 18.50 -83.91 51.86
N MET A 1077 17.31 -83.43 51.46
CA MET A 1077 17.03 -82.00 51.53
C MET A 1077 17.08 -81.49 52.95
N ARG A 1078 16.42 -82.21 53.87
CA ARG A 1078 16.50 -81.83 55.28
C ARG A 1078 17.94 -81.74 55.73
N ARG A 1079 18.76 -82.73 55.37
CA ARG A 1079 20.13 -82.75 55.87
C ARG A 1079 20.98 -81.64 55.26
N TRP A 1080 20.73 -81.26 54.01
CA TRP A 1080 21.48 -80.13 53.48
C TRP A 1080 21.04 -78.82 54.12
N VAL A 1081 19.74 -78.71 54.41
CA VAL A 1081 19.23 -77.46 54.97
C VAL A 1081 19.76 -77.24 56.37
N GLU A 1082 19.68 -78.26 57.23
CA GLU A 1082 20.31 -78.14 58.54
C GLU A 1082 21.78 -77.80 58.43
N GLY A 1083 22.58 -78.66 57.83
CA GLY A 1083 23.97 -78.35 57.58
C GLY A 1083 24.91 -78.77 58.68
N GLY A 1084 24.80 -80.00 59.17
CA GLY A 1084 25.68 -80.50 60.18
C GLY A 1084 27.03 -80.88 59.61
N PRO A 1085 27.64 -81.92 60.18
CA PRO A 1085 28.88 -82.45 59.58
C PRO A 1085 28.63 -83.33 58.37
N GLY A 1086 27.42 -83.83 58.21
CA GLY A 1086 27.10 -84.71 57.10
C GLY A 1086 26.17 -84.12 56.06
N ALA A 1087 26.38 -82.86 55.70
CA ALA A 1087 25.62 -82.26 54.61
C ALA A 1087 26.14 -82.79 53.27
N PRO A 1088 25.31 -83.42 52.46
CA PRO A 1088 25.82 -84.06 51.24
C PRO A 1088 25.98 -83.12 50.06
N GLU A 1089 26.48 -81.91 50.32
CA GLU A 1089 26.96 -80.96 49.32
C GLU A 1089 25.89 -80.48 48.35
N PHE A 1090 24.76 -81.19 48.27
CA PHE A 1090 23.53 -80.80 47.60
C PHE A 1090 22.55 -81.94 47.73
N PRO A 1091 21.25 -81.70 47.64
CA PRO A 1091 20.29 -82.79 47.60
C PRO A 1091 20.40 -83.52 46.28
N PRO A 1092 19.75 -84.68 46.15
CA PRO A 1092 19.73 -85.36 44.86
C PRO A 1092 18.88 -84.62 43.85
N SER A 1093 19.08 -84.93 42.61
CA SER A 1093 18.31 -84.28 41.58
C SER A 1093 16.90 -84.89 41.53
N PRO A 1094 15.91 -84.15 41.03
CA PRO A 1094 14.57 -84.72 40.92
C PRO A 1094 14.40 -85.61 39.71
N LEU A 1095 15.26 -85.46 38.71
CA LEU A 1095 15.17 -86.20 37.47
C LEU A 1095 16.20 -87.33 37.47
N SER A 1096 15.77 -88.50 37.02
CA SER A 1096 16.68 -89.61 36.82
C SER A 1096 17.88 -89.18 35.98
N PRO A 1097 19.04 -89.82 36.19
CA PRO A 1097 20.19 -89.53 35.31
C PRO A 1097 19.98 -89.95 33.86
N GLU A 1098 18.87 -90.62 33.57
CA GLU A 1098 18.48 -90.96 32.21
C GLU A 1098 17.68 -89.86 31.54
N GLN A 1099 16.67 -89.34 32.22
CA GLN A 1099 15.82 -88.33 31.61
C GLN A 1099 16.56 -87.01 31.44
N THR A 1100 17.65 -86.80 32.17
CA THR A 1100 18.47 -85.63 31.93
C THR A 1100 19.08 -85.65 30.53
N ALA A 1101 19.48 -86.84 30.06
CA ALA A 1101 19.99 -86.98 28.71
C ALA A 1101 18.87 -87.16 27.69
N ALA A 1102 17.71 -87.66 28.13
CA ALA A 1102 16.57 -87.77 27.23
C ALA A 1102 16.09 -86.40 26.77
N MET A 1103 16.48 -85.34 27.47
CA MET A 1103 16.13 -83.98 27.12
C MET A 1103 17.34 -83.12 26.83
N SER A 1104 18.53 -83.72 26.79
CA SER A 1104 19.72 -83.00 26.38
C SER A 1104 19.67 -82.78 24.86
N PRO A 1105 20.46 -81.85 24.33
CA PRO A 1105 20.38 -81.57 22.88
C PRO A 1105 20.52 -82.81 22.02
N SER A 1106 21.24 -83.82 22.47
CA SER A 1106 21.40 -85.08 21.75
C SER A 1106 20.34 -86.09 22.18
N GLY A 1107 19.07 -85.70 22.13
CA GLY A 1107 18.01 -86.55 22.62
C GLY A 1107 16.72 -86.41 21.85
N PRO A 1108 15.80 -87.33 22.07
CA PRO A 1108 14.51 -87.29 21.37
C PRO A 1108 13.60 -86.15 21.82
N LEU A 1109 13.73 -85.69 23.07
CA LEU A 1109 12.76 -84.78 23.66
C LEU A 1109 13.28 -83.36 23.79
N TYR A 1110 14.41 -83.02 23.16
CA TYR A 1110 14.93 -81.66 23.28
C TYR A 1110 13.95 -80.63 22.71
N GLY A 1111 13.45 -80.88 21.50
CA GLY A 1111 12.61 -79.90 20.85
C GLY A 1111 11.34 -79.58 21.62
N ASN A 1112 10.91 -80.51 22.49
CA ASN A 1112 9.74 -80.26 23.33
C ASN A 1112 9.91 -79.06 24.24
N LEU A 1113 11.13 -78.64 24.51
CA LEU A 1113 11.34 -77.44 25.31
C LEU A 1113 11.10 -76.17 24.52
N ALA A 1114 10.57 -76.26 23.31
CA ALA A 1114 10.40 -75.09 22.45
C ALA A 1114 8.95 -74.76 22.17
N LEU A 1115 8.01 -75.61 22.58
CA LEU A 1115 6.61 -75.37 22.28
C LEU A 1115 6.05 -74.25 23.15
N ASN A 1116 4.80 -73.90 22.89
CA ASN A 1116 4.09 -72.89 23.66
C ASN A 1116 3.93 -73.33 25.11
N LEU A 1117 3.43 -72.42 25.92
CA LEU A 1117 2.93 -72.81 27.22
C LEU A 1117 1.59 -73.52 27.13
N ASP A 1118 1.03 -73.64 25.93
CA ASP A 1118 -0.21 -74.37 25.76
C ASP A 1118 0.01 -75.87 25.68
N TRP A 1119 1.26 -76.29 25.53
CA TRP A 1119 1.59 -77.70 25.51
C TRP A 1119 2.09 -78.21 26.85
N TRP A 1120 2.28 -77.32 27.82
CA TRP A 1120 2.84 -77.67 29.11
C TRP A 1120 1.79 -77.76 30.20
N ARG A 1121 0.53 -77.47 29.91
CA ARG A 1121 -0.46 -77.31 30.95
C ARG A 1121 -0.88 -78.66 31.53
N ARG A 1122 -1.16 -78.67 32.83
CA ARG A 1122 -1.49 -79.90 33.55
C ARG A 1122 -2.97 -79.99 33.93
N ARG A 1123 -3.83 -79.20 33.32
CA ARG A 1123 -5.24 -79.21 33.68
C ARG A 1123 -6.07 -78.83 32.46
N GLN A 1124 -7.27 -79.42 32.36
CA GLN A 1124 -8.20 -79.08 31.29
C GLN A 1124 -9.62 -79.24 31.80
N ASP A 1125 -10.42 -78.18 31.71
CA ASP A 1125 -11.78 -78.18 32.19
C ASP A 1125 -12.67 -77.52 31.15
N ASN A 1126 -13.69 -78.23 30.71
CA ASN A 1126 -14.63 -77.65 29.76
C ASN A 1126 -15.81 -76.99 30.42
N VAL A 1127 -16.09 -77.30 31.68
CA VAL A 1127 -17.15 -76.66 32.45
C VAL A 1127 -16.51 -75.84 33.54
N ILE A 1128 -16.71 -74.53 33.47
CA ILE A 1128 -16.13 -73.58 34.42
C ILE A 1128 -17.18 -73.31 35.49
N SER A 1129 -16.77 -73.39 36.74
CA SER A 1129 -17.72 -73.27 37.83
C SER A 1129 -17.88 -71.82 38.25
N TRP A 1130 -18.89 -71.49 39.06
CA TRP A 1130 -19.16 -70.10 39.49
C TRP A 1130 -18.30 -69.70 40.68
N SER A 1131 -17.59 -70.64 41.28
CA SER A 1131 -16.77 -70.38 42.47
C SER A 1131 -15.30 -70.38 42.08
N ALA A 1132 -14.49 -69.57 42.74
CA ALA A 1132 -13.04 -69.59 42.50
C ALA A 1132 -12.45 -70.60 43.44
N MET A 1133 -13.19 -70.95 44.49
CA MET A 1133 -12.60 -72.03 45.27
C MET A 1133 -12.49 -73.30 44.45
N GLU A 1134 -13.39 -73.47 43.49
CA GLU A 1134 -13.39 -74.69 42.68
C GLU A 1134 -12.45 -74.59 41.49
N ILE A 1135 -11.93 -73.41 41.18
CA ILE A 1135 -10.99 -73.26 40.08
C ILE A 1135 -9.56 -73.52 40.53
N LEU A 1136 -9.14 -72.92 41.64
CA LEU A 1136 -7.74 -73.02 42.05
C LEU A 1136 -7.51 -73.96 43.22
N MET A 1137 -8.43 -74.85 43.52
CA MET A 1137 -8.21 -75.88 44.53
C MET A 1137 -8.58 -77.24 43.95
N SER A 1138 -7.96 -78.29 44.49
CA SER A 1138 -8.33 -79.63 44.12
C SER A 1138 -9.63 -80.02 44.82
N ARG A 1139 -10.13 -81.22 44.49
CA ARG A 1139 -11.41 -81.64 45.03
C ARG A 1139 -11.31 -81.96 46.52
N ARG A 1140 -10.28 -82.72 46.91
CA ARG A 1140 -10.08 -83.02 48.31
C ARG A 1140 -9.90 -81.74 49.13
N GLN A 1141 -9.09 -80.82 48.61
CA GLN A 1141 -8.90 -79.55 49.30
C GLN A 1141 -10.20 -78.82 49.47
N VAL A 1142 -11.04 -78.80 48.43
CA VAL A 1142 -12.33 -78.12 48.53
C VAL A 1142 -13.16 -78.73 49.64
N ASP A 1143 -13.25 -80.05 49.67
CA ASP A 1143 -14.06 -80.69 50.70
C ASP A 1143 -13.55 -80.37 52.09
N LEU A 1144 -12.24 -80.33 52.26
CA LEU A 1144 -11.70 -80.05 53.59
C LEU A 1144 -11.86 -78.59 53.98
N TYR A 1145 -11.81 -77.67 53.03
CA TYR A 1145 -11.66 -76.26 53.33
C TYR A 1145 -12.93 -75.44 53.18
N LYS A 1146 -13.97 -75.95 52.52
CA LYS A 1146 -15.09 -75.10 52.19
C LYS A 1146 -15.89 -74.66 53.41
N GLN A 1147 -15.74 -75.31 54.55
CA GLN A 1147 -16.46 -74.89 55.73
C GLN A 1147 -15.99 -73.56 56.28
N ASP A 1148 -14.89 -73.01 55.75
CA ASP A 1148 -14.37 -71.74 56.22
C ASP A 1148 -14.80 -70.57 55.34
N ALA A 1149 -15.64 -70.80 54.34
CA ALA A 1149 -16.03 -69.72 53.46
C ALA A 1149 -17.00 -68.77 54.15
N ASP A 1150 -17.17 -67.60 53.55
CA ASP A 1150 -18.06 -66.55 54.04
C ASP A 1150 -19.36 -66.52 53.26
N MET A 1151 -19.88 -67.69 52.93
CA MET A 1151 -21.09 -67.80 52.14
C MET A 1151 -22.18 -68.43 52.98
N THR A 1152 -23.40 -68.38 52.47
CA THR A 1152 -24.53 -68.96 53.19
C THR A 1152 -24.40 -70.48 53.20
N GLU A 1153 -25.39 -71.13 53.79
CA GLU A 1153 -25.35 -72.59 53.83
C GLU A 1153 -25.78 -73.23 52.53
N GLY A 1154 -26.77 -72.65 51.85
CA GLY A 1154 -27.17 -73.18 50.56
C GLY A 1154 -26.08 -73.02 49.52
N ALA A 1155 -25.22 -72.02 49.67
CA ALA A 1155 -24.10 -71.87 48.75
C ALA A 1155 -23.03 -72.93 49.04
N ILE A 1156 -22.64 -73.07 50.30
CA ILE A 1156 -21.61 -74.03 50.67
C ILE A 1156 -22.04 -75.44 50.32
N ALA A 1157 -23.33 -75.74 50.41
CA ALA A 1157 -23.79 -77.08 50.07
C ALA A 1157 -23.82 -77.35 48.57
N LYS A 1158 -23.26 -76.46 47.75
CA LYS A 1158 -23.19 -76.64 46.30
C LYS A 1158 -21.79 -76.90 45.80
N LEU A 1159 -20.83 -77.12 46.68
CA LEU A 1159 -19.44 -77.26 46.30
C LEU A 1159 -18.91 -78.61 46.76
N GLY A 1160 -17.98 -79.17 46.01
CA GLY A 1160 -17.47 -80.49 46.30
C GLY A 1160 -18.32 -81.59 45.67
N PRO A 1161 -18.34 -82.76 46.30
CA PRO A 1161 -19.07 -83.88 45.73
C PRO A 1161 -20.57 -83.69 45.86
N PRO A 1162 -21.32 -84.01 44.81
CA PRO A 1162 -22.78 -83.84 44.87
C PRO A 1162 -23.46 -84.79 45.84
N PRO A 1163 -22.71 -85.65 46.53
CA PRO A 1163 -23.32 -86.57 47.49
C PRO A 1163 -24.13 -85.81 48.54
N ALA A 1164 -23.69 -84.61 48.89
CA ALA A 1164 -24.43 -83.71 49.77
C ALA A 1164 -24.82 -84.37 51.10
N THR B 193 15.04 90.48 -60.91
CA THR B 193 14.89 89.62 -59.74
C THR B 193 15.61 90.22 -58.54
N PRO B 194 14.98 90.18 -57.36
CA PRO B 194 15.53 90.85 -56.18
C PRO B 194 16.72 90.13 -55.55
N VAL B 195 16.92 88.85 -55.84
CA VAL B 195 18.06 88.14 -55.25
C VAL B 195 19.36 88.76 -55.72
N GLU B 196 19.43 89.17 -56.99
CA GLU B 196 20.62 89.84 -57.51
C GLU B 196 20.95 91.08 -56.70
N ALA B 197 19.99 92.00 -56.57
CA ALA B 197 20.24 93.24 -55.86
C ALA B 197 20.57 92.99 -54.40
N ALA B 198 19.84 92.07 -53.76
CA ALA B 198 20.07 91.79 -52.34
C ALA B 198 21.47 91.24 -52.11
N TYR B 199 21.88 90.23 -52.89
CA TYR B 199 23.20 89.64 -52.73
C TYR B 199 24.30 90.64 -53.04
N SER B 200 24.15 91.38 -54.15
CA SER B 200 25.13 92.41 -54.48
C SER B 200 25.28 93.43 -53.37
N ALA B 201 24.15 93.91 -52.83
CA ALA B 201 24.22 94.88 -51.75
C ALA B 201 24.82 94.26 -50.50
N TYR B 202 24.64 92.95 -50.30
CA TYR B 202 25.25 92.31 -49.14
C TYR B 202 26.77 92.36 -49.23
N LEU B 203 27.32 91.92 -50.37
CA LEU B 203 28.77 92.02 -50.54
C LEU B 203 29.21 93.48 -50.51
N ARG B 204 28.38 94.39 -51.03
CA ARG B 204 28.70 95.81 -50.94
C ARG B 204 28.86 96.26 -49.49
N ARG B 205 27.89 95.93 -48.64
CA ARG B 205 27.93 96.35 -47.25
C ARG B 205 29.16 95.80 -46.55
N ILE B 206 29.43 94.51 -46.72
CA ILE B 206 30.59 93.94 -46.04
C ILE B 206 31.88 94.54 -46.58
N ALA B 207 31.88 94.92 -47.87
CA ALA B 207 33.06 95.54 -48.46
C ALA B 207 33.29 96.93 -47.90
N GLU B 208 32.20 97.72 -47.79
CA GLU B 208 32.31 99.01 -47.13
C GLU B 208 32.86 98.86 -45.73
N ALA B 209 32.29 97.93 -44.96
CA ALA B 209 32.73 97.72 -43.59
C ALA B 209 34.22 97.42 -43.53
N TYR B 210 34.69 96.48 -44.36
CA TYR B 210 36.10 96.11 -44.32
C TYR B 210 37.00 97.28 -44.71
N LEU B 211 36.80 97.84 -45.90
CA LEU B 211 37.75 98.85 -46.37
C LEU B 211 37.68 100.11 -45.52
N ALA B 212 36.59 100.31 -44.77
CA ALA B 212 36.55 101.37 -43.78
C ALA B 212 37.27 100.99 -42.50
N GLU B 213 37.32 99.69 -42.17
CA GLU B 213 38.04 99.27 -40.98
C GLU B 213 39.55 99.47 -41.13
N HIS B 214 40.10 99.12 -42.30
CA HIS B 214 41.53 99.22 -42.58
C HIS B 214 41.72 100.05 -43.83
N PRO B 215 41.98 101.35 -43.71
CA PRO B 215 42.05 102.22 -44.89
C PRO B 215 43.33 102.05 -45.70
N GLN B 216 44.31 101.29 -45.21
CA GLN B 216 45.60 101.25 -45.89
C GLN B 216 45.52 100.49 -47.21
N MET B 217 44.82 99.35 -47.22
CA MET B 217 44.65 98.61 -48.46
C MET B 217 43.42 99.05 -49.25
N ALA B 218 42.83 100.21 -48.92
CA ALA B 218 41.74 100.77 -49.70
C ALA B 218 42.22 101.40 -51.00
N ALA B 219 43.49 101.22 -51.36
CA ALA B 219 44.01 101.69 -52.62
C ALA B 219 43.62 100.74 -53.75
N PRO B 220 43.61 101.21 -54.99
CA PRO B 220 43.24 100.32 -56.10
C PRO B 220 44.22 99.18 -56.31
N GLU B 221 45.44 99.28 -55.74
CA GLU B 221 46.44 98.23 -55.86
C GLU B 221 45.89 96.88 -55.42
N HIS B 222 44.86 96.87 -54.59
CA HIS B 222 44.25 95.67 -54.03
C HIS B 222 42.97 95.27 -54.73
N ALA B 223 42.68 95.71 -55.96
CA ALA B 223 41.44 95.33 -56.62
C ALA B 223 41.26 93.81 -56.70
N ALA B 224 42.36 93.06 -56.63
CA ALA B 224 42.29 91.61 -56.49
C ALA B 224 42.54 91.13 -55.06
N HIS B 225 42.97 92.02 -54.17
CA HIS B 225 43.24 91.61 -52.79
C HIS B 225 42.04 91.83 -51.88
N VAL B 226 41.50 93.05 -51.87
CA VAL B 226 40.30 93.29 -51.07
C VAL B 226 39.13 92.49 -51.62
N ALA B 227 39.10 92.25 -52.93
CA ALA B 227 38.10 91.34 -53.49
C ALA B 227 38.32 89.92 -52.99
N ARG B 228 39.59 89.48 -52.90
CA ARG B 228 39.89 88.17 -52.36
C ARG B 228 39.47 88.05 -50.91
N VAL B 229 39.46 89.17 -50.17
CA VAL B 229 39.02 89.16 -48.79
C VAL B 229 37.50 89.17 -48.70
N VAL B 230 36.85 89.93 -49.57
CA VAL B 230 35.39 89.96 -49.60
C VAL B 230 34.83 88.58 -49.92
N ARG B 231 35.42 87.91 -50.91
CA ARG B 231 34.97 86.57 -51.27
C ARG B 231 35.11 85.61 -50.10
N SER B 232 36.15 85.80 -49.29
CA SER B 232 36.37 84.91 -48.15
C SER B 232 35.44 85.27 -46.99
N ARG B 233 35.05 86.53 -46.89
CA ARG B 233 34.25 87.00 -45.77
C ARG B 233 32.75 86.92 -46.02
N ALA B 234 32.33 86.75 -47.27
CA ALA B 234 30.91 86.63 -47.57
C ALA B 234 30.35 85.25 -47.26
N LEU B 235 31.21 84.25 -47.08
CA LEU B 235 30.75 82.88 -46.83
C LEU B 235 30.83 82.48 -45.37
N GLY B 236 31.79 82.98 -44.62
CA GLY B 236 31.91 82.62 -43.21
C GLY B 236 33.19 83.17 -42.63
N THR B 237 33.75 82.42 -41.69
CA THR B 237 34.98 82.95 -41.12
C THR B 237 36.19 82.24 -41.70
N PRO B 238 37.24 82.99 -42.01
CA PRO B 238 38.48 82.35 -42.46
C PRO B 238 39.04 81.43 -41.39
N LEU B 239 39.28 80.19 -41.77
CA LEU B 239 39.73 79.16 -40.85
C LEU B 239 41.25 79.09 -40.88
N SER B 240 41.87 79.26 -39.71
CA SER B 240 43.34 79.09 -39.62
C SER B 240 43.66 77.60 -39.56
N PHE B 241 44.76 77.18 -40.19
CA PHE B 241 45.07 75.73 -40.27
C PHE B 241 45.04 75.09 -38.89
N ASP B 242 45.64 75.74 -37.90
CA ASP B 242 45.74 75.09 -36.57
C ASP B 242 44.35 74.76 -36.01
N GLU B 243 43.46 75.76 -35.96
CA GLU B 243 42.14 75.53 -35.32
C GLU B 243 41.26 74.65 -36.22
N LEU B 244 41.75 74.28 -37.40
CA LEU B 244 41.02 73.36 -38.26
C LEU B 244 41.11 71.93 -37.77
N MET B 245 42.29 71.49 -37.31
CA MET B 245 42.48 70.12 -36.89
C MET B 245 42.33 69.93 -35.39
N ARG B 246 41.48 70.73 -34.75
CA ARG B 246 41.12 70.49 -33.36
C ARG B 246 39.89 69.59 -33.31
N SER B 247 39.73 68.90 -32.18
CA SER B 247 38.91 67.69 -32.18
C SER B 247 37.42 67.99 -31.97
N ALA B 248 37.10 69.05 -31.25
CA ALA B 248 35.76 69.46 -30.84
C ALA B 248 35.20 68.51 -29.78
N VAL B 249 35.87 67.42 -29.46
CA VAL B 249 35.58 66.58 -28.31
C VAL B 249 36.70 66.80 -27.31
N PRO B 250 36.46 67.51 -26.22
CA PRO B 250 37.57 68.20 -25.53
C PRO B 250 38.69 67.29 -25.06
N ALA B 251 38.41 66.45 -24.08
CA ALA B 251 39.33 65.45 -23.54
C ALA B 251 38.62 64.73 -22.41
N PRO B 252 39.01 63.51 -22.06
CA PRO B 252 38.53 62.94 -20.80
C PRO B 252 38.99 63.72 -19.60
N GLY B 253 39.95 64.65 -19.75
CA GLY B 253 40.55 65.33 -18.63
C GLY B 253 40.07 66.73 -18.37
N GLU B 254 39.94 67.57 -19.39
CA GLU B 254 39.74 69.00 -19.19
C GLU B 254 38.31 69.34 -18.79
N VAL B 255 37.53 68.35 -18.37
CA VAL B 255 36.21 68.60 -17.81
C VAL B 255 36.39 68.85 -16.31
N PRO B 256 36.22 70.08 -15.85
CA PRO B 256 36.37 70.35 -14.41
C PRO B 256 35.17 69.82 -13.64
N ASN B 257 35.38 69.62 -12.36
CA ASN B 257 34.32 69.09 -11.50
C ASN B 257 33.26 70.14 -11.27
N ARG B 258 32.02 69.68 -11.09
CA ARG B 258 30.91 70.53 -10.69
C ARG B 258 30.08 69.74 -9.69
N ASN B 259 29.77 70.36 -8.56
CA ASN B 259 29.20 69.62 -7.45
C ASN B 259 27.71 69.88 -7.29
N SER B 260 26.97 68.83 -6.98
CA SER B 260 25.55 68.94 -6.74
C SER B 260 25.30 69.58 -5.38
N ARG B 261 24.04 69.66 -4.98
CA ARG B 261 23.71 70.27 -3.70
C ARG B 261 24.16 69.40 -2.53
N GLY B 262 23.86 68.11 -2.58
CA GLY B 262 24.33 67.22 -1.53
C GLY B 262 25.84 67.26 -1.37
N GLN B 263 26.56 67.41 -2.49
CA GLN B 263 28.00 67.44 -2.41
C GLN B 263 28.53 68.75 -1.85
N VAL B 264 27.90 69.90 -2.14
CA VAL B 264 28.33 71.12 -1.48
C VAL B 264 28.03 71.05 0.01
N ALA B 265 26.95 70.37 0.40
CA ALA B 265 26.69 70.19 1.82
C ALA B 265 27.76 69.32 2.47
N GLU B 266 28.14 68.24 1.81
CA GLU B 266 29.23 67.40 2.30
C GLU B 266 30.52 68.21 2.47
N GLN B 267 30.83 69.03 1.46
CA GLN B 267 32.04 69.86 1.53
C GLN B 267 31.97 70.84 2.67
N VAL B 268 30.82 71.51 2.84
CA VAL B 268 30.72 72.53 3.88
C VAL B 268 30.86 71.90 5.25
N ARG B 269 30.32 70.69 5.45
CA ARG B 269 30.50 70.03 6.73
C ARG B 269 31.96 69.64 6.95
N ALA B 270 32.56 68.98 5.95
CA ALA B 270 33.92 68.46 6.12
C ALA B 270 34.94 69.58 6.23
N ILE B 271 34.57 70.80 5.87
CA ILE B 271 35.52 71.89 6.07
C ILE B 271 35.19 72.70 7.31
N LEU B 272 33.92 72.81 7.69
CA LEU B 272 33.61 73.53 8.92
C LEU B 272 34.13 72.77 10.14
N ASP B 273 34.13 71.44 10.08
CA ASP B 273 34.75 70.70 11.18
C ASP B 273 36.03 70.03 10.74
N GLN B 274 36.85 70.74 9.96
CA GLN B 274 38.19 70.29 9.62
C GLN B 274 39.08 70.13 10.85
N TYR B 275 38.83 70.93 11.89
CA TYR B 275 39.68 70.92 13.09
C TYR B 275 38.97 70.23 14.24
N LYS B 334 63.79 78.93 13.87
CA LYS B 334 62.40 79.33 13.72
C LYS B 334 62.18 80.12 12.44
N ALA B 335 60.94 80.15 11.98
CA ALA B 335 60.60 80.95 10.82
C ALA B 335 60.58 82.43 11.17
N LYS B 336 60.57 83.28 10.14
CA LYS B 336 60.47 84.72 10.35
C LYS B 336 59.71 85.34 9.20
N TPO B 337 59.78 86.66 9.08
CA TPO B 337 59.05 87.36 8.03
CB TPO B 337 58.61 88.73 8.52
CG2 TPO B 337 57.31 89.11 7.83
OG1 TPO B 337 58.38 88.59 9.93
P TPO B 337 58.07 90.04 10.58
O1P TPO B 337 58.74 91.20 9.71
O2P TPO B 337 58.68 90.05 12.08
O3P TPO B 337 56.61 90.24 10.67
C TPO B 337 59.89 87.46 6.76
O TPO B 337 61.11 87.31 6.80
N GLU B 338 59.23 87.69 5.62
CA GLU B 338 59.86 87.63 4.30
C GLU B 338 60.65 86.34 4.03
N ASP B 339 60.09 85.22 4.47
CA ASP B 339 60.42 83.92 3.91
C ASP B 339 59.24 83.36 3.13
N MET B 340 58.16 84.12 3.01
CA MET B 340 56.89 83.58 2.54
C MET B 340 56.83 83.59 1.03
N VAL B 341 56.30 82.52 0.46
CA VAL B 341 55.65 82.64 -0.82
C VAL B 341 54.43 83.54 -0.65
N ASP B 342 54.29 84.51 -1.55
CA ASP B 342 53.30 85.56 -1.33
C ASP B 342 51.89 85.07 -1.61
N ASP B 343 51.55 83.98 -0.91
CA ASP B 343 50.22 83.41 -0.86
C ASP B 343 49.89 83.05 0.59
N ALA B 344 50.19 83.99 1.50
CA ALA B 344 50.05 83.77 2.92
C ALA B 344 48.71 84.27 3.47
N PHE B 345 47.64 84.09 2.71
CA PHE B 345 46.30 84.42 3.18
C PHE B 345 45.80 83.31 4.10
N TPO B 346 44.69 83.54 4.76
CA TPO B 346 44.09 82.54 5.65
CB TPO B 346 43.05 83.19 6.57
CG2 TPO B 346 42.01 82.17 7.04
OG1 TPO B 346 43.72 83.71 7.71
P TPO B 346 43.57 85.32 7.68
O1P TPO B 346 43.92 85.88 6.20
O2P TPO B 346 44.50 85.91 8.66
O3P TPO B 346 42.07 85.75 8.06
C TPO B 346 43.48 81.40 4.83
O TPO B 346 42.65 81.64 3.96
N TPO B 347 43.93 80.18 5.12
CA TPO B 347 43.56 79.02 4.31
CB TPO B 347 44.48 77.86 4.63
CG2 TPO B 347 44.58 76.94 3.41
OG1 TPO B 347 45.76 78.36 4.99
P TPO B 347 46.09 77.72 6.43
O1P TPO B 347 47.54 77.50 6.55
O2P TPO B 347 45.57 78.72 7.58
O3P TPO B 347 45.33 76.30 6.58
C TPO B 347 42.11 78.59 4.51
O TPO B 347 41.46 78.14 3.57
N GLU B 348 41.61 78.73 5.73
CA GLU B 348 40.30 78.20 6.07
C GLU B 348 39.15 78.95 5.43
N VAL B 349 39.12 80.27 5.58
CA VAL B 349 37.95 81.05 5.21
C VAL B 349 37.84 81.23 3.69
N VAL B 350 38.95 81.33 2.97
CA VAL B 350 38.87 81.42 1.53
C VAL B 350 38.31 80.13 0.95
N GLU B 351 38.48 79.03 1.68
CA GLU B 351 37.86 77.77 1.25
C GLU B 351 36.34 77.86 1.30
N GLU B 352 35.79 78.56 2.29
CA GLU B 352 34.35 78.73 2.33
C GLU B 352 33.87 79.76 1.31
N ALA B 353 34.68 80.80 1.09
CA ALA B 353 34.42 81.68 -0.03
C ALA B 353 34.30 80.89 -1.33
N MET B 354 35.19 79.92 -1.54
CA MET B 354 35.09 79.02 -2.69
C MET B 354 33.81 78.20 -2.64
N ALA B 355 33.62 77.42 -1.58
CA ALA B 355 32.49 76.50 -1.49
C ALA B 355 31.14 77.20 -1.68
N LEU B 356 31.03 78.48 -1.34
CA LEU B 356 29.73 79.13 -1.49
C LEU B 356 29.65 80.03 -2.72
N PHE B 357 30.79 80.47 -3.27
CA PHE B 357 30.80 81.33 -4.45
C PHE B 357 31.81 80.88 -5.49
N GLY B 358 32.23 79.63 -5.44
CA GLY B 358 33.19 79.14 -6.41
C GLY B 358 32.54 78.62 -7.67
N ASP B 359 33.36 78.56 -8.73
CA ASP B 359 32.85 78.10 -10.02
C ASP B 359 32.44 76.64 -9.97
N ALA B 360 33.23 75.80 -9.30
CA ALA B 360 32.90 74.37 -9.23
C ALA B 360 31.76 74.09 -8.27
N ASN B 361 31.08 75.12 -7.77
CA ASN B 361 29.91 74.95 -6.92
C ASN B 361 28.83 75.98 -7.26
N SER B 362 28.75 76.41 -8.53
CA SER B 362 27.93 77.55 -8.90
C SER B 362 26.76 77.23 -9.82
N VAL B 363 26.67 76.02 -10.35
CA VAL B 363 25.51 75.61 -11.14
C VAL B 363 24.60 74.78 -10.23
N LYS B 364 23.42 75.31 -9.94
CA LYS B 364 22.54 74.68 -8.96
C LYS B 364 21.93 73.38 -9.46
N THR B 365 21.92 73.15 -10.76
CA THR B 365 21.31 71.96 -11.36
C THR B 365 22.35 71.08 -12.05
N ALA B 366 23.51 70.92 -11.43
CA ALA B 366 24.50 69.95 -11.89
C ALA B 366 24.25 68.66 -11.14
N TRP B 367 24.01 67.57 -11.88
CA TRP B 367 23.71 66.31 -11.22
C TRP B 367 24.96 65.47 -11.01
N ARG B 368 25.61 65.06 -12.10
CA ARG B 368 26.92 64.42 -12.00
C ARG B 368 27.63 64.71 -13.34
N THR B 369 28.45 65.75 -13.34
CA THR B 369 28.97 66.26 -14.60
C THR B 369 30.18 65.49 -15.06
N GLN B 370 31.09 65.17 -14.14
CA GLN B 370 32.33 64.51 -14.52
C GLN B 370 32.05 63.17 -15.19
N GLU B 371 31.14 62.38 -14.64
CA GLU B 371 30.86 61.06 -15.20
C GLU B 371 30.18 61.17 -16.55
N VAL B 372 29.00 61.79 -16.59
CA VAL B 372 28.21 61.80 -17.81
C VAL B 372 28.87 62.62 -18.89
N LEU B 373 29.85 63.46 -18.55
CA LEU B 373 30.55 64.26 -19.55
C LEU B 373 31.91 63.71 -19.91
N ARG B 374 32.47 62.79 -19.13
CA ARG B 374 33.73 62.17 -19.50
C ARG B 374 33.55 60.87 -20.27
N GLU B 375 32.31 60.48 -20.55
CA GLU B 375 32.01 59.43 -21.50
C GLU B 375 31.75 60.03 -22.87
N LEU B 376 31.92 59.24 -23.90
CA LEU B 376 31.61 59.70 -25.25
C LEU B 376 30.26 59.15 -25.68
N SER B 377 29.50 59.99 -26.36
CA SER B 377 28.16 59.68 -26.82
C SER B 377 28.24 59.07 -28.21
N TYR B 378 27.08 58.98 -28.88
CA TYR B 378 27.06 58.50 -30.25
C TYR B 378 27.57 59.57 -31.20
N THR B 379 27.16 60.82 -30.99
CA THR B 379 27.59 61.89 -31.88
C THR B 379 29.08 62.17 -31.75
N GLN B 380 29.61 62.09 -30.54
CA GLN B 380 31.04 62.29 -30.35
C GLN B 380 31.84 61.18 -31.03
N LEU B 381 31.32 59.96 -31.04
CA LEU B 381 32.00 58.90 -31.79
C LEU B 381 31.95 59.19 -33.28
N TRP B 382 30.77 59.53 -33.81
CA TRP B 382 30.67 59.86 -35.22
C TRP B 382 31.61 61.00 -35.60
N ALA B 383 31.88 61.90 -34.65
CA ALA B 383 32.77 63.02 -34.94
C ALA B 383 34.24 62.63 -34.85
N LEU B 384 34.59 61.78 -33.89
CA LEU B 384 35.95 61.25 -33.83
C LEU B 384 36.30 60.47 -35.09
N VAL B 385 35.39 59.60 -35.55
CA VAL B 385 35.68 58.78 -36.72
C VAL B 385 35.97 59.66 -37.93
N GLY B 386 35.18 60.71 -38.13
CA GLY B 386 35.35 61.60 -39.26
C GLY B 386 36.64 62.38 -39.27
N GLU B 387 37.40 62.36 -38.17
CA GLU B 387 38.74 62.91 -38.13
C GLU B 387 39.81 61.83 -38.19
N GLY B 388 39.39 60.56 -38.28
CA GLY B 388 40.33 59.47 -38.24
C GLY B 388 41.09 59.35 -36.92
N HIS B 389 40.37 59.34 -35.80
CA HIS B 389 41.01 59.21 -34.50
C HIS B 389 40.70 57.90 -33.81
N VAL B 390 39.88 57.03 -34.40
CA VAL B 390 39.66 55.69 -33.87
C VAL B 390 40.36 54.71 -34.79
N ALA B 391 40.92 53.65 -34.21
CA ALA B 391 41.59 52.62 -34.99
C ALA B 391 40.70 51.40 -35.21
N ARG B 392 40.04 50.93 -34.16
CA ARG B 392 39.28 49.69 -34.22
C ARG B 392 37.95 49.89 -33.52
N VAL B 393 36.95 49.16 -33.99
CA VAL B 393 35.69 48.97 -33.25
C VAL B 393 35.36 47.49 -33.28
N ARG B 394 34.83 46.98 -32.17
CA ARG B 394 34.48 45.57 -32.07
C ARG B 394 33.05 45.43 -31.56
N PHE B 395 32.17 44.95 -32.42
CA PHE B 395 30.75 44.80 -32.10
C PHE B 395 30.57 43.63 -31.15
N TYR B 396 30.24 43.91 -29.89
CA TYR B 396 30.09 42.86 -28.90
C TYR B 396 28.67 42.88 -28.36
N GLY B 397 28.34 41.86 -27.57
CA GLY B 397 27.00 41.69 -27.05
C GLY B 397 26.30 40.53 -27.75
N PRO B 398 25.29 39.97 -27.09
CA PRO B 398 24.54 38.87 -27.72
C PRO B 398 23.72 39.32 -28.91
N GLU B 399 23.47 40.62 -29.03
CA GLU B 399 22.72 41.18 -30.14
C GLU B 399 23.54 42.22 -30.91
N LYS B 400 24.79 42.47 -30.48
CA LYS B 400 25.74 43.29 -31.20
C LYS B 400 25.18 44.68 -31.50
N ASN B 401 24.86 45.44 -30.44
CA ASN B 401 24.51 46.84 -30.58
C ASN B 401 25.52 47.74 -29.90
N LYS B 402 26.30 47.21 -28.97
CA LYS B 402 27.40 47.94 -28.35
C LYS B 402 28.67 47.65 -29.11
N VAL B 403 29.52 48.67 -29.24
CA VAL B 403 30.83 48.49 -29.83
C VAL B 403 31.86 49.10 -28.88
N MET B 404 32.99 48.41 -28.77
CA MET B 404 34.15 48.93 -28.07
C MET B 404 35.06 49.61 -29.10
N ALA B 405 35.47 50.83 -28.80
CA ALA B 405 36.21 51.67 -29.73
C ALA B 405 37.58 51.98 -29.15
N THR B 406 38.60 51.80 -29.96
CA THR B 406 39.98 52.10 -29.61
C THR B 406 40.37 53.45 -30.20
N THR B 407 40.85 54.34 -29.35
CA THR B 407 41.20 55.69 -29.76
C THR B 407 42.69 55.78 -30.06
N ARG B 408 43.01 56.27 -31.25
CA ARG B 408 44.38 56.45 -31.68
C ARG B 408 45.14 57.38 -30.75
N ALA B 409 46.46 57.42 -30.92
CA ALA B 409 47.26 58.41 -30.20
C ALA B 409 46.91 59.82 -30.61
N SER B 410 46.41 60.01 -31.83
CA SER B 410 45.98 61.31 -32.33
C SER B 410 44.69 61.80 -31.68
N ALA B 411 44.21 61.15 -30.63
CA ALA B 411 42.96 61.53 -30.00
C ALA B 411 43.22 62.40 -28.77
N PRO B 412 42.23 63.20 -28.37
CA PRO B 412 42.36 63.94 -27.11
C PRO B 412 42.39 63.02 -25.91
N GLY B 413 43.52 62.95 -25.23
CA GLY B 413 43.65 62.11 -24.06
C GLY B 413 44.42 60.82 -24.29
N GLY B 414 45.05 60.67 -25.45
CA GLY B 414 45.84 59.47 -25.70
C GLY B 414 44.97 58.27 -26.08
N GLU B 415 45.42 57.10 -25.67
CA GLU B 415 44.71 55.87 -25.95
C GLU B 415 43.72 55.55 -24.84
N ARG B 416 42.47 55.30 -25.23
CA ARG B 416 41.45 54.82 -24.31
C ARG B 416 40.58 53.79 -25.02
N LEU B 417 39.91 52.97 -24.21
CA LEU B 417 38.92 52.02 -24.68
C LEU B 417 37.55 52.54 -24.26
N CYS B 418 36.67 52.79 -25.23
CA CYS B 418 35.41 53.44 -24.93
C CYS B 418 34.24 52.65 -25.52
N LYS B 419 33.22 52.41 -24.70
CA LYS B 419 32.07 51.62 -25.12
C LYS B 419 30.93 52.54 -25.57
N VAL B 420 30.28 52.16 -26.67
CA VAL B 420 29.19 52.95 -27.24
C VAL B 420 28.00 52.04 -27.49
N VAL B 421 26.81 52.52 -27.16
CA VAL B 421 25.56 51.87 -27.53
C VAL B 421 24.98 52.61 -28.73
N LEU B 422 24.62 51.87 -29.74
CA LEU B 422 24.35 52.63 -30.94
C LEU B 422 22.86 52.65 -31.27
N PRO B 423 22.39 53.71 -31.92
CA PRO B 423 21.02 53.71 -32.40
C PRO B 423 20.92 52.90 -33.67
N PRO B 424 19.72 52.58 -34.11
CA PRO B 424 19.58 51.94 -35.42
C PRO B 424 19.84 52.93 -36.54
N ASP B 425 21.10 53.15 -36.87
CA ASP B 425 21.47 54.09 -37.91
C ASP B 425 22.02 53.32 -39.11
N PRO B 426 21.30 53.27 -40.23
CA PRO B 426 21.77 52.49 -41.39
C PRO B 426 22.88 53.15 -42.18
N GLU B 427 23.53 54.17 -41.65
CA GLU B 427 24.59 54.88 -42.35
C GLU B 427 25.94 54.75 -41.65
N LEU B 428 26.02 53.96 -40.58
CA LEU B 428 27.23 53.96 -39.77
C LEU B 428 28.32 53.09 -40.38
N LEU B 429 27.95 51.99 -41.03
CA LEU B 429 28.96 51.05 -41.51
C LEU B 429 29.81 51.67 -42.62
N ASP B 430 29.19 52.41 -43.53
CA ASP B 430 29.96 53.08 -44.57
C ASP B 430 30.88 54.13 -43.97
N HIS B 431 30.36 54.93 -43.05
CA HIS B 431 31.19 55.93 -42.39
C HIS B 431 32.34 55.26 -41.64
N LEU B 432 32.15 54.02 -41.21
CA LEU B 432 33.19 53.34 -40.46
C LEU B 432 34.28 52.81 -41.39
N VAL B 433 33.89 52.16 -42.48
CA VAL B 433 34.89 51.59 -43.37
C VAL B 433 35.62 52.66 -44.17
N SER B 434 34.91 53.65 -44.72
CA SER B 434 35.52 54.60 -45.62
C SER B 434 36.42 55.60 -44.91
N ASN B 435 36.66 55.44 -43.61
CA ASN B 435 37.64 56.23 -42.90
C ASN B 435 38.74 55.36 -42.31
N GLY B 436 38.90 54.15 -42.83
CA GLY B 436 40.00 53.29 -42.42
C GLY B 436 39.90 52.78 -41.01
N VAL B 437 38.76 52.27 -40.61
CA VAL B 437 38.56 51.71 -39.28
C VAL B 437 38.51 50.20 -39.39
N VAL B 438 39.24 49.52 -38.50
CA VAL B 438 39.22 48.07 -38.44
C VAL B 438 37.97 47.65 -37.66
N VAL B 439 37.01 47.06 -38.36
CA VAL B 439 35.78 46.58 -37.73
C VAL B 439 35.96 45.11 -37.41
N ASP B 440 35.48 44.71 -36.24
CA ASP B 440 35.51 43.32 -35.82
C ASP B 440 34.13 42.93 -35.32
N THR B 441 33.72 41.71 -35.63
CA THR B 441 32.42 41.19 -35.27
C THR B 441 32.61 39.85 -34.57
N GLY B 442 31.67 39.50 -33.71
CA GLY B 442 31.71 38.26 -32.97
C GLY B 442 31.47 37.04 -33.84
N VAL B 443 30.99 35.97 -33.22
CA VAL B 443 30.78 34.71 -33.89
C VAL B 443 29.29 34.43 -34.09
N THR B 444 28.43 35.19 -33.43
CA THR B 444 26.99 35.39 -33.59
C THR B 444 26.16 34.11 -33.46
N GLU B 445 26.77 32.93 -33.25
CA GLU B 445 26.09 31.76 -32.67
C GLU B 445 24.68 31.52 -33.19
N ASP B 446 24.58 31.15 -34.46
CA ASP B 446 23.35 31.12 -35.25
C ASP B 446 22.09 30.51 -34.61
N ASP B 447 22.24 29.67 -33.58
CA ASP B 447 21.10 28.82 -33.19
C ASP B 447 20.04 29.61 -32.45
N ARG B 448 20.40 30.33 -31.37
CA ARG B 448 19.45 31.27 -30.77
C ARG B 448 18.19 30.61 -30.20
N LEU B 449 18.23 30.18 -28.94
CA LEU B 449 17.37 29.21 -28.24
C LEU B 449 17.98 27.82 -28.18
N ARG B 450 19.15 27.66 -28.74
CA ARG B 450 20.04 26.65 -28.19
C ARG B 450 21.32 27.25 -27.63
N ALA B 451 21.73 28.42 -28.13
CA ALA B 451 22.83 29.15 -27.53
C ALA B 451 22.45 29.75 -26.19
N SER B 452 21.17 29.96 -25.92
CA SER B 452 20.78 30.74 -24.76
C SER B 452 20.20 29.93 -23.63
N LEU B 453 20.02 28.62 -23.78
CA LEU B 453 19.21 27.88 -22.81
C LEU B 453 19.95 27.69 -21.48
N LEU B 454 21.18 27.18 -21.52
CA LEU B 454 21.89 26.88 -20.28
C LEU B 454 22.25 28.16 -19.53
N VAL B 455 22.64 29.21 -20.24
CA VAL B 455 22.96 30.45 -19.56
C VAL B 455 21.73 31.04 -18.89
N GLN B 456 20.54 30.83 -19.46
CA GLN B 456 19.33 31.33 -18.82
C GLN B 456 18.98 30.50 -17.59
N MET B 457 19.17 29.18 -17.68
CA MET B 457 19.02 28.38 -16.47
C MET B 457 19.90 28.90 -15.36
N LEU B 458 21.15 29.24 -15.69
CA LEU B 458 22.05 29.77 -14.67
C LEU B 458 21.56 31.11 -14.13
N ARG B 459 21.11 31.99 -15.01
CA ARG B 459 20.57 33.28 -14.56
C ARG B 459 19.43 33.09 -13.58
N TYR B 460 18.68 32.01 -13.72
CA TYR B 460 17.55 31.79 -12.81
C TYR B 460 17.93 31.05 -11.54
N THR B 461 18.97 30.21 -11.58
CA THR B 461 19.31 29.40 -10.43
C THR B 461 20.37 30.01 -9.53
N VAL B 462 21.22 30.89 -10.04
CA VAL B 462 22.37 31.36 -9.27
C VAL B 462 21.98 32.30 -8.13
N PRO B 463 21.01 33.20 -8.28
CA PRO B 463 20.63 34.03 -7.13
C PRO B 463 20.29 33.27 -5.88
N PHE B 464 19.66 32.10 -6.01
CA PHE B 464 19.37 31.31 -4.82
C PHE B 464 20.66 30.83 -4.17
N MET B 465 21.65 30.47 -4.97
CA MET B 465 22.94 30.04 -4.42
C MET B 465 23.66 31.21 -3.76
N VAL B 466 23.57 32.41 -4.33
CA VAL B 466 24.22 33.56 -3.73
C VAL B 466 23.59 33.90 -2.39
N ILE B 467 22.25 33.93 -2.34
CA ILE B 467 21.57 34.23 -1.07
C ILE B 467 21.93 33.17 -0.03
N SER B 468 21.90 31.90 -0.41
CA SER B 468 22.19 30.85 0.56
C SER B 468 23.63 30.92 1.02
N GLY B 469 24.57 31.21 0.13
CA GLY B 469 25.96 31.29 0.52
C GLY B 469 26.22 32.45 1.46
N LEU B 470 25.65 33.61 1.17
CA LEU B 470 25.81 34.76 2.05
C LEU B 470 25.28 34.46 3.44
N PHE B 471 24.04 33.98 3.52
CA PHE B 471 23.49 33.72 4.84
C PHE B 471 24.22 32.59 5.54
N TRP B 472 24.67 31.57 4.81
CA TRP B 472 25.42 30.49 5.43
C TRP B 472 26.71 31.02 6.02
N MET B 473 27.41 31.87 5.28
CA MET B 473 28.64 32.46 5.79
C MET B 473 28.39 33.14 7.13
N ILE B 474 27.41 34.06 7.17
CA ILE B 474 27.19 34.78 8.43
C ILE B 474 26.76 33.83 9.54
N HIS B 475 25.79 32.95 9.28
CA HIS B 475 25.16 32.22 10.38
C HIS B 475 25.82 30.90 10.73
N THR B 476 26.85 30.47 10.01
CA THR B 476 27.61 29.31 10.45
C THR B 476 29.10 29.54 10.48
N TRP B 477 29.65 30.31 9.54
CA TRP B 477 31.08 30.48 9.51
C TRP B 477 31.58 31.34 10.67
N ILE B 478 30.68 31.94 11.43
CA ILE B 478 31.10 32.70 12.60
C ILE B 478 30.72 31.94 13.87
N LEU B 479 29.42 31.73 14.10
CA LEU B 479 28.98 31.04 15.31
C LEU B 479 28.84 29.54 15.04
N ASP B 480 29.95 28.94 14.64
CA ASP B 480 30.04 27.53 14.25
C ASP B 480 29.19 26.59 15.10
N TYR B 494 33.26 21.75 24.70
CA TYR B 494 34.49 21.03 25.03
C TYR B 494 34.30 20.13 26.25
N ARG B 495 34.80 20.58 27.40
CA ARG B 495 34.77 19.73 28.59
C ARG B 495 33.37 19.69 29.19
N ARG B 496 32.68 20.83 29.23
CA ARG B 496 31.31 20.88 29.71
C ARG B 496 30.43 19.86 29.00
N GLU B 497 30.63 19.72 27.69
CA GLU B 497 29.75 18.87 26.88
C GLU B 497 29.93 17.41 27.23
N MET B 498 31.17 16.92 27.21
CA MET B 498 31.38 15.51 27.55
C MET B 498 31.05 15.23 29.01
N LEU B 499 31.24 16.21 29.90
CA LEU B 499 30.84 16.02 31.29
C LEU B 499 29.32 15.85 31.39
N HIS B 500 28.56 16.68 30.68
CA HIS B 500 27.11 16.54 30.73
C HIS B 500 26.64 15.23 30.11
N VAL B 501 27.27 14.79 29.02
CA VAL B 501 26.83 13.54 28.40
C VAL B 501 27.25 12.34 29.24
N ALA B 502 28.31 12.48 30.04
CA ALA B 502 28.65 11.45 30.99
C ALA B 502 27.70 11.44 32.18
N SER B 503 27.17 12.61 32.55
CA SER B 503 26.21 12.67 33.65
C SER B 503 24.96 11.83 33.39
N LYS B 504 24.66 11.57 32.11
CA LYS B 504 23.50 10.77 31.74
C LYS B 504 23.88 9.51 30.97
N LEU B 505 25.07 8.95 31.24
CA LEU B 505 25.61 7.90 30.37
C LEU B 505 24.78 6.63 30.37
N ASN B 506 24.21 6.23 31.51
CA ASN B 506 23.38 5.03 31.53
C ASN B 506 21.97 5.27 31.00
N PHE B 507 21.53 6.52 30.95
CA PHE B 507 20.24 6.86 30.36
C PHE B 507 20.25 6.75 28.84
N ARG B 508 21.41 6.54 28.23
CA ARG B 508 21.52 6.61 26.78
C ARG B 508 21.04 5.32 26.13
N THR B 509 21.76 4.22 26.37
CA THR B 509 21.40 2.92 25.83
C THR B 509 22.25 1.83 26.47
N PRO B 510 21.67 0.67 26.76
CA PRO B 510 22.49 -0.44 27.27
C PRO B 510 22.98 -1.36 26.17
N ALA B 511 22.87 -0.90 24.92
CA ALA B 511 23.28 -1.70 23.76
C ALA B 511 24.80 -1.83 23.75
N ARG B 512 25.29 -3.02 24.04
CA ARG B 512 26.73 -3.27 24.18
C ARG B 512 27.22 -3.98 22.92
N GLU B 513 27.82 -3.22 22.01
CA GLU B 513 28.53 -3.84 20.90
C GLU B 513 29.66 -4.69 21.45
N VAL B 514 29.79 -5.91 20.93
CA VAL B 514 30.79 -6.85 21.42
C VAL B 514 31.84 -7.03 20.33
N ARG B 515 33.10 -7.19 20.76
CA ARG B 515 34.19 -7.41 19.83
C ARG B 515 34.37 -8.90 19.62
N ILE B 516 34.16 -9.36 18.39
CA ILE B 516 34.27 -10.77 18.04
C ILE B 516 35.64 -11.01 17.43
N ASP B 517 36.36 -11.99 17.98
CA ASP B 517 37.63 -12.43 17.41
C ASP B 517 37.45 -13.84 16.85
N THR B 518 38.36 -14.22 15.94
CA THR B 518 38.31 -15.54 15.34
C THR B 518 39.67 -16.25 15.32
N GLY B 519 40.77 -15.55 15.54
CA GLY B 519 42.08 -16.18 15.51
C GLY B 519 42.60 -16.51 16.89
N SER B 520 42.17 -15.74 17.89
CA SER B 520 42.60 -16.01 19.25
C SER B 520 42.13 -17.39 19.69
N PRO B 521 42.94 -18.12 20.46
CA PRO B 521 42.62 -19.53 20.75
C PRO B 521 41.27 -19.75 21.39
N ASP B 522 40.79 -18.81 22.20
CA ASP B 522 39.52 -18.99 22.89
C ASP B 522 38.31 -18.94 21.95
N PHE B 523 38.52 -18.59 20.68
CA PHE B 523 37.42 -18.60 19.72
C PHE B 523 36.98 -20.03 19.43
N ILE B 524 35.68 -20.18 19.16
CA ILE B 524 35.07 -21.48 18.93
C ILE B 524 34.58 -21.52 17.49
N LYS B 525 34.89 -22.59 16.78
CA LYS B 525 34.34 -22.81 15.45
C LYS B 525 32.85 -23.12 15.56
N TRP B 526 32.18 -23.14 14.40
CA TRP B 526 30.77 -23.56 14.39
C TRP B 526 30.67 -25.08 14.47
N ASP B 527 31.52 -25.78 13.72
CA ASP B 527 31.66 -27.22 13.86
C ASP B 527 32.29 -27.62 15.19
N ASP B 528 32.87 -26.66 15.92
CA ASP B 528 33.39 -26.93 17.25
C ASP B 528 32.28 -27.44 18.17
N ILE B 529 31.16 -26.72 18.22
CA ILE B 529 30.02 -27.13 19.03
C ILE B 529 29.41 -28.38 18.42
N ASN B 530 29.23 -29.41 19.23
CA ASN B 530 28.72 -30.70 18.78
C ASN B 530 27.63 -31.18 19.72
N GLY B 531 27.09 -32.37 19.42
CA GLY B 531 25.89 -32.83 20.10
C GLY B 531 24.73 -31.87 19.96
N ILE B 532 24.70 -31.10 18.89
CA ILE B 532 23.74 -30.01 18.72
C ILE B 532 23.03 -30.15 17.39
N ASP B 533 22.89 -31.39 16.90
CA ASP B 533 22.42 -31.61 15.54
C ASP B 533 21.08 -30.94 15.29
N GLU B 534 20.13 -31.09 16.22
CA GLU B 534 18.84 -30.43 16.09
C GLU B 534 19.02 -28.94 15.87
N VAL B 535 19.64 -28.26 16.83
CA VAL B 535 19.83 -26.83 16.71
C VAL B 535 20.82 -26.50 15.59
N LYS B 536 21.76 -27.40 15.31
CA LYS B 536 22.67 -27.20 14.19
C LYS B 536 21.90 -26.96 12.90
N LYS B 537 21.00 -27.87 12.56
CA LYS B 537 20.29 -27.77 11.29
C LYS B 537 19.08 -26.84 11.38
N GLU B 538 18.65 -26.50 12.60
CA GLU B 538 17.56 -25.53 12.69
C GLU B 538 18.06 -24.10 12.79
N ILE B 539 19.37 -23.91 12.88
CA ILE B 539 19.96 -22.58 12.72
C ILE B 539 20.87 -22.48 11.51
N ASN B 540 21.11 -23.60 10.79
CA ASN B 540 21.71 -23.50 9.48
C ASN B 540 20.85 -22.72 8.51
N GLU B 541 19.63 -22.37 8.89
CA GLU B 541 18.81 -21.43 8.12
C GLU B 541 18.96 -20.00 8.61
N ILE B 542 19.18 -19.78 9.90
CA ILE B 542 19.49 -18.44 10.39
C ILE B 542 20.80 -17.95 9.77
N ILE B 543 21.80 -18.82 9.73
CA ILE B 543 23.09 -18.45 9.17
C ILE B 543 22.93 -18.02 7.72
N GLU B 544 22.18 -18.80 6.93
CA GLU B 544 22.07 -18.50 5.51
C GLU B 544 21.14 -17.33 5.25
N TYR B 545 20.16 -17.11 6.12
CA TYR B 545 19.39 -15.87 6.06
C TYR B 545 20.29 -14.67 6.28
N LEU B 546 21.28 -14.82 7.16
CA LEU B 546 22.26 -13.75 7.33
C LEU B 546 23.17 -13.62 6.12
N ARG B 547 23.48 -14.73 5.44
CA ARG B 547 24.30 -14.68 4.24
C ARG B 547 23.50 -14.32 2.99
N ASN B 548 22.45 -15.09 2.72
CA ASN B 548 21.72 -14.99 1.45
C ASN B 548 20.22 -15.09 1.72
N PRO B 549 19.53 -13.96 1.79
CA PRO B 549 18.08 -13.99 2.03
C PRO B 549 17.30 -14.44 0.82
N ALA B 550 17.80 -14.11 -0.38
CA ALA B 550 17.13 -14.52 -1.61
C ALA B 550 17.09 -16.03 -1.74
N LEU B 551 18.09 -16.72 -1.21
CA LEU B 551 18.08 -18.18 -1.22
C LEU B 551 17.04 -18.75 -0.28
N LEU B 552 16.83 -18.13 0.88
CA LEU B 552 15.83 -18.60 1.81
C LEU B 552 14.42 -18.28 1.37
N ARG B 553 14.22 -17.19 0.61
CA ARG B 553 12.90 -16.96 0.04
C ARG B 553 12.48 -18.12 -0.84
N SER B 554 13.44 -18.71 -1.56
CA SER B 554 13.19 -19.88 -2.39
C SER B 554 12.85 -21.13 -1.58
N ARG B 555 12.79 -21.03 -0.26
CA ARG B 555 12.42 -22.15 0.60
C ARG B 555 11.15 -21.89 1.38
N GLY B 556 10.36 -20.90 0.98
CA GLY B 556 9.13 -20.59 1.67
C GLY B 556 9.29 -19.81 2.95
N VAL B 557 10.49 -19.31 3.25
CA VAL B 557 10.77 -18.54 4.46
C VAL B 557 10.77 -17.07 4.08
N ALA B 558 9.73 -16.35 4.49
CA ALA B 558 9.60 -14.95 4.10
C ALA B 558 10.65 -14.08 4.79
N ARG B 559 10.72 -14.17 6.11
CA ARG B 559 11.68 -13.40 6.87
C ARG B 559 11.78 -13.97 8.27
N ILE B 560 12.95 -13.81 8.89
CA ILE B 560 13.15 -14.15 10.29
C ILE B 560 13.32 -12.84 11.05
N GLY B 561 12.44 -12.60 12.01
CA GLY B 561 12.46 -11.34 12.71
C GLY B 561 12.78 -11.46 14.18
N GLY B 562 12.61 -12.66 14.74
CA GLY B 562 12.86 -12.88 16.14
C GLY B 562 12.86 -14.34 16.52
N VAL B 563 13.92 -14.77 17.22
CA VAL B 563 14.11 -16.16 17.60
C VAL B 563 14.28 -16.24 19.10
N LEU B 564 13.92 -17.39 19.68
CA LEU B 564 14.18 -17.68 21.07
C LEU B 564 15.01 -18.96 21.18
N LEU B 565 16.02 -18.93 22.04
CA LEU B 565 16.86 -20.09 22.32
C LEU B 565 16.51 -20.59 23.72
N ALA B 566 15.74 -21.67 23.77
CA ALA B 566 15.34 -22.27 25.04
C ALA B 566 16.20 -23.48 25.35
N GLY B 567 16.36 -23.75 26.64
CA GLY B 567 17.16 -24.92 27.05
C GLY B 567 16.99 -25.19 28.53
N ALA B 568 17.61 -26.27 29.02
CA ALA B 568 17.56 -26.55 30.47
C ALA B 568 18.39 -25.49 31.22
N PRO B 569 18.01 -25.11 32.46
CA PRO B 569 18.78 -24.14 33.22
C PRO B 569 20.25 -24.54 33.32
N GLY B 570 21.16 -23.61 33.00
CA GLY B 570 22.59 -23.94 32.97
C GLY B 570 23.02 -24.25 31.55
N THR B 571 22.83 -23.30 30.63
CA THR B 571 23.11 -23.61 29.24
C THR B 571 24.28 -22.81 28.66
N GLY B 572 24.60 -21.66 29.24
CA GLY B 572 25.62 -20.78 28.70
C GLY B 572 25.29 -20.37 27.28
N LYS B 573 24.10 -19.80 27.09
CA LYS B 573 23.56 -19.56 25.76
C LYS B 573 24.38 -18.55 24.96
N THR B 574 25.09 -17.64 25.62
CA THR B 574 25.91 -16.68 24.90
C THR B 574 27.05 -17.33 24.14
N LEU B 575 27.33 -18.60 24.42
CA LEU B 575 28.44 -19.27 23.77
C LEU B 575 28.18 -19.45 22.28
N LEU B 576 26.92 -19.69 21.89
CA LEU B 576 26.61 -19.97 20.50
C LEU B 576 26.75 -18.72 19.64
N ALA B 577 26.20 -17.59 20.11
CA ALA B 577 26.13 -16.38 19.31
C ALA B 577 27.51 -15.95 18.80
N LYS B 578 28.55 -16.17 19.60
CA LYS B 578 29.91 -15.88 19.16
C LYS B 578 30.21 -16.55 17.84
N ALA B 579 30.17 -17.89 17.83
CA ALA B 579 30.50 -18.63 16.61
C ALA B 579 29.52 -18.35 15.50
N ILE B 580 28.25 -18.11 15.85
CA ILE B 580 27.22 -17.90 14.84
C ILE B 580 27.50 -16.60 14.07
N ALA B 581 27.62 -15.49 14.81
CA ALA B 581 27.92 -14.22 14.18
C ALA B 581 29.31 -14.23 13.57
N ALA B 582 30.18 -15.15 13.99
CA ALA B 582 31.49 -15.27 13.37
C ALA B 582 31.39 -15.87 11.98
N GLU B 583 30.81 -17.06 11.87
CA GLU B 583 30.74 -17.73 10.58
C GLU B 583 29.79 -17.00 9.64
N GLY B 584 28.72 -16.42 10.17
CA GLY B 584 27.89 -15.55 9.36
C GLY B 584 28.57 -14.27 8.97
N GLY B 585 29.65 -13.91 9.67
CA GLY B 585 30.38 -12.69 9.38
C GLY B 585 29.53 -11.45 9.55
N VAL B 586 29.16 -11.14 10.79
CA VAL B 586 28.30 -10.01 11.08
C VAL B 586 28.65 -9.46 12.46
N ARG B 587 28.41 -8.16 12.65
CA ARG B 587 28.69 -7.52 13.92
C ARG B 587 27.67 -7.96 14.95
N MET B 588 28.11 -8.17 16.19
CA MET B 588 27.27 -8.71 17.25
C MET B 588 27.05 -7.66 18.33
N PHE B 589 25.80 -7.36 18.61
CA PHE B 589 25.42 -6.51 19.72
C PHE B 589 24.71 -7.36 20.76
N THR B 590 24.89 -7.01 22.03
CA THR B 590 24.29 -7.78 23.10
C THR B 590 23.79 -6.87 24.22
N CYS B 591 23.01 -7.46 25.11
CA CYS B 591 22.35 -6.75 26.19
C CYS B 591 22.03 -7.76 27.29
N SER B 592 21.16 -7.37 28.22
CA SER B 592 20.74 -8.24 29.31
C SER B 592 19.33 -7.84 29.73
N GLY B 593 18.68 -8.76 30.44
CA GLY B 593 17.34 -8.50 30.91
C GLY B 593 17.25 -7.54 32.08
N THR B 594 18.39 -7.15 32.66
CA THR B 594 18.39 -6.36 33.88
C THR B 594 18.38 -4.85 33.58
N ASP B 595 19.35 -4.40 32.78
CA ASP B 595 19.54 -2.96 32.60
C ASP B 595 18.31 -2.27 32.03
N PHE B 596 17.45 -3.08 31.38
CA PHE B 596 16.27 -2.50 30.70
C PHE B 596 15.07 -2.57 31.62
N TYR B 597 15.06 -3.54 32.53
CA TYR B 597 13.83 -3.71 33.37
C TYR B 597 13.99 -2.88 34.65
N ASP B 598 14.92 -1.92 34.64
CA ASP B 598 15.02 -1.01 35.81
C ASP B 598 13.67 -0.29 35.92
N VAL B 599 13.30 0.17 37.12
CA VAL B 599 11.93 0.76 37.28
C VAL B 599 11.96 2.28 37.03
N TYR B 600 13.07 2.86 36.59
CA TYR B 600 13.00 4.32 36.30
C TYR B 600 11.96 4.47 35.18
N SER B 601 10.83 5.10 35.49
CA SER B 601 9.70 5.14 34.52
C SER B 601 10.01 5.88 33.21
N GLY B 602 9.49 5.36 32.09
CA GLY B 602 9.61 6.05 30.79
C GLY B 602 10.98 5.91 30.14
N VAL B 603 11.93 5.30 30.82
CA VAL B 603 13.30 5.28 30.23
C VAL B 603 13.34 4.15 29.20
N GLY B 604 12.57 3.08 29.41
CA GLY B 604 12.69 1.94 28.52
C GLY B 604 12.35 2.26 27.08
N ALA B 605 11.34 3.10 26.86
CA ALA B 605 10.92 3.43 25.51
C ALA B 605 12.07 4.06 24.71
N ARG B 606 12.68 5.11 25.24
CA ARG B 606 13.81 5.73 24.57
C ARG B 606 14.97 4.75 24.42
N ARG B 607 15.18 3.88 25.42
CA ARG B 607 16.27 2.92 25.33
C ARG B 607 16.11 1.98 24.16
N VAL B 608 14.93 1.36 24.02
CA VAL B 608 14.71 0.41 22.95
C VAL B 608 14.69 1.12 21.60
N ARG B 609 14.09 2.32 21.55
CA ARG B 609 14.14 3.11 20.32
C ARG B 609 15.57 3.32 19.86
N GLU B 610 16.42 3.78 20.78
CA GLU B 610 17.79 4.13 20.40
C GLU B 610 18.58 2.89 20.01
N THR B 611 18.47 1.81 20.78
CA THR B 611 19.24 0.61 20.43
C THR B 611 18.79 0.03 19.10
N PHE B 612 17.50 0.09 18.79
CA PHE B 612 17.05 -0.40 17.50
C PHE B 612 17.51 0.49 16.36
N ASP B 613 17.51 1.81 16.56
CA ASP B 613 18.01 2.69 15.52
C ASP B 613 19.50 2.48 15.28
N ARG B 614 20.24 2.20 16.35
CA ARG B 614 21.66 1.87 16.20
C ARG B 614 21.83 0.57 15.40
N LEU B 615 21.02 -0.44 15.71
CA LEU B 615 21.05 -1.66 14.92
C LEU B 615 20.79 -1.36 13.45
N ARG B 616 19.75 -0.56 13.17
CA ARG B 616 19.35 -0.28 11.79
C ARG B 616 20.47 0.42 11.04
N ASN B 617 21.06 1.45 11.63
CA ASN B 617 22.13 2.16 10.96
C ASN B 617 23.44 1.38 10.95
N ALA B 618 23.54 0.31 11.74
CA ALA B 618 24.72 -0.53 11.77
C ALA B 618 24.47 -1.91 11.16
N ALA B 619 23.28 -2.13 10.61
CA ALA B 619 22.89 -3.42 10.06
C ALA B 619 23.74 -3.75 8.85
N PRO B 620 23.97 -5.05 8.55
CA PRO B 620 23.46 -6.22 9.28
C PRO B 620 24.10 -6.42 10.65
N ALA B 621 23.34 -6.97 11.60
CA ALA B 621 23.80 -7.22 12.95
C ALA B 621 22.76 -8.09 13.64
N ILE B 622 23.18 -8.77 14.70
CA ILE B 622 22.32 -9.68 15.45
C ILE B 622 22.38 -9.30 16.92
N LEU B 623 21.23 -8.93 17.47
CA LEU B 623 21.11 -8.50 18.87
C LEU B 623 20.81 -9.72 19.72
N PHE B 624 21.78 -10.13 20.52
CA PHE B 624 21.56 -11.20 21.49
C PHE B 624 21.17 -10.60 22.84
N ILE B 625 20.10 -11.14 23.42
CA ILE B 625 19.59 -10.62 24.69
C ILE B 625 19.27 -11.78 25.62
N ASP B 626 19.91 -11.79 26.78
CA ASP B 626 19.82 -12.90 27.73
C ASP B 626 18.70 -12.66 28.74
N GLU B 627 18.15 -13.76 29.25
CA GLU B 627 16.92 -13.79 30.06
C GLU B 627 15.91 -12.78 29.55
N PHE B 628 15.40 -13.05 28.34
CA PHE B 628 14.42 -12.15 27.73
C PHE B 628 13.16 -12.05 28.59
N ASP B 629 12.78 -13.13 29.27
CA ASP B 629 11.60 -13.14 30.13
C ASP B 629 11.64 -12.07 31.20
N ALA B 630 12.79 -11.42 31.41
CA ALA B 630 12.86 -10.30 32.33
C ALA B 630 11.93 -9.17 31.88
N MET B 631 11.97 -8.82 30.59
CA MET B 631 11.11 -7.75 30.11
C MET B 631 9.79 -8.28 29.52
N GLY B 632 9.86 -9.39 28.79
CA GLY B 632 8.69 -9.92 28.12
C GLY B 632 7.75 -10.71 29.01
N ALA B 633 7.47 -10.18 30.20
CA ALA B 633 6.52 -10.83 31.09
C ALA B 633 5.08 -10.57 30.64
N ALA B 634 4.19 -11.44 31.07
CA ALA B 634 2.78 -11.31 30.72
C ALA B 634 2.14 -10.14 31.44
N ARG B 635 0.89 -9.85 31.07
CA ARG B 635 0.16 -8.72 31.63
C ARG B 635 -0.25 -8.99 33.07
N GLY B 636 -0.74 -7.95 33.73
CA GLY B 636 -1.15 -8.07 35.13
C GLY B 636 0.00 -8.31 36.08
N ALA B 637 1.22 -7.96 35.67
CA ALA B 637 2.39 -8.10 36.53
C ALA B 637 2.50 -6.88 37.43
N GLN B 638 3.65 -6.73 38.10
CA GLN B 638 3.86 -5.65 39.05
C GLN B 638 4.09 -4.35 38.28
N ALA B 639 3.02 -3.82 37.69
CA ALA B 639 3.06 -2.57 36.95
C ALA B 639 1.61 -2.09 36.78
N SER B 640 1.47 -0.86 36.31
CA SER B 640 0.16 -0.25 36.07
C SER B 640 -0.09 -0.05 34.58
N GLY B 641 0.48 -0.93 33.76
CA GLY B 641 0.26 -0.88 32.33
C GLY B 641 0.84 0.32 31.62
N ASP B 642 1.88 0.95 32.17
CA ASP B 642 2.49 2.13 31.56
C ASP B 642 4.00 2.06 31.50
N GLU B 643 4.64 1.21 32.30
CA GLU B 643 6.09 1.07 32.21
C GLU B 643 6.51 -0.18 31.46
N SER B 644 6.13 -1.36 31.96
CA SER B 644 6.48 -2.59 31.27
C SER B 644 5.74 -2.70 29.94
N ALA B 645 4.43 -2.48 29.97
CA ALA B 645 3.65 -2.47 28.74
C ALA B 645 4.23 -1.51 27.72
N SER B 646 4.69 -0.34 28.18
CA SER B 646 5.26 0.63 27.25
C SER B 646 6.51 0.09 26.58
N ILE B 647 7.41 -0.52 27.34
CA ILE B 647 8.66 -0.96 26.75
C ILE B 647 8.44 -2.14 25.82
N ILE B 648 7.54 -3.06 26.17
CA ILE B 648 7.35 -4.18 25.27
C ILE B 648 6.51 -3.78 24.05
N ASN B 649 5.64 -2.78 24.20
CA ASN B 649 4.92 -2.25 23.04
C ASN B 649 5.85 -1.50 22.10
N GLU B 650 6.86 -0.83 22.65
CA GLU B 650 7.82 -0.15 21.78
C GLU B 650 8.75 -1.16 21.13
N LEU B 651 9.05 -2.25 21.83
CA LEU B 651 9.70 -3.40 21.20
C LEU B 651 8.90 -3.88 20.00
N LEU B 652 7.58 -4.02 20.18
CA LEU B 652 6.70 -4.38 19.07
C LEU B 652 6.82 -3.38 17.93
N VAL B 653 6.57 -2.10 18.22
CA VAL B 653 6.57 -1.05 17.20
C VAL B 653 7.89 -1.04 16.43
N GLN B 654 9.00 -1.38 17.09
CA GLN B 654 10.26 -1.50 16.37
C GLN B 654 10.39 -2.81 15.61
N MET B 655 9.66 -3.84 16.02
CA MET B 655 9.72 -5.14 15.35
C MET B 655 8.74 -5.25 14.19
N ASP B 656 7.57 -4.61 14.29
CA ASP B 656 6.52 -4.81 13.30
C ASP B 656 6.00 -3.55 12.63
N GLY B 657 5.84 -2.44 13.35
CA GLY B 657 5.16 -1.26 12.85
C GLY B 657 5.59 -0.76 11.49
N PHE B 658 6.83 -0.30 11.37
CA PHE B 658 7.37 0.28 10.16
C PHE B 658 8.63 -0.46 9.75
N GLU B 659 8.49 -1.78 9.68
CA GLU B 659 9.58 -2.72 9.45
C GLU B 659 10.53 -2.30 8.34
N ASP B 660 11.78 -2.04 8.73
CA ASP B 660 12.89 -1.86 7.80
C ASP B 660 14.12 -2.61 8.29
N ASN B 661 13.93 -3.71 9.01
CA ASN B 661 15.03 -4.42 9.66
C ASN B 661 15.64 -5.37 8.64
N ARG B 662 16.39 -4.80 7.70
CA ARG B 662 17.00 -5.57 6.63
C ARG B 662 18.34 -6.09 7.11
N GLY B 663 18.35 -7.34 7.58
CA GLY B 663 19.55 -7.96 8.10
C GLY B 663 19.61 -8.03 9.61
N ILE B 664 18.62 -7.48 10.31
CA ILE B 664 18.63 -7.46 11.77
C ILE B 664 17.97 -8.73 12.30
N VAL B 665 18.48 -9.26 13.41
CA VAL B 665 17.94 -10.46 14.03
C VAL B 665 17.96 -10.28 15.54
N VAL B 666 16.81 -10.47 16.17
CA VAL B 666 16.69 -10.39 17.63
C VAL B 666 16.66 -11.81 18.16
N LEU B 667 17.76 -12.20 18.81
CA LEU B 667 17.96 -13.58 19.26
C LEU B 667 17.87 -13.62 20.79
N GLY B 668 16.65 -13.79 21.29
CA GLY B 668 16.44 -13.84 22.72
C GLY B 668 16.84 -15.17 23.31
N ALA B 669 17.13 -15.14 24.62
CA ALA B 669 17.50 -16.33 25.37
C ALA B 669 16.59 -16.44 26.58
N THR B 670 15.94 -17.60 26.73
CA THR B 670 14.93 -17.81 27.74
C THR B 670 14.90 -19.30 28.06
N ASN B 671 14.38 -19.66 29.22
CA ASN B 671 14.06 -21.06 29.49
C ASN B 671 12.68 -21.23 30.11
N ARG B 672 11.88 -20.19 30.18
CA ARG B 672 10.48 -20.25 30.62
C ARG B 672 9.59 -19.75 29.49
N PRO B 673 9.51 -20.48 28.38
CA PRO B 673 8.83 -19.94 27.18
C PRO B 673 7.33 -19.81 27.32
N GLY B 674 6.74 -20.21 28.44
CA GLY B 674 5.31 -20.01 28.63
C GLY B 674 4.96 -18.64 29.17
N ALA B 675 5.92 -17.98 29.82
CA ALA B 675 5.67 -16.71 30.48
C ALA B 675 5.69 -15.51 29.54
N ILE B 676 6.11 -15.68 28.29
CA ILE B 676 6.19 -14.57 27.36
C ILE B 676 4.78 -14.13 26.96
N ASP B 677 4.59 -12.82 26.86
CA ASP B 677 3.26 -12.24 26.60
C ASP B 677 2.65 -12.82 25.33
N SER B 678 1.32 -12.73 25.25
CA SER B 678 0.60 -13.22 24.08
C SER B 678 1.01 -12.48 22.82
N ALA B 679 0.96 -11.15 22.85
CA ALA B 679 1.25 -10.35 21.67
C ALA B 679 2.72 -10.40 21.27
N LEU B 680 3.59 -11.00 22.08
CA LEU B 680 5.02 -11.01 21.80
C LEU B 680 5.48 -12.21 21.00
N ILE B 681 4.68 -13.28 20.93
CA ILE B 681 5.01 -14.43 20.09
C ILE B 681 4.05 -14.57 18.92
N ARG B 682 3.29 -13.52 18.60
CA ARG B 682 2.37 -13.56 17.48
C ARG B 682 3.14 -13.81 16.18
N PRO B 683 2.47 -14.34 15.16
CA PRO B 683 3.15 -14.61 13.88
C PRO B 683 3.88 -13.39 13.35
N GLY B 684 5.20 -13.49 13.30
CA GLY B 684 6.04 -12.40 12.84
C GLY B 684 7.00 -11.89 13.89
N ARG B 685 6.54 -11.77 15.14
CA ARG B 685 7.39 -11.21 16.18
C ARG B 685 8.43 -12.21 16.67
N PHE B 686 7.97 -13.29 17.29
CA PHE B 686 8.87 -14.32 17.81
C PHE B 686 8.17 -15.66 17.59
N ASP B 687 8.44 -16.27 16.45
CA ASP B 687 7.85 -17.56 16.14
C ASP B 687 8.83 -18.71 16.22
N ARG B 688 10.01 -18.57 15.61
CA ARG B 688 11.03 -19.61 15.72
C ARG B 688 11.50 -19.71 17.16
N ILE B 689 11.31 -20.89 17.76
CA ILE B 689 11.72 -21.16 19.12
C ILE B 689 12.47 -22.48 19.13
N ILE B 690 13.71 -22.46 19.58
CA ILE B 690 14.60 -23.60 19.44
C ILE B 690 14.98 -24.11 20.82
N TYR B 691 15.05 -25.43 20.96
CA TYR B 691 15.31 -26.08 22.23
C TYR B 691 16.66 -26.78 22.20
N MET B 692 17.37 -26.71 23.33
CA MET B 692 18.62 -27.43 23.48
C MET B 692 18.48 -28.43 24.63
N PRO B 693 19.01 -29.65 24.46
CA PRO B 693 18.83 -30.67 25.48
C PRO B 693 19.90 -30.64 26.57
N LEU B 694 19.80 -31.57 27.51
CA LEU B 694 20.82 -31.69 28.54
C LEU B 694 22.13 -32.14 27.91
N PRO B 695 23.27 -31.70 28.43
CA PRO B 695 24.55 -32.27 27.98
C PRO B 695 24.61 -33.75 28.33
N ASP B 696 25.21 -34.52 27.44
CA ASP B 696 25.31 -35.97 27.60
C ASP B 696 26.79 -36.38 27.53
N ALA B 697 27.02 -37.70 27.48
CA ALA B 697 28.35 -38.26 27.68
C ALA B 697 29.41 -37.57 26.81
N LEU B 698 29.29 -37.73 25.49
CA LEU B 698 30.30 -37.14 24.63
C LEU B 698 30.07 -35.65 24.41
N GLY B 699 28.84 -35.17 24.59
CA GLY B 699 28.61 -33.74 24.57
C GLY B 699 29.36 -33.02 25.68
N ARG B 700 29.24 -33.53 26.91
CA ARG B 700 30.01 -32.95 28.00
C ARG B 700 31.50 -33.27 27.88
N ALA B 701 31.84 -34.39 27.24
CA ALA B 701 33.24 -34.62 26.89
C ALA B 701 33.77 -33.50 26.02
N LYS B 702 32.97 -33.10 25.02
CA LYS B 702 33.37 -32.01 24.12
C LYS B 702 33.43 -30.69 24.86
N ILE B 703 32.49 -30.45 25.79
CA ILE B 703 32.52 -29.21 26.55
C ILE B 703 33.78 -29.16 27.43
N MET B 704 34.20 -30.31 27.95
CA MET B 704 35.49 -30.39 28.63
C MET B 704 36.63 -30.05 27.69
N GLN B 705 36.65 -30.69 26.51
CA GLN B 705 37.77 -30.52 25.59
C GLN B 705 37.91 -29.08 25.14
N VAL B 706 36.81 -28.43 24.77
CA VAL B 706 36.88 -27.04 24.36
C VAL B 706 37.21 -26.15 25.55
N HIS B 707 36.73 -26.53 26.74
CA HIS B 707 37.14 -25.82 27.94
C HIS B 707 38.60 -26.10 28.30
N ALA B 708 39.19 -27.14 27.70
CA ALA B 708 40.54 -27.55 28.05
C ALA B 708 41.63 -26.87 27.24
N ARG B 709 41.36 -25.68 26.69
CA ARG B 709 42.39 -24.95 25.95
C ARG B 709 42.94 -23.78 26.75
N ASN B 710 42.59 -23.68 28.03
CA ASN B 710 42.88 -22.51 28.85
C ASN B 710 44.13 -22.65 29.70
N LYS B 711 44.16 -23.62 30.60
CA LYS B 711 45.12 -23.68 31.69
C LYS B 711 46.34 -24.50 31.32
N ALA B 712 47.14 -24.85 32.33
CA ALA B 712 48.13 -25.92 32.21
C ALA B 712 47.39 -27.26 32.34
N VAL B 713 46.69 -27.61 31.26
CA VAL B 713 45.69 -28.68 31.28
C VAL B 713 46.37 -30.04 31.18
N ASP B 714 45.59 -31.09 31.43
CA ASP B 714 45.95 -32.47 31.16
C ASP B 714 46.55 -32.60 29.76
N PRO B 715 47.76 -33.13 29.63
CA PRO B 715 48.37 -33.28 28.30
C PRO B 715 47.53 -34.17 27.39
N ASN B 716 47.32 -35.42 27.79
CA ASN B 716 46.39 -36.31 27.08
C ASN B 716 46.02 -37.49 27.96
N ILE B 717 44.78 -37.53 28.46
CA ILE B 717 44.32 -38.62 29.31
C ILE B 717 42.86 -38.91 28.97
N ASN B 718 42.50 -40.19 29.06
CA ASN B 718 41.14 -40.62 28.78
C ASN B 718 40.15 -39.89 29.68
N TRP B 719 39.33 -39.03 29.08
CA TRP B 719 38.19 -38.42 29.76
C TRP B 719 36.87 -38.72 29.08
N TYR B 720 36.87 -39.49 27.99
CA TYR B 720 35.62 -39.86 27.35
C TYR B 720 34.78 -40.77 28.22
N GLU B 721 35.42 -41.60 29.06
CA GLU B 721 34.70 -42.37 30.06
C GLU B 721 34.64 -41.66 31.41
N VAL B 722 35.30 -40.51 31.56
CA VAL B 722 35.07 -39.69 32.73
C VAL B 722 33.65 -39.15 32.72
N ALA B 723 33.08 -38.98 31.53
CA ALA B 723 31.70 -38.48 31.42
C ALA B 723 30.69 -39.50 31.94
N ARG B 724 31.10 -40.76 32.06
CA ARG B 724 30.20 -41.76 32.64
C ARG B 724 29.95 -41.47 34.11
N ALA B 725 30.95 -40.94 34.81
CA ALA B 725 30.81 -40.56 36.20
C ALA B 725 30.14 -39.20 36.38
N MET B 726 29.58 -38.63 35.32
CA MET B 726 28.91 -37.33 35.38
C MET B 726 27.44 -37.41 35.00
N ALA B 727 26.77 -38.48 35.39
CA ALA B 727 25.37 -38.65 35.05
C ALA B 727 24.51 -37.60 35.76
N GLY B 728 23.65 -36.94 34.98
CA GLY B 728 22.76 -35.93 35.53
C GLY B 728 23.37 -34.57 35.74
N PHE B 729 24.45 -34.25 35.05
CA PHE B 729 25.11 -32.96 35.20
C PHE B 729 24.86 -32.09 33.96
N THR B 730 24.95 -30.78 34.17
CA THR B 730 24.75 -29.80 33.11
C THR B 730 26.09 -29.11 32.81
N GLY B 731 26.05 -28.19 31.85
CA GLY B 731 27.25 -27.44 31.52
C GLY B 731 27.79 -26.65 32.69
N ALA B 732 26.89 -26.00 33.44
CA ALA B 732 27.30 -25.26 34.63
C ALA B 732 27.97 -26.20 35.63
N ASP B 733 27.44 -27.41 35.78
CA ASP B 733 28.04 -28.39 36.67
C ASP B 733 29.45 -28.74 36.22
N VAL B 734 29.66 -28.89 34.91
CA VAL B 734 31.00 -29.21 34.40
C VAL B 734 31.96 -28.06 34.66
N MET B 735 31.52 -26.84 34.41
CA MET B 735 32.37 -25.67 34.66
C MET B 735 32.76 -25.60 36.13
N GLY B 736 31.77 -25.67 37.04
CA GLY B 736 32.07 -25.61 38.46
C GLY B 736 32.93 -26.76 38.94
N LEU B 737 32.72 -27.95 38.37
CA LEU B 737 33.52 -29.09 38.77
C LEU B 737 34.97 -28.93 38.35
N MET B 738 35.23 -28.50 37.12
CA MET B 738 36.62 -28.30 36.72
C MET B 738 37.24 -27.13 37.47
N ALA B 739 36.44 -26.13 37.85
CA ALA B 739 36.94 -25.05 38.69
C ALA B 739 37.42 -25.57 40.04
N ARG B 740 36.58 -26.34 40.72
CA ARG B 740 36.98 -26.91 42.00
C ARG B 740 38.16 -27.87 41.84
N ALA B 741 38.23 -28.57 40.71
CA ALA B 741 39.36 -29.46 40.46
C ALA B 741 40.65 -28.67 40.33
N ALA B 742 40.62 -27.55 39.63
CA ALA B 742 41.77 -26.66 39.59
C ALA B 742 42.13 -26.17 40.98
N ARG B 743 41.12 -25.83 41.78
CA ARG B 743 41.38 -25.34 43.13
C ARG B 743 42.07 -26.39 43.99
N MET B 744 41.65 -27.65 43.88
CA MET B 744 42.27 -28.70 44.69
C MET B 744 43.63 -29.09 44.14
N ALA B 745 43.81 -29.05 42.82
CA ALA B 745 45.13 -29.27 42.23
C ALA B 745 46.11 -28.21 42.74
N ALA B 746 45.64 -26.97 42.91
CA ALA B 746 46.44 -25.95 43.57
C ALA B 746 46.64 -26.24 45.05
N ARG B 747 45.61 -26.79 45.72
CA ARG B 747 45.74 -27.17 47.12
C ARG B 747 46.78 -28.27 47.30
N GLN B 748 46.99 -29.09 46.28
CA GLN B 748 47.98 -30.15 46.31
C GLN B 748 49.41 -29.64 46.14
N GLY B 749 49.61 -28.33 46.23
CA GLY B 749 50.92 -27.74 45.98
C GLY B 749 51.40 -27.82 44.55
N ARG B 750 50.65 -28.47 43.67
CA ARG B 750 51.06 -28.62 42.28
C ARG B 750 50.80 -27.34 41.51
N HIS B 751 51.42 -27.22 40.34
CA HIS B 751 51.16 -26.11 39.43
C HIS B 751 50.27 -26.51 38.27
N ALA B 752 50.18 -27.80 37.97
CA ALA B 752 49.38 -28.29 36.85
C ALA B 752 48.34 -29.26 37.39
N ILE B 753 47.30 -29.51 36.61
CA ILE B 753 46.22 -30.37 37.06
C ILE B 753 46.33 -31.74 36.40
N THR B 754 46.05 -32.79 37.18
CA THR B 754 46.09 -34.17 36.73
C THR B 754 44.68 -34.75 36.71
N GLU B 755 44.54 -35.95 36.17
CA GLU B 755 43.22 -36.52 35.94
C GLU B 755 42.50 -36.91 37.23
N ASP B 756 43.18 -37.58 38.15
CA ASP B 756 42.48 -38.14 39.31
C ASP B 756 41.93 -37.03 40.20
N ASP B 757 42.59 -35.88 40.25
CA ASP B 757 42.07 -34.79 41.08
C ASP B 757 40.73 -34.28 40.53
N ILE B 758 40.45 -34.52 39.25
CA ILE B 758 39.09 -34.31 38.75
C ILE B 758 38.11 -35.11 39.58
N TYR B 759 38.36 -36.42 39.71
CA TYR B 759 37.58 -37.24 40.63
C TYR B 759 37.57 -36.65 42.03
N ALA B 760 38.63 -35.94 42.40
CA ALA B 760 38.72 -35.34 43.72
C ALA B 760 37.63 -34.30 43.98
N ALA B 761 36.84 -33.93 42.97
CA ALA B 761 35.64 -33.17 43.25
C ALA B 761 34.75 -33.93 44.22
N MET B 762 34.49 -35.20 43.92
CA MET B 762 33.74 -36.07 44.82
C MET B 762 34.46 -36.24 46.15
N GLU B 763 35.71 -35.78 46.21
CA GLU B 763 36.46 -35.79 47.46
C GLU B 763 35.80 -34.87 48.49
N ASN B 764 35.25 -33.75 48.04
CA ASN B 764 34.72 -32.76 48.98
C ASN B 764 33.23 -32.90 49.22
N LYS B 765 32.40 -32.97 48.17
CA LYS B 765 30.96 -32.91 48.35
C LYS B 765 30.41 -34.14 49.06
N THR B 766 31.19 -35.20 49.18
CA THR B 766 30.76 -36.36 49.96
C THR B 766 30.73 -36.03 51.45
N MET B 767 31.69 -35.25 51.93
CA MET B 767 31.72 -34.84 53.32
C MET B 767 31.00 -33.51 53.53
N PRO B 792 33.76 -62.76 61.79
CA PRO B 792 32.71 -63.77 61.69
C PRO B 792 31.62 -63.29 60.73
N ASP B 793 30.47 -63.98 60.74
CA ASP B 793 29.35 -63.60 59.85
C ASP B 793 28.18 -63.14 60.71
N PRO B 794 27.58 -61.98 60.46
CA PRO B 794 26.43 -61.63 61.21
C PRO B 794 25.21 -62.47 60.83
N ILE B 795 25.18 -63.15 59.68
CA ILE B 795 24.00 -63.79 59.11
C ILE B 795 23.98 -65.27 59.51
N PRO B 796 22.82 -65.85 59.80
CA PRO B 796 22.79 -67.26 60.14
C PRO B 796 22.91 -68.13 58.89
N PRO B 797 23.20 -69.42 59.04
CA PRO B 797 23.33 -70.29 57.87
C PRO B 797 22.09 -70.36 56.99
N GLN B 798 20.96 -70.81 57.53
CA GLN B 798 19.82 -71.18 56.67
C GLN B 798 19.28 -69.99 55.90
N LEU B 799 19.43 -68.78 56.44
CA LEU B 799 19.01 -67.61 55.69
C LEU B 799 19.93 -67.36 54.51
N ARG B 800 21.24 -67.49 54.71
CA ARG B 800 22.18 -67.39 53.62
C ARG B 800 21.89 -68.43 52.55
N ARG B 801 21.59 -69.66 52.97
CA ARG B 801 21.29 -70.73 52.02
C ARG B 801 20.05 -70.41 51.22
N ALA B 802 18.99 -69.95 51.88
CA ALA B 802 17.75 -69.67 51.17
C ALA B 802 17.95 -68.57 50.13
N VAL B 803 18.59 -67.47 50.51
CA VAL B 803 18.75 -66.38 49.56
C VAL B 803 19.69 -66.78 48.42
N SER B 804 20.71 -67.57 48.72
CA SER B 804 21.60 -68.04 47.66
C SER B 804 20.87 -68.92 46.66
N VAL B 805 20.06 -69.86 47.14
CA VAL B 805 19.31 -70.71 46.22
C VAL B 805 18.34 -69.90 45.39
N TYR B 806 17.67 -68.92 46.01
CA TYR B 806 16.76 -68.08 45.23
C TYR B 806 17.48 -67.37 44.10
N GLU B 807 18.59 -66.69 44.41
CA GLU B 807 19.25 -65.89 43.38
C GLU B 807 19.91 -66.78 42.33
N ALA B 808 20.42 -67.95 42.74
CA ALA B 808 20.97 -68.88 41.77
C ALA B 808 19.90 -69.35 40.80
N GLY B 809 18.71 -69.71 41.30
CA GLY B 809 17.66 -70.14 40.40
C GLY B 809 17.26 -69.06 39.41
N LYS B 810 17.11 -67.83 39.91
CA LYS B 810 16.69 -66.75 39.03
C LYS B 810 17.75 -66.43 37.98
N ALA B 811 19.02 -66.43 38.38
CA ALA B 811 20.08 -66.10 37.43
C ALA B 811 20.28 -67.21 36.41
N LEU B 812 20.23 -68.46 36.85
CA LEU B 812 20.38 -69.57 35.93
C LEU B 812 19.28 -69.55 34.88
N LEU B 813 18.03 -69.35 35.29
CA LEU B 813 16.99 -69.37 34.27
C LEU B 813 17.02 -68.12 33.41
N ALA B 814 17.49 -67.00 33.92
CA ALA B 814 17.63 -65.84 33.05
C ALA B 814 18.79 -65.99 32.09
N TYR B 815 19.71 -66.90 32.37
CA TYR B 815 20.84 -67.10 31.47
C TYR B 815 20.47 -67.98 30.28
N ILE B 816 19.73 -69.05 30.51
CA ILE B 816 19.44 -70.03 29.48
C ILE B 816 18.19 -69.69 28.70
N THR B 817 17.65 -68.53 28.88
CA THR B 817 16.43 -68.17 28.15
C THR B 817 16.79 -67.28 26.98
N PRO B 818 16.37 -67.63 25.77
CA PRO B 818 16.73 -66.82 24.60
C PRO B 818 16.14 -65.42 24.70
N ASP B 819 16.85 -64.46 24.12
CA ASP B 819 16.39 -63.09 23.95
C ASP B 819 16.28 -62.35 25.28
N TYR B 820 16.75 -62.93 26.37
CA TYR B 820 16.66 -62.25 27.65
C TYR B 820 17.86 -61.33 27.84
N GLU B 821 17.73 -60.41 28.79
CA GLU B 821 18.75 -59.41 29.02
C GLU B 821 20.00 -60.03 29.64
N GLU B 822 20.96 -59.17 29.95
CA GLU B 822 22.27 -59.60 30.42
C GLU B 822 22.42 -59.36 31.91
N ILE B 823 22.95 -60.37 32.60
CA ILE B 823 23.12 -60.28 34.05
C ILE B 823 24.32 -59.40 34.36
N ALA B 824 24.12 -58.42 35.25
CA ALA B 824 25.17 -57.48 35.61
C ALA B 824 25.77 -57.80 36.98
N ARG B 825 24.95 -58.22 37.93
CA ARG B 825 25.41 -58.44 39.29
C ARG B 825 24.43 -59.35 39.99
N VAL B 826 24.95 -60.37 40.65
CA VAL B 826 24.14 -61.23 41.52
C VAL B 826 24.80 -61.22 42.88
N SER B 827 24.09 -60.71 43.89
CA SER B 827 24.67 -60.54 45.21
C SER B 827 23.67 -60.98 46.27
N VAL B 828 24.21 -61.59 47.32
CA VAL B 828 23.43 -62.11 48.43
C VAL B 828 23.92 -61.45 49.70
N CYS B 829 23.06 -60.65 50.33
CA CYS B 829 23.38 -59.93 51.56
C CYS B 829 24.67 -59.11 51.42
N PRO B 830 24.71 -58.14 50.52
CA PRO B 830 25.92 -57.32 50.39
C PRO B 830 26.09 -56.40 51.58
N LEU B 831 27.33 -56.29 52.06
CA LEU B 831 27.66 -55.42 53.19
C LEU B 831 26.92 -55.82 54.46
N ASN B 832 26.58 -57.11 54.55
CA ASN B 832 25.82 -57.65 55.68
C ASN B 832 24.48 -56.96 55.87
N VAL B 833 23.93 -56.37 54.81
CA VAL B 833 22.57 -55.85 54.83
C VAL B 833 21.65 -56.96 54.35
N LEU B 834 20.60 -57.24 55.10
CA LEU B 834 19.73 -58.36 54.81
C LEU B 834 18.93 -58.06 53.55
N THR B 835 19.36 -58.60 52.42
CA THR B 835 18.76 -58.31 51.13
C THR B 835 19.37 -59.25 50.11
N GLY B 836 18.94 -59.09 48.86
CA GLY B 836 19.50 -59.84 47.75
C GLY B 836 18.89 -59.35 46.47
N PHE B 837 19.62 -59.48 45.38
CA PHE B 837 19.08 -59.08 44.10
C PHE B 837 19.88 -59.67 42.95
N THR B 838 19.22 -59.78 41.81
CA THR B 838 19.85 -60.10 40.54
C THR B 838 19.60 -58.90 39.63
N LEU B 839 20.67 -58.24 39.22
CA LEU B 839 20.55 -57.04 38.43
C LEU B 839 20.78 -57.36 36.95
N PHE B 840 20.09 -56.64 36.09
CA PHE B 840 20.18 -56.86 34.67
C PHE B 840 20.65 -55.60 33.97
N VAL B 841 21.31 -55.78 32.82
CA VAL B 841 21.94 -54.66 32.13
C VAL B 841 20.88 -53.92 31.33
N GLU B 842 20.67 -52.65 31.67
CA GLU B 842 19.69 -51.84 30.95
C GLU B 842 20.30 -51.33 29.66
N ASP B 843 19.59 -51.57 28.55
CA ASP B 843 20.07 -51.23 27.22
C ASP B 843 19.19 -50.13 26.64
N GLU B 844 19.80 -49.25 25.84
CA GLU B 844 19.08 -48.23 25.11
C GLU B 844 18.82 -48.64 23.66
N ASP B 845 19.47 -49.70 23.19
CA ASP B 845 19.15 -50.28 21.90
C ASP B 845 17.70 -50.76 21.85
N LYS B 846 17.10 -51.03 23.00
CA LYS B 846 15.68 -51.33 23.07
C LYS B 846 14.86 -50.12 22.66
N ASN B 847 13.93 -50.33 21.73
CA ASN B 847 12.97 -49.30 21.33
C ASN B 847 11.60 -49.77 21.82
N VAL B 848 11.05 -49.07 22.81
CA VAL B 848 9.83 -49.54 23.46
C VAL B 848 8.67 -49.64 22.50
N ASN B 849 8.66 -48.88 21.41
CA ASN B 849 7.57 -48.97 20.45
C ASN B 849 7.51 -50.32 19.76
N ALA B 850 8.57 -51.13 19.86
CA ALA B 850 8.52 -52.49 19.37
C ALA B 850 7.50 -53.30 20.16
N ILE B 851 6.76 -54.14 19.47
CA ILE B 851 5.77 -55.00 20.13
C ILE B 851 6.45 -56.24 20.66
N LEU B 852 5.79 -56.94 21.58
CA LEU B 852 6.32 -58.14 22.20
C LEU B 852 5.53 -59.33 21.68
N THR B 853 6.25 -60.35 21.20
CA THR B 853 5.58 -61.54 20.74
C THR B 853 5.16 -62.39 21.94
N ARG B 854 4.45 -63.47 21.66
CA ARG B 854 3.94 -64.31 22.73
C ARG B 854 5.05 -65.08 23.40
N SER B 855 6.03 -65.54 22.64
CA SER B 855 7.11 -66.34 23.21
C SER B 855 7.98 -65.52 24.14
N GLU B 856 8.16 -64.24 23.84
CA GLU B 856 8.97 -63.39 24.70
C GLU B 856 8.29 -63.16 26.06
N LEU B 857 6.99 -62.88 26.03
CA LEU B 857 6.25 -62.71 27.27
C LEU B 857 6.24 -63.98 28.11
N GLU B 858 6.07 -65.13 27.46
CA GLU B 858 6.09 -66.37 28.22
C GLU B 858 7.47 -66.64 28.82
N GLY B 859 8.54 -66.32 28.09
CA GLY B 859 9.86 -66.44 28.66
C GLY B 859 10.05 -65.59 29.90
N ARG B 860 9.53 -64.37 29.88
CA ARG B 860 9.62 -63.51 31.07
C ARG B 860 8.84 -64.09 32.24
N MET B 861 7.65 -64.63 31.99
CA MET B 861 6.90 -65.27 33.05
C MET B 861 7.70 -66.39 33.70
N VAL B 862 8.32 -67.23 32.88
CA VAL B 862 9.08 -68.36 33.41
C VAL B 862 10.26 -67.87 34.23
N VAL B 863 10.96 -66.84 33.74
CA VAL B 863 12.08 -66.30 34.51
C VAL B 863 11.63 -65.77 35.84
N HIS B 864 10.44 -65.17 35.91
CA HIS B 864 9.95 -64.64 37.19
C HIS B 864 9.59 -65.75 38.17
N LEU B 865 9.08 -66.87 37.70
CA LEU B 865 8.77 -67.96 38.63
C LEU B 865 9.97 -68.81 39.02
N ALA B 866 11.09 -68.65 38.32
CA ALA B 866 12.26 -69.51 38.49
C ALA B 866 12.72 -69.59 39.94
N GLY B 867 12.88 -68.45 40.63
CA GLY B 867 13.53 -68.48 41.93
C GLY B 867 12.70 -69.16 43.00
N ARG B 868 11.40 -68.92 43.00
CA ARG B 868 10.51 -69.62 43.92
C ARG B 868 10.51 -71.10 43.64
N CYS B 869 10.60 -71.50 42.37
CA CYS B 869 10.63 -72.93 42.10
C CYS B 869 11.96 -73.56 42.52
N ALA B 870 13.06 -72.82 42.37
CA ALA B 870 14.35 -73.30 42.90
C ALA B 870 14.28 -73.52 44.39
N GLU B 871 13.72 -72.57 45.13
CA GLU B 871 13.54 -72.76 46.57
C GLU B 871 12.76 -74.02 46.86
N LYS B 872 11.59 -74.18 46.22
CA LYS B 872 10.76 -75.34 46.51
C LYS B 872 11.48 -76.64 46.20
N LEU B 873 12.33 -76.65 45.17
CA LEU B 873 12.95 -77.89 44.74
C LEU B 873 14.17 -78.25 45.59
N VAL B 874 14.89 -77.25 46.08
CA VAL B 874 16.08 -77.56 46.87
C VAL B 874 15.76 -77.72 48.34
N MET B 875 14.93 -76.85 48.93
CA MET B 875 14.77 -76.83 50.38
C MET B 875 13.44 -77.39 50.87
N GLY B 876 12.49 -77.66 50.00
CA GLY B 876 11.21 -78.17 50.46
C GLY B 876 10.17 -77.06 50.59
N GLU B 877 8.91 -77.44 50.35
CA GLU B 877 7.82 -76.47 50.39
C GLU B 877 7.70 -75.80 51.75
N GLY B 878 7.92 -76.53 52.82
CA GLY B 878 7.75 -75.98 54.15
C GLY B 878 8.77 -74.94 54.55
N GLN B 879 9.81 -74.75 53.75
CA GLN B 879 10.85 -73.77 54.04
C GLN B 879 10.81 -72.57 53.12
N MET B 880 9.76 -72.45 52.31
CA MET B 880 9.61 -71.28 51.46
C MET B 880 9.23 -70.06 52.28
N THR B 881 9.85 -68.94 51.99
CA THR B 881 9.50 -67.68 52.60
C THR B 881 8.65 -66.88 51.61
N GLY B 882 8.36 -65.63 51.96
CA GLY B 882 7.60 -64.79 51.07
C GLY B 882 8.50 -63.82 50.35
N MET B 883 9.77 -64.17 50.30
CA MET B 883 10.79 -63.31 49.71
C MET B 883 10.58 -63.10 48.22
N GLY B 884 9.98 -64.06 47.52
CA GLY B 884 9.80 -63.93 46.08
C GLY B 884 8.46 -63.37 45.67
N SER B 885 7.99 -62.38 46.37
CA SER B 885 6.66 -61.82 46.15
C SER B 885 6.60 -60.83 44.98
N PRO B 886 7.58 -59.92 44.79
CA PRO B 886 7.47 -59.02 43.63
C PRO B 886 7.56 -59.74 42.30
N ASP B 887 8.31 -60.84 42.26
CA ASP B 887 8.36 -61.66 41.07
C ASP B 887 7.02 -62.29 40.78
N LEU B 888 6.36 -62.82 41.81
CA LEU B 888 5.01 -63.33 41.64
C LEU B 888 4.07 -62.25 41.15
N PHE B 889 4.19 -61.05 41.69
CA PHE B 889 3.32 -59.96 41.25
C PHE B 889 3.53 -59.65 39.78
N HIS B 890 4.78 -59.67 39.31
CA HIS B 890 5.04 -59.32 37.92
C HIS B 890 4.60 -60.43 36.97
N ALA B 891 4.77 -61.68 37.37
CA ALA B 891 4.27 -62.78 36.57
C ALA B 891 2.76 -62.70 36.43
N ASN B 892 2.06 -62.34 37.51
CA ASN B 892 0.61 -62.22 37.44
C ASN B 892 0.18 -61.05 36.57
N LEU B 893 0.92 -59.94 36.62
CA LEU B 893 0.66 -58.84 35.71
C LEU B 893 0.75 -59.27 34.26
N ILE B 894 1.82 -60.01 33.93
CA ILE B 894 2.01 -60.46 32.55
C ILE B 894 0.87 -61.37 32.13
N ALA B 895 0.49 -62.31 32.99
CA ALA B 895 -0.55 -63.27 32.60
C ALA B 895 -1.90 -62.62 32.49
N ARG B 896 -2.18 -61.48 33.12
CA ARG B 896 -3.52 -60.87 33.07
C ARG B 896 -3.58 -59.95 31.87
N GLU B 897 -2.45 -59.47 31.39
CA GLU B 897 -2.41 -58.53 30.25
C GLU B 897 -2.41 -59.25 28.93
N MET B 898 -1.93 -60.47 28.86
CA MET B 898 -1.97 -61.29 27.65
C MET B 898 -3.42 -61.70 27.42
N ILE B 899 -4.16 -61.89 28.49
CA ILE B 899 -5.52 -62.42 28.32
C ILE B 899 -6.50 -61.27 28.18
N MET B 900 -6.26 -60.17 28.88
CA MET B 900 -7.21 -59.08 28.93
C MET B 900 -6.77 -57.83 28.21
N SER B 901 -5.60 -57.84 27.57
CA SER B 901 -5.13 -56.71 26.80
C SER B 901 -4.76 -57.08 25.37
N MET B 902 -4.31 -58.30 25.13
CA MET B 902 -3.83 -58.71 23.83
C MET B 902 -4.67 -59.78 23.17
N GLY B 903 -5.73 -60.23 23.82
CA GLY B 903 -6.62 -61.21 23.21
C GLY B 903 -5.96 -62.52 22.84
N MET B 904 -5.05 -63.01 23.67
CA MET B 904 -4.40 -64.28 23.43
C MET B 904 -5.09 -65.44 24.13
N GLY B 905 -6.27 -65.23 24.70
CA GLY B 905 -7.03 -66.32 25.26
C GLY B 905 -8.05 -66.81 24.27
N ARG B 906 -8.14 -68.12 24.06
CA ARG B 906 -9.06 -68.60 23.03
C ARG B 906 -10.50 -68.60 23.48
N ARG B 907 -10.77 -68.40 24.77
CA ARG B 907 -12.12 -68.43 25.28
C ARG B 907 -12.69 -67.05 25.58
N THR B 908 -11.86 -66.05 25.85
CA THR B 908 -12.38 -64.68 25.87
C THR B 908 -12.48 -64.12 24.45
N GLY B 909 -11.37 -64.05 23.73
CA GLY B 909 -11.39 -63.55 22.38
C GLY B 909 -10.89 -62.13 22.30
N PRO B 910 -10.99 -61.53 21.12
CA PRO B 910 -10.47 -60.18 20.92
C PRO B 910 -11.31 -59.09 21.59
N ILE B 911 -11.27 -59.08 22.92
CA ILE B 911 -11.95 -58.06 23.71
C ILE B 911 -10.93 -57.41 24.62
N ASP B 912 -10.99 -56.08 24.72
CA ASP B 912 -10.03 -55.30 25.48
C ASP B 912 -10.63 -54.89 26.81
N LEU B 913 -10.01 -55.33 27.91
CA LEU B 913 -10.53 -55.09 29.25
C LEU B 913 -9.53 -54.40 30.17
N LEU B 914 -8.28 -54.24 29.77
CA LEU B 914 -7.27 -53.56 30.55
C LEU B 914 -6.54 -52.57 29.66
N ARG B 915 -6.06 -51.49 30.26
CA ARG B 915 -5.30 -50.49 29.52
C ARG B 915 -4.25 -49.92 30.45
N VAL B 916 -2.98 -50.14 30.16
CA VAL B 916 -1.95 -49.48 30.94
C VAL B 916 -2.02 -47.98 30.68
N ALA B 917 -1.58 -47.19 31.65
CA ALA B 917 -1.58 -45.75 31.52
C ALA B 917 -0.48 -45.19 32.39
N ALA B 918 0.17 -44.14 31.91
CA ALA B 918 1.29 -43.54 32.60
C ALA B 918 0.83 -42.43 33.51
N THR B 919 1.42 -42.35 34.69
CA THR B 919 1.07 -41.30 35.62
C THR B 919 1.64 -39.96 35.15
N SER B 920 1.08 -38.88 35.67
CA SER B 920 1.52 -37.55 35.28
C SER B 920 2.86 -37.24 35.93
N GLU B 921 3.91 -37.95 35.51
CA GLU B 921 5.25 -37.73 36.03
C GLU B 921 6.27 -37.87 34.89
N GLY B 938 5.93 -44.42 44.94
CA GLY B 938 5.12 -44.22 43.75
C GLY B 938 5.57 -45.04 42.56
N ASP B 939 4.62 -45.41 41.72
CA ASP B 939 4.92 -46.18 40.52
C ASP B 939 4.76 -45.32 39.29
N PRO B 940 5.40 -45.69 38.18
CA PRO B 940 5.23 -44.91 36.95
C PRO B 940 3.88 -45.07 36.30
N PHE B 941 3.13 -46.13 36.59
CA PHE B 941 1.97 -46.46 35.78
C PHE B 941 0.83 -46.98 36.63
N TYR B 942 -0.32 -47.16 36.00
CA TYR B 942 -1.48 -47.83 36.58
C TYR B 942 -2.33 -48.37 35.43
N TYR B 943 -3.52 -48.85 35.75
CA TYR B 943 -4.35 -49.54 34.77
C TYR B 943 -5.78 -48.99 34.78
N HIS B 944 -6.37 -48.94 33.61
CA HIS B 944 -7.80 -48.71 33.44
C HIS B 944 -8.46 -50.06 33.27
N THR B 945 -9.51 -50.29 34.04
CA THR B 945 -10.20 -51.56 34.08
C THR B 945 -11.62 -51.41 33.55
N THR B 946 -12.32 -52.53 33.52
CA THR B 946 -13.69 -52.62 33.04
C THR B 946 -14.47 -53.54 33.96
N ASP B 947 -15.63 -53.09 34.41
CA ASP B 947 -16.42 -53.89 35.35
C ASP B 947 -16.99 -55.10 34.62
N MET B 948 -16.64 -56.28 35.10
CA MET B 948 -16.99 -57.54 34.47
C MET B 948 -18.10 -58.23 35.22
N SER B 949 -18.85 -59.07 34.52
CA SER B 949 -19.78 -59.92 35.23
C SER B 949 -19.04 -61.08 35.87
N THR B 950 -19.80 -61.99 36.47
CA THR B 950 -19.16 -63.13 37.12
C THR B 950 -18.76 -64.18 36.09
N GLU B 951 -19.53 -64.30 35.01
CA GLU B 951 -19.20 -65.27 33.97
C GLU B 951 -17.95 -64.86 33.22
N GLN B 952 -17.94 -63.63 32.69
CA GLN B 952 -16.75 -63.12 32.02
C GLN B 952 -15.52 -63.27 32.91
N ALA B 953 -15.65 -62.96 34.19
CA ALA B 953 -14.48 -62.95 35.07
C ALA B 953 -14.03 -64.36 35.40
N ARG B 954 -14.95 -65.31 35.53
CA ARG B 954 -14.53 -66.68 35.81
C ARG B 954 -13.89 -67.31 34.58
N VAL B 955 -14.34 -66.93 33.39
CA VAL B 955 -13.74 -67.48 32.18
C VAL B 955 -12.35 -66.89 31.97
N ALA B 956 -12.14 -65.63 32.32
CA ALA B 956 -10.79 -65.08 32.27
C ALA B 956 -9.88 -65.70 33.34
N LEU B 957 -10.44 -65.98 34.51
CA LEU B 957 -9.62 -66.53 35.59
C LEU B 957 -9.12 -67.92 35.25
N ALA B 958 -9.98 -68.76 34.66
CA ALA B 958 -9.53 -70.10 34.26
C ALA B 958 -8.30 -70.03 33.36
N GLU B 959 -8.30 -69.10 32.41
CA GLU B 959 -7.18 -68.97 31.50
C GLU B 959 -5.92 -68.48 32.18
N VAL B 960 -6.05 -67.47 33.05
CA VAL B 960 -4.88 -66.98 33.76
C VAL B 960 -4.25 -68.10 34.58
N VAL B 961 -5.07 -68.89 35.25
CA VAL B 961 -4.53 -69.99 36.06
C VAL B 961 -3.81 -71.02 35.18
N GLU B 962 -4.38 -71.33 34.01
CA GLU B 962 -3.71 -72.26 33.10
C GLU B 962 -2.33 -71.75 32.69
N LEU B 963 -2.27 -70.51 32.23
CA LEU B 963 -0.98 -69.91 31.85
C LEU B 963 0.03 -70.03 32.98
N LEU B 964 -0.39 -69.65 34.19
CA LEU B 964 0.58 -69.57 35.27
C LEU B 964 1.09 -70.94 35.69
N ASP B 965 0.24 -71.95 35.72
CA ASP B 965 0.72 -73.25 36.17
C ASP B 965 1.56 -73.93 35.08
N ALA B 966 1.26 -73.65 33.82
CA ALA B 966 2.13 -74.11 32.74
C ALA B 966 3.52 -73.50 32.85
N ALA B 967 3.59 -72.18 33.08
CA ALA B 967 4.88 -71.53 33.24
C ALA B 967 5.64 -72.10 34.42
N GLU B 968 4.94 -72.44 35.50
CA GLU B 968 5.61 -73.02 36.65
C GLU B 968 6.21 -74.38 36.32
N ALA B 969 5.49 -75.20 35.55
CA ALA B 969 6.04 -76.50 35.15
C ALA B 969 7.27 -76.34 34.27
N LYS B 970 7.26 -75.39 33.34
CA LYS B 970 8.42 -75.21 32.49
C LYS B 970 9.63 -74.73 33.28
N ALA B 971 9.42 -73.85 34.26
CA ALA B 971 10.54 -73.43 35.11
C ALA B 971 11.10 -74.61 35.89
N MET B 972 10.24 -75.48 36.40
CA MET B 972 10.74 -76.63 37.16
C MET B 972 11.58 -77.54 36.29
N TYR B 973 11.16 -77.80 35.06
CA TYR B 973 11.99 -78.65 34.19
C TYR B 973 13.31 -77.97 33.82
N GLY B 974 13.25 -76.68 33.50
CA GLY B 974 14.47 -75.96 33.19
C GLY B 974 15.48 -75.98 34.31
N LEU B 975 15.02 -76.02 35.56
CA LEU B 975 15.97 -76.12 36.67
C LEU B 975 16.41 -77.56 36.89
N ALA B 976 15.53 -78.53 36.66
CA ALA B 976 15.88 -79.91 36.96
C ALA B 976 16.89 -80.48 35.98
N ILE B 977 16.87 -80.04 34.72
CA ILE B 977 17.88 -80.55 33.79
C ILE B 977 19.18 -79.78 33.85
N ASN B 978 19.36 -78.89 34.83
CA ASN B 978 20.60 -78.16 35.04
C ASN B 978 21.02 -78.22 36.50
N TRP B 979 20.86 -79.39 37.12
CA TRP B 979 21.10 -79.50 38.56
C TRP B 979 22.56 -79.25 38.90
N ARG B 980 23.47 -79.68 38.03
CA ARG B 980 24.89 -79.53 38.35
C ARG B 980 25.32 -78.07 38.25
N ALA B 981 24.81 -77.34 37.28
CA ALA B 981 25.15 -75.93 37.18
C ALA B 981 24.47 -75.13 38.27
N LEU B 982 23.27 -75.54 38.67
CA LEU B 982 22.60 -74.90 39.81
C LEU B 982 23.42 -75.08 41.08
N GLN B 983 23.93 -76.29 41.29
CA GLN B 983 24.76 -76.55 42.46
C GLN B 983 26.04 -75.72 42.44
N ALA B 984 26.71 -75.66 41.30
CA ALA B 984 27.91 -74.85 41.20
C ALA B 984 27.62 -73.38 41.48
N LEU B 985 26.51 -72.85 40.96
CA LEU B 985 26.23 -71.44 41.13
C LEU B 985 25.88 -71.11 42.58
N THR B 986 25.07 -71.95 43.23
CA THR B 986 24.75 -71.65 44.61
C THR B 986 25.97 -71.81 45.53
N GLN B 987 26.88 -72.73 45.21
CA GLN B 987 28.09 -72.83 46.02
C GLN B 987 28.99 -71.61 45.84
N ALA B 988 29.11 -71.13 44.60
CA ALA B 988 29.87 -69.90 44.38
C ALA B 988 29.27 -68.74 45.16
N LEU B 989 27.95 -68.68 45.24
CA LEU B 989 27.32 -67.60 45.99
C LEU B 989 27.50 -67.75 47.49
N LEU B 990 27.41 -68.98 48.00
CA LEU B 990 27.68 -69.20 49.41
C LEU B 990 29.10 -68.81 49.77
N ASP B 991 30.05 -68.95 48.85
CA ASP B 991 31.43 -68.69 49.21
C ASP B 991 31.86 -67.25 48.94
N ARG B 992 31.25 -66.56 47.98
CA ARG B 992 31.68 -65.21 47.66
C ARG B 992 30.65 -64.13 47.95
N GLY B 993 29.36 -64.43 47.83
CA GLY B 993 28.30 -63.52 48.20
C GLY B 993 28.04 -62.41 47.21
N THR B 994 28.86 -62.28 46.17
CA THR B 994 28.63 -61.28 45.13
C THR B 994 29.48 -61.65 43.94
N ILE B 995 28.84 -61.94 42.80
CA ILE B 995 29.57 -62.36 41.58
C ILE B 995 29.08 -61.46 40.45
N THR B 996 29.84 -61.36 39.36
CA THR B 996 29.46 -60.50 38.23
C THR B 996 28.88 -61.34 37.15
N GLY B 997 28.37 -60.72 36.09
CA GLY B 997 27.76 -61.46 34.98
C GLY B 997 28.82 -62.27 34.26
N LYS B 998 30.00 -61.71 34.07
CA LYS B 998 31.12 -62.45 33.44
C LYS B 998 31.34 -63.79 34.16
N GLU B 999 31.43 -63.78 35.49
CA GLU B 999 31.73 -65.04 36.21
C GLU B 999 30.52 -65.96 36.20
N VAL B 1000 29.29 -65.44 36.20
CA VAL B 1000 28.12 -66.30 36.08
C VAL B 1000 28.22 -67.12 34.80
N ALA B 1001 28.52 -66.45 33.69
CA ALA B 1001 28.71 -67.16 32.43
C ALA B 1001 29.79 -68.22 32.55
N HIS B 1002 30.91 -67.89 33.19
CA HIS B 1002 32.03 -68.84 33.26
C HIS B 1002 31.67 -70.06 34.08
N ILE B 1003 31.06 -69.85 35.25
CA ILE B 1003 30.68 -70.96 36.11
C ILE B 1003 29.62 -71.83 35.44
N LEU B 1004 28.70 -71.20 34.71
CA LEU B 1004 27.64 -71.98 34.09
C LEU B 1004 28.16 -72.77 32.91
N GLU B 1005 29.09 -72.22 32.13
CA GLU B 1005 29.60 -72.97 30.99
C GLU B 1005 30.54 -74.08 31.41
N SER B 1006 31.33 -73.89 32.47
CA SER B 1006 32.22 -74.96 32.88
C SER B 1006 31.49 -76.13 33.52
N ASN B 1007 30.16 -76.13 33.58
CA ASN B 1007 29.42 -77.19 34.27
C ASN B 1007 28.35 -77.82 33.38
N GLY B 1008 28.32 -77.47 32.11
CA GLY B 1008 27.41 -78.14 31.19
C GLY B 1008 26.01 -77.59 31.19
N VAL B 1009 25.88 -76.28 31.12
CA VAL B 1009 24.58 -75.65 31.08
C VAL B 1009 23.91 -75.98 29.75
N ILE B 1010 22.60 -76.13 29.78
CA ILE B 1010 21.80 -76.57 28.63
C ILE B 1010 20.80 -75.48 28.30
N HIS B 1011 21.02 -74.80 27.18
CA HIS B 1011 20.17 -73.69 26.82
C HIS B 1011 18.80 -74.15 26.34
N PHE B 1012 17.84 -73.24 26.40
CA PHE B 1012 16.52 -73.51 25.87
C PHE B 1012 16.53 -73.38 24.35
N PRO B 1013 15.79 -74.21 23.64
CA PRO B 1013 15.72 -74.07 22.18
C PRO B 1013 14.99 -72.79 21.79
N ASP B 1014 15.35 -72.28 20.62
CA ASP B 1014 14.64 -71.15 20.02
C ASP B 1014 14.02 -71.61 18.71
N PRO B 1015 12.69 -71.70 18.60
CA PRO B 1015 12.11 -72.31 17.40
C PRO B 1015 12.04 -71.37 16.22
N TYR B 1016 12.26 -70.07 16.41
CA TYR B 1016 12.14 -69.11 15.33
C TYR B 1016 13.50 -68.65 14.82
N THR B 1017 14.50 -69.52 14.87
CA THR B 1017 15.81 -69.24 14.28
C THR B 1017 16.30 -70.40 13.43
N THR B 1018 15.61 -71.52 13.43
CA THR B 1018 16.00 -72.69 12.67
C THR B 1018 15.33 -72.66 11.31
N GLY B 1019 15.81 -73.51 10.41
CA GLY B 1019 15.25 -73.58 9.08
C GLY B 1019 13.99 -74.41 9.00
N PHE B 1020 14.11 -75.68 9.36
CA PHE B 1020 13.05 -76.68 9.29
C PHE B 1020 12.65 -77.01 7.85
N GLY B 1021 13.22 -76.33 6.86
CA GLY B 1021 12.91 -76.61 5.48
C GLY B 1021 13.68 -77.81 4.95
N TRP B 1022 13.97 -77.76 3.65
CA TRP B 1022 14.81 -78.73 2.98
C TRP B 1022 15.49 -78.03 1.82
N ASP B 1023 16.81 -78.06 1.80
CA ASP B 1023 17.47 -77.55 0.62
C ASP B 1023 18.49 -78.57 0.13
N PRO B 1024 18.75 -78.59 -1.18
CA PRO B 1024 19.69 -79.59 -1.72
C PRO B 1024 21.12 -79.41 -1.27
N ASP B 1025 21.43 -78.43 -0.42
CA ASP B 1025 22.76 -78.25 0.12
C ASP B 1025 22.82 -78.62 1.61
N GLY B 1026 21.98 -79.55 2.05
CA GLY B 1026 21.96 -79.97 3.43
C GLY B 1026 21.47 -78.90 4.37
N HIS B 1085 -8.10 -88.89 17.25
CA HIS B 1085 -9.14 -88.23 18.03
C HIS B 1085 -8.55 -87.73 19.34
N GLY B 1086 -9.29 -87.88 20.43
CA GLY B 1086 -8.87 -87.34 21.71
C GLY B 1086 -9.32 -85.91 21.87
N TRP B 1087 -8.57 -85.11 22.60
CA TRP B 1087 -8.94 -83.71 22.71
C TRP B 1087 -8.78 -83.00 21.37
N HIS B 1088 -9.33 -81.79 21.31
CA HIS B 1088 -9.05 -80.85 20.25
C HIS B 1088 -8.78 -79.51 20.92
N TRP B 1089 -7.88 -78.72 20.33
CA TRP B 1089 -7.52 -77.50 21.02
C TRP B 1089 -8.62 -76.46 21.03
N ASN B 1090 -9.78 -76.74 20.43
CA ASN B 1090 -10.81 -75.74 20.19
C ASN B 1090 -12.16 -76.25 20.66
N MET B 1091 -12.18 -76.96 21.75
CA MET B 1091 -13.45 -77.48 22.18
C MET B 1091 -14.32 -76.37 22.75
N PRO B 1092 -15.64 -76.44 22.56
CA PRO B 1092 -16.53 -75.44 23.15
C PRO B 1092 -16.65 -75.63 24.65
N PHE B 1093 -16.82 -74.52 25.36
CA PHE B 1093 -16.83 -74.49 26.82
C PHE B 1093 -18.20 -74.03 27.30
N SER B 1094 -18.39 -74.06 28.61
CA SER B 1094 -19.62 -73.56 29.22
C SER B 1094 -19.35 -73.22 30.68
N VAL B 1095 -20.16 -72.30 31.19
CA VAL B 1095 -20.11 -71.88 32.59
C VAL B 1095 -21.38 -72.33 33.26
N LYS B 1096 -21.27 -72.88 34.46
CA LYS B 1096 -22.43 -73.39 35.18
C LYS B 1096 -22.80 -72.42 36.30
N THR B 1097 -24.07 -72.03 36.35
CA THR B 1097 -24.60 -71.12 37.35
C THR B 1097 -25.95 -71.63 37.83
N GLU B 1098 -26.41 -71.09 38.95
CA GLU B 1098 -27.66 -71.55 39.56
C GLU B 1098 -28.45 -70.34 40.07
N LEU B 1099 -29.28 -69.80 39.24
CA LEU B 1099 -29.97 -68.66 39.82
C LEU B 1099 -31.29 -69.10 40.46
N PRO B 1100 -31.74 -68.40 41.49
CA PRO B 1100 -33.03 -68.72 42.10
C PRO B 1100 -34.18 -68.20 41.25
N ASP B 1101 -35.39 -68.36 41.77
CA ASP B 1101 -36.56 -68.01 40.97
C ASP B 1101 -36.92 -66.53 41.08
N TRP B 1102 -36.81 -65.94 42.27
CA TRP B 1102 -37.03 -64.51 42.39
C TRP B 1102 -36.06 -63.74 41.52
N TYR B 1103 -34.85 -64.26 41.34
CA TYR B 1103 -33.87 -63.59 40.51
C TYR B 1103 -34.23 -63.66 39.04
N LYS B 1104 -34.75 -64.80 38.59
CA LYS B 1104 -35.20 -64.90 37.22
C LYS B 1104 -36.41 -64.00 36.98
N LYS B 1105 -37.31 -63.90 37.94
CA LYS B 1105 -38.41 -62.95 37.83
C LYS B 1105 -37.91 -61.53 37.65
N GLU B 1106 -37.01 -61.04 38.44
CA GLU B 1106 -36.59 -59.62 38.34
C GLU B 1106 -35.81 -59.33 37.06
N VAL B 1107 -35.32 -60.35 36.38
CA VAL B 1107 -34.54 -60.16 35.13
C VAL B 1107 -35.52 -60.08 33.96
N GLU B 1108 -36.60 -60.83 33.99
CA GLU B 1108 -37.67 -60.72 32.97
C GLU B 1108 -38.36 -59.36 33.09
N ARG B 1109 -38.55 -58.85 34.30
CA ARG B 1109 -39.15 -57.51 34.47
C ARG B 1109 -38.31 -56.49 33.73
N TYR B 1110 -36.99 -56.63 33.73
CA TYR B 1110 -36.25 -55.58 33.06
C TYR B 1110 -35.78 -55.97 31.69
N SER B 1111 -36.24 -57.10 31.15
CA SER B 1111 -35.82 -57.58 29.84
C SER B 1111 -36.82 -57.23 28.76
N TYR B 1112 -37.45 -56.07 28.86
CA TYR B 1112 -38.48 -55.69 27.90
C TYR B 1112 -38.43 -54.22 27.56
N SER C 362 8.31 2.64 -60.65
CA SER C 362 7.07 2.94 -61.35
C SER C 362 5.87 2.70 -60.45
N VAL C 363 4.68 3.05 -60.95
CA VAL C 363 3.44 2.79 -60.20
C VAL C 363 2.93 1.38 -60.41
N LYS C 364 3.56 0.59 -61.29
CA LYS C 364 3.17 -0.78 -61.51
C LYS C 364 4.08 -1.78 -60.80
N THR C 365 5.18 -1.32 -60.21
CA THR C 365 6.14 -2.20 -59.54
C THR C 365 6.35 -1.73 -58.10
N ALA C 366 5.26 -1.47 -57.39
CA ALA C 366 5.34 -0.99 -56.03
C ALA C 366 4.05 -1.32 -55.31
N TRP C 367 4.10 -1.26 -53.99
CA TRP C 367 2.94 -1.50 -53.14
C TRP C 367 2.35 -0.18 -52.65
N ARG C 368 1.02 -0.11 -52.61
CA ARG C 368 0.35 1.05 -52.06
C ARG C 368 0.60 1.13 -50.56
N THR C 369 1.17 2.24 -50.11
CA THR C 369 1.53 2.43 -48.69
C THR C 369 1.20 3.86 -48.26
N GLN C 370 0.00 4.05 -47.70
CA GLN C 370 -0.33 5.17 -46.81
C GLN C 370 0.21 6.50 -47.35
N GLU C 371 -0.36 6.91 -48.48
CA GLU C 371 0.13 8.02 -49.31
C GLU C 371 0.68 9.20 -48.50
N VAL C 372 1.86 9.68 -48.90
CA VAL C 372 2.58 10.74 -48.18
C VAL C 372 2.78 11.93 -49.10
N LEU C 373 3.33 13.01 -48.55
CA LEU C 373 3.54 14.25 -49.29
C LEU C 373 4.80 14.12 -50.15
N ARG C 374 4.63 14.23 -51.46
CA ARG C 374 5.78 14.26 -52.36
C ARG C 374 6.62 15.51 -52.10
N GLU C 375 7.73 15.64 -52.83
CA GLU C 375 8.64 16.76 -52.66
C GLU C 375 9.03 17.32 -54.02
N LEU C 376 8.86 18.63 -54.20
CA LEU C 376 9.27 19.34 -55.39
C LEU C 376 10.24 20.46 -55.02
N SER C 377 11.24 20.70 -55.87
CA SER C 377 12.24 21.67 -55.46
C SER C 377 11.84 23.12 -55.74
N TYR C 378 11.89 23.56 -57.01
CA TYR C 378 11.40 24.90 -57.31
C TYR C 378 10.75 25.02 -58.68
N THR C 379 11.19 24.23 -59.64
CA THR C 379 10.87 24.45 -61.05
C THR C 379 9.85 23.47 -61.58
N GLN C 380 9.93 22.22 -61.15
CA GLN C 380 8.80 21.31 -61.31
C GLN C 380 7.52 21.96 -60.83
N LEU C 381 7.58 22.69 -59.70
CA LEU C 381 6.43 23.47 -59.27
C LEU C 381 6.21 24.67 -60.19
N TRP C 382 7.29 25.30 -60.64
CA TRP C 382 7.15 26.39 -61.60
C TRP C 382 6.48 25.90 -62.88
N ALA C 383 6.97 24.80 -63.43
CA ALA C 383 6.38 24.26 -64.65
C ALA C 383 4.93 23.83 -64.40
N LEU C 384 4.65 23.31 -63.20
CA LEU C 384 3.30 22.84 -62.91
C LEU C 384 2.33 24.00 -62.82
N VAL C 385 2.72 25.09 -62.16
CA VAL C 385 1.84 26.25 -62.07
C VAL C 385 1.73 26.92 -63.43
N GLY C 386 2.76 26.78 -64.28
CA GLY C 386 2.66 27.32 -65.63
C GLY C 386 1.68 26.55 -66.49
N GLU C 387 1.73 25.21 -66.40
CA GLU C 387 0.88 24.39 -67.25
C GLU C 387 -0.58 24.40 -66.82
N GLY C 388 -0.92 25.05 -65.72
CA GLY C 388 -2.29 25.18 -65.31
C GLY C 388 -2.88 23.98 -64.59
N HIS C 389 -2.05 23.19 -63.91
CA HIS C 389 -2.52 21.99 -63.23
C HIS C 389 -2.55 22.11 -61.72
N VAL C 390 -1.79 23.04 -61.14
CA VAL C 390 -1.84 23.26 -59.70
C VAL C 390 -3.17 23.92 -59.35
N ALA C 391 -3.81 23.41 -58.31
CA ALA C 391 -5.15 23.86 -57.93
C ALA C 391 -5.19 24.68 -56.66
N ARG C 392 -4.31 24.42 -55.71
CA ARG C 392 -4.31 25.18 -54.47
C ARG C 392 -2.95 25.09 -53.83
N VAL C 393 -2.63 26.08 -53.00
CA VAL C 393 -1.36 26.12 -52.30
C VAL C 393 -1.60 26.74 -50.92
N ARG C 394 -0.88 26.24 -49.92
CA ARG C 394 -0.94 26.79 -48.57
C ARG C 394 0.47 27.15 -48.14
N PHE C 395 0.61 28.29 -47.48
CA PHE C 395 1.90 28.68 -46.91
C PHE C 395 1.97 28.28 -45.45
N TYR C 396 3.16 27.86 -45.03
CA TYR C 396 3.40 27.48 -43.65
C TYR C 396 4.91 27.53 -43.43
N GLY C 397 5.29 27.32 -42.17
CA GLY C 397 6.66 27.44 -41.74
C GLY C 397 6.82 28.64 -40.82
N PRO C 398 7.74 28.52 -39.85
CA PRO C 398 8.05 29.69 -39.01
C PRO C 398 8.70 30.82 -39.79
N GLU C 399 9.13 30.56 -41.03
CA GLU C 399 9.84 31.55 -41.84
C GLU C 399 9.08 31.88 -43.11
N LYS C 400 7.80 31.51 -43.18
CA LYS C 400 6.87 32.00 -44.20
C LYS C 400 7.35 31.70 -45.61
N ASN C 401 7.95 30.53 -45.82
CA ASN C 401 8.43 30.18 -47.15
C ASN C 401 8.24 28.72 -47.52
N LYS C 402 7.54 27.92 -46.71
CA LYS C 402 7.25 26.54 -47.08
C LYS C 402 5.85 26.48 -47.65
N VAL C 403 5.67 25.71 -48.72
CA VAL C 403 4.36 25.61 -49.35
C VAL C 403 3.96 24.15 -49.45
N MET C 404 2.69 23.90 -49.19
CA MET C 404 2.05 22.61 -49.48
C MET C 404 1.13 22.84 -50.67
N ALA C 405 1.39 22.16 -51.78
CA ALA C 405 0.67 22.40 -53.02
C ALA C 405 -0.14 21.18 -53.41
N THR C 406 -1.44 21.40 -53.64
CA THR C 406 -2.35 20.36 -54.08
C THR C 406 -2.70 20.61 -55.54
N THR C 407 -2.48 19.59 -56.37
CA THR C 407 -2.79 19.67 -57.78
C THR C 407 -4.24 19.23 -58.02
N ARG C 408 -4.70 19.36 -59.25
CA ARG C 408 -6.07 19.03 -59.60
C ARG C 408 -6.11 17.74 -60.41
N ALA C 409 -7.34 17.32 -60.74
CA ALA C 409 -7.56 15.98 -61.24
C ALA C 409 -6.85 15.72 -62.56
N SER C 410 -7.07 16.58 -63.55
CA SER C 410 -6.60 16.34 -64.91
C SER C 410 -5.08 16.26 -65.01
N ALA C 411 -4.35 16.77 -64.03
CA ALA C 411 -2.89 16.78 -64.03
C ALA C 411 -2.34 15.37 -64.20
N PRO C 412 -1.14 15.23 -64.75
CA PRO C 412 -0.52 13.90 -64.85
C PRO C 412 -0.20 13.32 -63.50
N GLY C 413 -0.95 12.29 -63.10
CA GLY C 413 -0.83 11.68 -61.79
C GLY C 413 -2.03 11.86 -60.90
N GLY C 414 -3.00 12.69 -61.30
CA GLY C 414 -4.18 12.92 -60.49
C GLY C 414 -3.93 13.90 -59.36
N GLU C 415 -4.92 13.97 -58.47
CA GLU C 415 -4.82 14.86 -57.31
C GLU C 415 -3.82 14.28 -56.32
N ARG C 416 -2.80 15.05 -55.97
CA ARG C 416 -1.81 14.65 -54.99
C ARG C 416 -1.34 15.88 -54.23
N LEU C 417 -0.45 15.64 -53.26
CA LEU C 417 0.05 16.70 -52.39
C LEU C 417 1.57 16.71 -52.46
N CYS C 418 2.13 17.86 -52.81
CA CYS C 418 3.56 18.04 -52.85
C CYS C 418 3.99 19.08 -51.82
N LYS C 419 5.26 19.01 -51.44
CA LYS C 419 5.88 19.94 -50.51
C LYS C 419 7.00 20.67 -51.23
N VAL C 420 6.98 21.99 -51.19
CA VAL C 420 7.99 22.78 -51.95
C VAL C 420 8.55 23.87 -51.04
N VAL C 421 9.84 24.15 -51.13
CA VAL C 421 10.40 25.30 -50.37
C VAL C 421 10.61 26.41 -51.41
N LEU C 422 9.92 27.54 -51.28
CA LEU C 422 9.99 28.58 -52.33
C LEU C 422 11.11 29.57 -52.01
N PRO C 423 12.24 29.56 -52.74
CA PRO C 423 13.29 30.53 -52.51
C PRO C 423 12.75 31.93 -52.77
N PRO C 424 13.07 32.92 -51.94
CA PRO C 424 12.51 34.26 -52.08
C PRO C 424 12.64 34.88 -53.46
N ASP C 425 11.61 34.74 -54.30
CA ASP C 425 11.61 35.42 -55.62
C ASP C 425 10.31 36.22 -55.71
N PRO C 426 10.34 37.53 -56.04
CA PRO C 426 9.12 38.36 -55.99
C PRO C 426 8.14 38.13 -57.13
N GLU C 427 8.57 37.65 -58.30
CA GLU C 427 7.61 37.46 -59.38
C GLU C 427 6.84 36.15 -59.27
N LEU C 428 6.74 35.57 -58.08
CA LEU C 428 5.94 34.37 -57.91
C LEU C 428 4.47 34.69 -57.79
N LEU C 429 4.15 35.79 -57.10
CA LEU C 429 2.74 36.10 -56.80
C LEU C 429 1.92 36.26 -58.07
N ASP C 430 2.40 37.09 -59.01
CA ASP C 430 1.70 37.25 -60.27
C ASP C 430 1.63 35.93 -61.03
N HIS C 431 2.69 35.12 -60.92
CA HIS C 431 2.71 33.84 -61.60
C HIS C 431 1.57 32.94 -61.13
N LEU C 432 1.41 32.81 -59.81
CA LEU C 432 0.32 31.99 -59.29
C LEU C 432 -1.03 32.60 -59.61
N VAL C 433 -1.20 33.90 -59.36
CA VAL C 433 -2.53 34.48 -59.53
C VAL C 433 -2.94 34.49 -61.00
N SER C 434 -1.96 34.48 -61.91
CA SER C 434 -2.27 34.50 -63.33
C SER C 434 -2.97 33.20 -63.76
N ASN C 435 -2.47 32.07 -63.29
CA ASN C 435 -2.96 30.76 -63.72
C ASN C 435 -4.09 30.24 -62.85
N GLY C 436 -4.80 31.11 -62.15
CA GLY C 436 -5.98 30.73 -61.41
C GLY C 436 -5.73 29.99 -60.10
N VAL C 437 -4.48 29.86 -59.67
CA VAL C 437 -4.19 29.22 -58.40
C VAL C 437 -4.82 30.02 -57.28
N VAL C 438 -5.45 29.32 -56.34
CA VAL C 438 -6.17 29.94 -55.24
C VAL C 438 -5.36 29.72 -53.97
N VAL C 439 -4.67 30.76 -53.51
CA VAL C 439 -3.85 30.66 -52.31
C VAL C 439 -4.75 30.69 -51.09
N ASP C 440 -4.42 29.89 -50.09
CA ASP C 440 -5.33 29.68 -48.98
C ASP C 440 -4.57 29.72 -47.67
N THR C 441 -5.35 29.68 -46.58
CA THR C 441 -4.85 29.59 -45.22
C THR C 441 -5.65 28.52 -44.50
N GLY C 442 -5.41 28.38 -43.20
CA GLY C 442 -6.17 27.42 -42.42
C GLY C 442 -6.82 28.03 -41.19
N VAL C 443 -7.28 29.27 -41.31
CA VAL C 443 -7.80 29.98 -40.15
C VAL C 443 -9.23 30.43 -40.41
N THR C 444 -10.00 29.63 -41.15
CA THR C 444 -11.40 29.93 -41.41
C THR C 444 -12.15 30.28 -40.13
N GLU C 445 -13.22 31.08 -40.26
CA GLU C 445 -13.83 31.74 -39.10
C GLU C 445 -14.20 30.76 -37.99
N ASP C 446 -14.47 29.50 -38.32
CA ASP C 446 -14.91 28.57 -37.30
C ASP C 446 -13.86 28.36 -36.22
N ASP C 447 -12.59 28.19 -36.61
CA ASP C 447 -11.57 27.94 -35.60
C ASP C 447 -11.30 29.19 -34.77
N ARG C 448 -11.49 30.37 -35.37
CA ARG C 448 -11.38 31.60 -34.60
C ARG C 448 -12.49 31.68 -33.56
N LEU C 449 -13.71 31.34 -33.95
CA LEU C 449 -14.81 31.34 -32.98
C LEU C 449 -14.58 30.31 -31.88
N ARG C 450 -14.02 29.16 -32.24
CA ARG C 450 -13.74 28.14 -31.22
C ARG C 450 -12.63 28.60 -30.28
N ALA C 451 -11.65 29.34 -30.80
CA ALA C 451 -10.61 29.88 -29.94
C ALA C 451 -11.17 30.90 -28.97
N SER C 452 -12.08 31.76 -29.44
CA SER C 452 -12.71 32.72 -28.53
C SER C 452 -13.55 32.01 -27.48
N LEU C 453 -14.23 30.92 -27.87
CA LEU C 453 -14.97 30.12 -26.90
C LEU C 453 -14.05 29.54 -25.83
N LEU C 454 -12.89 29.03 -26.25
CA LEU C 454 -11.92 28.51 -25.29
C LEU C 454 -11.45 29.60 -24.34
N VAL C 455 -11.18 30.80 -24.87
CA VAL C 455 -10.74 31.90 -24.03
C VAL C 455 -11.81 32.25 -23.01
N GLN C 456 -13.08 32.21 -23.41
CA GLN C 456 -14.16 32.50 -22.48
C GLN C 456 -14.22 31.46 -21.36
N MET C 457 -14.09 30.19 -21.71
CA MET C 457 -14.05 29.15 -20.68
C MET C 457 -12.88 29.37 -19.72
N LEU C 458 -11.74 29.77 -20.26
CA LEU C 458 -10.59 30.07 -19.41
C LEU C 458 -10.87 31.24 -18.49
N ARG C 459 -11.64 32.23 -18.96
CA ARG C 459 -11.99 33.33 -18.09
C ARG C 459 -12.89 32.87 -16.95
N TYR C 460 -13.80 31.94 -17.23
CA TYR C 460 -14.75 31.49 -16.21
C TYR C 460 -14.18 30.45 -15.25
N THR C 461 -13.08 29.80 -15.59
CA THR C 461 -12.68 28.60 -14.85
C THR C 461 -12.34 28.88 -13.39
N VAL C 462 -11.92 30.09 -13.04
CA VAL C 462 -11.43 30.35 -11.68
C VAL C 462 -12.58 30.57 -10.69
N PRO C 463 -13.59 31.41 -10.96
CA PRO C 463 -14.67 31.55 -9.98
C PRO C 463 -15.46 30.27 -9.79
N PHE C 464 -15.66 29.49 -10.84
CA PHE C 464 -16.38 28.24 -10.69
C PHE C 464 -15.62 27.27 -9.81
N MET C 465 -14.30 27.22 -9.95
CA MET C 465 -13.51 26.35 -9.08
C MET C 465 -13.54 26.85 -7.66
N VAL C 466 -13.61 28.17 -7.46
CA VAL C 466 -13.73 28.72 -6.11
C VAL C 466 -15.04 28.28 -5.47
N ILE C 467 -16.16 28.47 -6.18
CA ILE C 467 -17.45 28.12 -5.59
C ILE C 467 -17.56 26.62 -5.37
N SER C 468 -16.94 25.82 -6.25
CA SER C 468 -16.99 24.37 -6.06
C SER C 468 -16.17 23.96 -4.83
N GLY C 469 -14.98 24.54 -4.67
CA GLY C 469 -14.22 24.28 -3.46
C GLY C 469 -14.98 24.65 -2.20
N LEU C 470 -15.68 25.78 -2.23
CA LEU C 470 -16.48 26.18 -1.08
C LEU C 470 -17.59 25.17 -0.79
N PHE C 471 -18.38 24.83 -1.82
CA PHE C 471 -19.46 23.88 -1.64
C PHE C 471 -18.96 22.56 -1.08
N TRP C 472 -17.79 22.11 -1.53
CA TRP C 472 -17.34 20.81 -1.09
C TRP C 472 -16.71 20.87 0.30
N MET C 473 -16.11 22.01 0.67
CA MET C 473 -15.72 22.18 2.07
C MET C 473 -16.92 22.08 2.98
N ILE C 474 -18.01 22.73 2.60
CA ILE C 474 -19.21 22.71 3.44
C ILE C 474 -19.82 21.31 3.48
N HIS C 475 -19.95 20.66 2.31
CA HIS C 475 -20.56 19.34 2.26
C HIS C 475 -19.73 18.31 3.00
N THR C 476 -18.40 18.45 2.96
CA THR C 476 -17.55 17.54 3.71
C THR C 476 -17.65 17.82 5.20
N TRP C 477 -17.92 19.07 5.58
CA TRP C 477 -17.97 19.39 6.99
C TRP C 477 -19.27 18.92 7.63
N ILE C 478 -20.40 19.46 7.19
CA ILE C 478 -21.66 19.35 7.92
C ILE C 478 -22.66 18.45 7.21
N LEU C 479 -22.94 18.71 5.94
CA LEU C 479 -24.01 17.99 5.25
C LEU C 479 -23.69 16.52 5.01
N ASP C 480 -22.47 16.06 5.33
CA ASP C 480 -22.13 14.66 5.17
C ASP C 480 -20.90 14.33 5.99
N PRO C 481 -20.99 14.35 7.32
CA PRO C 481 -19.81 14.06 8.15
C PRO C 481 -19.59 12.57 8.36
N LEU C 482 -18.64 12.23 9.21
CA LEU C 482 -18.41 10.83 9.55
C LEU C 482 -19.45 10.36 10.55
N PRO C 483 -19.72 9.05 10.59
CA PRO C 483 -20.97 8.58 11.24
C PRO C 483 -21.00 8.73 12.75
N ASN C 484 -19.85 8.79 13.42
CA ASN C 484 -19.84 8.74 14.88
C ASN C 484 -19.35 10.05 15.48
N LYS C 485 -19.87 11.18 15.00
CA LYS C 485 -19.30 12.47 15.40
C LYS C 485 -19.56 12.78 16.87
N PHE C 486 -20.72 12.41 17.39
CA PHE C 486 -21.01 12.67 18.80
C PHE C 486 -20.07 11.91 19.70
N ARG C 487 -19.81 10.64 19.38
CA ARG C 487 -18.83 9.85 20.13
C ARG C 487 -17.46 10.53 20.11
N ARG C 488 -17.06 11.04 18.95
CA ARG C 488 -15.74 11.67 18.83
C ARG C 488 -15.67 12.94 19.68
N GLN C 489 -16.71 13.78 19.59
CA GLN C 489 -16.76 14.98 20.41
C GLN C 489 -16.67 14.66 21.89
N GLU C 490 -17.47 13.69 22.36
CA GLU C 490 -17.47 13.39 23.78
C GLU C 490 -16.15 12.76 24.22
N PHE C 491 -15.53 11.96 23.35
CA PHE C 491 -14.23 11.39 23.68
C PHE C 491 -13.18 12.48 23.82
N ILE C 492 -13.18 13.45 22.90
CA ILE C 492 -12.25 14.57 23.00
C ILE C 492 -12.47 15.34 24.30
N ARG C 493 -13.74 15.66 24.57
CA ARG C 493 -14.10 16.37 25.79
C ARG C 493 -13.58 15.64 27.03
N TYR C 494 -13.93 14.36 27.16
CA TYR C 494 -13.60 13.64 28.38
C TYR C 494 -12.09 13.40 28.50
N ARG C 495 -11.40 13.16 27.38
CA ARG C 495 -9.98 12.91 27.50
C ARG C 495 -9.21 14.18 27.84
N ARG C 496 -9.58 15.33 27.26
CA ARG C 496 -8.96 16.57 27.68
C ARG C 496 -9.28 16.86 29.15
N GLU C 497 -10.51 16.54 29.58
CA GLU C 497 -10.88 16.80 30.96
C GLU C 497 -10.10 15.93 31.94
N MET C 498 -9.87 14.66 31.60
CA MET C 498 -9.17 13.76 32.50
C MET C 498 -7.64 13.86 32.37
N LEU C 499 -7.13 14.37 31.24
CA LEU C 499 -5.71 14.67 31.14
C LEU C 499 -5.38 16.00 31.81
N HIS C 500 -6.36 16.89 31.94
CA HIS C 500 -6.21 18.10 32.74
C HIS C 500 -6.06 17.82 34.23
N VAL C 501 -6.17 16.56 34.65
CA VAL C 501 -6.02 16.20 36.05
C VAL C 501 -4.60 16.44 36.52
N THR C 509 -19.39 14.42 34.00
CA THR C 509 -20.63 14.15 34.70
C THR C 509 -21.47 13.12 33.95
N PRO C 510 -22.18 12.26 34.69
CA PRO C 510 -23.08 11.29 34.05
C PRO C 510 -24.48 11.81 33.79
N ALA C 511 -24.73 13.11 33.92
CA ALA C 511 -26.06 13.67 33.76
C ALA C 511 -26.40 13.68 32.28
N ARG C 512 -26.81 12.52 31.77
CA ARG C 512 -27.15 12.36 30.36
C ARG C 512 -28.67 12.44 30.22
N GLU C 513 -29.21 13.61 30.57
CA GLU C 513 -30.65 13.81 30.46
C GLU C 513 -31.11 13.72 29.02
N VAL C 514 -32.36 13.34 28.82
CA VAL C 514 -32.96 13.21 27.50
C VAL C 514 -34.22 14.05 27.47
N ARG C 515 -34.48 14.70 26.35
CA ARG C 515 -35.70 15.47 26.18
C ARG C 515 -36.81 14.59 25.64
N ILE C 516 -37.98 14.73 26.23
CA ILE C 516 -39.14 13.87 25.93
C ILE C 516 -39.88 14.47 24.75
N ASP C 517 -39.61 13.94 23.56
CA ASP C 517 -40.35 14.31 22.36
C ASP C 517 -41.73 13.67 22.41
N THR C 518 -42.71 14.39 21.85
CA THR C 518 -44.10 13.97 21.92
C THR C 518 -44.72 13.81 20.54
N GLY C 519 -44.10 14.43 19.54
CA GLY C 519 -44.64 14.37 18.18
C GLY C 519 -44.38 13.07 17.47
N SER C 520 -43.44 12.26 17.97
CA SER C 520 -43.11 11.01 17.31
C SER C 520 -44.27 10.02 17.41
N PRO C 521 -44.39 9.10 16.44
CA PRO C 521 -45.39 8.04 16.56
C PRO C 521 -45.13 7.09 17.72
N ASP C 522 -43.88 6.95 18.16
CA ASP C 522 -43.60 6.18 19.36
C ASP C 522 -43.80 7.00 20.63
N PHE C 523 -44.59 8.08 20.56
CA PHE C 523 -44.86 8.89 21.74
C PHE C 523 -45.47 8.03 22.84
N ILE C 524 -45.03 8.29 24.07
CA ILE C 524 -45.42 7.47 25.21
C ILE C 524 -46.76 7.98 25.75
N LYS C 525 -47.80 7.15 25.61
CA LYS C 525 -49.11 7.55 26.09
C LYS C 525 -49.27 7.17 27.56
N TRP C 526 -50.15 7.90 28.24
CA TRP C 526 -50.33 7.74 29.68
C TRP C 526 -50.91 6.37 30.02
N ASP C 527 -51.88 5.91 29.24
CA ASP C 527 -52.56 4.64 29.49
C ASP C 527 -52.40 3.67 28.32
N ASP C 528 -51.35 3.85 27.52
CA ASP C 528 -50.98 2.83 26.55
C ASP C 528 -50.58 1.53 27.25
N ILE C 529 -50.23 1.62 28.53
CA ILE C 529 -49.70 0.47 29.24
C ILE C 529 -50.81 -0.56 29.43
N ASN C 530 -50.41 -1.80 29.72
CA ASN C 530 -51.33 -2.91 29.90
C ASN C 530 -51.04 -3.63 31.22
N GLY C 531 -52.06 -4.33 31.72
CA GLY C 531 -51.93 -5.04 32.98
C GLY C 531 -51.48 -4.17 34.12
N ILE C 532 -52.00 -2.95 34.22
CA ILE C 532 -51.47 -1.95 35.13
C ILE C 532 -52.53 -1.43 36.08
N ASP C 533 -53.46 -2.29 36.48
CA ASP C 533 -54.64 -1.82 37.22
C ASP C 533 -54.26 -1.10 38.50
N GLU C 534 -53.73 -1.83 39.48
CA GLU C 534 -53.48 -1.23 40.78
C GLU C 534 -52.32 -0.25 40.71
N VAL C 535 -51.33 -0.54 39.87
CA VAL C 535 -50.18 0.35 39.79
C VAL C 535 -50.59 1.70 39.23
N LYS C 536 -51.55 1.74 38.28
CA LYS C 536 -52.00 3.02 37.76
C LYS C 536 -52.94 3.72 38.73
N LYS C 537 -53.86 2.96 39.33
CA LYS C 537 -54.73 3.54 40.34
C LYS C 537 -53.95 4.06 41.54
N GLU C 538 -52.68 3.69 41.65
CA GLU C 538 -51.81 4.30 42.65
C GLU C 538 -50.99 5.46 42.07
N ILE C 539 -50.45 5.32 40.86
CA ILE C 539 -49.56 6.35 40.33
C ILE C 539 -50.32 7.58 39.84
N ASN C 540 -51.65 7.55 39.85
CA ASN C 540 -52.36 8.82 39.73
C ASN C 540 -51.88 9.81 40.80
N GLU C 541 -51.46 9.29 41.96
CA GLU C 541 -50.93 10.14 43.02
C GLU C 541 -49.66 10.86 42.59
N ILE C 542 -48.69 10.12 42.04
CA ILE C 542 -47.45 10.77 41.62
C ILE C 542 -47.72 11.69 40.44
N ILE C 543 -48.71 11.36 39.60
CA ILE C 543 -49.12 12.27 38.54
C ILE C 543 -49.55 13.61 39.12
N GLU C 544 -50.48 13.58 40.09
CA GLU C 544 -50.93 14.83 40.69
C GLU C 544 -49.83 15.57 41.42
N TYR C 545 -48.94 14.86 42.13
CA TYR C 545 -47.88 15.56 42.85
C TYR C 545 -46.90 16.22 41.89
N LEU C 546 -46.62 15.59 40.75
CA LEU C 546 -45.75 16.21 39.77
C LEU C 546 -46.48 17.26 38.96
N ARG C 547 -47.81 17.31 39.04
CA ARG C 547 -48.55 18.38 38.40
C ARG C 547 -48.39 19.69 39.18
N ASN C 548 -48.82 19.69 40.43
CA ASN C 548 -48.77 20.87 41.29
C ASN C 548 -48.37 20.46 42.70
N PRO C 549 -47.14 20.77 43.12
CA PRO C 549 -46.67 20.26 44.42
C PRO C 549 -47.34 20.91 45.62
N ALA C 550 -47.69 22.19 45.53
CA ALA C 550 -48.22 22.92 46.69
C ALA C 550 -49.57 22.39 47.14
N LEU C 551 -50.31 21.71 46.27
CA LEU C 551 -51.65 21.25 46.64
C LEU C 551 -51.60 20.10 47.63
N LEU C 552 -50.80 19.06 47.34
CA LEU C 552 -50.69 17.91 48.22
C LEU C 552 -49.42 17.88 49.06
N ARG C 553 -48.56 18.89 48.94
CA ARG C 553 -47.41 19.02 49.82
C ARG C 553 -47.83 19.15 51.28
N SER C 554 -48.75 20.07 51.57
CA SER C 554 -49.23 20.30 52.92
C SER C 554 -50.65 19.79 53.15
N ARG C 555 -51.25 19.14 52.15
CA ARG C 555 -52.61 18.62 52.27
C ARG C 555 -52.72 17.53 53.32
N GLY C 556 -51.64 16.79 53.61
CA GLY C 556 -51.68 15.70 54.55
C GLY C 556 -50.90 14.47 54.11
N VAL C 557 -50.76 14.26 52.79
CA VAL C 557 -49.92 13.18 52.31
C VAL C 557 -48.46 13.65 52.31
N ALA C 558 -47.58 12.83 52.88
CA ALA C 558 -46.18 13.17 52.95
C ALA C 558 -45.58 13.31 51.55
N ARG C 559 -44.43 13.97 51.49
CA ARG C 559 -43.80 14.25 50.21
C ARG C 559 -43.33 12.95 49.54
N ILE C 560 -43.61 12.84 48.25
CA ILE C 560 -43.21 11.67 47.47
C ILE C 560 -41.74 11.88 47.10
N GLY C 561 -40.85 11.36 47.94
CA GLY C 561 -39.43 11.59 47.74
C GLY C 561 -38.77 10.61 46.80
N GLY C 562 -39.37 9.44 46.64
CA GLY C 562 -38.81 8.44 45.75
C GLY C 562 -39.76 7.30 45.43
N VAL C 563 -39.75 6.85 44.18
CA VAL C 563 -40.55 5.72 43.74
C VAL C 563 -39.62 4.64 43.21
N LEU C 564 -39.99 3.39 43.47
CA LEU C 564 -39.25 2.24 42.99
C LEU C 564 -40.04 1.52 41.90
N LEU C 565 -39.33 1.08 40.87
CA LEU C 565 -39.91 0.36 39.73
C LEU C 565 -39.37 -1.06 39.76
N ALA C 566 -40.23 -2.02 40.06
CA ALA C 566 -39.86 -3.42 40.12
C ALA C 566 -40.52 -4.18 38.97
N GLY C 567 -39.84 -5.21 38.49
CA GLY C 567 -40.38 -6.02 37.42
C GLY C 567 -39.39 -7.07 37.00
N ALA C 568 -39.66 -7.71 35.89
CA ALA C 568 -38.71 -8.65 35.34
C ALA C 568 -37.60 -7.90 34.62
N PRO C 569 -36.47 -8.56 34.37
CA PRO C 569 -35.43 -7.92 33.54
C PRO C 569 -35.96 -7.58 32.16
N GLY C 570 -35.64 -6.38 31.71
CA GLY C 570 -36.05 -5.96 30.39
C GLY C 570 -37.53 -5.73 30.21
N THR C 571 -38.26 -5.48 31.30
CA THR C 571 -39.69 -5.20 31.22
C THR C 571 -39.99 -3.90 30.49
N GLY C 572 -39.00 -3.04 30.31
CA GLY C 572 -39.23 -1.74 29.71
C GLY C 572 -40.07 -0.85 30.59
N LYS C 573 -39.64 -0.68 31.85
CA LYS C 573 -40.30 0.28 32.73
C LYS C 573 -40.03 1.71 32.31
N THR C 574 -38.86 1.97 31.73
CA THR C 574 -38.50 3.32 31.31
C THR C 574 -39.59 3.92 30.43
N LEU C 575 -40.12 3.14 29.49
CA LEU C 575 -41.24 3.59 28.69
C LEU C 575 -42.32 4.21 29.57
N LEU C 576 -42.85 3.44 30.52
CA LEU C 576 -43.88 3.97 31.41
C LEU C 576 -43.43 5.27 32.07
N ALA C 577 -42.17 5.32 32.53
CA ALA C 577 -41.64 6.55 33.10
C ALA C 577 -41.88 7.73 32.18
N LYS C 578 -41.43 7.61 30.92
CA LYS C 578 -41.66 8.68 29.94
C LYS C 578 -43.09 9.17 29.97
N ALA C 579 -44.06 8.24 30.03
CA ALA C 579 -45.47 8.61 29.98
C ALA C 579 -45.79 9.65 31.05
N ILE C 580 -45.39 9.40 32.30
CA ILE C 580 -45.66 10.38 33.35
C ILE C 580 -44.90 11.67 33.08
N ALA C 581 -43.64 11.55 32.65
CA ALA C 581 -42.87 12.73 32.30
C ALA C 581 -43.49 13.41 31.08
N ALA C 582 -44.28 12.67 30.31
CA ALA C 582 -44.98 13.25 29.18
C ALA C 582 -46.30 13.90 29.58
N GLU C 583 -46.79 13.61 30.79
CA GLU C 583 -48.05 14.19 31.26
C GLU C 583 -47.84 15.21 32.38
N GLY C 584 -46.64 15.28 32.95
CA GLY C 584 -46.36 16.25 33.99
C GLY C 584 -45.61 17.44 33.44
N GLY C 585 -45.33 17.42 32.14
CA GLY C 585 -44.66 18.53 31.48
C GLY C 585 -43.27 18.81 31.99
N VAL C 586 -42.70 17.88 32.73
CA VAL C 586 -41.39 18.07 33.34
C VAL C 586 -40.33 17.36 32.49
N ARG C 587 -39.08 17.64 32.80
CA ARG C 587 -37.95 17.14 32.03
C ARG C 587 -37.38 15.88 32.66
N MET C 588 -36.98 14.93 31.81
CA MET C 588 -36.47 13.65 32.26
C MET C 588 -34.95 13.64 32.29
N PHE C 589 -34.40 13.11 33.37
CA PHE C 589 -32.95 12.97 33.54
C PHE C 589 -32.65 11.48 33.72
N THR C 590 -31.64 10.99 33.02
CA THR C 590 -31.38 9.55 32.94
C THR C 590 -29.89 9.26 33.01
N CYS C 591 -29.53 8.21 33.76
CA CYS C 591 -28.16 7.71 33.84
C CYS C 591 -28.15 6.37 34.56
N SER C 592 -27.16 5.54 34.26
CA SER C 592 -27.05 4.20 34.81
C SER C 592 -26.20 4.22 36.08
N GLY C 593 -26.12 3.06 36.73
CA GLY C 593 -25.43 2.95 38.01
C GLY C 593 -23.91 3.00 37.93
N THR C 594 -23.31 2.02 37.24
CA THR C 594 -21.87 1.81 37.25
C THR C 594 -21.08 2.88 36.49
N ASP C 595 -21.75 3.76 35.73
CA ASP C 595 -21.04 4.93 35.24
C ASP C 595 -20.64 5.86 36.38
N PHE C 596 -21.33 5.76 37.51
CA PHE C 596 -20.87 6.37 38.75
C PHE C 596 -19.65 5.65 39.33
N TYR C 597 -19.52 4.35 39.10
CA TYR C 597 -18.47 3.55 39.72
C TYR C 597 -17.11 3.99 39.18
N ASP C 598 -16.18 4.28 40.10
CA ASP C 598 -14.92 4.90 39.76
C ASP C 598 -13.75 4.08 40.29
N VAL C 599 -12.65 4.06 39.52
CA VAL C 599 -11.38 3.63 40.08
C VAL C 599 -10.72 4.76 40.86
N TYR C 600 -11.24 5.98 40.72
CA TYR C 600 -10.76 7.13 41.46
C TYR C 600 -11.60 7.36 42.71
N SER C 601 -10.99 7.96 43.72
CA SER C 601 -11.65 8.17 45.00
C SER C 601 -12.37 9.51 44.99
N GLY C 602 -13.63 9.51 45.41
CA GLY C 602 -14.39 10.73 45.55
C GLY C 602 -14.79 11.41 44.26
N VAL C 603 -14.17 11.04 43.13
CA VAL C 603 -14.58 11.62 41.85
C VAL C 603 -15.96 11.13 41.47
N GLY C 604 -16.28 9.86 41.74
CA GLY C 604 -17.65 9.40 41.58
C GLY C 604 -18.62 10.16 42.47
N ALA C 605 -18.23 10.38 43.72
CA ALA C 605 -19.03 11.21 44.61
C ALA C 605 -19.12 12.64 44.08
N ARG C 606 -18.03 13.16 43.51
CA ARG C 606 -18.06 14.49 42.92
C ARG C 606 -19.08 14.58 41.80
N ARG C 607 -19.10 13.57 40.92
CA ARG C 607 -20.07 13.56 39.83
C ARG C 607 -21.49 13.40 40.37
N VAL C 608 -21.64 12.64 41.45
CA VAL C 608 -22.95 12.55 42.11
C VAL C 608 -23.41 13.93 42.53
N ARG C 609 -22.53 14.68 43.20
CA ARG C 609 -22.85 16.04 43.61
C ARG C 609 -23.18 16.93 42.43
N GLU C 610 -22.42 16.79 41.34
CA GLU C 610 -22.62 17.63 40.16
C GLU C 610 -23.99 17.38 39.55
N THR C 611 -24.34 16.09 39.38
CA THR C 611 -25.68 15.74 38.91
C THR C 611 -26.75 16.24 39.86
N PHE C 612 -26.50 16.10 41.16
CA PHE C 612 -27.42 16.61 42.18
C PHE C 612 -27.70 18.09 41.94
N ASP C 613 -26.67 18.89 41.73
CA ASP C 613 -26.88 20.31 41.46
C ASP C 613 -27.59 20.53 40.14
N ARG C 614 -27.15 19.84 39.08
CA ARG C 614 -27.73 19.99 37.75
C ARG C 614 -29.24 19.78 37.78
N LEU C 615 -29.70 18.83 38.61
CA LEU C 615 -31.12 18.58 38.70
C LEU C 615 -31.80 19.44 39.75
N ARG C 616 -31.08 19.84 40.80
CA ARG C 616 -31.67 20.71 41.82
C ARG C 616 -32.07 22.05 41.22
N ASN C 617 -31.16 22.68 40.49
CA ASN C 617 -31.51 23.92 39.80
C ASN C 617 -32.38 23.68 38.59
N ALA C 618 -32.71 22.43 38.28
CA ALA C 618 -33.62 22.07 37.19
C ALA C 618 -34.92 21.51 37.75
N ALA C 619 -35.41 22.10 38.83
CA ALA C 619 -36.68 21.67 39.41
C ALA C 619 -37.84 22.31 38.65
N PRO C 620 -38.96 21.59 38.49
CA PRO C 620 -39.24 20.21 38.90
C PRO C 620 -38.89 19.18 37.80
N ALA C 621 -38.45 17.99 38.18
CA ALA C 621 -38.01 17.02 37.18
C ALA C 621 -38.03 15.61 37.78
N ILE C 622 -37.89 14.63 36.87
CA ILE C 622 -37.87 13.20 37.20
C ILE C 622 -36.49 12.66 36.90
N LEU C 623 -35.81 12.18 37.93
CA LEU C 623 -34.52 11.52 37.78
C LEU C 623 -34.79 10.01 37.73
N PHE C 624 -34.87 9.47 36.53
CA PHE C 624 -35.07 8.03 36.35
C PHE C 624 -33.71 7.35 36.22
N ILE C 625 -33.53 6.24 36.92
CA ILE C 625 -32.27 5.49 36.87
C ILE C 625 -32.58 4.00 36.80
N ASP C 626 -32.33 3.40 35.63
CA ASP C 626 -32.18 1.96 35.52
C ASP C 626 -30.75 1.55 35.91
N GLU C 627 -30.55 0.25 36.11
CA GLU C 627 -29.36 -0.26 36.81
C GLU C 627 -29.26 0.41 38.18
N PHE C 628 -30.42 0.59 38.81
CA PHE C 628 -30.48 1.20 40.14
C PHE C 628 -29.75 0.35 41.16
N ASP C 629 -29.72 -0.97 40.95
CA ASP C 629 -29.04 -1.88 41.85
C ASP C 629 -27.54 -1.67 41.90
N ALA C 630 -26.96 -1.05 40.87
CA ALA C 630 -25.51 -0.84 40.86
C ALA C 630 -25.09 0.16 41.93
N MET C 631 -25.58 1.39 41.84
CA MET C 631 -25.27 2.36 42.89
C MET C 631 -25.98 2.01 44.18
N GLY C 632 -27.10 1.29 44.09
CA GLY C 632 -27.81 0.82 45.28
C GLY C 632 -27.27 -0.50 45.81
N ALA C 633 -25.95 -0.66 45.78
CA ALA C 633 -25.34 -1.89 46.24
C ALA C 633 -25.11 -1.84 47.75
N ALA C 634 -25.61 -2.86 48.45
CA ALA C 634 -25.53 -2.88 49.91
C ALA C 634 -24.09 -2.98 50.39
N ARG C 635 -23.86 -2.49 51.61
CA ARG C 635 -22.51 -2.49 52.18
C ARG C 635 -22.04 -3.91 52.45
N GLY C 636 -20.75 -4.15 52.21
CA GLY C 636 -20.15 -5.45 52.38
C GLY C 636 -20.46 -6.47 51.30
N ALA C 637 -21.54 -6.26 50.54
CA ALA C 637 -21.95 -7.19 49.49
C ALA C 637 -20.96 -7.27 48.32
N GLN C 638 -19.89 -6.49 48.35
CA GLN C 638 -18.93 -6.42 47.27
C GLN C 638 -17.55 -6.12 47.86
N ALA C 639 -16.55 -6.04 46.98
CA ALA C 639 -15.23 -5.58 47.35
C ALA C 639 -15.06 -4.08 47.14
N SER C 640 -16.16 -3.38 46.93
CA SER C 640 -16.16 -1.94 46.70
C SER C 640 -16.66 -1.20 47.93
N GLY C 641 -16.42 -1.78 49.11
CA GLY C 641 -16.79 -1.15 50.36
C GLY C 641 -16.30 0.28 50.43
N ASP C 642 -14.99 0.47 50.23
CA ASP C 642 -14.43 1.80 50.10
C ASP C 642 -15.23 2.66 49.11
N GLU C 643 -15.21 2.27 47.83
CA GLU C 643 -15.76 3.13 46.79
C GLU C 643 -17.28 3.22 46.88
N SER C 644 -17.96 2.07 46.85
CA SER C 644 -19.42 2.08 46.84
C SER C 644 -19.99 2.62 48.14
N ALA C 645 -19.36 2.31 49.28
CA ALA C 645 -19.82 2.86 50.54
C ALA C 645 -19.70 4.38 50.55
N SER C 646 -18.54 4.90 50.10
CA SER C 646 -18.40 6.35 50.00
C SER C 646 -19.47 6.94 49.10
N ILE C 647 -19.78 6.27 47.99
CA ILE C 647 -20.74 6.83 47.03
C ILE C 647 -22.16 6.77 47.59
N ILE C 648 -22.50 5.71 48.31
CA ILE C 648 -23.87 5.59 48.81
C ILE C 648 -24.10 6.56 49.96
N ASN C 649 -23.13 6.70 50.87
CA ASN C 649 -23.30 7.69 51.91
C ASN C 649 -23.16 9.11 51.37
N GLU C 650 -22.46 9.26 50.24
CA GLU C 650 -22.47 10.52 49.50
C GLU C 650 -23.86 10.87 49.02
N LEU C 651 -24.51 9.92 48.33
CA LEU C 651 -25.91 10.09 47.95
C LEU C 651 -26.77 10.44 49.15
N LEU C 652 -26.59 9.71 50.25
CA LEU C 652 -27.40 9.95 51.45
C LEU C 652 -27.21 11.38 51.96
N VAL C 653 -25.97 11.79 52.19
CA VAL C 653 -25.71 13.13 52.73
C VAL C 653 -26.10 14.20 51.74
N GLN C 654 -26.27 13.85 50.47
CA GLN C 654 -26.85 14.82 49.54
C GLN C 654 -28.37 14.87 49.64
N MET C 655 -29.01 13.74 49.96
CA MET C 655 -30.46 13.70 50.02
C MET C 655 -31.01 13.52 51.43
N ASP C 656 -30.16 13.46 52.46
CA ASP C 656 -30.67 13.35 53.82
C ASP C 656 -31.44 14.62 54.21
N GLY C 657 -30.83 15.78 53.96
CA GLY C 657 -31.47 17.07 54.13
C GLY C 657 -32.30 17.52 52.95
N PHE C 658 -32.78 16.58 52.13
CA PHE C 658 -33.50 16.94 50.92
C PHE C 658 -34.89 17.44 51.28
N GLU C 659 -34.98 18.71 51.68
CA GLU C 659 -36.25 19.35 51.96
C GLU C 659 -36.56 20.53 51.06
N ASP C 660 -35.73 20.76 50.04
CA ASP C 660 -36.03 21.73 49.00
C ASP C 660 -36.96 21.10 47.97
N ASN C 661 -38.07 20.54 48.44
CA ASN C 661 -38.94 19.72 47.61
C ASN C 661 -39.79 20.64 46.74
N ARG C 662 -39.26 20.98 45.56
CA ARG C 662 -39.93 21.85 44.62
C ARG C 662 -40.46 21.10 43.40
N GLY C 663 -40.60 19.78 43.52
CA GLY C 663 -41.11 18.96 42.44
C GLY C 663 -40.12 18.01 41.80
N ILE C 664 -39.03 17.70 42.48
CA ILE C 664 -38.05 16.76 41.97
C ILE C 664 -38.28 15.39 42.61
N VAL C 665 -38.44 14.37 41.76
CA VAL C 665 -38.64 13.01 42.27
C VAL C 665 -37.76 12.05 41.49
N VAL C 666 -37.41 10.95 42.14
CA VAL C 666 -36.47 9.97 41.60
C VAL C 666 -37.20 8.65 41.42
N LEU C 667 -37.11 8.09 40.22
CA LEU C 667 -37.70 6.80 39.87
C LEU C 667 -36.55 5.81 39.69
N GLY C 668 -36.33 4.99 40.72
CA GLY C 668 -35.27 4.00 40.65
C GLY C 668 -35.81 2.67 40.18
N ALA C 669 -35.40 2.24 38.99
CA ALA C 669 -35.95 1.03 38.39
C ALA C 669 -34.96 -0.11 38.53
N THR C 670 -35.26 -1.04 39.43
CA THR C 670 -34.46 -2.25 39.58
C THR C 670 -35.39 -3.39 39.92
N ASN C 671 -34.99 -4.60 39.50
CA ASN C 671 -35.83 -5.77 39.61
C ASN C 671 -35.67 -6.50 40.94
N ARG C 672 -34.61 -6.22 41.69
CA ARG C 672 -34.34 -6.86 42.98
C ARG C 672 -34.58 -5.88 44.11
N PRO C 673 -35.79 -5.83 44.68
CA PRO C 673 -36.02 -4.94 45.82
C PRO C 673 -35.54 -5.51 47.15
N GLY C 674 -35.37 -6.83 47.25
CA GLY C 674 -34.91 -7.42 48.49
C GLY C 674 -33.46 -7.20 48.78
N ALA C 675 -32.60 -7.31 47.77
CA ALA C 675 -31.17 -7.05 47.93
C ALA C 675 -30.84 -5.56 47.94
N ILE C 676 -31.85 -4.70 48.03
CA ILE C 676 -31.63 -3.27 48.16
C ILE C 676 -31.05 -2.96 49.53
N ASP C 677 -30.47 -1.79 49.67
CA ASP C 677 -29.89 -1.39 50.95
C ASP C 677 -30.99 -1.01 51.93
N SER C 678 -30.79 -1.35 53.20
CA SER C 678 -31.73 -1.01 54.27
C SER C 678 -31.72 0.47 54.63
N ALA C 679 -30.87 1.28 54.01
CA ALA C 679 -30.79 2.69 54.36
C ALA C 679 -31.78 3.52 53.54
N LEU C 680 -31.73 3.38 52.22
CA LEU C 680 -32.52 4.19 51.30
C LEU C 680 -34.01 3.81 51.30
N ILE C 681 -34.42 2.93 52.22
CA ILE C 681 -35.82 2.50 52.27
C ILE C 681 -36.63 3.23 53.32
N ARG C 682 -35.98 4.00 54.21
CA ARG C 682 -36.67 4.65 55.30
C ARG C 682 -37.73 5.62 54.79
N PRO C 683 -38.72 5.95 55.63
CA PRO C 683 -39.83 6.78 55.15
C PRO C 683 -39.37 8.11 54.59
N GLY C 684 -39.94 8.48 53.45
CA GLY C 684 -39.65 9.73 52.77
C GLY C 684 -38.66 9.60 51.63
N ARG C 685 -37.67 8.72 51.77
CA ARG C 685 -36.63 8.56 50.76
C ARG C 685 -37.12 7.70 49.60
N PHE C 686 -37.61 6.50 49.87
CA PHE C 686 -38.24 5.65 48.88
C PHE C 686 -39.37 4.90 49.57
N ASP C 687 -40.58 5.46 49.49
CA ASP C 687 -41.70 4.97 50.29
C ASP C 687 -42.70 4.14 49.50
N ARG C 688 -42.59 4.11 48.17
CA ARG C 688 -43.57 3.39 47.37
C ARG C 688 -42.86 2.62 46.28
N ILE C 689 -43.12 1.32 46.23
CA ILE C 689 -42.62 0.42 45.20
C ILE C 689 -43.80 0.02 44.32
N ILE C 690 -43.58 0.03 43.02
CA ILE C 690 -44.63 -0.27 42.05
C ILE C 690 -44.11 -1.35 41.13
N TYR C 691 -44.97 -2.31 40.79
CA TYR C 691 -44.56 -3.54 40.13
C TYR C 691 -45.05 -3.55 38.69
N MET C 692 -44.14 -3.81 37.75
CA MET C 692 -44.48 -3.91 36.34
C MET C 692 -44.43 -5.36 35.90
N PRO C 693 -45.57 -5.98 35.60
CA PRO C 693 -45.57 -7.39 35.20
C PRO C 693 -45.05 -7.60 33.79
N LEU C 694 -44.94 -8.88 33.42
CA LEU C 694 -44.57 -9.23 32.06
C LEU C 694 -45.79 -9.21 31.16
N PRO C 695 -45.64 -8.83 29.91
CA PRO C 695 -46.81 -8.67 29.04
C PRO C 695 -47.54 -9.98 28.78
N ASP C 696 -48.70 -9.88 28.15
CA ASP C 696 -49.56 -11.01 27.83
C ASP C 696 -49.69 -11.11 26.31
N ALA C 697 -50.63 -11.95 25.87
CA ALA C 697 -50.89 -12.12 24.44
C ALA C 697 -51.13 -10.78 23.76
N LEU C 698 -52.07 -9.99 24.29
CA LEU C 698 -52.34 -8.69 23.69
C LEU C 698 -51.16 -7.75 23.84
N GLY C 699 -50.50 -7.79 25.00
CA GLY C 699 -49.34 -6.93 25.19
C GLY C 699 -48.23 -7.23 24.19
N ARG C 700 -47.90 -8.52 24.03
CA ARG C 700 -46.89 -8.89 23.06
C ARG C 700 -47.32 -8.53 21.65
N ALA C 701 -48.60 -8.72 21.33
CA ALA C 701 -49.10 -8.34 20.02
C ALA C 701 -48.85 -6.87 19.73
N LYS C 702 -49.27 -6.00 20.64
CA LYS C 702 -49.03 -4.57 20.46
C LYS C 702 -47.55 -4.27 20.36
N ILE C 703 -46.74 -4.89 21.23
CA ILE C 703 -45.30 -4.63 21.23
C ILE C 703 -44.69 -4.92 19.87
N MET C 704 -45.07 -6.05 19.26
CA MET C 704 -44.44 -6.43 18.00
C MET C 704 -45.05 -5.68 16.83
N GLN C 705 -46.30 -5.21 16.97
CA GLN C 705 -46.87 -4.39 15.90
C GLN C 705 -46.08 -3.11 15.69
N VAL C 706 -45.60 -2.47 16.76
CA VAL C 706 -45.00 -1.16 16.62
C VAL C 706 -43.54 -1.28 16.20
N HIS C 707 -42.80 -2.26 16.70
CA HIS C 707 -41.41 -2.43 16.32
C HIS C 707 -41.24 -2.85 14.86
N ALA C 708 -42.33 -2.96 14.11
CA ALA C 708 -42.27 -3.40 12.73
C ALA C 708 -42.76 -2.36 11.74
N ARG C 709 -43.24 -1.20 12.22
CA ARG C 709 -43.72 -0.16 11.33
C ARG C 709 -42.70 0.24 10.26
N ASN C 710 -41.41 0.16 10.58
CA ASN C 710 -40.34 0.56 9.67
C ASN C 710 -39.85 -0.61 8.83
N LYS C 711 -39.93 -1.84 9.34
CA LYS C 711 -39.46 -3.00 8.62
C LYS C 711 -40.43 -3.35 7.49
N ALA C 712 -40.01 -4.27 6.62
CA ALA C 712 -40.85 -4.77 5.55
C ALA C 712 -41.60 -5.99 6.09
N VAL C 713 -42.93 -5.93 6.05
CA VAL C 713 -43.78 -6.92 6.71
C VAL C 713 -45.01 -7.16 5.86
N ASP C 714 -45.40 -8.41 5.74
CA ASP C 714 -46.63 -8.77 5.05
C ASP C 714 -47.82 -8.16 5.80
N PRO C 715 -48.78 -7.55 5.10
CA PRO C 715 -49.92 -6.94 5.82
C PRO C 715 -50.83 -7.92 6.53
N ASN C 716 -50.99 -9.14 6.03
CA ASN C 716 -51.97 -10.07 6.59
C ASN C 716 -51.37 -10.97 7.67
N ILE C 717 -50.74 -10.32 8.66
CA ILE C 717 -50.13 -11.02 9.78
C ILE C 717 -51.10 -10.98 10.95
N ASN C 718 -51.52 -12.14 11.42
CA ASN C 718 -52.44 -12.24 12.55
C ASN C 718 -51.63 -12.15 13.83
N TRP C 719 -51.19 -10.93 14.16
CA TRP C 719 -50.25 -10.71 15.24
C TRP C 719 -50.68 -11.38 16.53
N TYR C 720 -51.99 -11.46 16.79
CA TYR C 720 -52.45 -12.11 18.01
C TYR C 720 -52.03 -13.58 18.04
N GLU C 721 -52.24 -14.30 16.95
CA GLU C 721 -51.91 -15.72 16.92
C GLU C 721 -50.41 -15.92 17.12
N VAL C 722 -49.59 -15.12 16.46
CA VAL C 722 -48.15 -15.22 16.66
C VAL C 722 -47.76 -14.89 18.10
N ALA C 723 -48.47 -14.00 18.76
CA ALA C 723 -48.18 -13.73 20.16
C ALA C 723 -48.68 -14.82 21.09
N ARG C 724 -49.63 -15.64 20.63
CA ARG C 724 -50.13 -16.72 21.47
C ARG C 724 -49.07 -17.78 21.71
N ALA C 725 -48.20 -18.01 20.74
CA ALA C 725 -47.17 -19.04 20.84
C ALA C 725 -45.83 -18.51 21.33
N MET C 726 -45.79 -17.29 21.87
CA MET C 726 -44.53 -16.70 22.31
C MET C 726 -44.54 -16.44 23.81
N ALA C 727 -45.02 -17.40 24.59
CA ALA C 727 -45.10 -17.21 26.03
C ALA C 727 -43.72 -17.04 26.63
N GLY C 728 -43.60 -16.08 27.55
CA GLY C 728 -42.34 -15.82 28.22
C GLY C 728 -41.41 -14.86 27.53
N PHE C 729 -41.83 -14.19 26.47
CA PHE C 729 -40.98 -13.27 25.74
C PHE C 729 -41.13 -11.86 26.28
N THR C 730 -40.13 -11.02 26.04
CA THR C 730 -40.13 -9.61 26.39
C THR C 730 -39.72 -8.78 25.18
N GLY C 731 -39.49 -7.48 25.42
CA GLY C 731 -39.24 -6.57 24.31
C GLY C 731 -37.96 -6.88 23.54
N ALA C 732 -36.85 -7.07 24.26
CA ALA C 732 -35.61 -7.45 23.60
C ALA C 732 -35.78 -8.74 22.81
N ASP C 733 -36.50 -9.70 23.39
CA ASP C 733 -36.78 -10.95 22.68
C ASP C 733 -37.48 -10.69 21.37
N VAL C 734 -38.50 -9.83 21.36
CA VAL C 734 -39.29 -9.67 20.15
C VAL C 734 -38.53 -8.86 19.10
N MET C 735 -37.66 -7.94 19.52
CA MET C 735 -36.89 -7.22 18.50
C MET C 735 -35.83 -8.12 17.86
N GLY C 736 -35.10 -8.89 18.68
CA GLY C 736 -34.18 -9.86 18.11
C GLY C 736 -34.91 -10.89 17.26
N LEU C 737 -36.13 -11.25 17.66
CA LEU C 737 -36.95 -12.16 16.87
C LEU C 737 -37.27 -11.56 15.51
N MET C 738 -37.59 -10.27 15.46
CA MET C 738 -37.86 -9.65 14.17
C MET C 738 -36.63 -9.68 13.28
N ALA C 739 -35.45 -9.43 13.84
CA ALA C 739 -34.24 -9.50 13.02
C ALA C 739 -34.01 -10.90 12.47
N ARG C 740 -34.07 -11.92 13.34
CA ARG C 740 -33.84 -13.28 12.88
C ARG C 740 -34.94 -13.73 11.93
N ALA C 741 -36.15 -13.20 12.10
CA ALA C 741 -37.24 -13.52 11.19
C ALA C 741 -36.98 -12.93 9.81
N ALA C 742 -36.44 -11.72 9.74
CA ALA C 742 -36.07 -11.16 8.45
C ALA C 742 -35.02 -12.03 7.76
N ARG C 743 -34.04 -12.49 8.52
CA ARG C 743 -33.04 -13.38 7.92
C ARG C 743 -33.68 -14.68 7.41
N MET C 744 -34.56 -15.28 8.21
CA MET C 744 -35.23 -16.51 7.80
C MET C 744 -36.10 -16.29 6.58
N ALA C 745 -36.65 -15.08 6.41
CA ALA C 745 -37.47 -14.78 5.24
C ALA C 745 -36.59 -14.58 4.02
N ALA C 746 -35.40 -14.03 4.21
CA ALA C 746 -34.43 -13.97 3.11
C ALA C 746 -34.10 -15.37 2.61
N ARG C 747 -33.82 -16.29 3.53
CA ARG C 747 -33.44 -17.65 3.15
C ARG C 747 -34.48 -18.36 2.29
N GLN C 748 -35.70 -17.85 2.18
CA GLN C 748 -36.65 -18.43 1.24
C GLN C 748 -36.95 -17.49 0.09
N GLY C 749 -36.06 -16.54 -0.18
CA GLY C 749 -36.23 -15.72 -1.37
C GLY C 749 -37.42 -14.81 -1.31
N ARG C 750 -37.63 -14.15 -0.17
CA ARG C 750 -38.69 -13.18 -0.04
C ARG C 750 -38.17 -11.98 0.74
N HIS C 751 -38.87 -10.86 0.59
CA HIS C 751 -38.54 -9.64 1.30
C HIS C 751 -39.50 -9.32 2.42
N ALA C 752 -40.79 -9.54 2.22
CA ALA C 752 -41.78 -9.32 3.26
C ALA C 752 -41.74 -10.46 4.28
N ILE C 753 -41.77 -10.09 5.55
CA ILE C 753 -41.81 -11.07 6.63
C ILE C 753 -43.21 -11.63 6.74
N THR C 754 -43.33 -12.94 6.68
CA THR C 754 -44.59 -13.63 6.93
C THR C 754 -44.58 -14.19 8.35
N GLU C 755 -45.73 -14.67 8.79
CA GLU C 755 -45.78 -15.29 10.11
C GLU C 755 -45.06 -16.64 10.10
N ASP C 756 -45.06 -17.32 8.95
CA ASP C 756 -44.32 -18.57 8.84
C ASP C 756 -42.84 -18.33 9.06
N ASP C 757 -42.33 -17.18 8.66
CA ASP C 757 -40.94 -16.86 8.94
C ASP C 757 -40.70 -16.66 10.42
N ILE C 758 -41.70 -16.20 11.16
CA ILE C 758 -41.55 -16.03 12.60
C ILE C 758 -41.52 -17.39 13.29
N TYR C 759 -42.43 -18.28 12.91
CA TYR C 759 -42.37 -19.64 13.44
C TYR C 759 -41.05 -20.32 13.11
N ALA C 760 -40.58 -20.15 11.87
CA ALA C 760 -39.30 -20.72 11.49
C ALA C 760 -38.17 -20.13 12.33
N ALA C 761 -38.26 -18.85 12.67
CA ALA C 761 -37.23 -18.25 13.51
C ALA C 761 -37.22 -18.87 14.90
N MET C 762 -38.41 -19.10 15.47
CA MET C 762 -38.50 -19.79 16.75
C MET C 762 -37.85 -21.17 16.68
N GLU C 763 -38.26 -21.97 15.69
CA GLU C 763 -37.70 -23.30 15.52
C GLU C 763 -36.20 -23.26 15.35
N ASN C 764 -35.71 -22.27 14.58
CA ASN C 764 -34.29 -22.17 14.31
C ASN C 764 -33.52 -21.90 15.59
N LYS C 765 -34.01 -20.97 16.40
CA LYS C 765 -33.36 -20.68 17.67
C LYS C 765 -33.32 -21.92 18.55
N THR C 766 -34.44 -22.62 18.65
CA THR C 766 -34.51 -23.80 19.51
C THR C 766 -33.52 -24.87 19.07
N MET C 767 -33.53 -25.22 17.79
CA MET C 767 -32.67 -26.30 17.32
C MET C 767 -31.21 -25.91 17.40
N GLU C 768 -30.88 -24.64 17.11
CA GLU C 768 -29.51 -24.21 17.26
C GLU C 768 -29.06 -24.31 18.70
N ALA C 769 -29.93 -23.96 19.64
CA ALA C 769 -29.59 -24.07 21.05
C ALA C 769 -29.33 -25.50 21.44
N THR C 770 -30.13 -26.45 20.93
CA THR C 770 -29.95 -27.83 21.35
C THR C 770 -28.71 -28.45 20.70
N LEU C 771 -28.40 -28.06 19.46
CA LEU C 771 -27.23 -28.64 18.81
C LEU C 771 -25.94 -27.97 19.26
N GLU C 772 -26.04 -26.79 19.86
CA GLU C 772 -24.84 -26.19 20.45
C GLU C 772 -24.51 -26.87 21.77
N ALA C 773 -25.53 -27.40 22.46
CA ALA C 773 -25.29 -28.09 23.71
C ALA C 773 -24.85 -29.53 23.47
N SER C 774 -25.46 -30.20 22.48
CA SER C 774 -24.99 -31.53 22.14
C SER C 774 -23.62 -31.50 21.49
N THR C 775 -23.49 -30.83 20.35
CA THR C 775 -22.21 -30.71 19.64
C THR C 775 -21.34 -29.71 20.38
N ALA C 776 -20.16 -30.15 20.81
CA ALA C 776 -19.27 -29.27 21.59
C ALA C 776 -17.82 -29.38 21.13
N GLY C 777 -16.89 -29.56 22.07
CA GLY C 777 -15.45 -29.64 21.72
C GLY C 777 -15.20 -30.72 20.70
N ASP C 778 -15.84 -31.88 20.86
CA ASP C 778 -15.71 -33.00 19.89
C ASP C 778 -17.06 -33.72 19.80
N GLY C 779 -17.20 -34.83 20.51
CA GLY C 779 -18.47 -35.56 20.54
C GLY C 779 -19.22 -35.31 19.26
N GLY C 780 -20.33 -34.59 19.32
CA GLY C 780 -21.10 -34.44 18.09
C GLY C 780 -21.62 -35.77 17.55
N GLY C 781 -22.22 -35.67 16.37
CA GLY C 781 -22.83 -36.81 15.73
C GLY C 781 -24.30 -36.61 15.47
N LEU C 782 -24.71 -35.34 15.37
CA LEU C 782 -26.13 -34.98 15.30
C LEU C 782 -26.48 -34.13 14.08
N VAL C 783 -25.57 -33.33 13.56
CA VAL C 783 -25.81 -32.53 12.37
C VAL C 783 -25.84 -33.48 11.18
N GLY C 784 -26.34 -33.00 10.04
CA GLY C 784 -26.45 -33.87 8.89
C GLY C 784 -26.18 -33.25 7.53
N GLY C 785 -25.46 -32.12 7.49
CA GLY C 785 -25.23 -31.49 6.21
C GLY C 785 -23.86 -30.85 6.02
N GLU C 786 -22.84 -31.36 6.70
CA GLU C 786 -21.55 -30.70 6.71
C GLU C 786 -20.53 -31.30 5.76
N GLY C 787 -20.80 -32.48 5.20
CA GLY C 787 -19.86 -33.10 4.28
C GLY C 787 -18.69 -33.82 4.92
N VAL C 788 -18.39 -33.54 6.18
CA VAL C 788 -17.31 -34.20 6.89
C VAL C 788 -17.66 -35.65 7.09
N GLU C 789 -16.70 -36.45 7.55
CA GLU C 789 -16.94 -37.87 7.76
C GLU C 789 -18.10 -38.12 8.71
N GLY C 790 -18.37 -37.19 9.61
CA GLY C 790 -19.54 -37.31 10.45
C GLY C 790 -20.86 -37.22 9.70
N SER C 791 -21.03 -36.14 8.95
CA SER C 791 -22.33 -35.75 8.41
C SER C 791 -22.46 -36.10 6.93
N PRO C 792 -23.25 -37.10 6.57
CA PRO C 792 -23.51 -37.34 5.15
C PRO C 792 -24.24 -36.16 4.50
N ASP C 793 -24.01 -36.02 3.21
CA ASP C 793 -24.39 -34.82 2.47
C ASP C 793 -25.88 -34.79 2.13
N PRO C 794 -26.48 -35.84 1.58
CA PRO C 794 -27.92 -35.79 1.26
C PRO C 794 -28.84 -36.47 2.26
N ILE C 795 -28.34 -37.04 3.37
CA ILE C 795 -29.20 -37.68 4.37
C ILE C 795 -30.05 -38.78 3.74
N PRO C 796 -29.52 -40.00 3.62
CA PRO C 796 -30.14 -41.05 2.79
C PRO C 796 -31.64 -41.18 3.00
N PRO C 797 -32.36 -41.73 2.02
CA PRO C 797 -33.83 -41.69 2.09
C PRO C 797 -34.43 -42.58 3.16
N GLN C 798 -33.80 -43.72 3.44
CA GLN C 798 -34.31 -44.59 4.50
C GLN C 798 -34.20 -43.92 5.86
N LEU C 799 -33.35 -42.91 5.97
CA LEU C 799 -33.24 -42.15 7.20
C LEU C 799 -34.16 -40.94 7.20
N ARG C 800 -34.87 -40.68 6.11
CA ARG C 800 -35.87 -39.63 6.10
C ARG C 800 -37.26 -40.21 6.31
N ARG C 801 -37.50 -41.40 5.76
CA ARG C 801 -38.74 -42.09 6.06
C ARG C 801 -38.91 -42.27 7.56
N ALA C 802 -37.83 -42.62 8.26
CA ALA C 802 -37.91 -42.88 9.69
C ALA C 802 -38.25 -41.61 10.46
N VAL C 803 -37.60 -40.51 10.13
CA VAL C 803 -37.87 -39.25 10.84
C VAL C 803 -39.30 -38.80 10.61
N SER C 804 -39.82 -39.00 9.40
CA SER C 804 -41.19 -38.62 9.13
C SER C 804 -42.17 -39.49 9.89
N VAL C 805 -41.91 -40.80 9.95
CA VAL C 805 -42.77 -41.69 10.72
C VAL C 805 -42.76 -41.30 12.20
N TYR C 806 -41.58 -41.00 12.73
CA TYR C 806 -41.45 -40.58 14.11
C TYR C 806 -42.32 -39.35 14.40
N GLU C 807 -42.12 -38.29 13.63
CA GLU C 807 -42.83 -37.04 13.91
C GLU C 807 -44.32 -37.18 13.65
N ALA C 808 -44.71 -38.00 12.68
CA ALA C 808 -46.12 -38.21 12.43
C ALA C 808 -46.79 -38.92 13.59
N GLY C 809 -46.16 -39.96 14.13
CA GLY C 809 -46.74 -40.63 15.28
C GLY C 809 -46.86 -39.72 16.48
N LYS C 810 -45.85 -38.89 16.73
CA LYS C 810 -45.92 -37.99 17.86
C LYS C 810 -47.05 -36.97 17.71
N ALA C 811 -47.17 -36.36 16.53
CA ALA C 811 -48.25 -35.38 16.32
C ALA C 811 -49.62 -36.03 16.35
N LEU C 812 -49.75 -37.24 15.80
CA LEU C 812 -51.04 -37.91 15.83
C LEU C 812 -51.47 -38.20 17.25
N LEU C 813 -50.55 -38.61 18.11
CA LEU C 813 -50.95 -38.88 19.49
C LEU C 813 -51.22 -37.60 20.25
N ALA C 814 -50.51 -36.52 19.94
CA ALA C 814 -50.81 -35.27 20.61
C ALA C 814 -52.12 -34.65 20.15
N TYR C 815 -52.67 -35.09 19.02
CA TYR C 815 -53.94 -34.54 18.58
C TYR C 815 -55.13 -35.24 19.23
N ILE C 816 -55.08 -36.56 19.38
CA ILE C 816 -56.26 -37.30 19.82
C ILE C 816 -56.31 -37.42 21.34
N THR C 817 -55.47 -36.67 22.04
CA THR C 817 -55.41 -36.71 23.49
C THR C 817 -56.20 -35.56 24.08
N PRO C 818 -57.24 -35.82 24.87
CA PRO C 818 -58.12 -34.74 25.32
C PRO C 818 -57.43 -33.79 26.26
N ASP C 819 -57.43 -32.51 25.89
CA ASP C 819 -56.92 -31.39 26.66
C ASP C 819 -55.40 -31.34 26.71
N TYR C 820 -54.73 -31.82 25.67
CA TYR C 820 -53.32 -31.56 25.46
C TYR C 820 -53.13 -30.16 24.92
N GLU C 821 -51.87 -29.73 24.79
CA GLU C 821 -51.58 -28.45 24.18
C GLU C 821 -52.00 -28.44 22.71
N GLU C 822 -51.97 -27.26 22.11
CA GLU C 822 -52.35 -27.19 20.70
C GLU C 822 -51.13 -27.13 19.82
N ILE C 823 -51.25 -27.65 18.61
CA ILE C 823 -50.13 -27.75 17.68
C ILE C 823 -50.12 -26.50 16.82
N ALA C 824 -48.96 -25.90 16.67
CA ALA C 824 -48.80 -24.73 15.81
C ALA C 824 -48.08 -25.04 14.51
N ARG C 825 -47.04 -25.88 14.55
CA ARG C 825 -46.25 -26.13 13.35
C ARG C 825 -45.44 -27.40 13.55
N VAL C 826 -45.69 -28.41 12.72
CA VAL C 826 -44.92 -29.65 12.71
C VAL C 826 -43.89 -29.53 11.59
N SER C 827 -42.70 -30.05 11.83
CA SER C 827 -41.58 -29.88 10.91
C SER C 827 -40.64 -31.08 11.03
N VAL C 828 -39.86 -31.32 9.99
CA VAL C 828 -38.86 -32.39 9.97
C VAL C 828 -37.56 -31.84 9.40
N CYS C 829 -36.44 -32.29 9.96
CA CYS C 829 -35.10 -31.85 9.58
C CYS C 829 -34.90 -30.35 9.71
N PRO C 830 -35.09 -29.77 10.89
CA PRO C 830 -34.71 -28.37 11.10
C PRO C 830 -33.21 -28.25 11.31
N LEU C 831 -32.60 -27.33 10.57
CA LEU C 831 -31.15 -27.12 10.58
C LEU C 831 -30.39 -28.37 10.15
N ASN C 832 -31.04 -29.24 9.40
CA ASN C 832 -30.50 -30.48 8.86
C ASN C 832 -30.24 -31.55 9.92
N VAL C 833 -30.50 -31.28 11.20
CA VAL C 833 -30.35 -32.33 12.20
C VAL C 833 -31.35 -33.44 11.91
N LEU C 834 -31.06 -34.62 12.45
CA LEU C 834 -31.89 -35.81 12.20
C LEU C 834 -32.93 -36.00 13.30
N THR C 835 -33.77 -35.00 13.50
CA THR C 835 -34.90 -35.09 14.41
C THR C 835 -36.00 -34.17 13.90
N GLY C 836 -37.21 -34.38 14.38
CA GLY C 836 -38.31 -33.51 14.08
C GLY C 836 -38.41 -32.36 15.06
N PHE C 837 -39.48 -31.58 14.93
CA PHE C 837 -39.72 -30.49 15.86
C PHE C 837 -41.18 -30.10 15.76
N THR C 838 -41.93 -30.31 16.84
CA THR C 838 -43.33 -29.90 16.92
C THR C 838 -43.45 -28.74 17.88
N LEU C 839 -44.04 -27.65 17.42
CA LEU C 839 -44.16 -26.43 18.20
C LEU C 839 -45.55 -26.38 18.81
N PHE C 840 -45.62 -26.19 20.12
CA PHE C 840 -46.85 -26.31 20.88
C PHE C 840 -47.23 -24.96 21.45
N VAL C 841 -48.43 -24.50 21.14
CA VAL C 841 -49.00 -23.35 21.80
C VAL C 841 -49.76 -23.82 23.04
N GLU C 842 -49.48 -23.16 24.17
CA GLU C 842 -50.07 -23.51 25.45
C GLU C 842 -50.53 -22.24 26.15
N ASP C 843 -51.50 -22.40 27.05
CA ASP C 843 -52.11 -21.27 27.74
C ASP C 843 -51.55 -21.16 29.16
N GLU C 844 -51.06 -19.97 29.49
CA GLU C 844 -50.46 -19.70 30.78
C GLU C 844 -51.49 -19.44 31.87
N ASP C 845 -52.78 -19.58 31.56
CA ASP C 845 -53.82 -19.23 32.53
C ASP C 845 -54.75 -20.39 32.84
N LYS C 846 -54.38 -21.62 32.50
CA LYS C 846 -55.11 -22.79 32.97
C LYS C 846 -54.47 -23.39 34.20
N ASN C 847 -53.16 -23.28 34.29
CA ASN C 847 -52.38 -23.72 35.44
C ASN C 847 -51.22 -22.73 35.50
N VAL C 848 -51.31 -21.77 36.42
CA VAL C 848 -50.55 -20.55 36.23
C VAL C 848 -49.11 -20.82 36.60
N ASN C 849 -48.37 -21.37 35.64
CA ASN C 849 -46.96 -21.69 35.78
C ASN C 849 -46.64 -22.56 36.99
N ALA C 850 -47.65 -23.17 37.62
CA ALA C 850 -47.35 -23.88 38.87
C ALA C 850 -48.03 -25.22 39.05
N ILE C 851 -49.06 -25.57 38.30
CA ILE C 851 -49.87 -26.74 38.62
C ILE C 851 -49.58 -27.87 37.64
N LEU C 852 -49.56 -29.10 38.15
CA LEU C 852 -49.38 -30.31 37.35
C LEU C 852 -50.33 -31.35 37.92
N THR C 853 -51.32 -31.74 37.14
CA THR C 853 -52.26 -32.76 37.57
C THR C 853 -51.84 -34.11 37.01
N ARG C 854 -52.49 -35.17 37.49
CA ARG C 854 -52.05 -36.51 37.13
C ARG C 854 -52.38 -36.84 35.68
N SER C 855 -53.59 -36.47 35.24
CA SER C 855 -54.00 -36.75 33.88
C SER C 855 -53.03 -36.15 32.88
N GLU C 856 -52.58 -34.93 33.14
CA GLU C 856 -51.67 -34.26 32.24
C GLU C 856 -50.34 -35.00 32.14
N LEU C 857 -49.83 -35.50 33.26
CA LEU C 857 -48.55 -36.20 33.25
C LEU C 857 -48.65 -37.52 32.50
N GLU C 858 -49.76 -38.24 32.70
CA GLU C 858 -49.92 -39.49 31.97
C GLU C 858 -50.08 -39.26 30.47
N GLY C 859 -50.79 -38.21 30.08
CA GLY C 859 -50.88 -37.89 28.67
C GLY C 859 -49.55 -37.54 28.06
N ARG C 860 -48.71 -36.80 28.80
CA ARG C 860 -47.38 -36.49 28.31
C ARG C 860 -46.56 -37.75 28.11
N MET C 861 -46.63 -38.69 29.06
CA MET C 861 -45.90 -39.94 28.90
C MET C 861 -46.30 -40.66 27.63
N VAL C 862 -47.61 -40.74 27.37
CA VAL C 862 -48.07 -41.45 26.17
C VAL C 862 -47.54 -40.77 24.91
N VAL C 863 -47.61 -39.44 24.88
CA VAL C 863 -47.16 -38.71 23.69
C VAL C 863 -45.67 -38.87 23.47
N HIS C 864 -44.89 -39.01 24.54
CA HIS C 864 -43.45 -39.16 24.37
C HIS C 864 -43.04 -40.57 23.99
N LEU C 865 -43.85 -41.58 24.27
CA LEU C 865 -43.54 -42.91 23.76
C LEU C 865 -44.08 -43.17 22.36
N ALA C 866 -45.04 -42.36 21.89
CA ALA C 866 -45.68 -42.62 20.61
C ALA C 866 -44.71 -42.65 19.44
N GLY C 867 -43.69 -41.80 19.46
CA GLY C 867 -42.79 -41.75 18.32
C GLY C 867 -42.02 -43.04 18.12
N ARG C 868 -41.35 -43.50 19.18
CA ARG C 868 -40.69 -44.79 19.14
C ARG C 868 -41.64 -45.91 18.77
N CYS C 869 -42.86 -45.89 19.31
CA CYS C 869 -43.77 -46.99 19.03
C CYS C 869 -44.19 -47.01 17.56
N ALA C 870 -44.38 -45.84 16.96
CA ALA C 870 -44.76 -45.79 15.55
C ALA C 870 -43.60 -46.21 14.66
N GLU C 871 -42.39 -45.74 14.97
CA GLU C 871 -41.22 -46.19 14.25
C GLU C 871 -41.11 -47.70 14.27
N LYS C 872 -41.31 -48.30 15.43
CA LYS C 872 -41.21 -49.75 15.57
C LYS C 872 -42.35 -50.48 14.86
N LEU C 873 -43.52 -49.87 14.77
CA LEU C 873 -44.65 -50.53 14.10
C LEU C 873 -44.53 -50.46 12.59
N VAL C 874 -43.93 -49.40 12.06
CA VAL C 874 -43.82 -49.26 10.61
C VAL C 874 -42.55 -49.90 10.09
N MET C 875 -41.38 -49.49 10.58
CA MET C 875 -40.11 -49.89 9.98
C MET C 875 -39.63 -51.24 10.47
N GLY C 876 -40.42 -51.96 11.23
CA GLY C 876 -39.97 -53.21 11.79
C GLY C 876 -39.06 -53.00 12.97
N GLU C 877 -39.12 -53.89 13.95
CA GLU C 877 -38.41 -53.70 15.21
C GLU C 877 -36.91 -53.85 15.10
N GLY C 878 -36.39 -54.23 13.93
CA GLY C 878 -34.96 -54.41 13.77
C GLY C 878 -34.25 -53.17 13.28
N GLN C 879 -34.93 -52.36 12.48
CA GLN C 879 -34.31 -51.22 11.81
C GLN C 879 -34.53 -49.92 12.57
N MET C 880 -34.60 -49.98 13.90
CA MET C 880 -34.83 -48.80 14.71
C MET C 880 -33.53 -48.05 14.96
N THR C 881 -33.66 -46.73 15.11
CA THR C 881 -32.51 -45.88 15.35
C THR C 881 -32.60 -45.28 16.74
N GLY C 882 -31.49 -44.70 17.19
CA GLY C 882 -31.45 -44.05 18.48
C GLY C 882 -32.06 -42.67 18.50
N MET C 883 -32.68 -42.27 17.40
CA MET C 883 -33.31 -40.95 17.30
C MET C 883 -34.27 -40.68 18.45
N GLY C 884 -34.97 -41.68 18.93
CA GLY C 884 -35.90 -41.45 20.00
C GLY C 884 -35.42 -41.81 21.38
N SER C 885 -34.12 -41.95 21.60
CA SER C 885 -33.65 -42.26 22.94
C SER C 885 -33.75 -41.09 23.91
N PRO C 886 -33.70 -39.83 23.49
CA PRO C 886 -33.95 -38.74 24.46
C PRO C 886 -35.39 -38.66 24.94
N ASP C 887 -36.36 -38.74 24.04
CA ASP C 887 -37.75 -38.67 24.45
C ASP C 887 -38.11 -39.81 25.39
N LEU C 888 -37.60 -41.00 25.12
CA LEU C 888 -37.74 -42.11 26.04
C LEU C 888 -37.27 -41.73 27.44
N PHE C 889 -36.10 -41.12 27.53
CA PHE C 889 -35.60 -40.76 28.84
C PHE C 889 -36.45 -39.67 29.48
N HIS C 890 -37.13 -38.86 28.68
CA HIS C 890 -38.04 -37.89 29.27
C HIS C 890 -39.20 -38.61 29.92
N ALA C 891 -39.78 -39.58 29.23
CA ALA C 891 -40.95 -40.26 29.77
C ALA C 891 -40.61 -40.96 31.06
N ASN C 892 -39.51 -41.71 31.07
CA ASN C 892 -39.01 -42.31 32.30
C ASN C 892 -38.93 -41.30 33.43
N LEU C 893 -38.36 -40.14 33.16
CA LEU C 893 -38.20 -39.14 34.20
C LEU C 893 -39.54 -38.79 34.83
N ILE C 894 -40.58 -38.65 34.01
CA ILE C 894 -41.90 -38.37 34.57
C ILE C 894 -42.29 -39.46 35.54
N ALA C 895 -42.18 -40.71 35.12
CA ALA C 895 -42.59 -41.81 35.99
C ALA C 895 -41.78 -41.85 37.27
N ARG C 896 -40.60 -41.25 37.26
CA ARG C 896 -39.79 -41.25 38.47
C ARG C 896 -40.36 -40.26 39.47
N GLU C 897 -40.64 -39.04 39.03
CA GLU C 897 -41.12 -38.03 39.96
C GLU C 897 -42.48 -38.39 40.52
N MET C 898 -43.36 -38.94 39.69
CA MET C 898 -44.66 -39.36 40.17
C MET C 898 -44.55 -40.40 41.25
N ILE C 899 -43.45 -41.13 41.32
CA ILE C 899 -43.38 -42.23 42.28
C ILE C 899 -42.52 -41.87 43.47
N MET C 900 -41.45 -41.13 43.24
CA MET C 900 -40.49 -40.83 44.28
C MET C 900 -40.46 -39.37 44.70
N SER C 901 -41.32 -38.53 44.15
CA SER C 901 -41.38 -37.14 44.60
C SER C 901 -42.78 -36.59 44.81
N MET C 902 -43.80 -37.15 44.17
CA MET C 902 -45.15 -36.66 44.38
C MET C 902 -46.03 -37.68 45.06
N GLY C 903 -45.50 -38.83 45.46
CA GLY C 903 -46.30 -39.78 46.20
C GLY C 903 -47.52 -40.27 45.47
N MET C 904 -47.42 -40.48 44.16
CA MET C 904 -48.52 -41.04 43.39
C MET C 904 -48.42 -42.55 43.24
N GLY C 905 -47.47 -43.17 43.92
CA GLY C 905 -47.36 -44.62 43.89
C GLY C 905 -48.34 -45.26 44.86
N ARG C 906 -48.63 -46.53 44.63
CA ARG C 906 -49.66 -47.18 45.43
C ARG C 906 -49.06 -47.93 46.61
N ARG C 907 -47.96 -48.65 46.39
CA ARG C 907 -47.31 -49.34 47.49
C ARG C 907 -46.22 -48.48 48.13
N THR C 908 -45.86 -47.37 47.49
CA THR C 908 -44.82 -46.52 48.02
C THR C 908 -45.39 -45.38 48.86
N GLY C 909 -46.57 -44.88 48.51
CA GLY C 909 -47.25 -43.90 49.32
C GLY C 909 -46.52 -42.56 49.37
N PRO C 910 -46.95 -41.68 50.26
CA PRO C 910 -46.40 -40.32 50.38
C PRO C 910 -45.12 -40.16 51.21
N ILE C 911 -43.98 -40.45 50.59
CA ILE C 911 -42.68 -40.25 51.21
C ILE C 911 -41.71 -39.78 50.13
N ASP C 912 -40.79 -38.92 50.53
CA ASP C 912 -39.84 -38.30 49.61
C ASP C 912 -38.50 -39.03 49.66
N LEU C 913 -38.05 -39.52 48.52
CA LEU C 913 -36.90 -40.41 48.47
C LEU C 913 -35.71 -39.86 47.70
N LEU C 914 -35.91 -38.96 46.75
CA LEU C 914 -34.83 -38.54 45.87
C LEU C 914 -34.13 -37.31 46.41
N ARG C 915 -32.89 -37.15 46.00
CA ARG C 915 -32.05 -36.02 46.35
C ARG C 915 -31.29 -35.62 45.10
N VAL C 916 -31.08 -34.33 44.90
CA VAL C 916 -30.36 -33.85 43.73
C VAL C 916 -28.87 -33.82 44.06
N ALA C 917 -28.08 -34.52 43.26
CA ALA C 917 -26.65 -34.61 43.48
C ALA C 917 -26.02 -33.25 43.20
N ALA C 918 -25.45 -32.63 44.23
CA ALA C 918 -24.79 -31.35 44.07
C ALA C 918 -23.45 -31.53 43.36
N THR C 919 -23.46 -31.45 42.03
CA THR C 919 -22.26 -31.55 41.21
C THR C 919 -22.48 -30.76 39.93
N SER C 920 -21.37 -30.34 39.31
CA SER C 920 -21.42 -29.58 38.07
C SER C 920 -20.07 -29.60 37.36
N PRO C 940 -18.26 -40.65 36.28
CA PRO C 940 -19.65 -40.78 35.87
C PRO C 940 -20.49 -39.60 36.33
N PHE C 941 -21.58 -39.34 35.64
CA PHE C 941 -22.45 -38.21 35.95
C PHE C 941 -23.77 -38.72 36.50
N TYR C 942 -24.18 -38.16 37.63
CA TYR C 942 -25.43 -38.52 38.27
C TYR C 942 -26.22 -37.26 38.56
N TYR C 943 -27.53 -37.37 38.47
CA TYR C 943 -28.42 -36.28 38.83
C TYR C 943 -29.15 -36.53 40.14
N HIS C 944 -29.61 -37.74 40.37
CA HIS C 944 -30.38 -38.09 41.54
C HIS C 944 -29.59 -39.05 42.40
N THR C 945 -29.74 -38.92 43.71
CA THR C 945 -29.18 -39.88 44.64
C THR C 945 -30.28 -40.29 45.61
N THR C 946 -30.16 -41.49 46.14
CA THR C 946 -31.13 -41.98 47.10
C THR C 946 -30.45 -42.99 48.01
N ASP C 947 -30.76 -42.91 49.30
CA ASP C 947 -30.17 -43.81 50.27
C ASP C 947 -31.17 -44.81 50.82
N MET C 948 -32.28 -45.04 50.12
CA MET C 948 -33.27 -45.96 50.62
C MET C 948 -32.73 -47.38 50.59
N SER C 949 -33.30 -48.24 51.43
CA SER C 949 -32.90 -49.62 51.50
C SER C 949 -33.08 -50.31 50.14
N THR C 950 -32.54 -51.52 50.03
CA THR C 950 -32.58 -52.21 48.75
C THR C 950 -33.95 -52.81 48.47
N GLU C 951 -34.63 -53.26 49.51
CA GLU C 951 -35.94 -53.86 49.31
C GLU C 951 -37.00 -52.81 49.03
N GLN C 952 -36.79 -51.57 49.43
CA GLN C 952 -37.69 -50.50 49.03
C GLN C 952 -37.37 -50.01 47.62
N ALA C 953 -36.09 -50.04 47.25
CA ALA C 953 -35.70 -49.70 45.88
C ALA C 953 -36.32 -50.67 44.90
N ARG C 954 -36.35 -51.96 45.25
CA ARG C 954 -37.03 -52.94 44.40
C ARG C 954 -38.45 -52.51 44.08
N VAL C 955 -39.24 -52.20 45.11
CA VAL C 955 -40.65 -51.91 44.92
C VAL C 955 -40.84 -50.62 44.14
N ALA C 956 -40.08 -49.58 44.47
CA ALA C 956 -40.24 -48.32 43.75
C ALA C 956 -39.91 -48.47 42.27
N LEU C 957 -38.87 -49.23 41.94
CA LEU C 957 -38.52 -49.41 40.54
C LEU C 957 -39.53 -50.28 39.82
N ALA C 958 -40.09 -51.29 40.49
CA ALA C 958 -41.16 -52.07 39.89
C ALA C 958 -42.35 -51.20 39.53
N GLU C 959 -42.64 -50.20 40.37
CA GLU C 959 -43.79 -49.33 40.08
C GLU C 959 -43.51 -48.39 38.92
N VAL C 960 -42.30 -47.83 38.86
CA VAL C 960 -41.92 -47.04 37.69
C VAL C 960 -42.06 -47.88 36.42
N VAL C 961 -41.62 -49.13 36.47
CA VAL C 961 -41.65 -49.98 35.29
C VAL C 961 -43.08 -50.26 34.84
N GLU C 962 -43.99 -50.47 35.79
CA GLU C 962 -45.35 -50.78 35.35
C GLU C 962 -46.08 -49.55 34.85
N LEU C 963 -45.75 -48.36 35.36
CA LEU C 963 -46.26 -47.13 34.76
C LEU C 963 -45.82 -47.02 33.30
N LEU C 964 -44.54 -47.29 33.02
CA LEU C 964 -44.05 -47.17 31.66
C LEU C 964 -44.66 -48.22 30.75
N ASP C 965 -44.87 -49.42 31.26
CA ASP C 965 -45.53 -50.45 30.46
C ASP C 965 -46.93 -50.03 30.06
N ALA C 966 -47.71 -49.49 31.01
CA ALA C 966 -49.05 -49.05 30.66
C ALA C 966 -49.03 -47.91 29.65
N ALA C 967 -48.14 -46.93 29.84
CA ALA C 967 -48.06 -45.83 28.88
C ALA C 967 -47.78 -46.34 27.48
N GLU C 968 -46.88 -47.31 27.36
CA GLU C 968 -46.54 -47.82 26.03
C GLU C 968 -47.67 -48.63 25.44
N ALA C 969 -48.41 -49.37 26.26
CA ALA C 969 -49.57 -50.10 25.74
C ALA C 969 -50.60 -49.13 25.17
N LYS C 970 -50.85 -48.01 25.85
CA LYS C 970 -51.81 -47.05 25.32
C LYS C 970 -51.31 -46.42 24.04
N ALA C 971 -50.03 -46.07 23.97
CA ALA C 971 -49.50 -45.48 22.76
C ALA C 971 -49.62 -46.43 21.58
N MET C 972 -49.27 -47.71 21.77
CA MET C 972 -49.35 -48.66 20.66
C MET C 972 -50.78 -48.91 20.22
N TYR C 973 -51.69 -49.04 21.17
CA TYR C 973 -53.09 -49.27 20.82
C TYR C 973 -53.67 -48.10 20.04
N GLY C 974 -53.34 -46.87 20.45
CA GLY C 974 -53.89 -45.72 19.78
C GLY C 974 -53.25 -45.43 18.44
N LEU C 975 -52.03 -45.91 18.22
CA LEU C 975 -51.47 -45.84 16.88
C LEU C 975 -52.01 -46.95 16.00
N ALA C 976 -52.42 -48.06 16.60
CA ALA C 976 -52.90 -49.18 15.80
C ALA C 976 -54.30 -48.92 15.28
N ILE C 977 -55.20 -48.42 16.13
CA ILE C 977 -56.55 -48.16 15.65
C ILE C 977 -56.63 -46.95 14.71
N ASN C 978 -55.52 -46.27 14.43
CA ASN C 978 -55.49 -45.07 13.60
C ASN C 978 -54.48 -45.21 12.48
N TRP C 979 -54.43 -46.39 11.88
CA TRP C 979 -53.37 -46.71 10.93
C TRP C 979 -53.46 -45.85 9.68
N ARG C 980 -54.67 -45.67 9.15
CA ARG C 980 -54.85 -44.93 7.91
C ARG C 980 -54.43 -43.48 8.08
N ALA C 981 -54.88 -42.83 9.14
CA ALA C 981 -54.49 -41.46 9.41
C ALA C 981 -53.00 -41.35 9.63
N LEU C 982 -52.39 -42.34 10.28
CA LEU C 982 -50.95 -42.30 10.51
C LEU C 982 -50.19 -42.31 9.19
N GLN C 983 -50.58 -43.19 8.26
CA GLN C 983 -49.86 -43.25 6.99
C GLN C 983 -50.09 -42.00 6.14
N ALA C 984 -51.32 -41.48 6.15
CA ALA C 984 -51.60 -40.25 5.40
C ALA C 984 -50.78 -39.09 5.90
N LEU C 985 -50.71 -38.91 7.23
CA LEU C 985 -49.93 -37.81 7.78
C LEU C 985 -48.44 -38.01 7.56
N THR C 986 -47.98 -39.27 7.57
CA THR C 986 -46.59 -39.54 7.26
C THR C 986 -46.25 -39.11 5.84
N GLN C 987 -47.10 -39.45 4.88
CA GLN C 987 -46.87 -39.04 3.49
C GLN C 987 -46.87 -37.52 3.36
N ALA C 988 -47.82 -36.85 3.99
CA ALA C 988 -47.85 -35.40 3.93
C ALA C 988 -46.57 -34.78 4.47
N LEU C 989 -46.06 -35.31 5.58
CA LEU C 989 -44.81 -34.78 6.12
C LEU C 989 -43.63 -35.12 5.23
N LEU C 990 -43.66 -36.26 4.55
CA LEU C 990 -42.55 -36.64 3.69
C LEU C 990 -42.47 -35.73 2.47
N ASP C 991 -43.62 -35.31 1.96
CA ASP C 991 -43.59 -34.54 0.72
C ASP C 991 -43.79 -33.04 0.91
N ARG C 992 -44.06 -32.54 2.12
CA ARG C 992 -44.12 -31.10 2.32
C ARG C 992 -43.04 -30.53 3.23
N GLY C 993 -42.44 -31.32 4.10
CA GLY C 993 -41.37 -30.84 4.96
C GLY C 993 -41.86 -30.13 6.20
N THR C 994 -42.87 -29.29 6.06
CA THR C 994 -43.47 -28.55 7.17
C THR C 994 -44.98 -28.59 6.98
N ILE C 995 -45.71 -28.36 8.07
CA ILE C 995 -47.16 -28.44 8.03
C ILE C 995 -47.67 -27.71 9.26
N THR C 996 -48.84 -27.09 9.14
CA THR C 996 -49.36 -26.32 10.24
C THR C 996 -50.44 -27.08 10.98
N GLY C 997 -50.89 -26.51 12.10
CA GLY C 997 -51.86 -27.19 12.93
C GLY C 997 -53.21 -27.33 12.25
N LYS C 998 -53.60 -26.34 11.44
CA LYS C 998 -54.86 -26.45 10.71
C LYS C 998 -54.78 -27.52 9.64
N GLU C 999 -53.65 -27.60 8.95
CA GLU C 999 -53.46 -28.66 7.95
C GLU C 999 -53.39 -30.02 8.61
N VAL C 1000 -52.76 -30.12 9.78
CA VAL C 1000 -52.70 -31.39 10.48
C VAL C 1000 -54.10 -31.82 10.89
N ALA C 1001 -54.88 -30.89 11.43
CA ALA C 1001 -56.26 -31.20 11.77
C ALA C 1001 -57.03 -31.68 10.55
N HIS C 1002 -56.88 -31.00 9.41
CA HIS C 1002 -57.65 -31.36 8.23
C HIS C 1002 -57.26 -32.73 7.70
N ILE C 1003 -55.96 -33.00 7.60
CA ILE C 1003 -55.50 -34.30 7.13
C ILE C 1003 -55.99 -35.41 8.05
N LEU C 1004 -55.92 -35.19 9.36
CA LEU C 1004 -56.29 -36.26 10.28
C LEU C 1004 -57.79 -36.50 10.28
N GLU C 1005 -58.59 -35.44 10.17
CA GLU C 1005 -60.03 -35.62 10.18
C GLU C 1005 -60.55 -36.13 8.84
N SER C 1006 -59.79 -35.95 7.75
CA SER C 1006 -60.21 -36.48 6.47
C SER C 1006 -60.11 -38.00 6.41
N ASN C 1007 -59.25 -38.60 7.23
CA ASN C 1007 -59.02 -40.03 7.21
C ASN C 1007 -59.72 -40.76 8.35
N GLY C 1008 -60.53 -40.07 9.14
CA GLY C 1008 -61.30 -40.72 10.18
C GLY C 1008 -60.52 -41.16 11.40
N VAL C 1009 -60.02 -40.19 12.18
CA VAL C 1009 -59.36 -40.51 13.43
C VAL C 1009 -60.40 -40.89 14.48
N ILE C 1010 -59.98 -41.76 15.40
CA ILE C 1010 -60.79 -42.21 16.52
C ILE C 1010 -60.12 -41.66 17.77
N HIS C 1011 -60.73 -40.66 18.38
CA HIS C 1011 -60.13 -39.98 19.51
C HIS C 1011 -60.08 -40.90 20.73
N PHE C 1012 -59.37 -40.44 21.77
CA PHE C 1012 -59.31 -41.06 23.09
C PHE C 1012 -60.45 -40.53 23.95
N PRO C 1013 -61.02 -41.33 24.85
CA PRO C 1013 -62.06 -40.79 25.73
C PRO C 1013 -61.52 -39.97 26.88
N ASP C 1014 -60.38 -40.33 27.47
CA ASP C 1014 -59.85 -39.64 28.64
C ASP C 1014 -58.33 -39.75 28.60
N PRO C 1015 -57.61 -38.94 29.39
CA PRO C 1015 -56.15 -38.96 29.28
C PRO C 1015 -55.45 -39.96 30.18
N TYR C 1016 -56.20 -40.76 30.93
CA TYR C 1016 -55.64 -41.70 31.88
C TYR C 1016 -55.26 -43.00 31.20
N THR C 1017 -54.13 -43.58 31.63
CA THR C 1017 -53.65 -44.85 31.11
C THR C 1017 -53.90 -45.99 32.07
N THR C 1018 -55.04 -46.01 32.74
CA THR C 1018 -55.36 -47.10 33.66
C THR C 1018 -56.23 -48.12 32.96
N GLY C 1019 -55.86 -49.39 33.08
CA GLY C 1019 -56.52 -50.44 32.36
C GLY C 1019 -55.74 -50.99 31.20
N PHE C 1020 -54.68 -50.31 30.79
CA PHE C 1020 -53.81 -50.77 29.72
C PHE C 1020 -52.62 -51.50 30.34
N GLY C 1021 -51.82 -52.14 29.50
CA GLY C 1021 -50.71 -52.92 29.98
C GLY C 1021 -50.51 -54.13 29.10
N TRP C 1022 -49.66 -55.02 29.56
CA TRP C 1022 -49.37 -56.27 28.87
C TRP C 1022 -49.69 -57.44 29.79
N ASP C 1023 -50.10 -58.55 29.21
CA ASP C 1023 -50.38 -59.73 30.00
C ASP C 1023 -49.11 -60.53 30.20
N PRO C 1024 -49.06 -61.38 31.24
CA PRO C 1024 -47.81 -62.11 31.52
C PRO C 1024 -47.37 -63.04 30.41
N ASP C 1025 -48.15 -63.18 29.34
CA ASP C 1025 -47.77 -63.98 28.19
C ASP C 1025 -47.39 -63.14 26.98
N GLY C 1026 -47.57 -61.83 27.04
CA GLY C 1026 -47.11 -60.94 26.00
C GLY C 1026 -48.18 -60.22 25.23
N SER C 1027 -49.45 -60.45 25.52
CA SER C 1027 -50.53 -59.90 24.72
C SER C 1027 -50.95 -58.55 25.24
N LEU C 1028 -51.23 -57.64 24.32
CA LEU C 1028 -51.68 -56.30 24.67
C LEU C 1028 -53.00 -56.37 25.42
N ARG C 1029 -53.23 -55.44 26.33
CA ARG C 1029 -54.41 -55.45 27.18
C ARG C 1029 -55.14 -54.12 27.03
N TYR C 1030 -56.35 -54.16 26.50
CA TYR C 1030 -57.25 -53.01 26.45
C TYR C 1030 -57.97 -52.93 27.79
N PRO C 1031 -58.66 -51.80 28.09
CA PRO C 1031 -59.08 -51.54 29.48
C PRO C 1031 -59.91 -52.62 30.15
N PHE C 1032 -61.07 -52.95 29.60
CA PHE C 1032 -61.92 -54.00 30.15
C PHE C 1032 -61.68 -55.28 29.36
N LYS C 1033 -61.18 -56.30 30.05
CA LYS C 1033 -60.75 -57.55 29.42
C LYS C 1033 -59.63 -57.30 28.41
N THR C 1056 -34.36 -80.09 15.76
CA THR C 1056 -33.06 -80.73 15.90
C THR C 1056 -32.27 -80.66 14.60
N PRO C 1057 -30.96 -80.47 14.71
CA PRO C 1057 -30.13 -80.37 13.50
C PRO C 1057 -30.01 -81.71 12.79
N ASP C 1058 -29.65 -81.64 11.51
CA ASP C 1058 -29.59 -82.80 10.62
C ASP C 1058 -28.15 -83.20 10.42
N LEU C 1059 -27.71 -84.24 11.13
CA LEU C 1059 -26.36 -84.77 10.97
C LEU C 1059 -26.39 -85.92 9.97
N SER C 1060 -26.76 -85.57 8.74
CA SER C 1060 -27.03 -86.59 7.73
C SER C 1060 -25.81 -86.89 6.85
N GLY C 1061 -25.32 -85.90 6.13
CA GLY C 1061 -24.28 -86.15 5.14
C GLY C 1061 -22.89 -86.06 5.72
N ALA C 1062 -22.05 -85.21 5.13
CA ALA C 1062 -20.74 -84.94 5.70
C ALA C 1062 -20.83 -84.23 7.03
N ARG C 1063 -21.93 -83.52 7.28
CA ARG C 1063 -22.09 -82.78 8.51
C ARG C 1063 -22.15 -83.69 9.73
N GLY C 1064 -22.32 -84.98 9.54
CA GLY C 1064 -22.26 -85.91 10.64
C GLY C 1064 -20.90 -86.50 10.87
N LYS C 1065 -19.90 -86.10 10.09
CA LYS C 1065 -18.54 -86.61 10.24
C LYS C 1065 -17.60 -85.63 10.88
N THR C 1066 -18.09 -84.48 11.34
CA THR C 1066 -17.23 -83.48 11.97
C THR C 1066 -16.77 -84.04 13.32
N TRP C 1067 -16.05 -83.23 14.09
CA TRP C 1067 -15.13 -83.79 15.07
C TRP C 1067 -15.83 -84.63 16.12
N PHE C 1068 -16.84 -84.10 16.79
CA PHE C 1068 -17.50 -84.93 17.78
C PHE C 1068 -18.94 -85.28 17.38
N ALA C 1069 -19.67 -84.35 16.80
CA ALA C 1069 -20.80 -84.67 15.93
C ALA C 1069 -21.82 -85.57 16.62
N GLY C 1070 -22.47 -85.00 17.62
CA GLY C 1070 -23.57 -85.70 18.27
C GLY C 1070 -23.43 -85.83 19.76
N THR C 1071 -22.20 -85.98 20.25
CA THR C 1071 -21.97 -86.09 21.68
C THR C 1071 -22.15 -84.74 22.35
N ALA C 1072 -21.89 -84.70 23.65
CA ALA C 1072 -22.01 -83.46 24.41
C ALA C 1072 -20.89 -82.49 24.14
N TYR C 1073 -19.81 -82.93 23.50
CA TYR C 1073 -18.67 -82.08 23.18
C TYR C 1073 -18.79 -81.45 21.80
N ASP C 1074 -19.99 -81.36 21.24
CA ASP C 1074 -20.18 -80.80 19.91
C ASP C 1074 -20.45 -79.30 20.01
N ALA C 1075 -20.30 -78.63 18.90
CA ALA C 1075 -20.56 -77.19 18.88
C ALA C 1075 -22.04 -76.93 18.59
N PRO C 1076 -22.56 -75.78 19.01
CA PRO C 1076 -23.96 -75.46 18.74
C PRO C 1076 -24.22 -75.32 17.24
N ARG C 1077 -25.34 -75.88 16.79
CA ARG C 1077 -25.66 -75.95 15.38
C ARG C 1077 -26.97 -75.23 15.10
N ASN C 1078 -27.18 -74.93 13.82
CA ASN C 1078 -28.41 -74.32 13.36
C ASN C 1078 -29.42 -75.41 13.02
N ALA C 1079 -30.49 -75.01 12.31
CA ALA C 1079 -31.50 -75.99 11.91
C ALA C 1079 -30.96 -76.97 10.88
N ASP C 1080 -30.25 -76.48 9.87
CA ASP C 1080 -29.78 -77.32 8.78
C ASP C 1080 -28.50 -78.07 9.09
N GLY C 1081 -27.90 -77.84 10.25
CA GLY C 1081 -26.72 -78.56 10.67
C GLY C 1081 -25.43 -77.80 10.59
N THR C 1082 -25.45 -76.56 10.12
CA THR C 1082 -24.27 -75.73 10.14
C THR C 1082 -24.03 -75.19 11.54
N PHE C 1083 -22.79 -74.88 11.83
CA PHE C 1083 -22.45 -74.41 13.16
C PHE C 1083 -23.03 -73.02 13.38
N LYS C 1084 -22.89 -72.52 14.60
CA LYS C 1084 -23.80 -71.48 15.07
C LYS C 1084 -23.64 -70.18 14.29
N HIS C 1085 -22.49 -69.54 14.39
CA HIS C 1085 -22.29 -68.23 13.80
C HIS C 1085 -21.62 -68.31 12.44
N GLY C 1086 -21.63 -69.48 11.83
CA GLY C 1086 -20.78 -69.71 10.69
C GLY C 1086 -19.41 -70.20 11.07
N TRP C 1087 -19.31 -70.95 12.16
CA TRP C 1087 -18.04 -71.28 12.77
C TRP C 1087 -17.52 -72.61 12.24
N HIS C 1088 -16.20 -72.75 12.19
CA HIS C 1088 -15.54 -73.97 11.77
C HIS C 1088 -14.36 -74.19 12.69
N TRP C 1089 -14.02 -75.46 12.93
CA TRP C 1089 -12.97 -75.77 13.91
C TRP C 1089 -11.64 -75.13 13.55
N ASN C 1090 -11.53 -74.52 12.38
CA ASN C 1090 -10.34 -73.80 11.98
C ASN C 1090 -10.16 -72.51 12.75
N MET C 1091 -11.27 -71.82 13.06
CA MET C 1091 -11.23 -70.46 13.55
C MET C 1091 -10.48 -70.38 14.88
N PRO C 1092 -9.80 -69.28 15.14
CA PRO C 1092 -8.91 -69.19 16.30
C PRO C 1092 -9.60 -68.90 17.63
N PHE C 1093 -10.91 -68.97 17.72
CA PHE C 1093 -11.62 -68.66 18.95
C PHE C 1093 -12.66 -69.73 19.19
N SER C 1094 -12.83 -70.12 20.45
CA SER C 1094 -13.86 -71.11 20.73
C SER C 1094 -15.22 -70.46 20.81
N VAL C 1095 -16.23 -71.31 20.90
CA VAL C 1095 -17.62 -70.86 20.93
C VAL C 1095 -18.26 -71.42 22.19
N LYS C 1096 -19.12 -70.63 22.81
CA LYS C 1096 -19.65 -70.98 24.12
C LYS C 1096 -20.88 -71.86 23.98
N THR C 1097 -20.77 -73.10 24.43
CA THR C 1097 -21.88 -74.02 24.47
C THR C 1097 -22.91 -73.57 25.50
N GLU C 1098 -24.18 -73.68 25.15
CA GLU C 1098 -25.22 -73.21 26.07
C GLU C 1098 -25.36 -74.13 27.27
N LEU C 1099 -25.05 -75.42 27.12
CA LEU C 1099 -25.06 -76.33 28.24
C LEU C 1099 -24.29 -77.61 27.94
N THR D 35 32.19 -47.01 -46.48
CA THR D 35 31.48 -48.08 -47.17
C THR D 35 30.49 -48.75 -46.21
N LEU D 36 30.95 -49.05 -45.00
CA LEU D 36 30.08 -49.62 -43.96
C LEU D 36 28.84 -48.78 -43.72
N GLN D 37 28.97 -47.46 -43.80
CA GLN D 37 27.82 -46.57 -43.68
C GLN D 37 26.77 -46.87 -44.75
N ASN D 38 27.16 -47.60 -45.80
CA ASN D 38 26.24 -47.78 -46.91
C ASN D 38 25.61 -49.18 -46.94
N GLU D 39 26.39 -50.24 -46.67
CA GLU D 39 25.72 -51.53 -46.54
C GLU D 39 24.92 -51.61 -45.24
N ARG D 40 25.23 -50.77 -44.26
CA ARG D 40 24.34 -50.65 -43.11
C ARG D 40 22.93 -50.27 -43.56
N ILE D 41 22.83 -49.16 -44.31
CA ILE D 41 21.55 -48.72 -44.86
C ILE D 41 20.94 -49.81 -45.75
N ASN D 42 21.77 -50.46 -46.58
CA ASN D 42 21.26 -51.50 -47.46
C ASN D 42 20.60 -52.62 -46.66
N LYS D 43 21.31 -53.18 -45.68
CA LYS D 43 20.78 -54.30 -44.91
C LYS D 43 19.57 -53.87 -44.07
N GLN D 44 19.53 -52.61 -43.63
CA GLN D 44 18.39 -52.17 -42.84
C GLN D 44 17.14 -52.07 -43.69
N LEU D 45 17.26 -51.47 -44.87
CA LEU D 45 16.11 -51.42 -45.78
C LEU D 45 15.71 -52.80 -46.25
N ASN D 46 16.68 -53.70 -46.37
CA ASN D 46 16.37 -55.08 -46.75
C ASN D 46 15.58 -55.78 -45.65
N ALA D 47 16.02 -55.64 -44.40
CA ALA D 47 15.27 -56.20 -43.28
C ALA D 47 13.85 -55.66 -43.26
N PHE D 48 13.70 -54.34 -43.42
CA PHE D 48 12.36 -53.77 -43.45
C PHE D 48 11.50 -54.40 -44.55
N LEU D 49 12.05 -54.44 -45.76
CA LEU D 49 11.26 -54.90 -46.92
C LEU D 49 10.94 -56.38 -46.81
N LYS D 50 11.78 -57.15 -46.13
CA LYS D 50 11.51 -58.58 -46.03
C LYS D 50 10.55 -58.89 -44.89
N THR D 51 10.60 -58.15 -43.79
CA THR D 51 9.75 -58.46 -42.63
C THR D 51 8.38 -57.80 -42.68
N TYR D 52 8.19 -56.78 -43.53
CA TYR D 52 6.90 -56.11 -43.62
C TYR D 52 5.73 -57.07 -43.67
N LYS D 53 5.81 -58.09 -44.52
CA LYS D 53 4.64 -58.94 -44.75
C LYS D 53 4.29 -59.75 -43.51
N PHE D 54 5.29 -60.20 -42.76
CA PHE D 54 5.01 -60.92 -41.53
C PHE D 54 4.51 -59.99 -40.43
N GLU D 55 5.03 -58.76 -40.37
CA GLU D 55 4.55 -57.84 -39.35
C GLU D 55 3.11 -57.41 -39.63
N LYS D 56 2.67 -57.46 -40.89
CA LYS D 56 1.28 -57.16 -41.17
C LYS D 56 0.35 -58.23 -40.62
N LEU D 57 0.84 -59.46 -40.45
CA LEU D 57 -0.01 -60.56 -39.97
C LEU D 57 0.12 -60.75 -38.46
N ILE D 58 1.29 -60.47 -37.89
CA ILE D 58 1.43 -60.62 -36.44
C ILE D 58 0.50 -59.67 -35.70
N THR D 59 0.20 -58.50 -36.29
CA THR D 59 -0.74 -57.58 -35.65
C THR D 59 -2.18 -58.07 -35.80
N ASN D 60 -2.49 -58.63 -36.97
CA ASN D 60 -3.83 -59.28 -37.10
C ASN D 60 -3.89 -60.39 -36.06
N TYR D 61 -2.92 -60.41 -35.14
CA TYR D 61 -2.87 -61.46 -34.09
C TYR D 61 -2.82 -60.81 -32.72
N LYS D 62 -2.11 -59.68 -32.60
CA LYS D 62 -2.07 -58.93 -31.31
C LYS D 62 -3.38 -58.14 -31.18
N LYS D 63 -4.51 -58.84 -30.98
CA LYS D 63 -5.82 -58.17 -30.91
C LYS D 63 -6.81 -59.04 -30.14
N MET D 64 -7.03 -60.27 -30.60
CA MET D 64 -8.08 -61.15 -30.02
C MET D 64 -7.75 -61.63 -28.61
N GLN D 65 -6.48 -61.68 -28.23
CA GLN D 65 -6.14 -62.31 -26.92
C GLN D 65 -6.29 -61.37 -25.73
N SER D 66 -5.69 -60.17 -25.73
CA SER D 66 -5.74 -59.42 -24.48
C SER D 66 -7.17 -59.13 -24.04
N PHE D 67 -7.34 -58.98 -22.73
CA PHE D 67 -8.64 -58.81 -22.11
C PHE D 67 -8.50 -58.44 -20.64
N PHE D 264 -8.76 -43.66 -44.44
CA PHE D 264 -7.93 -42.89 -43.53
C PHE D 264 -7.01 -43.80 -42.72
N GLY D 265 -5.95 -43.23 -42.16
CA GLY D 265 -4.95 -44.04 -41.49
C GLY D 265 -4.23 -44.96 -42.45
N THR D 266 -4.05 -44.53 -43.70
CA THR D 266 -3.54 -45.38 -44.76
C THR D 266 -2.01 -45.48 -44.76
N TYR D 267 -1.32 -44.78 -43.88
CA TYR D 267 0.12 -44.92 -43.75
C TYR D 267 0.56 -45.05 -42.31
N TYR D 268 -0.36 -45.36 -41.40
CA TYR D 268 0.00 -45.56 -40.00
C TYR D 268 1.01 -46.69 -39.86
N PHE D 269 0.72 -47.81 -40.53
CA PHE D 269 1.47 -49.04 -40.30
C PHE D 269 2.84 -49.01 -40.95
N LEU D 270 2.91 -48.57 -42.21
CA LEU D 270 4.18 -48.46 -42.90
C LEU D 270 5.15 -47.56 -42.15
N GLN D 271 4.66 -46.41 -41.68
CA GLN D 271 5.51 -45.48 -40.96
C GLN D 271 5.93 -46.06 -39.62
N LYS D 272 5.01 -46.74 -38.94
CA LYS D 272 5.36 -47.44 -37.70
C LYS D 272 6.54 -48.38 -37.91
N LEU D 273 6.46 -49.25 -38.91
CA LEU D 273 7.52 -50.22 -39.12
C LEU D 273 8.81 -49.57 -39.59
N LEU D 274 8.71 -48.57 -40.48
CA LEU D 274 9.90 -47.88 -40.93
C LEU D 274 10.63 -47.21 -39.77
N SER D 275 9.87 -46.62 -38.85
CA SER D 275 10.48 -46.03 -37.66
C SER D 275 11.16 -47.09 -36.82
N LYS D 276 10.50 -48.24 -36.63
CA LYS D 276 11.12 -49.30 -35.84
C LYS D 276 12.44 -49.75 -36.44
N TYR D 277 12.50 -49.89 -37.78
CA TYR D 277 13.66 -50.50 -38.40
C TYR D 277 14.80 -49.52 -38.67
N LEU D 278 14.52 -48.29 -39.06
CA LEU D 278 15.58 -47.35 -39.37
C LEU D 278 16.19 -46.67 -38.14
N ASP D 279 15.51 -46.73 -37.01
CA ASP D 279 15.99 -46.09 -35.77
C ASP D 279 16.47 -47.12 -34.76
N VAL D 280 17.16 -48.15 -35.23
CA VAL D 280 17.67 -49.20 -34.36
C VAL D 280 18.96 -48.74 -33.69
N SER D 318 18.66 -11.84 -14.26
CA SER D 318 17.50 -12.57 -14.73
C SER D 318 16.26 -11.67 -14.77
N LEU D 319 16.48 -10.37 -14.79
CA LEU D 319 15.40 -9.39 -14.81
C LEU D 319 14.78 -9.30 -16.20
N TYR D 320 13.89 -8.34 -16.36
CA TYR D 320 13.29 -8.04 -17.63
C TYR D 320 13.97 -6.83 -18.27
N PHE D 321 13.52 -6.49 -19.48
CA PHE D 321 14.04 -5.33 -20.21
C PHE D 321 13.08 -4.17 -20.00
N VAL D 322 13.26 -3.48 -18.87
CA VAL D 322 12.33 -2.44 -18.44
C VAL D 322 13.09 -1.31 -17.75
N PHE D 323 12.50 -0.12 -17.75
CA PHE D 323 13.10 1.05 -17.14
C PHE D 323 13.03 0.97 -15.62
N THR D 324 13.70 1.91 -14.98
CA THR D 324 13.57 2.12 -13.54
C THR D 324 12.86 3.45 -13.30
N GLN D 325 12.74 3.86 -12.04
CA GLN D 325 11.67 4.79 -11.68
C GLN D 325 12.01 6.25 -11.95
N LEU D 326 13.24 6.68 -11.68
CA LEU D 326 13.71 8.04 -11.97
C LEU D 326 13.15 9.12 -11.04
N ASN D 327 12.22 8.77 -10.17
CA ASN D 327 11.69 9.79 -9.27
C ASN D 327 11.52 9.29 -7.84
N GLN D 328 12.14 8.16 -7.49
CA GLN D 328 12.12 7.72 -6.11
C GLN D 328 13.05 8.54 -5.23
N LYS D 329 13.94 9.32 -5.85
CA LYS D 329 14.91 10.15 -5.15
C LYS D 329 14.48 11.61 -5.09
N THR D 330 14.10 12.19 -6.22
CA THR D 330 13.84 13.62 -6.30
C THR D 330 12.69 13.94 -7.24
N PHE D 331 12.52 15.22 -7.56
CA PHE D 331 11.47 15.68 -8.45
C PHE D 331 11.99 16.48 -9.63
N LEU D 332 13.27 16.87 -9.62
CA LEU D 332 13.78 17.84 -10.59
C LEU D 332 13.48 17.46 -12.02
N SER D 333 13.35 16.17 -12.32
CA SER D 333 13.13 15.73 -13.69
C SER D 333 11.87 16.33 -14.29
N TYR D 334 10.86 16.60 -13.46
CA TYR D 334 9.64 17.19 -13.97
C TYR D 334 9.90 18.54 -14.60
N TRP D 335 10.87 19.29 -14.08
CA TRP D 335 11.22 20.58 -14.66
C TRP D 335 11.54 20.49 -16.13
N LEU D 336 11.73 19.29 -16.66
CA LEU D 336 12.10 19.12 -18.05
C LEU D 336 10.90 19.07 -18.98
N LEU D 337 9.72 18.73 -18.47
CA LEU D 337 8.57 18.54 -19.35
C LEU D 337 7.93 19.86 -19.76
N PRO D 338 7.62 20.78 -18.84
CA PRO D 338 7.08 22.07 -19.29
C PRO D 338 8.05 22.83 -20.17
N VAL D 339 9.32 22.90 -19.79
CA VAL D 339 10.29 23.68 -20.56
C VAL D 339 10.30 23.25 -22.01
N ALA D 340 10.50 21.95 -22.27
CA ALA D 340 10.45 21.46 -23.64
C ALA D 340 9.11 21.77 -24.29
N GLY D 341 8.03 21.61 -23.55
CA GLY D 341 6.72 21.96 -24.07
C GLY D 341 6.64 23.38 -24.59
N LEU D 342 7.35 24.31 -23.96
CA LEU D 342 7.34 25.69 -24.43
C LEU D 342 8.42 25.95 -25.47
N ALA D 343 9.46 25.12 -25.54
CA ALA D 343 10.45 25.28 -26.58
C ALA D 343 9.96 24.79 -27.93
N LEU D 344 8.98 23.89 -27.95
CA LEU D 344 8.32 23.54 -29.21
C LEU D 344 7.47 24.67 -29.73
N LEU D 345 6.77 25.37 -28.83
CA LEU D 345 5.86 26.43 -29.23
C LEU D 345 6.54 27.76 -29.42
N THR D 346 7.83 27.86 -29.13
CA THR D 346 8.47 29.18 -29.15
C THR D 346 8.63 29.74 -30.55
N PRO D 347 9.04 28.98 -31.57
CA PRO D 347 9.04 29.55 -32.93
C PRO D 347 7.68 30.02 -33.39
N THR D 348 6.60 29.44 -32.87
CA THR D 348 5.26 29.88 -33.25
C THR D 348 4.86 31.14 -32.50
N LEU D 349 5.12 31.18 -31.19
CA LEU D 349 4.76 32.34 -30.39
C LEU D 349 5.65 33.54 -30.66
N LEU D 350 6.83 33.33 -31.24
CA LEU D 350 7.79 34.41 -31.42
C LEU D 350 7.40 35.40 -32.50
N THR D 351 6.35 35.13 -33.27
CA THR D 351 5.90 36.11 -34.26
C THR D 351 5.13 37.27 -33.62
N LEU D 352 4.81 37.18 -32.34
CA LEU D 352 4.15 38.28 -31.65
C LEU D 352 5.09 39.45 -31.39
N THR D 353 6.40 39.27 -31.64
CA THR D 353 7.38 40.32 -31.53
C THR D 353 8.00 40.71 -32.87
N GLY D 354 7.78 39.92 -33.92
CA GLY D 354 8.34 40.18 -35.22
C GLY D 354 9.65 39.48 -35.51
N GLN D 355 10.17 38.70 -34.57
CA GLN D 355 11.48 38.07 -34.71
C GLN D 355 11.34 36.68 -35.34
N SER D 356 12.48 36.02 -35.52
CA SER D 356 12.53 34.72 -36.17
C SER D 356 11.81 33.64 -35.37
N ASN D 447 44.86 23.79 -57.95
CA ASN D 447 43.74 23.34 -58.78
C ASN D 447 43.31 24.44 -59.75
N ASP D 448 44.29 25.20 -60.23
CA ASP D 448 44.06 26.25 -61.23
C ASP D 448 43.93 25.68 -62.63
N LEU D 449 44.58 24.54 -62.89
CA LEU D 449 44.60 23.99 -64.24
C LEU D 449 43.22 23.49 -64.66
N ILE D 450 42.38 23.10 -63.71
CA ILE D 450 41.00 22.75 -64.07
C ILE D 450 40.29 23.95 -64.70
N SER D 451 40.33 25.09 -64.01
CA SER D 451 39.75 26.31 -64.54
C SER D 451 40.36 26.65 -65.89
N ILE D 452 41.68 26.44 -66.05
CA ILE D 452 42.31 26.91 -67.28
C ILE D 452 42.10 25.89 -68.40
N LYS D 453 41.78 24.64 -68.06
CA LYS D 453 41.31 23.69 -69.07
C LYS D 453 39.96 24.13 -69.61
N TYR D 454 39.05 24.51 -68.73
CA TYR D 454 37.79 25.06 -69.20
C TYR D 454 38.01 26.34 -70.01
N CYS D 455 39.00 27.13 -69.61
CA CYS D 455 39.35 28.34 -70.35
C CYS D 455 39.85 28.01 -71.75
N PHE D 456 40.67 26.96 -71.88
CA PHE D 456 41.16 26.56 -73.18
C PHE D 456 40.04 26.03 -74.06
N ASN D 457 39.14 25.24 -73.47
CA ASN D 457 37.90 24.87 -74.16
C ASN D 457 37.21 26.09 -74.74
N ASN D 458 36.89 27.05 -73.88
CA ASN D 458 36.14 28.24 -74.32
C ASN D 458 36.91 29.01 -75.38
N LEU D 459 38.23 29.13 -75.21
CA LEU D 459 39.03 29.93 -76.13
C LEU D 459 39.11 29.28 -77.51
N TYR D 460 39.37 27.97 -77.54
CA TYR D 460 39.44 27.26 -78.82
C TYR D 460 38.10 27.32 -79.54
N ASN D 461 37.01 27.08 -78.80
CA ASN D 461 35.69 27.15 -79.42
C ASN D 461 35.40 28.55 -79.94
N TYR D 462 35.79 29.57 -79.17
CA TYR D 462 35.54 30.95 -79.57
C TYR D 462 36.28 31.29 -80.86
N ILE D 463 37.58 30.99 -80.91
CA ILE D 463 38.36 31.34 -82.10
C ILE D 463 37.89 30.52 -83.30
N SER D 464 37.58 29.24 -83.08
CA SER D 464 37.09 28.41 -84.18
C SER D 464 35.78 28.94 -84.74
N ASN D 465 34.83 29.27 -83.86
CA ASN D 465 33.54 29.77 -84.34
C ASN D 465 33.68 31.14 -84.98
N LYS D 466 34.63 31.95 -84.51
CA LYS D 466 34.86 33.25 -85.11
C LYS D 466 35.38 33.10 -86.53
N THR D 467 36.40 32.27 -86.72
CA THR D 467 36.89 32.02 -88.08
C THR D 467 35.80 31.40 -88.95
N ALA D 468 34.99 30.52 -88.35
CA ALA D 468 33.92 29.86 -89.09
C ALA D 468 32.92 30.88 -89.63
N LEU D 469 32.45 31.78 -88.77
CA LEU D 469 31.45 32.75 -89.22
C LEU D 469 32.08 33.85 -90.07
N SER D 470 33.39 34.10 -89.92
CA SER D 470 34.07 34.98 -90.85
C SER D 470 34.01 34.42 -92.26
N THR D 471 34.50 33.18 -92.45
CA THR D 471 34.35 32.52 -93.74
C THR D 471 32.89 32.45 -94.18
N LYS D 472 31.99 32.21 -93.23
CA LYS D 472 30.57 32.07 -93.56
C LYS D 472 30.03 33.34 -94.20
N ASN D 473 30.20 34.49 -93.55
CA ASN D 473 29.56 35.70 -94.04
C ASN D 473 30.33 36.29 -95.21
N LEU D 474 31.63 35.97 -95.32
CA LEU D 474 32.34 36.36 -96.53
C LEU D 474 31.83 35.58 -97.73
N PHE D 475 31.53 34.29 -97.56
CA PHE D 475 30.85 33.54 -98.61
C PHE D 475 29.44 34.07 -98.82
N LEU D 476 28.83 34.60 -97.76
CA LEU D 476 27.51 35.21 -97.90
C LEU D 476 27.55 36.47 -98.73
N PHE D 477 28.69 37.17 -98.75
CA PHE D 477 28.76 38.42 -99.51
C PHE D 477 29.25 38.17 -100.93
N SER D 478 30.45 37.60 -101.07
CA SER D 478 31.03 37.36 -102.39
C SER D 478 30.80 35.93 -102.85
N LEU D 538 40.52 31.58 -55.74
CA LEU D 538 40.63 32.10 -57.10
C LEU D 538 42.09 32.36 -57.48
N PRO D 539 42.49 31.87 -58.64
CA PRO D 539 43.92 31.87 -58.99
C PRO D 539 44.47 33.13 -59.64
N TYR D 540 43.67 33.90 -60.38
CA TYR D 540 44.25 34.95 -61.23
C TYR D 540 43.56 36.28 -61.04
N LEU D 541 42.94 36.51 -59.89
CA LEU D 541 42.24 37.77 -59.65
C LEU D 541 43.06 38.69 -58.75
N LYS D 542 44.00 39.40 -59.38
CA LYS D 542 44.88 40.33 -58.68
C LYS D 542 45.53 41.25 -59.71
N ALA D 543 46.23 42.26 -59.20
CA ALA D 543 47.00 43.18 -60.02
C ALA D 543 47.96 43.95 -59.14
N ILE D 544 49.13 44.27 -59.69
CA ILE D 544 50.14 45.04 -58.99
C ILE D 544 50.80 46.00 -59.98
N SER D 545 51.75 46.78 -59.47
CA SER D 545 52.50 47.71 -60.30
C SER D 545 53.79 48.11 -59.59
N PRO D 546 54.82 47.26 -59.62
CA PRO D 546 56.10 47.64 -58.98
C PRO D 546 56.85 48.72 -59.73
N LEU D 547 56.35 49.17 -60.87
CA LEU D 547 56.99 50.20 -61.66
C LEU D 547 55.93 50.84 -62.56
N TYR D 548 56.07 52.14 -62.80
CA TYR D 548 55.12 52.82 -63.67
C TYR D 548 55.13 52.17 -65.05
N SER D 549 53.94 52.06 -65.64
CA SER D 549 53.81 51.31 -66.88
C SER D 549 54.60 51.96 -68.02
N LYS D 550 54.51 53.28 -68.14
CA LYS D 550 55.18 53.98 -69.24
C LYS D 550 56.68 53.76 -69.20
N PHE D 551 57.29 53.79 -68.02
CA PHE D 551 58.74 53.70 -67.90
C PHE D 551 59.26 52.37 -68.42
N MET D 552 58.77 51.26 -67.86
CA MET D 552 59.27 49.97 -68.28
C MET D 552 58.77 49.62 -69.68
N ILE D 553 57.65 50.21 -70.10
CA ILE D 553 57.20 50.00 -71.47
C ILE D 553 58.19 50.59 -72.46
N ASP D 554 58.69 51.81 -72.20
CA ASP D 554 59.73 52.36 -73.05
C ASP D 554 61.02 51.56 -72.94
N HIS D 555 61.39 51.17 -71.70
CA HIS D 555 62.63 50.43 -71.50
C HIS D 555 62.62 49.10 -72.25
N SER D 556 61.45 48.47 -72.37
CA SER D 556 61.34 47.22 -73.10
C SER D 556 61.25 47.45 -74.61
N LEU D 557 60.34 48.33 -75.04
CA LEU D 557 60.19 48.64 -76.45
C LEU D 557 61.47 49.18 -77.07
N LYS D 558 62.43 49.61 -76.24
CA LYS D 558 63.77 49.96 -76.70
C LYS D 558 64.45 48.82 -77.47
N PHE D 559 63.85 47.62 -77.49
CA PHE D 559 64.43 46.48 -78.17
C PHE D 559 63.52 45.91 -79.25
N ILE D 560 62.28 46.38 -79.36
CA ILE D 560 61.27 45.74 -80.20
C ILE D 560 60.89 46.69 -81.33
N THR D 561 60.73 46.12 -82.53
CA THR D 561 60.23 46.83 -83.70
C THR D 561 58.77 46.43 -83.91
N PRO D 562 57.81 47.26 -83.50
CA PRO D 562 56.40 46.94 -83.71
C PRO D 562 55.98 47.20 -85.16
N LYS D 563 55.63 46.13 -85.87
CA LYS D 563 55.10 46.29 -87.21
C LYS D 563 53.72 46.94 -87.18
N THR D 564 52.91 46.59 -86.20
CA THR D 564 51.60 47.20 -86.01
C THR D 564 51.24 47.13 -84.53
N THR D 565 50.46 48.10 -84.09
CA THR D 565 50.04 48.16 -82.69
C THR D 565 48.82 47.27 -82.48
N LEU D 566 48.80 46.55 -81.35
CA LEU D 566 47.74 45.61 -81.08
C LEU D 566 46.68 46.24 -80.16
N LYS D 567 45.76 45.42 -79.67
CA LYS D 567 44.54 45.95 -79.05
C LYS D 567 44.81 46.60 -77.70
N LEU D 568 45.60 45.94 -76.85
CA LEU D 568 45.83 46.47 -75.51
C LEU D 568 46.59 47.79 -75.55
N LEU D 569 47.66 47.85 -76.36
CA LEU D 569 48.38 49.10 -76.51
C LEU D 569 47.52 50.14 -77.21
N GLN D 570 46.65 49.72 -78.13
CA GLN D 570 45.70 50.65 -78.73
C GLN D 570 44.83 51.30 -77.65
N HIS D 571 44.29 50.49 -76.74
CA HIS D 571 43.51 51.04 -75.64
C HIS D 571 44.35 51.97 -74.78
N LYS D 572 45.61 51.62 -74.55
CA LYS D 572 46.45 52.45 -73.69
C LYS D 572 46.71 53.82 -74.30
N LEU D 573 47.08 53.86 -75.59
CA LEU D 573 47.31 55.15 -76.23
C LEU D 573 46.01 55.90 -76.48
N ASN D 574 44.89 55.20 -76.58
CA ASN D 574 43.60 55.87 -76.70
C ASN D 574 43.20 56.53 -75.38
N LYS D 575 43.53 55.89 -74.26
CA LYS D 575 43.29 56.46 -72.94
C LYS D 575 44.41 57.41 -72.51
N SER D 576 45.47 57.53 -73.30
CA SER D 576 46.57 58.46 -73.01
C SER D 576 46.08 59.90 -72.99
N PRO D 577 45.29 60.37 -73.97
CA PRO D 577 44.81 61.76 -73.81
C PRO D 577 43.66 61.87 -72.81
N HIS D 613 39.26 72.35 -61.47
CA HIS D 613 39.38 72.93 -60.14
C HIS D 613 38.80 71.99 -59.09
N SER D 614 38.06 70.98 -59.55
CA SER D 614 37.44 70.01 -58.63
C SER D 614 38.47 69.18 -57.89
N ASN D 615 39.76 69.34 -58.18
CA ASN D 615 40.82 68.61 -57.51
C ASN D 615 41.92 69.58 -57.09
N SER D 616 41.54 70.75 -56.60
CA SER D 616 42.49 71.82 -56.31
C SER D 616 42.85 71.91 -54.83
N ARG D 617 42.54 70.89 -54.04
CA ARG D 617 42.94 70.90 -52.65
C ARG D 617 44.47 70.75 -52.54
N PRO D 618 45.10 71.49 -51.63
CA PRO D 618 46.57 71.39 -51.51
C PRO D 618 47.07 69.97 -51.29
N LEU D 619 46.25 69.12 -50.66
CA LEU D 619 46.62 67.72 -50.51
C LEU D 619 46.83 67.05 -51.86
N ASN D 620 46.03 67.42 -52.86
CA ASN D 620 46.14 66.80 -54.17
C ASN D 620 47.38 67.29 -54.91
N HIS D 621 47.75 68.55 -54.72
CA HIS D 621 48.99 69.06 -55.29
C HIS D 621 50.19 68.38 -54.65
N TYR D 622 50.16 68.21 -53.32
CA TYR D 622 51.21 67.44 -52.67
C TYR D 622 51.24 66.01 -53.18
N ASN D 623 50.07 65.44 -53.46
CA ASN D 623 49.99 64.09 -54.03
C ASN D 623 50.71 64.01 -55.37
N GLN D 624 50.42 64.93 -56.28
CA GLN D 624 51.06 64.90 -57.59
C GLN D 624 52.56 65.16 -57.48
N ALA D 625 52.96 66.03 -56.53
CA ALA D 625 54.38 66.26 -56.31
C ALA D 625 55.09 64.99 -55.89
N LEU D 626 54.54 64.28 -54.90
CA LEU D 626 55.16 63.03 -54.46
C LEU D 626 55.13 61.98 -55.57
N LYS D 627 54.04 61.96 -56.35
CA LYS D 627 53.97 61.10 -57.54
C LYS D 627 55.18 61.29 -58.43
N LEU D 628 55.43 62.54 -58.85
CA LEU D 628 56.52 62.80 -59.78
C LEU D 628 57.88 62.52 -59.14
N ILE D 629 58.02 62.86 -57.86
CA ILE D 629 59.30 62.58 -57.19
C ILE D 629 59.58 61.09 -57.14
N ASN D 630 58.55 60.29 -56.85
CA ASN D 630 58.77 58.85 -56.75
C ASN D 630 59.01 58.22 -58.11
N GLY D 631 58.37 58.74 -59.17
CA GLY D 631 58.69 58.28 -60.51
C GLY D 631 60.12 58.60 -60.90
N TYR D 632 60.57 59.83 -60.60
CA TYR D 632 61.96 60.20 -60.85
C TYR D 632 62.94 59.30 -60.12
N GLU D 633 62.70 59.04 -58.83
CA GLU D 633 63.59 58.15 -58.09
C GLU D 633 63.49 56.72 -58.61
N GLN D 634 62.32 56.31 -59.08
CA GLN D 634 62.15 54.98 -59.66
C GLN D 634 63.06 54.81 -60.86
N TYR D 635 63.08 55.78 -61.76
CA TYR D 635 63.94 55.69 -62.93
C TYR D 635 65.16 56.59 -62.85
N LYS D 636 65.72 56.77 -61.64
CA LYS D 636 67.02 57.42 -61.50
C LYS D 636 68.17 56.42 -61.50
N ASN D 637 67.90 55.16 -61.15
CA ASN D 637 68.95 54.16 -61.08
C ASN D 637 69.57 53.90 -62.46
N ASN D 638 68.76 53.98 -63.50
CA ASN D 638 69.24 53.73 -64.86
C ASN D 638 68.80 54.85 -65.81
N GLN D 735 72.46 53.18 -43.11
CA GLN D 735 71.23 52.38 -43.13
C GLN D 735 71.26 51.38 -44.28
N ASN D 736 71.85 51.79 -45.40
CA ASN D 736 72.11 50.92 -46.54
C ASN D 736 70.87 50.23 -47.09
N ILE D 737 69.70 50.79 -46.83
CA ILE D 737 68.44 50.26 -47.37
C ILE D 737 67.41 51.40 -47.35
N THR D 738 66.62 51.50 -48.41
CA THR D 738 65.61 52.54 -48.53
C THR D 738 64.22 51.94 -48.48
N LYS D 739 63.33 52.57 -47.72
CA LYS D 739 61.92 52.24 -47.76
C LYS D 739 61.17 53.35 -48.50
N LEU D 740 60.19 52.96 -49.31
CA LEU D 740 59.52 53.91 -50.17
C LEU D 740 58.73 54.93 -49.35
N LYS D 741 58.31 55.99 -50.04
CA LYS D 741 57.41 56.97 -49.43
C LYS D 741 55.96 56.55 -49.62
N LEU D 742 55.67 55.87 -50.73
CA LEU D 742 54.34 55.34 -51.02
C LEU D 742 54.35 53.83 -50.82
N ASN D 743 53.17 53.23 -50.86
CA ASN D 743 53.08 51.78 -50.83
C ASN D 743 52.77 51.24 -52.22
N LEU D 744 53.20 50.00 -52.47
CA LEU D 744 52.84 49.33 -53.71
C LEU D 744 51.42 48.77 -53.59
N THR D 745 50.61 49.00 -54.61
CA THR D 745 49.20 48.66 -54.57
C THR D 745 48.99 47.23 -55.06
N LYS D 746 48.83 46.30 -54.13
CA LYS D 746 48.42 44.93 -54.44
C LYS D 746 46.91 44.88 -54.38
N THR D 747 46.28 44.59 -55.51
CA THR D 747 44.88 44.86 -55.75
C THR D 747 44.13 43.59 -56.11
N THR D 748 42.93 43.45 -55.55
CA THR D 748 41.99 42.44 -55.98
C THR D 748 40.88 43.13 -56.76
N VAL D 749 40.23 42.40 -57.65
CA VAL D 749 39.23 42.95 -58.56
C VAL D 749 37.99 42.07 -58.48
N PRO D 750 36.77 42.64 -58.52
CA PRO D 750 35.57 41.81 -58.41
C PRO D 750 35.32 41.00 -59.67
N PHE D 751 34.90 39.76 -59.48
CA PHE D 751 34.47 38.91 -60.59
C PHE D 751 32.94 38.80 -60.60
N LYS D 752 32.42 38.25 -61.70
CA LYS D 752 30.98 38.19 -61.96
C LYS D 752 30.37 39.60 -61.96
N THR D 753 30.98 40.45 -62.77
CA THR D 753 30.48 41.80 -62.99
C THR D 753 29.60 41.83 -64.23
N LEU D 754 28.96 42.97 -64.45
CA LEU D 754 27.98 43.13 -65.51
C LEU D 754 28.56 43.99 -66.63
N ILE D 755 27.69 44.31 -67.59
CA ILE D 755 28.04 45.15 -68.74
C ILE D 755 28.53 46.51 -68.25
N LYS D 756 29.32 47.20 -69.07
CA LYS D 756 29.74 48.56 -68.73
C LYS D 756 28.54 49.50 -68.73
N LYS D 757 27.53 49.22 -69.54
CA LYS D 757 26.35 50.06 -69.60
C LYS D 757 25.31 49.64 -68.57
N ASN D 782 1.95 58.78 -43.71
CA ASN D 782 1.03 57.68 -43.51
C ASN D 782 -0.13 58.07 -42.61
N GLY D 783 -0.82 57.07 -42.08
CA GLY D 783 -1.97 57.31 -41.24
C GLY D 783 -2.77 56.03 -41.05
N HIS D 784 -3.87 56.17 -40.32
CA HIS D 784 -4.74 55.05 -40.02
C HIS D 784 -6.19 55.41 -40.30
N LEU D 785 -6.99 54.38 -40.58
CA LEU D 785 -8.36 54.59 -41.01
C LEU D 785 -9.37 53.94 -40.07
N SER D 786 -9.10 53.92 -38.76
CA SER D 786 -10.07 53.40 -37.82
C SER D 786 -11.19 54.42 -37.59
N VAL D 787 -12.41 53.91 -37.48
CA VAL D 787 -13.60 54.73 -37.32
C VAL D 787 -14.63 53.96 -36.51
N VAL D 788 -15.27 54.64 -35.58
CA VAL D 788 -16.33 54.05 -34.77
C VAL D 788 -17.65 54.25 -35.51
N SER D 789 -18.65 53.46 -35.13
CA SER D 789 -19.95 53.60 -35.78
C SER D 789 -20.61 54.91 -35.40
N ASN D 790 -20.88 55.10 -34.11
CA ASN D 790 -21.54 56.30 -33.64
C ASN D 790 -20.87 56.74 -32.35
N ALA D 791 -20.33 57.95 -32.35
CA ALA D 791 -19.64 58.47 -31.18
C ALA D 791 -20.56 58.40 -29.96
N ASN D 792 -19.96 58.13 -28.81
CA ASN D 792 -20.70 58.10 -27.55
C ASN D 792 -20.45 59.43 -26.87
N LEU D 793 -21.35 60.38 -27.09
CA LEU D 793 -21.33 61.64 -26.36
C LEU D 793 -21.61 61.30 -24.90
N LEU D 794 -20.85 61.92 -23.99
CA LEU D 794 -20.87 61.47 -22.60
C LEU D 794 -22.18 61.85 -21.93
N THR D 795 -23.24 61.12 -22.26
CA THR D 795 -24.56 61.32 -21.69
C THR D 795 -25.10 60.01 -21.16
N GLY D 796 -25.92 60.11 -20.11
CA GLY D 796 -26.52 58.94 -19.49
C GLY D 796 -27.05 59.21 -18.10
N LYS D 808 -20.54 68.64 -8.24
CA LYS D 808 -20.52 67.77 -9.42
C LYS D 808 -20.40 68.59 -10.69
N ARG D 809 -21.56 68.91 -11.26
CA ARG D 809 -21.64 69.74 -12.45
C ARG D 809 -21.80 71.22 -12.10
N LEU D 810 -22.25 71.51 -10.88
CA LEU D 810 -22.33 72.88 -10.42
C LEU D 810 -20.96 73.55 -10.45
N ASN D 811 -19.93 72.87 -9.97
CA ASN D 811 -18.58 73.44 -10.04
C ASN D 811 -18.17 73.67 -11.50
N SER D 812 -18.54 72.76 -12.39
CA SER D 812 -18.22 72.93 -13.80
C SER D 812 -18.82 74.22 -14.34
N TYR D 813 -20.13 74.39 -14.18
CA TYR D 813 -20.79 75.59 -14.67
C TYR D 813 -20.22 76.83 -14.00
N LEU D 814 -19.92 76.74 -12.71
CA LEU D 814 -19.34 77.86 -12.00
C LEU D 814 -18.05 78.31 -12.65
N ILE D 815 -17.05 77.42 -12.72
CA ILE D 815 -15.76 77.78 -13.30
C ILE D 815 -15.93 78.26 -14.73
N TYR D 816 -16.87 77.65 -15.46
CA TYR D 816 -17.12 78.04 -16.85
C TYR D 816 -17.49 79.51 -16.94
N VAL D 817 -18.58 79.90 -16.27
CA VAL D 817 -19.05 81.27 -16.42
C VAL D 817 -18.10 82.25 -15.73
N ASN D 818 -17.39 81.78 -14.69
CA ASN D 818 -16.41 82.65 -14.05
C ASN D 818 -15.29 83.01 -15.01
N GLN D 819 -14.74 82.02 -15.72
CA GLN D 819 -13.70 82.31 -16.70
C GLN D 819 -14.26 83.17 -17.83
N ASN D 820 -15.53 82.94 -18.19
CA ASN D 820 -16.13 83.74 -19.25
C ASN D 820 -16.21 85.22 -18.86
N LEU D 821 -16.66 85.51 -17.64
CA LEU D 821 -16.77 86.91 -17.23
C LEU D 821 -15.42 87.51 -16.93
N LYS D 822 -14.46 86.69 -16.48
CA LYS D 822 -13.10 87.19 -16.35
C LYS D 822 -12.56 87.64 -17.71
N LYS D 823 -12.77 86.84 -18.74
CA LYS D 823 -12.38 87.26 -20.09
C LYS D 823 -13.12 88.52 -20.50
N PHE D 824 -14.42 88.59 -20.21
CA PHE D 824 -15.20 89.78 -20.56
C PHE D 824 -14.57 91.04 -19.97
N ILE D 825 -14.33 91.04 -18.65
CA ILE D 825 -13.78 92.22 -18.02
C ILE D 825 -12.36 92.50 -18.52
N GLN D 826 -11.61 91.45 -18.88
CA GLN D 826 -10.26 91.67 -19.36
C GLN D 826 -10.20 92.05 -20.83
N LEU D 827 -11.34 92.06 -21.54
CA LEU D 827 -11.36 92.51 -22.92
C LEU D 827 -10.95 93.97 -23.07
N ASN D 828 -11.67 94.89 -22.41
CA ASN D 828 -11.39 96.31 -22.50
C ASN D 828 -10.33 96.72 -21.48
N LEU D 878 8.26 100.99 -4.24
CA LEU D 878 8.96 100.54 -5.43
C LEU D 878 10.02 99.50 -5.07
N THR D 879 10.30 99.38 -3.77
CA THR D 879 11.30 98.45 -3.26
C THR D 879 10.79 97.04 -3.53
N SER D 880 11.42 96.36 -4.48
CA SER D 880 11.00 95.04 -4.92
C SER D 880 12.21 94.26 -5.42
N LEU D 881 11.95 93.11 -6.04
CA LEU D 881 13.00 92.29 -6.61
C LEU D 881 13.64 92.98 -7.81
N ARG D 882 14.82 93.58 -7.64
CA ARG D 882 15.56 94.09 -8.78
C ARG D 882 17.06 93.80 -8.75
N GLY D 883 17.65 93.54 -7.59
CA GLY D 883 19.08 93.36 -7.47
C GLY D 883 19.85 94.64 -7.78
N SER D 884 21.13 94.64 -7.41
CA SER D 884 21.93 95.83 -7.62
C SER D 884 23.42 95.51 -7.51
N LYS D 885 24.25 96.46 -7.93
CA LYS D 885 25.69 96.28 -7.94
C LYS D 885 26.33 96.38 -6.56
N GLN D 886 25.56 96.77 -5.54
CA GLN D 886 26.14 96.94 -4.22
C GLN D 886 26.50 95.59 -3.58
N PHE D 887 25.76 94.54 -3.91
CA PHE D 887 26.11 93.20 -3.46
C PHE D 887 27.22 92.67 -4.36
N LEU D 888 28.40 92.45 -3.80
CA LEU D 888 29.55 92.02 -4.57
C LEU D 888 29.37 90.54 -4.90
N ASN D 889 28.64 90.27 -5.99
CA ASN D 889 28.39 88.90 -6.44
C ASN D 889 29.45 88.44 -7.44
N SER D 890 30.71 88.58 -7.06
CA SER D 890 31.83 88.12 -7.88
C SER D 890 33.01 87.86 -6.97
N LEU D 891 33.35 86.58 -6.79
CA LEU D 891 34.34 86.20 -5.79
C LEU D 891 35.74 86.70 -6.14
N THR D 892 36.04 86.90 -7.43
CA THR D 892 37.38 87.38 -7.78
C THR D 892 37.63 88.78 -7.25
N ILE D 893 36.58 89.61 -7.16
CA ILE D 893 36.73 90.95 -6.61
C ILE D 893 37.05 90.86 -5.12
N LEU D 894 36.26 90.10 -4.38
CA LEU D 894 36.51 89.93 -2.95
C LEU D 894 37.92 89.39 -2.71
N PHE D 895 38.35 88.44 -3.54
CA PHE D 895 39.65 87.82 -3.33
C PHE D 895 40.79 88.77 -3.68
N LYS D 896 40.69 89.49 -4.79
CA LYS D 896 41.75 90.41 -5.18
C LYS D 896 41.72 91.71 -4.38
N HIS D 897 40.70 91.91 -3.54
CA HIS D 897 40.68 93.07 -2.68
C HIS D 897 40.97 92.76 -1.21
N GLN D 898 40.76 91.53 -0.76
CA GLN D 898 40.93 91.21 0.65
C GLN D 898 41.89 90.06 0.92
N LYS D 899 42.14 89.18 -0.03
CA LYS D 899 42.91 87.99 0.30
C LYS D 899 44.07 87.72 -0.66
N MET D 900 43.98 88.19 -1.90
CA MET D 900 44.97 87.87 -2.93
C MET D 900 45.78 89.12 -3.25
N PHE D 901 47.04 89.13 -2.81
CA PHE D 901 47.90 90.29 -2.99
C PHE D 901 49.18 89.96 -3.75
N LYS D 902 49.32 88.76 -4.28
CA LYS D 902 50.47 88.43 -5.10
C LYS D 902 50.37 89.19 -6.42
N LYS D 903 51.34 90.06 -6.68
CA LYS D 903 51.32 90.83 -7.90
C LYS D 903 52.05 90.07 -9.02
N LYS D 904 51.63 90.35 -10.25
CA LYS D 904 52.10 89.62 -11.42
C LYS D 904 53.07 90.46 -12.23
N THR D 905 53.86 89.76 -13.05
CA THR D 905 54.74 90.40 -14.02
C THR D 905 53.96 90.51 -15.32
N LEU D 906 53.43 91.70 -15.57
CA LEU D 906 52.50 91.92 -16.68
C LEU D 906 53.25 92.00 -18.01
N LYS D 907 52.60 91.53 -19.06
CA LYS D 907 53.16 91.55 -20.41
C LYS D 907 52.03 91.87 -21.38
N ALA D 908 52.34 91.77 -22.67
CA ALA D 908 51.35 92.07 -23.70
C ALA D 908 50.32 90.96 -23.80
N HIS D 909 49.08 91.35 -24.10
CA HIS D 909 47.99 90.40 -24.30
C HIS D 909 47.73 90.23 -25.79
N LYS D 910 46.83 89.29 -26.12
CA LYS D 910 46.46 89.06 -27.51
C LYS D 910 44.95 89.08 -27.67
N TRP D 911 44.22 88.64 -26.63
CA TRP D 911 42.77 88.69 -26.62
C TRP D 911 42.31 89.84 -25.73
N HIS D 912 41.40 90.65 -26.26
CA HIS D 912 40.92 91.81 -25.51
C HIS D 912 39.60 92.27 -26.11
N SER D 913 38.88 93.08 -25.34
CA SER D 913 37.57 93.57 -25.73
C SER D 913 37.76 94.83 -26.57
N ASP D 914 37.69 94.67 -27.88
CA ASP D 914 37.87 95.80 -28.79
C ASP D 914 36.56 96.57 -28.87
N THR D 915 36.45 97.45 -29.87
CA THR D 915 35.25 98.26 -30.06
C THR D 915 34.03 97.36 -30.23
N GLN D 916 32.85 97.96 -30.03
CA GLN D 916 31.57 97.26 -29.99
C GLN D 916 31.46 96.31 -28.80
N GLY D 917 32.45 96.32 -27.90
CA GLY D 917 32.45 95.45 -26.73
C GLY D 917 32.50 93.98 -27.09
N ILE D 918 33.47 93.58 -27.90
CA ILE D 918 33.59 92.22 -28.38
C ILE D 918 34.99 91.70 -28.05
N PHE D 919 35.04 90.55 -27.40
CA PHE D 919 36.30 89.94 -26.97
C PHE D 919 36.95 89.24 -28.16
N ARG D 920 37.84 89.94 -28.85
CA ARG D 920 38.46 89.42 -30.05
C ARG D 920 39.97 89.37 -29.92
N LYS D 921 40.60 88.75 -30.91
CA LYS D 921 42.04 88.65 -31.00
C LYS D 921 42.59 89.73 -31.93
N HIS D 922 43.72 90.31 -31.55
CA HIS D 922 44.34 91.36 -32.34
C HIS D 922 45.84 91.13 -32.49
N GLU D 937 46.52 101.59 -7.48
CA GLU D 937 45.92 100.99 -6.28
C GLU D 937 46.93 100.10 -5.59
N GLU D 938 48.04 99.82 -6.28
CA GLU D 938 48.92 98.72 -5.91
C GLU D 938 49.54 98.90 -4.53
N SER D 939 49.75 100.13 -4.09
CA SER D 939 50.46 100.37 -2.83
C SER D 939 49.64 99.88 -1.63
N SER D 940 48.33 100.04 -1.68
CA SER D 940 47.49 99.57 -0.57
C SER D 940 47.51 98.05 -0.49
N LEU D 941 47.47 97.38 -1.64
CA LEU D 941 47.56 95.93 -1.63
C LEU D 941 48.95 95.47 -1.23
N SER D 942 49.98 96.30 -1.46
CA SER D 942 51.31 95.99 -0.95
C SER D 942 51.33 96.07 0.57
N THR D 943 50.71 97.10 1.13
CA THR D 943 50.56 97.18 2.58
C THR D 943 49.83 95.96 3.13
N ARG D 944 48.75 95.56 2.47
CA ARG D 944 48.02 94.37 2.91
C ARG D 944 48.87 93.11 2.79
N LEU D 945 49.66 93.01 1.72
CA LEU D 945 50.62 91.92 1.58
C LEU D 945 51.54 91.85 2.78
N HIS D 946 52.15 92.97 3.14
CA HIS D 946 53.12 92.96 4.23
C HIS D 946 52.45 92.62 5.55
N ILE D 947 51.24 93.16 5.81
CA ILE D 947 50.60 92.89 7.10
C ILE D 947 50.14 91.43 7.16
N GLN D 948 49.79 90.84 6.02
CA GLN D 948 49.47 89.42 6.00
C GLN D 948 50.71 88.59 6.33
N LYS D 949 51.84 88.94 5.72
CA LYS D 949 53.08 88.24 6.03
C LYS D 949 53.43 88.35 7.51
N LYS D 950 53.31 89.55 8.09
CA LYS D 950 53.58 89.71 9.52
C LYS D 950 52.62 88.88 10.36
N ARG D 951 51.33 88.93 10.03
CA ARG D 951 50.34 88.22 10.85
C ARG D 951 50.59 86.71 10.85
N LYS D 952 50.87 86.15 9.68
CA LYS D 952 51.07 84.70 9.63
C LYS D 952 52.45 84.33 10.16
N ALA D 953 53.42 85.25 10.08
CA ALA D 953 54.69 85.02 10.77
C ALA D 953 54.50 84.97 12.27
N LYS D 954 53.60 85.82 12.81
CA LYS D 954 53.30 85.79 14.23
C LYS D 954 52.59 84.51 14.62
N LYS D 955 51.57 84.11 13.85
CA LYS D 955 50.83 82.93 14.25
C LYS D 955 51.39 81.63 13.68
N GLN D 956 52.59 81.64 13.10
CA GLN D 956 53.22 80.38 12.70
C GLN D 956 54.25 79.89 13.70
N ARG D 957 54.84 80.77 14.50
CA ARG D 957 55.81 80.36 15.51
C ARG D 957 55.18 80.15 16.89
N LEU D 958 53.86 79.93 16.93
CA LEU D 958 53.13 79.58 18.16
C LEU D 958 53.01 80.73 19.15
N GLU D 959 52.81 81.95 18.63
CA GLU D 959 52.58 83.12 19.51
C GLU D 959 51.15 83.62 19.28
N THR D 960 50.18 83.12 20.06
CA THR D 960 48.77 83.51 19.83
C THR D 960 47.93 83.19 21.05
N ARG D 961 46.74 83.78 21.13
CA ARG D 961 45.81 83.52 22.27
C ARG D 961 45.44 82.03 22.26
N ARG D 962 45.01 81.50 21.11
CA ARG D 962 44.75 80.04 21.02
C ARG D 962 46.09 79.35 20.76
N GLN D 963 46.12 78.18 20.11
CA GLN D 963 47.44 77.58 19.80
C GLN D 963 47.36 76.61 18.62
N LYS D 964 47.84 77.01 17.42
CA LYS D 964 47.90 76.11 16.25
C LYS D 964 48.11 76.91 14.95
N LYS D 965 49.21 76.65 14.22
CA LYS D 965 49.40 77.30 12.93
C LYS D 965 48.13 77.45 12.12
N ARG D 966 47.16 76.54 12.29
CA ARG D 966 45.96 76.53 11.46
C ARG D 966 44.75 76.20 12.32
N THR D 967 43.84 77.15 12.46
CA THR D 967 42.53 76.98 13.09
C THR D 967 41.77 78.29 12.89
N ARG D 968 40.45 78.20 12.73
CA ARG D 968 39.62 79.40 12.65
C ARG D 968 39.48 79.99 14.04
N PHE D 969 39.58 81.33 14.12
CA PHE D 969 39.62 82.00 15.45
C PHE D 969 38.27 82.61 15.84
N PHE D 970 37.18 82.16 15.20
CA PHE D 970 35.82 82.72 15.50
C PHE D 970 35.82 84.26 15.57
N PRO D 971 36.43 85.01 14.63
CA PRO D 971 36.32 86.46 14.58
C PRO D 971 35.71 86.55 13.20
N ARG D 972 34.56 85.91 12.99
CA ARG D 972 33.93 85.78 11.64
C ARG D 972 33.87 87.07 10.81
N PRO D 973 34.62 87.15 9.68
CA PRO D 973 34.53 88.27 8.76
C PRO D 973 33.07 88.38 8.43
N VAL D 974 32.43 89.49 8.81
CA VAL D 974 30.96 89.65 8.58
C VAL D 974 30.72 89.85 7.08
N TRP D 975 31.77 90.16 6.32
CA TRP D 975 31.61 90.31 4.86
C TRP D 975 31.09 88.98 4.27
N LEU D 976 31.65 87.87 4.72
CA LEU D 976 31.21 86.55 4.19
C LEU D 976 29.79 86.30 4.75
N ARG D 977 29.60 86.51 6.05
CA ARG D 977 28.28 86.23 6.66
C ARG D 977 27.24 87.10 5.93
N SER D 978 27.66 88.27 5.44
CA SER D 978 26.70 89.21 4.78
C SER D 978 26.23 88.61 3.45
N ARG D 979 27.17 88.37 2.53
CA ARG D 979 26.80 87.83 1.20
C ARG D 979 25.80 86.69 1.37
N MET D 980 26.14 85.69 2.18
CA MET D 980 25.28 84.53 2.36
C MET D 980 23.85 84.93 2.72
N PHE D 981 23.72 85.93 3.60
CA PHE D 981 22.38 86.38 3.97
C PHE D 981 21.66 87.03 2.79
N LEU D 982 22.37 87.87 2.03
CA LEU D 982 21.75 88.49 0.86
C LEU D 982 21.26 87.44 -0.12
N ASN D 983 22.09 86.42 -0.36
CA ASN D 983 21.69 85.36 -1.29
C ASN D 983 20.45 84.63 -0.80
N PHE D 984 20.47 84.17 0.45
CA PHE D 984 19.30 83.45 0.97
C PHE D 984 18.06 84.32 0.93
N LEU D 985 18.23 85.62 1.20
CA LEU D 985 17.08 86.52 1.25
C LEU D 985 16.47 86.70 -0.14
N THR D 986 17.29 86.97 -1.15
CA THR D 986 16.74 87.14 -2.49
C THR D 986 16.12 85.84 -2.99
N GLU D 987 16.74 84.70 -2.67
CA GLU D 987 16.19 83.42 -3.11
C GLU D 987 14.83 83.14 -2.49
N ARG D 988 14.66 83.42 -1.20
CA ARG D 988 13.34 83.26 -0.59
C ARG D 988 12.35 84.30 -1.04
N ASN D 989 12.81 85.53 -1.33
CA ASN D 989 11.93 86.63 -1.71
C ASN D 989 11.54 86.59 -3.18
N LYS D 990 12.11 85.66 -3.96
CA LYS D 990 11.66 85.47 -5.32
C LYS D 990 10.19 85.01 -5.38
N TYR D 991 9.57 84.86 -4.22
CA TYR D 991 8.18 84.44 -4.13
C TYR D 991 7.23 85.39 -4.85
N TYR D 992 7.53 86.68 -4.87
CA TYR D 992 6.56 87.71 -5.24
C TYR D 992 6.54 88.05 -6.72
N LEU D 993 7.56 87.63 -7.49
CA LEU D 993 7.75 88.10 -8.85
C LEU D 993 6.61 87.72 -9.80
N ASN D 994 5.62 86.97 -9.34
CA ASN D 994 4.48 86.64 -10.20
C ASN D 994 3.58 87.85 -10.42
N GLN D 1125 -1.65 82.23 15.17
CA GLN D 1125 -1.14 83.58 15.31
C GLN D 1125 0.30 83.64 14.82
N ASN D 1126 1.24 83.84 15.74
CA ASN D 1126 2.65 83.82 15.42
C ASN D 1126 3.10 82.36 15.34
N LEU D 1127 3.74 82.00 14.23
CA LEU D 1127 4.01 80.59 13.97
C LEU D 1127 5.05 80.03 14.91
N ARG D 1128 6.03 80.85 15.31
CA ARG D 1128 7.09 80.35 16.19
C ARG D 1128 6.52 79.83 17.50
N ASP D 1129 5.35 80.32 17.91
CA ASP D 1129 4.76 79.87 19.17
C ASP D 1129 4.54 78.37 19.17
N ILE D 1130 3.97 77.83 18.09
CA ILE D 1130 3.75 76.39 18.02
C ILE D 1130 4.97 75.68 17.46
N LYS D 1131 5.69 76.32 16.55
CA LYS D 1131 6.88 75.70 15.96
C LYS D 1131 8.02 75.57 16.95
N ILE D 1132 7.88 76.15 18.15
CA ILE D 1132 8.70 75.74 19.28
C ILE D 1132 8.08 74.55 20.01
N LYS D 1133 6.76 74.50 20.07
CA LYS D 1133 6.05 73.51 20.88
C LYS D 1133 5.69 72.28 20.06
N ALA D 1134 6.62 71.33 20.06
CA ALA D 1134 6.44 70.03 19.43
C ALA D 1134 7.56 69.09 19.86
N ASN D 1135 7.21 67.80 19.92
CA ASN D 1135 8.15 66.77 20.38
C ASN D 1135 9.16 66.51 19.27
N TYR D 1136 10.35 67.06 19.43
CA TYR D 1136 11.46 66.80 18.52
C TYR D 1136 12.45 65.85 19.19
N ASN D 1137 12.87 64.82 18.46
CA ASN D 1137 13.86 63.89 18.98
C ASN D 1137 15.20 64.60 19.09
N ASN D 1138 15.62 64.88 20.32
CA ASN D 1138 16.89 65.58 20.55
C ASN D 1138 18.03 64.71 20.03
N PHE D 1139 18.72 65.19 19.02
CA PHE D 1139 19.77 64.43 18.37
C PHE D 1139 21.07 64.47 19.18
N THR D 1159 5.84 61.27 24.16
CA THR D 1159 6.97 60.99 25.04
C THR D 1159 7.00 59.51 25.40
N MET D 1160 5.87 58.85 25.26
CA MET D 1160 5.75 57.41 25.46
C MET D 1160 5.57 56.62 24.17
N PHE D 1161 4.72 57.11 23.26
CA PHE D 1161 4.44 56.40 22.03
C PHE D 1161 5.44 56.74 20.92
N ARG D 1162 6.13 57.88 21.05
CA ARG D 1162 7.09 58.28 20.03
C ARG D 1162 8.20 57.26 19.87
N ASP D 1163 8.85 56.87 20.98
CA ASP D 1163 9.99 55.95 20.89
C ASP D 1163 9.55 54.58 20.41
N PHE D 1164 8.36 54.12 20.83
CA PHE D 1164 7.85 52.86 20.32
C PHE D 1164 7.65 52.91 18.81
N TRP D 1165 6.97 53.95 18.34
CA TRP D 1165 6.76 54.11 16.90
C TRP D 1165 8.09 54.13 16.15
N VAL D 1166 9.07 54.88 16.68
CA VAL D 1166 10.36 54.99 16.00
C VAL D 1166 11.05 53.63 15.94
N TRP D 1167 11.10 52.93 17.06
CA TRP D 1167 11.82 51.65 17.09
C TRP D 1167 11.13 50.63 16.20
N SER D 1168 9.80 50.62 16.20
CA SER D 1168 9.07 49.70 15.33
C SER D 1168 9.35 50.01 13.86
N TYR D 1169 9.28 51.28 13.49
CA TYR D 1169 9.53 51.67 12.11
C TYR D 1169 10.95 51.35 11.68
N ASN D 1170 11.91 51.48 12.61
CA ASN D 1170 13.29 51.20 12.27
C ASN D 1170 13.61 49.71 12.25
N ASN D 1171 12.83 48.90 12.96
CA ASN D 1171 12.98 47.45 12.94
C ASN D 1171 12.11 46.79 11.89
N THR D 1172 11.27 47.56 11.18
CA THR D 1172 10.46 47.08 10.08
C THR D 1172 10.77 47.85 8.79
N GLN D 1173 12.06 48.01 8.48
CA GLN D 1173 12.43 48.82 7.32
C GLN D 1173 12.35 48.00 6.04
N THR D 1174 12.56 46.69 6.14
CA THR D 1174 12.73 45.84 4.97
C THR D 1174 11.44 45.24 4.44
N ASN D 1175 10.45 45.00 5.30
CA ASN D 1175 9.24 44.30 4.90
C ASN D 1175 8.16 45.26 4.44
N ALA D 1176 7.06 44.69 3.95
CA ALA D 1176 5.94 45.51 3.48
C ALA D 1176 4.99 45.89 4.62
N PHE D 1177 4.99 45.11 5.70
CA PHE D 1177 4.17 45.41 6.87
C PHE D 1177 4.34 46.84 7.35
N ASN D 1178 5.56 47.39 7.19
CA ASN D 1178 5.84 48.79 7.54
C ASN D 1178 4.75 49.74 7.06
N GLN D 1179 4.10 49.42 5.94
CA GLN D 1179 3.10 50.31 5.38
C GLN D 1179 2.03 50.68 6.41
N ASN D 1180 1.58 49.69 7.18
CA ASN D 1180 0.49 49.96 8.13
C ASN D 1180 0.89 50.95 9.21
N LEU D 1181 2.20 51.13 9.45
CA LEU D 1181 2.64 52.13 10.41
C LEU D 1181 2.35 53.54 9.91
N TRP D 1182 2.40 53.76 8.59
CA TRP D 1182 2.34 55.12 8.06
C TRP D 1182 1.04 55.81 8.43
N TRP D 1183 -0.04 55.05 8.54
CA TRP D 1183 -1.35 55.62 8.85
C TRP D 1183 -1.55 55.87 10.34
N LEU D 1184 -0.51 55.76 11.17
CA LEU D 1184 -0.67 55.91 12.61
C LEU D 1184 -0.01 57.17 13.16
N LEU D 1185 0.57 58.03 12.30
CA LEU D 1185 1.11 59.24 12.90
C LEU D 1185 0.17 60.42 12.65
N PRO D 1186 0.31 61.52 13.40
CA PRO D 1186 -0.54 62.70 13.18
C PRO D 1186 -0.46 63.26 11.77
N SER D 1219 -13.20 66.73 -2.21
CA SER D 1219 -13.47 66.22 -3.55
C SER D 1219 -12.99 64.78 -3.69
N ILE D 1220 -12.03 64.39 -2.87
CA ILE D 1220 -11.49 63.03 -2.88
C ILE D 1220 -11.49 62.48 -1.46
N PRO D 1221 -11.55 61.17 -1.27
CA PRO D 1221 -11.73 60.61 0.08
C PRO D 1221 -10.51 60.80 0.96
N THR D 1222 -10.64 60.23 2.16
CA THR D 1222 -9.68 60.47 3.24
C THR D 1222 -8.36 59.76 3.02
N ALA D 1223 -8.40 58.44 2.79
CA ALA D 1223 -7.17 57.67 2.60
C ALA D 1223 -6.32 58.27 1.49
N SER D 1224 -6.96 58.80 0.45
CA SER D 1224 -6.22 59.53 -0.58
C SER D 1224 -5.35 60.62 0.02
N LYS D 1225 -5.96 61.58 0.74
CA LYS D 1225 -5.22 62.72 1.23
C LYS D 1225 -4.19 62.31 2.29
N ASN D 1226 -4.49 61.25 3.05
CA ASN D 1226 -3.48 60.73 3.97
C ASN D 1226 -2.25 60.26 3.20
N GLN D 1227 -2.46 59.45 2.16
CA GLN D 1227 -1.35 58.96 1.34
C GLN D 1227 -0.57 60.12 0.74
N ILE D 1228 -1.27 61.16 0.28
CA ILE D 1228 -0.59 62.27 -0.36
C ILE D 1228 0.23 63.06 0.67
N ALA D 1229 -0.28 63.16 1.90
CA ALA D 1229 0.51 63.78 2.95
C ALA D 1229 1.79 63.01 3.23
N LEU D 1230 1.69 61.68 3.28
CA LEU D 1230 2.88 60.86 3.48
C LEU D 1230 3.87 61.03 2.34
N ILE D 1231 3.37 61.07 1.10
CA ILE D 1231 4.25 61.26 -0.06
C ILE D 1231 4.97 62.60 0.03
N ARG D 1232 4.23 63.65 0.37
CA ARG D 1232 4.84 64.97 0.52
C ARG D 1232 5.89 64.95 1.62
N LEU D 1233 5.64 64.22 2.70
CA LEU D 1233 6.62 64.09 3.76
C LEU D 1233 7.92 63.48 3.24
N ASN D 1234 7.81 62.40 2.46
CA ASN D 1234 9.01 61.75 1.95
C ASN D 1234 9.77 62.64 0.98
N TRP D 1235 9.04 63.31 0.08
CA TRP D 1235 9.69 64.22 -0.85
C TRP D 1235 10.41 65.35 -0.13
N ALA D 1236 9.75 65.93 0.88
CA ALA D 1236 10.36 66.99 1.68
C ALA D 1236 11.61 66.50 2.39
N LEU D 1237 11.56 65.31 2.98
CA LEU D 1237 12.74 64.78 3.65
C LEU D 1237 13.89 64.56 2.67
N ASN D 1238 13.58 64.18 1.42
CA ASN D 1238 14.64 64.03 0.44
C ASN D 1238 15.22 65.37 0.04
N LYS D 1239 14.38 66.41 0.00
CA LYS D 1239 14.80 67.71 -0.52
C LYS D 1239 15.77 68.46 0.39
N THR D 1240 16.26 67.87 1.49
CA THR D 1240 17.09 68.62 2.42
C THR D 1240 18.58 68.48 2.18
N ASN D 1241 18.99 67.74 1.15
CA ASN D 1241 20.38 67.74 0.66
C ASN D 1241 21.36 67.24 1.73
N ILE D 1242 20.91 66.36 2.61
CA ILE D 1242 21.76 65.79 3.65
C ILE D 1242 22.04 64.32 3.42
N ASN D 1243 21.49 63.73 2.35
CA ASN D 1243 21.51 62.27 2.19
C ASN D 1243 22.90 61.71 1.96
N THR D 1244 23.80 62.43 1.27
CA THR D 1244 25.08 61.88 0.89
C THR D 1244 26.09 61.82 2.02
N PHE D 1245 25.93 62.62 3.07
CA PHE D 1245 26.93 62.68 4.12
C PHE D 1245 26.91 61.42 4.95
N THR D 1246 28.03 60.68 4.94
CA THR D 1246 28.21 59.53 5.79
C THR D 1246 29.59 59.61 6.44
N ASP D 1247 29.74 58.89 7.56
CA ASP D 1247 30.94 58.94 8.37
C ASP D 1247 32.17 58.40 7.64
N TYR D 1248 31.99 57.63 6.57
CA TYR D 1248 33.03 56.78 6.02
C TYR D 1248 33.45 57.18 4.61
N SER D 1249 33.04 58.36 4.14
CA SER D 1249 33.46 58.83 2.84
C SER D 1249 34.97 59.06 2.80
N LYS D 1250 35.47 59.35 1.60
CA LYS D 1250 36.83 59.83 1.48
C LYS D 1250 36.86 61.35 1.47
N ARG D 1251 35.79 61.98 1.00
CA ARG D 1251 35.67 63.43 1.09
C ARG D 1251 35.65 63.90 2.53
N ASN D 1252 35.24 63.02 3.44
CA ASN D 1252 35.27 63.37 4.86
C ASN D 1252 36.56 62.90 5.52
N ASN D 1253 37.25 61.93 4.91
CA ASN D 1253 38.52 61.45 5.47
C ASN D 1253 39.69 62.31 5.04
N LEU D 1254 39.53 63.10 3.97
CA LEU D 1254 40.66 63.88 3.46
C LEU D 1254 40.81 65.21 4.20
N TRP D 1255 39.71 65.79 4.68
CA TRP D 1255 39.81 67.02 5.45
C TRP D 1255 39.87 66.77 6.95
N THR D 1256 39.66 65.53 7.40
CA THR D 1256 39.75 65.20 8.81
C THR D 1256 41.05 64.51 9.19
N THR D 1257 41.98 64.35 8.25
CA THR D 1257 43.29 63.81 8.60
C THR D 1257 44.16 64.83 9.31
N GLN D 1258 43.93 66.13 9.09
CA GLN D 1258 44.69 67.15 9.80
C GLN D 1258 44.42 67.09 11.30
N LYS D 1259 43.14 67.10 11.68
CA LYS D 1259 42.80 67.09 13.10
C LYS D 1259 43.26 65.80 13.78
N LEU D 1260 43.05 64.66 13.12
CA LEU D 1260 43.43 63.39 13.72
C LEU D 1260 44.93 63.27 13.84
N ARG D 1261 45.67 63.73 12.82
CA ARG D 1261 47.13 63.79 12.91
C ARG D 1261 47.55 64.66 14.09
N ASN D 1262 46.93 65.83 14.25
CA ASN D 1262 47.29 66.72 15.35
C ASN D 1262 47.09 66.04 16.70
N GLN D 1263 45.93 65.42 16.91
CA GLN D 1263 45.65 64.84 18.22
C GLN D 1263 46.40 63.53 18.43
N SER D 1264 46.78 62.85 17.34
CA SER D 1264 47.55 61.63 17.47
C SER D 1264 49.01 61.93 17.79
N LYS D 1265 49.54 63.02 17.26
CA LYS D 1265 50.90 63.42 17.62
C LYS D 1265 50.91 64.13 18.97
N ASN D 1266 49.78 64.71 19.36
CA ASN D 1266 49.64 65.25 20.71
C ASN D 1266 49.06 64.22 21.68
N ASN D 1267 48.98 62.95 21.27
CA ASN D 1267 48.50 61.89 22.15
C ASN D 1267 49.65 61.45 23.06
N ASN D 1290 63.98 54.34 -1.29
CA ASN D 1290 63.18 55.42 -1.88
C ASN D 1290 61.97 55.72 -1.02
N ILE D 1291 62.16 56.55 0.01
CA ILE D 1291 61.07 56.86 0.92
C ILE D 1291 60.64 58.32 0.78
N PHE D 1292 61.61 59.22 0.60
CA PHE D 1292 61.30 60.65 0.54
C PHE D 1292 60.34 60.96 -0.60
N SER D 1293 60.61 60.39 -1.79
CA SER D 1293 59.70 60.57 -2.91
C SER D 1293 58.32 60.04 -2.58
N LYS D 1294 58.24 58.86 -1.95
CA LYS D 1294 56.93 58.32 -1.60
C LYS D 1294 56.17 59.27 -0.70
N LYS D 1295 56.84 59.85 0.29
CA LYS D 1295 56.15 60.74 1.23
C LYS D 1295 55.68 62.01 0.53
N ILE D 1296 56.56 62.66 -0.22
CA ILE D 1296 56.18 63.94 -0.83
C ILE D 1296 55.12 63.73 -1.90
N ILE D 1297 55.19 62.63 -2.64
CA ILE D 1297 54.19 62.38 -3.66
C ILE D 1297 52.85 61.99 -3.03
N SER D 1298 52.88 61.28 -1.90
CA SER D 1298 51.62 61.04 -1.19
C SER D 1298 51.00 62.35 -0.74
N LYS D 1299 51.84 63.28 -0.25
CA LYS D 1299 51.33 64.59 0.14
C LYS D 1299 50.66 65.31 -1.03
N VAL D 1300 51.35 65.38 -2.17
CA VAL D 1300 50.76 66.11 -3.30
C VAL D 1300 49.58 65.34 -3.88
N LYS D 1301 49.53 64.02 -3.70
CA LYS D 1301 48.36 63.27 -4.16
C LYS D 1301 47.13 63.65 -3.35
N GLN D 1302 47.24 63.64 -2.02
CA GLN D 1302 46.11 64.06 -1.20
C GLN D 1302 45.75 65.52 -1.49
N LYS D 1303 46.77 66.35 -1.74
CA LYS D 1303 46.49 67.75 -2.04
C LYS D 1303 45.76 67.91 -3.36
N LYS D 1304 46.12 67.12 -4.38
CA LYS D 1304 45.40 67.18 -5.65
C LYS D 1304 43.97 66.66 -5.48
N GLN D 1305 43.79 65.63 -4.65
CA GLN D 1305 42.44 65.18 -4.36
C GLN D 1305 41.60 66.30 -3.77
N LYS D 1306 42.17 67.06 -2.83
CA LYS D 1306 41.45 68.18 -2.25
C LYS D 1306 41.21 69.28 -3.27
N LEU D 1307 42.17 69.49 -4.18
CA LEU D 1307 42.00 70.46 -5.26
C LEU D 1307 40.81 70.09 -6.14
N ASN D 1308 40.69 68.81 -6.48
CA ASN D 1308 39.55 68.36 -7.28
C ASN D 1308 38.25 68.54 -6.54
N TYR D 1309 38.15 67.97 -5.33
CA TYR D 1309 36.91 68.05 -4.58
C TYR D 1309 36.60 69.49 -4.15
N MET D 1310 37.53 70.42 -4.36
CA MET D 1310 37.34 71.80 -3.95
C MET D 1310 36.90 72.72 -5.07
N THR D 1311 37.66 72.80 -6.16
CA THR D 1311 37.34 73.73 -7.23
C THR D 1311 37.92 73.18 -8.53
N SER D 1312 38.02 74.03 -9.54
CA SER D 1312 38.27 73.60 -10.92
C SER D 1312 39.72 73.16 -11.09
N TYR D 1313 40.01 71.93 -10.69
CA TYR D 1313 41.26 71.29 -11.06
C TYR D 1313 41.07 70.57 -12.39
N LEU D 1314 42.19 70.24 -13.05
CA LEU D 1314 42.13 69.99 -14.49
C LEU D 1314 42.40 68.53 -14.88
N ASN D 1315 43.10 67.75 -14.07
CA ASN D 1315 43.26 66.35 -14.44
C ASN D 1315 43.38 65.44 -13.23
N VAL D 1316 42.24 64.95 -12.74
CA VAL D 1316 42.21 64.09 -11.57
C VAL D 1316 40.82 63.44 -11.50
N GLN D 1317 40.80 62.17 -11.08
CA GLN D 1317 39.57 61.40 -11.02
C GLN D 1317 39.24 61.06 -9.58
N SER D 1318 38.10 61.52 -9.10
CA SER D 1318 37.67 61.31 -7.73
C SER D 1318 37.25 59.87 -7.50
N GLU D 1319 36.75 59.60 -6.29
CA GLU D 1319 36.21 58.30 -5.94
C GLU D 1319 34.88 58.49 -5.22
N HIS D 1320 33.90 57.63 -5.53
CA HIS D 1320 32.54 57.82 -5.04
C HIS D 1320 32.27 56.93 -3.83
N ASN D 1321 31.20 57.27 -3.12
CA ASN D 1321 30.88 56.65 -1.84
C ASN D 1321 29.53 55.94 -1.92
N VAL D 1322 29.34 54.97 -1.02
CA VAL D 1322 28.06 54.29 -0.91
C VAL D 1322 27.09 55.16 -0.11
N LYS D 1323 25.86 55.26 -0.60
CA LYS D 1323 24.86 56.15 -0.02
C LYS D 1323 23.90 55.34 0.85
N ILE D 1324 23.96 55.56 2.16
CA ILE D 1324 23.08 54.85 3.08
C ILE D 1324 22.25 55.88 3.82
N PHE D 1325 21.10 56.21 3.26
CA PHE D 1325 20.18 57.20 3.82
C PHE D 1325 18.81 57.00 3.18
N HIS D 1326 18.03 58.07 3.12
CA HIS D 1326 16.69 58.01 2.52
C HIS D 1326 16.87 57.68 1.05
N ASN D 1327 17.09 56.39 0.77
CA ASN D 1327 17.54 55.94 -0.54
C ASN D 1327 16.37 55.90 -1.50
N SER D 1328 16.29 56.91 -2.37
CA SER D 1328 15.42 56.97 -3.52
C SER D 1328 13.95 57.22 -3.18
N TRP D 1329 13.55 57.07 -1.92
CA TRP D 1329 12.36 57.71 -1.38
C TRP D 1329 11.07 57.52 -2.18
N TRP D 1330 11.12 56.86 -3.34
CA TRP D 1330 9.95 56.78 -4.20
C TRP D 1330 9.45 55.35 -4.37
N THR D 1331 10.23 54.36 -3.97
CA THR D 1331 9.76 52.98 -3.87
C THR D 1331 9.09 52.69 -2.53
N HIS D 1332 9.12 53.66 -1.59
CA HIS D 1332 8.38 53.54 -0.35
C HIS D 1332 6.88 53.61 -0.54
N LEU D 1333 6.41 53.74 -1.78
CA LEU D 1333 5.04 54.15 -2.04
C LEU D 1333 4.38 53.22 -3.05
N ASN D 1334 3.09 52.97 -2.84
CA ASN D 1334 2.25 52.32 -3.84
C ASN D 1334 1.20 53.34 -4.28
N ILE D 1335 1.52 54.10 -5.31
CA ILE D 1335 0.69 55.23 -5.72
C ILE D 1335 -0.14 54.92 -6.95
N LYS D 1336 -0.26 53.66 -7.33
CA LYS D 1336 -0.95 53.33 -8.57
C LYS D 1336 -2.43 53.71 -8.51
N ASN D 1337 -3.05 53.60 -7.33
CA ASN D 1337 -4.47 53.89 -7.22
C ASN D 1337 -4.74 55.39 -7.29
N LEU D 1338 -3.78 56.22 -6.90
CA LEU D 1338 -3.97 57.66 -7.05
C LEU D 1338 -3.80 58.10 -8.49
N VAL D 1339 -2.77 57.61 -9.18
CA VAL D 1339 -2.43 58.14 -10.50
C VAL D 1339 -3.41 57.65 -11.57
N ASN D 1340 -4.03 56.48 -11.39
CA ASN D 1340 -4.90 55.93 -12.41
C ASN D 1340 -6.36 56.27 -12.21
N ASN D 1341 -6.68 57.12 -11.22
CA ASN D 1341 -8.00 57.72 -11.08
C ASN D 1341 -9.10 56.66 -10.93
N GLN D 1342 -9.01 55.85 -9.90
CA GLN D 1342 -10.07 54.89 -9.62
C GLN D 1342 -11.15 55.46 -8.70
N ASP D 1343 -10.90 56.61 -8.07
CA ASP D 1343 -11.88 57.21 -7.18
C ASP D 1343 -11.94 58.72 -7.40
N SER D 1360 -5.84 43.78 -20.11
CA SER D 1360 -5.25 42.41 -20.12
C SER D 1360 -6.21 41.43 -20.79
N GLU D 1361 -6.83 41.84 -21.90
CA GLU D 1361 -7.84 40.97 -22.52
C GLU D 1361 -7.45 40.71 -23.98
N PHE D 1362 -6.59 41.57 -24.53
CA PHE D 1362 -6.07 41.35 -25.90
C PHE D 1362 -4.93 40.36 -25.81
N ILE D 1363 -4.46 40.10 -24.58
CA ILE D 1363 -3.29 39.21 -24.36
C ILE D 1363 -3.71 37.75 -24.62
N ASN D 1364 -4.50 37.15 -23.74
CA ASN D 1364 -4.83 35.69 -23.81
C ASN D 1364 -5.53 35.35 -25.12
N SER D 1365 -5.44 36.21 -26.13
CA SER D 1365 -6.12 35.99 -27.42
C SER D 1365 -5.05 36.03 -28.49
N ALA D 1366 -4.24 37.08 -28.51
CA ALA D 1366 -3.12 37.01 -29.44
C ALA D 1366 -2.32 35.73 -29.26
N ILE D 1367 -2.16 35.28 -28.01
CA ILE D 1367 -1.44 34.02 -27.78
C ILE D 1367 -2.12 32.88 -28.50
N ILE D 1368 -3.40 32.66 -28.20
CA ILE D 1368 -4.12 31.53 -28.78
C ILE D 1368 -4.26 31.72 -30.29
N LYS D 1369 -4.42 32.95 -30.75
CA LYS D 1369 -4.48 33.22 -32.17
C LYS D 1369 -3.20 32.79 -32.86
N SER D 1370 -2.05 33.08 -32.27
CA SER D 1370 -0.79 32.73 -32.90
C SER D 1370 -0.65 31.22 -33.01
N ILE D 1371 -0.90 30.51 -31.90
CA ILE D 1371 -0.66 29.06 -31.97
C ILE D 1371 -1.72 28.37 -32.81
N ASN D 1372 -2.90 28.99 -32.98
CA ASN D 1372 -3.87 28.45 -33.92
C ASN D 1372 -3.43 28.70 -35.35
N ASN D 1373 -2.87 29.87 -35.63
CA ASN D 1373 -2.66 30.30 -37.00
C ASN D 1373 -1.41 29.69 -37.61
N LYS D 1374 -0.29 29.63 -36.88
CA LYS D 1374 0.93 29.26 -37.59
C LYS D 1374 1.08 27.75 -37.75
N THR D 1375 1.15 27.02 -36.65
CA THR D 1375 1.25 25.56 -36.73
C THR D 1375 -0.11 24.94 -37.01
N SER D 1385 -7.19 18.52 -39.50
CA SER D 1385 -6.90 17.15 -39.10
C SER D 1385 -6.53 17.10 -37.62
N SER D 1386 -7.16 17.99 -36.84
CA SER D 1386 -7.13 17.92 -35.38
C SER D 1386 -5.75 18.22 -34.81
N GLU D 1387 -5.09 19.27 -35.32
CA GLU D 1387 -3.78 19.69 -34.83
C GLU D 1387 -3.86 20.87 -33.86
N LYS D 1388 -4.78 21.80 -34.10
CA LYS D 1388 -4.89 22.98 -33.24
C LYS D 1388 -5.26 22.59 -31.82
N GLU D 1389 -6.15 21.60 -31.68
CA GLU D 1389 -6.51 21.15 -30.34
C GLU D 1389 -5.31 20.55 -29.62
N THR D 1390 -4.45 19.84 -30.35
CA THR D 1390 -3.25 19.31 -29.72
C THR D 1390 -2.33 20.42 -29.26
N MET D 1391 -2.12 21.43 -30.11
CA MET D 1391 -1.26 22.54 -29.70
C MET D 1391 -1.82 23.26 -28.49
N GLN D 1392 -3.13 23.45 -28.44
CA GLN D 1392 -3.72 24.19 -27.32
C GLN D 1392 -3.64 23.39 -26.03
N LEU D 1393 -3.90 22.09 -26.09
CA LEU D 1393 -3.75 21.26 -24.90
C LEU D 1393 -2.30 21.26 -24.43
N LEU D 1394 -1.36 21.23 -25.37
CA LEU D 1394 0.07 21.28 -25.02
C LEU D 1394 0.40 22.58 -24.30
N LEU D 1395 -0.11 23.71 -24.79
CA LEU D 1395 0.15 24.99 -24.15
C LEU D 1395 -0.39 25.03 -22.73
N MET D 1396 -1.66 24.64 -22.56
CA MET D 1396 -2.26 24.72 -21.22
C MET D 1396 -1.55 23.79 -20.24
N SER D 1397 -1.20 22.58 -20.68
CA SER D 1397 -0.50 21.67 -19.79
C SER D 1397 0.88 22.21 -19.42
N SER D 1398 1.62 22.73 -20.40
CA SER D 1398 2.92 23.31 -20.10
C SER D 1398 2.82 24.43 -19.08
N SER D 1399 1.83 25.30 -19.23
CA SER D 1399 1.75 26.44 -18.32
C SER D 1399 1.39 26.02 -16.90
N ILE D 1400 0.40 25.15 -16.75
CA ILE D 1400 0.04 24.68 -15.41
C ILE D 1400 1.23 23.98 -14.76
N LEU D 1401 1.92 23.14 -15.53
CA LEU D 1401 3.05 22.42 -14.97
C LEU D 1401 4.17 23.38 -14.58
N LEU D 1402 4.38 24.44 -15.35
CA LEU D 1402 5.43 25.39 -14.99
C LEU D 1402 5.15 26.03 -13.64
N HIS D 1403 3.92 26.48 -13.44
CA HIS D 1403 3.59 27.13 -12.16
C HIS D 1403 3.71 26.14 -11.00
N LEU D 1404 3.25 24.90 -11.19
CA LEU D 1404 3.34 23.92 -10.11
C LEU D 1404 4.78 23.55 -9.80
N CYS D 1405 5.61 23.38 -10.82
CA CYS D 1405 7.02 23.07 -10.60
C CYS D 1405 7.71 24.20 -9.87
N ALA D 1406 7.40 25.44 -10.22
CA ALA D 1406 8.00 26.58 -9.53
C ALA D 1406 7.65 26.57 -8.06
N ILE D 1407 6.38 26.34 -7.73
CA ILE D 1407 5.97 26.38 -6.33
C ILE D 1407 6.62 25.24 -5.54
N ILE D 1408 6.62 24.03 -6.10
CA ILE D 1408 7.22 22.92 -5.37
C ILE D 1408 8.71 23.12 -5.18
N SER D 1409 9.41 23.56 -6.22
CA SER D 1409 10.84 23.85 -6.08
C SER D 1409 11.09 24.92 -5.03
N LEU D 1410 10.21 25.92 -4.93
CA LEU D 1410 10.39 26.93 -3.89
C LEU D 1410 10.27 26.31 -2.51
N VAL D 1411 9.17 25.64 -2.22
CA VAL D 1411 8.96 25.15 -0.86
C VAL D 1411 9.86 23.97 -0.55
N SER D 1412 10.67 23.55 -1.51
CA SER D 1412 11.66 22.52 -1.23
C SER D 1412 12.89 23.04 -0.51
N ILE D 1413 12.91 24.31 -0.09
CA ILE D 1413 14.06 24.86 0.63
C ILE D 1413 13.73 24.93 2.11
N SER D 1414 14.70 24.57 2.95
CA SER D 1414 14.45 24.39 4.38
C SER D 1414 13.98 25.68 5.04
N GLN D 1415 14.68 26.79 4.79
CA GLN D 1415 14.32 28.05 5.43
C GLN D 1415 12.93 28.51 5.02
N VAL D 1416 12.49 28.19 3.79
CA VAL D 1416 11.13 28.53 3.39
C VAL D 1416 10.13 27.69 4.16
N ARG D 1417 10.49 26.46 4.52
CA ARG D 1417 9.63 25.69 5.39
C ARG D 1417 9.54 26.30 6.78
N CYS D 1418 10.67 26.81 7.30
CA CYS D 1418 10.62 27.58 8.54
C CYS D 1418 9.66 28.75 8.42
N PHE D 1419 9.75 29.48 7.32
CA PHE D 1419 8.89 30.63 7.07
C PHE D 1419 7.41 30.25 7.13
N VAL D 1420 7.04 29.18 6.41
CA VAL D 1420 5.63 28.81 6.34
C VAL D 1420 5.16 28.25 7.68
N LYS D 1421 6.05 27.58 8.43
CA LYS D 1421 5.67 27.08 9.75
C LYS D 1421 5.37 28.24 10.69
N PHE D 1422 6.22 29.26 10.68
CA PHE D 1422 5.98 30.44 11.50
C PHE D 1422 4.65 31.10 11.15
N HIS D 1423 4.38 31.27 9.85
CA HIS D 1423 3.13 31.90 9.46
C HIS D 1423 1.93 31.04 9.87
N LEU D 1424 2.08 29.72 9.84
CA LEU D 1424 0.98 28.86 10.24
C LEU D 1424 0.68 28.98 11.73
N ILE D 1425 1.70 29.00 12.57
CA ILE D 1425 1.41 29.12 13.99
C ILE D 1425 0.80 30.49 14.30
N LEU D 1426 1.28 31.54 13.63
CA LEU D 1426 0.68 32.85 13.83
C LEU D 1426 -0.79 32.86 13.46
N LEU D 1427 -1.12 32.33 12.29
CA LEU D 1427 -2.51 32.35 11.86
C LEU D 1427 -3.39 31.45 12.71
N TYR D 1428 -2.83 30.35 13.21
CA TYR D 1428 -3.60 29.50 14.11
C TYR D 1428 -3.96 30.24 15.39
N LYS D 1429 -2.98 30.90 16.01
CA LYS D 1429 -3.27 31.62 17.26
C LYS D 1429 -4.27 32.75 17.03
N LEU D 1430 -4.10 33.51 15.94
CA LEU D 1430 -5.02 34.62 15.70
C LEU D 1430 -6.42 34.12 15.41
N SER D 1431 -6.55 33.02 14.66
CA SER D 1431 -7.87 32.43 14.44
C SER D 1431 -8.47 31.95 15.75
N ASN D 1432 -7.64 31.43 16.66
CA ASN D 1432 -8.15 30.99 17.95
C ASN D 1432 -8.73 32.16 18.73
N VAL D 1433 -8.01 33.28 18.77
CA VAL D 1433 -8.51 34.47 19.44
C VAL D 1433 -9.85 34.91 18.85
N TYR D 1434 -9.90 35.06 17.52
CA TYR D 1434 -11.12 35.47 16.86
C TYR D 1434 -12.26 34.51 17.17
N ASN D 1435 -11.98 33.21 17.12
CA ASN D 1435 -13.00 32.20 17.36
C ASN D 1435 -13.59 32.31 18.75
N ALA D 1436 -12.72 32.35 19.77
CA ALA D 1436 -13.20 32.51 21.14
C ALA D 1436 -14.09 33.73 21.26
N ILE D 1437 -13.58 34.89 20.85
CA ILE D 1437 -14.35 36.13 20.99
C ILE D 1437 -15.71 36.00 20.33
N LEU D 1438 -15.73 35.65 19.05
CA LEU D 1438 -16.98 35.75 18.30
C LEU D 1438 -17.96 34.67 18.68
N ASN D 1439 -17.48 33.45 18.96
CA ASN D 1439 -18.39 32.41 19.42
C ASN D 1439 -19.01 32.77 20.76
N GLN D 1440 -18.23 33.40 21.65
CA GLN D 1440 -18.77 33.82 22.93
C GLN D 1440 -19.84 34.90 22.76
N LEU D 1441 -19.57 35.90 21.92
CA LEU D 1441 -20.62 36.89 21.66
C LEU D 1441 -21.81 36.27 20.93
N SER D 1442 -21.59 35.20 20.18
CA SER D 1442 -22.67 34.57 19.44
C SER D 1442 -23.63 33.84 20.37
N ASN D 1443 -23.10 33.05 21.32
CA ASN D 1443 -24.04 32.44 22.25
C ASN D 1443 -24.53 33.44 23.29
N LYS D 1444 -23.88 34.60 23.42
CA LYS D 1444 -24.50 35.69 24.17
C LYS D 1444 -25.73 36.22 23.46
N LEU D 1445 -25.64 36.43 22.14
CA LEU D 1445 -26.82 36.82 21.38
C LEU D 1445 -27.86 35.71 21.36
N GLN D 1446 -27.43 34.45 21.47
CA GLN D 1446 -28.36 33.35 21.70
C GLN D 1446 -29.09 33.52 23.03
N LYS D 1447 -28.36 33.93 24.07
CA LYS D 1447 -29.01 34.34 25.32
C LYS D 1447 -30.03 35.42 25.07
N ASN D 1448 -29.71 36.41 24.24
CA ASN D 1448 -30.68 37.43 23.87
C ASN D 1448 -31.92 36.80 23.24
N LEU D 1449 -31.73 36.04 22.16
CA LEU D 1449 -32.83 35.34 21.52
C LEU D 1449 -32.48 33.88 21.25
N GLY D 1662 2.49 28.14 25.20
CA GLY D 1662 2.80 29.39 24.54
C GLY D 1662 3.22 29.20 23.09
N PHE D 1663 4.11 30.07 22.62
CA PHE D 1663 4.59 30.00 21.25
C PHE D 1663 5.81 29.10 21.08
N LEU D 1664 6.65 29.01 22.09
CA LEU D 1664 7.94 28.34 21.92
C LEU D 1664 7.79 26.82 21.88
N VAL D 1665 6.85 26.27 22.65
CA VAL D 1665 6.65 24.82 22.66
C VAL D 1665 6.34 24.31 21.26
N GLU D 1666 5.64 25.10 20.45
CA GLU D 1666 5.41 24.73 19.07
C GLU D 1666 6.58 25.15 18.18
N TRP D 1667 6.99 26.42 18.27
CA TRP D 1667 8.01 26.98 17.41
C TRP D 1667 9.35 26.25 17.48
N SER D 1668 9.58 25.45 18.52
CA SER D 1668 10.82 24.69 18.63
C SER D 1668 10.59 23.19 18.49
N SER D 1669 9.41 22.77 18.04
CA SER D 1669 9.10 21.37 17.84
C SER D 1669 8.70 21.13 16.39
N ASP D 1670 8.78 19.87 15.99
CA ASP D 1670 8.53 19.50 14.60
C ASP D 1670 7.04 19.60 14.28
N PHE D 1671 6.74 19.72 12.98
CA PHE D 1671 5.42 20.11 12.53
C PHE D 1671 4.35 19.05 12.77
N ILE D 1672 4.62 17.79 12.42
CA ILE D 1672 3.54 16.80 12.37
C ILE D 1672 3.05 16.34 13.74
N THR D 1673 3.84 16.51 14.80
CA THR D 1673 3.44 16.05 16.12
C THR D 1673 2.41 16.94 16.79
N ILE D 1674 2.20 18.16 16.31
CA ILE D 1674 1.23 19.07 16.89
C ILE D 1674 -0.08 19.08 16.11
N ILE D 1675 -0.04 18.70 14.83
CA ILE D 1675 -1.23 18.74 13.99
C ILE D 1675 -1.88 17.36 14.00
N PRO D 1676 -3.20 17.27 14.12
CA PRO D 1676 -3.86 15.96 14.07
C PRO D 1676 -3.89 15.40 12.66
N GLU D 1677 -4.34 14.15 12.55
CA GLU D 1677 -4.45 13.52 11.24
C GLU D 1677 -5.81 13.74 10.59
N ASN D 1678 -6.85 13.99 11.38
CA ASN D 1678 -8.16 14.23 10.79
C ASN D 1678 -8.15 15.49 9.95
N VAL D 1679 -7.25 16.43 10.24
CA VAL D 1679 -7.14 17.64 9.44
C VAL D 1679 -6.66 17.31 8.03
N ASP D 1680 -5.58 16.53 7.92
CA ASP D 1680 -5.09 16.19 6.59
C ASP D 1680 -6.07 15.27 5.88
N ILE D 1681 -6.78 14.42 6.62
CA ILE D 1681 -7.80 13.60 5.99
C ILE D 1681 -8.92 14.48 5.43
N TYR D 1682 -9.25 15.57 6.13
CA TYR D 1682 -10.23 16.51 5.62
C TYR D 1682 -9.74 17.17 4.34
N ILE D 1683 -8.50 17.64 4.35
CA ILE D 1683 -7.91 18.25 3.14
C ILE D 1683 -7.98 17.28 1.97
N TRP D 1684 -7.58 16.03 2.21
CA TRP D 1684 -7.55 15.04 1.15
C TRP D 1684 -8.95 14.73 0.64
N ASN D 1685 -9.93 14.63 1.54
CA ASN D 1685 -11.30 14.35 1.09
C ASN D 1685 -11.82 15.48 0.23
N VAL D 1686 -11.54 16.72 0.61
CA VAL D 1686 -12.01 17.85 -0.18
C VAL D 1686 -11.36 17.85 -1.55
N PHE D 1687 -10.05 17.62 -1.61
CA PHE D 1687 -9.36 17.56 -2.88
C PHE D 1687 -9.96 16.48 -3.78
N SER D 1688 -10.07 15.26 -3.24
CA SER D 1688 -10.64 14.15 -4.00
C SER D 1688 -12.03 14.50 -4.52
N LYS D 1689 -12.88 15.06 -3.67
CA LYS D 1689 -14.24 15.38 -4.11
C LYS D 1689 -14.25 16.47 -5.16
N ILE D 1690 -13.27 17.37 -5.15
CA ILE D 1690 -13.25 18.41 -6.16
C ILE D 1690 -12.88 17.84 -7.51
N TYR D 1691 -11.84 17.02 -7.57
CA TYR D 1691 -11.28 16.63 -8.86
C TYR D 1691 -11.74 15.28 -9.36
N ARG D 1692 -12.72 14.66 -8.72
CA ARG D 1692 -13.10 13.31 -9.09
C ARG D 1692 -13.91 13.22 -10.37
N THR D 1693 -14.18 14.35 -11.04
CA THR D 1693 -14.96 14.34 -12.27
C THR D 1693 -14.15 14.77 -13.47
N ILE D 1694 -12.82 14.74 -13.39
CA ILE D 1694 -11.96 15.15 -14.49
C ILE D 1694 -12.02 14.18 -15.65
N PRO D 1695 -11.93 12.85 -15.45
CA PRO D 1695 -11.95 11.95 -16.60
C PRO D 1695 -13.19 12.08 -17.47
N LEU D 1696 -14.38 12.14 -16.85
CA LEU D 1696 -15.60 12.22 -17.63
C LEU D 1696 -15.70 13.53 -18.39
N SER D 1697 -15.31 14.64 -17.75
CA SER D 1697 -15.33 15.93 -18.45
C SER D 1697 -14.36 15.96 -19.61
N PHE D 1698 -13.14 15.47 -19.40
CA PHE D 1698 -12.16 15.41 -20.47
C PHE D 1698 -12.69 14.59 -21.65
N ILE D 1699 -13.23 13.40 -21.34
CA ILE D 1699 -13.70 12.50 -22.40
C ILE D 1699 -14.84 13.14 -23.16
N SER D 1700 -15.80 13.75 -22.45
CA SER D 1700 -16.93 14.35 -23.14
C SER D 1700 -16.50 15.54 -23.98
N THR D 1701 -15.63 16.39 -23.44
CA THR D 1701 -15.15 17.54 -24.18
C THR D 1701 -14.49 17.13 -25.49
N THR D 1702 -13.46 16.27 -25.42
CA THR D 1702 -12.75 15.89 -26.64
C THR D 1702 -13.61 15.16 -27.65
N LEU D 1703 -14.52 14.30 -27.21
CA LEU D 1703 -15.31 13.46 -28.11
C LEU D 1703 -16.64 14.12 -28.45
N GLY D 1704 -16.58 15.09 -29.37
CA GLY D 1704 -17.77 15.76 -29.85
C GLY D 1704 -18.60 16.41 -28.78
N GLN D 1728 -12.05 6.07 -39.58
CA GLN D 1728 -10.96 6.01 -38.62
C GLN D 1728 -11.02 7.18 -37.66
N LYS D 1729 -12.21 7.75 -37.49
CA LYS D 1729 -12.34 8.94 -36.66
C LYS D 1729 -12.31 8.61 -35.17
N MET D 1730 -12.78 7.43 -34.78
CA MET D 1730 -12.83 7.04 -33.38
C MET D 1730 -11.86 5.92 -33.04
N VAL D 1731 -10.81 5.74 -33.85
CA VAL D 1731 -9.68 4.90 -33.44
C VAL D 1731 -8.86 5.57 -32.36
N ALA D 1732 -9.18 6.82 -32.02
CA ALA D 1732 -8.50 7.56 -30.97
C ALA D 1732 -9.13 7.38 -29.60
N PHE D 1733 -10.29 6.72 -29.52
CA PHE D 1733 -10.96 6.51 -28.24
C PHE D 1733 -10.03 5.87 -27.19
N PRO D 1734 -9.26 4.82 -27.50
CA PRO D 1734 -8.32 4.33 -26.49
C PRO D 1734 -7.32 5.38 -26.04
N ILE D 1735 -6.88 6.25 -26.95
CA ILE D 1735 -5.90 7.27 -26.59
C ILE D 1735 -6.51 8.27 -25.62
N LEU D 1736 -7.76 8.68 -25.87
CA LEU D 1736 -8.38 9.64 -24.96
C LEU D 1736 -8.68 9.02 -23.61
N LEU D 1737 -9.04 7.74 -23.59
CA LEU D 1737 -9.23 7.05 -22.31
C LEU D 1737 -7.93 7.01 -21.52
N SER D 1738 -6.83 6.62 -22.18
CA SER D 1738 -5.54 6.60 -21.53
C SER D 1738 -5.18 7.98 -20.99
N LEU D 1739 -5.43 9.02 -21.78
CA LEU D 1739 -5.07 10.36 -21.36
C LEU D 1739 -5.88 10.80 -20.15
N SER D 1740 -7.18 10.50 -20.15
CA SER D 1740 -8.03 10.83 -19.00
C SER D 1740 -7.49 10.20 -17.73
N HIS D 1741 -7.24 8.90 -17.76
CA HIS D 1741 -6.79 8.21 -16.55
C HIS D 1741 -5.44 8.75 -16.09
N LEU D 1742 -4.51 8.92 -17.03
CA LEU D 1742 -3.18 9.39 -16.65
C LEU D 1742 -3.23 10.79 -16.06
N LEU D 1743 -4.06 11.66 -16.62
CA LEU D 1743 -4.15 13.03 -16.12
C LEU D 1743 -4.75 13.08 -14.72
N HIS D 1744 -5.82 12.32 -14.51
CA HIS D 1744 -6.40 12.27 -13.16
C HIS D 1744 -5.37 11.80 -12.14
N ARG D 1745 -4.63 10.74 -12.47
CA ARG D 1745 -3.63 10.26 -11.52
C ARG D 1745 -2.49 11.24 -11.35
N ARG D 1746 -2.18 12.02 -12.39
CA ARG D 1746 -1.15 13.05 -12.24
C ARG D 1746 -1.57 14.09 -11.22
N ILE D 1747 -2.83 14.52 -11.28
CA ILE D 1747 -3.30 15.51 -10.31
C ILE D 1747 -3.20 14.96 -8.89
N LEU D 1748 -3.66 13.73 -8.70
CA LEU D 1748 -3.56 13.12 -7.36
C LEU D 1748 -2.11 13.07 -6.89
N TYR D 1749 -1.18 12.65 -7.76
CA TYR D 1749 0.21 12.54 -7.34
C TYR D 1749 0.83 13.91 -7.06
N LEU D 1750 0.38 14.94 -7.78
CA LEU D 1750 0.92 16.27 -7.52
C LEU D 1750 0.49 16.77 -6.15
N PHE D 1751 -0.76 16.51 -5.77
CA PHE D 1751 -1.16 16.76 -4.39
C PHE D 1751 -0.23 16.01 -3.43
N ASP D 1752 0.01 14.74 -3.71
CA ASP D 1752 0.83 13.93 -2.81
C ASP D 1752 2.20 14.53 -2.61
N THR D 1753 2.86 14.96 -3.70
CA THR D 1753 4.23 15.45 -3.56
C THR D 1753 4.26 16.82 -2.91
N LEU D 1754 3.31 17.69 -3.24
CA LEU D 1754 3.26 18.98 -2.56
C LEU D 1754 3.05 18.80 -1.07
N PHE D 1755 2.21 17.83 -0.68
CA PHE D 1755 2.02 17.53 0.73
C PHE D 1755 3.29 17.02 1.37
N SER D 1756 3.92 16.02 0.77
CA SER D 1756 5.05 15.36 1.40
C SER D 1756 6.32 16.20 1.36
N THR D 1757 6.35 17.29 0.60
CA THR D 1757 7.54 18.14 0.63
C THR D 1757 7.50 19.11 1.80
N ILE D 1758 6.33 19.71 2.06
CA ILE D 1758 6.24 20.74 3.09
C ILE D 1758 6.16 20.18 4.50
N THR D 1759 6.27 18.87 4.68
CA THR D 1759 6.35 18.29 6.00
C THR D 1759 7.69 17.63 6.28
N GLN D 1760 8.71 17.94 5.50
CA GLN D 1760 10.05 17.50 5.85
C GLN D 1760 10.58 18.35 7.00
N PRO D 1761 11.57 17.84 7.74
CA PRO D 1761 12.20 18.66 8.78
C PRO D 1761 12.89 19.87 8.18
N ASP D 1762 12.77 21.01 8.86
CA ASP D 1762 13.36 22.25 8.39
C ASP D 1762 14.76 22.40 8.97
N THR D 1763 15.34 23.60 8.83
CA THR D 1763 16.74 23.83 9.22
C THR D 1763 16.97 23.46 10.69
N ASP D 1764 16.07 23.89 11.57
CA ASP D 1764 16.24 23.61 13.00
C ASP D 1764 16.37 22.11 13.26
N LEU D 1765 15.47 21.31 12.70
CA LEU D 1765 15.46 19.89 13.00
C LEU D 1765 16.63 19.17 12.35
N ILE D 1766 17.03 19.59 11.15
CA ILE D 1766 18.19 18.96 10.52
C ILE D 1766 19.46 19.25 11.29
N ALA D 1767 19.63 20.51 11.72
CA ALA D 1767 20.75 20.85 12.58
C ALA D 1767 20.75 20.02 13.86
N ARG D 1768 19.61 19.97 14.53
CA ARG D 1768 19.49 19.13 15.72
C ARG D 1768 19.91 17.71 15.42
N GLN D 1769 19.44 17.15 14.30
CA GLN D 1769 19.74 15.77 13.97
C GLN D 1769 21.24 15.55 13.84
N GLU D 1770 21.91 16.32 12.98
CA GLU D 1770 23.29 15.95 12.68
C GLU D 1770 24.20 16.28 13.85
N LYS D 1771 23.98 17.41 14.54
CA LYS D 1771 24.87 17.71 15.65
C LYS D 1771 24.55 16.86 16.88
N GLY D 1772 23.30 16.43 17.05
CA GLY D 1772 23.01 15.47 18.09
C GLY D 1772 23.60 14.11 17.81
N THR D 1773 23.67 13.73 16.52
CA THR D 1773 24.28 12.45 16.19
C THR D 1773 25.79 12.51 16.35
N LEU D 1774 26.38 13.70 16.21
CA LEU D 1774 27.81 13.81 16.49
C LEU D 1774 28.06 13.93 18.00
N PHE D 1775 27.07 14.39 18.74
CA PHE D 1775 27.23 14.57 20.18
C PHE D 1775 26.90 13.32 20.99
N TRP D 1776 26.13 12.40 20.42
CA TRP D 1776 25.57 11.28 21.19
C TRP D 1776 26.20 9.95 20.82
N ASP D 1777 26.32 9.65 19.53
CA ASP D 1777 26.67 8.29 19.15
C ASP D 1777 28.08 8.17 18.57
N ILE D 1778 28.94 9.15 18.75
CA ILE D 1778 30.36 8.95 18.44
C ILE D 1778 31.19 9.36 19.64
N TRP D 1779 30.81 10.47 20.30
CA TRP D 1779 31.57 10.91 21.46
C TRP D 1779 31.22 10.12 22.71
N ALA D 1780 29.93 9.83 22.91
CA ALA D 1780 29.52 9.19 24.15
C ALA D 1780 29.83 7.70 24.15
N ASP D 1781 29.97 7.10 22.96
CA ASP D 1781 30.38 5.70 22.91
C ASP D 1781 31.86 5.55 23.17
N PHE D 1782 32.69 6.42 22.58
CA PHE D 1782 34.07 6.53 23.01
C PHE D 1782 34.17 6.80 24.50
N LEU D 1783 33.22 7.60 25.02
CA LEU D 1783 33.20 7.86 26.46
C LEU D 1783 32.91 6.58 27.25
N VAL D 1784 31.98 5.76 26.77
CA VAL D 1784 31.65 4.52 27.48
C VAL D 1784 32.83 3.55 27.45
N THR D 1785 33.48 3.42 26.30
CA THR D 1785 34.66 2.55 26.22
C THR D 1785 35.75 3.05 27.16
N ALA D 1786 35.98 4.36 27.20
CA ALA D 1786 36.95 4.91 28.12
C ALA D 1786 36.57 4.62 29.57
N ALA D 1787 35.29 4.78 29.90
CA ALA D 1787 34.85 4.55 31.27
C ALA D 1787 35.07 3.10 31.70
N ASP D 1788 34.54 2.16 30.92
CA ASP D 1788 34.64 0.75 31.34
C ASP D 1788 35.98 0.13 30.91
N TYR D 1789 36.90 0.94 30.39
CA TYR D 1789 38.30 0.52 30.37
C TYR D 1789 39.04 1.02 31.60
N TYR D 1790 38.75 2.25 32.02
CA TYR D 1790 39.31 2.82 33.24
C TYR D 1790 38.68 2.24 34.50
N ASN D 1791 37.48 1.68 34.41
CA ASN D 1791 36.79 1.14 35.57
C ASN D 1791 36.77 -0.38 35.52
N GLU D 1803 28.01 11.88 42.80
CA GLU D 1803 28.64 11.03 41.79
C GLU D 1803 29.47 11.90 40.84
N GLN D 1804 29.30 13.22 40.95
CA GLN D 1804 30.01 14.14 40.06
C GLN D 1804 31.52 13.95 40.14
N ASN D 1805 32.03 13.60 41.32
CA ASN D 1805 33.47 13.47 41.50
C ASN D 1805 34.05 12.36 40.63
N SER D 1806 33.28 11.29 40.42
CA SER D 1806 33.72 10.22 39.55
C SER D 1806 33.85 10.71 38.10
N LEU D 1807 32.83 11.44 37.64
CA LEU D 1807 32.86 11.96 36.26
C LEU D 1807 34.08 12.89 36.10
N ILE D 1808 34.63 13.38 37.21
CA ILE D 1808 35.78 14.34 37.14
C ILE D 1808 37.07 13.57 36.83
N GLU D 1809 37.37 12.52 37.61
CA GLU D 1809 38.56 11.70 37.30
C GLU D 1809 38.36 11.08 35.90
N ASN D 1810 37.12 10.76 35.53
CA ASN D 1810 36.88 10.25 34.15
C ASN D 1810 37.34 11.32 33.17
N ILE D 1811 36.76 12.52 33.26
CA ILE D 1811 37.10 13.62 32.30
C ILE D 1811 38.60 13.95 32.39
N SER D 1812 39.24 13.56 33.49
CA SER D 1812 40.67 13.91 33.69
C SER D 1812 41.57 12.73 33.28
N ASN D 1813 41.37 11.56 33.88
CA ASN D 1813 42.29 10.42 33.59
C ASN D 1813 42.21 10.14 32.09
N ASP D 1814 41.13 10.59 31.44
CA ASP D 1814 41.07 10.43 30.00
C ASP D 1814 41.55 11.68 29.27
N PHE D 1815 41.66 12.81 29.97
CA PHE D 1815 42.40 13.94 29.45
C PHE D 1815 43.89 13.66 29.49
N ASP D 1816 44.32 12.98 30.55
CA ASP D 1816 45.74 12.69 30.74
C ASP D 1816 46.27 11.72 29.69
N ASN D 1817 45.55 10.61 29.46
CA ASN D 1817 46.09 9.58 28.57
C ASN D 1817 45.85 9.93 27.10
N LEU D 1818 44.68 10.46 26.78
CA LEU D 1818 44.33 10.76 25.40
C LEU D 1818 45.23 11.86 24.83
N ASN D 1915 31.50 12.61 -3.07
CA ASN D 1915 31.52 11.80 -4.28
C ASN D 1915 30.49 10.69 -4.20
N LYS D 1916 29.22 11.07 -4.30
CA LYS D 1916 28.12 10.11 -4.17
C LYS D 1916 28.10 9.09 -5.30
N ILE D 1917 28.55 9.46 -6.49
CA ILE D 1917 28.37 8.66 -7.69
C ILE D 1917 29.51 7.67 -7.91
N LYS D 1918 30.71 7.97 -7.42
CA LYS D 1918 31.92 7.19 -7.66
C LYS D 1918 31.74 5.68 -7.43
N PRO D 1919 31.13 5.24 -6.33
CA PRO D 1919 31.00 3.79 -6.12
C PRO D 1919 30.35 3.05 -7.27
N TYR D 1920 29.44 3.69 -8.00
CA TYR D 1920 28.78 3.02 -9.12
C TYR D 1920 29.74 2.68 -10.25
N PHE D 1921 30.82 3.44 -10.40
CA PHE D 1921 31.86 3.10 -11.37
C PHE D 1921 32.95 2.24 -10.74
N GLU D 1922 33.22 2.44 -9.45
CA GLU D 1922 34.23 1.64 -8.77
C GLU D 1922 33.81 0.18 -8.70
N ALA D 1923 32.51 -0.08 -8.65
CA ALA D 1923 32.04 -1.47 -8.66
C ALA D 1923 32.27 -2.13 -10.00
N TYR D 1924 32.51 -1.35 -11.05
CA TYR D 1924 32.59 -1.87 -12.41
C TYR D 1924 34.01 -1.93 -12.95
N PHE D 1925 34.85 -0.93 -12.68
CA PHE D 1925 36.18 -1.00 -13.28
C PHE D 1925 37.16 -1.85 -12.48
N SER D 1926 36.70 -2.53 -11.43
CA SER D 1926 37.55 -3.42 -10.66
C SER D 1926 36.72 -4.42 -9.86
N LEU D 1944 13.16 1.41 -2.45
CA LEU D 1944 12.69 1.16 -3.80
C LEU D 1944 11.18 1.32 -3.83
N ASN D 1945 10.65 2.02 -2.83
CA ASN D 1945 9.21 2.27 -2.70
C ASN D 1945 8.45 0.94 -2.60
N ARG D 1946 8.66 0.28 -1.48
CA ARG D 1946 7.96 -0.97 -1.16
C ARG D 1946 6.45 -0.84 -1.24
N TRP D 1947 5.92 0.38 -1.23
CA TRP D 1947 4.49 0.55 -1.41
C TRP D 1947 4.03 0.17 -2.81
N SER D 1948 4.96 -0.04 -3.74
CA SER D 1948 4.59 -0.42 -5.09
C SER D 1948 4.38 -1.91 -5.26
N VAL D 1949 4.77 -2.72 -4.28
CA VAL D 1949 4.57 -4.17 -4.36
C VAL D 1949 3.91 -4.69 -3.09
N ASN D 1950 3.98 -3.91 -2.01
CA ASN D 1950 3.51 -4.36 -0.70
C ASN D 1950 2.64 -3.27 -0.09
N GLN D 1951 1.33 -3.50 -0.04
CA GLN D 1951 0.39 -2.54 0.53
C GLN D 1951 -0.19 -3.01 1.84
N PHE D 1952 0.59 -3.69 2.65
CA PHE D 1952 0.15 -4.22 3.93
C PHE D 1952 0.86 -3.46 5.04
N ILE D 1953 0.09 -2.85 5.95
CA ILE D 1953 0.64 -1.91 6.91
C ILE D 1953 0.19 -2.27 8.33
N THR D 1954 1.12 -2.15 9.28
CA THR D 1954 0.79 -2.13 10.70
C THR D 1954 0.96 -0.71 11.21
N TYR D 1955 0.02 -0.25 12.03
CA TYR D 1955 -0.06 1.17 12.33
C TYR D 1955 -0.63 1.40 13.72
N GLN D 1956 -0.57 2.66 14.16
CA GLN D 1956 -1.17 3.15 15.39
C GLN D 1956 -1.65 4.56 15.14
N SER D 1957 -2.96 4.77 15.09
CA SER D 1957 -3.51 6.02 14.54
C SER D 1957 -4.65 6.56 15.39
N TRP D 1958 -4.95 7.84 15.13
CA TRP D 1958 -5.99 8.65 15.77
C TRP D 1958 -5.57 9.02 17.20
N HIS D 1959 -4.51 8.37 17.69
CA HIS D 1959 -4.00 8.64 19.03
C HIS D 1959 -2.52 8.24 19.00
N SER D 1960 -1.65 9.22 18.80
CA SER D 1960 -0.24 8.99 18.59
C SER D 1960 0.64 9.53 19.71
N HIS D 1961 0.35 10.74 20.17
CA HIS D 1961 1.10 11.40 21.24
C HIS D 1961 1.26 10.53 22.47
N LEU D 1971 -3.05 1.98 17.89
CA LEU D 1971 -3.90 0.92 18.43
C LEU D 1971 -3.55 -0.40 17.77
N PHE D 1972 -2.51 -0.38 16.93
CA PHE D 1972 -2.09 -1.54 16.13
C PHE D 1972 -3.21 -2.01 15.20
N ILE D 1973 -3.54 -1.12 14.26
CA ILE D 1973 -4.45 -1.48 13.18
C ILE D 1973 -3.65 -2.10 12.04
N ASP D 1974 -4.28 -3.00 11.30
CA ASP D 1974 -3.64 -3.60 10.14
C ASP D 1974 -4.41 -3.23 8.87
N TYR D 1975 -3.69 -2.71 7.88
CA TYR D 1975 -4.28 -2.25 6.64
C TYR D 1975 -3.96 -3.23 5.53
N HIS D 1976 -5.00 -3.70 4.84
CA HIS D 1976 -4.95 -4.56 3.67
C HIS D 1976 -4.10 -5.79 3.89
N PRO D 1977 -4.55 -6.77 4.68
CA PRO D 1977 -3.80 -8.03 4.78
C PRO D 1977 -3.80 -8.77 3.46
N PRO D 1978 -2.74 -9.51 3.16
CA PRO D 1978 -2.65 -10.26 1.90
C PRO D 1978 -3.26 -11.66 1.97
N LYS D 1979 -4.57 -11.72 2.21
CA LYS D 1979 -5.29 -12.97 2.22
C LYS D 1979 -6.48 -12.86 1.27
N THR D 1980 -7.12 -14.00 1.02
CA THR D 1980 -8.32 -14.05 0.21
C THR D 1980 -9.02 -15.36 0.50
N PHE D 1981 -10.19 -15.54 -0.10
CA PHE D 1981 -10.98 -16.72 0.19
C PHE D 1981 -10.43 -17.98 -0.46
N SER D 1982 -9.31 -17.89 -1.16
CA SER D 1982 -8.64 -19.09 -1.65
C SER D 1982 -7.58 -19.59 -0.69
N HIS D 1983 -7.43 -18.95 0.48
CA HIS D 1983 -6.61 -19.49 1.54
C HIS D 1983 -7.41 -20.35 2.51
N ILE D 1984 -8.72 -20.45 2.31
CA ILE D 1984 -9.60 -21.27 3.12
C ILE D 1984 -10.56 -21.99 2.19
N PRO D 1985 -10.13 -23.06 1.52
CA PRO D 1985 -11.07 -23.81 0.66
C PRO D 1985 -12.23 -24.41 1.42
N ALA D 1986 -12.08 -24.61 2.73
CA ALA D 1986 -13.14 -25.25 3.50
C ALA D 1986 -14.39 -24.39 3.57
N LEU D 1987 -14.26 -23.09 3.33
CA LEU D 1987 -15.43 -22.23 3.25
C LEU D 1987 -16.35 -22.65 2.11
N LYS D 1988 -15.78 -23.25 1.07
CA LYS D 1988 -16.55 -23.55 -0.13
C LYS D 1988 -17.62 -24.60 0.11
N TYR D 1989 -17.52 -25.38 1.19
CA TYR D 1989 -18.43 -26.48 1.44
C TYR D 1989 -19.29 -26.27 2.68
N ASN D 1990 -18.88 -25.44 3.62
CA ASN D 1990 -19.62 -25.21 4.85
C ASN D 1990 -20.87 -24.40 4.50
N SER D 1991 -21.98 -25.09 4.29
CA SER D 1991 -23.19 -24.47 3.78
C SER D 1991 -23.87 -23.54 4.77
N ILE D 1992 -23.28 -23.29 5.94
CA ILE D 1992 -23.92 -22.41 6.91
C ILE D 1992 -23.16 -21.09 6.99
N LEU D 1993 -22.06 -20.99 6.27
CA LEU D 1993 -21.27 -19.77 6.26
C LEU D 1993 -21.43 -18.95 4.99
N GLN D 1994 -22.23 -19.41 4.03
CA GLN D 1994 -22.34 -18.69 2.77
C GLN D 1994 -23.11 -17.39 2.95
N GLN D 1995 -24.29 -17.45 3.57
CA GLN D 1995 -25.15 -16.27 3.62
C GLN D 1995 -24.57 -15.14 4.45
N PRO D 1996 -24.13 -15.35 5.69
CA PRO D 1996 -23.62 -14.20 6.47
C PRO D 1996 -22.39 -13.55 5.86
N ILE D 1997 -21.40 -14.34 5.47
CA ILE D 1997 -20.18 -13.77 4.91
C ILE D 1997 -20.47 -13.12 3.56
N GLY D 1998 -21.31 -13.76 2.75
CA GLY D 1998 -21.70 -13.16 1.48
C GLY D 1998 -22.39 -11.84 1.64
N SER D 1999 -23.30 -11.74 2.61
CA SER D 1999 -23.97 -10.47 2.86
C SER D 1999 -22.99 -9.40 3.33
N LEU D 2000 -22.05 -9.78 4.19
CA LEU D 2000 -21.02 -8.85 4.62
C LEU D 2000 -20.24 -8.29 3.44
N VAL D 2001 -19.75 -9.15 2.56
CA VAL D 2001 -18.97 -8.69 1.42
C VAL D 2001 -19.82 -7.83 0.49
N CYS D 2002 -21.02 -8.30 0.19
CA CYS D 2002 -21.93 -7.54 -0.67
C CYS D 2002 -22.17 -6.14 -0.12
N GLN D 2003 -22.26 -6.01 1.21
CA GLN D 2003 -22.47 -4.70 1.81
C GLN D 2003 -21.24 -3.83 1.69
N ILE D 2004 -20.07 -4.36 2.05
CA ILE D 2004 -18.86 -3.56 2.04
C ILE D 2004 -18.56 -3.04 0.64
N TYR D 2005 -18.74 -3.89 -0.38
CA TYR D 2005 -18.35 -3.49 -1.73
C TYR D 2005 -19.27 -2.40 -2.30
N SER D 2006 -20.50 -2.31 -1.81
CA SER D 2006 -21.43 -1.33 -2.31
C SER D 2006 -21.39 -0.01 -1.56
N GLY D 2007 -20.56 0.11 -0.52
CA GLY D 2007 -20.49 1.32 0.26
C GLY D 2007 -21.53 1.43 1.35
N LEU D 2008 -22.55 0.59 1.35
CA LEU D 2008 -23.63 0.64 2.32
C LEU D 2008 -23.22 0.17 3.71
N PHE D 2009 -21.93 -0.05 3.94
CA PHE D 2009 -21.48 -0.56 5.23
C PHE D 2009 -21.06 0.55 6.18
N ASN D 2010 -20.84 1.76 5.67
CA ASN D 2010 -20.53 2.88 6.55
C ASN D 2010 -21.77 3.49 7.19
N LYS D 2011 -22.95 2.92 6.96
CA LYS D 2011 -24.18 3.45 7.53
C LYS D 2011 -25.08 2.34 8.06
N GLN D 2012 -24.52 1.20 8.42
CA GLN D 2012 -25.28 0.17 9.11
C GLN D 2012 -24.97 0.22 10.59
N ILE D 2013 -25.94 -0.19 11.40
CA ILE D 2013 -25.71 -0.33 12.82
C ILE D 2013 -24.69 -1.43 13.05
N SER D 2014 -23.80 -1.22 14.01
CA SER D 2014 -22.76 -2.19 14.29
C SER D 2014 -23.38 -3.52 14.70
N LYS D 2015 -22.54 -4.55 14.73
CA LYS D 2015 -23.02 -5.90 14.97
C LYS D 2015 -22.11 -6.65 15.93
N ASN D 2016 -22.64 -7.75 16.45
CA ASN D 2016 -21.91 -8.70 17.25
C ASN D 2016 -22.13 -10.07 16.66
N ILE D 2017 -21.10 -10.89 16.62
CA ILE D 2017 -21.15 -12.21 16.03
C ILE D 2017 -20.31 -13.14 16.88
N LEU D 2018 -20.82 -14.35 17.11
CA LEU D 2018 -20.09 -15.36 17.87
C LEU D 2018 -19.46 -16.33 16.88
N LEU D 2019 -18.16 -16.52 17.01
CA LEU D 2019 -17.42 -17.47 16.19
C LEU D 2019 -16.97 -18.61 17.09
N VAL D 2020 -17.74 -19.68 17.14
CA VAL D 2020 -17.39 -20.84 17.94
C VAL D 2020 -16.50 -21.74 17.10
N ASN D 2021 -15.34 -22.07 17.65
CA ASN D 2021 -14.46 -23.05 17.06
C ASN D 2021 -14.22 -24.18 18.04
N PRO D 2022 -14.21 -25.44 17.59
CA PRO D 2022 -14.00 -26.55 18.51
C PRO D 2022 -12.62 -26.50 19.14
N LYS D 2023 -12.49 -27.21 20.27
CA LYS D 2023 -11.24 -27.22 21.02
C LYS D 2023 -10.16 -27.90 20.20
N THR D 2024 -9.08 -27.17 19.92
CA THR D 2024 -7.97 -27.68 19.13
C THR D 2024 -6.68 -27.56 19.93
N THR D 2025 -6.13 -28.71 20.34
CA THR D 2025 -4.82 -28.77 20.96
C THR D 2025 -3.89 -29.67 20.16
N SER D 2026 -4.13 -29.79 18.86
CA SER D 2026 -3.27 -30.53 17.96
C SER D 2026 -1.89 -29.87 17.87
N ASN D 2027 -0.98 -30.54 17.17
CA ASN D 2027 0.37 -30.02 17.01
C ASN D 2027 0.44 -28.79 16.12
N ASN D 2028 -0.69 -28.28 15.65
CA ASN D 2028 -0.73 -27.16 14.70
C ASN D 2028 -0.77 -25.84 15.45
N LEU D 2029 -0.14 -24.83 14.86
CA LEU D 2029 -0.25 -23.44 15.31
C LEU D 2029 -1.35 -22.69 14.59
N VAL D 2030 -2.21 -23.39 13.86
CA VAL D 2030 -3.21 -22.77 13.00
C VAL D 2030 -4.49 -22.53 13.78
N ASP D 2031 -5.25 -21.52 13.37
CA ASP D 2031 -6.55 -21.20 13.94
C ASP D 2031 -7.40 -20.53 12.87
N TYR D 2032 -8.54 -21.14 12.55
CA TYR D 2032 -9.34 -20.72 11.42
C TYR D 2032 -10.28 -19.57 11.72
N ASN D 2033 -10.42 -19.18 12.99
CA ASN D 2033 -11.09 -17.93 13.30
C ASN D 2033 -10.33 -16.75 12.70
N VAL D 2034 -9.09 -16.59 13.13
CA VAL D 2034 -8.22 -15.54 12.58
C VAL D 2034 -8.11 -15.68 11.08
N LEU D 2035 -8.00 -16.92 10.58
CA LEU D 2035 -7.83 -17.12 9.15
C LEU D 2035 -9.04 -16.62 8.37
N LEU D 2036 -10.25 -16.99 8.80
CA LEU D 2036 -11.44 -16.55 8.11
C LEU D 2036 -11.59 -15.04 8.17
N ILE D 2037 -11.31 -14.43 9.32
CA ILE D 2037 -11.58 -13.00 9.42
C ILE D 2037 -10.51 -12.20 8.69
N GLN D 2038 -9.27 -12.66 8.67
CA GLN D 2038 -8.25 -11.97 7.88
C GLN D 2038 -8.45 -12.19 6.40
N ALA D 2039 -9.01 -13.33 6.00
CA ALA D 2039 -9.39 -13.51 4.60
C ALA D 2039 -10.50 -12.55 4.22
N LEU D 2040 -11.43 -12.29 5.13
CA LEU D 2040 -12.48 -11.32 4.86
C LEU D 2040 -11.93 -9.90 4.82
N ALA D 2041 -10.90 -9.62 5.62
CA ALA D 2041 -10.29 -8.29 5.58
C ALA D 2041 -9.40 -8.12 4.37
N GLY D 2042 -8.92 -9.21 3.78
CA GLY D 2042 -8.13 -9.12 2.57
C GLY D 2042 -8.95 -9.06 1.30
N GLU D 2043 -10.05 -9.82 1.26
CA GLU D 2043 -10.89 -9.80 0.06
C GLU D 2043 -11.45 -8.41 -0.22
N THR D 2044 -11.73 -7.64 0.81
CA THR D 2044 -12.34 -6.33 0.65
C THR D 2044 -11.35 -5.18 0.77
N GLU D 2045 -10.12 -5.46 1.18
CA GLU D 2045 -9.09 -4.44 1.37
C GLU D 2045 -9.51 -3.41 2.40
N MET D 2046 -10.02 -3.90 3.52
CA MET D 2046 -10.36 -3.06 4.65
C MET D 2046 -9.22 -3.11 5.66
N LYS D 2047 -9.45 -2.54 6.84
CA LYS D 2047 -8.50 -2.61 7.94
C LYS D 2047 -9.11 -3.41 9.07
N ILE D 2048 -8.25 -4.00 9.89
CA ILE D 2048 -8.69 -4.91 10.93
C ILE D 2048 -7.96 -4.60 12.23
N ILE D 2049 -8.69 -4.74 13.34
CA ILE D 2049 -8.17 -4.55 14.69
C ILE D 2049 -8.39 -5.82 15.47
N THR D 2050 -7.31 -6.37 16.05
CA THR D 2050 -7.38 -7.61 16.79
C THR D 2050 -6.85 -7.42 18.20
N ASP D 2051 -7.52 -8.04 19.16
CA ASP D 2051 -7.07 -8.03 20.54
C ASP D 2051 -7.66 -9.23 21.26
N ASN D 2052 -6.97 -9.66 22.32
CA ASN D 2052 -7.37 -10.81 23.12
C ASN D 2052 -8.04 -10.35 24.39
N ALA D 2053 -8.93 -11.20 24.93
CA ALA D 2053 -9.70 -10.84 26.11
C ALA D 2053 -8.96 -11.12 27.41
N GLN D 2054 -8.06 -12.12 27.43
CA GLN D 2054 -7.30 -12.39 28.65
C GLN D 2054 -6.52 -11.18 29.12
N ARG D 2055 -6.15 -10.30 28.20
CA ARG D 2055 -5.42 -9.10 28.55
C ARG D 2055 -6.29 -8.09 29.29
N TYR D 2056 -7.51 -8.45 29.68
CA TYR D 2056 -8.41 -7.52 30.35
C TYR D 2056 -9.17 -8.19 31.49
N ALA D 2057 -8.79 -9.41 31.87
CA ALA D 2057 -9.34 -10.08 33.03
C ALA D 2057 -8.47 -9.86 34.27
N LEU D 2058 -7.81 -8.71 34.34
CA LEU D 2058 -6.93 -8.36 35.45
C LEU D 2058 -7.79 -7.77 36.56
N VAL D 2059 -7.83 -8.46 37.69
CA VAL D 2059 -8.53 -7.97 38.88
C VAL D 2059 -7.57 -8.01 40.06
N ASN D 2060 -7.73 -7.04 40.96
CA ASN D 2060 -7.02 -7.01 42.23
C ASN D 2060 -7.91 -6.31 43.25
N ARG D 2061 -7.87 -6.78 44.50
CA ARG D 2061 -8.68 -6.22 45.58
C ARG D 2061 -10.17 -6.22 45.23
N GLY D 2062 -10.57 -7.20 44.41
CA GLY D 2062 -11.92 -7.20 43.90
C GLY D 2062 -12.24 -6.05 42.97
N PHE D 2063 -11.22 -5.43 42.37
CA PHE D 2063 -11.39 -4.33 41.44
C PHE D 2063 -10.82 -4.75 40.09
N ALA D 2064 -11.70 -4.86 39.09
CA ALA D 2064 -11.30 -5.26 37.75
C ALA D 2064 -10.88 -4.03 36.97
N ILE D 2065 -9.57 -3.87 36.76
CA ILE D 2065 -9.06 -2.67 36.10
C ILE D 2065 -9.37 -2.72 34.61
N GLY D 2066 -9.11 -3.86 33.97
CA GLY D 2066 -9.18 -3.94 32.53
C GLY D 2066 -10.57 -3.80 31.96
N ILE D 2067 -11.61 -4.05 32.78
CA ILE D 2067 -12.97 -4.07 32.27
C ILE D 2067 -13.48 -2.69 31.88
N LYS D 2068 -12.74 -1.63 32.19
CA LYS D 2068 -13.06 -0.34 31.60
C LYS D 2068 -12.02 0.07 30.56
N LEU D 2069 -10.81 -0.46 30.65
CA LEU D 2069 -9.90 -0.41 29.52
C LEU D 2069 -10.58 -0.93 28.26
N LEU D 2070 -11.43 -1.94 28.41
CA LEU D 2070 -12.12 -2.52 27.27
C LEU D 2070 -13.14 -1.56 26.68
N ARG D 2071 -13.94 -0.88 27.51
CA ARG D 2071 -14.88 0.08 26.96
C ARG D 2071 -14.13 1.27 26.35
N GLU D 2072 -12.94 1.57 26.87
CA GLU D 2072 -12.13 2.62 26.27
C GLU D 2072 -11.66 2.22 24.88
N VAL D 2073 -11.20 0.97 24.71
CA VAL D 2073 -10.77 0.55 23.37
C VAL D 2073 -11.98 0.40 22.44
N PHE D 2074 -13.14 0.08 23.00
CA PHE D 2074 -14.35 0.02 22.18
C PHE D 2074 -14.69 1.38 21.60
N ASP D 2075 -14.71 2.41 22.44
CA ASP D 2075 -15.07 3.72 21.93
C ASP D 2075 -13.95 4.34 21.12
N ALA D 2076 -12.78 3.70 21.07
CA ALA D 2076 -11.75 4.06 20.12
C ALA D 2076 -11.94 3.37 18.78
N ILE D 2077 -12.32 2.09 18.79
CA ILE D 2077 -12.78 1.42 17.58
C ILE D 2077 -13.88 2.23 16.92
N ALA D 2078 -14.75 2.83 17.73
CA ALA D 2078 -15.85 3.60 17.17
C ALA D 2078 -15.41 4.88 16.47
N LEU D 2079 -14.11 5.16 16.38
CA LEU D 2079 -13.62 6.37 15.75
C LEU D 2079 -12.88 6.11 14.45
N ASN D 2080 -12.64 4.86 14.09
CA ASN D 2080 -11.87 4.51 12.89
C ASN D 2080 -12.72 3.70 11.91
N THR D 2081 -13.93 4.15 11.66
CA THR D 2081 -14.79 3.45 10.72
C THR D 2081 -14.29 3.62 9.30
N PRO D 2082 -14.55 2.66 8.40
CA PRO D 2082 -15.17 1.36 8.68
C PRO D 2082 -14.14 0.33 9.09
N CYS D 2083 -14.47 -0.54 10.04
CA CYS D 2083 -13.44 -1.46 10.51
C CYS D 2083 -14.06 -2.74 11.04
N ILE D 2084 -13.21 -3.76 11.11
CA ILE D 2084 -13.53 -5.04 11.70
C ILE D 2084 -12.75 -5.15 13.00
N PHE D 2085 -13.44 -5.46 14.09
CA PHE D 2085 -12.80 -5.61 15.39
C PHE D 2085 -12.89 -7.07 15.81
N LEU D 2086 -11.75 -7.72 15.94
CA LEU D 2086 -11.69 -9.09 16.43
C LEU D 2086 -11.50 -9.08 17.93
N LEU D 2087 -12.07 -10.09 18.60
CA LEU D 2087 -11.97 -10.23 20.04
C LEU D 2087 -12.10 -11.71 20.35
N GLU D 2088 -10.99 -12.33 20.74
CA GLU D 2088 -10.96 -13.77 20.84
C GLU D 2088 -10.96 -14.25 22.29
N ASP D 2089 -11.50 -15.45 22.49
CA ASP D 2089 -11.61 -16.07 23.81
C ASP D 2089 -12.39 -15.19 24.77
N ILE D 2090 -13.66 -14.96 24.43
CA ILE D 2090 -14.51 -14.11 25.24
C ILE D 2090 -15.00 -14.81 26.49
N HIS D 2091 -14.92 -16.15 26.54
CA HIS D 2091 -15.31 -16.85 27.76
C HIS D 2091 -14.45 -16.46 28.94
N ALA D 2092 -13.26 -15.91 28.70
CA ALA D 2092 -12.43 -15.40 29.79
C ALA D 2092 -13.14 -14.31 30.58
N ILE D 2093 -14.11 -13.61 29.97
CA ILE D 2093 -14.81 -12.55 30.67
C ILE D 2093 -16.31 -12.82 30.53
N GLY D 2094 -16.67 -14.08 30.31
CA GLY D 2094 -18.06 -14.41 30.09
C GLY D 2094 -18.53 -15.69 30.74
N GLU D 2095 -17.89 -16.10 31.84
CA GLU D 2095 -18.29 -17.35 32.47
C GLU D 2095 -19.48 -17.12 33.40
N ARG D 2096 -20.06 -18.23 33.85
CA ARG D 2096 -21.36 -18.21 34.53
C ARG D 2096 -21.20 -17.65 35.95
N ARG D 2097 -21.91 -16.56 36.22
CA ARG D 2097 -21.99 -16.04 37.58
C ARG D 2097 -22.77 -17.01 38.46
N PRO D 2098 -22.16 -17.49 39.56
CA PRO D 2098 -22.88 -18.42 40.44
C PRO D 2098 -23.98 -17.74 41.24
N ASN D 2112 -29.58 -23.14 43.55
CA ASN D 2112 -30.27 -23.56 44.76
C ASN D 2112 -29.51 -24.66 45.47
N GLY D 2113 -29.74 -24.78 46.77
CA GLY D 2113 -29.09 -25.80 47.56
C GLY D 2113 -29.96 -26.30 48.69
N SER D 2114 -30.14 -27.61 48.78
CA SER D 2114 -30.87 -28.22 49.88
C SER D 2114 -29.94 -28.74 50.97
N PHE D 2115 -28.63 -28.69 50.76
CA PHE D 2115 -27.69 -29.15 51.77
C PHE D 2115 -27.60 -28.22 52.96
N LYS D 2116 -28.26 -27.08 52.92
CA LYS D 2116 -28.23 -26.15 54.04
C LYS D 2116 -29.31 -26.42 55.07
N GLU D 2117 -30.50 -26.83 54.63
CA GLU D 2117 -31.54 -27.20 55.58
C GLU D 2117 -31.46 -28.65 56.00
N ASP D 2118 -30.57 -29.44 55.39
CA ASP D 2118 -30.40 -30.82 55.79
C ASP D 2118 -29.42 -30.95 56.95
N PHE D 2119 -28.28 -30.28 56.88
CA PHE D 2119 -27.20 -30.49 57.82
C PHE D 2119 -26.93 -29.33 58.75
N PHE D 2120 -27.20 -28.10 58.35
CA PHE D 2120 -26.96 -26.93 59.18
C PHE D 2120 -28.24 -26.32 59.74
N GLY D 2121 -29.38 -26.56 59.10
CA GLY D 2121 -30.67 -26.19 59.66
C GLY D 2121 -31.05 -24.74 59.58
N SER D 2122 -30.46 -23.97 58.66
CA SER D 2122 -30.70 -22.54 58.56
C SER D 2122 -32.19 -22.21 58.45
N GLN D 2123 -32.83 -22.66 57.38
CA GLN D 2123 -34.26 -22.47 57.16
C GLN D 2123 -34.67 -21.01 57.27
N ARG D 2124 -33.83 -20.12 56.74
CA ARG D 2124 -34.11 -18.70 56.73
C ARG D 2124 -35.04 -18.31 55.59
N ASP D 2125 -36.26 -18.82 55.61
CA ASP D 2125 -37.20 -18.61 54.51
C ASP D 2125 -38.60 -19.02 54.96
N GLU D 2126 -39.58 -18.21 54.57
CA GLU D 2126 -40.96 -18.56 54.85
C GLU D 2126 -41.35 -19.81 54.09
N VAL D 2127 -42.30 -20.56 54.65
CA VAL D 2127 -42.68 -21.82 54.03
C VAL D 2127 -43.36 -21.58 52.70
N HIS D 2128 -44.02 -20.43 52.55
CA HIS D 2128 -44.78 -20.17 51.33
C HIS D 2128 -43.86 -19.99 50.12
N GLU D 2129 -42.75 -19.28 50.29
CA GLU D 2129 -41.85 -19.06 49.17
C GLU D 2129 -41.15 -20.35 48.78
N LYS D 2130 -40.81 -21.19 49.77
CA LYS D 2130 -40.23 -22.48 49.47
C LYS D 2130 -41.21 -23.38 48.72
N ASN D 2131 -42.47 -23.38 49.15
CA ASN D 2131 -43.47 -24.18 48.45
C ASN D 2131 -43.64 -23.70 47.01
N GLN D 2132 -43.64 -22.38 46.81
CA GLN D 2132 -43.75 -21.86 45.45
C GLN D 2132 -42.57 -22.27 44.60
N VAL D 2133 -41.38 -22.25 45.18
CA VAL D 2133 -40.20 -22.69 44.44
C VAL D 2133 -40.31 -24.15 44.04
N VAL D 2134 -40.84 -24.99 44.93
CA VAL D 2134 -40.98 -26.40 44.60
C VAL D 2134 -41.97 -26.58 43.46
N TYR D 2135 -43.13 -25.92 43.53
CA TYR D 2135 -44.11 -26.02 42.46
C TYR D 2135 -43.50 -25.65 41.11
N GLN D 2136 -42.88 -24.47 41.05
CA GLN D 2136 -42.35 -24.02 39.78
C GLN D 2136 -41.21 -24.90 39.30
N LEU D 2137 -40.39 -25.43 40.22
CA LEU D 2137 -39.29 -26.29 39.80
C LEU D 2137 -39.79 -27.57 39.17
N THR D 2138 -40.78 -28.22 39.79
CA THR D 2138 -41.31 -29.43 39.19
C THR D 2138 -41.91 -29.15 37.81
N ARG D 2139 -42.75 -28.12 37.73
CA ARG D 2139 -43.39 -27.82 36.45
C ARG D 2139 -42.36 -27.47 35.38
N HIS D 2140 -41.27 -26.83 35.76
CA HIS D 2140 -40.27 -26.41 34.78
C HIS D 2140 -39.43 -27.60 34.32
N ALA D 2141 -39.06 -28.48 35.25
CA ALA D 2141 -38.35 -29.69 34.85
C ALA D 2141 -39.17 -30.53 33.89
N ILE D 2142 -40.46 -30.65 34.14
CA ILE D 2142 -41.28 -31.62 33.42
C ILE D 2142 -41.86 -31.07 32.12
N THR D 2143 -42.20 -29.77 32.05
CA THR D 2143 -42.96 -29.28 30.92
C THR D 2143 -42.25 -28.26 30.05
N HIS D 2144 -41.04 -27.83 30.39
CA HIS D 2144 -40.34 -26.86 29.57
C HIS D 2144 -39.29 -27.51 28.68
N TYR D 2145 -39.42 -28.80 28.43
CA TYR D 2145 -38.48 -29.49 27.57
C TYR D 2145 -38.72 -29.11 26.12
N LYS D 2146 -37.74 -28.45 25.51
CA LYS D 2146 -37.76 -28.07 24.10
C LYS D 2146 -38.90 -27.09 23.80
N LYS D 2147 -38.93 -26.02 24.58
CA LYS D 2147 -39.88 -24.95 24.36
C LYS D 2147 -39.06 -23.69 24.13
N PRO D 2148 -39.37 -22.93 23.07
CA PRO D 2148 -38.53 -21.77 22.73
C PRO D 2148 -38.52 -20.73 23.85
N PHE D 2149 -37.31 -20.33 24.24
CA PHE D 2149 -37.05 -19.26 25.20
C PHE D 2149 -37.57 -19.58 26.59
N LYS D 2150 -38.24 -20.72 26.76
CA LYS D 2150 -38.68 -21.25 28.05
C LYS D 2150 -38.20 -22.69 28.02
N GLY D 2151 -36.96 -22.91 28.38
CA GLY D 2151 -36.34 -24.19 28.11
C GLY D 2151 -35.23 -24.06 27.08
N ASP D 2152 -34.00 -24.00 27.60
CA ASP D 2152 -32.83 -23.59 26.83
C ASP D 2152 -31.61 -24.13 27.57
N TYR D 2153 -30.47 -23.45 27.40
CA TYR D 2153 -29.26 -23.94 28.06
C TYR D 2153 -29.47 -23.83 29.56
N SER D 2154 -30.25 -24.76 30.11
CA SER D 2154 -30.76 -24.72 31.47
C SER D 2154 -30.36 -26.00 32.18
N LEU D 2155 -29.58 -25.87 33.24
CA LEU D 2155 -29.15 -27.04 33.99
C LEU D 2155 -30.22 -27.57 34.93
N ALA D 2156 -31.35 -26.88 35.04
CA ALA D 2156 -32.45 -27.32 35.89
C ALA D 2156 -33.28 -28.41 35.24
N ILE D 2157 -33.09 -28.67 33.96
CA ILE D 2157 -33.77 -29.73 33.22
C ILE D 2157 -32.82 -30.91 33.13
N PRO D 2158 -33.21 -32.10 33.56
CA PRO D 2158 -32.30 -33.24 33.50
C PRO D 2158 -32.09 -33.78 32.10
N THR D 2159 -33.03 -33.56 31.18
CA THR D 2159 -32.90 -34.15 29.86
C THR D 2159 -31.83 -33.45 29.03
N ASN D 2160 -31.57 -32.17 29.31
CA ASN D 2160 -30.45 -31.51 28.67
C ASN D 2160 -29.13 -32.16 29.07
N LEU D 2161 -29.00 -32.50 30.36
CA LEU D 2161 -27.79 -33.19 30.82
C LEU D 2161 -27.71 -34.60 30.25
N TYR D 2162 -28.85 -35.28 30.12
CA TYR D 2162 -28.84 -36.60 29.49
C TYR D 2162 -28.31 -36.51 28.07
N VAL D 2163 -28.81 -35.55 27.30
CA VAL D 2163 -28.35 -35.40 25.92
C VAL D 2163 -26.86 -35.11 25.88
N THR D 2164 -26.40 -34.19 26.74
CA THR D 2164 -24.99 -33.87 26.80
C THR D 2164 -24.14 -35.11 27.04
N ASP D 2165 -24.48 -35.88 28.07
CA ASP D 2165 -23.70 -37.08 28.38
C ASP D 2165 -23.88 -38.18 27.35
N LEU D 2166 -24.97 -38.16 26.59
CA LEU D 2166 -25.18 -39.17 25.56
C LEU D 2166 -24.28 -38.92 24.36
N PHE D 2167 -24.12 -37.66 23.96
CA PHE D 2167 -23.31 -37.40 22.77
C PHE D 2167 -21.84 -37.15 23.06
N LEU D 2168 -21.52 -36.42 24.12
CA LEU D 2168 -20.12 -36.13 24.43
C LEU D 2168 -19.40 -37.32 25.04
N LYS D 2169 -19.83 -37.78 26.20
CA LYS D 2169 -19.12 -38.85 26.89
C LYS D 2169 -19.20 -40.16 26.11
N LEU D 2170 -18.39 -41.11 26.56
CA LEU D 2170 -18.35 -42.48 26.07
C LEU D 2170 -19.18 -43.36 26.98
N PRO D 2171 -19.59 -44.55 26.52
CA PRO D 2171 -20.53 -45.37 27.30
C PRO D 2171 -20.06 -45.60 28.73
N THR D 2172 -20.89 -45.17 29.66
CA THR D 2172 -20.67 -45.43 31.08
C THR D 2172 -21.12 -46.85 31.42
N GLN D 2173 -20.41 -47.47 32.35
CA GLN D 2173 -20.65 -48.85 32.73
C GLN D 2173 -21.41 -48.93 34.04
N SER D 2174 -21.80 -50.14 34.40
CA SER D 2174 -22.54 -50.39 35.63
C SER D 2174 -21.58 -50.43 36.81
N ILE D 2175 -22.08 -50.87 37.95
CA ILE D 2175 -21.27 -51.02 39.14
C ILE D 2175 -20.52 -52.33 39.07
N SER D 2176 -19.56 -52.54 39.95
CA SER D 2176 -18.76 -53.75 39.95
C SER D 2176 -19.24 -54.72 41.01
N ASN D 2177 -18.71 -55.94 40.96
CA ASN D 2177 -19.01 -56.97 41.94
C ASN D 2177 -17.87 -57.19 42.91
N LEU D 2178 -17.10 -56.15 43.20
CA LEU D 2178 -15.92 -56.24 44.04
C LEU D 2178 -16.25 -55.72 45.44
N THR D 2179 -15.27 -55.80 46.34
CA THR D 2179 -15.39 -55.23 47.67
C THR D 2179 -14.17 -54.38 47.98
N ASN D 2180 -14.33 -53.48 48.97
CA ASN D 2180 -13.39 -52.44 49.36
C ASN D 2180 -13.34 -51.31 48.34
N VAL D 2181 -14.25 -51.28 47.38
CA VAL D 2181 -14.36 -50.21 46.41
C VAL D 2181 -15.70 -49.52 46.63
N GLU D 2182 -15.92 -48.43 45.91
CA GLU D 2182 -17.09 -47.61 46.22
C GLU D 2182 -18.36 -48.16 45.58
N ASN D 2183 -18.50 -48.04 44.28
CA ASN D 2183 -19.45 -48.82 43.51
C ASN D 2183 -18.77 -49.35 42.26
N HIS D 2184 -17.93 -48.52 41.67
CA HIS D 2184 -17.11 -48.95 40.55
C HIS D 2184 -15.73 -49.33 41.07
N ASN D 2185 -14.89 -49.82 40.18
CA ASN D 2185 -13.58 -50.25 40.59
C ASN D 2185 -12.73 -49.05 40.91
N LEU D 2186 -13.01 -48.39 42.03
CA LEU D 2186 -12.26 -47.20 42.43
C LEU D 2186 -12.36 -47.05 43.94
N SER D 2187 -11.61 -46.11 44.47
CA SER D 2187 -11.66 -45.82 45.90
C SER D 2187 -12.50 -44.57 46.14
N ILE D 2188 -12.69 -44.22 47.39
CA ILE D 2188 -13.37 -42.98 47.74
C ILE D 2188 -12.52 -41.82 47.28
N LYS D 2189 -13.16 -40.78 46.75
CA LYS D 2189 -12.38 -39.72 46.14
C LYS D 2189 -12.20 -38.56 47.11
N ASN D 2190 -11.14 -37.78 46.87
CA ASN D 2190 -10.68 -36.80 47.82
C ASN D 2190 -11.79 -35.85 48.22
N LYS D 2191 -11.79 -35.47 49.49
CA LYS D 2191 -12.85 -34.67 50.05
C LYS D 2191 -12.71 -33.20 49.69
N ILE D 2192 -11.48 -32.73 49.49
CA ILE D 2192 -11.21 -31.36 49.11
C ILE D 2192 -10.34 -31.37 47.87
N GLN D 2193 -10.83 -30.75 46.80
CA GLN D 2193 -10.12 -30.76 45.53
C GLN D 2193 -9.07 -29.66 45.50
N HIS D 2194 -7.82 -30.06 45.27
CA HIS D 2194 -6.70 -29.14 45.27
C HIS D 2194 -6.44 -28.57 43.88
N ASN D 2212 -1.44 -46.09 23.76
CA ASN D 2212 -0.42 -46.18 22.71
C ASN D 2212 0.50 -47.37 22.94
N LYS D 2213 0.65 -47.75 24.21
CA LYS D 2213 1.50 -48.87 24.57
C LYS D 2213 0.65 -50.00 25.12
N ASN D 2214 1.17 -51.22 24.99
CA ASN D 2214 0.39 -52.42 25.26
C ASN D 2214 0.57 -52.96 26.67
N SER D 2215 1.79 -53.00 27.19
CA SER D 2215 2.05 -53.58 28.50
C SER D 2215 2.85 -52.61 29.34
N TYR D 2216 3.04 -52.97 30.61
CA TYR D 2216 3.85 -52.19 31.53
C TYR D 2216 5.33 -52.31 31.23
N LEU D 2217 5.72 -53.25 30.37
CA LEU D 2217 7.14 -53.44 30.06
C LEU D 2217 7.70 -52.30 29.24
N GLN D 2218 6.85 -51.51 28.61
CA GLN D 2218 7.29 -50.35 27.84
C GLN D 2218 7.11 -49.05 28.60
N LEU D 2219 6.93 -49.10 29.92
CA LEU D 2219 6.70 -47.92 30.74
C LEU D 2219 7.69 -47.80 31.88
N THR D 2220 8.70 -48.68 31.93
CA THR D 2220 9.71 -48.64 32.97
C THR D 2220 11.01 -48.13 32.36
N GLN D 2221 11.17 -46.81 32.32
CA GLN D 2221 12.36 -46.19 31.74
C GLN D 2221 13.22 -45.56 32.83
N THR D 2231 26.22 -28.07 42.62
CA THR D 2231 26.25 -27.65 44.01
C THR D 2231 25.01 -26.85 44.36
N SER D 2232 24.80 -25.74 43.64
CA SER D 2232 23.61 -24.93 43.87
C SER D 2232 22.35 -25.61 43.37
N PRO D 2233 22.23 -25.99 42.09
CA PRO D 2233 20.92 -26.48 41.60
C PRO D 2233 20.46 -27.74 42.30
N PHE D 2234 21.31 -28.77 42.33
CA PHE D 2234 20.98 -30.04 42.97
C PHE D 2234 20.37 -29.81 44.33
N SER D 2235 21.17 -29.28 45.25
CA SER D 2235 20.70 -29.12 46.63
C SER D 2235 19.47 -28.23 46.70
N VAL D 2236 19.57 -27.01 46.16
CA VAL D 2236 18.51 -26.03 46.38
C VAL D 2236 17.19 -26.52 45.81
N LEU D 2237 17.17 -26.93 44.55
CA LEU D 2237 15.89 -27.27 43.95
C LEU D 2237 15.40 -28.68 44.30
N LEU D 2238 16.29 -29.61 44.68
CA LEU D 2238 15.80 -30.86 45.23
C LEU D 2238 15.10 -30.64 46.57
N LEU D 2239 15.69 -29.82 47.45
CA LEU D 2239 15.02 -29.53 48.70
C LEU D 2239 13.85 -28.58 48.50
N LYS D 2240 13.79 -27.90 47.35
CA LYS D 2240 12.61 -27.13 46.99
C LYS D 2240 11.44 -28.04 46.60
N GLU D 2241 11.72 -29.10 45.86
CA GLU D 2241 10.72 -30.12 45.55
C GLU D 2241 10.41 -31.00 46.74
N GLU D 2242 11.26 -31.00 47.76
CA GLU D 2242 11.09 -31.86 48.92
C GLU D 2242 10.04 -31.35 49.90
N LYS D 2243 9.87 -30.04 50.03
CA LYS D 2243 9.09 -29.48 51.12
C LYS D 2243 7.70 -29.02 50.70
N ARG D 2244 7.41 -28.96 49.40
CA ARG D 2244 6.11 -28.51 48.95
C ARG D 2244 5.01 -29.44 49.45
N LEU D 2245 3.83 -28.87 49.68
CA LEU D 2245 2.69 -29.63 50.15
C LEU D 2245 2.20 -30.56 49.04
N LYS D 2246 2.19 -31.86 49.30
CA LYS D 2246 1.66 -32.84 48.38
C LYS D 2246 0.33 -33.37 48.92
N PRO D 2247 -0.77 -33.25 48.19
CA PRO D 2247 -2.05 -33.73 48.74
C PRO D 2247 -2.16 -35.25 48.77
N ASN D 2248 -1.50 -35.95 47.86
CA ASN D 2248 -1.54 -37.41 47.84
C ASN D 2248 -0.34 -38.02 48.56
N LYS D 2249 -0.09 -37.59 49.79
CA LYS D 2249 0.83 -38.27 50.68
C LYS D 2249 0.05 -38.62 51.93
N ILE D 2250 0.39 -39.74 52.57
CA ILE D 2250 -0.63 -40.33 53.40
C ILE D 2250 -0.79 -39.55 54.71
N VAL D 2251 0.08 -39.81 55.68
CA VAL D 2251 0.53 -38.89 56.74
C VAL D 2251 1.39 -39.76 57.65
N GLU D 2252 2.44 -39.22 58.22
CA GLU D 2252 3.25 -40.02 59.14
C GLU D 2252 2.60 -40.08 60.52
N GLU D 2253 3.18 -40.89 61.40
CA GLU D 2253 2.66 -41.06 62.75
C GLU D 2253 3.77 -40.92 63.79
N LEU D 2254 3.48 -40.16 64.83
CA LEU D 2254 4.41 -39.87 65.91
C LEU D 2254 4.45 -40.99 66.92
N PRO D 2255 5.52 -41.10 67.69
CA PRO D 2255 5.71 -42.27 68.54
C PRO D 2255 5.00 -42.30 69.89
N TRP D 2256 3.96 -41.49 70.09
CA TRP D 2256 3.19 -41.44 71.33
C TRP D 2256 4.01 -40.81 72.44
N THR D 2257 5.30 -40.67 72.21
CA THR D 2257 6.24 -39.97 73.08
C THR D 2257 7.06 -39.16 72.08
N SER D 2258 6.57 -37.96 71.77
CA SER D 2258 6.95 -37.30 70.53
C SER D 2258 8.45 -37.11 70.42
N LEU D 2259 8.88 -36.77 69.21
CA LEU D 2259 10.28 -36.43 69.00
C LEU D 2259 10.67 -35.30 69.95
N PRO D 2260 11.88 -35.35 70.51
CA PRO D 2260 12.21 -34.45 71.63
C PRO D 2260 12.44 -33.01 71.19
N GLY D 2261 11.46 -32.14 71.41
CA GLY D 2261 11.66 -30.72 71.25
C GLY D 2261 12.20 -30.31 69.90
N GLU D 2262 13.49 -29.94 69.90
CA GLU D 2262 14.18 -29.43 68.71
C GLU D 2262 13.88 -30.22 67.44
N GLN D 2263 13.89 -31.55 67.51
CA GLN D 2263 13.72 -32.36 66.30
C GLN D 2263 12.35 -32.13 65.68
N LEU D 2264 11.32 -31.95 66.51
CA LEU D 2264 9.99 -31.66 66.00
C LEU D 2264 9.95 -30.38 65.17
N ALA D 2265 10.94 -29.51 65.33
CA ALA D 2265 10.94 -28.26 64.56
C ALA D 2265 11.72 -28.38 63.26
N THR D 2266 12.34 -29.53 62.99
CA THR D 2266 12.98 -29.76 61.69
C THR D 2266 12.03 -30.39 60.70
N LYS D 2267 10.79 -30.64 61.11
CA LYS D 2267 9.80 -31.38 60.34
C LYS D 2267 8.69 -30.44 59.90
N PRO D 2268 8.32 -30.44 58.63
CA PRO D 2268 7.15 -29.65 58.22
C PRO D 2268 5.89 -30.22 58.85
N ARG D 2269 5.17 -29.34 59.55
CA ARG D 2269 4.07 -29.80 60.40
C ARG D 2269 3.03 -30.60 59.64
N THR D 2270 2.79 -30.25 58.39
CA THR D 2270 1.78 -30.97 57.63
C THR D 2270 2.23 -32.32 57.20
N SER D 2271 3.35 -32.84 57.68
CA SER D 2271 3.79 -34.17 57.30
C SER D 2271 3.51 -35.22 58.36
N TYR D 2272 3.29 -34.82 59.61
CA TYR D 2272 3.01 -35.76 60.68
C TYR D 2272 1.73 -35.44 61.44
N SER D 2273 0.96 -34.45 61.00
CA SER D 2273 -0.26 -34.05 61.70
C SER D 2273 -1.39 -33.91 60.70
N VAL D 2274 -2.51 -34.58 60.98
CA VAL D 2274 -3.65 -34.56 60.06
C VAL D 2274 -4.41 -33.24 60.16
N ARG D 2275 -4.64 -32.78 61.39
CA ARG D 2275 -5.26 -31.48 61.60
C ARG D 2275 -4.58 -30.40 60.76
N ALA D 2276 -3.25 -30.36 60.80
CA ALA D 2276 -2.51 -29.33 60.09
C ALA D 2276 -2.67 -29.44 58.58
N LYS D 2277 -2.53 -30.65 58.05
CA LYS D 2277 -2.64 -30.85 56.62
C LYS D 2277 -4.02 -30.44 56.12
N VAL D 2278 -5.05 -30.82 56.85
CA VAL D 2278 -6.41 -30.52 56.41
C VAL D 2278 -6.68 -29.03 56.51
N ALA D 2279 -6.18 -28.38 57.57
CA ALA D 2279 -6.33 -26.93 57.67
C ALA D 2279 -5.69 -26.23 56.48
N MET D 2280 -4.48 -26.63 56.10
CA MET D 2280 -3.81 -25.98 54.98
C MET D 2280 -4.57 -26.22 53.68
N LEU D 2281 -5.00 -27.46 53.41
CA LEU D 2281 -5.75 -27.72 52.18
C LEU D 2281 -7.04 -26.90 52.13
N ALA D 2282 -7.74 -26.81 53.26
CA ALA D 2282 -9.00 -26.07 53.27
C ALA D 2282 -8.76 -24.60 53.01
N GLU D 2283 -7.72 -24.02 53.61
CA GLU D 2283 -7.45 -22.61 53.37
C GLU D 2283 -7.10 -22.37 51.91
N LEU D 2284 -6.32 -23.27 51.31
CA LEU D 2284 -6.02 -23.15 49.88
C LEU D 2284 -7.29 -23.17 49.05
N SER D 2285 -8.16 -24.15 49.28
CA SER D 2285 -9.36 -24.29 48.47
C SER D 2285 -10.27 -23.08 48.61
N LEU D 2286 -10.48 -22.62 49.84
CA LEU D 2286 -11.36 -21.48 50.06
C LEU D 2286 -10.80 -20.22 49.42
N SER D 2287 -9.49 -19.99 49.55
CA SER D 2287 -8.89 -18.81 48.92
C SER D 2287 -9.04 -18.86 47.42
N ASN D 2288 -8.80 -20.01 46.80
CA ASN D 2288 -8.86 -20.09 45.34
C ASN D 2288 -10.29 -20.01 44.84
N LEU D 2289 -11.26 -20.39 45.68
CA LEU D 2289 -12.66 -20.19 45.30
C LEU D 2289 -13.07 -18.73 45.41
N SER D 2290 -12.56 -18.02 46.42
CA SER D 2290 -13.02 -16.66 46.71
C SER D 2290 -12.68 -15.64 45.61
N ALA D 2291 -12.17 -16.08 44.46
CA ALA D 2291 -11.74 -15.18 43.40
C ALA D 2291 -12.81 -15.00 42.32
N LYS D 2292 -14.08 -14.89 42.72
CA LYS D 2292 -15.16 -14.82 41.73
C LYS D 2292 -15.18 -13.47 41.03
N LEU D 2293 -15.49 -12.40 41.76
CA LEU D 2293 -15.49 -11.03 41.23
C LEU D 2293 -16.37 -10.92 39.99
N ASP D 2294 -17.67 -11.04 40.22
CA ASP D 2294 -18.66 -10.88 39.17
C ASP D 2294 -18.37 -9.64 38.33
N MET D 2295 -18.15 -9.86 37.02
CA MET D 2295 -17.91 -8.80 36.07
C MET D 2295 -18.88 -8.82 34.89
N ILE D 2296 -19.95 -9.62 34.97
CA ILE D 2296 -20.83 -9.82 33.83
C ILE D 2296 -21.68 -8.60 33.50
N THR D 2297 -22.01 -7.78 34.49
CA THR D 2297 -23.03 -6.75 34.27
C THR D 2297 -22.49 -5.62 33.40
N ASP D 2298 -21.27 -5.16 33.68
CA ASP D 2298 -20.73 -4.07 32.86
C ASP D 2298 -20.28 -4.58 31.49
N LEU D 2299 -19.80 -5.83 31.42
CA LEU D 2299 -19.60 -6.44 30.11
C LEU D 2299 -20.90 -6.44 29.32
N LEU D 2300 -22.01 -6.75 29.98
CA LEU D 2300 -23.30 -6.76 29.30
C LEU D 2300 -23.69 -5.37 28.82
N VAL D 2301 -23.43 -4.34 29.64
CA VAL D 2301 -23.88 -3.02 29.23
C VAL D 2301 -23.00 -2.48 28.13
N ILE D 2302 -21.71 -2.82 28.11
CA ILE D 2302 -20.88 -2.38 26.99
C ILE D 2302 -21.17 -3.17 25.72
N ILE D 2303 -21.58 -4.44 25.83
CA ILE D 2303 -22.05 -5.14 24.64
C ILE D 2303 -23.31 -4.50 24.09
N ASP D 2304 -24.26 -4.17 24.97
CA ASP D 2304 -25.44 -3.43 24.50
C ASP D 2304 -25.06 -2.04 24.00
N SER D 2305 -23.91 -1.51 24.40
CA SER D 2305 -23.49 -0.20 23.94
C SER D 2305 -23.23 -0.19 22.44
N VAL D 2306 -22.66 -1.26 21.90
CA VAL D 2306 -22.37 -1.25 20.47
C VAL D 2306 -23.55 -1.79 19.69
N ARG D 2307 -24.60 -0.98 19.63
CA ARG D 2307 -25.55 -0.96 18.54
C ARG D 2307 -26.03 0.45 18.29
N SER D 2308 -25.49 1.42 19.02
CA SER D 2308 -25.75 2.84 18.81
C SER D 2308 -24.71 3.48 17.91
N ASN D 2309 -23.69 2.74 17.53
CA ASN D 2309 -22.70 3.22 16.58
C ASN D 2309 -23.10 2.78 15.18
N LYS D 2310 -22.26 3.11 14.20
CA LYS D 2310 -22.52 2.75 12.82
C LYS D 2310 -21.21 2.50 12.11
N GLY D 2311 -21.24 1.57 11.16
CA GLY D 2311 -20.13 1.41 10.24
C GLY D 2311 -18.95 0.62 10.75
N PHE D 2312 -19.17 -0.39 11.59
CA PHE D 2312 -18.10 -1.31 11.92
C PHE D 2312 -18.73 -2.61 12.37
N VAL D 2313 -17.89 -3.63 12.57
CA VAL D 2313 -18.41 -4.93 12.97
C VAL D 2313 -17.49 -5.53 14.00
N VAL D 2314 -18.03 -6.43 14.81
CA VAL D 2314 -17.33 -7.02 15.94
C VAL D 2314 -17.49 -8.53 15.86
N PHE D 2315 -16.37 -9.24 15.86
CA PHE D 2315 -16.38 -10.69 15.95
C PHE D 2315 -15.84 -11.09 17.32
N ALA D 2316 -16.57 -11.96 18.00
CA ALA D 2316 -16.17 -12.46 19.30
C ALA D 2316 -16.04 -13.96 19.20
N THR D 2317 -14.81 -14.46 19.17
CA THR D 2317 -14.57 -15.88 18.96
C THR D 2317 -14.43 -16.57 20.31
N THR D 2318 -14.93 -17.80 20.38
CA THR D 2318 -14.87 -18.57 21.61
C THR D 2318 -14.62 -20.03 21.27
N ASP D 2319 -14.46 -20.84 22.30
CA ASP D 2319 -14.19 -22.26 22.16
C ASP D 2319 -15.21 -23.12 22.89
N ILE D 2320 -15.73 -22.64 24.00
CA ILE D 2320 -16.73 -23.38 24.77
C ILE D 2320 -17.97 -22.51 24.89
N PRO D 2321 -18.86 -22.53 23.90
CA PRO D 2321 -20.02 -21.62 23.92
C PRO D 2321 -21.11 -22.06 24.88
N HIS D 2322 -21.09 -23.31 25.34
CA HIS D 2322 -22.14 -23.77 26.25
C HIS D 2322 -21.86 -23.37 27.69
N VAL D 2323 -20.59 -23.16 28.06
CA VAL D 2323 -20.27 -22.70 29.40
C VAL D 2323 -20.45 -21.20 29.56
N LEU D 2324 -20.79 -20.49 28.50
CA LEU D 2324 -21.12 -19.08 28.61
C LEU D 2324 -22.44 -18.90 29.33
N ASP D 2325 -22.58 -17.81 30.05
CA ASP D 2325 -23.79 -17.56 30.81
C ASP D 2325 -24.92 -17.17 29.88
N PRO D 2326 -26.14 -17.67 30.10
CA PRO D 2326 -27.26 -17.32 29.21
C PRO D 2326 -27.59 -15.84 29.18
N ALA D 2327 -26.92 -15.01 29.98
CA ALA D 2327 -27.15 -13.58 29.90
C ALA D 2327 -26.70 -12.99 28.57
N LEU D 2328 -25.74 -13.65 27.92
CA LEU D 2328 -25.20 -13.13 26.66
C LEU D 2328 -25.96 -13.68 25.46
N ARG D 2329 -26.32 -14.96 25.50
CA ARG D 2329 -26.96 -15.62 24.38
C ARG D 2329 -28.37 -15.11 24.09
N ARG D 2330 -28.87 -14.14 24.85
CA ARG D 2330 -30.22 -13.65 24.63
C ARG D 2330 -30.25 -12.74 23.39
N PRO D 2331 -31.37 -12.72 22.67
CA PRO D 2331 -31.43 -11.96 21.42
C PRO D 2331 -31.12 -10.48 21.64
N GLY D 2332 -30.16 -9.98 20.85
CA GLY D 2332 -29.69 -8.62 20.98
C GLY D 2332 -28.29 -8.48 21.53
N ARG D 2333 -27.71 -9.54 22.08
CA ARG D 2333 -26.36 -9.44 22.62
C ARG D 2333 -25.35 -10.30 21.87
N LEU D 2334 -25.52 -11.63 21.86
CA LEU D 2334 -24.66 -12.53 21.10
C LEU D 2334 -25.50 -13.77 20.78
N ASP D 2335 -26.16 -13.76 19.63
CA ASP D 2335 -26.98 -14.88 19.21
C ASP D 2335 -26.63 -15.37 17.82
N GLU D 2336 -26.33 -14.46 16.91
CA GLU D 2336 -25.79 -14.85 15.62
C GLU D 2336 -24.49 -15.61 15.84
N THR D 2337 -24.52 -16.92 15.62
CA THR D 2337 -23.39 -17.78 15.87
C THR D 2337 -22.92 -18.37 14.54
N ILE D 2338 -21.67 -18.79 14.52
CA ILE D 2338 -21.03 -19.28 13.30
C ILE D 2338 -20.11 -20.41 13.69
N CYS D 2339 -20.23 -21.54 13.00
CA CYS D 2339 -19.51 -22.75 13.38
C CYS D 2339 -18.31 -22.98 12.46
N LEU D 2340 -17.65 -24.12 12.67
CA LEU D 2340 -16.52 -24.55 11.88
C LEU D 2340 -16.47 -26.07 11.91
N PRO D 2341 -15.94 -26.71 10.87
CA PRO D 2341 -15.96 -28.17 10.79
C PRO D 2341 -14.73 -28.87 11.33
N ASN D 2342 -13.78 -28.15 11.94
CA ASN D 2342 -12.62 -28.75 12.60
C ASN D 2342 -11.83 -29.62 11.61
N ILE D 2343 -11.26 -28.93 10.62
CA ILE D 2343 -10.82 -29.63 9.41
C ILE D 2343 -9.55 -30.41 9.64
N HIS D 2344 -8.70 -30.01 10.59
CA HIS D 2344 -7.40 -30.66 10.71
C HIS D 2344 -7.49 -32.10 11.20
N THR D 2345 -8.58 -32.47 11.88
CA THR D 2345 -8.86 -33.88 12.17
C THR D 2345 -9.86 -34.44 11.16
N SER D 2346 -9.46 -34.43 9.91
CA SER D 2346 -10.23 -35.02 8.83
C SER D 2346 -9.24 -35.57 7.81
N ASN D 2347 -9.75 -36.24 6.81
CA ASN D 2347 -8.80 -36.66 5.79
C ASN D 2347 -9.19 -36.20 4.39
N ILE D 2348 -10.49 -36.26 4.04
CA ILE D 2348 -10.91 -35.75 2.75
C ILE D 2348 -10.73 -34.24 2.69
N LEU D 2349 -11.03 -33.55 3.80
CA LEU D 2349 -10.81 -32.12 3.84
C LEU D 2349 -9.34 -31.80 3.67
N ASN D 2350 -8.45 -32.66 4.17
CA ASN D 2350 -7.02 -32.39 4.04
C ASN D 2350 -6.57 -32.43 2.59
N PHE D 2351 -6.89 -33.51 1.88
CA PHE D 2351 -6.42 -33.60 0.51
C PHE D 2351 -7.13 -32.58 -0.38
N THR D 2352 -8.44 -32.44 -0.24
CA THR D 2352 -9.13 -31.46 -1.07
C THR D 2352 -8.60 -30.05 -0.81
N LYS D 2353 -8.33 -29.73 0.46
CA LYS D 2353 -7.83 -28.41 0.79
C LYS D 2353 -6.47 -28.16 0.15
N ASN D 2354 -5.53 -29.07 0.36
CA ASN D 2354 -4.19 -28.86 -0.18
C ASN D 2354 -4.22 -28.83 -1.71
N TYR D 2355 -5.04 -29.67 -2.32
CA TYR D 2355 -5.16 -29.66 -3.77
C TYR D 2355 -5.70 -28.34 -4.29
N GLU D 2356 -6.77 -27.82 -3.69
CA GLU D 2356 -7.33 -26.58 -4.21
C GLU D 2356 -6.38 -25.41 -3.99
N ILE D 2357 -5.70 -25.37 -2.85
CA ILE D 2357 -4.71 -24.31 -2.63
C ILE D 2357 -3.61 -24.37 -3.67
N PHE D 2358 -3.06 -25.57 -3.91
CA PHE D 2358 -2.01 -25.71 -4.91
C PHE D 2358 -2.49 -25.26 -6.29
N LYS D 2359 -3.68 -25.71 -6.70
CA LYS D 2359 -4.16 -25.34 -8.03
C LYS D 2359 -4.40 -23.84 -8.13
N SER D 2360 -4.86 -23.20 -7.05
CA SER D 2360 -5.13 -21.77 -7.12
C SER D 2360 -3.88 -20.91 -7.04
N ALA D 2361 -2.76 -21.47 -6.59
CA ALA D 2361 -1.53 -20.67 -6.50
C ALA D 2361 -1.15 -20.08 -7.85
N LYS D 2362 -1.12 -20.90 -8.89
CA LYS D 2362 -0.50 -20.50 -10.14
C LYS D 2362 -0.99 -21.40 -11.26
N ASP D 2363 -1.09 -20.83 -12.46
CA ASP D 2363 -1.48 -21.62 -13.62
C ASP D 2363 -0.37 -22.58 -14.02
N THR D 2364 -0.62 -23.88 -13.84
CA THR D 2364 0.36 -24.90 -14.17
C THR D 2364 -0.18 -25.90 -15.18
N SER D 2365 -0.89 -25.42 -16.20
CA SER D 2365 -1.31 -26.23 -17.33
C SER D 2365 -0.40 -25.93 -18.51
N ASN D 2366 0.01 -26.98 -19.23
CA ASN D 2366 0.95 -26.85 -20.34
C ASN D 2366 0.47 -27.70 -21.50
N PHE D 2367 -0.31 -27.09 -22.38
CA PHE D 2367 -0.80 -27.75 -23.58
C PHE D 2367 0.15 -27.57 -24.75
N GLY D 2368 1.10 -26.64 -24.63
CA GLY D 2368 2.04 -26.41 -25.70
C GLY D 2368 3.34 -27.15 -25.57
N LYS D 2369 3.43 -28.13 -24.68
CA LYS D 2369 4.60 -28.98 -24.61
C LYS D 2369 4.38 -30.33 -25.26
N LYS D 2370 3.27 -30.51 -25.95
CA LYS D 2370 2.96 -31.78 -26.59
C LYS D 2370 3.34 -31.84 -28.06
N ILE D 2371 3.94 -30.78 -28.61
CA ILE D 2371 4.48 -30.89 -29.95
C ILE D 2371 5.62 -31.89 -30.00
N ILE D 2372 6.26 -32.15 -28.86
CA ILE D 2372 7.29 -33.18 -28.82
C ILE D 2372 6.70 -34.54 -29.15
N LEU D 2373 5.38 -34.69 -28.98
CA LEU D 2373 4.74 -35.94 -29.33
C LEU D 2373 4.50 -36.08 -30.81
N ASN D 2374 4.58 -34.99 -31.56
CA ASN D 2374 4.43 -34.99 -33.02
C ASN D 2374 5.76 -34.89 -33.74
N GLU D 2375 6.86 -35.32 -33.09
CA GLU D 2375 8.17 -35.31 -33.70
C GLU D 2375 8.95 -36.58 -33.40
N MET D 2376 8.29 -37.73 -33.28
CA MET D 2376 8.97 -38.93 -32.84
C MET D 2376 9.46 -39.81 -33.99
N GLN D 2377 8.89 -39.67 -35.18
CA GLN D 2377 9.40 -40.34 -36.37
C GLN D 2377 9.85 -39.26 -37.33
N ASN D 2378 11.16 -39.02 -37.38
CA ASN D 2378 11.72 -38.09 -38.35
C ASN D 2378 12.91 -38.75 -39.00
N LEU D 2379 12.92 -38.77 -40.33
CA LEU D 2379 14.01 -39.40 -41.06
C LEU D 2379 15.19 -38.46 -41.29
N THR D 2380 15.30 -37.41 -40.48
CA THR D 2380 16.42 -36.47 -40.57
C THR D 2380 17.51 -36.87 -39.58
N LYS D 2403 16.14 -33.81 -23.34
CA LYS D 2403 16.85 -32.54 -23.34
C LYS D 2403 16.55 -31.75 -22.06
N ARG D 2404 15.48 -30.96 -22.10
CA ARG D 2404 15.03 -30.19 -20.96
C ARG D 2404 13.51 -30.15 -20.96
N GLU D 2405 12.90 -30.52 -19.85
CA GLU D 2405 11.45 -30.60 -19.72
C GLU D 2405 11.03 -30.03 -18.39
N GLY D 2406 10.08 -29.10 -18.41
CA GLY D 2406 9.46 -28.71 -17.16
C GLY D 2406 8.09 -29.32 -17.03
N VAL D 2407 8.00 -30.44 -16.31
CA VAL D 2407 6.76 -31.14 -16.05
C VAL D 2407 6.89 -31.78 -14.68
N LEU D 2408 5.76 -32.14 -14.09
CA LEU D 2408 5.73 -32.78 -12.79
C LEU D 2408 5.12 -34.17 -12.96
N THR D 2409 5.96 -35.19 -13.02
CA THR D 2409 5.49 -36.56 -13.14
C THR D 2409 5.06 -37.15 -11.81
N MET D 2410 5.09 -36.38 -10.74
CA MET D 2410 4.73 -36.88 -9.42
C MET D 2410 3.27 -36.60 -9.11
N ASN D 2411 2.58 -37.61 -8.58
CA ASN D 2411 1.22 -37.42 -8.10
C ASN D 2411 1.26 -36.61 -6.82
N LEU D 2412 0.36 -35.64 -6.70
CA LEU D 2412 0.35 -34.78 -5.52
C LEU D 2412 -0.18 -35.48 -4.30
N LYS D 2413 -0.94 -36.56 -4.49
CA LYS D 2413 -1.46 -37.32 -3.36
C LYS D 2413 -0.33 -37.92 -2.53
N ASP D 2414 0.82 -38.19 -3.15
CA ASP D 2414 1.95 -38.71 -2.38
C ASP D 2414 2.49 -37.67 -1.42
N TYR D 2415 2.62 -36.42 -1.89
CA TYR D 2415 3.03 -35.35 -1.00
C TYR D 2415 2.01 -35.14 0.11
N ASN D 2416 0.72 -35.22 -0.23
CA ASN D 2416 -0.32 -35.08 0.78
C ASN D 2416 -0.23 -36.18 1.83
N ILE D 2417 0.03 -37.41 1.39
CA ILE D 2417 0.15 -38.53 2.32
C ILE D 2417 1.35 -38.34 3.22
N LEU D 2418 2.49 -37.94 2.65
CA LEU D 2418 3.66 -37.70 3.47
C LEU D 2418 3.40 -36.62 4.52
N LEU D 2419 2.69 -35.57 4.12
CA LEU D 2419 2.33 -34.52 5.09
C LEU D 2419 1.48 -35.07 6.22
N ASN D 2420 0.38 -35.75 5.88
CA ASN D 2420 -0.49 -36.27 6.92
C ASN D 2420 0.23 -37.24 7.84
N GLN D 2421 1.16 -38.01 7.29
CA GLN D 2421 1.89 -38.98 8.12
C GLN D 2421 2.86 -38.27 9.06
N VAL D 2422 3.74 -37.43 8.53
CA VAL D 2422 4.81 -36.88 9.36
C VAL D 2422 4.37 -35.71 10.21
N TYR D 2423 3.24 -35.08 9.91
CA TYR D 2423 2.83 -33.88 10.65
C TYR D 2423 1.48 -34.05 11.31
N PHE D 2424 1.01 -35.28 11.47
CA PHE D 2424 -0.13 -35.56 12.33
C PHE D 2424 0.09 -36.83 13.15
N ALA D 2425 1.32 -37.31 13.25
CA ALA D 2425 1.61 -38.54 13.97
C ALA D 2425 3.06 -38.56 14.44
N LYS D 2443 5.47 -28.75 5.84
CA LYS D 2443 4.67 -27.66 6.39
C LYS D 2443 3.29 -27.65 5.74
N SER D 2444 3.28 -27.36 4.44
CA SER D 2444 2.07 -27.46 3.62
C SER D 2444 2.49 -27.80 2.20
N LEU D 2445 1.51 -27.94 1.32
CA LEU D 2445 1.77 -28.33 -0.06
C LEU D 2445 2.03 -27.07 -0.87
N ASN D 2446 3.30 -26.78 -1.09
CA ASN D 2446 3.71 -25.64 -1.89
C ASN D 2446 4.85 -26.03 -2.82
N PHE D 2447 5.47 -25.04 -3.47
CA PHE D 2447 6.60 -25.35 -4.34
C PHE D 2447 7.89 -25.56 -3.57
N ALA D 2448 7.98 -25.03 -2.35
CA ALA D 2448 9.16 -25.26 -1.54
C ALA D 2448 9.32 -26.74 -1.20
N LEU D 2449 8.20 -27.44 -1.00
CA LEU D 2449 8.28 -28.88 -0.72
C LEU D 2449 8.83 -29.64 -1.92
N ILE D 2450 8.34 -29.34 -3.11
CA ILE D 2450 8.80 -30.02 -4.32
C ILE D 2450 10.27 -29.71 -4.56
N SER D 2451 10.69 -28.47 -4.28
CA SER D 2451 12.09 -28.13 -4.43
C SER D 2451 12.96 -28.84 -3.42
N HIS D 2452 12.50 -28.99 -2.18
CA HIS D 2452 13.22 -29.78 -1.19
C HIS D 2452 13.38 -31.22 -1.67
N SER D 2453 12.31 -31.78 -2.22
CA SER D 2453 12.38 -33.11 -2.83
C SER D 2453 13.50 -33.19 -3.86
N LYS D 2454 13.53 -32.24 -4.80
CA LYS D 2454 14.53 -32.31 -5.86
C LYS D 2454 15.94 -32.14 -5.30
N LYS D 2455 16.10 -31.27 -4.29
CA LYS D 2455 17.43 -31.07 -3.72
C LYS D 2455 17.93 -32.36 -3.07
N LEU D 2456 17.07 -33.02 -2.28
CA LEU D 2456 17.45 -34.30 -1.70
C LEU D 2456 17.84 -35.30 -2.78
N LYS D 2457 16.99 -35.45 -3.80
CA LYS D 2457 17.27 -36.42 -4.86
C LYS D 2457 18.62 -36.15 -5.51
N GLU D 2458 18.89 -34.88 -5.85
CA GLU D 2458 20.12 -34.58 -6.55
C GLU D 2458 21.35 -34.78 -5.67
N LEU D 2459 21.32 -34.25 -4.44
CA LEU D 2459 22.49 -34.39 -3.58
C LEU D 2459 22.71 -35.85 -3.18
N ASN D 2460 21.70 -36.69 -3.35
CA ASN D 2460 21.88 -38.10 -3.00
C ASN D 2460 22.39 -38.91 -4.19
N VAL D 2461 21.79 -38.75 -5.36
CA VAL D 2461 22.13 -39.59 -6.51
C VAL D 2461 23.58 -39.41 -6.95
N SER D 2462 24.18 -38.26 -6.68
CA SER D 2462 25.58 -38.00 -7.06
C SER D 2462 26.54 -39.04 -6.49
N LYS D 2502 21.03 -67.44 11.74
CA LYS D 2502 20.12 -67.35 12.87
C LYS D 2502 19.22 -66.13 12.76
N LYS D 2503 19.82 -64.94 12.82
CA LYS D 2503 19.05 -63.70 12.69
C LYS D 2503 18.34 -63.64 11.35
N SER D 2504 18.87 -64.33 10.34
CA SER D 2504 18.25 -64.36 9.03
C SER D 2504 16.83 -64.93 9.11
N PHE D 2505 16.67 -66.07 9.76
CA PHE D 2505 15.35 -66.68 9.84
C PHE D 2505 14.40 -65.87 10.70
N LYS D 2506 14.91 -65.27 11.78
CA LYS D 2506 14.05 -64.44 12.62
C LYS D 2506 13.53 -63.24 11.85
N LYS D 2507 14.39 -62.60 11.05
CA LYS D 2507 13.89 -61.48 10.28
C LYS D 2507 13.01 -61.94 9.13
N LYS D 2508 13.20 -63.15 8.63
CA LYS D 2508 12.27 -63.68 7.64
C LYS D 2508 10.87 -63.80 8.22
N TYR D 2509 10.76 -64.38 9.42
CA TYR D 2509 9.46 -64.47 10.07
C TYR D 2509 8.85 -63.10 10.29
N LYS D 2510 9.63 -62.17 10.85
CA LYS D 2510 9.11 -60.83 11.14
C LYS D 2510 8.61 -60.15 9.88
N ASP D 2511 9.40 -60.18 8.81
CA ASP D 2511 9.04 -59.43 7.62
C ASP D 2511 7.87 -60.06 6.90
N LYS D 2512 7.82 -61.39 6.86
CA LYS D 2512 6.65 -62.05 6.27
C LYS D 2512 5.38 -61.62 6.99
N ALA D 2513 5.41 -61.63 8.33
CA ALA D 2513 4.25 -61.20 9.10
C ALA D 2513 3.87 -59.77 8.76
N ILE D 2514 4.85 -58.86 8.76
CA ILE D 2514 4.58 -57.44 8.56
C ILE D 2514 3.97 -57.19 7.19
N ILE D 2515 4.45 -57.91 6.17
CA ILE D 2515 3.95 -57.64 4.82
C ILE D 2515 2.57 -58.22 4.63
N TYR D 2516 2.32 -59.42 5.17
CA TYR D 2516 1.00 -60.01 5.02
C TYR D 2516 -0.06 -59.21 5.74
N TYR D 2517 0.29 -58.60 6.87
CA TYR D 2517 -0.66 -57.72 7.56
C TYR D 2517 -1.19 -56.64 6.62
N GLU D 2518 -0.30 -55.78 6.13
CA GLU D 2518 -0.74 -54.62 5.37
C GLU D 2518 -1.32 -55.03 4.03
N VAL D 2519 -0.87 -56.14 3.45
CA VAL D 2519 -1.46 -56.59 2.20
C VAL D 2519 -2.92 -56.97 2.41
N GLY D 2520 -3.20 -57.79 3.42
CA GLY D 2520 -4.58 -58.19 3.63
C GLY D 2520 -5.46 -57.02 4.01
N LYS D 2521 -4.89 -56.05 4.71
CA LYS D 2521 -5.67 -54.88 5.11
C LYS D 2521 -6.09 -54.05 3.90
N PHE D 2522 -5.16 -53.79 2.99
CA PHE D 2522 -5.54 -53.01 1.81
C PHE D 2522 -6.41 -53.82 0.86
N VAL D 2523 -6.28 -55.14 0.85
CA VAL D 2523 -7.12 -55.94 -0.04
C VAL D 2523 -8.57 -55.88 0.42
N LEU D 2524 -8.81 -55.99 1.73
CA LEU D 2524 -10.18 -55.88 2.21
C LEU D 2524 -10.72 -54.48 2.03
N ASN D 2525 -9.89 -53.47 2.26
CA ASN D 2525 -10.29 -52.10 1.98
C ASN D 2525 -10.82 -51.95 0.57
N TYR D 2526 -9.97 -52.28 -0.42
CA TYR D 2526 -10.36 -52.16 -1.82
C TYR D 2526 -11.61 -52.96 -2.12
N PHE D 2527 -11.67 -54.20 -1.66
CA PHE D 2527 -12.82 -55.03 -1.99
C PHE D 2527 -14.11 -54.41 -1.51
N LEU D 2528 -14.17 -54.05 -0.24
CA LEU D 2528 -15.43 -53.52 0.29
C LEU D 2528 -15.81 -52.20 -0.37
N ASN D 2529 -14.84 -51.32 -0.60
CA ASN D 2529 -15.19 -50.03 -1.19
C ASN D 2529 -15.54 -50.10 -2.68
N ASN D 2530 -14.91 -51.00 -3.43
CA ASN D 2530 -14.98 -50.95 -4.88
C ASN D 2530 -15.61 -52.15 -5.56
N GLN D 2531 -15.91 -53.21 -4.84
CA GLN D 2531 -16.43 -54.41 -5.50
C GLN D 2531 -17.64 -55.01 -4.84
N LEU D 2532 -17.89 -54.73 -3.56
CA LEU D 2532 -19.17 -55.10 -2.98
C LEU D 2532 -20.31 -54.38 -3.68
N THR D 2533 -20.08 -53.14 -4.11
CA THR D 2533 -21.13 -52.35 -4.72
C THR D 2533 -21.54 -52.88 -6.08
N GLN D 2534 -20.72 -53.72 -6.69
CA GLN D 2534 -21.04 -54.30 -7.98
C GLN D 2534 -21.92 -55.53 -7.80
N ASP D 2551 -18.14 -45.27 -9.49
CA ASP D 2551 -17.66 -44.98 -10.83
C ASP D 2551 -16.13 -44.97 -10.90
N ILE D 2552 -15.51 -44.24 -9.99
CA ILE D 2552 -14.07 -44.08 -9.96
C ILE D 2552 -13.50 -44.86 -8.79
N THR D 2553 -12.38 -45.54 -9.02
CA THR D 2553 -11.75 -46.32 -7.97
C THR D 2553 -11.34 -45.42 -6.81
N ILE D 2554 -11.70 -45.82 -5.60
CA ILE D 2554 -11.49 -45.00 -4.42
C ILE D 2554 -10.84 -45.86 -3.34
N PHE D 2555 -10.11 -45.21 -2.44
CA PHE D 2555 -9.51 -45.88 -1.30
C PHE D 2555 -9.81 -45.11 -0.02
N GLY D 2556 -10.38 -45.82 0.96
CA GLY D 2556 -10.79 -45.23 2.20
C GLY D 2556 -9.61 -44.85 3.09
N ASN D 2557 -9.92 -44.20 4.20
CA ASN D 2557 -8.89 -43.72 5.10
C ASN D 2557 -9.00 -44.31 6.51
N ASP D 2558 -9.92 -45.25 6.72
CA ASP D 2558 -9.84 -46.22 7.80
C ASP D 2558 -9.83 -45.65 9.21
N PHE D 2559 -9.95 -44.33 9.37
CA PHE D 2559 -9.91 -43.73 10.69
C PHE D 2559 -11.32 -43.45 11.18
N LEU D 2560 -11.58 -43.82 12.44
CA LEU D 2560 -12.88 -43.64 13.06
C LEU D 2560 -12.78 -42.59 14.16
N ASN D 2561 -13.39 -41.44 13.92
CA ASN D 2561 -13.43 -40.35 14.87
C ASN D 2561 -14.41 -40.66 15.99
N LEU D 2562 -14.67 -39.67 16.84
CA LEU D 2562 -15.76 -39.82 17.80
C LEU D 2562 -17.09 -39.46 17.17
N LYS D 2563 -17.14 -38.39 16.39
CA LYS D 2563 -18.35 -38.01 15.68
C LYS D 2563 -18.82 -39.12 14.74
N THR D 2564 -17.88 -39.82 14.12
CA THR D 2564 -18.23 -40.92 13.23
C THR D 2564 -18.76 -42.11 14.02
N ILE D 2565 -18.16 -42.40 15.16
CA ILE D 2565 -18.65 -43.48 16.01
C ILE D 2565 -20.08 -43.17 16.46
N ASN D 2566 -20.35 -41.90 16.77
CA ASN D 2566 -21.70 -41.53 17.19
C ASN D 2566 -22.70 -41.69 16.06
N TYR D 2567 -22.33 -41.24 14.86
CA TYR D 2567 -23.22 -41.41 13.73
C TYR D 2567 -23.54 -42.88 13.49
N LEU D 2568 -22.51 -43.72 13.45
CA LEU D 2568 -22.72 -45.13 13.17
C LEU D 2568 -23.52 -45.80 14.26
N SER D 2569 -23.23 -45.49 15.52
CA SER D 2569 -23.95 -46.06 16.64
C SER D 2569 -25.42 -45.71 16.63
N LEU D 2570 -25.76 -44.45 16.35
CA LEU D 2570 -27.14 -44.02 16.47
C LEU D 2570 -27.99 -44.29 15.25
N TYR D 2571 -27.44 -44.30 14.04
CA TYR D 2571 -28.31 -44.28 12.87
C TYR D 2571 -28.17 -45.44 11.91
N ASN D 2572 -27.24 -46.36 12.12
CA ASN D 2572 -26.95 -47.38 11.13
C ASN D 2572 -27.38 -48.75 11.61
N SER D 2573 -27.56 -49.66 10.67
CA SER D 2573 -28.07 -50.98 10.96
C SER D 2573 -26.95 -51.84 11.53
N LYS D 2574 -27.19 -53.15 11.62
CA LYS D 2574 -26.15 -54.05 12.10
C LYS D 2574 -25.12 -54.35 11.03
N ASN D 2575 -25.52 -54.36 9.76
CA ASN D 2575 -24.61 -54.74 8.70
C ASN D 2575 -23.55 -53.68 8.45
N LYS D 2576 -23.91 -52.41 8.60
CA LYS D 2576 -22.90 -51.36 8.50
C LYS D 2576 -21.82 -51.56 9.56
N ILE D 2577 -22.22 -51.95 10.77
CA ILE D 2577 -21.25 -52.17 11.82
C ILE D 2577 -20.38 -53.37 11.49
N LEU D 2578 -20.98 -54.43 10.94
CA LEU D 2578 -20.19 -55.60 10.57
C LEU D 2578 -19.16 -55.25 9.50
N LEU D 2579 -19.51 -54.37 8.57
CA LEU D 2579 -18.55 -53.97 7.55
C LEU D 2579 -17.39 -53.19 8.14
N GLN D 2580 -17.68 -52.27 9.06
CA GLN D 2580 -16.58 -51.54 9.69
C GLN D 2580 -15.65 -52.50 10.44
N LEU D 2581 -16.21 -53.52 11.07
CA LEU D 2581 -15.35 -54.44 11.82
C LEU D 2581 -14.52 -55.30 10.90
N MET D 2582 -15.09 -55.77 9.78
CA MET D 2582 -14.30 -56.48 8.79
C MET D 2582 -13.11 -55.65 8.35
N LEU D 2583 -13.34 -54.35 8.13
CA LEU D 2583 -12.23 -53.46 7.79
C LEU D 2583 -11.19 -53.43 8.89
N ILE D 2584 -11.61 -53.51 10.14
CA ILE D 2584 -10.62 -53.43 11.21
C ILE D 2584 -9.77 -54.71 11.29
N PHE D 2585 -10.33 -55.88 11.00
CA PHE D 2585 -9.63 -57.13 11.26
C PHE D 2585 -9.09 -57.85 10.02
N GLY D 2586 -9.17 -57.21 8.86
CA GLY D 2586 -8.56 -57.79 7.66
C GLY D 2586 -7.10 -58.22 7.83
N GLY D 2587 -6.29 -57.40 8.49
CA GLY D 2587 -4.87 -57.68 8.53
C GLY D 2587 -4.51 -58.86 9.41
N LYS D 2588 -5.13 -58.96 10.57
CA LYS D 2588 -4.93 -60.13 11.42
C LYS D 2588 -5.38 -61.39 10.71
N ILE D 2589 -6.53 -61.36 10.04
CA ILE D 2589 -6.96 -62.58 9.35
C ILE D 2589 -5.96 -62.94 8.25
N SER D 2590 -5.39 -61.93 7.59
CA SER D 2590 -4.40 -62.16 6.54
C SER D 2590 -3.18 -62.87 7.10
N GLN D 2591 -2.65 -62.39 8.22
CA GLN D 2591 -1.54 -63.09 8.87
C GLN D 2591 -1.93 -64.52 9.23
N LEU D 2592 -3.17 -64.74 9.65
CA LEU D 2592 -3.56 -66.07 10.09
C LEU D 2592 -3.55 -67.06 8.93
N LEU D 2593 -4.03 -66.63 7.79
CA LEU D 2593 -4.13 -67.53 6.62
C LEU D 2593 -2.81 -67.93 6.07
N SER D 2594 -1.71 -67.30 6.46
CA SER D 2594 -0.44 -67.47 5.77
C SER D 2594 0.69 -67.94 6.67
N SER D 2595 0.40 -68.44 7.85
CA SER D 2595 1.45 -68.79 8.80
C SER D 2595 1.68 -70.29 8.83
N LYS D 2596 2.91 -70.66 9.17
CA LYS D 2596 3.32 -72.05 9.25
C LYS D 2596 3.20 -72.53 10.69
N ASN D 2597 2.39 -73.56 10.90
CA ASN D 2597 2.25 -74.17 12.22
C ASN D 2597 3.52 -74.95 12.52
N LEU D 2598 4.29 -74.49 13.51
CA LEU D 2598 5.59 -75.07 13.78
C LEU D 2598 5.55 -76.33 14.62
N VAL D 2599 4.38 -76.75 15.09
CA VAL D 2599 4.31 -77.94 15.93
C VAL D 2599 4.77 -79.17 15.15
N LYS D 2600 4.30 -79.29 13.91
CA LYS D 2600 4.69 -80.43 13.09
C LYS D 2600 6.20 -80.47 12.88
N SER D 2601 6.78 -79.33 12.50
CA SER D 2601 8.22 -79.26 12.27
C SER D 2601 9.02 -79.53 13.54
N LEU D 2602 8.50 -79.16 14.71
CA LEU D 2602 9.27 -79.33 15.93
C LEU D 2602 9.16 -80.74 16.47
N LYS D 2603 8.03 -81.42 16.25
CA LYS D 2603 7.85 -82.76 16.78
C LYS D 2603 8.08 -83.85 15.74
N GLN D 2604 8.38 -83.50 14.49
CA GLN D 2604 8.82 -84.48 13.52
C GLN D 2604 10.34 -84.52 13.42
N ALA D 2605 10.98 -83.35 13.44
CA ALA D 2605 12.44 -83.30 13.47
C ALA D 2605 13.00 -83.75 14.81
N SER D 2606 12.14 -84.10 15.77
CA SER D 2606 12.59 -84.57 17.07
C SER D 2606 12.26 -86.05 17.28
N ILE D 2607 10.99 -86.41 17.13
CA ILE D 2607 10.55 -87.78 17.36
C ILE D 2607 10.61 -88.59 16.07
N GLY D 2623 -0.18 -87.11 30.99
CA GLY D 2623 -0.60 -85.87 31.62
C GLY D 2623 -0.69 -84.72 30.63
N MET D 2624 0.42 -83.98 30.49
CA MET D 2624 0.47 -82.86 29.56
C MET D 2624 0.38 -83.34 28.13
N PRO D 2625 -0.13 -82.51 27.20
CA PRO D 2625 -0.19 -82.93 25.80
C PRO D 2625 1.16 -83.30 25.21
N LEU D 2626 2.26 -82.74 25.72
CA LEU D 2626 3.57 -83.20 25.28
C LEU D 2626 3.98 -84.50 25.94
N GLY D 2627 3.06 -85.16 26.66
CA GLY D 2627 3.33 -86.49 27.18
C GLY D 2627 2.82 -87.61 26.31
N GLN D 2628 1.83 -87.34 25.45
CA GLN D 2628 1.28 -88.36 24.57
C GLN D 2628 2.34 -88.80 23.57
N THR D 2629 2.59 -90.11 23.53
CA THR D 2629 3.56 -90.66 22.55
C THR D 2629 2.79 -91.54 21.59
N HIS D 2630 1.53 -91.83 21.92
CA HIS D 2630 0.68 -92.63 20.99
C HIS D 2630 0.08 -91.70 19.94
N LEU D 2631 -1.09 -92.06 19.40
CA LEU D 2631 -1.76 -91.22 18.38
C LEU D 2631 -1.00 -91.28 17.03
N LEU D 2632 -1.25 -90.31 16.15
CA LEU D 2632 -0.64 -90.31 14.79
C LEU D 2632 -0.13 -88.90 14.48
N PRO D 2633 1.05 -88.74 13.87
CA PRO D 2633 1.58 -87.41 13.63
C PRO D 2633 0.53 -86.44 13.13
N LYS D 2634 -0.61 -86.93 12.65
CA LYS D 2634 -1.59 -86.02 12.08
C LYS D 2634 -2.60 -85.56 13.11
N ALA D 2635 -3.09 -86.48 13.95
CA ALA D 2635 -4.02 -86.16 15.02
C ALA D 2635 -3.34 -85.91 16.35
N LEU D 2636 -2.02 -86.05 16.40
CA LEU D 2636 -1.24 -85.59 17.54
C LEU D 2636 -0.93 -84.11 17.45
N SER D 2637 -1.47 -83.43 16.45
CA SER D 2637 -1.17 -82.03 16.21
C SER D 2637 -2.29 -81.10 16.62
N VAL D 2638 -3.45 -81.63 16.97
CA VAL D 2638 -4.59 -80.80 17.37
C VAL D 2638 -4.71 -80.70 18.88
N LEU D 2639 -3.75 -81.23 19.62
CA LEU D 2639 -3.92 -81.32 21.08
C LEU D 2639 -3.74 -79.97 21.75
N ALA D 2640 -3.17 -78.99 21.06
CA ALA D 2640 -3.03 -77.65 21.63
C ALA D 2640 -2.84 -76.65 20.49
N LYS D 2641 -2.76 -75.38 20.85
CA LYS D 2641 -2.83 -74.30 19.88
C LYS D 2641 -1.68 -74.39 18.89
N PRO D 2642 -1.91 -74.00 17.63
CA PRO D 2642 -0.82 -73.94 16.67
C PRO D 2642 0.24 -72.91 17.07
N MET D 2643 1.49 -73.20 16.73
CA MET D 2643 2.59 -72.30 17.03
C MET D 2643 2.76 -71.30 15.90
N ILE D 2644 1.88 -70.31 15.85
CA ILE D 2644 1.95 -69.21 14.92
C ILE D 2644 2.92 -68.17 15.48
N PHE D 2645 3.70 -67.54 14.61
CA PHE D 2645 4.65 -66.55 15.09
C PHE D 2645 3.95 -65.31 15.62
N SER D 2646 3.00 -64.77 14.86
CA SER D 2646 2.32 -63.52 15.19
C SER D 2646 0.91 -63.87 15.61
N ASP D 2647 0.72 -64.14 16.89
CA ASP D 2647 -0.60 -64.36 17.45
C ASP D 2647 -0.84 -63.33 18.54
N GLY D 2648 -2.11 -63.06 18.81
CA GLY D 2648 -2.49 -61.94 19.64
C GLY D 2648 -2.72 -60.69 18.83
N TYR D 2649 -3.83 -60.03 19.10
CA TYR D 2649 -4.27 -58.89 18.33
C TYR D 2649 -3.58 -57.62 18.82
N ASN D 2650 -3.83 -56.53 18.11
CA ASN D 2650 -3.18 -55.26 18.39
C ASN D 2650 -4.13 -54.35 19.14
N ASN D 2651 -3.63 -53.72 20.20
CA ASN D 2651 -4.51 -53.09 21.18
C ASN D 2651 -5.35 -51.97 20.58
N GLN D 2652 -4.84 -51.27 19.55
CA GLN D 2652 -5.62 -50.19 18.96
C GLN D 2652 -6.87 -50.71 18.28
N ASN D 2653 -6.77 -51.82 17.56
CA ASN D 2653 -7.94 -52.37 16.90
C ASN D 2653 -8.96 -52.85 17.92
N LEU D 2654 -8.51 -53.43 19.02
CA LEU D 2654 -9.42 -53.88 20.05
C LEU D 2654 -10.14 -52.70 20.70
N LYS D 2655 -9.40 -51.63 20.99
CA LYS D 2655 -10.03 -50.44 21.52
C LYS D 2655 -11.10 -49.91 20.58
N THR D 2656 -10.76 -49.76 19.29
CA THR D 2656 -11.73 -49.26 18.33
C THR D 2656 -12.98 -50.14 18.26
N ALA D 2657 -12.78 -51.45 18.12
CA ALA D 2657 -13.91 -52.34 17.96
C ALA D 2657 -14.83 -52.31 19.17
N THR D 2658 -14.26 -52.36 20.38
CA THR D 2658 -15.12 -52.40 21.55
C THR D 2658 -15.77 -51.06 21.81
N THR D 2659 -15.09 -49.95 21.51
CA THR D 2659 -15.73 -48.65 21.63
C THR D 2659 -16.94 -48.56 20.74
N LEU D 2660 -16.81 -48.98 19.48
CA LEU D 2660 -17.95 -48.94 18.56
C LEU D 2660 -19.10 -49.79 19.08
N LEU D 2661 -18.82 -51.02 19.47
CA LEU D 2661 -19.91 -51.91 19.87
C LEU D 2661 -20.55 -51.46 21.18
N LEU D 2662 -19.77 -50.87 22.07
CA LEU D 2662 -20.33 -50.44 23.34
C LEU D 2662 -21.18 -49.19 23.17
N SER D 2663 -20.76 -48.25 22.33
CA SER D 2663 -21.65 -47.17 21.95
C SER D 2663 -22.97 -47.70 21.43
N PHE D 2664 -22.91 -48.62 20.47
CA PHE D 2664 -24.14 -49.18 19.93
C PHE D 2664 -25.04 -49.74 21.02
N ILE D 2665 -24.48 -50.51 21.95
CA ILE D 2665 -25.33 -51.17 22.94
C ILE D 2665 -25.92 -50.16 23.91
N HIS D 2666 -25.11 -49.24 24.42
CA HIS D 2666 -25.54 -48.42 25.53
C HIS D 2666 -26.24 -47.14 25.12
N LYS D 2667 -26.20 -46.76 23.84
CA LYS D 2667 -26.93 -45.58 23.41
C LYS D 2667 -28.07 -45.90 22.46
N ARG D 2668 -28.64 -47.08 22.53
CA ARG D 2668 -29.61 -47.55 21.56
C ARG D 2668 -30.40 -48.69 22.19
N TYR D 2669 -31.61 -48.40 22.66
CA TYR D 2669 -32.35 -49.35 23.49
C TYR D 2669 -33.22 -50.24 22.62
N LEU D 2670 -32.56 -51.14 21.91
CA LEU D 2670 -33.23 -52.16 21.12
C LEU D 2670 -33.54 -53.36 22.01
N TYR D 2671 -34.81 -53.74 22.01
CA TYR D 2671 -35.31 -54.96 22.64
C TYR D 2671 -35.37 -54.88 24.16
N ARG D 2672 -34.80 -53.83 24.76
CA ARG D 2672 -34.78 -53.74 26.22
C ARG D 2672 -34.86 -52.26 26.59
N LYS D 2673 -36.08 -51.76 26.76
CA LYS D 2673 -36.25 -50.35 27.08
C LYS D 2673 -36.48 -50.10 28.55
N ASN D 2674 -36.84 -51.13 29.32
CA ASN D 2674 -36.97 -51.00 30.76
C ASN D 2674 -35.64 -50.85 31.46
N LEU D 2675 -34.55 -50.68 30.73
CA LEU D 2675 -33.21 -50.57 31.33
C LEU D 2675 -32.79 -49.10 31.34
N ILE D 2676 -33.70 -48.19 31.04
CA ILE D 2676 -33.44 -46.73 31.13
C ILE D 2676 -33.82 -46.34 32.56
N VAL D 2677 -34.52 -47.20 33.29
CA VAL D 2677 -35.05 -46.87 34.64
C VAL D 2677 -33.92 -46.51 35.62
N PRO D 2678 -32.73 -47.13 35.62
CA PRO D 2678 -31.68 -46.72 36.54
C PRO D 2678 -30.66 -45.73 36.06
N LYS D 2679 -30.99 -44.86 35.12
CA LYS D 2679 -30.01 -43.98 34.49
C LYS D 2679 -30.01 -42.65 35.18
N LEU D 2680 -28.84 -42.12 35.50
CA LEU D 2680 -28.68 -40.84 36.23
C LEU D 2680 -29.28 -40.95 37.62
N LEU D 2681 -29.36 -42.14 38.21
CA LEU D 2681 -29.86 -42.36 39.59
C LEU D 2681 -28.78 -43.17 40.28
N SER D 2682 -28.16 -42.63 41.32
CA SER D 2682 -27.17 -43.40 42.05
C SER D 2682 -27.75 -43.90 43.37
N PHE D 2683 -27.37 -45.11 43.74
CA PHE D 2683 -27.98 -45.80 44.86
C PHE D 2683 -27.11 -45.84 46.11
N ALA D 2684 -26.03 -45.06 46.16
CA ALA D 2684 -25.33 -44.78 47.41
C ALA D 2684 -24.83 -46.08 48.07
N ASP D 2685 -23.83 -46.69 47.45
CA ASP D 2685 -23.40 -48.01 47.88
C ASP D 2685 -22.28 -47.97 48.92
N GLY D 2686 -21.08 -47.58 48.53
CA GLY D 2686 -20.03 -47.66 49.51
C GLY D 2686 -19.60 -46.32 50.04
N ASN D 2687 -20.18 -45.90 51.16
CA ASN D 2687 -19.89 -44.58 51.70
C ASN D 2687 -20.62 -44.38 53.01
N ILE D 2688 -20.45 -43.21 53.60
CA ILE D 2688 -21.12 -42.87 54.85
C ILE D 2688 -22.48 -42.28 54.52
N LEU D 2689 -23.46 -42.54 55.39
CA LEU D 2689 -24.86 -42.25 55.10
C LEU D 2689 -25.14 -40.77 54.87
N ASP D 2690 -24.95 -39.94 55.88
CA ASP D 2690 -25.27 -38.52 55.77
C ASP D 2690 -24.00 -37.72 55.93
N GLU D 2691 -23.42 -37.34 54.84
CA GLU D 2691 -22.20 -36.58 55.03
C GLU D 2691 -22.36 -35.17 54.51
N PRO D 2692 -21.94 -34.17 55.28
CA PRO D 2692 -22.12 -32.80 54.86
C PRO D 2692 -20.98 -32.34 53.97
N PRO D 2693 -21.15 -31.24 53.25
CA PRO D 2693 -20.12 -30.81 52.29
C PRO D 2693 -18.81 -30.39 52.95
N SER D 2694 -17.86 -29.95 52.14
CA SER D 2694 -16.47 -29.74 52.53
C SER D 2694 -16.00 -28.34 52.15
N PRO D 2695 -14.82 -27.93 52.64
CA PRO D 2695 -14.38 -26.52 52.56
C PRO D 2695 -14.71 -25.80 51.27
N PRO D 2696 -14.55 -26.39 50.09
CA PRO D 2696 -15.00 -25.67 48.90
C PRO D 2696 -16.42 -25.17 49.02
N PHE D 2697 -17.26 -25.85 49.80
CA PHE D 2697 -18.68 -25.53 49.91
C PHE D 2697 -19.14 -25.16 51.31
N SER D 2698 -18.51 -25.67 52.37
CA SER D 2698 -19.11 -25.55 53.69
C SER D 2698 -18.17 -25.26 54.84
N SER D 2699 -16.87 -25.14 54.62
CA SER D 2699 -15.91 -24.78 55.67
C SER D 2699 -15.87 -25.72 56.86
N LEU D 2700 -16.33 -26.96 56.73
CA LEU D 2700 -16.29 -27.95 57.81
C LEU D 2700 -15.25 -29.02 57.52
N LEU D 2701 -14.48 -29.40 58.53
CA LEU D 2701 -13.26 -30.16 58.33
C LEU D 2701 -13.28 -31.57 58.91
N ILE D 2702 -14.44 -32.12 59.22
CA ILE D 2702 -14.50 -33.44 59.84
C ILE D 2702 -14.39 -34.55 58.80
N PRO D 2703 -15.16 -34.53 57.70
CA PRO D 2703 -15.01 -35.59 56.71
C PRO D 2703 -13.61 -35.74 56.16
N ALA D 2704 -12.87 -34.65 55.96
CA ALA D 2704 -11.50 -34.77 55.48
C ALA D 2704 -10.60 -35.38 56.54
N LYS D 2705 -10.84 -35.05 57.80
CA LYS D 2705 -10.03 -35.62 58.87
C LYS D 2705 -10.24 -37.12 58.96
N ARG D 2706 -11.41 -37.60 58.57
CA ARG D 2706 -11.62 -39.05 58.60
C ARG D 2706 -11.11 -39.72 57.33
N PHE D 2707 -11.22 -39.03 56.21
CA PHE D 2707 -10.62 -39.55 54.98
C PHE D 2707 -9.11 -39.76 55.13
N GLU D 2708 -8.44 -38.93 55.92
CA GLU D 2708 -7.00 -39.12 56.09
C GLU D 2708 -6.66 -40.45 56.74
N ASN D 2709 -7.41 -40.83 57.78
CA ASN D 2709 -7.18 -42.13 58.41
C ASN D 2709 -7.61 -43.28 57.53
N TYR D 2710 -8.65 -43.09 56.72
CA TYR D 2710 -8.97 -44.10 55.71
C TYR D 2710 -7.79 -44.37 54.81
N LYS D 2711 -7.09 -43.31 54.38
CA LYS D 2711 -5.93 -43.51 53.50
C LYS D 2711 -4.78 -44.17 54.23
N ARG D 2712 -4.58 -43.84 55.51
CA ARG D 2712 -3.59 -44.56 56.30
C ARG D 2712 -3.86 -46.05 56.32
N PHE D 2713 -5.11 -46.43 56.58
CA PHE D 2713 -5.48 -47.84 56.62
C PHE D 2713 -5.20 -48.50 55.28
N PHE D 2714 -5.57 -47.84 54.18
CA PHE D 2714 -5.32 -48.42 52.87
C PHE D 2714 -3.85 -48.70 52.66
N ARG D 2715 -2.99 -47.75 53.00
CA ARG D 2715 -1.58 -48.00 52.77
C ARG D 2715 -1.03 -49.09 53.67
N ASP D 2716 -1.41 -49.07 54.96
CA ASP D 2716 -0.83 -50.04 55.89
C ASP D 2716 -1.30 -51.46 55.65
N THR D 2717 -2.56 -51.67 55.28
CA THR D 2717 -3.12 -53.01 55.28
C THR D 2717 -3.31 -53.62 53.91
N LEU D 2718 -3.83 -52.88 52.94
CA LEU D 2718 -4.31 -53.45 51.69
C LEU D 2718 -3.30 -53.40 50.56
N THR D 2719 -2.61 -52.28 50.36
CA THR D 2719 -1.86 -52.10 49.13
C THR D 2719 -0.35 -51.94 49.36
N GLY D 2720 0.06 -51.11 50.29
CA GLY D 2720 1.46 -50.77 50.42
C GLY D 2720 1.78 -49.47 49.70
N ASP D 2721 3.07 -49.16 49.65
CA ASP D 2721 3.52 -47.93 49.04
C ASP D 2721 3.72 -48.05 47.53
N LYS D 2722 3.99 -49.24 47.04
CA LYS D 2722 4.23 -49.49 45.63
C LYS D 2722 3.55 -50.78 45.23
N MET D 2723 3.45 -50.99 43.92
CA MET D 2723 2.93 -52.25 43.43
C MET D 2723 3.96 -53.34 43.65
N GLY D 2724 3.56 -54.40 44.32
CA GLY D 2724 4.42 -55.54 44.54
C GLY D 2724 4.72 -55.83 45.99
N GLN D 2725 4.75 -54.82 46.84
CA GLN D 2725 5.07 -54.99 48.24
C GLN D 2725 3.94 -55.68 48.99
N ARG D 2726 4.30 -56.53 49.95
CA ARG D 2726 3.30 -57.22 50.75
C ARG D 2726 2.51 -56.25 51.61
N LYS D 2727 3.20 -55.29 52.21
CA LYS D 2727 2.59 -54.23 52.99
C LYS D 2727 3.55 -53.05 52.93
N SER D 2728 3.32 -52.04 53.75
CA SER D 2728 4.33 -51.01 53.93
C SER D 2728 5.59 -51.66 54.48
N GLN D 2729 6.74 -51.20 54.03
CA GLN D 2729 7.98 -51.89 54.37
C GLN D 2729 9.03 -50.90 54.86
N ILE D 2730 9.99 -51.44 55.59
CA ILE D 2730 11.20 -50.68 55.91
C ILE D 2730 12.07 -50.58 54.66
N THR D 2731 12.24 -49.38 54.16
CA THR D 2731 12.94 -49.13 52.92
C THR D 2731 14.40 -49.53 53.02
N LEU D 2732 15.06 -49.63 51.86
CA LEU D 2732 16.50 -49.86 51.86
C LEU D 2732 17.25 -48.67 52.41
N LEU D 2733 16.76 -47.45 52.14
CA LEU D 2733 17.40 -46.26 52.70
C LEU D 2733 17.40 -46.30 54.22
N GLU D 2734 16.28 -46.69 54.83
CA GLU D 2734 16.22 -46.73 56.28
C GLU D 2734 17.16 -47.78 56.86
N LYS D 2735 17.28 -48.93 56.19
CA LYS D 2735 18.25 -49.93 56.64
C LYS D 2735 19.66 -49.38 56.59
N LEU D 2736 20.01 -48.76 55.46
CA LEU D 2736 21.33 -48.16 55.32
C LEU D 2736 21.56 -47.10 56.38
N GLN D 2737 20.51 -46.37 56.76
CA GLN D 2737 20.68 -45.30 57.75
C GLN D 2737 20.86 -45.86 59.16
N TYR D 2738 20.13 -46.91 59.51
CA TYR D 2738 20.42 -47.59 60.77
C TYR D 2738 21.87 -48.05 60.81
N HIS D 2739 22.34 -48.62 59.70
CA HIS D 2739 23.72 -49.07 59.63
C HIS D 2739 24.69 -47.92 59.83
N MET D 2740 24.44 -46.79 59.17
CA MET D 2740 25.33 -45.65 59.28
C MET D 2740 25.35 -45.06 60.69
N GLN D 2741 24.18 -44.96 61.33
CA GLN D 2741 24.14 -44.43 62.68
C GLN D 2741 24.88 -45.33 63.66
N LEU D 2742 24.64 -46.63 63.58
CA LEU D 2742 25.36 -47.54 64.47
C LEU D 2742 26.87 -47.45 64.23
N ARG D 2743 27.28 -47.38 62.96
CA ARG D 2743 28.70 -47.28 62.64
C ARG D 2743 29.30 -45.99 63.21
N SER D 2744 28.58 -44.88 63.10
CA SER D 2744 29.13 -43.61 63.55
C SER D 2744 29.24 -43.57 65.07
N ILE D 2745 28.21 -44.03 65.77
CA ILE D 2745 28.29 -44.07 67.23
C ILE D 2745 29.42 -45.00 67.67
N LYS D 2746 29.62 -46.10 66.96
CA LYS D 2746 30.70 -47.01 67.32
C LYS D 2746 32.06 -46.37 67.10
N GLN D 2747 32.25 -45.68 65.97
CA GLN D 2747 33.53 -45.03 65.70
C GLN D 2747 33.80 -43.91 66.69
N LEU D 2748 32.76 -43.16 67.08
CA LEU D 2748 32.91 -42.15 68.12
C LEU D 2748 33.35 -42.80 69.43
N ASN D 2749 32.60 -43.81 69.89
CA ASN D 2749 32.90 -44.42 71.18
C ASN D 2749 34.25 -45.12 71.18
N ALA D 2750 34.76 -45.49 70.01
CA ALA D 2750 36.04 -46.19 69.98
C ALA D 2750 37.22 -45.24 69.77
N THR D 2751 37.02 -44.12 69.08
CA THR D 2751 38.14 -43.23 68.76
C THR D 2751 38.47 -42.32 69.94
N PHE D 2752 37.46 -41.79 70.60
CA PHE D 2752 37.66 -40.88 71.72
C PHE D 2752 37.75 -41.61 73.06
N SER D 2753 37.84 -42.93 73.04
CA SER D 2753 38.03 -43.74 74.24
C SER D 2753 39.08 -44.82 73.99
N SER D 2754 40.07 -44.51 73.17
CA SER D 2754 41.12 -45.45 72.84
C SER D 2754 42.23 -45.43 73.88
N ASN D 2763 39.69 -50.10 55.45
CA ASN D 2763 38.43 -50.77 55.77
C ASN D 2763 37.38 -49.78 56.23
N ALA D 2764 37.63 -48.49 55.99
CA ALA D 2764 36.73 -47.41 56.38
C ALA D 2764 36.17 -46.66 55.19
N ALA D 2765 37.01 -46.32 54.21
CA ALA D 2765 36.56 -45.62 53.02
C ALA D 2765 35.95 -46.57 52.00
N LEU D 2766 36.50 -47.78 51.87
CA LEU D 2766 35.85 -48.81 51.07
C LEU D 2766 34.41 -49.01 51.50
N THR D 2767 34.15 -48.99 52.81
CA THR D 2767 32.80 -49.19 53.30
C THR D 2767 31.88 -48.09 52.81
N SER D 2768 32.28 -46.82 52.96
CA SER D 2768 31.45 -45.72 52.49
C SER D 2768 31.23 -45.79 50.97
N GLN D 2769 32.28 -46.13 50.23
CA GLN D 2769 32.16 -46.22 48.77
C GLN D 2769 31.12 -47.25 48.36
N LYS D 2770 31.33 -48.51 48.74
CA LYS D 2770 30.37 -49.52 48.32
C LYS D 2770 29.01 -49.34 49.01
N LEU D 2771 28.95 -48.62 50.13
CA LEU D 2771 27.67 -48.39 50.77
C LEU D 2771 26.82 -47.42 49.98
N ASP D 2772 27.42 -46.32 49.51
CA ASP D 2772 26.68 -45.47 48.59
C ASP D 2772 26.45 -46.13 47.24
N THR D 2773 27.25 -47.15 46.92
CA THR D 2773 26.96 -47.91 45.69
C THR D 2773 25.56 -48.49 45.79
N LEU D 2774 25.28 -49.22 46.87
CA LEU D 2774 23.95 -49.83 47.10
C LEU D 2774 22.91 -48.71 47.12
N MET D 2775 23.22 -47.60 47.77
CA MET D 2775 22.22 -46.50 47.92
C MET D 2775 21.65 -46.12 46.54
N SER D 2776 22.44 -46.29 45.47
CA SER D 2776 21.98 -45.93 44.11
C SER D 2776 20.81 -46.84 43.66
N LEU D 2777 20.83 -48.14 44.01
CA LEU D 2777 19.69 -49.05 43.69
C LEU D 2777 18.43 -48.44 44.31
N SER D 2778 18.00 -48.94 45.47
CA SER D 2778 16.88 -48.31 46.22
C SER D 2778 15.54 -48.32 45.46
N THR D 2779 15.47 -47.79 44.23
CA THR D 2779 14.21 -47.70 43.48
C THR D 2779 13.90 -48.96 42.70
N ASN D 2780 14.82 -49.93 42.63
CA ASN D 2780 14.49 -51.18 41.96
C ASN D 2780 13.41 -51.89 42.77
N ASN D 2781 12.26 -52.13 42.16
CA ASN D 2781 11.18 -52.81 42.86
C ASN D 2781 11.54 -54.24 43.21
N LEU D 2782 12.39 -54.88 42.42
CA LEU D 2782 12.64 -56.30 42.56
C LEU D 2782 13.88 -56.56 43.41
N LEU D 2783 13.78 -56.16 44.68
CA LEU D 2783 14.71 -56.55 45.70
C LEU D 2783 14.05 -57.57 46.61
N GLN D 2784 14.82 -58.53 47.08
CA GLN D 2784 14.29 -59.67 47.82
C GLN D 2784 14.42 -59.40 49.32
N ASN D 2785 13.29 -59.10 49.96
CA ASN D 2785 13.25 -58.84 51.40
C ASN D 2785 12.48 -59.96 52.08
N PRO D 2786 13.13 -60.77 52.91
CA PRO D 2786 12.51 -62.02 53.36
C PRO D 2786 11.49 -61.91 54.49
N THR D 2787 11.53 -60.84 55.28
CA THR D 2787 10.73 -60.80 56.48
C THR D 2787 10.25 -59.39 56.75
N ASN D 2788 9.10 -59.29 57.44
CA ASN D 2788 8.50 -58.00 57.78
C ASN D 2788 8.23 -57.90 59.27
N ILE D 2789 9.04 -58.54 60.11
CA ILE D 2789 8.83 -58.45 61.54
C ILE D 2789 9.30 -57.11 62.08
N ASN D 2790 10.29 -56.50 61.45
CA ASN D 2790 10.81 -55.24 61.97
C ASN D 2790 9.80 -54.12 61.83
N TRP D 2791 8.97 -54.15 60.80
CA TRP D 2791 7.96 -53.12 60.66
C TRP D 2791 7.00 -53.15 61.84
N TYR D 2792 6.57 -54.34 62.23
CA TYR D 2792 5.67 -54.45 63.37
C TYR D 2792 6.36 -54.09 64.65
N TYR D 2793 7.59 -54.54 64.84
CA TYR D 2793 8.30 -54.24 66.05
C TYR D 2793 8.57 -52.74 66.19
N GLN D 2794 8.72 -52.03 65.09
CA GLN D 2794 9.04 -50.61 65.18
C GLN D 2794 7.80 -49.74 65.17
N ASN D 2795 6.68 -50.22 64.65
CA ASN D 2795 5.51 -49.37 64.49
C ASN D 2795 4.35 -49.73 65.41
N ARG D 2796 4.31 -50.95 65.93
CA ARG D 2796 3.23 -51.35 66.81
C ARG D 2796 3.70 -51.68 68.21
N ILE D 2797 5.00 -51.59 68.48
CA ILE D 2797 5.54 -51.90 69.79
C ILE D 2797 6.35 -50.74 70.35
N LEU D 2798 7.20 -50.13 69.51
CA LEU D 2798 8.00 -49.01 69.99
C LEU D 2798 7.28 -47.68 69.88
N LYS D 2799 6.38 -47.53 68.92
CA LYS D 2799 5.58 -46.33 68.77
C LYS D 2799 4.25 -46.41 69.49
N ARG D 2800 3.99 -47.51 70.17
CA ARG D 2800 2.68 -47.94 70.62
C ARG D 2800 2.90 -48.79 71.86
N HIS D 2801 2.15 -49.87 71.97
CA HIS D 2801 1.88 -50.63 73.19
C HIS D 2801 3.07 -51.00 74.04
N GLY D 2802 4.26 -50.50 73.72
CA GLY D 2802 5.26 -50.37 74.75
C GLY D 2802 4.87 -49.37 75.83
N GLN D 2803 4.23 -48.26 75.45
CA GLN D 2803 3.79 -47.21 76.34
C GLN D 2803 2.35 -47.44 76.79
N TYR D 2804 1.75 -46.43 77.41
CA TYR D 2804 0.39 -46.56 77.92
C TYR D 2804 -0.24 -45.17 78.08
N LEU D 2805 -1.25 -44.88 77.27
CA LEU D 2805 -1.99 -43.62 77.33
C LEU D 2805 -3.02 -43.68 78.45
N THR D 2806 -2.99 -42.70 79.35
CA THR D 2806 -3.68 -42.82 80.62
C THR D 2806 -4.98 -42.03 80.67
N ASN D 2807 -5.31 -41.26 79.64
CA ASN D 2807 -6.52 -40.47 79.57
C ASN D 2807 -7.54 -41.20 78.71
N GLN D 2808 -8.37 -42.02 79.34
CA GLN D 2808 -9.14 -43.03 78.63
C GLN D 2808 -10.63 -42.76 78.52
N TRP D 2809 -11.26 -42.14 79.51
CA TRP D 2809 -12.71 -42.05 79.62
C TRP D 2809 -13.05 -40.99 80.67
N TRP D 2810 -14.31 -40.90 81.06
CA TRP D 2810 -14.75 -39.96 82.09
C TRP D 2810 -16.20 -40.27 82.44
N ASN D 2811 -16.64 -39.81 83.61
CA ASN D 2811 -18.05 -39.93 83.95
C ASN D 2811 -18.83 -38.77 83.35
N GLY D 2812 -20.03 -39.07 82.86
CA GLY D 2812 -20.72 -38.08 82.07
C GLY D 2812 -21.20 -36.85 82.81
N GLN D 2813 -21.14 -36.85 84.13
CA GLN D 2813 -21.73 -35.80 84.95
C GLN D 2813 -20.65 -34.79 85.33
N LEU D 2814 -20.53 -33.73 84.55
CA LEU D 2814 -19.56 -32.69 84.84
C LEU D 2814 -20.28 -31.44 85.33
N SER D 2815 -19.50 -30.36 85.53
CA SER D 2815 -20.07 -29.14 86.05
C SER D 2815 -20.96 -28.44 85.03
N GLU D 2816 -20.82 -28.78 83.75
CA GLU D 2816 -21.77 -28.40 82.73
C GLU D 2816 -22.39 -29.65 82.12
N HIS D 2817 -23.26 -29.45 81.14
CA HIS D 2817 -23.98 -30.57 80.59
C HIS D 2817 -23.24 -31.27 79.47
N ASN D 2818 -21.94 -31.02 79.33
CA ASN D 2818 -21.24 -31.44 78.13
C ASN D 2818 -19.74 -31.46 78.41
N ALA D 2819 -19.01 -32.14 77.54
CA ALA D 2819 -17.57 -31.94 77.49
C ALA D 2819 -17.22 -30.81 76.55
N GLU D 2820 -18.09 -30.54 75.57
CA GLU D 2820 -17.87 -29.45 74.63
C GLU D 2820 -18.07 -28.11 75.30
N THR D 2821 -18.91 -28.06 76.33
CA THR D 2821 -19.13 -26.82 77.06
C THR D 2821 -18.08 -26.63 78.14
N VAL D 2822 -17.70 -27.72 78.82
CA VAL D 2822 -16.63 -27.65 79.80
C VAL D 2822 -15.33 -27.24 79.15
N PHE D 2823 -15.06 -27.74 77.95
CA PHE D 2823 -13.79 -27.40 77.29
C PHE D 2823 -13.76 -25.95 76.86
N LEU D 2824 -14.89 -25.41 76.44
CA LEU D 2824 -14.96 -24.03 75.97
C LEU D 2824 -15.18 -23.04 77.09
N SER D 2825 -15.25 -23.49 78.34
CA SER D 2825 -15.56 -22.60 79.44
C SER D 2825 -14.41 -21.62 79.66
N ASP D 2826 -14.68 -20.61 80.49
CA ASP D 2826 -13.78 -19.48 80.58
C ASP D 2826 -12.63 -19.68 81.57
N ILE D 2827 -12.75 -20.62 82.51
CA ILE D 2827 -11.68 -20.73 83.49
C ILE D 2827 -10.90 -22.03 83.36
N ASP D 2828 -11.45 -23.11 83.92
CA ASP D 2828 -11.13 -24.51 83.65
C ASP D 2828 -11.89 -25.30 84.70
N TRP D 2829 -12.10 -26.59 84.49
CA TRP D 2829 -12.79 -27.40 85.48
C TRP D 2829 -12.08 -28.72 85.71
N ARG D 2830 -10.76 -28.73 85.53
CA ARG D 2830 -10.00 -29.97 85.56
C ARG D 2830 -8.93 -29.91 86.65
N SER D 2831 -9.33 -29.49 87.85
CA SER D 2831 -8.40 -29.36 88.97
C SER D 2831 -9.18 -29.57 90.26
N SER D 2832 -8.80 -30.58 91.03
CA SER D 2832 -9.50 -30.91 92.27
C SER D 2832 -9.22 -29.88 93.35
N LEU D 2860 -5.13 -31.92 96.98
CA LEU D 2860 -3.82 -31.99 96.37
C LEU D 2860 -3.84 -31.31 95.01
N ASP D 2861 -5.06 -31.03 94.52
CA ASP D 2861 -5.28 -30.37 93.24
C ASP D 2861 -4.67 -31.17 92.10
N VAL D 2862 -5.15 -32.40 91.95
CA VAL D 2862 -4.78 -33.23 90.81
C VAL D 2862 -5.50 -32.75 89.57
N LEU D 2863 -5.09 -33.26 88.42
CA LEU D 2863 -5.67 -32.90 87.14
C LEU D 2863 -6.53 -34.05 86.63
N LEU D 2864 -7.81 -33.75 86.40
CA LEU D 2864 -8.76 -34.79 85.99
C LEU D 2864 -9.18 -34.49 84.55
N ASP D 2865 -8.60 -35.15 83.55
CA ASP D 2865 -8.89 -34.79 82.15
C ASP D 2865 -9.98 -35.68 81.58
N PHE D 2866 -10.73 -35.17 80.61
CA PHE D 2866 -11.77 -35.96 79.93
C PHE D 2866 -11.23 -36.22 78.54
N PRO D 2867 -11.53 -37.35 77.87
CA PRO D 2867 -10.93 -37.61 76.59
C PRO D 2867 -11.55 -36.85 75.46
N ASP D 2868 -11.05 -36.93 74.24
CA ASP D 2868 -11.77 -36.33 73.09
C ASP D 2868 -12.68 -37.40 72.49
N THR D 2869 -13.69 -37.04 71.70
CA THR D 2869 -14.66 -38.06 71.23
C THR D 2869 -14.04 -38.98 70.20
N ASP D 2870 -14.44 -40.25 70.18
CA ASP D 2870 -13.92 -41.22 69.23
C ASP D 2870 -14.70 -41.18 67.93
N GLN D 2871 -13.98 -41.34 66.84
CA GLN D 2871 -14.54 -41.21 65.51
C GLN D 2871 -14.61 -42.58 64.86
N TYR D 2872 -15.74 -42.87 64.22
CA TYR D 2872 -15.93 -44.11 63.50
C TYR D 2872 -16.17 -43.81 62.04
N TYR D 2873 -15.51 -44.56 61.19
CA TYR D 2873 -15.57 -44.32 59.76
C TYR D 2873 -15.65 -45.69 59.11
N ASN D 2874 -16.84 -46.07 58.65
CA ASN D 2874 -17.08 -47.42 58.19
C ASN D 2874 -17.77 -47.42 56.83
N PRO D 2875 -17.03 -47.17 55.77
CA PRO D 2875 -17.63 -47.14 54.43
C PRO D 2875 -17.66 -48.49 53.74
N LYS D 2876 -18.60 -49.34 54.15
CA LYS D 2876 -18.76 -50.67 53.58
C LYS D 2876 -19.75 -50.65 52.43
N ARG D 2877 -19.82 -51.76 51.70
CA ARG D 2877 -20.77 -51.91 50.61
C ARG D 2877 -22.05 -52.51 51.15
N ARG D 2878 -23.19 -51.93 50.80
CA ARG D 2878 -24.45 -52.30 51.41
C ARG D 2878 -25.43 -52.98 50.45
N ARG D 2879 -25.06 -53.17 49.20
CA ARG D 2879 -26.03 -53.59 48.19
C ARG D 2879 -25.85 -55.05 47.77
N TRP D 2880 -25.57 -55.94 48.71
CA TRP D 2880 -25.47 -57.35 48.38
C TRP D 2880 -26.83 -57.87 47.96
N LEU D 2881 -26.86 -58.72 46.94
CA LEU D 2881 -28.13 -59.23 46.45
C LEU D 2881 -28.12 -60.75 46.26
N LEU D 2882 -26.97 -61.32 45.91
CA LEU D 2882 -26.91 -62.73 45.60
C LEU D 2882 -25.49 -63.28 45.68
N ASN D 2883 -25.28 -64.30 46.49
CA ASN D 2883 -24.04 -65.07 46.42
C ASN D 2883 -24.32 -66.55 46.56
N ASN D 2884 -25.32 -67.06 45.87
CA ASN D 2884 -25.74 -68.45 46.01
C ASN D 2884 -25.51 -69.25 44.73
N GLY D 2885 -25.72 -68.64 43.58
CA GLY D 2885 -25.40 -69.32 42.34
C GLY D 2885 -24.61 -68.41 41.43
N SER D 2886 -24.22 -67.27 41.96
CA SER D 2886 -23.49 -66.24 41.24
C SER D 2886 -23.08 -65.21 42.28
N TRP D 2887 -22.51 -64.11 41.84
CA TRP D 2887 -22.14 -63.01 42.73
C TRP D 2887 -22.72 -61.75 42.13
N ASN D 2888 -23.70 -61.16 42.78
CA ASN D 2888 -24.42 -60.02 42.23
C ASN D 2888 -24.57 -58.95 43.29
N PHE D 2889 -24.69 -57.71 42.82
CA PHE D 2889 -24.88 -56.53 43.70
C PHE D 2889 -26.04 -55.77 43.13
N TRP D 2890 -26.62 -54.81 43.84
CA TRP D 2890 -27.86 -54.15 43.40
C TRP D 2890 -27.71 -53.36 42.13
N PHE D 2891 -28.46 -53.81 41.13
CA PHE D 2891 -28.50 -53.26 39.75
C PHE D 2891 -27.64 -54.22 38.92
N ASN D 2892 -26.80 -53.78 38.02
CA ASN D 2892 -26.08 -54.79 37.22
C ASN D 2892 -27.04 -55.83 36.65
N PHE D 2893 -28.27 -55.47 36.26
CA PHE D 2893 -29.17 -56.47 35.62
C PHE D 2893 -29.09 -56.30 34.13
N ASP D 2894 -27.90 -56.12 33.57
CA ASP D 2894 -27.74 -55.85 32.15
C ASP D 2894 -26.36 -56.17 31.62
N LYS D 2895 -25.50 -56.84 32.37
CA LYS D 2895 -24.16 -57.09 31.89
C LYS D 2895 -24.10 -58.35 31.06
N LEU D 2896 -24.82 -59.40 31.44
CA LEU D 2896 -24.82 -60.62 30.66
C LEU D 2896 -25.29 -60.37 29.24
N TYR D 2897 -26.37 -59.61 29.09
CA TYR D 2897 -26.91 -59.30 27.78
C TYR D 2897 -25.91 -58.53 26.93
N SER D 2898 -25.33 -57.47 27.49
CA SER D 2898 -24.41 -56.64 26.73
C SER D 2898 -23.17 -57.41 26.33
N GLU D 2899 -22.66 -58.26 27.21
CA GLU D 2899 -21.47 -59.03 26.88
C GLU D 2899 -21.76 -60.08 25.81
N GLU D 2900 -22.89 -60.76 25.89
CA GLU D 2900 -23.25 -61.68 24.81
C GLU D 2900 -23.30 -60.95 23.47
N ILE D 2901 -23.89 -59.76 23.43
CA ILE D 2901 -23.99 -59.04 22.17
C ILE D 2901 -22.60 -58.72 21.62
N VAL D 2902 -21.76 -58.10 22.44
CA VAL D 2902 -20.43 -57.70 21.99
C VAL D 2902 -19.69 -58.91 21.42
N THR D 2903 -19.68 -60.01 22.17
CA THR D 2903 -18.90 -61.17 21.76
C THR D 2903 -19.40 -61.73 20.45
N THR D 2904 -20.71 -61.96 20.32
CA THR D 2904 -21.21 -62.58 19.11
C THR D 2904 -20.95 -61.71 17.89
N TRP D 2905 -21.06 -60.39 18.05
CA TRP D 2905 -20.86 -59.53 16.88
C TRP D 2905 -19.42 -59.54 16.43
N ILE D 2906 -18.47 -59.48 17.37
CA ILE D 2906 -17.06 -59.52 16.97
C ILE D 2906 -16.73 -60.84 16.29
N LEU D 2907 -17.21 -61.96 16.82
CA LEU D 2907 -16.91 -63.23 16.18
C LEU D 2907 -17.48 -63.29 14.77
N GLU D 2908 -18.73 -62.87 14.58
CA GLU D 2908 -19.32 -62.96 13.25
C GLU D 2908 -18.56 -62.13 12.24
N SER D 2909 -18.09 -60.94 12.64
CA SER D 2909 -17.31 -60.13 11.72
C SER D 2909 -16.00 -60.82 11.34
N LEU D 2910 -15.28 -61.35 12.32
CA LEU D 2910 -14.03 -62.06 12.03
C LEU D 2910 -14.26 -63.23 11.10
N ILE D 2911 -15.36 -63.95 11.28
CA ILE D 2911 -15.62 -65.13 10.47
C ILE D 2911 -15.95 -64.75 9.04
N GLN D 2912 -16.67 -63.65 8.84
CA GLN D 2912 -16.94 -63.26 7.46
C GLN D 2912 -15.67 -62.80 6.75
N THR D 2913 -14.79 -62.11 7.47
CA THR D 2913 -13.49 -61.75 6.88
C THR D 2913 -12.72 -63.00 6.45
N TYR D 2914 -12.67 -64.00 7.33
CA TYR D 2914 -11.96 -65.24 7.03
C TYR D 2914 -12.55 -65.92 5.81
N LYS D 2915 -13.87 -66.01 5.76
CA LYS D 2915 -14.51 -66.71 4.65
C LYS D 2915 -14.27 -66.02 3.33
N TYR D 2916 -14.18 -64.69 3.33
CA TYR D 2916 -13.87 -64.02 2.07
C TYR D 2916 -12.43 -64.28 1.65
N LEU D 2917 -11.48 -64.05 2.55
CA LEU D 2917 -10.07 -64.23 2.17
C LEU D 2917 -9.73 -65.68 1.83
N HIS D 2918 -10.50 -66.64 2.32
CA HIS D 2918 -10.22 -68.04 2.05
C HIS D 2918 -10.31 -68.40 0.58
N LYS D 2919 -11.00 -67.60 -0.23
CA LYS D 2919 -11.19 -67.90 -1.65
C LYS D 2919 -10.37 -67.00 -2.56
N ASN D 2920 -9.41 -66.26 -2.02
CA ASN D 2920 -8.61 -65.33 -2.79
C ASN D 2920 -7.15 -65.42 -2.39
N THR D 2921 -6.63 -66.63 -2.36
CA THR D 2921 -5.29 -66.85 -1.82
C THR D 2921 -4.20 -66.52 -2.84
N GLU D 2922 -4.43 -66.81 -4.11
CA GLU D 2922 -3.45 -66.48 -5.15
C GLU D 2922 -3.25 -64.99 -5.27
N LEU D 2923 -4.32 -64.22 -5.13
CA LEU D 2923 -4.21 -62.77 -5.16
C LEU D 2923 -3.34 -62.28 -4.02
N LEU D 2924 -3.51 -62.87 -2.84
CA LEU D 2924 -2.69 -62.52 -1.69
C LEU D 2924 -1.22 -62.78 -1.97
N ASP D 2925 -0.91 -63.95 -2.51
CA ASP D 2925 0.49 -64.30 -2.81
C ASP D 2925 1.11 -63.32 -3.80
N PHE D 2926 0.39 -63.02 -4.88
CA PHE D 2926 0.93 -62.15 -5.92
C PHE D 2926 1.19 -60.75 -5.40
N VAL D 2927 0.20 -60.18 -4.70
CA VAL D 2927 0.38 -58.82 -4.19
C VAL D 2927 1.50 -58.77 -3.15
N THR D 2928 1.67 -59.84 -2.39
CA THR D 2928 2.75 -59.84 -1.41
C THR D 2928 4.10 -59.82 -2.10
N ASN D 2929 4.26 -60.62 -3.16
CA ASN D 2929 5.49 -60.61 -3.94
C ASN D 2929 5.81 -59.21 -4.46
N LYS D 2930 4.82 -58.56 -5.10
CA LYS D 2930 5.05 -57.23 -5.65
C LYS D 2930 5.42 -56.22 -4.57
N PHE D 2931 4.68 -56.22 -3.46
CA PHE D 2931 4.95 -55.24 -2.40
C PHE D 2931 6.32 -55.43 -1.80
N ILE D 2932 6.78 -56.68 -1.66
CA ILE D 2932 8.12 -56.87 -1.13
C ILE D 2932 9.16 -56.30 -2.07
N THR D 2933 9.00 -56.52 -3.37
CA THR D 2933 10.03 -55.98 -4.27
C THR D 2933 9.92 -54.47 -4.48
N LEU D 2934 8.79 -53.85 -4.16
CA LEU D 2934 8.71 -52.39 -4.30
C LEU D 2934 9.46 -51.66 -3.19
N GLY D 2935 9.29 -52.10 -1.95
CA GLY D 2935 9.88 -51.44 -0.81
C GLY D 2935 8.93 -51.41 0.36
N TYR D 2936 9.50 -51.36 1.56
CA TYR D 2936 8.74 -51.33 2.79
C TYR D 2936 9.70 -50.97 3.92
N ILE D 2937 9.15 -50.53 5.03
CA ILE D 2937 9.94 -50.06 6.18
C ILE D 2937 10.14 -51.24 7.12
N ALA D 2938 11.41 -51.59 7.34
CA ALA D 2938 11.72 -52.73 8.19
C ALA D 2938 11.28 -52.45 9.63
N PRO D 2939 10.94 -53.49 10.40
CA PRO D 2939 10.52 -53.25 11.79
C PRO D 2939 11.59 -52.57 12.62
N GLU D 2940 12.85 -53.01 12.51
CA GLU D 2940 13.90 -52.42 13.34
C GLU D 2940 14.33 -51.05 12.82
N ASN D 2941 14.08 -50.76 11.55
CA ASN D 2941 14.56 -49.51 10.96
C ASN D 2941 13.63 -48.35 11.27
N ALA D 2942 12.53 -48.60 11.96
CA ALA D 2942 11.60 -47.55 12.36
C ALA D 2942 11.91 -47.13 13.79
N ASN D 2943 12.48 -45.93 13.94
CA ASN D 2943 12.80 -45.39 15.25
C ASN D 2943 11.78 -44.38 15.75
N LEU D 2944 11.19 -43.60 14.85
CA LEU D 2944 10.20 -42.61 15.23
C LEU D 2944 8.85 -42.91 14.58
N GLN D 2953 1.08 -47.16 7.95
CA GLN D 2953 0.52 -47.70 6.72
C GLN D 2953 -0.90 -47.21 6.51
N SER D 2954 -1.16 -45.98 6.95
CA SER D 2954 -2.53 -45.47 6.93
C SER D 2954 -3.05 -45.29 5.52
N GLU D 2955 -2.17 -45.16 4.54
CA GLU D 2955 -2.60 -44.92 3.17
C GLU D 2955 -1.54 -45.41 2.19
N LEU D 2956 -1.96 -45.61 0.95
CA LEU D 2956 -1.15 -46.23 -0.08
C LEU D 2956 -0.59 -45.18 -1.03
N LEU D 2957 0.63 -45.42 -1.50
CA LEU D 2957 1.24 -44.56 -2.51
C LEU D 2957 0.56 -44.84 -3.85
N SER D 2958 1.09 -44.27 -4.93
CA SER D 2958 0.37 -44.34 -6.20
C SER D 2958 0.73 -45.57 -7.00
N THR D 2959 2.01 -45.91 -7.08
CA THR D 2959 2.39 -47.14 -7.75
C THR D 2959 1.73 -48.35 -7.11
N LYS D 2960 1.65 -48.36 -5.78
CA LYS D 2960 1.01 -49.46 -5.09
C LYS D 2960 -0.47 -49.53 -5.41
N GLU D 2961 -1.10 -48.39 -5.72
CA GLU D 2961 -2.50 -48.44 -6.09
C GLU D 2961 -2.70 -48.94 -7.51
N ILE D 2962 -1.82 -48.56 -8.44
CA ILE D 2962 -1.88 -49.16 -9.77
C ILE D 2962 -1.75 -50.68 -9.66
N ILE D 2963 -0.80 -51.13 -8.84
CA ILE D 2963 -0.54 -52.55 -8.72
C ILE D 2963 -1.71 -53.28 -8.08
N LEU D 2964 -2.34 -52.69 -7.06
CA LEU D 2964 -3.45 -53.35 -6.40
C LEU D 2964 -4.68 -53.40 -7.29
N THR D 2965 -4.95 -52.34 -8.04
CA THR D 2965 -6.07 -52.36 -8.97
C THR D 2965 -5.88 -53.41 -10.05
N ASN D 2966 -4.69 -53.45 -10.66
CA ASN D 2966 -4.47 -54.45 -11.70
C ASN D 2966 -4.52 -55.85 -11.12
N SER D 2967 -4.03 -56.03 -9.89
CA SER D 2967 -4.04 -57.35 -9.27
C SER D 2967 -5.45 -57.83 -9.01
N PHE D 2968 -6.35 -56.92 -8.67
CA PHE D 2968 -7.74 -57.33 -8.57
C PHE D 2968 -8.32 -57.67 -9.93
N LYS D 2969 -7.85 -57.02 -10.98
CA LYS D 2969 -8.36 -57.33 -12.31
C LYS D 2969 -7.87 -58.69 -12.81
N ARG D 2970 -6.61 -59.03 -12.54
CA ARG D 2970 -6.03 -60.27 -13.07
C ARG D 2970 -6.45 -61.49 -12.26
N PHE D 2971 -6.24 -61.45 -10.95
CA PHE D 2971 -6.46 -62.61 -10.11
C PHE D 2971 -7.81 -62.57 -9.43
N SER E 54 -19.60 83.67 -39.80
CA SER E 54 -18.68 82.61 -39.40
C SER E 54 -19.24 81.85 -38.20
N LEU E 55 -19.44 80.54 -38.39
CA LEU E 55 -20.05 79.69 -37.38
C LEU E 55 -19.20 79.57 -36.12
N THR E 56 -17.88 79.76 -36.23
CA THR E 56 -16.96 79.47 -35.14
C THR E 56 -16.56 80.70 -34.32
N ALA E 57 -17.13 81.87 -34.61
CA ALA E 57 -16.83 83.05 -33.81
C ALA E 57 -18.04 83.42 -32.97
N GLU E 58 -17.82 83.70 -31.69
CA GLU E 58 -18.90 83.92 -30.75
C GLU E 58 -18.98 85.39 -30.34
N ARG E 59 -19.90 85.69 -29.43
CA ARG E 59 -20.26 87.07 -29.15
C ARG E 59 -20.60 87.27 -27.67
N PHE E 60 -20.26 88.46 -27.17
CA PHE E 60 -20.71 88.95 -25.88
C PHE E 60 -21.93 89.84 -26.11
N ILE E 61 -22.91 89.76 -25.22
CA ILE E 61 -24.18 90.46 -25.37
C ILE E 61 -24.38 91.39 -24.19
N THR E 62 -24.34 92.70 -24.46
CA THR E 62 -24.74 93.74 -23.51
C THR E 62 -25.73 94.64 -24.25
N ASP E 63 -26.99 94.23 -24.25
CA ASP E 63 -28.05 94.97 -24.94
C ASP E 63 -29.36 94.64 -24.26
N ALA E 64 -29.92 95.63 -23.56
CA ALA E 64 -31.05 95.38 -22.66
C ALA E 64 -32.19 94.66 -23.37
N LYS E 65 -32.60 95.17 -24.53
CA LYS E 65 -33.72 94.56 -25.25
C LYS E 65 -33.43 93.12 -25.62
N GLU E 66 -32.15 92.78 -25.81
CA GLU E 66 -31.80 91.41 -26.12
C GLU E 66 -31.79 90.52 -24.89
N LEU E 67 -31.22 91.01 -23.77
CA LEU E 67 -31.33 90.26 -22.52
C LEU E 67 -32.77 90.05 -22.08
N ASN E 68 -33.70 90.92 -22.51
CA ASN E 68 -35.10 90.74 -22.14
C ASN E 68 -35.66 89.44 -22.70
N ALA E 69 -35.39 89.16 -23.98
CA ALA E 69 -35.97 87.98 -24.62
C ALA E 69 -35.32 86.67 -24.14
N THR E 70 -34.21 86.73 -23.43
CA THR E 70 -33.57 85.51 -22.95
C THR E 70 -33.63 85.40 -21.44
N GLY E 71 -33.15 86.42 -20.74
CA GLY E 71 -33.05 86.32 -19.29
C GLY E 71 -31.78 85.60 -18.89
N SER E 72 -31.92 84.62 -17.99
CA SER E 72 -30.75 83.91 -17.48
C SER E 72 -30.28 82.80 -18.42
N GLY E 73 -30.74 82.77 -19.66
CA GLY E 73 -30.26 81.78 -20.60
C GLY E 73 -31.37 80.95 -21.23
N LEU E 74 -31.34 80.86 -22.57
CA LEU E 74 -32.34 80.18 -23.39
C LEU E 74 -32.64 78.78 -22.83
N PRO E 75 -33.82 78.24 -23.07
CA PRO E 75 -34.11 76.87 -22.64
C PRO E 75 -33.34 75.88 -23.50
N ILE E 76 -33.15 74.69 -22.94
CA ILE E 76 -32.42 73.62 -23.62
C ILE E 76 -33.44 72.66 -24.19
N ILE E 77 -33.37 72.44 -25.50
CA ILE E 77 -34.26 71.47 -26.14
C ILE E 77 -33.85 70.06 -25.72
N ASP E 78 -34.82 69.20 -25.48
CA ASP E 78 -34.55 67.83 -25.11
C ASP E 78 -35.57 66.91 -25.76
N GLY E 79 -35.20 65.63 -25.85
CA GLY E 79 -36.04 64.62 -26.44
C GLY E 79 -35.26 63.33 -26.61
N PRO E 80 -35.44 62.67 -27.75
CA PRO E 80 -34.59 61.51 -28.05
C PRO E 80 -33.24 61.95 -28.61
N ASP E 81 -32.19 61.27 -28.18
CA ASP E 81 -30.85 61.58 -28.65
C ASP E 81 -30.73 61.31 -30.15
N TRP E 82 -29.73 61.94 -30.76
CA TRP E 82 -29.73 62.14 -32.21
C TRP E 82 -29.81 60.85 -33.00
N GLU E 83 -29.59 59.70 -32.35
CA GLU E 83 -29.56 58.44 -33.08
C GLU E 83 -30.80 57.59 -32.87
N GLU E 84 -31.87 58.13 -32.28
CA GLU E 84 -33.06 57.35 -32.00
C GLU E 84 -34.35 58.12 -32.24
N GLN E 85 -34.25 59.34 -32.79
CA GLN E 85 -35.43 60.19 -32.91
C GLN E 85 -36.49 59.59 -33.82
N HIS E 86 -36.07 58.83 -34.83
CA HIS E 86 -36.97 58.39 -35.88
C HIS E 86 -37.46 56.96 -35.70
N TRP E 87 -37.44 56.43 -34.46
CA TRP E 87 -37.88 55.06 -34.24
C TRP E 87 -39.39 54.99 -34.08
N ALA E 88 -39.93 55.65 -33.05
CA ALA E 88 -41.36 55.57 -32.78
C ALA E 88 -42.17 56.12 -33.94
N ALA E 89 -41.70 57.20 -34.56
CA ALA E 89 -42.43 57.78 -35.68
C ALA E 89 -42.47 56.82 -36.87
N LEU E 90 -41.34 56.21 -37.21
CA LEU E 90 -41.32 55.28 -38.32
C LEU E 90 -42.14 54.02 -38.03
N LYS E 91 -42.14 53.54 -36.79
CA LYS E 91 -42.90 52.34 -36.49
C LYS E 91 -44.40 52.62 -36.49
N ALA E 92 -44.81 53.80 -36.00
CA ALA E 92 -46.21 54.18 -36.15
C ALA E 92 -46.58 54.39 -37.61
N MET E 93 -45.65 54.92 -38.40
CA MET E 93 -45.84 55.09 -39.84
C MET E 93 -46.13 53.77 -40.53
N SER E 94 -45.27 52.78 -40.33
CA SER E 94 -45.48 51.47 -40.95
C SER E 94 -46.67 50.76 -40.35
N ALA E 95 -47.02 51.04 -39.10
CA ALA E 95 -48.23 50.49 -38.52
C ALA E 95 -49.48 51.15 -39.09
N GLY E 96 -49.36 52.41 -39.51
CA GLY E 96 -50.43 53.09 -40.20
C GLY E 96 -51.25 54.06 -39.37
N ARG E 97 -50.95 54.23 -38.09
CA ARG E 97 -51.71 55.12 -37.25
C ARG E 97 -51.38 56.57 -37.55
N PRO E 98 -52.27 57.50 -37.23
CA PRO E 98 -51.98 58.92 -37.46
C PRO E 98 -50.98 59.45 -36.46
N VAL E 99 -49.92 60.07 -36.99
CA VAL E 99 -48.81 60.56 -36.18
C VAL E 99 -48.67 62.06 -36.38
N ALA E 100 -48.32 62.76 -35.30
CA ALA E 100 -48.27 64.21 -35.28
C ALA E 100 -47.31 64.74 -36.34
N LEU E 101 -47.57 65.96 -36.81
CA LEU E 101 -46.72 66.57 -37.82
C LEU E 101 -45.56 67.31 -37.16
N PRO E 102 -44.39 67.36 -37.80
CA PRO E 102 -43.31 68.20 -37.28
C PRO E 102 -43.52 69.67 -37.62
N THR E 103 -43.27 70.52 -36.62
CA THR E 103 -43.43 71.97 -36.77
C THR E 103 -42.08 72.63 -36.99
N PRO E 104 -41.90 73.36 -38.08
CA PRO E 104 -40.61 74.01 -38.33
C PRO E 104 -40.21 74.95 -37.19
N HIS E 105 -38.94 75.33 -37.20
CA HIS E 105 -38.43 76.18 -36.14
C HIS E 105 -39.02 77.58 -36.24
N ALA E 106 -39.07 78.24 -35.08
CA ALA E 106 -39.72 79.54 -34.96
C ALA E 106 -38.96 80.68 -35.62
N LYS E 107 -37.92 80.39 -36.40
CA LYS E 107 -37.11 81.40 -37.05
C LYS E 107 -37.34 81.48 -38.55
N PHE E 108 -38.19 80.62 -39.10
CA PHE E 108 -38.28 80.51 -40.55
C PHE E 108 -39.25 81.53 -41.14
N GLY E 109 -40.53 81.46 -40.75
CA GLY E 109 -41.53 82.35 -41.28
C GLY E 109 -42.08 81.84 -42.60
N PRO E 110 -42.97 82.63 -43.23
CA PRO E 110 -43.63 82.16 -44.45
C PRO E 110 -42.72 82.06 -45.65
N GLU E 111 -41.87 83.06 -45.90
CA GLU E 111 -41.00 83.06 -47.06
C GLU E 111 -39.91 81.99 -46.98
N ASP E 112 -39.52 81.57 -45.78
CA ASP E 112 -38.46 80.56 -45.66
C ASP E 112 -38.94 79.18 -46.04
N LEU E 113 -40.07 78.73 -45.48
CA LEU E 113 -40.60 77.40 -45.80
C LEU E 113 -40.82 77.23 -47.30
N GLN E 114 -41.00 78.34 -48.02
CA GLN E 114 -41.10 78.26 -49.47
C GLN E 114 -39.75 77.96 -50.10
N ARG E 115 -38.68 78.51 -49.52
CA ARG E 115 -37.35 78.28 -50.07
C ARG E 115 -36.84 76.89 -49.73
N ILE E 116 -37.19 76.39 -48.54
CA ILE E 116 -36.63 75.12 -48.09
C ILE E 116 -37.25 73.96 -48.86
N ALA E 117 -38.56 73.99 -49.05
CA ALA E 117 -39.25 72.92 -49.76
C ALA E 117 -39.14 73.06 -51.28
N ALA E 118 -38.22 73.87 -51.77
CA ALA E 118 -38.10 74.14 -53.21
C ALA E 118 -36.80 73.62 -53.81
N SER E 119 -35.65 74.01 -53.26
CA SER E 119 -34.37 73.68 -53.84
C SER E 119 -33.39 73.07 -52.85
N GLY E 120 -33.80 72.85 -51.61
CA GLY E 120 -32.92 72.30 -50.61
C GLY E 120 -32.52 73.31 -49.58
N PRO E 121 -32.21 72.85 -48.36
CA PRO E 121 -31.83 73.77 -47.30
C PRO E 121 -30.42 74.32 -47.51
N ARG E 122 -30.20 75.51 -46.99
CA ARG E 122 -28.90 76.15 -47.01
C ARG E 122 -28.17 75.86 -45.70
N LEU E 123 -26.88 76.16 -45.67
CA LEU E 123 -26.15 76.14 -44.40
C LEU E 123 -26.77 77.08 -43.39
N GLU E 124 -27.29 78.22 -43.85
CA GLU E 124 -27.88 79.21 -42.98
C GLU E 124 -29.14 78.70 -42.29
N ASP E 125 -29.89 77.80 -42.93
CA ASP E 125 -31.13 77.27 -42.36
C ASP E 125 -30.88 76.34 -41.19
N LEU E 126 -29.63 76.06 -40.83
CA LEU E 126 -29.33 75.13 -39.76
C LEU E 126 -28.63 75.76 -38.56
N THR E 127 -27.86 76.81 -38.76
CA THR E 127 -27.10 77.40 -37.66
C THR E 127 -28.03 78.17 -36.73
N LEU E 128 -28.24 77.63 -35.54
CA LEU E 128 -28.92 78.35 -34.47
C LEU E 128 -27.88 79.00 -33.59
N GLU E 129 -28.33 79.66 -32.54
CA GLU E 129 -27.42 80.18 -31.53
C GLU E 129 -28.00 79.93 -30.16
N HIS E 130 -27.18 80.19 -29.15
CA HIS E 130 -27.57 80.01 -27.77
C HIS E 130 -26.94 81.12 -26.96
N ALA E 131 -27.63 81.54 -25.91
CA ALA E 131 -27.18 82.63 -25.06
C ALA E 131 -27.38 82.25 -23.61
N GLU E 132 -26.29 82.24 -22.86
CA GLU E 132 -26.32 81.99 -21.43
C GLU E 132 -25.86 83.25 -20.69
N ARG E 133 -26.67 83.72 -19.75
CA ARG E 133 -26.43 85.02 -19.13
C ARG E 133 -25.39 84.89 -18.03
N LEU E 134 -24.42 85.79 -18.04
CA LEU E 134 -23.44 85.95 -16.96
C LEU E 134 -24.03 86.80 -15.85
N ALA E 135 -23.17 87.30 -14.96
CA ALA E 135 -23.60 88.14 -13.83
C ALA E 135 -24.63 89.18 -14.25
N GLY E 136 -25.57 89.46 -13.35
CA GLY E 136 -26.76 90.20 -13.68
C GLY E 136 -26.56 91.71 -13.80
N PRO E 137 -27.60 92.47 -13.42
CA PRO E 137 -27.57 93.92 -13.69
C PRO E 137 -26.76 94.72 -12.69
N GLY E 138 -26.79 94.35 -11.41
CA GLY E 138 -26.21 95.19 -10.38
C GLY E 138 -24.90 94.68 -9.83
N GLN E 139 -24.03 94.17 -10.70
CA GLN E 139 -22.78 93.56 -10.26
C GLN E 139 -21.56 94.44 -10.40
N LEU E 140 -21.24 94.89 -11.61
CA LEU E 140 -20.01 95.61 -11.88
C LEU E 140 -20.27 96.63 -12.98
N PRO E 141 -19.45 97.68 -13.09
CA PRO E 141 -19.63 98.66 -14.16
C PRO E 141 -19.37 98.05 -15.52
N THR E 142 -19.63 98.87 -16.55
CA THR E 142 -19.45 98.51 -17.96
C THR E 142 -20.43 97.41 -18.37
N ALA E 143 -21.25 96.96 -17.43
CA ALA E 143 -22.27 95.96 -17.67
C ALA E 143 -23.50 96.31 -16.84
N PRO E 144 -24.14 97.45 -17.10
CA PRO E 144 -25.17 97.96 -16.19
C PRO E 144 -26.42 97.10 -16.11
N ASP E 145 -26.67 96.22 -17.08
CA ASP E 145 -27.86 95.38 -17.03
C ASP E 145 -27.50 93.90 -17.07
N GLY E 146 -26.27 93.55 -17.40
CA GLY E 146 -25.86 92.17 -17.53
C GLY E 146 -25.31 91.85 -18.91
N VAL E 147 -24.70 90.68 -19.01
CA VAL E 147 -24.06 90.23 -20.24
C VAL E 147 -24.36 88.75 -20.44
N ALA E 148 -24.48 88.35 -21.71
CA ALA E 148 -24.72 86.96 -22.06
C ALA E 148 -23.70 86.48 -23.08
N LEU E 149 -23.40 85.18 -23.04
CA LEU E 149 -22.57 84.53 -24.03
C LEU E 149 -23.47 83.99 -25.14
N ALA E 150 -23.21 84.42 -26.37
CA ALA E 150 -23.93 83.94 -27.54
C ALA E 150 -22.99 83.17 -28.42
N PHE E 151 -23.33 81.92 -28.71
CA PHE E 151 -22.53 81.10 -29.61
C PHE E 151 -23.45 80.34 -30.57
N ARG E 152 -23.03 80.27 -31.82
CA ARG E 152 -23.79 79.63 -32.88
C ARG E 152 -23.33 78.18 -33.04
N TYR E 153 -24.24 77.35 -33.53
CA TYR E 153 -23.99 75.92 -33.62
C TYR E 153 -25.07 75.24 -34.44
N ILE E 154 -24.74 74.05 -34.92
CA ILE E 154 -25.66 73.17 -35.64
C ILE E 154 -25.84 71.91 -34.80
N PRO E 155 -27.05 71.40 -34.64
CA PRO E 155 -27.26 70.17 -33.88
C PRO E 155 -27.10 68.94 -34.75
N ARG E 156 -26.94 67.79 -34.07
CA ARG E 156 -26.76 66.53 -34.78
C ARG E 156 -28.02 66.05 -35.46
N SER E 157 -29.20 66.50 -34.99
CA SER E 157 -30.46 66.01 -35.52
C SER E 157 -30.65 66.30 -37.00
N VAL E 158 -29.89 67.24 -37.55
CA VAL E 158 -30.02 67.57 -38.97
C VAL E 158 -29.80 66.33 -39.83
N LEU E 159 -28.87 65.47 -39.43
CA LEU E 159 -28.71 64.19 -40.12
C LEU E 159 -29.92 63.31 -39.83
N GLY E 160 -30.46 62.70 -40.87
CA GLY E 160 -31.69 61.94 -40.72
C GLY E 160 -31.48 60.59 -40.11
N ASP E 161 -32.24 59.59 -40.55
CA ASP E 161 -32.07 58.22 -40.09
C ASP E 161 -30.94 57.54 -40.88
N PHE E 162 -29.81 58.21 -40.96
CA PHE E 162 -28.66 57.72 -41.71
C PHE E 162 -27.64 57.14 -40.75
N ARG E 163 -27.19 55.92 -41.05
CA ARG E 163 -26.26 55.20 -40.20
C ARG E 163 -25.24 54.49 -41.08
N GLN E 164 -24.20 53.99 -40.46
CA GLN E 164 -23.20 53.31 -41.29
C GLN E 164 -23.75 51.96 -41.70
N GLU E 165 -23.16 51.36 -42.71
CA GLU E 165 -23.55 50.05 -43.21
C GLU E 165 -23.49 49.02 -42.10
N VAL E 166 -24.43 48.08 -42.12
CA VAL E 166 -24.52 47.08 -41.06
C VAL E 166 -23.42 46.04 -41.23
N GLU E 167 -22.96 45.48 -40.12
CA GLU E 167 -21.91 44.48 -40.17
C GLU E 167 -22.47 43.17 -40.69
N PRO E 168 -21.94 42.63 -41.78
CA PRO E 168 -22.41 41.33 -42.28
C PRO E 168 -22.20 40.23 -41.24
N ASP E 169 -22.72 39.05 -41.57
CA ASP E 169 -22.45 37.85 -40.79
C ASP E 169 -21.27 37.13 -41.42
N TRP E 170 -20.10 37.26 -40.80
CA TRP E 170 -18.87 36.78 -41.40
C TRP E 170 -18.78 35.26 -41.46
N ARG E 171 -19.71 34.54 -40.83
CA ARG E 171 -19.65 33.09 -40.88
C ARG E 171 -20.10 32.56 -42.24
N SER E 172 -21.27 32.96 -42.69
CA SER E 172 -21.80 32.51 -43.99
C SER E 172 -21.55 33.56 -45.08
N LEU E 173 -20.28 33.76 -45.40
CA LEU E 173 -19.86 34.70 -46.43
C LEU E 173 -18.57 34.16 -47.04
N PRO E 174 -18.49 34.09 -48.36
CA PRO E 174 -17.27 33.54 -48.98
C PRO E 174 -16.07 34.45 -48.76
N ALA E 175 -14.90 33.82 -48.70
CA ALA E 175 -13.66 34.53 -48.38
C ALA E 175 -12.76 34.61 -49.60
N MET E 176 -11.84 35.57 -49.54
CA MET E 176 -10.84 35.76 -50.60
C MET E 176 -9.47 35.96 -49.94
N SER E 177 -8.45 35.46 -50.59
CA SER E 177 -7.15 35.61 -49.96
C SER E 177 -6.64 37.04 -50.11
N PRO E 178 -5.88 37.51 -49.13
CA PRO E 178 -5.32 38.87 -49.22
C PRO E 178 -4.42 39.07 -50.43
N ALA E 179 -3.70 38.04 -50.85
CA ALA E 179 -2.90 38.15 -52.07
C ALA E 179 -3.78 38.40 -53.28
N GLU E 180 -4.95 37.77 -53.32
CA GLU E 180 -5.88 38.01 -54.41
C GLU E 180 -6.35 39.45 -54.41
N LEU E 181 -6.64 40.01 -53.23
CA LEU E 181 -7.04 41.41 -53.15
C LEU E 181 -5.91 42.34 -53.57
N TYR E 182 -4.67 41.99 -53.22
CA TYR E 182 -3.53 42.81 -53.62
C TYR E 182 -3.39 42.82 -55.13
N ALA E 183 -3.53 41.66 -55.76
CA ALA E 183 -3.48 41.61 -57.23
C ALA E 183 -4.63 42.38 -57.85
N GLY E 184 -5.83 42.25 -57.28
CA GLY E 184 -6.99 42.95 -57.82
C GLY E 184 -6.90 44.45 -57.67
N LEU E 185 -6.20 44.92 -56.64
CA LEU E 185 -6.00 46.35 -56.47
C LEU E 185 -4.86 46.86 -57.33
N ARG E 186 -3.89 46.00 -57.63
CA ARG E 186 -2.87 46.36 -58.62
C ARG E 186 -3.48 46.44 -60.00
N ALA E 187 -4.52 45.66 -60.27
CA ALA E 187 -5.19 45.70 -61.56
C ALA E 187 -5.83 47.06 -61.83
N ARG E 188 -6.50 47.62 -60.83
CA ARG E 188 -7.23 48.88 -60.99
C ARG E 188 -6.42 50.09 -60.53
N ASN E 189 -5.10 49.97 -60.47
CA ASN E 189 -4.22 51.07 -60.07
C ASN E 189 -3.42 51.50 -61.28
N TRP E 190 -3.81 52.62 -61.88
CA TRP E 190 -3.24 53.04 -63.15
C TRP E 190 -1.78 53.48 -63.04
N THR E 191 -1.28 53.72 -61.83
CA THR E 191 0.12 54.05 -61.65
C THR E 191 1.02 52.82 -61.62
N SER E 192 0.44 51.63 -61.70
CA SER E 192 1.20 50.39 -61.59
C SER E 192 1.53 49.84 -62.97
N ALA E 193 2.38 48.80 -62.97
CA ALA E 193 2.74 48.14 -64.21
C ALA E 193 1.73 47.10 -64.64
N HIS E 194 0.89 46.62 -63.73
CA HIS E 194 -0.09 45.58 -64.03
C HIS E 194 -1.50 46.13 -64.20
N TYR E 195 -1.62 47.35 -64.71
CA TYR E 195 -2.93 47.96 -64.89
C TYR E 195 -3.58 47.48 -66.19
N ASP E 196 -4.91 47.43 -66.19
CA ASP E 196 -5.67 47.22 -67.42
C ASP E 196 -6.98 47.99 -67.32
N PRO E 197 -7.44 48.60 -68.41
CA PRO E 197 -8.69 49.38 -68.37
C PRO E 197 -9.96 48.54 -68.55
N ALA E 198 -9.88 47.21 -68.43
CA ALA E 198 -11.01 46.34 -68.69
C ALA E 198 -11.63 45.79 -67.41
N ALA E 199 -10.99 46.00 -66.27
CA ALA E 199 -11.51 45.43 -65.03
C ALA E 199 -12.79 46.15 -64.61
N GLU E 200 -13.72 45.37 -64.07
CA GLU E 200 -15.02 45.81 -63.61
C GLU E 200 -14.89 46.62 -62.34
N PRO E 201 -15.85 47.51 -62.07
CA PRO E 201 -15.77 48.33 -60.86
C PRO E 201 -15.97 47.49 -59.60
N TRP E 202 -15.25 47.89 -58.55
CA TRP E 202 -15.23 47.17 -57.28
C TRP E 202 -15.64 48.11 -56.16
N ARG E 203 -16.54 47.65 -55.30
CA ARG E 203 -16.94 48.41 -54.13
C ARG E 203 -16.34 47.76 -52.89
N LEU E 204 -15.55 48.54 -52.16
CA LEU E 204 -14.85 48.05 -50.98
C LEU E 204 -15.43 48.71 -49.74
N GLN E 205 -15.77 47.90 -48.75
CA GLN E 205 -16.19 48.41 -47.44
C GLN E 205 -15.23 47.86 -46.40
N VAL E 206 -14.50 48.73 -45.74
CA VAL E 206 -13.50 48.34 -44.77
C VAL E 206 -14.01 48.57 -43.37
N PHE E 207 -14.17 47.50 -42.61
CA PHE E 207 -14.75 47.52 -41.28
C PHE E 207 -13.66 47.40 -40.22
N SER E 208 -13.82 48.18 -39.16
CA SER E 208 -13.02 48.07 -37.96
C SER E 208 -13.92 47.68 -36.80
N CYS E 209 -13.47 46.70 -36.02
CA CYS E 209 -14.26 46.15 -34.92
C CYS E 209 -14.35 47.18 -33.80
N ASP E 210 -15.41 47.10 -33.01
CA ASP E 210 -15.66 48.05 -31.95
C ASP E 210 -16.03 47.40 -30.63
N TYR E 211 -16.45 46.15 -30.66
CA TYR E 211 -16.68 45.36 -29.44
C TYR E 211 -15.45 44.52 -29.13
N LYS E 212 -14.29 44.99 -29.58
CA LYS E 212 -13.03 44.33 -29.30
C LYS E 212 -12.79 44.20 -27.81
N HIS E 213 -13.02 45.26 -27.05
CA HIS E 213 -12.68 45.27 -25.63
C HIS E 213 -13.83 44.84 -24.73
N THR E 214 -15.02 44.60 -25.29
CA THR E 214 -16.19 44.18 -24.52
C THR E 214 -16.75 42.93 -25.18
N GLY E 215 -16.60 41.80 -24.50
CA GLY E 215 -17.21 40.57 -24.97
C GLY E 215 -16.36 39.78 -25.93
N VAL E 216 -16.73 38.52 -26.14
CA VAL E 216 -16.00 37.64 -27.02
C VAL E 216 -16.17 38.07 -28.48
N THR E 217 -15.43 37.41 -29.35
CA THR E 217 -15.54 37.44 -30.81
C THR E 217 -14.89 38.67 -31.43
N GLY E 218 -14.35 39.59 -30.65
CA GLY E 218 -13.65 40.71 -31.24
C GLY E 218 -12.48 40.23 -32.09
N TRP E 219 -12.09 41.06 -33.04
CA TRP E 219 -11.00 40.70 -33.92
C TRP E 219 -10.04 41.87 -34.10
N PRO E 220 -8.78 41.60 -34.40
CA PRO E 220 -7.85 42.69 -34.72
C PRO E 220 -7.88 43.02 -36.20
N GLY E 221 -7.18 44.11 -36.54
CA GLY E 221 -7.02 44.47 -37.93
C GLY E 221 -8.32 44.91 -38.58
N TYR E 222 -8.37 44.78 -39.90
CA TYR E 222 -9.50 45.24 -40.69
C TYR E 222 -10.17 44.07 -41.38
N ARG E 223 -11.42 44.27 -41.77
CA ARG E 223 -12.12 43.30 -42.59
C ARG E 223 -12.74 43.97 -43.79
N VAL E 224 -12.38 43.53 -44.98
CA VAL E 224 -12.81 44.15 -46.22
C VAL E 224 -13.96 43.34 -46.79
N VAL E 225 -14.93 44.03 -47.37
CA VAL E 225 -16.06 43.40 -48.06
C VAL E 225 -16.06 43.93 -49.49
N VAL E 226 -15.85 43.03 -50.45
CA VAL E 226 -15.75 43.37 -51.86
C VAL E 226 -17.06 43.01 -52.55
N THR E 227 -17.57 43.95 -53.35
CA THR E 227 -18.76 43.76 -54.17
C THR E 227 -18.39 44.01 -55.63
N SER E 228 -18.84 43.10 -56.49
CA SER E 228 -18.48 43.13 -57.91
C SER E 228 -19.70 43.38 -58.78
N ARG E 229 -19.52 43.26 -60.11
CA ARG E 229 -20.58 43.60 -61.06
C ARG E 229 -21.86 42.79 -60.80
N GLY E 230 -21.73 41.48 -60.61
CA GLY E 230 -22.89 40.64 -60.39
C GLY E 230 -23.70 41.02 -59.16
N GLY E 231 -23.18 41.90 -58.31
CA GLY E 231 -23.80 42.21 -57.05
C GLY E 231 -23.48 41.24 -55.93
N ARG E 232 -22.54 40.32 -56.16
CA ARG E 232 -22.15 39.34 -55.17
C ARG E 232 -20.99 39.85 -54.34
N ARG E 233 -20.88 39.32 -53.12
CA ARG E 233 -19.95 39.84 -52.12
C ARG E 233 -19.02 38.74 -51.64
N ARG E 234 -17.79 39.13 -51.34
CA ARG E 234 -16.83 38.28 -50.64
C ARG E 234 -16.15 39.13 -49.58
N TRP E 235 -15.37 38.48 -48.70
CA TRP E 235 -14.68 39.25 -47.67
C TRP E 235 -13.26 38.77 -47.48
N VAL E 236 -12.42 39.68 -47.00
CA VAL E 236 -10.99 39.47 -46.78
C VAL E 236 -10.65 39.87 -45.36
N ASP E 237 -9.83 39.06 -44.70
CA ASP E 237 -9.49 39.26 -43.30
C ASP E 237 -8.10 39.88 -43.23
N LEU E 238 -8.03 41.20 -43.29
CA LEU E 238 -6.77 41.91 -43.23
C LEU E 238 -6.40 42.22 -41.77
N ALA E 239 -6.31 41.16 -40.98
CA ALA E 239 -5.57 41.22 -39.74
C ALA E 239 -4.08 41.16 -40.06
N GLU E 240 -3.24 41.32 -39.04
CA GLU E 240 -1.82 41.06 -39.24
C GLU E 240 -1.22 41.94 -40.33
N GLU E 241 -1.07 43.23 -40.07
CA GLU E 241 -0.30 44.09 -40.95
C GLU E 241 1.02 43.42 -41.32
N GLY E 242 1.18 43.07 -42.59
CA GLY E 242 2.20 42.14 -43.00
C GLY E 242 3.61 42.67 -42.87
N GLU E 243 3.95 43.66 -43.66
CA GLU E 243 5.26 44.28 -43.59
C GLU E 243 5.11 45.77 -43.87
N LEU E 244 5.75 46.57 -43.03
CA LEU E 244 5.55 48.02 -43.08
C LEU E 244 6.22 48.56 -44.34
N VAL E 245 5.44 49.21 -45.19
CA VAL E 245 5.94 49.88 -46.38
C VAL E 245 5.34 51.27 -46.44
N GLN E 246 6.00 52.15 -47.18
CA GLN E 246 5.49 53.50 -47.33
C GLN E 246 4.34 53.53 -48.32
N LEU E 247 3.57 54.61 -48.28
CA LEU E 247 2.44 54.73 -49.18
C LEU E 247 2.86 54.72 -50.63
N THR E 248 4.03 55.26 -50.95
CA THR E 248 4.51 55.31 -52.33
C THR E 248 5.44 54.13 -52.61
N GLU E 249 4.92 52.92 -52.43
CA GLU E 249 5.69 51.69 -52.59
C GLU E 249 5.03 50.81 -53.64
N GLN E 250 5.83 50.34 -54.60
CA GLN E 250 5.37 49.43 -55.65
C GLN E 250 6.33 48.25 -55.70
N ALA E 251 6.10 47.27 -54.83
CA ALA E 251 6.80 46.01 -54.93
C ALA E 251 6.11 44.97 -54.06
N PRO E 252 5.74 43.82 -54.60
CA PRO E 252 5.25 42.73 -53.76
C PRO E 252 6.30 42.33 -52.73
N PRO E 253 5.88 41.73 -51.62
CA PRO E 253 6.79 41.51 -50.49
C PRO E 253 7.70 40.31 -50.61
N ALA E 254 7.85 39.71 -51.79
CA ALA E 254 8.70 38.56 -52.06
C ALA E 254 8.24 37.30 -51.32
N SER E 255 7.10 37.35 -50.65
CA SER E 255 6.46 36.17 -50.09
C SER E 255 4.97 36.46 -50.00
N PRO E 256 4.16 35.87 -50.87
CA PRO E 256 2.75 36.27 -50.95
C PRO E 256 1.92 36.01 -49.70
N ALA E 257 2.56 35.52 -48.64
CA ALA E 257 1.92 35.45 -47.33
C ALA E 257 2.16 36.69 -46.49
N ASP E 258 2.86 37.69 -47.04
CA ASP E 258 3.20 38.91 -46.32
C ASP E 258 2.35 40.10 -46.76
N ILE E 259 1.08 39.89 -47.05
CA ILE E 259 0.21 40.98 -47.41
C ILE E 259 -0.69 41.31 -46.23
N GLY E 260 -0.45 42.46 -45.61
CA GLY E 260 -1.30 42.97 -44.56
C GLY E 260 -1.80 44.33 -44.99
N TYR E 261 -2.54 45.03 -44.15
CA TYR E 261 -3.17 46.24 -44.63
C TYR E 261 -2.18 47.31 -45.04
N SER E 262 -0.89 47.14 -44.77
CA SER E 262 0.08 48.12 -45.22
C SER E 262 0.13 48.20 -46.74
N HIS E 263 0.37 47.07 -47.41
CA HIS E 263 0.41 47.06 -48.87
C HIS E 263 -0.94 47.44 -49.47
N VAL E 264 -2.03 47.00 -48.84
CA VAL E 264 -3.35 47.28 -49.36
C VAL E 264 -3.65 48.77 -49.32
N PHE E 265 -3.31 49.43 -48.21
CA PHE E 265 -3.55 50.86 -48.13
C PHE E 265 -2.55 51.64 -48.98
N ALA E 266 -1.37 51.07 -49.23
CA ALA E 266 -0.46 51.68 -50.20
C ALA E 266 -1.10 51.71 -51.59
N GLN E 267 -1.71 50.59 -51.99
CA GLN E 267 -2.36 50.55 -53.30
C GLN E 267 -3.59 51.42 -53.34
N LEU E 268 -4.34 51.48 -52.24
CA LEU E 268 -5.52 52.33 -52.21
C LEU E 268 -5.14 53.81 -52.25
N TYR E 269 -3.96 54.16 -51.73
CA TYR E 269 -3.53 55.55 -51.83
C TYR E 269 -2.97 55.85 -53.21
N GLN E 270 -2.35 54.87 -53.84
CA GLN E 270 -1.78 55.11 -55.16
C GLN E 270 -2.82 55.11 -56.26
N ALA E 271 -3.93 54.40 -56.08
CA ALA E 271 -4.92 54.30 -57.14
C ALA E 271 -5.66 55.60 -57.39
N TYR E 272 -5.65 56.52 -56.43
CA TYR E 272 -6.40 57.77 -56.54
C TYR E 272 -5.53 58.94 -56.96
N GLU E 273 -4.39 58.67 -57.56
CA GLU E 273 -3.53 59.74 -58.05
C GLU E 273 -4.13 60.35 -59.32
N PRO E 274 -4.16 61.67 -59.43
CA PRO E 274 -4.71 62.29 -60.65
C PRO E 274 -3.76 62.15 -61.84
N ARG E 275 -4.35 61.85 -63.00
CA ARG E 275 -3.60 61.68 -64.24
C ARG E 275 -3.80 62.89 -65.13
N TYR E 276 -2.70 63.50 -65.55
CA TYR E 276 -2.73 64.69 -66.38
C TYR E 276 -2.48 64.33 -67.84
N SER E 277 -3.05 65.11 -68.73
CA SER E 277 -2.74 64.91 -70.13
C SER E 277 -1.37 65.50 -70.45
N PRO E 278 -0.60 64.86 -71.35
CA PRO E 278 0.75 65.35 -71.65
C PRO E 278 0.77 66.75 -72.23
N GLU E 279 -0.34 67.22 -72.82
CA GLU E 279 -0.36 68.58 -73.33
C GLU E 279 -0.18 69.61 -72.22
N ALA E 280 -0.74 69.35 -71.04
CA ALA E 280 -0.53 70.23 -69.90
C ALA E 280 0.94 70.27 -69.51
N LEU E 281 1.59 69.10 -69.55
CA LEU E 281 3.02 69.03 -69.28
C LEU E 281 3.84 69.81 -70.28
N ALA E 282 3.55 69.68 -71.58
CA ALA E 282 4.24 70.47 -72.59
C ALA E 282 4.02 71.96 -72.36
N ALA E 283 2.79 72.33 -71.95
CA ALA E 283 2.48 73.73 -71.71
C ALA E 283 3.27 74.29 -70.53
N LEU E 284 3.42 73.53 -69.45
CA LEU E 284 4.19 74.01 -68.31
C LEU E 284 5.68 73.91 -68.57
N TYR E 285 6.09 73.07 -69.51
CA TYR E 285 7.50 72.80 -69.74
C TYR E 285 8.14 73.71 -70.79
N GLY E 286 7.65 73.63 -72.03
CA GLY E 286 8.34 74.30 -73.14
C GLY E 286 8.21 75.80 -73.15
N SER E 287 7.12 76.34 -72.60
CA SER E 287 6.85 77.78 -72.67
C SER E 287 7.96 78.55 -71.96
N SER E 288 8.72 79.32 -72.73
CA SER E 288 9.81 80.11 -72.16
C SER E 288 9.30 81.14 -71.15
N SER E 289 8.02 81.47 -71.21
CA SER E 289 7.44 82.44 -70.30
C SER E 289 7.39 81.92 -68.88
N SER E 290 7.19 82.84 -67.93
CA SER E 290 7.00 82.44 -66.54
C SER E 290 5.52 82.36 -66.18
N LYS E 291 4.82 83.49 -66.29
CA LYS E 291 3.38 83.48 -66.04
C LYS E 291 2.65 82.73 -67.13
N GLY E 292 3.28 82.52 -68.28
CA GLY E 292 2.76 81.55 -69.22
C GLY E 292 2.71 80.15 -68.63
N LYS E 293 3.80 79.72 -67.98
CA LYS E 293 3.77 78.46 -67.25
C LYS E 293 2.75 78.49 -66.14
N ALA E 294 2.59 79.64 -65.47
CA ALA E 294 1.63 79.75 -64.39
C ALA E 294 0.20 79.53 -64.88
N ALA E 295 -0.16 80.21 -65.97
CA ALA E 295 -1.48 80.04 -66.55
C ALA E 295 -1.66 78.63 -67.13
N ALA E 296 -0.58 78.02 -67.59
CA ALA E 296 -0.64 76.65 -68.06
C ALA E 296 -0.96 75.69 -66.92
N ALA E 297 -0.31 75.89 -65.77
CA ALA E 297 -0.56 75.03 -64.61
C ALA E 297 -1.91 75.33 -63.98
N ALA E 298 -2.44 76.54 -64.21
CA ALA E 298 -3.76 76.87 -63.70
C ALA E 298 -4.87 76.35 -64.59
N ALA E 299 -4.63 76.26 -65.89
CA ALA E 299 -5.64 75.80 -66.85
C ALA E 299 -5.53 74.31 -67.16
N ALA E 300 -4.63 73.60 -66.49
CA ALA E 300 -4.47 72.18 -66.76
C ALA E 300 -5.60 71.37 -66.13
N GLN E 301 -5.95 70.27 -66.78
CA GLN E 301 -6.99 69.36 -66.31
C GLN E 301 -6.40 68.00 -66.00
N HIS E 302 -7.27 67.06 -65.64
CA HIS E 302 -6.84 65.73 -65.25
C HIS E 302 -8.00 64.76 -65.37
N ASP E 303 -7.68 63.47 -65.25
CA ASP E 303 -8.69 62.43 -65.11
C ASP E 303 -8.21 61.44 -64.05
N THR E 304 -9.18 60.80 -63.40
CA THR E 304 -8.90 59.86 -62.31
C THR E 304 -9.58 58.53 -62.63
N PRO E 305 -8.86 57.59 -63.25
CA PRO E 305 -9.47 56.27 -63.54
C PRO E 305 -10.04 55.59 -62.33
N ALA E 306 -9.63 55.98 -61.12
CA ALA E 306 -10.16 55.37 -59.90
C ALA E 306 -11.65 55.58 -59.75
N LEU E 307 -12.21 56.62 -60.38
CA LEU E 307 -13.65 56.81 -60.30
C LEU E 307 -14.43 55.84 -61.18
N ARG E 308 -13.75 54.97 -61.91
CA ARG E 308 -14.41 54.01 -62.78
C ARG E 308 -14.21 52.58 -62.32
N HIS E 309 -13.44 52.35 -61.27
CA HIS E 309 -13.10 50.98 -60.87
C HIS E 309 -13.32 50.72 -59.39
N LEU E 310 -13.26 51.77 -58.57
CA LEU E 310 -13.27 51.58 -57.13
C LEU E 310 -14.18 52.60 -56.46
N ASP E 311 -14.88 52.13 -55.43
CA ASP E 311 -15.54 53.01 -54.49
C ASP E 311 -15.32 52.48 -53.07
N VAL E 312 -14.62 53.28 -52.26
CA VAL E 312 -14.15 52.84 -50.95
C VAL E 312 -14.97 53.51 -49.86
N SER E 313 -15.29 52.71 -48.84
CA SER E 313 -16.07 53.19 -47.72
C SER E 313 -15.49 52.64 -46.43
N TYR E 314 -15.47 53.46 -45.39
CA TYR E 314 -14.97 53.04 -44.09
C TYR E 314 -16.14 52.92 -43.12
N HIS E 315 -16.12 51.86 -42.31
CA HIS E 315 -17.19 51.65 -41.35
C HIS E 315 -16.62 51.08 -40.05
N GLY E 316 -17.35 51.31 -38.98
CA GLY E 316 -17.06 50.71 -37.69
C GLY E 316 -18.21 49.81 -37.27
N THR E 317 -17.90 48.55 -37.00
CA THR E 317 -18.91 47.57 -36.60
C THR E 317 -19.34 47.90 -35.18
N GLY E 318 -20.44 48.65 -35.05
CA GLY E 318 -20.85 49.12 -33.74
C GLY E 318 -21.13 47.99 -32.77
N SER E 319 -21.06 48.32 -31.48
CA SER E 319 -21.20 47.32 -30.45
C SER E 319 -22.64 47.22 -29.97
N ALA E 320 -22.94 46.11 -29.28
CA ALA E 320 -24.26 45.87 -28.73
C ALA E 320 -24.22 45.66 -27.22
N VAL E 321 -23.14 46.05 -26.55
CA VAL E 321 -23.00 45.90 -25.12
C VAL E 321 -22.35 47.18 -24.59
N ALA E 322 -22.92 47.76 -23.54
CA ALA E 322 -22.37 48.99 -23.00
C ALA E 322 -21.10 48.67 -22.20
N PRO E 323 -20.07 49.52 -22.30
CA PRO E 323 -18.80 49.20 -21.63
C PRO E 323 -18.87 49.20 -20.11
N GLY E 324 -20.01 49.52 -19.52
CA GLY E 324 -20.12 49.49 -18.08
C GLY E 324 -21.41 48.87 -17.59
N SER E 325 -22.16 48.25 -18.50
CA SER E 325 -23.47 47.72 -18.17
C SER E 325 -23.33 46.44 -17.34
N GLY E 326 -24.47 45.77 -17.13
CA GLY E 326 -24.51 44.56 -16.34
C GLY E 326 -24.19 43.32 -17.13
N THR E 327 -24.71 43.23 -18.36
CA THR E 327 -24.36 42.10 -19.22
C THR E 327 -22.89 42.10 -19.62
N ALA E 328 -22.16 43.18 -19.31
CA ALA E 328 -20.73 43.22 -19.52
C ALA E 328 -19.94 42.70 -18.32
N PHE E 329 -20.58 42.59 -17.16
CA PHE E 329 -19.89 42.04 -15.98
C PHE E 329 -19.97 40.53 -15.93
N LEU E 330 -21.04 39.94 -16.47
CA LEU E 330 -21.12 38.50 -16.53
C LEU E 330 -20.14 37.92 -17.53
N MET E 331 -19.82 38.66 -18.60
CA MET E 331 -18.91 38.17 -19.60
C MET E 331 -17.45 38.27 -19.18
N GLN E 332 -17.09 39.24 -18.33
CA GLN E 332 -15.71 39.44 -17.91
C GLN E 332 -15.66 39.77 -16.42
N PRO E 333 -15.97 38.80 -15.57
CA PRO E 333 -15.92 39.04 -14.12
C PRO E 333 -14.52 39.43 -13.66
N SER E 334 -14.48 40.17 -12.56
CA SER E 334 -13.22 40.64 -12.00
C SER E 334 -13.42 40.90 -10.51
N TRP E 335 -12.42 41.54 -9.90
CA TRP E 335 -12.39 41.82 -8.47
C TRP E 335 -12.74 43.26 -8.15
N ASP E 336 -12.12 44.21 -8.86
CA ASP E 336 -12.51 45.60 -8.74
C ASP E 336 -14.00 45.78 -9.01
N ALA E 337 -14.53 45.02 -9.97
CA ALA E 337 -15.93 45.13 -10.32
C ALA E 337 -16.83 44.81 -9.13
N VAL E 338 -16.63 43.65 -8.50
CA VAL E 338 -17.50 43.27 -7.39
C VAL E 338 -17.27 44.18 -6.19
N THR E 339 -16.03 44.61 -5.95
CA THR E 339 -15.79 45.52 -4.83
C THR E 339 -16.57 46.82 -5.01
N GLY E 340 -16.37 47.48 -6.15
CA GLY E 340 -17.11 48.71 -6.40
C GLY E 340 -18.60 48.50 -6.45
N ALA E 341 -19.04 47.30 -6.88
CA ALA E 341 -20.47 47.02 -6.98
C ALA E 341 -21.10 46.95 -5.60
N ILE E 342 -20.50 46.22 -4.66
CA ILE E 342 -21.10 46.19 -3.34
C ILE E 342 -20.82 47.49 -2.59
N ARG E 343 -19.82 48.26 -3.01
CA ARG E 343 -19.66 49.62 -2.48
C ARG E 343 -20.86 50.48 -2.85
N TRP E 344 -21.22 50.50 -4.14
CA TRP E 344 -22.43 51.18 -4.58
C TRP E 344 -23.66 50.62 -3.86
N GLY E 345 -23.70 49.30 -3.68
CA GLY E 345 -24.82 48.70 -2.98
C GLY E 345 -24.99 49.22 -1.57
N LEU E 346 -23.88 49.32 -0.82
CA LEU E 346 -23.98 49.86 0.53
C LEU E 346 -24.24 51.36 0.51
N GLU E 347 -23.71 52.08 -0.48
CA GLU E 347 -24.02 53.50 -0.63
C GLU E 347 -25.52 53.71 -0.76
N ARG E 348 -26.19 52.83 -1.50
CA ARG E 348 -27.63 52.96 -1.68
C ARG E 348 -28.38 52.47 -0.45
N SER E 349 -27.96 51.33 0.11
CA SER E 349 -28.79 50.61 1.07
C SER E 349 -28.43 50.96 2.51
N GLY E 350 -27.15 50.81 2.87
CA GLY E 350 -26.74 50.95 4.26
C GLY E 350 -25.74 52.05 4.51
N LEU E 351 -25.47 52.89 3.49
CA LEU E 351 -24.69 54.10 3.70
C LEU E 351 -25.38 55.03 4.69
N PRO E 352 -26.72 54.92 4.90
CA PRO E 352 -27.30 55.52 6.10
C PRO E 352 -26.56 55.17 7.39
N GLU E 353 -25.56 54.29 7.32
CA GLU E 353 -24.56 54.24 8.38
C GLU E 353 -23.81 55.56 8.46
N LEU E 354 -23.77 56.33 7.38
CA LEU E 354 -23.31 57.72 7.45
C LEU E 354 -24.20 58.57 8.35
N ARG E 355 -25.44 58.15 8.58
CA ARG E 355 -26.29 58.74 9.60
C ARG E 355 -26.19 58.04 10.94
N ALA E 356 -25.88 56.74 10.94
CA ALA E 356 -25.55 56.05 12.18
C ALA E 356 -24.31 56.67 12.82
N LEU E 357 -23.47 57.30 12.00
CA LEU E 357 -22.38 58.13 12.52
C LEU E 357 -22.92 59.13 13.54
N ARG E 358 -23.86 59.97 13.11
CA ARG E 358 -24.44 60.97 14.01
C ARG E 358 -25.28 60.32 15.10
N ASP E 359 -25.90 59.18 14.79
CA ASP E 359 -26.68 58.45 15.78
C ASP E 359 -25.83 57.92 16.92
N SER E 360 -24.57 57.59 16.66
CA SER E 360 -23.63 57.23 17.72
C SER E 360 -22.95 58.44 18.33
N LEU E 361 -22.84 59.53 17.57
CA LEU E 361 -22.26 60.77 18.09
C LEU E 361 -23.19 61.53 19.02
N LEU E 362 -24.45 61.11 19.15
CA LEU E 362 -25.33 61.73 20.14
C LEU E 362 -25.05 61.17 21.53
N PRO E 363 -24.96 59.83 21.71
CA PRO E 363 -24.46 59.32 23.00
C PRO E 363 -22.96 59.54 23.14
N GLU E 364 -22.25 59.46 22.02
CA GLU E 364 -20.80 59.69 21.92
C GLU E 364 -20.00 59.26 23.15
N GLU E 424 -18.28 25.52 67.74
CA GLU E 424 -18.61 25.17 69.11
C GLU E 424 -19.41 23.88 69.18
N ALA E 425 -18.99 22.96 70.05
CA ALA E 425 -19.76 21.75 70.31
C ALA E 425 -21.06 22.11 71.01
N ARG E 426 -22.16 21.49 70.59
CA ARG E 426 -23.47 21.85 71.14
C ARG E 426 -23.52 21.49 72.62
N LYS E 427 -23.48 22.52 73.46
CA LYS E 427 -23.43 22.35 74.91
C LYS E 427 -24.84 22.08 75.42
N GLU E 428 -25.20 20.80 75.49
CA GLU E 428 -26.44 20.38 76.12
C GLU E 428 -26.26 20.33 77.64
N GLY E 429 -26.36 21.47 78.30
CA GLY E 429 -26.24 21.53 79.74
C GLY E 429 -27.27 20.66 80.43
N LEU E 430 -28.54 20.89 80.11
CA LEU E 430 -29.64 20.07 80.59
C LEU E 430 -30.15 19.23 79.43
N THR E 431 -30.15 17.90 79.61
CA THR E 431 -30.64 17.02 78.56
C THR E 431 -32.07 16.57 78.81
N GLY E 432 -32.50 16.49 80.07
CA GLY E 432 -33.86 16.10 80.39
C GLY E 432 -34.23 14.68 80.02
N VAL E 433 -33.26 13.77 79.97
CA VAL E 433 -33.49 12.38 79.56
C VAL E 433 -33.38 11.49 80.79
N GLU E 434 -34.38 10.62 80.97
CA GLU E 434 -34.42 9.70 82.09
C GLU E 434 -34.34 8.26 81.57
N PHE E 435 -34.43 7.30 82.50
CA PHE E 435 -34.43 5.90 82.12
C PHE E 435 -35.80 5.45 81.62
N ARG E 436 -36.83 6.30 81.75
CA ARG E 436 -38.10 6.05 81.07
C ARG E 436 -38.02 6.44 79.61
N ASP E 437 -37.01 7.20 79.22
CA ASP E 437 -36.80 7.60 77.84
C ASP E 437 -36.24 6.47 76.99
N VAL E 438 -36.05 5.28 77.57
CA VAL E 438 -35.56 4.11 76.86
C VAL E 438 -36.52 2.95 77.10
N ALA E 439 -36.62 2.06 76.13
CA ALA E 439 -37.48 0.89 76.26
C ALA E 439 -36.91 -0.27 75.46
N GLY E 440 -37.02 -1.47 76.01
CA GLY E 440 -36.56 -2.66 75.32
C GLY E 440 -35.12 -3.04 75.59
N LEU E 441 -34.48 -2.40 76.58
CA LEU E 441 -33.09 -2.68 76.91
C LEU E 441 -32.91 -3.00 78.39
N GLY E 442 -33.73 -3.91 78.92
CA GLY E 442 -33.63 -4.37 80.28
C GLY E 442 -32.24 -4.79 80.71
N PRO E 443 -31.64 -5.76 80.01
CA PRO E 443 -30.29 -6.22 80.41
C PRO E 443 -29.24 -5.11 80.43
N ILE E 444 -29.46 -4.05 79.66
CA ILE E 444 -28.48 -2.96 79.62
C ILE E 444 -28.75 -1.95 80.72
N LEU E 445 -29.95 -2.00 81.31
CA LEU E 445 -30.31 -1.01 82.33
C LEU E 445 -29.42 -1.10 83.56
N ASN E 446 -28.88 -2.29 83.84
CA ASN E 446 -28.18 -2.49 85.11
C ASN E 446 -26.69 -2.24 84.98
N GLU E 447 -26.14 -2.28 83.77
CA GLU E 447 -24.75 -1.90 83.58
C GLU E 447 -24.60 -0.39 83.35
N VAL E 448 -25.71 0.33 83.25
CA VAL E 448 -25.67 1.78 83.12
C VAL E 448 -25.83 2.48 84.47
N VAL E 449 -26.50 1.83 85.44
CA VAL E 449 -26.64 2.44 86.75
C VAL E 449 -25.28 2.55 87.44
N GLU E 450 -24.38 1.60 87.17
CA GLU E 450 -23.01 1.74 87.68
C GLU E 450 -22.37 3.02 87.18
N VAL E 451 -22.50 3.30 85.88
CA VAL E 451 -21.86 4.49 85.32
C VAL E 451 -22.51 5.75 85.86
N VAL E 452 -23.84 5.76 86.04
CA VAL E 452 -24.48 6.98 86.51
C VAL E 452 -24.20 7.20 87.99
N GLU E 453 -24.04 6.12 88.76
CA GLU E 453 -23.64 6.26 90.16
C GLU E 453 -22.22 6.79 90.25
N PHE E 454 -21.32 6.32 89.37
CA PHE E 454 -19.97 6.89 89.37
C PHE E 454 -20.00 8.36 88.99
N LEU E 455 -20.85 8.72 88.03
CA LEU E 455 -20.99 10.12 87.66
C LEU E 455 -21.48 10.98 88.82
N LYS E 456 -22.44 10.47 89.60
CA LYS E 456 -22.95 11.23 90.73
C LYS E 456 -21.95 11.26 91.88
N ASP E 457 -21.19 10.20 92.08
CA ASP E 457 -20.25 10.07 93.20
C ASP E 457 -18.84 9.90 92.66
N PRO E 458 -18.22 10.99 92.19
CA PRO E 458 -16.84 10.88 91.68
C PRO E 458 -15.81 10.72 92.79
N GLY E 459 -16.16 11.02 94.04
CA GLY E 459 -15.21 10.95 95.13
C GLY E 459 -15.21 9.66 95.92
N THR E 460 -16.30 8.88 95.86
CA THR E 460 -16.38 7.66 96.65
C THR E 460 -15.84 6.46 95.91
N PHE E 461 -15.85 6.46 94.58
CA PHE E 461 -15.31 5.33 93.83
C PHE E 461 -13.78 5.29 93.92
N SER E 462 -13.15 6.46 94.11
CA SER E 462 -11.73 6.46 94.43
C SER E 462 -11.48 5.88 95.82
N LYS E 463 -12.47 5.94 96.70
CA LYS E 463 -12.35 5.27 97.99
C LYS E 463 -12.51 3.77 97.86
N LEU E 464 -13.07 3.31 96.74
CA LEU E 464 -13.27 1.88 96.50
C LEU E 464 -11.99 1.17 96.07
N GLY E 465 -10.92 1.90 95.78
CA GLY E 465 -9.72 1.32 95.20
C GLY E 465 -9.90 0.82 93.78
N ALA E 466 -11.13 0.81 93.27
CA ALA E 466 -11.40 0.38 91.91
C ALA E 466 -11.31 1.58 90.96
N ARG E 467 -11.04 1.30 89.69
CA ARG E 467 -10.97 2.35 88.68
C ARG E 467 -12.24 2.32 87.84
N PRO E 468 -12.84 3.47 87.52
CA PRO E 468 -14.04 3.47 86.68
C PRO E 468 -13.69 3.18 85.23
N PRO E 469 -14.67 2.83 84.40
CA PRO E 469 -14.39 2.65 82.97
C PRO E 469 -14.19 3.99 82.28
N LYS E 470 -13.01 4.19 81.71
CA LYS E 470 -12.71 5.47 81.06
C LYS E 470 -13.56 5.67 79.81
N GLY E 471 -13.63 4.67 78.95
CA GLY E 471 -14.44 4.76 77.76
C GLY E 471 -15.32 3.54 77.63
N ILE E 472 -16.49 3.73 77.03
CA ILE E 472 -17.44 2.65 76.76
C ILE E 472 -17.90 2.74 75.32
N LEU E 473 -17.86 1.63 74.60
CA LEU E 473 -18.21 1.58 73.18
C LEU E 473 -19.61 1.02 73.02
N LEU E 474 -20.48 1.79 72.37
CA LEU E 474 -21.85 1.37 72.08
C LEU E 474 -21.84 0.60 70.76
N GLU E 475 -21.82 -0.72 70.84
CA GLU E 475 -21.77 -1.59 69.68
C GLU E 475 -23.10 -2.31 69.49
N GLY E 476 -23.49 -2.48 68.25
CA GLY E 476 -24.71 -3.20 67.93
C GLY E 476 -25.37 -2.64 66.69
N ASP E 477 -26.61 -3.06 66.48
CA ASP E 477 -27.38 -2.63 65.33
C ASP E 477 -27.78 -1.16 65.46
N PRO E 478 -27.91 -0.45 64.35
CA PRO E 478 -28.43 0.92 64.40
C PRO E 478 -29.94 0.92 64.66
N GLY E 479 -30.38 1.99 65.30
CA GLY E 479 -31.79 2.11 65.66
C GLY E 479 -32.17 1.46 66.97
N THR E 480 -31.20 1.01 67.77
CA THR E 480 -31.51 0.41 69.06
C THR E 480 -31.46 1.41 70.21
N GLY E 481 -30.90 2.60 70.00
CA GLY E 481 -30.93 3.64 71.01
C GLY E 481 -29.63 3.96 71.68
N LYS E 482 -28.50 3.98 70.95
CA LYS E 482 -27.21 4.34 71.53
C LYS E 482 -27.26 5.71 72.21
N THR E 483 -27.50 6.76 71.42
CA THR E 483 -27.60 8.10 71.98
C THR E 483 -28.88 8.26 72.81
N LEU E 484 -29.91 7.47 72.50
CA LEU E 484 -31.08 7.41 73.37
C LEU E 484 -30.71 6.86 74.75
N LEU E 485 -29.66 6.04 74.80
CA LEU E 485 -29.17 5.54 76.09
C LEU E 485 -28.10 6.46 76.66
N ALA E 486 -27.16 6.89 75.82
CA ALA E 486 -26.07 7.75 76.28
C ALA E 486 -26.61 9.06 76.84
N LYS E 487 -27.54 9.70 76.12
CA LYS E 487 -28.16 10.92 76.64
C LYS E 487 -28.97 10.62 77.89
N ALA E 488 -29.60 9.44 77.96
CA ALA E 488 -30.28 9.05 79.18
C ALA E 488 -29.30 8.84 80.32
N LEU E 489 -28.12 8.27 80.01
CA LEU E 489 -27.06 8.15 81.01
C LEU E 489 -26.67 9.51 81.57
N ALA E 490 -26.40 10.47 80.67
CA ALA E 490 -25.99 11.80 81.13
C ALA E 490 -27.12 12.51 81.85
N GLY E 491 -28.37 12.26 81.46
CA GLY E 491 -29.49 12.88 82.16
C GLY E 491 -29.67 12.32 83.56
N GLU E 492 -29.54 11.01 83.70
CA GLU E 492 -29.64 10.39 85.03
C GLU E 492 -28.41 10.71 85.87
N ALA E 493 -27.34 11.18 85.23
CA ALA E 493 -26.20 11.72 85.96
C ALA E 493 -26.36 13.19 86.31
N MET E 494 -27.19 13.93 85.56
CA MET E 494 -27.35 15.38 85.73
C MET E 494 -26.01 16.10 85.65
N VAL E 495 -25.28 15.86 84.58
CA VAL E 495 -23.91 16.33 84.41
C VAL E 495 -23.78 16.76 82.95
N PRO E 496 -22.89 17.69 82.60
CA PRO E 496 -22.81 18.15 81.21
C PRO E 496 -22.64 17.03 80.20
N PHE E 497 -23.34 17.17 79.07
CA PHE E 497 -23.33 16.20 77.98
C PHE E 497 -22.72 16.83 76.74
N TYR E 498 -21.77 16.15 76.13
CA TYR E 498 -21.06 16.62 74.95
C TYR E 498 -21.18 15.57 73.85
N GLN E 499 -22.13 15.75 72.93
CA GLN E 499 -22.26 14.86 71.79
C GLN E 499 -22.03 15.61 70.49
N MET E 500 -21.36 14.94 69.54
CA MET E 500 -21.27 15.39 68.15
C MET E 500 -20.67 14.27 67.32
N SER E 501 -20.46 14.56 66.04
CA SER E 501 -20.16 13.55 65.03
C SER E 501 -18.71 13.08 65.11
N GLY E 502 -18.48 11.89 64.54
CA GLY E 502 -17.11 11.40 64.39
C GLY E 502 -16.38 12.04 63.22
N THR E 503 -17.11 12.38 62.17
CA THR E 503 -16.48 13.09 61.05
C THR E 503 -16.38 14.58 61.33
N GLU E 504 -16.92 15.03 62.47
CA GLU E 504 -16.82 16.42 62.91
C GLU E 504 -15.39 16.94 62.88
N PHE E 505 -14.41 16.06 63.00
CA PHE E 505 -13.00 16.45 62.97
C PHE E 505 -12.31 16.05 61.67
N THR E 506 -13.05 15.54 60.69
CA THR E 506 -12.48 15.06 59.44
C THR E 506 -12.88 15.93 58.25
N GLU E 507 -13.26 17.19 58.50
CA GLU E 507 -13.52 18.11 57.40
C GLU E 507 -12.21 18.63 56.83
N GLY E 508 -12.19 18.86 55.52
CA GLY E 508 -10.95 18.94 54.78
C GLY E 508 -10.09 20.17 54.94
N ILE E 509 -9.50 20.35 56.12
CA ILE E 509 -8.39 21.29 56.32
C ILE E 509 -7.47 20.68 57.37
N VAL E 510 -6.17 20.66 57.08
CA VAL E 510 -5.20 19.90 57.89
C VAL E 510 -4.97 20.56 59.24
N GLY E 511 -5.03 19.76 60.31
CA GLY E 511 -4.66 20.19 61.64
C GLY E 511 -5.78 20.76 62.49
N LEU E 512 -6.81 21.35 61.87
CA LEU E 512 -7.86 21.99 62.67
C LEU E 512 -8.71 20.94 63.39
N GLY E 513 -8.82 19.75 62.81
CA GLY E 513 -9.55 18.69 63.50
C GLY E 513 -8.97 18.36 64.85
N ALA E 514 -7.65 18.55 65.01
CA ALA E 514 -7.02 18.36 66.31
C ALA E 514 -7.43 19.44 67.29
N ALA E 515 -7.81 20.62 66.80
CA ALA E 515 -8.21 21.70 67.68
C ALA E 515 -9.59 21.44 68.28
N ARG E 516 -10.51 20.88 67.49
CA ARG E 516 -11.83 20.57 68.01
C ARG E 516 -11.75 19.52 69.10
N VAL E 517 -10.92 18.50 68.92
CA VAL E 517 -10.74 17.49 69.96
C VAL E 517 -10.09 18.11 71.19
N ARG E 518 -9.03 18.91 70.99
CA ARG E 518 -8.37 19.57 72.11
C ARG E 518 -9.31 20.50 72.84
N ASP E 519 -9.98 21.39 72.10
CA ASP E 519 -10.93 22.31 72.71
C ASP E 519 -12.01 21.56 73.48
N LEU E 520 -12.54 20.50 72.88
CA LEU E 520 -13.63 19.74 73.50
C LEU E 520 -13.16 19.06 74.79
N PHE E 521 -11.99 18.44 74.75
CA PHE E 521 -11.53 17.69 75.92
C PHE E 521 -11.07 18.61 77.03
N LYS E 522 -10.56 19.80 76.71
CA LYS E 522 -10.23 20.73 77.79
C LYS E 522 -11.47 21.46 78.29
N ARG E 523 -12.51 21.57 77.45
CA ARG E 523 -13.82 21.95 77.95
C ARG E 523 -14.30 20.94 78.99
N ALA E 524 -14.12 19.65 78.70
CA ALA E 524 -14.45 18.62 79.67
C ALA E 524 -13.59 18.75 80.93
N ARG E 525 -12.31 19.05 80.75
CA ARG E 525 -11.43 19.24 81.90
C ARG E 525 -11.87 20.42 82.77
N ALA E 526 -12.38 21.47 82.14
CA ALA E 526 -12.82 22.65 82.87
C ALA E 526 -14.19 22.49 83.52
N THR E 527 -15.08 21.69 82.93
CA THR E 527 -16.40 21.48 83.51
C THR E 527 -16.53 20.09 84.14
N ALA E 528 -15.40 19.45 84.43
CA ALA E 528 -15.39 18.17 85.13
C ALA E 528 -16.23 18.23 86.41
N PRO E 529 -17.01 17.17 86.69
CA PRO E 529 -17.15 15.98 85.85
C PRO E 529 -17.97 16.24 84.59
N CYS E 530 -17.75 15.45 83.54
CA CYS E 530 -18.40 15.70 82.25
C CYS E 530 -18.65 14.38 81.53
N VAL E 531 -19.54 14.46 80.54
CA VAL E 531 -19.75 13.38 79.58
C VAL E 531 -19.29 13.87 78.21
N ILE E 532 -18.54 13.03 77.51
CA ILE E 532 -18.18 13.27 76.12
C ILE E 532 -18.68 12.10 75.29
N PHE E 533 -19.54 12.39 74.32
CA PHE E 533 -20.12 11.38 73.45
C PHE E 533 -19.81 11.74 72.00
N VAL E 534 -19.51 10.73 71.18
CA VAL E 534 -19.26 10.91 69.76
C VAL E 534 -19.97 9.78 69.03
N ASP E 535 -21.13 10.08 68.44
CA ASP E 535 -21.82 9.09 67.63
C ASP E 535 -21.03 8.85 66.34
N GLU E 536 -21.22 7.65 65.76
CA GLU E 536 -20.41 7.15 64.64
C GLU E 536 -18.95 7.55 64.80
N ILE E 537 -18.41 7.30 66.00
CA ILE E 537 -17.04 7.69 66.32
C ILE E 537 -16.04 6.93 65.47
N ASP E 538 -16.42 5.76 64.94
CA ASP E 538 -15.48 4.95 64.17
C ASP E 538 -14.94 5.72 62.97
N ALA E 539 -15.68 6.74 62.51
CA ALA E 539 -15.14 7.61 61.47
C ALA E 539 -13.79 8.19 61.90
N LEU E 540 -13.61 8.43 63.19
CA LEU E 540 -12.29 8.75 63.72
C LEU E 540 -11.37 7.54 63.73
N GLY E 541 -11.81 6.45 64.36
CA GLY E 541 -11.03 5.23 64.45
C GLY E 541 -11.25 4.24 63.33
N LEU E 542 -11.61 4.72 62.14
CA LEU E 542 -11.65 3.86 60.96
C LEU E 542 -10.30 3.18 60.77
N ARG E 543 -10.30 1.85 60.81
CA ARG E 543 -9.08 1.13 60.50
C ARG E 543 -8.69 1.44 59.07
N ARG E 544 -7.62 2.23 58.92
CA ARG E 544 -7.31 2.80 57.62
C ARG E 544 -6.70 1.75 56.71
N ALA E 545 -7.42 1.38 55.66
CA ALA E 545 -6.96 0.38 54.72
C ALA E 545 -5.90 0.99 53.80
N GLU E 546 -5.06 0.15 53.17
CA GLU E 546 -3.95 0.64 52.29
C GLU E 546 -4.38 0.69 50.83
N ASN E 547 -5.63 1.05 50.61
CA ASN E 547 -6.16 1.07 49.24
C ASN E 547 -6.41 2.49 48.73
N ASP E 548 -6.30 3.50 49.59
CA ASP E 548 -6.78 4.83 49.28
C ASP E 548 -5.70 5.90 49.45
N SER E 549 -6.16 7.15 49.41
CA SER E 549 -5.31 8.35 49.46
C SER E 549 -4.44 8.41 50.71
N ALA E 550 -3.35 9.19 50.66
CA ALA E 550 -2.40 9.18 51.76
C ALA E 550 -2.57 10.40 52.67
N LYS E 551 -2.73 11.59 52.09
CA LYS E 551 -2.92 12.76 52.94
C LYS E 551 -4.31 12.76 53.58
N THR E 552 -5.26 12.09 52.95
CA THR E 552 -6.52 11.81 53.62
C THR E 552 -6.33 10.84 54.78
N ASN E 553 -5.20 10.14 54.81
CA ASN E 553 -4.88 9.20 55.89
C ASN E 553 -4.26 9.92 57.09
N GLU E 554 -3.33 10.86 56.86
CA GLU E 554 -2.63 11.49 57.97
C GLU E 554 -3.50 12.50 58.70
N GLU E 555 -4.63 12.91 58.10
CA GLU E 555 -5.55 13.76 58.84
C GLU E 555 -6.48 12.94 59.74
N ARG E 556 -7.05 11.86 59.20
CA ARG E 556 -7.83 10.95 60.04
C ARG E 556 -6.96 10.38 61.16
N GLU E 557 -5.75 9.93 60.82
CA GLU E 557 -4.82 9.44 61.83
C GLU E 557 -4.31 10.57 62.71
N GLN E 558 -4.28 11.79 62.17
CA GLN E 558 -3.90 12.96 62.97
C GLN E 558 -4.90 13.18 64.10
N THR E 559 -6.19 13.24 63.77
CA THR E 559 -7.21 13.34 64.82
C THR E 559 -7.20 12.11 65.71
N LEU E 560 -6.95 10.94 65.14
CA LEU E 560 -6.79 9.71 65.92
C LEU E 560 -5.78 9.91 67.05
N ASN E 561 -4.54 10.26 66.68
CA ASN E 561 -3.50 10.47 67.68
C ASN E 561 -3.82 11.66 68.57
N GLN E 562 -4.59 12.62 68.06
CA GLN E 562 -4.99 13.75 68.90
C GLN E 562 -5.84 13.29 70.09
N LEU E 563 -6.97 12.65 69.83
CA LEU E 563 -7.77 12.16 70.96
C LEU E 563 -7.04 11.06 71.73
N LEU E 564 -6.11 10.36 71.05
CA LEU E 564 -5.25 9.41 71.74
C LEU E 564 -4.50 10.09 72.86
N THR E 565 -3.72 11.13 72.54
CA THR E 565 -3.03 11.91 73.57
C THR E 565 -4.02 12.48 74.57
N GLU E 566 -5.14 13.00 74.08
CA GLU E 566 -6.11 13.65 74.95
C GLU E 566 -6.54 12.74 76.10
N MET E 567 -7.04 11.54 75.78
CA MET E 567 -7.59 10.70 76.84
C MET E 567 -6.53 9.83 77.49
N ASP E 568 -5.41 9.59 76.80
CA ASP E 568 -4.34 8.82 77.41
C ASP E 568 -3.64 9.63 78.50
N GLY E 569 -3.61 10.95 78.34
CA GLY E 569 -3.13 11.81 79.40
C GLY E 569 -4.15 12.11 80.47
N PHE E 570 -5.40 11.66 80.29
CA PHE E 570 -6.44 11.93 81.27
C PHE E 570 -6.24 11.10 82.52
N THR E 571 -6.92 11.49 83.59
CA THR E 571 -6.94 10.77 84.87
C THR E 571 -8.20 9.92 84.96
N PRO E 572 -8.17 8.83 85.72
CA PRO E 572 -9.39 8.02 85.86
C PRO E 572 -10.53 8.75 86.58
N ASP E 573 -10.22 9.60 87.56
CA ASP E 573 -11.27 10.19 88.37
C ASP E 573 -11.60 11.64 88.01
N THR E 574 -11.17 12.11 86.84
CA THR E 574 -11.55 13.46 86.43
C THR E 574 -13.05 13.64 86.26
N GLY E 575 -13.81 12.55 86.29
CA GLY E 575 -15.24 12.65 86.05
C GLY E 575 -15.61 12.84 84.61
N VAL E 576 -14.65 12.78 83.70
CA VAL E 576 -14.90 12.83 82.27
C VAL E 576 -15.11 11.40 81.79
N VAL E 577 -16.37 11.00 81.63
CA VAL E 577 -16.74 9.68 81.14
C VAL E 577 -16.80 9.74 79.62
N PHE E 578 -16.12 8.81 78.96
CA PHE E 578 -16.01 8.83 77.51
C PHE E 578 -17.06 7.91 76.91
N LEU E 579 -17.98 8.50 76.15
CA LEU E 579 -19.02 7.77 75.47
C LEU E 579 -18.66 7.69 73.99
N GLY E 580 -18.67 6.48 73.45
CA GLY E 580 -18.38 6.23 72.05
C GLY E 580 -19.40 5.27 71.46
N ALA E 581 -19.94 5.64 70.31
CA ALA E 581 -20.96 4.84 69.64
C ALA E 581 -20.64 4.71 68.17
N THR E 582 -20.80 3.49 67.65
CA THR E 582 -20.86 3.25 66.22
C THR E 582 -21.62 1.95 66.00
N ASN E 583 -22.19 1.82 64.81
CA ASN E 583 -23.09 0.70 64.52
C ASN E 583 -22.38 -0.44 63.81
N ARG E 584 -21.09 -0.32 63.54
CA ARG E 584 -20.29 -1.41 62.97
C ARG E 584 -18.97 -1.49 63.76
N ALA E 585 -18.82 -2.57 64.53
CA ALA E 585 -17.59 -2.80 65.26
C ALA E 585 -16.53 -3.50 64.42
N ASP E 586 -16.83 -3.80 63.15
CA ASP E 586 -15.88 -4.53 62.32
C ASP E 586 -14.78 -3.60 61.79
N LEU E 587 -15.09 -2.32 61.60
CA LEU E 587 -14.12 -1.35 61.10
C LEU E 587 -13.27 -0.74 62.20
N LEU E 588 -13.18 -1.39 63.36
CA LEU E 588 -12.49 -0.81 64.50
C LEU E 588 -10.98 -0.84 64.30
N ASP E 589 -10.30 0.21 64.75
CA ASP E 589 -8.85 0.23 64.79
C ASP E 589 -8.38 -0.29 66.15
N PRO E 590 -7.28 -1.07 66.20
CA PRO E 590 -6.87 -1.67 67.47
C PRO E 590 -6.42 -0.69 68.54
N ALA E 591 -6.21 0.57 68.17
CA ALA E 591 -5.69 1.55 69.12
C ALA E 591 -6.67 1.81 70.25
N LEU E 592 -7.94 2.07 69.93
CA LEU E 592 -8.90 2.42 70.96
C LEU E 592 -9.43 1.18 71.68
N MET E 593 -9.20 0.00 71.12
CA MET E 593 -9.57 -1.25 71.78
C MET E 593 -8.64 -1.58 72.95
N ARG E 594 -7.54 -0.83 73.10
CA ARG E 594 -6.60 -1.05 74.18
C ARG E 594 -7.28 -0.81 75.53
N PRO E 595 -6.89 -1.55 76.57
CA PRO E 595 -7.46 -1.31 77.90
C PRO E 595 -7.11 0.08 78.40
N GLY E 596 -8.03 0.66 79.16
CA GLY E 596 -7.89 2.02 79.63
C GLY E 596 -8.40 3.07 78.66
N ARG E 597 -8.65 2.70 77.40
CA ARG E 597 -9.22 3.62 76.42
C ARG E 597 -10.69 3.29 76.23
N PHE E 598 -11.01 2.01 76.13
CA PHE E 598 -12.40 1.55 76.18
C PHE E 598 -12.42 0.38 77.17
N ASP E 599 -12.57 0.69 78.45
CA ASP E 599 -12.52 -0.35 79.47
C ASP E 599 -13.70 -1.30 79.39
N ARG E 600 -14.80 -0.87 78.78
CA ARG E 600 -15.98 -1.70 78.58
C ARG E 600 -16.56 -1.47 77.19
N LYS E 601 -17.45 -2.37 76.79
CA LYS E 601 -18.13 -2.30 75.49
C LYS E 601 -19.60 -2.64 75.69
N ILE E 602 -20.48 -1.72 75.28
CA ILE E 602 -21.91 -1.89 75.44
C ILE E 602 -22.44 -2.53 74.17
N ARG E 603 -22.86 -3.79 74.26
CA ARG E 603 -23.42 -4.51 73.12
C ARG E 603 -24.90 -4.79 73.37
N MET E 604 -25.75 -4.36 72.44
CA MET E 604 -27.18 -4.60 72.54
C MET E 604 -27.74 -5.06 71.20
N PRO E 605 -28.34 -6.28 71.06
CA PRO E 605 -28.92 -6.68 69.78
C PRO E 605 -30.37 -6.26 69.57
N LYS E 606 -31.13 -7.09 68.85
CA LYS E 606 -32.55 -6.76 68.55
C LYS E 606 -33.38 -6.74 69.85
N PRO E 607 -34.46 -5.94 69.93
CA PRO E 607 -35.31 -5.93 71.12
C PRO E 607 -36.18 -7.17 71.25
N ASP E 608 -36.67 -7.44 72.46
CA ASP E 608 -37.56 -8.61 72.68
C ASP E 608 -39.00 -8.23 72.36
N THR E 609 -39.96 -9.11 72.65
CA THR E 609 -41.34 -8.71 72.42
C THR E 609 -41.65 -7.37 73.08
N GLU E 610 -41.11 -7.19 74.27
CA GLU E 610 -41.38 -5.95 75.04
C GLU E 610 -40.61 -4.81 74.40
N GLY E 611 -39.35 -5.04 74.07
CA GLY E 611 -38.60 -4.00 73.35
C GLY E 611 -39.40 -3.56 72.14
N ARG E 612 -40.07 -4.49 71.46
CA ARG E 612 -40.82 -4.16 70.22
C ARG E 612 -42.12 -3.42 70.60
N LEU E 613 -42.85 -3.91 71.59
CA LEU E 613 -44.13 -3.27 71.96
C LEU E 613 -43.85 -1.79 72.25
N GLU E 614 -42.79 -1.51 73.00
CA GLU E 614 -42.50 -0.13 73.37
C GLU E 614 -42.28 0.73 72.13
N ILE E 615 -41.53 0.23 71.15
CA ILE E 615 -41.24 1.02 69.97
C ILE E 615 -42.53 1.35 69.21
N LEU E 616 -43.40 0.36 69.03
CA LEU E 616 -44.61 0.62 68.26
C LEU E 616 -45.64 1.40 69.09
N LYS E 617 -45.49 1.37 70.42
CA LYS E 617 -46.27 2.29 71.24
C LYS E 617 -45.81 3.72 70.99
N LEU E 618 -44.50 3.92 70.89
CA LEU E 618 -43.96 5.25 70.60
C LEU E 618 -44.45 5.75 69.24
N HIS E 619 -44.12 5.03 68.17
CA HIS E 619 -44.42 5.54 66.84
C HIS E 619 -45.90 5.68 66.57
N LEU E 620 -46.75 4.98 67.33
CA LEU E 620 -48.18 5.04 67.15
C LEU E 620 -48.86 5.82 68.27
N ARG E 621 -48.07 6.51 69.09
CA ARG E 621 -48.64 7.34 70.15
C ARG E 621 -49.38 8.54 69.58
N ASN E 622 -48.76 9.24 68.63
CA ASN E 622 -49.39 10.41 68.05
C ASN E 622 -50.62 10.05 67.24
N LYS E 623 -50.54 9.00 66.43
CA LYS E 623 -51.70 8.52 65.69
C LYS E 623 -52.70 7.86 66.64
N GLN E 624 -53.80 7.38 66.06
CA GLN E 624 -54.88 6.75 66.81
C GLN E 624 -55.19 5.39 66.21
N VAL E 625 -55.61 4.46 67.05
CA VAL E 625 -55.96 3.11 66.60
C VAL E 625 -57.29 2.71 67.18
N ALA E 626 -57.97 1.80 66.49
CA ALA E 626 -59.22 1.25 66.94
C ALA E 626 -59.04 0.54 68.30
N PRO E 627 -60.14 0.22 68.98
CA PRO E 627 -60.02 -0.60 70.20
C PRO E 627 -59.65 -2.04 69.92
N ASP E 628 -60.06 -2.61 68.78
CA ASP E 628 -59.85 -4.02 68.54
C ASP E 628 -58.40 -4.35 68.18
N VAL E 629 -57.70 -3.44 67.49
CA VAL E 629 -56.35 -3.74 67.04
C VAL E 629 -55.46 -3.98 68.25
N ASP E 630 -54.96 -5.21 68.36
CA ASP E 630 -54.20 -5.65 69.53
C ASP E 630 -52.72 -5.39 69.25
N LEU E 631 -52.13 -4.49 70.02
CA LEU E 631 -50.72 -4.17 69.84
C LEU E 631 -49.82 -5.21 70.49
N LEU E 632 -50.31 -5.93 71.51
CA LEU E 632 -49.51 -6.98 72.11
C LEU E 632 -49.32 -8.14 71.15
N GLN E 633 -50.43 -8.70 70.67
CA GLN E 633 -50.36 -9.79 69.69
C GLN E 633 -49.61 -9.36 68.44
N LEU E 634 -49.76 -8.09 68.03
CA LEU E 634 -49.03 -7.61 66.86
C LEU E 634 -47.53 -7.58 67.11
N ALA E 635 -47.10 -6.96 68.21
CA ALA E 635 -45.69 -6.92 68.56
C ALA E 635 -45.12 -8.30 68.82
N ARG E 636 -45.98 -9.29 69.11
CA ARG E 636 -45.52 -10.66 69.30
C ARG E 636 -45.32 -11.41 67.99
N ASP E 637 -45.95 -10.95 66.91
CA ASP E 637 -45.92 -11.65 65.64
C ASP E 637 -44.91 -11.08 64.66
N LEU E 638 -43.94 -10.30 65.13
CA LEU E 638 -42.87 -9.79 64.28
C LEU E 638 -41.51 -9.99 64.94
N PRO E 639 -41.12 -11.24 65.20
CA PRO E 639 -39.84 -11.48 65.86
C PRO E 639 -38.69 -11.39 64.86
N GLY E 640 -37.84 -10.39 65.03
CA GLY E 640 -36.67 -10.26 64.20
C GLY E 640 -36.47 -8.89 63.58
N LEU E 641 -37.35 -7.95 63.90
CA LEU E 641 -37.25 -6.61 63.36
C LEU E 641 -36.56 -5.68 64.35
N VAL E 642 -35.98 -4.61 63.83
CA VAL E 642 -35.16 -3.68 64.61
C VAL E 642 -35.69 -2.26 64.39
N GLY E 643 -36.65 -1.86 65.22
CA GLY E 643 -36.92 -0.46 65.46
C GLY E 643 -37.54 0.31 64.30
N ALA E 644 -36.75 0.54 63.26
CA ALA E 644 -37.20 1.36 62.13
C ALA E 644 -38.08 0.60 61.15
N ASP E 645 -37.92 -0.72 61.06
CA ASP E 645 -38.83 -1.51 60.26
C ASP E 645 -40.25 -1.42 60.80
N LEU E 646 -40.38 -1.32 62.12
CA LEU E 646 -41.69 -1.07 62.71
C LEU E 646 -42.22 0.29 62.28
N ALA E 647 -41.34 1.29 62.20
CA ALA E 647 -41.77 2.61 61.74
C ALA E 647 -42.26 2.55 60.29
N ASN E 648 -41.56 1.79 59.44
CA ASN E 648 -42.01 1.60 58.07
C ASN E 648 -43.38 0.93 58.04
N ILE E 649 -43.55 -0.13 58.83
CA ILE E 649 -44.84 -0.80 58.93
C ILE E 649 -45.94 0.20 59.27
N VAL E 650 -45.69 1.03 60.30
CA VAL E 650 -46.72 1.94 60.77
C VAL E 650 -47.04 2.99 59.72
N ASN E 651 -46.02 3.56 59.08
CA ASN E 651 -46.29 4.61 58.12
C ASN E 651 -46.97 4.07 56.85
N GLU E 652 -46.65 2.83 56.46
CA GLU E 652 -47.34 2.25 55.32
C GLU E 652 -48.80 1.95 55.66
N ALA E 653 -49.06 1.42 56.85
CA ALA E 653 -50.45 1.27 57.28
C ALA E 653 -51.17 2.61 57.28
N ALA E 654 -50.47 3.67 57.68
CA ALA E 654 -51.07 4.99 57.74
C ALA E 654 -51.41 5.53 56.36
N MET E 655 -50.49 5.39 55.40
CA MET E 655 -50.80 5.86 54.05
C MET E 655 -51.88 5.01 53.40
N THR E 656 -51.92 3.70 53.70
CA THR E 656 -53.01 2.87 53.21
C THR E 656 -54.34 3.35 53.78
N ALA E 657 -54.37 3.71 55.06
CA ALA E 657 -55.62 4.12 55.68
C ALA E 657 -56.06 5.49 55.17
N VAL E 658 -55.11 6.39 54.93
CA VAL E 658 -55.50 7.71 54.44
C VAL E 658 -55.92 7.66 52.98
N ARG E 659 -55.36 6.75 52.19
CA ARG E 659 -55.93 6.52 50.87
C ARG E 659 -57.31 5.87 50.96
N SER E 660 -57.62 5.20 52.08
CA SER E 660 -58.89 4.53 52.26
C SER E 660 -60.03 5.49 52.59
N GLY E 661 -59.79 6.80 52.47
CA GLY E 661 -60.80 7.76 52.82
C GLY E 661 -61.09 7.89 54.30
N ARG E 662 -60.36 7.18 55.14
CA ARG E 662 -60.54 7.25 56.59
C ARG E 662 -59.24 7.68 57.23
N GLN E 663 -59.28 7.84 58.54
CA GLN E 663 -58.13 8.23 59.33
C GLN E 663 -57.80 7.23 60.43
N GLN E 664 -58.81 6.57 60.99
CA GLN E 664 -58.57 5.60 62.04
C GLN E 664 -57.96 4.33 61.45
N LEU E 665 -56.78 3.96 61.95
CA LEU E 665 -56.16 2.72 61.53
C LEU E 665 -57.02 1.52 61.93
N THR E 666 -57.22 0.61 60.99
CA THR E 666 -58.00 -0.59 61.20
C THR E 666 -57.05 -1.78 61.20
N ALA E 667 -57.55 -2.96 61.56
CA ALA E 667 -56.72 -4.17 61.51
C ALA E 667 -56.20 -4.43 60.11
N ARG E 668 -57.06 -4.29 59.10
CA ARG E 668 -56.64 -4.54 57.73
C ARG E 668 -55.46 -3.67 57.34
N ASP E 669 -55.36 -2.47 57.91
CA ASP E 669 -54.33 -1.54 57.47
C ASP E 669 -52.97 -1.92 58.04
N ILE E 670 -52.90 -2.19 59.34
CA ILE E 670 -51.64 -2.65 59.91
C ILE E 670 -51.26 -4.00 59.29
N TYR E 671 -52.25 -4.84 58.99
CA TYR E 671 -51.96 -6.09 58.30
C TYR E 671 -51.36 -5.84 56.93
N ALA E 672 -51.86 -4.83 56.21
CA ALA E 672 -51.30 -4.49 54.91
C ALA E 672 -49.86 -4.02 55.05
N GLY E 673 -49.56 -3.22 56.07
CA GLY E 673 -48.19 -2.78 56.27
C GLY E 673 -47.26 -3.93 56.58
N VAL E 674 -47.60 -4.74 57.57
CA VAL E 674 -46.75 -5.92 57.87
C VAL E 674 -46.47 -6.65 56.54
N ASP E 675 -47.51 -6.96 55.76
CA ASP E 675 -47.34 -7.73 54.49
C ASP E 675 -46.49 -6.99 53.45
N ARG E 676 -46.40 -5.67 53.46
CA ARG E 676 -45.61 -5.01 52.39
C ARG E 676 -44.12 -5.17 52.69
N PHE E 677 -43.79 -5.69 53.86
CA PHE E 677 -42.35 -5.79 54.24
C PHE E 677 -42.04 -7.22 54.58
N THR E 678 -42.93 -7.87 55.33
CA THR E 678 -42.73 -9.30 55.64
C THR E 678 -42.77 -10.10 54.35
N GLN E 679 -43.78 -9.89 53.51
CA GLN E 679 -43.91 -10.69 52.27
C GLN E 679 -43.26 -9.94 51.12
N GLY E 680 -43.95 -8.94 50.57
CA GLY E 680 -43.43 -8.19 49.46
C GLY E 680 -44.53 -7.37 48.82
N GLU E 681 -44.18 -6.74 47.71
CA GLU E 681 -45.10 -5.86 47.01
C GLU E 681 -46.26 -6.66 46.41
N VAL E 682 -47.38 -5.98 46.21
CA VAL E 682 -48.54 -6.64 45.63
C VAL E 682 -48.30 -6.92 44.16
N ARG E 683 -49.02 -7.90 43.63
CA ARG E 683 -48.85 -8.37 42.26
C ARG E 683 -50.22 -8.66 41.67
N PRO E 684 -50.32 -8.73 40.33
CA PRO E 684 -51.62 -8.94 39.70
C PRO E 684 -52.28 -10.23 40.15
N SER E 685 -53.61 -10.17 40.28
CA SER E 685 -54.37 -11.26 40.88
C SER E 685 -54.31 -12.51 40.01
N LEU E 686 -54.95 -13.56 40.52
CA LEU E 686 -54.97 -14.83 39.81
C LEU E 686 -56.01 -14.80 38.70
N PRO E 687 -55.71 -15.35 37.54
CA PRO E 687 -56.70 -15.40 36.46
C PRO E 687 -57.95 -16.15 36.88
N THR E 688 -59.10 -15.69 36.38
CA THR E 688 -60.38 -16.30 36.66
C THR E 688 -61.05 -16.88 35.42
N ALA E 689 -60.30 -17.05 34.33
CA ALA E 689 -60.87 -17.63 33.13
C ALA E 689 -61.17 -19.11 33.29
N HIS E 690 -60.34 -19.84 34.03
CA HIS E 690 -60.55 -21.25 34.32
C HIS E 690 -60.74 -21.45 35.81
N LYS E 691 -61.47 -22.49 36.17
CA LYS E 691 -61.73 -22.75 37.58
C LYS E 691 -60.50 -23.27 38.30
N LEU E 692 -59.56 -23.88 37.58
CA LEU E 692 -58.48 -24.63 38.23
C LEU E 692 -57.64 -23.81 39.20
N PRO E 693 -57.04 -22.67 38.80
CA PRO E 693 -56.06 -22.02 39.70
C PRO E 693 -56.61 -21.62 41.06
N VAL E 694 -57.68 -20.83 41.07
CA VAL E 694 -58.19 -20.35 42.34
C VAL E 694 -58.78 -21.49 43.14
N LEU E 695 -59.39 -22.46 42.48
CA LEU E 695 -59.92 -23.61 43.22
C LEU E 695 -58.82 -24.33 43.96
N CYS E 696 -57.70 -24.57 43.29
CA CYS E 696 -56.60 -25.30 43.91
C CYS E 696 -56.00 -24.52 45.07
N PHE E 697 -55.67 -23.25 44.84
CA PHE E 697 -55.01 -22.50 45.90
C PHE E 697 -55.95 -22.26 47.09
N ALA E 698 -57.21 -21.96 46.82
CA ALA E 698 -58.15 -21.75 47.92
C ALA E 698 -58.39 -23.04 48.68
N ALA E 699 -58.38 -24.19 48.00
CA ALA E 699 -58.55 -25.44 48.71
C ALA E 699 -57.34 -25.74 49.58
N LYS E 700 -56.14 -25.38 49.12
CA LYS E 700 -54.97 -25.47 49.96
C LYS E 700 -55.15 -24.69 51.26
N GLU E 701 -55.52 -23.42 51.12
CA GLU E 701 -55.65 -22.56 52.30
C GLU E 701 -56.73 -23.06 53.24
N ILE E 702 -57.90 -23.43 52.71
CA ILE E 702 -59.00 -23.79 53.58
C ILE E 702 -58.76 -25.16 54.21
N GLY E 703 -57.98 -26.02 53.55
CA GLY E 703 -57.62 -27.28 54.17
C GLY E 703 -56.68 -27.10 55.35
N ILE E 704 -55.64 -26.29 55.18
CA ILE E 704 -54.76 -25.98 56.30
C ILE E 704 -55.56 -25.39 57.46
N ALA E 705 -56.41 -24.39 57.17
CA ALA E 705 -57.16 -23.72 58.22
C ALA E 705 -58.15 -24.66 58.92
N LEU E 706 -58.88 -25.45 58.16
CA LEU E 706 -59.88 -26.33 58.74
C LEU E 706 -59.23 -27.41 59.59
N VAL E 707 -58.12 -27.99 59.12
CA VAL E 707 -57.46 -29.03 59.88
C VAL E 707 -56.85 -28.45 61.15
N ALA E 708 -56.27 -27.25 61.07
CA ALA E 708 -55.75 -26.62 62.27
C ALA E 708 -56.86 -26.40 63.29
N GLY E 709 -57.99 -25.86 62.85
CA GLY E 709 -59.09 -25.65 63.76
C GLY E 709 -59.60 -26.93 64.39
N GLU E 710 -59.59 -28.03 63.64
CA GLU E 710 -60.07 -29.27 64.21
C GLU E 710 -59.07 -29.88 65.18
N LEU E 711 -57.78 -29.74 64.91
CA LEU E 711 -56.77 -30.24 65.83
C LEU E 711 -56.78 -29.46 67.13
N ARG E 712 -56.79 -28.13 67.05
CA ARG E 712 -56.75 -27.29 68.24
C ARG E 712 -57.92 -27.58 69.18
N ASP E 713 -59.05 -28.02 68.65
CA ASP E 713 -60.21 -28.34 69.47
C ASP E 713 -60.17 -29.77 69.97
N ARG E 714 -59.03 -30.41 69.94
CA ARG E 714 -58.92 -31.78 70.43
C ARG E 714 -57.80 -31.97 71.43
N TYR E 715 -56.68 -31.27 71.25
CA TYR E 715 -55.53 -31.43 72.11
C TYR E 715 -55.15 -30.09 72.73
N GLY E 716 -55.24 -29.03 71.95
CA GLY E 716 -55.00 -27.70 72.44
C GLY E 716 -53.65 -27.11 72.15
N ARG E 717 -52.76 -27.85 71.49
CA ARG E 717 -51.42 -27.34 71.28
C ARG E 717 -51.29 -26.47 70.05
N VAL E 718 -52.20 -26.61 69.09
CA VAL E 718 -52.07 -25.88 67.84
C VAL E 718 -52.42 -24.42 68.07
N GLU E 719 -51.83 -23.54 67.27
CA GLU E 719 -52.10 -22.12 67.41
C GLU E 719 -53.48 -21.78 66.87
N LEU E 720 -53.78 -20.49 66.82
CA LEU E 720 -55.00 -20.00 66.20
C LEU E 720 -54.69 -19.46 64.83
N VAL E 721 -55.53 -19.79 63.85
CA VAL E 721 -55.35 -19.26 62.50
C VAL E 721 -55.89 -17.84 62.47
N GLU E 722 -55.18 -16.97 61.77
CA GLU E 722 -55.36 -15.54 61.86
C GLU E 722 -55.85 -14.91 60.56
N ARG E 723 -55.30 -15.33 59.44
CA ARG E 723 -55.52 -14.63 58.18
C ARG E 723 -55.33 -15.60 57.03
N VAL E 724 -56.24 -15.59 56.07
CA VAL E 724 -56.20 -16.48 54.92
C VAL E 724 -56.38 -15.65 53.66
N SER E 725 -55.43 -15.75 52.74
CA SER E 725 -55.47 -14.87 51.58
C SER E 725 -54.88 -15.56 50.37
N ILE E 726 -55.50 -15.33 49.21
CA ILE E 726 -55.03 -15.88 47.95
C ILE E 726 -54.62 -14.76 47.01
N GLN E 727 -54.16 -13.65 47.57
CA GLN E 727 -53.71 -12.53 46.76
C GLN E 727 -52.21 -12.65 46.54
N PRO E 728 -51.73 -12.82 45.30
CA PRO E 728 -50.29 -12.89 45.07
C PRO E 728 -49.57 -11.69 45.65
N LYS E 729 -48.47 -11.95 46.32
CA LYS E 729 -47.77 -10.92 47.06
C LYS E 729 -46.33 -11.36 47.24
N GLY E 730 -45.44 -10.81 46.45
CA GLY E 730 -44.02 -11.12 46.60
C GLY E 730 -43.62 -12.28 45.70
N ARG E 731 -43.55 -13.48 46.27
CA ARG E 731 -43.22 -14.67 45.51
C ARG E 731 -44.18 -15.83 45.78
N ALA E 732 -45.13 -15.66 46.69
CA ALA E 732 -46.14 -16.68 46.96
C ALA E 732 -47.46 -16.29 46.31
N TYR E 733 -48.42 -17.23 46.35
CA TYR E 733 -49.76 -16.98 45.83
C TYR E 733 -50.83 -17.10 46.89
N SER E 734 -50.54 -17.70 48.03
CA SER E 734 -51.52 -17.88 49.08
C SER E 734 -50.79 -17.93 50.41
N ARG E 735 -51.54 -17.74 51.48
CA ARG E 735 -50.96 -17.64 52.81
C ARG E 735 -52.01 -18.02 53.83
N THR E 736 -51.63 -18.90 54.75
CA THR E 736 -52.40 -19.13 55.97
C THR E 736 -51.52 -18.75 57.13
N MET E 737 -51.88 -17.68 57.82
CA MET E 737 -51.07 -17.15 58.91
C MET E 737 -51.62 -17.60 60.25
N PHE E 738 -50.73 -17.72 61.23
CA PHE E 738 -51.07 -18.19 62.55
C PHE E 738 -50.66 -17.16 63.58
N GLN E 739 -51.29 -17.23 64.76
CA GLN E 739 -50.92 -16.39 65.88
C GLN E 739 -49.78 -17.04 66.65
N ARG E 740 -48.64 -16.38 66.69
CA ARG E 740 -47.50 -16.89 67.43
C ARG E 740 -47.71 -16.76 68.92
N GLY E 741 -47.11 -17.66 69.69
CA GLY E 741 -47.23 -17.68 71.13
C GLY E 741 -46.00 -17.12 71.82
N THR E 742 -46.02 -17.21 73.15
CA THR E 742 -44.90 -16.74 73.95
C THR E 742 -43.69 -17.63 73.72
N ASP E 743 -42.51 -17.04 73.84
CA ASP E 743 -41.29 -17.77 73.51
C ASP E 743 -41.05 -18.92 74.48
N GLU E 744 -41.64 -18.86 75.67
CA GLU E 744 -41.60 -20.00 76.57
C GLU E 744 -42.13 -21.25 75.90
N GLU E 745 -43.07 -21.09 74.96
CA GLU E 745 -43.65 -22.25 74.29
C GLU E 745 -42.73 -22.83 73.23
N TYR E 746 -41.70 -22.10 72.82
CA TYR E 746 -40.83 -22.52 71.74
C TYR E 746 -39.44 -22.92 72.20
N GLN E 747 -39.25 -23.12 73.51
CA GLN E 747 -37.98 -23.63 74.00
C GLN E 747 -37.92 -25.14 73.94
N LEU E 748 -39.07 -25.80 73.89
CA LEU E 748 -39.18 -27.24 73.88
C LEU E 748 -39.81 -27.70 72.58
N MET E 749 -39.81 -29.01 72.38
CA MET E 749 -40.58 -29.61 71.29
C MET E 749 -41.01 -30.98 71.76
N THR E 750 -42.18 -31.08 72.33
CA THR E 750 -42.67 -32.34 72.85
C THR E 750 -43.09 -33.24 71.71
N ARG E 751 -43.60 -34.41 72.07
CA ARG E 751 -43.96 -35.40 71.07
C ARG E 751 -45.21 -35.00 70.31
N GLY E 752 -46.30 -34.75 71.04
CA GLY E 752 -47.55 -34.39 70.40
C GLY E 752 -47.45 -33.15 69.54
N ARG E 753 -46.65 -32.18 69.97
CA ARG E 753 -46.50 -30.96 69.20
C ARG E 753 -45.86 -31.23 67.85
N LEU E 754 -44.94 -32.19 67.79
CA LEU E 754 -44.32 -32.52 66.51
C LEU E 754 -45.26 -33.36 65.65
N LEU E 755 -46.05 -34.22 66.27
CA LEU E 755 -47.10 -34.89 65.50
C LEU E 755 -48.03 -33.88 64.84
N ASP E 756 -48.42 -32.84 65.57
CA ASP E 756 -49.31 -31.84 65.00
C ASP E 756 -48.63 -31.07 63.87
N ARG E 757 -47.36 -30.73 64.03
CA ARG E 757 -46.63 -30.09 62.94
C ARG E 757 -46.66 -30.95 61.68
N ILE E 758 -46.47 -32.26 61.83
CA ILE E 758 -46.47 -33.15 60.67
C ILE E 758 -47.83 -33.16 59.99
N ARG E 759 -48.89 -33.30 60.78
CA ARG E 759 -50.24 -33.32 60.22
C ARG E 759 -50.57 -32.02 59.50
N LEU E 760 -50.15 -30.89 60.05
CA LEU E 760 -50.42 -29.61 59.39
C LEU E 760 -49.61 -29.46 58.12
N ALA E 761 -48.46 -30.11 58.04
CA ALA E 761 -47.69 -30.06 56.79
C ALA E 761 -48.38 -30.88 55.71
N LEU E 762 -49.03 -31.97 56.08
CA LEU E 762 -49.69 -32.82 55.09
C LEU E 762 -51.06 -32.31 54.65
N ALA E 763 -51.73 -31.54 55.51
CA ALA E 763 -53.15 -31.22 55.32
C ALA E 763 -53.40 -30.49 54.01
N GLY E 764 -52.51 -29.61 53.58
CA GLY E 764 -52.80 -28.77 52.43
C GLY E 764 -52.92 -29.57 51.14
N GLY E 765 -51.89 -30.36 50.83
CA GLY E 765 -51.97 -31.22 49.67
C GLY E 765 -53.12 -32.20 49.74
N PHE E 766 -53.38 -32.76 50.92
CA PHE E 766 -54.47 -33.72 50.96
C PHE E 766 -55.82 -33.03 50.78
N ALA E 767 -55.92 -31.76 51.13
CA ALA E 767 -57.16 -31.02 50.90
C ALA E 767 -57.36 -30.73 49.43
N VAL E 768 -56.31 -30.32 48.73
CA VAL E 768 -56.46 -30.12 47.29
C VAL E 768 -56.89 -31.42 46.61
N ARG E 769 -56.30 -32.54 47.03
CA ARG E 769 -56.65 -33.80 46.40
C ARG E 769 -58.08 -34.21 46.73
N THR E 770 -58.56 -33.92 47.92
CA THR E 770 -59.92 -34.31 48.26
C THR E 770 -60.95 -33.35 47.69
N ALA E 771 -60.54 -32.16 47.25
CA ALA E 771 -61.46 -31.28 46.56
C ALA E 771 -61.54 -31.60 45.08
N LEU E 772 -60.39 -31.66 44.40
CA LEU E 772 -60.34 -31.97 42.98
C LEU E 772 -60.66 -33.41 42.65
N GLY E 773 -60.33 -34.35 43.53
CA GLY E 773 -60.48 -35.74 43.19
C GLY E 773 -59.33 -36.32 42.42
N GLU E 774 -58.20 -35.63 42.38
CA GLU E 774 -57.07 -36.06 41.56
C GLU E 774 -55.78 -35.50 42.15
N GLU E 775 -54.71 -36.28 42.05
CA GLU E 775 -53.43 -35.87 42.59
C GLU E 775 -52.88 -34.64 41.87
N THR E 776 -51.89 -34.01 42.49
CA THR E 776 -51.26 -32.81 41.98
C THR E 776 -49.80 -32.82 42.39
N ASN E 777 -49.07 -31.78 42.00
CA ASN E 777 -47.73 -31.59 42.52
C ASN E 777 -47.72 -30.85 43.84
N PHE E 778 -48.90 -30.48 44.35
CA PHE E 778 -48.97 -29.83 45.65
C PHE E 778 -48.50 -30.76 46.75
N THR E 779 -48.95 -32.01 46.73
CA THR E 779 -48.39 -33.04 47.59
C THR E 779 -46.87 -33.04 47.55
N ALA E 780 -46.29 -32.78 46.38
CA ALA E 780 -44.84 -32.82 46.26
C ALA E 780 -44.15 -31.90 47.25
N ALA E 781 -44.77 -30.77 47.57
CA ALA E 781 -44.14 -29.84 48.50
C ALA E 781 -44.45 -30.18 49.95
N ASP E 782 -45.54 -30.88 50.19
CA ASP E 782 -45.90 -31.25 51.56
C ASP E 782 -44.95 -32.32 52.08
N ILE E 783 -44.96 -33.48 51.44
CA ILE E 783 -44.32 -34.66 52.03
C ILE E 783 -42.84 -34.41 52.26
N LYS E 784 -42.20 -33.65 51.38
CA LYS E 784 -40.81 -33.29 51.59
C LYS E 784 -40.62 -32.76 53.01
N ARG E 785 -41.29 -31.66 53.34
CA ARG E 785 -41.24 -31.12 54.69
C ARG E 785 -41.51 -32.19 55.72
N ALA E 786 -42.64 -32.90 55.57
CA ALA E 786 -43.02 -33.87 56.57
C ALA E 786 -41.94 -34.91 56.75
N THR E 787 -41.32 -35.33 55.65
CA THR E 787 -40.34 -36.39 55.76
C THR E 787 -39.20 -35.97 56.67
N ARG E 788 -38.70 -34.74 56.49
CA ARG E 788 -37.67 -34.25 57.38
C ARG E 788 -38.09 -34.40 58.82
N MET E 789 -39.26 -33.85 59.16
CA MET E 789 -39.73 -33.92 60.52
C MET E 789 -39.86 -35.35 60.98
N ALA E 790 -40.39 -36.22 60.12
CA ALA E 790 -40.61 -37.60 60.55
C ALA E 790 -39.29 -38.26 60.89
N LYS E 791 -38.24 -37.98 60.13
CA LYS E 791 -36.96 -38.56 60.48
C LYS E 791 -36.49 -38.03 61.81
N LYS E 792 -36.62 -36.73 62.02
CA LYS E 792 -36.23 -36.13 63.29
C LYS E 792 -37.07 -36.69 64.42
N TYR E 793 -38.25 -37.21 64.11
CA TYR E 793 -39.07 -37.85 65.12
C TYR E 793 -38.48 -39.19 65.53
N VAL E 794 -37.98 -39.94 64.56
CA VAL E 794 -37.58 -41.32 64.77
C VAL E 794 -36.16 -41.43 65.29
N PHE E 795 -35.24 -40.64 64.73
CA PHE E 795 -33.81 -40.79 65.01
C PHE E 795 -33.36 -39.87 66.13
N TYR E 796 -33.48 -38.56 65.95
CA TYR E 796 -32.79 -37.64 66.85
C TYR E 796 -33.50 -37.50 68.19
N TYR E 797 -34.81 -37.35 68.20
CA TYR E 797 -35.52 -37.09 69.45
C TYR E 797 -35.96 -38.35 70.16
N GLY E 798 -36.12 -39.46 69.46
CA GLY E 798 -36.38 -40.70 70.13
C GLY E 798 -37.80 -40.89 70.59
N PHE E 799 -38.79 -40.55 69.77
CA PHE E 799 -40.19 -40.62 70.16
C PHE E 799 -40.85 -41.92 69.76
N SER E 800 -40.31 -42.63 68.79
CA SER E 800 -40.98 -43.75 68.19
C SER E 800 -40.87 -44.98 69.08
N GLU E 801 -41.13 -46.15 68.51
CA GLU E 801 -40.89 -47.42 69.18
C GLU E 801 -39.91 -48.30 68.40
N ALA E 802 -38.80 -47.72 67.94
CA ALA E 802 -37.86 -48.42 67.08
C ALA E 802 -36.81 -49.13 67.93
N GLY E 803 -37.13 -50.33 68.38
CA GLY E 803 -36.22 -51.15 69.16
C GLY E 803 -36.85 -51.76 70.39
N GLY E 804 -38.05 -51.30 70.76
CA GLY E 804 -38.76 -51.74 71.93
C GLY E 804 -39.08 -50.56 72.80
N ALA E 805 -38.11 -49.68 72.95
CA ALA E 805 -38.33 -48.28 73.23
C ALA E 805 -37.94 -47.53 71.97
N GLY E 806 -37.89 -46.23 72.02
CA GLY E 806 -37.57 -45.54 70.79
C GLY E 806 -36.13 -45.15 70.63
N ILE E 807 -35.20 -45.89 71.21
CA ILE E 807 -33.79 -45.53 71.18
C ILE E 807 -33.12 -46.26 70.04
N THR E 808 -32.40 -45.51 69.22
CA THR E 808 -31.90 -45.94 67.93
C THR E 808 -30.38 -45.83 67.94
N THR E 809 -29.71 -46.72 67.22
CA THR E 809 -28.26 -46.79 67.30
C THR E 809 -27.55 -45.74 66.47
N TRP E 810 -28.25 -44.76 65.90
CA TRP E 810 -27.62 -43.79 65.03
C TRP E 810 -28.53 -42.59 64.89
N ALA E 811 -27.95 -41.40 64.98
CA ALA E 811 -28.72 -40.20 64.74
C ALA E 811 -27.83 -39.18 64.08
N ASN E 812 -28.45 -38.21 63.43
CA ASN E 812 -27.73 -37.16 62.72
C ASN E 812 -28.07 -35.83 63.38
N GLN E 813 -27.18 -35.35 64.19
CA GLN E 813 -27.27 -34.09 64.90
C GLN E 813 -26.90 -32.94 63.96
N PRO E 814 -27.52 -31.77 64.09
CA PRO E 814 -27.20 -30.67 63.19
C PRO E 814 -25.88 -29.99 63.55
N TYR E 815 -25.28 -29.37 62.55
CA TYR E 815 -24.15 -28.49 62.76
C TYR E 815 -24.64 -27.07 62.91
N SER E 816 -23.86 -26.17 63.47
CA SER E 816 -24.27 -24.76 63.56
C SER E 816 -24.17 -24.11 62.19
N GLY E 817 -24.90 -23.03 61.95
CA GLY E 817 -24.86 -22.33 60.66
C GLY E 817 -23.55 -21.58 60.53
N ASP E 818 -22.78 -21.51 61.60
CA ASP E 818 -21.52 -20.75 61.59
C ASP E 818 -20.53 -21.39 60.62
N PHE E 819 -20.77 -22.64 60.25
CA PHE E 819 -19.84 -23.37 59.37
C PHE E 819 -20.18 -22.99 57.96
N VAL E 820 -21.42 -22.62 57.67
CA VAL E 820 -21.68 -22.33 56.27
C VAL E 820 -21.11 -20.97 55.88
N ILE E 821 -20.73 -20.84 54.62
CA ILE E 821 -20.29 -19.55 54.08
C ILE E 821 -21.56 -18.72 53.89
N GLY E 822 -21.90 -17.91 54.90
CA GLY E 822 -23.25 -17.42 55.04
C GLY E 822 -23.47 -16.00 54.59
N GLN E 823 -24.75 -15.64 54.55
CA GLN E 823 -25.19 -14.30 54.18
C GLN E 823 -26.23 -13.81 55.19
N GLN E 824 -26.75 -12.60 55.01
CA GLN E 824 -27.72 -12.06 55.94
C GLN E 824 -28.84 -11.37 55.18
N ARG E 825 -30.08 -11.65 55.58
CA ARG E 825 -31.27 -11.08 54.99
C ARG E 825 -32.00 -10.19 55.99
N ALA E 826 -32.86 -9.32 55.48
CA ALA E 826 -33.65 -8.41 56.29
C ALA E 826 -35.04 -8.95 56.60
N ARG E 827 -35.19 -10.27 56.72
CA ARG E 827 -36.50 -10.85 56.86
C ARG E 827 -36.86 -11.08 58.32
N LYS E 828 -38.11 -11.51 58.53
CA LYS E 828 -38.62 -11.90 59.84
C LYS E 828 -38.39 -13.40 60.04
N VAL E 829 -38.47 -13.85 61.27
CA VAL E 829 -38.21 -15.25 61.61
C VAL E 829 -39.39 -16.10 61.17
N VAL E 830 -39.08 -17.21 60.49
CA VAL E 830 -40.12 -18.09 59.98
C VAL E 830 -40.99 -18.61 61.11
N SER E 831 -42.28 -18.83 60.80
CA SER E 831 -43.25 -19.18 61.83
C SER E 831 -42.91 -20.50 62.50
N THR E 832 -42.92 -21.58 61.72
CA THR E 832 -42.70 -22.92 62.27
C THR E 832 -41.31 -23.44 61.97
N ASP E 833 -40.88 -23.40 60.71
CA ASP E 833 -39.70 -24.15 60.30
C ASP E 833 -38.43 -23.63 60.97
N ALA E 834 -38.38 -22.34 61.28
CA ALA E 834 -37.19 -21.80 61.94
C ALA E 834 -37.40 -21.48 63.41
N MET E 835 -38.65 -21.46 63.87
CA MET E 835 -38.88 -21.29 65.30
C MET E 835 -38.93 -22.63 66.03
N ASP E 836 -39.02 -23.74 65.31
CA ASP E 836 -38.90 -25.04 65.94
C ASP E 836 -37.44 -25.48 66.05
N ALA E 837 -36.55 -24.83 65.30
CA ALA E 837 -35.13 -25.04 65.44
C ALA E 837 -34.54 -24.28 66.61
N PHE E 838 -35.37 -23.79 67.52
CA PHE E 838 -34.89 -23.25 68.78
C PHE E 838 -34.65 -24.33 69.81
N ALA E 839 -35.03 -25.56 69.51
CA ALA E 839 -34.97 -26.66 70.47
C ALA E 839 -33.87 -27.66 70.16
N ASP E 840 -32.93 -27.30 69.28
CA ASP E 840 -32.02 -28.28 68.72
C ASP E 840 -30.68 -28.40 69.42
N TRP E 841 -30.02 -27.29 69.74
CA TRP E 841 -28.66 -27.32 70.27
C TRP E 841 -27.71 -27.99 69.31
N PRO E 842 -27.33 -27.33 68.23
CA PRO E 842 -26.39 -27.93 67.28
C PRO E 842 -25.01 -28.15 67.87
N THR E 843 -24.10 -28.68 67.06
CA THR E 843 -22.73 -28.87 67.48
C THR E 843 -21.88 -27.70 67.00
N VAL E 844 -21.03 -27.18 67.89
CA VAL E 844 -20.23 -26.00 67.58
C VAL E 844 -18.74 -26.27 67.59
N SER E 845 -18.26 -27.29 68.29
CA SER E 845 -16.83 -27.60 68.34
C SER E 845 -16.58 -28.91 67.62
N GLU E 846 -15.54 -28.93 66.78
CA GLU E 846 -15.35 -30.01 65.82
C GLU E 846 -14.71 -31.25 66.44
N ASP E 847 -13.90 -31.11 67.48
CA ASP E 847 -13.26 -32.29 68.03
C ASP E 847 -14.04 -32.93 69.15
N PHE E 848 -15.33 -32.62 69.26
CA PHE E 848 -16.21 -33.28 70.21
C PHE E 848 -17.50 -33.75 69.54
N ARG E 849 -17.46 -33.99 68.24
CA ARG E 849 -18.64 -34.39 67.50
C ARG E 849 -18.74 -35.91 67.49
N PHE E 850 -19.95 -36.43 67.70
CA PHE E 850 -20.19 -37.86 67.72
C PHE E 850 -21.08 -38.27 66.56
N ASP E 851 -20.57 -39.16 65.73
CA ASP E 851 -21.34 -39.84 64.71
C ASP E 851 -21.12 -41.33 64.90
N ALA E 852 -22.17 -42.05 65.23
CA ALA E 852 -22.03 -43.47 65.40
C ALA E 852 -21.79 -44.13 64.06
N PRO E 853 -21.35 -45.39 64.03
CA PRO E 853 -21.27 -46.10 62.77
C PRO E 853 -22.61 -46.15 62.05
N SER E 854 -22.57 -45.97 60.74
CA SER E 854 -23.77 -45.99 59.93
C SER E 854 -24.40 -47.38 59.98
N PRO E 855 -25.72 -47.47 59.81
CA PRO E 855 -26.38 -48.77 59.88
C PRO E 855 -26.06 -49.63 58.66
N SER E 856 -26.65 -50.82 58.63
CA SER E 856 -26.12 -51.93 57.87
C SER E 856 -27.00 -52.35 56.69
N ASP E 857 -27.96 -51.53 56.32
CA ASP E 857 -28.89 -51.77 55.21
C ASP E 857 -29.85 -52.93 55.46
N VAL E 858 -29.68 -53.65 56.56
CA VAL E 858 -30.73 -54.47 57.13
C VAL E 858 -31.31 -53.83 58.38
N THR E 859 -30.55 -52.92 58.96
CA THR E 859 -31.04 -52.12 60.07
C THR E 859 -31.66 -50.83 59.55
N TRP E 860 -31.06 -50.26 58.51
CA TRP E 860 -31.65 -49.12 57.84
C TRP E 860 -33.04 -49.44 57.30
N HIS E 861 -33.24 -50.67 56.84
CA HIS E 861 -34.56 -51.10 56.41
C HIS E 861 -35.59 -50.89 57.49
N ARG E 862 -35.31 -51.36 58.70
CA ARG E 862 -36.28 -51.32 59.78
C ARG E 862 -36.46 -49.90 60.29
N TYR E 863 -35.40 -49.11 60.32
CA TYR E 863 -35.53 -47.73 60.78
C TYR E 863 -36.38 -46.90 59.82
N THR E 864 -36.12 -47.01 58.52
CA THR E 864 -36.93 -46.27 57.57
C THR E 864 -38.35 -46.82 57.49
N ASP E 865 -38.54 -48.09 57.84
CA ASP E 865 -39.90 -48.58 57.95
C ASP E 865 -40.64 -47.93 59.11
N GLU E 866 -39.94 -47.60 60.18
CA GLU E 866 -40.59 -46.84 61.26
C GLU E 866 -40.96 -45.43 60.80
N VAL E 867 -40.08 -44.78 60.05
CA VAL E 867 -40.44 -43.49 59.46
C VAL E 867 -41.72 -43.62 58.63
N ARG E 868 -41.82 -44.69 57.84
CA ARG E 868 -43.01 -44.90 57.01
C ARG E 868 -44.25 -45.09 57.86
N ARG E 869 -44.13 -45.82 58.96
CA ARG E 869 -45.29 -46.04 59.81
C ARG E 869 -45.81 -44.72 60.38
N VAL E 870 -44.89 -43.85 60.80
CA VAL E 870 -45.29 -42.55 61.32
C VAL E 870 -46.04 -41.76 60.26
N LEU E 871 -45.45 -41.63 59.07
CA LEU E 871 -46.08 -40.86 58.01
C LEU E 871 -47.44 -41.41 57.64
N LYS E 872 -47.58 -42.73 57.55
CA LYS E 872 -48.86 -43.28 57.13
C LYS E 872 -49.93 -43.05 58.18
N GLY E 873 -49.60 -43.22 59.46
CA GLY E 873 -50.59 -42.93 60.49
C GLY E 873 -51.08 -41.49 60.43
N CYS E 874 -50.16 -40.56 60.24
CA CYS E 874 -50.57 -39.16 60.20
C CYS E 874 -51.39 -38.85 58.95
N SER E 875 -51.03 -39.43 57.81
CA SER E 875 -51.78 -39.20 56.59
C SER E 875 -53.19 -39.73 56.70
N GLU E 876 -53.35 -40.92 57.28
CA GLU E 876 -54.69 -41.46 57.44
C GLU E 876 -55.51 -40.60 58.37
N ASP E 877 -54.90 -40.09 59.44
CA ASP E 877 -55.63 -39.22 60.36
C ASP E 877 -56.13 -37.95 59.66
N VAL E 878 -55.25 -37.30 58.90
CA VAL E 878 -55.67 -36.07 58.22
C VAL E 878 -56.76 -36.36 57.20
N LEU E 879 -56.56 -37.38 56.36
CA LEU E 879 -57.56 -37.69 55.34
C LEU E 879 -58.89 -38.11 55.97
N GLY E 880 -58.86 -38.63 57.20
CA GLY E 880 -60.12 -38.91 57.86
C GLY E 880 -60.78 -37.66 58.40
N ILE E 881 -59.98 -36.65 58.73
CA ILE E 881 -60.58 -35.37 59.14
C ILE E 881 -61.23 -34.68 57.96
N LEU E 882 -60.53 -34.62 56.83
CA LEU E 882 -61.01 -33.84 55.70
C LEU E 882 -62.22 -34.49 55.03
N ALA E 883 -62.32 -35.81 55.06
CA ALA E 883 -63.46 -36.44 54.42
C ALA E 883 -64.58 -36.66 55.42
N GLU E 884 -64.87 -35.67 56.22
CA GLU E 884 -66.08 -35.50 57.00
C GLU E 884 -66.64 -34.11 56.85
N ARG E 885 -65.77 -33.11 56.77
CA ARG E 885 -66.15 -31.72 56.60
C ARG E 885 -65.97 -31.29 55.15
N GLN E 886 -66.76 -31.90 54.26
CA GLN E 886 -66.71 -31.47 52.87
C GLN E 886 -67.58 -30.23 52.65
N GLU E 887 -68.74 -30.19 53.30
CA GLU E 887 -69.60 -29.02 53.19
C GLU E 887 -68.91 -27.78 53.73
N ALA E 888 -68.24 -27.90 54.88
CA ALA E 888 -67.55 -26.75 55.45
C ALA E 888 -66.41 -26.30 54.56
N MET E 889 -65.70 -27.24 53.95
CA MET E 889 -64.59 -26.87 53.08
C MET E 889 -65.10 -26.18 51.82
N TRP E 890 -66.25 -26.59 51.31
CA TRP E 890 -66.77 -25.94 50.11
C TRP E 890 -67.35 -24.57 50.44
N ALA E 891 -67.99 -24.44 51.59
CA ALA E 891 -68.40 -23.11 52.04
C ALA E 891 -67.20 -22.17 52.16
N GLY E 892 -66.10 -22.66 52.71
CA GLY E 892 -64.92 -21.82 52.84
C GLY E 892 -64.32 -21.44 51.51
N ILE E 893 -64.26 -22.38 50.58
CA ILE E 893 -63.70 -22.08 49.26
C ILE E 893 -64.57 -21.07 48.53
N LYS E 894 -65.90 -21.26 48.59
CA LYS E 894 -66.81 -20.31 47.96
C LYS E 894 -66.66 -18.92 48.56
N ALA E 895 -66.54 -18.83 49.89
CA ALA E 895 -66.37 -17.52 50.51
C ALA E 895 -65.05 -16.89 50.12
N LEU E 896 -63.96 -17.65 50.13
CA LEU E 896 -62.65 -17.10 49.87
C LEU E 896 -62.46 -16.72 48.41
N SER E 897 -63.18 -17.37 47.49
CA SER E 897 -63.05 -17.03 46.08
C SER E 897 -63.55 -15.62 45.78
N ASP E 898 -64.53 -15.14 46.54
CA ASP E 898 -65.12 -13.83 46.30
C ASP E 898 -64.22 -12.70 46.79
N ARG E 899 -63.85 -12.74 48.07
CA ARG E 899 -63.17 -11.63 48.71
C ARG E 899 -61.66 -11.76 48.70
N LYS E 900 -61.12 -12.94 48.37
CA LYS E 900 -59.69 -13.19 48.28
C LYS E 900 -58.97 -12.92 49.59
N GLU E 901 -59.68 -12.93 50.71
CA GLU E 901 -59.11 -12.58 51.99
C GLU E 901 -60.13 -12.88 53.08
N LEU E 902 -59.66 -13.37 54.22
CA LEU E 902 -60.52 -13.70 55.33
C LEU E 902 -59.73 -13.60 56.63
N LEU E 903 -60.44 -13.33 57.71
CA LEU E 903 -59.86 -13.36 59.05
C LEU E 903 -60.35 -14.59 59.80
N GLY E 904 -59.54 -15.03 60.75
CA GLY E 904 -59.79 -16.33 61.38
C GLY E 904 -61.16 -16.43 62.04
N SER E 905 -61.74 -15.29 62.40
CA SER E 905 -63.04 -15.32 63.07
C SER E 905 -64.17 -15.59 62.08
N GLU E 906 -64.14 -14.92 60.93
CA GLU E 906 -65.10 -15.23 59.86
C GLU E 906 -64.95 -16.68 59.41
N LEU E 907 -63.71 -17.14 59.26
CA LEU E 907 -63.52 -18.54 58.89
C LEU E 907 -64.12 -19.46 59.95
N ARG E 908 -63.91 -19.14 61.22
CA ARG E 908 -64.41 -19.99 62.29
C ARG E 908 -65.93 -20.04 62.26
N ASP E 909 -66.58 -18.89 62.06
CA ASP E 909 -68.05 -18.93 62.08
C ASP E 909 -68.60 -19.63 60.85
N ILE E 910 -67.94 -19.50 59.70
CA ILE E 910 -68.37 -20.24 58.51
C ILE E 910 -68.29 -21.73 58.77
N PHE E 911 -67.15 -22.20 59.30
CA PHE E 911 -67.04 -23.62 59.58
C PHE E 911 -68.06 -24.07 60.62
N ASP E 912 -68.34 -23.21 61.60
CA ASP E 912 -69.36 -23.52 62.59
C ASP E 912 -70.74 -23.68 61.98
N ALA E 913 -71.07 -22.88 60.97
CA ALA E 913 -72.39 -22.96 60.34
C ALA E 913 -72.66 -24.33 59.76
N HIS E 914 -71.61 -25.09 59.46
CA HIS E 914 -71.72 -26.40 58.82
C HIS E 914 -71.09 -27.47 59.68
N PRO E 915 -71.74 -27.87 60.77
CA PRO E 915 -71.19 -28.92 61.62
C PRO E 915 -71.15 -30.25 60.86
N ALA E 916 -70.32 -31.16 61.36
CA ALA E 916 -70.15 -32.44 60.72
C ALA E 916 -71.42 -33.27 60.80
N ALA E 917 -71.47 -34.32 60.00
CA ALA E 917 -72.63 -35.21 59.98
C ALA E 917 -72.77 -35.92 61.32
N THR E 918 -74.02 -36.07 61.77
CA THR E 918 -74.25 -36.76 63.04
C THR E 918 -74.08 -38.27 62.89
N SER E 919 -74.47 -38.81 61.73
CA SER E 919 -74.33 -40.23 61.45
C SER E 919 -73.81 -40.39 60.02
N ARG E 920 -73.56 -41.64 59.64
CA ARG E 920 -72.94 -41.96 58.36
C ARG E 920 -73.90 -42.77 57.50
N ASP E 921 -74.21 -42.26 56.32
CA ASP E 921 -75.00 -42.98 55.32
C ASP E 921 -74.05 -43.72 54.39
N ARG E 922 -74.55 -44.21 53.26
CA ARG E 922 -73.73 -45.00 52.35
C ARG E 922 -72.61 -44.17 51.73
N ASP E 923 -72.94 -42.98 51.22
CA ASP E 923 -71.94 -42.13 50.58
C ASP E 923 -70.85 -41.75 51.56
N ALA E 924 -71.23 -41.40 52.79
CA ALA E 924 -70.23 -41.05 53.80
C ALA E 924 -69.31 -42.22 54.10
N ARG E 925 -69.87 -43.44 54.17
CA ARG E 925 -69.04 -44.62 54.39
C ARG E 925 -68.07 -44.83 53.24
N ALA E 926 -68.54 -44.62 52.00
CA ALA E 926 -67.66 -44.80 50.86
C ALA E 926 -66.52 -43.79 50.87
N GLU E 927 -66.82 -42.54 51.22
CA GLU E 927 -65.78 -41.52 51.29
C GLU E 927 -64.77 -41.85 52.39
N LEU E 928 -65.26 -42.19 53.59
CA LEU E 928 -64.35 -42.58 54.67
C LEU E 928 -63.50 -43.78 54.28
N ALA E 929 -64.06 -44.75 53.57
CA ALA E 929 -63.27 -45.91 53.16
C ALA E 929 -62.23 -45.54 52.13
N ALA E 930 -62.54 -44.61 51.23
CA ALA E 930 -61.55 -44.09 50.30
C ALA E 930 -60.55 -43.16 50.97
N ALA E 931 -60.76 -42.83 52.25
CA ALA E 931 -59.79 -42.06 53.02
C ALA E 931 -58.71 -42.94 53.66
N LYS E 932 -58.45 -44.13 53.12
CA LYS E 932 -57.35 -44.96 53.57
C LYS E 932 -56.23 -44.92 52.54
N LEU E 933 -55.12 -45.59 52.88
CA LEU E 933 -53.96 -45.65 52.02
C LEU E 933 -53.57 -47.10 51.79
N ASP E 934 -52.76 -47.32 50.76
CA ASP E 934 -52.19 -48.62 50.45
C ASP E 934 -50.71 -48.67 50.75
N MET E 935 -50.14 -47.60 51.29
CA MET E 935 -48.74 -47.56 51.67
C MET E 935 -48.36 -48.86 52.35
N THR E 936 -47.34 -49.52 51.83
CA THR E 936 -46.89 -50.80 52.35
C THR E 936 -45.92 -50.57 53.49
N ILE E 937 -46.14 -51.26 54.60
CA ILE E 937 -45.26 -51.21 55.77
C ILE E 937 -44.67 -52.60 55.92
N PHE E 938 -43.35 -52.69 55.72
CA PHE E 938 -42.73 -53.99 55.45
C PHE E 938 -42.60 -54.82 56.73
N THR E 939 -42.07 -54.23 57.79
CA THR E 939 -41.87 -54.96 59.04
C THR E 939 -43.09 -54.84 59.94
N GLU E 940 -44.16 -55.53 59.55
CA GLU E 940 -45.44 -55.43 60.24
C GLU E 940 -45.88 -56.82 60.67
N GLY E 941 -46.05 -57.01 61.97
CA GLY E 941 -46.58 -58.25 62.49
C GLY E 941 -45.63 -59.41 62.30
N ALA E 942 -46.05 -60.40 61.51
CA ALA E 942 -45.24 -61.60 61.29
C ALA E 942 -43.89 -61.27 60.68
N ASN E 943 -43.74 -60.09 60.09
CA ASN E 943 -42.48 -59.64 59.54
C ASN E 943 -41.65 -58.87 60.53
N SER E 944 -41.75 -59.16 61.82
CA SER E 944 -40.92 -58.50 62.80
C SER E 944 -39.68 -59.32 63.18
N ARG E 945 -39.36 -60.37 62.45
CA ARG E 945 -38.26 -61.27 62.77
C ARG E 945 -37.38 -61.46 61.55
N TRP E 946 -36.29 -62.23 61.74
CA TRP E 946 -35.07 -62.11 60.95
C TRP E 946 -35.27 -61.82 59.46
N PRO E 947 -36.06 -62.57 58.69
CA PRO E 947 -36.16 -62.20 57.28
C PRO E 947 -36.81 -60.86 57.07
N TYR E 948 -37.60 -60.38 58.02
CA TYR E 948 -38.25 -59.06 57.95
C TYR E 948 -39.07 -58.91 56.69
N GLY E 949 -39.64 -60.01 56.20
CA GLY E 949 -40.44 -59.95 55.00
C GLY E 949 -39.67 -59.80 53.72
N ILE E 950 -38.35 -59.78 53.77
CA ILE E 950 -37.51 -59.75 52.57
C ILE E 950 -37.32 -61.19 52.14
N GLU E 951 -37.53 -61.47 50.85
CA GLU E 951 -37.50 -62.84 50.39
C GLU E 951 -36.11 -63.28 49.96
N TRP E 952 -35.35 -62.36 49.38
CA TRP E 952 -34.01 -62.67 48.90
C TRP E 952 -32.95 -62.53 49.97
N LEU E 953 -33.32 -62.41 51.25
CA LEU E 953 -32.33 -62.12 52.27
C LEU E 953 -31.49 -63.34 52.61
N ASP E 954 -32.01 -64.54 52.57
CA ASP E 954 -31.18 -65.69 53.00
C ASP E 954 -30.40 -66.27 51.82
N ASP E 955 -30.11 -65.49 50.79
CA ASP E 955 -29.36 -65.90 49.60
C ASP E 955 -28.34 -64.80 49.36
N ALA E 956 -28.28 -63.85 50.28
CA ALA E 956 -27.36 -62.72 50.20
C ALA E 956 -26.57 -62.62 51.48
N TYR E 957 -27.11 -63.03 52.64
CA TYR E 957 -26.44 -62.81 53.95
C TYR E 957 -26.48 -64.01 54.83
N PRO E 958 -25.34 -64.47 55.40
CA PRO E 958 -25.33 -65.54 56.40
C PRO E 958 -26.07 -65.08 57.63
N LYS E 959 -26.76 -66.01 58.25
CA LYS E 959 -27.63 -65.66 59.36
C LYS E 959 -26.80 -65.21 60.56
N PRO E 960 -27.07 -64.03 61.11
CA PRO E 960 -26.27 -63.54 62.22
C PRO E 960 -26.35 -64.43 63.45
N TYR E 961 -25.57 -64.08 64.45
CA TYR E 961 -25.52 -64.88 65.66
C TYR E 961 -26.70 -64.60 66.58
N TRP E 962 -27.08 -63.33 66.72
CA TRP E 962 -28.20 -63.01 67.59
C TRP E 962 -29.51 -63.49 67.01
N VAL E 963 -29.64 -63.53 65.69
CA VAL E 963 -30.80 -64.15 65.07
C VAL E 963 -30.89 -65.62 65.46
N GLN E 964 -29.75 -66.32 65.43
CA GLN E 964 -29.75 -67.72 65.81
C GLN E 964 -30.14 -67.88 67.27
N GLN E 965 -29.70 -66.97 68.13
CA GLN E 965 -30.08 -67.08 69.54
C GLN E 965 -31.58 -66.86 69.72
N GLN E 966 -32.13 -65.86 69.03
CA GLN E 966 -33.58 -65.64 69.08
C GLN E 966 -34.33 -66.88 68.63
N GLU E 967 -33.94 -67.45 67.50
CA GLU E 967 -34.62 -68.64 67.00
C GLU E 967 -34.52 -69.79 67.98
N ALA E 968 -33.35 -69.96 68.62
CA ALA E 968 -33.18 -71.05 69.56
C ALA E 968 -34.11 -70.90 70.76
N GLU E 969 -34.14 -69.69 71.35
CA GLU E 969 -34.98 -69.50 72.52
C GLU E 969 -36.45 -69.62 72.17
N ALA E 970 -36.85 -69.14 70.98
CA ALA E 970 -38.25 -69.24 70.60
C ALA E 970 -38.64 -70.69 70.33
N ALA E 971 -37.74 -71.45 69.70
CA ALA E 971 -38.01 -72.86 69.47
C ALA E 971 -38.20 -73.60 70.78
N GLU E 972 -37.30 -73.40 71.74
CA GLU E 972 -37.45 -74.13 72.99
C GLU E 972 -38.65 -73.66 73.79
N ALA E 973 -38.97 -72.36 73.75
CA ALA E 973 -40.15 -71.86 74.44
C ALA E 973 -41.42 -72.46 73.86
N GLN E 974 -41.56 -72.42 72.55
CA GLN E 974 -42.76 -72.98 71.92
C GLN E 974 -42.80 -74.50 71.99
N ALA E 975 -41.67 -75.17 72.20
CA ALA E 975 -41.70 -76.59 72.51
C ALA E 975 -42.07 -76.85 73.96
N LYS E 976 -41.87 -75.87 74.83
CA LYS E 976 -42.41 -75.91 76.18
C LYS E 976 -43.87 -75.47 76.22
N GLN E 977 -44.37 -74.88 75.14
CA GLN E 977 -45.78 -74.48 75.11
C GLN E 977 -46.72 -75.66 75.33
N PRO E 978 -46.61 -76.78 74.61
CA PRO E 978 -47.49 -77.91 74.93
C PRO E 978 -47.24 -78.52 76.29
N ALA E 979 -45.98 -78.51 76.77
CA ALA E 979 -45.67 -79.15 78.04
C ALA E 979 -45.97 -78.26 79.23
N ALA E 980 -46.29 -76.99 79.00
CA ALA E 980 -46.62 -76.08 80.09
C ALA E 980 -48.12 -76.11 80.38
N PRO F 68 -49.23 86.60 -29.63
CA PRO F 68 -48.36 85.42 -29.81
C PRO F 68 -49.11 84.25 -30.45
N ALA F 69 -48.93 84.08 -31.76
CA ALA F 69 -49.67 83.08 -32.51
C ALA F 69 -49.20 81.68 -32.15
N LEU F 70 -50.15 80.83 -31.75
CA LEU F 70 -49.83 79.44 -31.45
C LEU F 70 -49.43 78.72 -32.74
N PRO F 71 -48.36 77.94 -32.71
CA PRO F 71 -47.87 77.31 -33.94
C PRO F 71 -48.82 76.23 -34.44
N ALA F 72 -48.40 75.58 -35.52
CA ALA F 72 -49.21 74.54 -36.14
C ALA F 72 -49.41 73.36 -35.20
N ARG F 73 -50.54 72.67 -35.37
CA ARG F 73 -50.78 71.41 -34.67
C ARG F 73 -51.62 70.54 -35.59
N ALA F 74 -50.96 69.71 -36.39
CA ALA F 74 -51.61 68.88 -37.38
C ALA F 74 -51.30 67.41 -37.13
N THR F 75 -51.84 66.55 -37.98
CA THR F 75 -51.65 65.11 -37.88
C THR F 75 -52.16 64.49 -39.18
N ALA F 76 -51.47 63.45 -39.63
CA ALA F 76 -51.85 62.74 -40.85
C ALA F 76 -51.14 61.40 -40.86
N VAL F 77 -51.51 60.56 -41.84
CA VAL F 77 -50.87 59.29 -42.06
C VAL F 77 -50.00 59.40 -43.31
N VAL F 78 -48.75 58.99 -43.19
CA VAL F 78 -47.78 59.08 -44.29
C VAL F 78 -47.10 57.73 -44.44
N ALA F 79 -46.67 57.43 -45.67
CA ALA F 79 -45.97 56.18 -45.95
C ALA F 79 -44.47 56.38 -45.88
N PRO F 80 -43.74 55.57 -45.12
CA PRO F 80 -42.29 55.73 -45.06
C PRO F 80 -41.65 55.52 -46.42
N LEU F 81 -40.53 56.20 -46.63
CA LEU F 81 -39.84 56.13 -47.91
C LEU F 81 -39.06 54.83 -48.01
N PRO F 82 -38.74 54.39 -49.24
CA PRO F 82 -37.98 53.16 -49.40
C PRO F 82 -36.54 53.33 -48.94
N GLU F 83 -36.08 52.37 -48.14
CA GLU F 83 -34.74 52.43 -47.59
C GLU F 83 -33.70 52.40 -48.70
N LYS F 84 -32.68 53.24 -48.55
CA LYS F 84 -31.63 53.39 -49.55
C LYS F 84 -30.28 53.05 -48.93
N ASN F 85 -29.39 52.52 -49.78
CA ASN F 85 -28.04 52.17 -49.38
C ASN F 85 -27.09 52.73 -50.44
N TYR F 86 -26.64 53.96 -50.23
CA TYR F 86 -25.72 54.63 -51.14
C TYR F 86 -24.31 54.10 -51.05
N GLY F 87 -24.07 53.08 -50.24
CA GLY F 87 -22.72 52.58 -50.01
C GLY F 87 -22.05 53.23 -48.82
N SER F 88 -22.08 54.56 -48.75
CA SER F 88 -21.52 55.29 -47.63
C SER F 88 -22.42 55.22 -46.40
N LEU F 89 -23.72 55.44 -46.58
CA LEU F 89 -24.68 55.36 -45.49
C LEU F 89 -25.92 54.65 -45.98
N ARG F 90 -26.68 54.09 -45.04
CA ARG F 90 -27.95 53.45 -45.34
C ARG F 90 -29.06 54.14 -44.56
N GLY F 91 -30.27 54.05 -45.09
CA GLY F 91 -31.40 54.71 -44.49
C GLY F 91 -32.25 55.45 -45.51
N GLY F 92 -32.66 56.67 -45.17
CA GLY F 92 -33.49 57.44 -46.06
C GLY F 92 -34.95 57.03 -46.05
N ARG F 93 -35.46 56.60 -44.89
CA ARG F 93 -36.86 56.28 -44.72
C ARG F 93 -37.65 57.41 -44.06
N TRP F 94 -37.21 58.65 -44.22
CA TRP F 94 -37.88 59.76 -43.57
C TRP F 94 -38.68 60.58 -44.57
N PRO F 95 -40.01 60.55 -44.52
CA PRO F 95 -40.83 61.30 -45.48
C PRO F 95 -41.15 62.74 -45.09
N PHE F 96 -40.46 63.34 -44.13
CA PHE F 96 -40.76 64.70 -43.72
C PHE F 96 -39.54 65.59 -43.90
N LEU F 97 -39.80 66.83 -44.30
CA LEU F 97 -38.75 67.77 -44.64
C LEU F 97 -38.04 68.35 -43.43
N TYR F 98 -38.61 68.20 -42.24
CA TYR F 98 -38.00 68.67 -41.01
C TYR F 98 -37.79 67.50 -40.06
N ASP F 99 -37.29 67.81 -38.88
CA ASP F 99 -37.07 66.81 -37.84
C ASP F 99 -38.05 67.03 -36.70
N ASN F 100 -38.03 66.12 -35.74
CA ASN F 100 -39.08 66.09 -34.74
C ASN F 100 -38.74 66.93 -33.51
N VAL F 101 -37.65 66.62 -32.83
CA VAL F 101 -37.35 67.32 -31.58
C VAL F 101 -36.88 68.73 -31.85
N TYR F 102 -36.10 68.92 -32.91
CA TYR F 102 -35.72 70.24 -33.38
C TYR F 102 -36.65 70.67 -34.50
N GLY F 103 -36.46 71.89 -34.98
CA GLY F 103 -37.29 72.39 -36.06
C GLY F 103 -36.50 72.70 -37.32
N LEU F 104 -35.54 71.85 -37.66
CA LEU F 104 -34.62 72.16 -38.73
C LEU F 104 -34.67 71.12 -39.84
N PRO F 105 -34.32 71.51 -41.06
CA PRO F 105 -34.43 70.58 -42.19
C PRO F 105 -33.39 69.48 -42.11
N VAL F 106 -33.82 68.26 -42.41
CA VAL F 106 -32.94 67.11 -42.51
C VAL F 106 -32.40 67.02 -43.93
N VAL F 107 -31.14 66.60 -44.06
CA VAL F 107 -30.52 66.44 -45.37
C VAL F 107 -30.93 65.10 -45.95
N ARG F 108 -30.84 64.97 -47.27
CA ARG F 108 -31.22 63.74 -47.94
C ARG F 108 -30.29 63.36 -49.08
N GLN F 109 -29.24 64.15 -49.33
CA GLN F 109 -28.25 63.83 -50.34
C GLN F 109 -26.90 63.61 -49.66
N VAL F 110 -26.24 62.51 -50.02
CA VAL F 110 -24.99 62.10 -49.40
C VAL F 110 -23.92 62.01 -50.48
N ALA F 111 -22.67 62.07 -50.04
CA ALA F 111 -21.52 62.06 -50.94
C ALA F 111 -20.65 60.84 -50.67
N SER F 112 -19.90 60.42 -51.68
CA SER F 112 -18.97 59.31 -51.56
C SER F 112 -17.57 59.83 -51.24
N TYR F 113 -16.61 58.90 -51.27
CA TYR F 113 -15.22 59.29 -51.10
C TYR F 113 -14.70 60.03 -52.32
N GLY F 114 -14.79 59.40 -53.49
CA GLY F 114 -14.29 60.02 -54.71
C GLY F 114 -15.03 61.29 -55.07
N GLU F 115 -16.31 61.37 -54.71
CA GLU F 115 -17.07 62.58 -54.99
C GLU F 115 -16.49 63.78 -54.26
N VAL F 116 -16.25 63.63 -52.95
CA VAL F 116 -15.66 64.72 -52.19
C VAL F 116 -14.24 65.00 -52.66
N LEU F 117 -13.47 63.95 -52.94
CA LEU F 117 -12.12 64.16 -53.41
C LEU F 117 -12.09 64.98 -54.69
N GLU F 118 -12.97 64.68 -55.64
CA GLU F 118 -12.99 65.41 -56.89
C GLU F 118 -13.56 66.82 -56.71
N GLY F 119 -14.58 66.97 -55.87
CA GLY F 119 -15.08 68.31 -55.58
C GLY F 119 -14.02 69.20 -54.98
N ILE F 120 -13.11 68.60 -54.20
CA ILE F 120 -12.01 69.38 -53.64
C ILE F 120 -10.96 69.67 -54.69
N ARG F 121 -10.61 68.67 -55.50
CA ARG F 121 -9.55 68.86 -56.49
C ARG F 121 -9.94 69.89 -57.53
N THR F 122 -11.21 69.93 -57.92
CA THR F 122 -11.65 70.88 -58.93
C THR F 122 -12.16 72.19 -58.34
N GLY F 123 -12.30 72.28 -57.02
CA GLY F 123 -12.71 73.51 -56.37
C GLY F 123 -14.20 73.71 -56.24
N ARG F 124 -15.03 72.71 -56.56
CA ARG F 124 -16.46 72.85 -56.41
C ARG F 124 -16.93 72.82 -54.96
N ILE F 125 -16.05 72.49 -54.02
CA ILE F 125 -16.36 72.48 -52.60
C ILE F 125 -15.70 73.69 -51.97
N SER F 126 -16.42 74.38 -51.08
CA SER F 126 -15.87 75.59 -50.50
C SER F 126 -15.38 75.37 -49.07
N GLN F 127 -16.15 74.65 -48.26
CA GLN F 127 -15.81 74.50 -46.85
C GLN F 127 -16.40 73.20 -46.33
N VAL F 128 -15.64 72.55 -45.46
CA VAL F 128 -16.04 71.31 -44.80
C VAL F 128 -16.17 71.59 -43.32
N LEU F 129 -17.15 70.95 -42.67
CA LEU F 129 -17.35 71.09 -41.23
C LEU F 129 -17.48 69.71 -40.61
N TRP F 130 -16.86 69.53 -39.46
CA TRP F 130 -16.89 68.27 -38.74
C TRP F 130 -17.72 68.39 -37.47
N PHE F 131 -18.25 67.26 -37.02
CA PHE F 131 -18.86 67.23 -35.71
C PHE F 131 -17.79 66.91 -34.66
N GLN F 132 -18.16 67.01 -33.40
CA GLN F 132 -17.19 66.90 -32.32
C GLN F 132 -17.71 65.97 -31.23
N ALA F 133 -16.86 65.74 -30.23
CA ALA F 133 -17.15 64.82 -29.15
C ALA F 133 -16.64 65.45 -27.85
N PRO F 134 -17.11 64.96 -26.70
CA PRO F 134 -16.81 65.67 -25.44
C PRO F 134 -15.39 65.52 -24.91
N ARG F 135 -14.66 64.45 -25.23
CA ARG F 135 -13.31 64.23 -24.70
C ARG F 135 -13.28 64.20 -23.18
N ALA F 136 -13.74 63.08 -22.59
CA ALA F 136 -13.75 62.88 -21.14
C ALA F 136 -12.48 63.38 -20.47
N VAL F 137 -12.61 63.89 -19.24
CA VAL F 137 -11.55 64.66 -18.61
C VAL F 137 -10.35 63.79 -18.24
N THR F 138 -10.56 62.52 -17.93
CA THR F 138 -9.45 61.67 -17.52
C THR F 138 -8.38 61.53 -18.59
N ALA F 139 -8.70 61.81 -19.85
CA ALA F 139 -7.78 61.63 -20.97
C ALA F 139 -7.08 62.94 -21.35
N SER F 140 -6.83 63.81 -20.39
CA SER F 140 -6.14 65.06 -20.64
C SER F 140 -4.85 65.12 -19.84
N ALA F 141 -3.80 65.62 -20.49
CA ALA F 141 -2.49 65.71 -19.87
C ALA F 141 -2.04 67.14 -19.59
N ALA F 142 -2.96 68.05 -19.30
CA ALA F 142 -2.61 69.44 -19.05
C ALA F 142 -2.47 69.77 -17.57
N ALA F 143 -2.63 68.78 -16.70
CA ALA F 143 -2.48 68.96 -15.26
C ALA F 143 -2.45 67.58 -14.61
N PRO F 144 -1.97 67.47 -13.38
CA PRO F 144 -2.02 66.19 -12.68
C PRO F 144 -3.44 65.64 -12.66
N PRO F 145 -3.59 64.31 -12.61
CA PRO F 145 -4.89 63.72 -12.88
C PRO F 145 -5.86 64.01 -11.76
N PRO F 146 -7.16 64.03 -12.05
CA PRO F 146 -8.16 64.13 -10.98
C PRO F 146 -8.18 62.87 -10.13
N GLY F 147 -7.70 62.98 -8.91
CA GLY F 147 -7.51 61.83 -8.06
C GLY F 147 -6.29 62.07 -7.21
N LEU F 148 -5.47 63.03 -7.66
CA LEU F 148 -4.38 63.53 -6.84
C LEU F 148 -4.83 64.66 -5.91
N GLY F 149 -6.00 65.22 -6.14
CA GLY F 149 -6.60 66.16 -5.22
C GLY F 149 -6.38 67.62 -5.51
N GLY F 150 -5.86 67.97 -6.68
CA GLY F 150 -5.62 69.35 -7.01
C GLY F 150 -6.91 70.08 -7.31
N PRO F 151 -6.85 71.41 -7.35
CA PRO F 151 -8.02 72.18 -7.78
C PRO F 151 -8.47 71.75 -9.16
N GLN F 152 -9.79 71.75 -9.35
CA GLN F 152 -10.38 71.23 -10.58
C GLN F 152 -10.03 72.12 -11.77
N GLN F 153 -9.68 71.48 -12.88
CA GLN F 153 -9.37 72.16 -14.12
C GLN F 153 -10.63 72.38 -14.93
N PRO F 154 -10.68 73.46 -15.72
CA PRO F 154 -11.95 73.83 -16.36
C PRO F 154 -12.56 72.77 -17.27
N GLN F 155 -11.88 72.45 -18.37
CA GLN F 155 -12.44 71.50 -19.33
C GLN F 155 -11.42 71.18 -20.42
N PRO F 156 -11.32 69.92 -20.84
CA PRO F 156 -10.50 69.62 -22.02
C PRO F 156 -11.21 70.07 -23.29
N PRO F 157 -10.48 70.61 -24.25
CA PRO F 157 -11.08 70.96 -25.53
C PRO F 157 -11.68 69.75 -26.21
N PRO F 158 -12.70 69.93 -27.03
CA PRO F 158 -13.39 68.76 -27.61
C PRO F 158 -12.65 68.22 -28.83
N LEU F 159 -12.74 66.90 -28.98
CA LEU F 159 -12.11 66.17 -30.08
C LEU F 159 -12.90 66.35 -31.37
N ALA F 160 -12.24 66.02 -32.48
CA ALA F 160 -12.95 65.87 -33.73
C ALA F 160 -13.88 64.67 -33.65
N SER F 161 -14.66 64.47 -34.70
CA SER F 161 -15.64 63.40 -34.73
C SER F 161 -14.94 62.03 -34.73
N PRO F 162 -15.15 61.20 -33.72
CA PRO F 162 -14.58 59.85 -33.77
C PRO F 162 -15.15 59.00 -34.88
N ASP F 163 -16.43 59.12 -35.17
CA ASP F 163 -17.09 58.39 -36.24
C ASP F 163 -16.96 59.06 -37.59
N GLY F 164 -16.48 60.30 -37.63
CA GLY F 164 -16.17 60.95 -38.89
C GLY F 164 -17.35 61.45 -39.68
N ARG F 165 -18.39 61.97 -39.03
CA ARG F 165 -19.46 62.62 -39.75
C ARG F 165 -19.02 64.00 -40.18
N CYS F 166 -19.51 64.47 -41.33
CA CYS F 166 -19.15 65.80 -41.77
C CYS F 166 -20.24 66.35 -42.69
N LEU F 167 -20.44 67.66 -42.62
CA LEU F 167 -21.28 68.39 -43.55
C LEU F 167 -20.41 69.11 -44.56
N VAL F 168 -20.61 68.82 -45.83
CA VAL F 168 -19.80 69.37 -46.90
C VAL F 168 -20.62 70.47 -47.59
N ARG F 169 -19.98 71.59 -47.87
CA ARG F 169 -20.65 72.77 -48.42
C ARG F 169 -20.10 73.07 -49.81
N PHE F 170 -20.99 73.14 -50.79
CA PHE F 170 -20.62 73.26 -52.18
C PHE F 170 -20.56 74.73 -52.60
N ALA F 171 -20.03 74.96 -53.81
CA ALA F 171 -19.91 76.31 -54.33
C ALA F 171 -21.28 76.91 -54.70
N ASN F 172 -22.29 76.06 -54.92
CA ASN F 172 -23.62 76.52 -55.29
C ASN F 172 -24.64 76.38 -54.17
N GLY F 173 -24.24 76.63 -52.92
CA GLY F 173 -25.17 76.66 -51.81
C GLY F 173 -25.66 75.31 -51.32
N GLN F 174 -25.31 74.22 -51.99
CA GLN F 174 -25.73 72.90 -51.57
C GLN F 174 -24.90 72.43 -50.37
N VAL F 175 -25.60 71.82 -49.41
CA VAL F 175 -24.96 71.24 -48.24
C VAL F 175 -25.36 69.76 -48.17
N LYS F 176 -24.36 68.88 -48.17
CA LYS F 176 -24.60 67.45 -48.09
C LYS F 176 -23.94 66.89 -46.85
N GLN F 177 -24.15 65.61 -46.60
CA GLN F 177 -23.50 64.91 -45.51
C GLN F 177 -22.65 63.79 -46.05
N ALA F 178 -21.54 63.51 -45.35
CA ALA F 178 -20.66 62.42 -45.73
C ALA F 178 -19.97 61.88 -44.49
N VAL F 179 -19.26 60.77 -44.69
CA VAL F 179 -18.42 60.18 -43.65
C VAL F 179 -16.98 60.22 -44.14
N ILE F 180 -16.13 60.89 -43.38
CA ILE F 180 -14.69 60.96 -43.65
C ILE F 180 -13.96 60.77 -42.33
N PRO F 181 -12.99 59.87 -42.24
CA PRO F 181 -12.19 59.76 -41.04
C PRO F 181 -11.22 60.92 -40.96
N PRO F 182 -11.10 61.57 -39.79
CA PRO F 182 -10.16 62.69 -39.67
C PRO F 182 -8.73 62.18 -39.76
N GLY F 183 -7.92 62.87 -40.55
CA GLY F 183 -6.55 62.47 -40.76
C GLY F 183 -6.34 61.50 -41.90
N GLU F 184 -7.28 61.42 -42.84
CA GLU F 184 -7.13 60.41 -43.93
C GLU F 184 -5.93 60.82 -44.80
N PRO F 185 -5.24 59.89 -45.49
CA PRO F 185 -4.13 60.27 -46.37
C PRO F 185 -4.40 61.24 -47.53
N ARG F 186 -5.24 60.88 -48.50
CA ARG F 186 -5.43 61.73 -49.71
C ARG F 186 -6.17 63.02 -49.39
N ILE F 187 -7.25 62.97 -48.62
CA ILE F 187 -8.06 64.19 -48.38
C ILE F 187 -7.18 65.21 -47.67
N SER F 188 -6.42 64.79 -46.66
CA SER F 188 -5.49 65.70 -45.96
C SER F 188 -4.65 66.50 -46.96
N GLN F 189 -3.97 65.82 -47.87
CA GLN F 189 -3.12 66.47 -48.85
C GLN F 189 -3.92 67.38 -49.79
N ALA F 190 -5.12 66.95 -50.17
CA ALA F 190 -5.92 67.77 -51.07
C ALA F 190 -6.40 69.04 -50.38
N LEU F 191 -6.89 68.91 -49.14
CA LEU F 191 -7.28 70.08 -48.37
C LEU F 191 -6.13 71.06 -48.26
N GLN F 192 -4.92 70.56 -47.99
CA GLN F 192 -3.79 71.46 -47.81
C GLN F 192 -3.40 72.13 -49.11
N GLN F 193 -3.37 71.36 -50.21
CA GLN F 193 -2.93 71.93 -51.48
C GLN F 193 -3.92 72.94 -52.03
N TYR F 194 -5.22 72.72 -51.85
CA TYR F 194 -6.22 73.58 -52.46
C TYR F 194 -6.82 74.59 -51.48
N GLY F 195 -6.52 74.48 -50.19
CA GLY F 195 -6.95 75.51 -49.25
C GLY F 195 -8.44 75.61 -49.04
N THR F 196 -9.21 74.58 -49.41
CA THR F 196 -10.62 74.56 -49.10
C THR F 196 -10.84 74.68 -47.59
N ALA F 197 -11.75 75.57 -47.20
CA ALA F 197 -11.87 75.93 -45.80
C ALA F 197 -12.29 74.72 -44.97
N VAL F 198 -11.78 74.62 -43.75
CA VAL F 198 -12.08 73.53 -42.83
C VAL F 198 -12.55 74.14 -41.52
N SER F 199 -13.50 73.48 -40.86
CA SER F 199 -13.96 73.95 -39.57
C SER F 199 -14.71 72.85 -38.84
N TYR F 200 -15.05 73.13 -37.60
CA TYR F 200 -15.68 72.14 -36.71
C TYR F 200 -16.98 72.72 -36.19
N ILE F 201 -18.01 71.89 -36.18
CA ILE F 201 -19.33 72.33 -35.72
C ILE F 201 -19.38 72.24 -34.20
N PRO F 202 -19.54 73.35 -33.49
CA PRO F 202 -19.57 73.30 -32.03
C PRO F 202 -20.66 72.38 -31.52
N LEU F 203 -20.57 72.09 -30.22
CA LEU F 203 -21.49 71.13 -29.60
C LEU F 203 -22.78 71.82 -29.17
N GLU F 204 -23.87 71.05 -29.21
CA GLU F 204 -25.13 71.65 -28.80
C GLU F 204 -25.27 71.63 -27.28
N PRO F 205 -25.99 72.59 -26.72
CA PRO F 205 -26.03 72.72 -25.26
C PRO F 205 -26.58 71.53 -24.53
N ARG F 206 -27.38 70.68 -25.16
CA ARG F 206 -27.87 69.51 -24.47
C ARG F 206 -26.85 68.39 -24.43
N TYR F 207 -25.74 68.52 -25.17
CA TYR F 207 -24.66 67.55 -25.13
C TYR F 207 -23.42 68.08 -24.44
N MET F 208 -23.23 69.39 -24.41
CA MET F 208 -22.03 69.95 -23.80
C MET F 208 -21.96 69.56 -22.32
N PRO F 209 -20.76 69.31 -21.79
CA PRO F 209 -20.64 68.92 -20.38
C PRO F 209 -20.64 70.08 -19.39
N GLU F 210 -20.41 71.30 -19.84
CA GLU F 210 -20.46 72.45 -18.95
C GLU F 210 -21.89 72.92 -18.68
N LEU F 211 -22.84 72.56 -19.54
CA LEU F 211 -24.24 72.88 -19.35
C LEU F 211 -25.03 71.66 -18.90
N ALA F 212 -24.39 70.70 -18.26
CA ALA F 212 -25.11 69.52 -17.81
C ALA F 212 -26.06 69.84 -16.68
N ALA F 213 -25.71 70.78 -15.81
CA ALA F 213 -26.61 71.18 -14.75
C ALA F 213 -27.85 71.88 -15.33
N MET F 214 -27.64 72.71 -16.34
CA MET F 214 -28.77 73.41 -16.96
C MET F 214 -29.74 72.43 -17.61
N ARG F 215 -29.24 71.42 -18.33
CA ARG F 215 -30.11 70.44 -18.96
C ARG F 215 -30.77 69.55 -17.90
N ALA F 216 -30.02 69.19 -16.86
CA ALA F 216 -30.60 68.41 -15.78
C ALA F 216 -31.74 69.15 -15.12
N ARG F 217 -31.61 70.46 -14.94
CA ARG F 217 -32.68 71.25 -14.36
C ARG F 217 -33.86 71.38 -15.33
N GLY F 218 -33.57 71.63 -16.61
CA GLY F 218 -34.61 71.67 -17.61
C GLY F 218 -35.44 70.40 -17.66
N ALA F 219 -34.84 69.25 -17.38
CA ALA F 219 -35.60 68.02 -17.26
C ALA F 219 -36.09 67.76 -15.84
N GLN F 220 -35.61 68.55 -14.88
CA GLN F 220 -35.96 68.41 -13.47
C GLN F 220 -36.96 69.46 -13.00
N GLU F 221 -36.84 70.69 -13.50
CA GLU F 221 -37.68 71.79 -13.04
C GLU F 221 -39.14 71.56 -13.47
N ALA F 222 -39.99 72.51 -13.10
CA ALA F 222 -41.32 72.63 -13.64
C ALA F 222 -41.37 73.83 -14.57
N VAL F 223 -42.27 73.77 -15.56
CA VAL F 223 -42.28 74.79 -16.60
C VAL F 223 -42.77 76.12 -16.03
N LEU F 224 -43.99 76.16 -15.51
CA LEU F 224 -44.60 77.40 -15.07
C LEU F 224 -45.00 77.33 -13.60
N GLY F 225 -44.84 78.45 -12.91
CA GLY F 225 -45.27 78.59 -11.54
C GLY F 225 -46.77 78.84 -11.44
N GLU F 226 -47.28 78.74 -10.22
CA GLU F 226 -48.72 78.77 -9.96
C GLU F 226 -49.08 80.00 -9.14
N VAL F 227 -50.10 80.72 -9.58
CA VAL F 227 -50.69 81.82 -8.82
C VAL F 227 -52.06 81.36 -8.32
N ASP F 228 -52.33 81.57 -7.03
CA ASP F 228 -53.61 81.22 -6.46
C ASP F 228 -54.00 82.24 -5.41
N THR F 229 -54.96 83.10 -5.76
CA THR F 229 -55.58 84.02 -4.81
C THR F 229 -57.00 83.63 -4.43
N GLY F 230 -57.54 82.55 -4.98
CA GLY F 230 -58.85 82.04 -4.64
C GLY F 230 -59.87 82.13 -5.75
N ALA F 231 -59.55 82.76 -6.88
CA ALA F 231 -60.53 82.92 -7.94
C ALA F 231 -59.98 82.70 -9.34
N VAL F 232 -58.68 82.45 -9.51
CA VAL F 232 -58.10 82.38 -10.85
C VAL F 232 -57.32 81.09 -11.06
N ALA F 233 -56.37 80.78 -10.16
CA ALA F 233 -55.48 79.63 -10.29
C ALA F 233 -54.67 79.70 -11.59
N THR F 234 -53.84 80.75 -11.67
CA THR F 234 -53.10 81.13 -12.87
C THR F 234 -51.72 80.47 -12.91
N PRO F 235 -51.37 79.81 -14.03
CA PRO F 235 -49.97 79.42 -14.26
C PRO F 235 -49.11 80.64 -14.58
N VAL F 236 -47.95 80.73 -13.95
CA VAL F 236 -47.16 81.96 -13.99
C VAL F 236 -45.70 81.65 -14.30
N GLU F 237 -44.97 82.70 -14.66
CA GLU F 237 -43.57 82.62 -15.01
C GLU F 237 -42.72 82.27 -13.79
N LEU F 238 -41.43 82.12 -14.01
CA LEU F 238 -40.45 82.00 -12.94
C LEU F 238 -39.64 83.28 -12.83
N PRO F 239 -39.09 83.57 -11.65
CA PRO F 239 -38.36 84.83 -11.48
C PRO F 239 -37.21 84.97 -12.46
N GLU F 240 -36.84 86.23 -12.74
CA GLU F 240 -35.83 86.51 -13.76
C GLU F 240 -34.50 85.86 -13.40
N ASP F 241 -34.22 85.70 -12.11
CA ASP F 241 -33.00 85.02 -11.68
C ASP F 241 -33.05 83.52 -11.94
N GLU F 242 -34.19 82.99 -12.37
CA GLU F 242 -34.30 81.57 -12.67
C GLU F 242 -35.09 81.32 -13.96
N ARG F 243 -35.55 82.37 -14.62
CA ARG F 243 -36.34 82.24 -15.84
C ARG F 243 -35.41 81.84 -16.99
N ARG F 244 -35.72 80.71 -17.64
CA ARG F 244 -34.88 80.25 -18.74
C ARG F 244 -35.21 80.98 -20.04
N GLY F 245 -36.42 80.79 -20.54
CA GLY F 245 -36.71 81.26 -21.89
C GLY F 245 -36.90 82.75 -22.06
N ALA F 246 -37.98 83.28 -21.50
CA ALA F 246 -38.35 84.67 -21.74
C ALA F 246 -39.53 85.06 -20.86
N ALA F 247 -40.08 86.26 -21.08
CA ALA F 247 -41.37 86.63 -20.50
C ALA F 247 -42.42 86.52 -21.60
N VAL F 248 -42.89 85.30 -21.83
CA VAL F 248 -43.93 85.06 -22.84
C VAL F 248 -45.31 84.87 -22.22
N GLY F 249 -45.39 84.67 -20.90
CA GLY F 249 -46.65 84.59 -20.22
C GLY F 249 -46.83 85.76 -19.28
N PRO F 250 -47.61 85.57 -18.21
CA PRO F 250 -47.81 86.63 -17.24
C PRO F 250 -46.83 86.55 -16.08
N THR F 251 -46.41 87.72 -15.61
CA THR F 251 -45.59 87.81 -14.42
C THR F 251 -46.45 87.56 -13.18
N ALA F 252 -45.80 87.12 -12.10
CA ALA F 252 -46.50 86.96 -10.84
C ALA F 252 -47.02 88.31 -10.33
N PHE F 253 -46.28 89.37 -10.61
CA PHE F 253 -46.72 90.72 -10.30
C PHE F 253 -48.09 91.01 -10.91
N GLU F 254 -48.17 90.94 -12.25
CA GLU F 254 -49.43 91.20 -12.93
C GLU F 254 -50.49 90.17 -12.56
N ALA F 255 -50.11 88.89 -12.46
CA ALA F 255 -51.07 87.83 -12.18
C ALA F 255 -51.73 88.03 -10.82
N VAL F 256 -51.01 88.62 -9.87
CA VAL F 256 -51.57 88.85 -8.54
C VAL F 256 -52.20 90.23 -8.40
N ALA F 257 -51.76 91.22 -9.16
CA ALA F 257 -52.33 92.56 -9.06
C ALA F 257 -53.61 92.73 -9.86
N ALA F 258 -53.70 92.14 -11.04
CA ALA F 258 -54.89 92.23 -11.87
C ALA F 258 -55.90 91.13 -11.58
N TYR F 259 -55.45 89.99 -11.05
CA TYR F 259 -56.35 88.93 -10.63
C TYR F 259 -56.26 88.72 -9.12
N GLY F 260 -56.20 89.81 -8.36
CA GLY F 260 -56.09 89.69 -6.92
C GLY F 260 -56.73 90.82 -6.15
N SER F 261 -56.10 91.19 -5.04
CA SER F 261 -56.62 92.21 -4.13
C SER F 261 -55.43 92.87 -3.45
N PRO F 262 -55.63 94.03 -2.84
CA PRO F 262 -54.52 94.66 -2.10
C PRO F 262 -54.04 93.83 -0.91
N GLU F 263 -54.76 92.77 -0.54
CA GLU F 263 -54.33 91.88 0.53
C GLU F 263 -53.01 91.19 0.17
N GLN F 264 -53.02 90.41 -0.92
CA GLN F 264 -51.81 89.71 -1.35
C GLN F 264 -50.71 90.70 -1.70
N LEU F 265 -51.05 91.76 -2.42
CA LEU F 265 -50.09 92.81 -2.75
C LEU F 265 -49.39 93.31 -1.49
N ALA F 266 -50.17 93.78 -0.52
CA ALA F 266 -49.61 94.34 0.71
C ALA F 266 -48.75 93.33 1.44
N ALA F 267 -49.27 92.11 1.65
CA ALA F 267 -48.54 91.11 2.43
C ALA F 267 -47.21 90.75 1.76
N ALA F 268 -47.27 90.37 0.48
CA ALA F 268 -46.06 89.88 -0.19
C ALA F 268 -45.03 90.99 -0.36
N LEU F 269 -45.46 92.20 -0.72
CA LEU F 269 -44.49 93.28 -0.91
C LEU F 269 -43.94 93.77 0.42
N ASP F 270 -44.75 93.76 1.47
CA ASP F 270 -44.21 94.01 2.80
C ASP F 270 -43.12 93.00 3.16
N ASP F 271 -43.37 91.72 2.90
CA ASP F 271 -42.40 90.70 3.31
C ASP F 271 -41.13 90.76 2.47
N ASN F 272 -41.22 91.00 1.16
CA ASN F 272 -39.99 91.01 0.38
C ASN F 272 -39.21 92.30 0.62
N TYR F 273 -39.91 93.41 0.89
CA TYR F 273 -39.21 94.62 1.30
C TYR F 273 -38.47 94.42 2.61
N GLN F 274 -39.13 93.83 3.62
CA GLN F 274 -38.44 93.58 4.88
C GLN F 274 -37.35 92.53 4.71
N ALA F 275 -37.47 91.67 3.69
CA ALA F 275 -36.40 90.75 3.37
C ALA F 275 -35.16 91.49 2.89
N ALA F 276 -35.33 92.44 1.98
CA ALA F 276 -34.20 93.28 1.57
C ALA F 276 -33.64 94.07 2.75
N ALA F 277 -34.52 94.61 3.58
CA ALA F 277 -34.08 95.38 4.74
C ALA F 277 -33.26 94.51 5.68
N GLY F 278 -33.68 93.25 5.88
CA GLY F 278 -32.94 92.36 6.75
C GLY F 278 -31.64 91.90 6.14
N GLN F 279 -31.61 91.75 4.81
CA GLN F 279 -30.35 91.56 4.09
C GLN F 279 -29.33 92.63 4.48
N VAL F 280 -29.69 93.89 4.24
CA VAL F 280 -28.74 94.97 4.50
C VAL F 280 -28.49 95.13 6.00
N ALA F 281 -29.48 94.78 6.83
CA ALA F 281 -29.32 94.91 8.28
C ALA F 281 -28.34 93.87 8.81
N ALA F 282 -28.41 92.64 8.29
CA ALA F 282 -27.39 91.64 8.64
C ALA F 282 -26.02 92.09 8.16
N LEU F 283 -25.95 92.66 6.95
CA LEU F 283 -24.69 93.22 6.47
C LEU F 283 -24.08 94.17 7.49
N LEU F 284 -24.83 95.22 7.86
CA LEU F 284 -24.27 96.24 8.75
C LEU F 284 -24.07 95.71 10.17
N ALA F 285 -24.93 94.79 10.63
CA ALA F 285 -24.77 94.22 11.96
C ALA F 285 -23.49 93.41 12.07
N GLU F 286 -23.20 92.59 11.06
CA GLU F 286 -21.94 91.85 11.06
C GLU F 286 -20.75 92.79 10.90
N ARG F 287 -20.92 93.89 10.16
CA ARG F 287 -19.85 94.88 10.07
C ARG F 287 -19.50 95.44 11.45
N GLU F 288 -20.51 95.89 12.20
CA GLU F 288 -20.25 96.45 13.52
C GLU F 288 -19.87 95.39 14.54
N ALA F 289 -20.23 94.13 14.32
CA ALA F 289 -19.72 93.06 15.16
C ALA F 289 -18.24 92.80 14.88
N TRP F 290 -17.84 92.96 13.62
CA TRP F 290 -16.42 92.84 13.28
C TRP F 290 -15.61 93.97 13.90
N VAL F 291 -16.01 95.22 13.66
CA VAL F 291 -15.18 96.35 14.09
C VAL F 291 -15.13 96.44 15.62
N ALA F 292 -16.12 95.85 16.29
CA ALA F 292 -16.14 95.85 17.74
C ALA F 292 -15.81 94.45 18.27
N GLU F 544 4.20 3.80 89.79
CA GLU F 544 4.76 3.18 90.99
C GLU F 544 5.70 2.03 90.62
N ILE F 545 6.45 1.56 91.63
CA ILE F 545 7.46 0.52 91.44
C ILE F 545 6.97 -0.75 92.12
N ILE F 546 7.25 -1.90 91.51
CA ILE F 546 6.83 -3.20 92.00
C ILE F 546 8.06 -4.02 92.33
N PHE F 547 7.90 -4.95 93.26
CA PHE F 547 8.95 -5.88 93.67
C PHE F 547 8.40 -7.30 93.65
N PHE F 548 9.28 -8.27 93.93
CA PHE F 548 8.87 -9.67 93.87
C PHE F 548 7.81 -9.99 94.92
N ASP F 549 7.82 -9.29 96.05
CA ASP F 549 6.86 -9.58 97.11
C ASP F 549 5.48 -9.02 96.84
N ASP F 550 5.21 -8.58 95.61
CA ASP F 550 3.88 -8.15 95.23
C ASP F 550 3.11 -9.20 94.44
N ILE F 551 3.79 -10.26 93.97
CA ILE F 551 3.16 -11.30 93.18
C ILE F 551 2.72 -12.40 94.13
N ALA F 552 1.74 -13.19 93.69
CA ALA F 552 1.25 -14.35 94.41
C ALA F 552 1.68 -15.60 93.68
N GLY F 553 1.83 -16.70 94.42
CA GLY F 553 2.16 -17.98 93.81
C GLY F 553 3.48 -17.93 93.06
N ASN F 554 3.57 -18.77 92.02
CA ASN F 554 4.72 -18.91 91.14
C ASN F 554 6.04 -18.81 91.92
N LYS F 555 6.18 -19.69 92.90
CA LYS F 555 7.42 -19.75 93.67
C LYS F 555 8.58 -20.17 92.78
N GLN F 556 8.35 -21.15 91.90
CA GLN F 556 9.38 -21.56 90.96
C GLN F 556 9.79 -20.41 90.05
N ALA F 557 8.81 -19.67 89.53
CA ALA F 557 9.12 -18.52 88.69
C ALA F 557 9.89 -17.47 89.46
N LYS F 558 9.52 -17.25 90.71
CA LYS F 558 10.27 -16.30 91.54
C LYS F 558 11.72 -16.75 91.74
N VAL F 559 11.95 -18.06 91.90
CA VAL F 559 13.32 -18.54 92.06
C VAL F 559 14.10 -18.34 90.76
N GLU F 560 13.50 -18.72 89.63
CA GLU F 560 14.21 -18.59 88.36
C GLU F 560 14.42 -17.13 87.97
N LEU F 561 13.63 -16.19 88.49
CA LEU F 561 13.85 -14.79 88.20
C LEU F 561 14.83 -14.16 89.17
N MET F 562 14.82 -14.61 90.43
CA MET F 562 15.87 -14.21 91.35
C MET F 562 17.23 -14.67 90.87
N GLU F 563 17.29 -15.80 90.16
CA GLU F 563 18.50 -16.15 89.44
C GLU F 563 18.96 -15.02 88.53
N VAL F 564 18.05 -14.48 87.71
CA VAL F 564 18.41 -13.42 86.79
C VAL F 564 18.86 -12.17 87.53
N VAL F 565 18.15 -11.78 88.60
CA VAL F 565 18.53 -10.57 89.31
C VAL F 565 19.86 -10.76 90.01
N ASP F 566 20.14 -11.99 90.49
CA ASP F 566 21.40 -12.26 91.15
C ASP F 566 22.55 -12.23 90.16
N PHE F 567 22.28 -12.59 88.90
CA PHE F 567 23.31 -12.43 87.88
C PHE F 567 23.44 -10.98 87.45
N PHE F 568 22.38 -10.19 87.60
CA PHE F 568 22.40 -8.83 87.10
C PHE F 568 23.10 -7.88 88.05
N ARG F 569 22.59 -7.76 89.28
CA ARG F 569 23.15 -6.75 90.18
C ARG F 569 24.46 -7.21 90.83
N THR F 570 24.50 -8.45 91.31
CA THR F 570 25.64 -8.96 92.09
C THR F 570 26.19 -10.21 91.44
N PRO F 571 26.96 -10.08 90.37
CA PRO F 571 27.53 -11.27 89.71
C PRO F 571 28.88 -11.72 90.28
N GLU F 572 28.85 -12.25 91.50
CA GLU F 572 30.06 -12.77 92.13
C GLU F 572 30.12 -14.29 92.15
N LYS F 573 29.05 -14.95 92.61
CA LYS F 573 28.99 -16.40 92.53
C LYS F 573 29.33 -16.92 91.14
N PHE F 574 28.93 -16.18 90.13
CA PHE F 574 29.14 -16.57 88.74
C PHE F 574 30.50 -16.17 88.21
N LYS F 575 31.38 -15.59 89.02
CA LYS F 575 32.78 -15.52 88.61
C LYS F 575 33.47 -16.86 88.84
N ALA F 576 33.31 -17.43 90.04
CA ALA F 576 33.81 -18.77 90.31
C ALA F 576 33.01 -19.84 89.59
N SER F 577 31.75 -19.56 89.23
CA SER F 577 30.96 -20.54 88.46
C SER F 577 31.63 -20.87 87.12
N GLY F 578 32.05 -19.84 86.39
CA GLY F 578 32.51 -20.01 85.04
C GLY F 578 31.42 -19.99 84.00
N ALA F 579 30.34 -19.25 84.24
CA ALA F 579 29.19 -19.25 83.37
C ALA F 579 28.75 -17.83 83.05
N ARG F 580 28.36 -17.63 81.79
CA ARG F 580 27.81 -16.36 81.34
C ARG F 580 26.40 -16.18 81.88
N ALA F 581 25.78 -15.06 81.52
CA ALA F 581 24.41 -14.78 81.91
C ALA F 581 23.45 -15.10 80.77
N PRO F 582 22.20 -15.45 81.08
CA PRO F 582 21.25 -15.73 80.00
C PRO F 582 20.73 -14.44 79.36
N LYS F 583 20.53 -14.50 78.05
CA LYS F 583 20.08 -13.35 77.28
C LYS F 583 18.56 -13.29 77.12
N GLY F 584 17.89 -14.44 77.05
CA GLY F 584 16.47 -14.48 76.78
C GLY F 584 15.71 -15.28 77.82
N VAL F 585 14.57 -14.73 78.23
CA VAL F 585 13.67 -15.37 79.17
C VAL F 585 12.26 -15.28 78.61
N LEU F 586 11.67 -16.44 78.31
CA LEU F 586 10.35 -16.52 77.69
C LEU F 586 9.33 -16.91 78.75
N LEU F 587 8.38 -16.02 79.02
CA LEU F 587 7.30 -16.29 79.96
C LEU F 587 6.13 -16.86 79.18
N VAL F 588 5.82 -18.14 79.40
CA VAL F 588 4.68 -18.78 78.76
C VAL F 588 3.61 -19.03 79.82
N GLY F 589 2.36 -18.95 79.40
CA GLY F 589 1.25 -19.15 80.29
C GLY F 589 0.00 -18.44 79.83
N PRO F 590 -1.14 -18.82 80.39
CA PRO F 590 -2.40 -18.17 80.00
C PRO F 590 -2.37 -16.70 80.38
N PRO F 591 -3.21 -15.89 79.75
CA PRO F 591 -3.24 -14.46 80.08
C PRO F 591 -4.08 -14.18 81.31
N GLY F 592 -3.63 -13.19 82.08
CA GLY F 592 -4.32 -12.77 83.27
C GLY F 592 -3.69 -13.18 84.58
N ASN F 593 -2.46 -13.67 84.55
CA ASN F 593 -1.76 -14.09 85.76
C ASN F 593 -0.55 -13.23 86.07
N GLY F 594 -0.44 -12.07 85.43
CA GLY F 594 0.62 -11.13 85.74
C GLY F 594 1.93 -11.39 85.03
N LYS F 595 1.90 -11.45 83.71
CA LYS F 595 3.12 -11.56 82.93
C LYS F 595 3.75 -10.21 82.64
N THR F 596 3.09 -9.12 82.98
CA THR F 596 3.69 -7.80 82.86
C THR F 596 4.19 -7.32 84.22
N LEU F 597 3.40 -7.55 85.26
CA LEU F 597 3.76 -7.20 86.62
C LEU F 597 5.03 -7.90 87.09
N MET F 598 5.23 -9.17 86.73
CA MET F 598 6.44 -9.86 87.13
C MET F 598 7.65 -9.33 86.38
N ALA F 599 7.45 -8.91 85.13
CA ALA F 599 8.51 -8.24 84.39
C ALA F 599 8.91 -6.93 85.06
N ARG F 600 7.92 -6.13 85.47
CA ARG F 600 8.24 -4.91 86.17
C ARG F 600 8.91 -5.17 87.51
N ALA F 601 8.51 -6.26 88.18
CA ALA F 601 9.12 -6.58 89.47
C ALA F 601 10.57 -7.01 89.30
N VAL F 602 10.88 -7.76 88.23
CA VAL F 602 12.28 -8.15 88.02
C VAL F 602 13.10 -6.93 87.61
N ALA F 603 12.49 -6.02 86.85
CA ALA F 603 13.16 -4.77 86.51
C ALA F 603 13.40 -3.92 87.76
N GLY F 604 12.51 -4.02 88.75
CA GLY F 604 12.68 -3.25 89.96
C GLY F 604 13.75 -3.82 90.87
N GLU F 605 13.65 -5.11 91.21
CA GLU F 605 14.65 -5.72 92.08
C GLU F 605 16.01 -5.74 91.43
N SER F 606 16.06 -5.74 90.09
CA SER F 606 17.34 -5.53 89.43
C SER F 606 17.79 -4.08 89.52
N GLY F 607 16.87 -3.15 89.68
CA GLY F 607 17.22 -1.75 89.84
C GLY F 607 17.81 -1.11 88.61
N VAL F 608 17.45 -1.58 87.43
CA VAL F 608 17.96 -1.03 86.18
C VAL F 608 16.78 -0.65 85.29
N ALA F 609 17.08 0.02 84.18
CA ALA F 609 16.06 0.54 83.28
C ALA F 609 15.16 -0.57 82.77
N PHE F 610 14.00 -0.15 82.25
CA PHE F 610 12.97 -1.09 81.80
C PHE F 610 12.18 -0.38 80.69
N ILE F 611 12.54 -0.66 79.44
CA ILE F 611 11.84 -0.09 78.30
C ILE F 611 10.80 -1.10 77.85
N SER F 612 9.56 -0.89 78.27
CA SER F 612 8.47 -1.79 77.93
C SER F 612 7.91 -1.43 76.56
N SER F 613 7.55 -2.47 75.81
CA SER F 613 6.98 -2.32 74.49
C SER F 613 6.21 -3.59 74.17
N SER F 614 5.17 -3.46 73.35
CA SER F 614 4.40 -4.62 72.91
C SER F 614 4.63 -4.85 71.43
N ALA F 615 4.39 -6.10 71.00
CA ALA F 615 4.52 -6.42 69.59
C ALA F 615 3.42 -5.79 68.75
N ALA F 616 2.30 -5.40 69.36
CA ALA F 616 1.25 -4.72 68.61
C ALA F 616 1.72 -3.37 68.09
N GLU F 617 2.73 -2.80 68.73
CA GLU F 617 3.35 -1.57 68.22
C GLU F 617 4.19 -1.82 67.00
N PHE F 618 4.63 -3.05 66.79
CA PHE F 618 5.39 -3.43 65.59
C PHE F 618 4.49 -3.91 64.46
N ILE F 619 3.18 -3.89 64.64
CA ILE F 619 2.25 -4.29 63.59
C ILE F 619 1.85 -3.04 62.79
N GLU F 620 2.37 -2.94 61.57
CA GLU F 620 2.14 -1.77 60.72
C GLU F 620 2.17 -2.20 59.26
N MET F 621 1.16 -1.77 58.50
CA MET F 621 1.01 -2.16 57.11
C MET F 621 1.73 -1.25 56.13
N TYR F 622 2.59 -0.36 56.60
CA TYR F 622 3.43 0.38 55.67
C TYR F 622 4.65 -0.47 55.30
N MET F 623 5.46 0.06 54.40
CA MET F 623 6.62 -0.67 53.88
C MET F 623 7.85 -0.34 54.72
N GLY F 624 8.27 -1.29 55.56
CA GLY F 624 9.58 -1.24 56.19
C GLY F 624 9.70 -0.37 57.42
N LEU F 625 8.65 -0.24 58.23
CA LEU F 625 8.78 0.50 59.48
C LEU F 625 8.84 -0.40 60.70
N GLY F 626 8.45 -1.68 60.59
CA GLY F 626 8.61 -2.58 61.71
C GLY F 626 10.06 -2.76 62.09
N ALA F 627 10.92 -2.99 61.11
CA ALA F 627 12.35 -3.09 61.38
C ALA F 627 12.90 -1.77 61.91
N ALA F 628 12.34 -0.64 61.46
CA ALA F 628 12.77 0.64 62.00
C ALA F 628 12.45 0.75 63.49
N ARG F 629 11.25 0.35 63.89
CA ARG F 629 10.89 0.39 65.30
C ARG F 629 11.76 -0.56 66.12
N VAL F 630 11.99 -1.78 65.62
CA VAL F 630 12.88 -2.69 66.33
C VAL F 630 14.26 -2.06 66.49
N ARG F 631 14.78 -1.46 65.41
CA ARG F 631 16.12 -0.89 65.44
C ARG F 631 16.22 0.26 66.43
N ASP F 632 15.24 1.16 66.44
CA ASP F 632 15.34 2.29 67.35
C ASP F 632 15.19 1.84 68.80
N LEU F 633 14.27 0.90 69.06
CA LEU F 633 14.16 0.34 70.40
C LEU F 633 15.48 -0.25 70.87
N PHE F 634 16.12 -1.05 70.02
CA PHE F 634 17.35 -1.71 70.44
C PHE F 634 18.50 -0.73 70.54
N ASN F 635 18.50 0.35 69.75
CA ASN F 635 19.56 1.32 69.86
C ASN F 635 19.44 2.13 71.16
N THR F 636 18.22 2.55 71.51
CA THR F 636 18.05 3.20 72.81
C THR F 636 18.42 2.26 73.95
N ALA F 637 18.05 0.98 73.85
CA ALA F 637 18.41 0.02 74.89
C ALA F 637 19.92 -0.15 74.99
N ARG F 638 20.62 -0.15 73.85
CA ARG F 638 22.08 -0.25 73.87
C ARG F 638 22.70 1.02 74.47
N SER F 639 22.06 2.16 74.24
CA SER F 639 22.59 3.42 74.77
C SER F 639 22.41 3.53 76.28
N VAL F 640 21.31 3.00 76.82
CA VAL F 640 21.04 3.08 78.25
C VAL F 640 21.41 1.79 78.96
N ALA F 641 22.28 0.98 78.38
CA ALA F 641 22.68 -0.29 78.98
C ALA F 641 23.27 -0.06 80.37
N PRO F 642 23.11 -1.00 81.32
CA PRO F 642 22.38 -2.28 81.19
C PRO F 642 20.87 -2.06 81.14
N CYS F 643 20.11 -3.08 80.78
CA CYS F 643 18.69 -2.89 80.54
C CYS F 643 17.96 -4.22 80.66
N ILE F 644 16.64 -4.13 80.50
CA ILE F 644 15.75 -5.29 80.38
C ILE F 644 14.66 -4.88 79.40
N ILE F 645 14.53 -5.62 78.31
CA ILE F 645 13.61 -5.28 77.24
C ILE F 645 12.47 -6.30 77.25
N PHE F 646 11.29 -5.86 77.65
CA PHE F 646 10.12 -6.72 77.74
C PHE F 646 9.20 -6.43 76.55
N ILE F 647 8.81 -7.48 75.84
CA ILE F 647 7.93 -7.36 74.68
C ILE F 647 6.70 -8.21 74.91
N ASP F 648 5.54 -7.56 74.99
CA ASP F 648 4.26 -8.24 75.13
C ASP F 648 3.68 -8.50 73.74
N GLU F 649 2.71 -9.42 73.67
CA GLU F 649 2.03 -9.79 72.42
C GLU F 649 2.96 -10.47 71.43
N LEU F 650 3.99 -11.16 71.92
CA LEU F 650 4.95 -11.77 71.02
C LEU F 650 4.32 -12.85 70.16
N ASP F 651 3.26 -13.51 70.66
CA ASP F 651 2.62 -14.58 69.91
C ASP F 651 1.92 -14.09 68.65
N ALA F 652 1.77 -12.79 68.47
CA ALA F 652 1.01 -12.25 67.36
C ALA F 652 1.89 -11.72 66.22
N VAL F 653 3.20 -11.73 66.38
CA VAL F 653 4.12 -11.29 65.33
C VAL F 653 5.13 -12.39 64.98
N GLY F 654 5.61 -13.12 65.98
CA GLY F 654 6.68 -14.07 65.78
C GLY F 654 6.24 -15.48 65.46
N ARG F 655 5.09 -15.63 64.82
CA ARG F 655 4.70 -16.94 64.33
C ARG F 655 5.58 -17.33 63.13
N GLN F 656 5.55 -18.61 62.80
CA GLN F 656 6.49 -19.16 61.84
C GLN F 656 6.29 -18.54 60.45
N ARG F 657 7.39 -18.29 59.76
CA ARG F 657 7.34 -17.67 58.45
C ARG F 657 6.87 -18.66 57.40
N GLN F 658 6.09 -18.16 56.43
CA GLN F 658 5.44 -19.01 55.45
C GLN F 658 5.23 -18.20 54.17
N GLY F 659 4.71 -18.88 53.15
CA GLY F 659 4.31 -18.20 51.94
C GLY F 659 3.08 -17.34 52.17
N GLY F 660 1.94 -17.99 52.43
CA GLY F 660 0.75 -17.28 52.88
C GLY F 660 0.36 -16.11 51.98
N GLY F 661 -0.24 -15.10 52.60
CA GLY F 661 -0.69 -13.92 51.88
C GLY F 661 0.43 -12.91 51.67
N ARG F 662 0.03 -11.68 51.34
CA ARG F 662 1.01 -10.65 51.03
C ARG F 662 1.58 -10.01 52.30
N SER F 663 0.87 -10.10 53.42
CA SER F 663 1.46 -9.70 54.69
C SER F 663 2.74 -10.46 54.98
N ASN F 664 2.84 -11.70 54.51
CA ASN F 664 4.05 -12.50 54.68
C ASN F 664 5.23 -11.91 53.92
N ASP F 665 5.03 -10.82 53.18
CA ASP F 665 6.16 -10.12 52.59
C ASP F 665 6.79 -9.15 53.58
N GLU F 666 5.99 -8.55 54.46
CA GLU F 666 6.51 -7.55 55.39
C GLU F 666 6.52 -8.05 56.83
N ARG F 667 5.43 -8.68 57.26
CA ARG F 667 5.39 -9.25 58.60
C ARG F 667 6.57 -10.18 58.83
N ASP F 668 6.92 -10.96 57.81
CA ASP F 668 8.14 -11.76 57.86
C ASP F 668 9.37 -10.89 58.03
N ASN F 669 9.53 -9.89 57.15
CA ASN F 669 10.69 -9.00 57.21
C ASN F 669 10.93 -8.47 58.61
N THR F 670 9.87 -7.97 59.25
CA THR F 670 9.95 -7.50 60.63
C THR F 670 10.67 -8.50 61.52
N VAL F 671 10.16 -9.73 61.55
CA VAL F 671 10.74 -10.75 62.43
C VAL F 671 12.23 -10.93 62.12
N ASN F 672 12.59 -10.84 60.84
CA ASN F 672 13.98 -11.00 60.45
C ASN F 672 14.87 -10.03 61.21
N GLN F 673 14.44 -8.77 61.31
CA GLN F 673 15.21 -7.79 62.09
C GLN F 673 15.46 -8.31 63.50
N LEU F 674 14.41 -8.77 64.17
CA LEU F 674 14.56 -9.33 65.51
C LEU F 674 15.63 -10.40 65.54
N LEU F 675 15.63 -11.29 64.55
CA LEU F 675 16.54 -12.43 64.60
C LEU F 675 17.99 -12.00 64.51
N THR F 676 18.24 -10.74 64.16
CA THR F 676 19.60 -10.23 64.06
C THR F 676 19.90 -9.17 65.11
N GLU F 677 19.06 -9.04 66.13
CA GLU F 677 19.36 -8.16 67.25
C GLU F 677 19.74 -8.92 68.51
N MET F 678 18.98 -9.95 68.87
CA MET F 678 19.29 -10.73 70.06
C MET F 678 20.53 -11.59 69.86
N ASP F 679 20.77 -12.09 68.65
CA ASP F 679 22.03 -12.79 68.38
C ASP F 679 22.89 -12.01 67.39
N GLY F 680 22.39 -11.81 66.18
CA GLY F 680 22.99 -10.91 65.21
C GLY F 680 24.48 -11.02 64.95
N PHE F 681 25.04 -9.96 64.38
CA PHE F 681 26.48 -9.75 64.30
C PHE F 681 26.90 -8.96 65.54
N GLU F 682 28.12 -8.43 65.53
CA GLU F 682 28.68 -7.62 66.63
C GLU F 682 28.88 -8.45 67.88
N ALA F 683 28.41 -9.70 67.83
CA ALA F 683 28.61 -10.75 68.83
C ALA F 683 27.85 -10.47 70.12
N GLU F 684 27.43 -9.23 70.32
CA GLU F 684 26.59 -8.82 71.45
C GLU F 684 26.39 -7.31 71.42
N GLN F 685 25.58 -6.80 72.35
CA GLN F 685 25.64 -5.39 72.70
C GLN F 685 26.20 -5.21 74.10
N GLN F 686 25.56 -5.78 75.11
CA GLN F 686 26.06 -5.85 76.48
C GLN F 686 25.87 -7.23 77.08
N GLY F 687 24.87 -7.98 76.63
CA GLY F 687 24.38 -9.14 77.34
C GLY F 687 23.00 -8.81 77.89
N ILE F 688 22.39 -7.76 77.32
CA ILE F 688 21.12 -7.25 77.78
C ILE F 688 20.10 -8.39 77.86
N VAL F 689 19.26 -8.34 78.88
CA VAL F 689 18.22 -9.35 79.06
C VAL F 689 16.98 -8.91 78.30
N VAL F 690 16.42 -9.84 77.52
CA VAL F 690 15.20 -9.62 76.76
C VAL F 690 14.19 -10.68 77.17
N MET F 691 12.96 -10.27 77.44
CA MET F 691 11.90 -11.19 77.82
C MET F 691 10.64 -10.91 77.02
N GLY F 692 9.83 -11.94 76.86
CA GLY F 692 8.63 -11.83 76.05
C GLY F 692 7.42 -12.53 76.61
N ALA F 693 6.26 -11.94 76.42
CA ALA F 693 5.00 -12.50 76.90
C ALA F 693 4.31 -13.21 75.74
N THR F 694 4.26 -14.53 75.80
CA THR F 694 3.53 -15.34 74.84
C THR F 694 2.71 -16.39 75.58
N ASN F 695 1.67 -16.89 74.93
CA ASN F 695 0.79 -17.86 75.56
C ASN F 695 1.17 -19.29 75.22
N ARG F 696 1.79 -19.49 74.06
CA ARG F 696 2.14 -20.83 73.61
C ARG F 696 3.50 -20.78 72.91
N LYS F 697 4.43 -21.60 73.38
CA LYS F 697 5.77 -21.62 72.81
C LYS F 697 5.82 -22.32 71.46
N ASP F 698 4.85 -23.19 71.15
CA ASP F 698 4.91 -23.97 69.92
C ASP F 698 4.48 -23.17 68.70
N VAL F 699 3.87 -22.00 68.89
CA VAL F 699 3.38 -21.21 67.77
C VAL F 699 4.51 -20.40 67.16
N LEU F 700 5.45 -19.95 67.99
CA LEU F 700 6.57 -19.19 67.51
C LEU F 700 7.55 -20.09 66.76
N ASP F 701 8.27 -19.50 65.81
CA ASP F 701 9.14 -20.29 64.94
C ASP F 701 10.39 -20.75 65.69
N ALA F 702 11.11 -21.69 65.08
CA ALA F 702 12.27 -22.29 65.72
C ALA F 702 13.44 -21.32 65.78
N ALA F 703 13.47 -20.32 64.90
CA ALA F 703 14.58 -19.37 64.90
C ALA F 703 14.56 -18.48 66.14
N LEU F 704 13.37 -18.09 66.61
CA LEU F 704 13.28 -17.24 67.78
C LEU F 704 13.58 -17.99 69.07
N THR F 705 12.77 -18.99 69.39
CA THR F 705 12.82 -19.66 70.69
C THR F 705 14.04 -20.56 70.84
N ARG F 706 14.93 -20.58 69.92
CA ARG F 706 16.09 -21.45 70.08
C ARG F 706 17.01 -20.91 71.16
N PRO F 707 17.81 -21.76 71.79
CA PRO F 707 18.79 -21.27 72.76
C PRO F 707 19.81 -20.37 72.10
N GLY F 708 20.25 -19.36 72.84
CA GLY F 708 21.07 -18.29 72.33
C GLY F 708 20.28 -17.03 72.02
N ARG F 709 18.98 -17.16 71.80
CA ARG F 709 18.09 -16.01 71.67
C ARG F 709 17.02 -15.98 72.75
N PHE F 710 16.67 -17.14 73.30
CA PHE F 710 15.81 -17.24 74.48
C PHE F 710 16.30 -18.47 75.25
N ASP F 711 17.20 -18.24 76.21
CA ASP F 711 17.83 -19.35 76.91
C ASP F 711 16.89 -20.00 77.91
N ARG F 712 16.24 -19.21 78.76
CA ARG F 712 15.36 -19.76 79.79
C ARG F 712 13.92 -19.60 79.34
N SER F 713 13.11 -20.61 79.62
CA SER F 713 11.68 -20.57 79.31
C SER F 713 10.94 -20.97 80.56
N ILE F 714 10.27 -20.01 81.19
CA ILE F 714 9.58 -20.24 82.45
C ILE F 714 8.08 -20.13 82.21
N GLU F 715 7.31 -20.74 83.10
CA GLU F 715 5.88 -20.89 82.92
C GLU F 715 5.10 -20.18 84.03
N VAL F 716 3.94 -19.67 83.66
CA VAL F 716 3.05 -18.96 84.57
C VAL F 716 1.70 -19.66 84.51
N ARG F 717 1.41 -20.49 85.51
CA ARG F 717 0.15 -21.21 85.56
C ARG F 717 -0.88 -20.44 86.39
N ARG F 718 -2.07 -21.01 86.51
CA ARG F 718 -3.07 -20.43 87.38
C ARG F 718 -2.68 -20.65 88.85
N PRO F 719 -3.20 -19.85 89.76
CA PRO F 719 -2.83 -20.00 91.17
C PRO F 719 -3.22 -21.37 91.71
N ASP F 720 -2.28 -21.98 92.44
CA ASP F 720 -2.51 -23.27 93.07
C ASP F 720 -3.29 -23.06 94.37
N PHE F 721 -3.38 -24.11 95.19
CA PHE F 721 -4.03 -23.99 96.48
C PHE F 721 -3.30 -22.98 97.37
N GLN F 722 -1.98 -23.05 97.42
CA GLN F 722 -1.20 -22.07 98.16
C GLN F 722 -1.28 -20.69 97.51
N GLY F 723 -1.20 -20.65 96.18
CA GLY F 723 -1.29 -19.37 95.48
C GLY F 723 -2.59 -18.66 95.75
N ARG F 724 -3.70 -19.40 95.68
CA ARG F 724 -4.99 -18.81 96.02
C ARG F 724 -5.08 -18.49 97.51
N LEU F 725 -4.51 -19.35 98.36
CA LEU F 725 -4.52 -19.11 99.81
C LEU F 725 -3.92 -17.75 100.14
N GLU F 726 -2.83 -17.38 99.47
CA GLU F 726 -2.20 -16.10 99.77
C GLU F 726 -2.69 -14.96 98.89
N ALA F 727 -3.25 -15.24 97.72
CA ALA F 727 -3.80 -14.18 96.89
C ALA F 727 -5.17 -13.73 97.37
N VAL F 728 -5.88 -14.56 98.12
CA VAL F 728 -7.17 -14.13 98.66
C VAL F 728 -6.95 -13.06 99.72
N LYS F 729 -5.93 -13.23 100.56
CA LYS F 729 -5.63 -12.22 101.57
C LYS F 729 -4.85 -11.05 101.00
N VAL F 730 -3.95 -11.29 100.05
CA VAL F 730 -3.13 -10.18 99.55
C VAL F 730 -3.96 -9.21 98.72
N HIS F 731 -5.12 -9.65 98.25
CA HIS F 731 -6.02 -8.77 97.49
C HIS F 731 -7.00 -8.03 98.37
N LEU F 732 -7.05 -8.36 99.66
CA LEU F 732 -7.88 -7.63 100.62
C LEU F 732 -7.06 -6.87 101.65
N ARG F 733 -5.75 -6.76 101.50
CA ARG F 733 -4.95 -5.91 102.38
C ARG F 733 -5.36 -4.45 102.22
N ASP F 734 -5.61 -4.02 100.99
CA ASP F 734 -6.12 -2.69 100.71
C ASP F 734 -7.63 -2.65 100.55
N LYS F 735 -8.33 -3.62 101.13
CA LYS F 735 -9.78 -3.70 101.07
C LYS F 735 -10.36 -3.88 102.46
N PRO F 736 -11.42 -3.15 102.81
CA PRO F 736 -12.09 -3.39 104.09
C PRO F 736 -12.71 -4.78 104.11
N VAL F 737 -12.56 -5.47 105.24
CA VAL F 737 -13.12 -6.80 105.41
C VAL F 737 -13.15 -7.12 106.90
N ALA F 738 -13.99 -8.07 107.28
CA ALA F 738 -14.27 -8.37 108.69
C ALA F 738 -13.29 -9.42 109.20
N ALA F 739 -13.59 -9.95 110.40
CA ALA F 739 -12.69 -10.89 111.06
C ALA F 739 -13.10 -12.35 110.86
N GLU F 740 -14.39 -12.63 110.70
CA GLU F 740 -14.85 -14.01 110.57
C GLU F 740 -14.64 -14.54 109.16
N ILE F 741 -13.38 -14.76 108.80
CA ILE F 741 -13.03 -15.28 107.49
C ILE F 741 -11.97 -16.36 107.66
N ASP F 742 -12.13 -17.46 106.89
CA ASP F 742 -11.14 -18.53 106.85
C ASP F 742 -10.67 -18.63 105.40
N TYR F 743 -9.45 -18.16 105.14
CA TYR F 743 -8.95 -18.09 103.77
C TYR F 743 -8.75 -19.47 103.15
N VAL F 744 -8.62 -20.53 103.94
CA VAL F 744 -8.46 -21.86 103.36
C VAL F 744 -9.77 -22.31 102.73
N SER F 745 -10.90 -21.84 103.27
CA SER F 745 -12.19 -22.18 102.68
C SER F 745 -12.33 -21.63 101.28
N LEU F 746 -11.99 -20.35 101.08
CA LEU F 746 -12.08 -19.77 99.73
C LEU F 746 -10.92 -20.24 98.86
N ALA F 747 -9.81 -20.65 99.47
CA ALA F 747 -8.71 -21.20 98.69
C ALA F 747 -9.08 -22.55 98.10
N SER F 748 -9.85 -23.35 98.83
CA SER F 748 -10.32 -24.62 98.30
C SER F 748 -11.68 -24.50 97.63
N LEU F 749 -12.29 -23.31 97.66
CA LEU F 749 -13.64 -23.15 97.17
C LEU F 749 -13.72 -22.60 95.76
N MET F 750 -12.67 -21.94 95.27
CA MET F 750 -12.70 -21.36 93.93
C MET F 750 -11.49 -21.78 93.10
N GLY F 751 -11.04 -23.02 93.26
CA GLY F 751 -9.94 -23.51 92.47
C GLY F 751 -10.31 -23.55 90.99
N GLY F 752 -9.41 -23.00 90.18
CA GLY F 752 -9.59 -23.00 88.74
C GLY F 752 -9.71 -21.65 88.10
N MET F 753 -9.80 -20.57 88.89
CA MET F 753 -9.88 -19.24 88.33
C MET F 753 -8.50 -18.62 88.23
N SER F 754 -8.38 -17.60 87.38
CA SER F 754 -7.15 -16.85 87.22
C SER F 754 -7.05 -15.76 88.26
N GLY F 755 -5.85 -15.19 88.41
CA GLY F 755 -5.64 -14.15 89.40
C GLY F 755 -6.48 -12.92 89.12
N ALA F 756 -6.57 -12.51 87.84
CA ALA F 756 -7.47 -11.43 87.47
C ALA F 756 -8.90 -11.72 87.91
N GLN F 757 -9.30 -12.99 87.91
CA GLN F 757 -10.65 -13.32 88.34
C GLN F 757 -10.79 -13.21 89.86
N ILE F 758 -9.70 -13.47 90.60
CA ILE F 758 -9.75 -13.24 92.03
C ILE F 758 -9.89 -11.75 92.32
N ALA F 759 -9.13 -10.92 91.59
CA ALA F 759 -9.32 -9.48 91.71
C ALA F 759 -10.75 -9.09 91.36
N GLY F 760 -11.33 -9.73 90.35
CA GLY F 760 -12.69 -9.42 89.95
C GLY F 760 -13.72 -9.78 91.00
N VAL F 761 -13.54 -10.94 91.66
CA VAL F 761 -14.51 -11.35 92.67
C VAL F 761 -14.38 -10.48 93.91
N ALA F 762 -13.16 -10.04 94.23
CA ALA F 762 -13.01 -9.09 95.34
C ALA F 762 -13.68 -7.77 95.01
N ASN F 763 -13.44 -7.25 93.81
CA ASN F 763 -14.13 -6.06 93.33
C ASN F 763 -15.64 -6.21 93.43
N THR F 764 -16.17 -7.37 93.01
CA THR F 764 -17.61 -7.59 93.00
C THR F 764 -18.18 -7.67 94.40
N ALA F 765 -17.48 -8.33 95.32
CA ALA F 765 -17.95 -8.36 96.71
C ALA F 765 -17.97 -6.97 97.32
N CYS F 766 -16.92 -6.18 97.07
CA CYS F 766 -16.89 -4.80 97.57
C CYS F 766 -18.03 -3.99 97.00
N PHE F 767 -18.29 -4.13 95.70
CA PHE F 767 -19.38 -3.36 95.08
C PHE F 767 -20.74 -3.81 95.57
N LEU F 768 -20.91 -5.11 95.84
CA LEU F 768 -22.18 -5.57 96.38
C LEU F 768 -22.36 -5.03 97.80
N ALA F 769 -21.28 -4.96 98.58
CA ALA F 769 -21.37 -4.27 99.86
C ALA F 769 -21.82 -2.83 99.67
N SER F 770 -21.21 -2.12 98.72
CA SER F 770 -21.63 -0.75 98.41
C SER F 770 -23.13 -0.68 98.14
N ARG F 771 -23.63 -1.50 97.22
CA ARG F 771 -25.04 -1.57 96.90
C ARG F 771 -25.89 -2.07 98.06
N ASP F 772 -25.29 -2.67 99.08
CA ASP F 772 -26.04 -3.12 100.25
C ASP F 772 -26.06 -2.09 101.36
N GLY F 773 -25.15 -1.11 101.32
CA GLY F 773 -25.05 -0.10 102.34
C GLY F 773 -23.91 -0.29 103.31
N ARG F 774 -23.44 -1.52 103.50
CA ARG F 774 -22.27 -1.79 104.32
C ARG F 774 -21.01 -1.49 103.52
N SER F 775 -19.88 -1.33 104.19
CA SER F 775 -18.62 -1.03 103.50
C SER F 775 -17.82 -2.28 103.16
N GLU F 776 -17.91 -3.33 103.97
CA GLU F 776 -17.14 -4.54 103.76
C GLU F 776 -18.10 -5.73 103.71
N VAL F 777 -17.55 -6.92 103.55
CA VAL F 777 -18.36 -8.12 103.33
C VAL F 777 -17.88 -9.21 104.30
N ASN F 778 -18.83 -10.02 104.76
CA ASN F 778 -18.51 -11.21 105.53
C ASN F 778 -18.26 -12.35 104.55
N GLN F 779 -18.16 -13.57 105.09
CA GLN F 779 -18.03 -14.74 104.21
C GLN F 779 -19.23 -14.87 103.28
N THR F 780 -20.43 -14.93 103.85
CA THR F 780 -21.61 -15.44 103.16
C THR F 780 -21.88 -14.77 101.82
N ASP F 781 -21.52 -13.50 101.67
CA ASP F 781 -21.89 -12.79 100.45
C ASP F 781 -20.79 -12.83 99.39
N LEU F 782 -19.53 -12.81 99.81
CA LEU F 782 -18.47 -13.02 98.84
C LEU F 782 -18.45 -14.46 98.34
N THR F 783 -18.92 -15.42 99.15
CA THR F 783 -19.16 -16.75 98.61
C THR F 783 -20.18 -16.70 97.49
N LEU F 784 -21.26 -15.93 97.65
CA LEU F 784 -22.24 -15.80 96.58
C LEU F 784 -21.63 -15.10 95.38
N ALA F 785 -20.75 -14.13 95.63
CA ALA F 785 -20.10 -13.43 94.53
C ALA F 785 -19.23 -14.37 93.71
N VAL F 786 -18.46 -15.24 94.37
CA VAL F 786 -17.61 -16.16 93.62
C VAL F 786 -18.46 -17.22 92.92
N GLU F 787 -19.55 -17.66 93.55
CA GLU F 787 -20.37 -18.69 92.91
C GLU F 787 -21.11 -18.12 91.70
N GLN F 788 -21.46 -16.83 91.73
CA GLN F 788 -22.04 -16.22 90.54
C GLN F 788 -20.97 -15.79 89.55
N ALA F 789 -19.71 -15.73 89.97
CA ALA F 789 -18.62 -15.56 89.01
C ALA F 789 -18.31 -16.87 88.32
N LYS F 790 -18.66 -18.00 88.94
CA LYS F 790 -18.49 -19.29 88.29
C LYS F 790 -19.67 -19.61 87.38
N TYR F 791 -20.88 -19.72 87.94
CA TYR F 791 -22.04 -20.20 87.22
C TYR F 791 -22.88 -19.08 86.63
N GLY F 792 -22.52 -17.83 86.84
CA GLY F 792 -23.23 -16.72 86.25
C GLY F 792 -24.62 -16.52 86.84
N ARG F 793 -25.20 -15.36 86.52
CA ARG F 793 -26.54 -15.02 86.97
C ARG F 793 -27.53 -15.09 85.81
N ARG F 799 -32.28 -14.76 83.81
CA ARG F 799 -33.24 -15.38 82.91
C ARG F 799 -34.42 -15.95 83.69
N PHE F 800 -35.59 -15.94 83.06
CA PHE F 800 -36.82 -16.42 83.68
C PHE F 800 -37.22 -17.74 83.03
N VAL F 801 -37.57 -18.71 83.87
CA VAL F 801 -37.98 -20.04 83.40
C VAL F 801 -39.39 -20.30 83.89
N GLY F 802 -40.27 -20.69 82.98
CA GLY F 802 -41.66 -20.89 83.32
C GLY F 802 -41.86 -21.97 84.37
N ALA F 803 -43.12 -22.11 84.80
CA ALA F 803 -43.43 -23.06 85.86
C ALA F 803 -43.73 -24.44 85.32
N GLY F 804 -43.94 -24.57 84.02
CA GLY F 804 -44.17 -25.88 83.43
C GLY F 804 -42.89 -26.50 82.93
N ARG F 805 -41.96 -25.67 82.46
CA ARG F 805 -40.64 -26.13 82.09
C ARG F 805 -39.77 -26.39 83.30
N LYS F 806 -40.13 -25.84 84.47
CA LYS F 806 -39.36 -26.05 85.68
C LYS F 806 -39.59 -27.43 86.29
N LYS F 807 -40.80 -27.96 86.19
CA LYS F 807 -41.02 -29.30 86.72
C LYS F 807 -40.35 -30.36 85.89
N ARG F 808 -40.15 -30.13 84.59
CA ARG F 808 -39.38 -31.07 83.80
C ARG F 808 -37.94 -31.16 84.30
N PHE F 809 -37.29 -30.01 84.48
CA PHE F 809 -35.98 -29.98 85.08
C PHE F 809 -35.97 -30.74 86.40
N ALA F 810 -36.91 -30.41 87.28
CA ALA F 810 -36.94 -31.08 88.58
C ALA F 810 -37.03 -32.58 88.43
N VAL F 811 -37.91 -33.07 87.55
CA VAL F 811 -38.15 -34.51 87.45
C VAL F 811 -36.93 -35.22 86.90
N MET F 812 -36.29 -34.64 85.89
CA MET F 812 -35.15 -35.34 85.29
C MET F 812 -33.95 -35.33 86.22
N GLU F 813 -33.66 -34.22 86.89
CA GLU F 813 -32.52 -34.23 87.80
C GLU F 813 -32.80 -35.13 89.00
N ALA F 814 -34.04 -35.20 89.45
CA ALA F 814 -34.35 -36.10 90.55
C ALA F 814 -34.19 -37.55 90.14
N SER F 815 -34.54 -37.89 88.89
CA SER F 815 -34.36 -39.27 88.46
C SER F 815 -32.89 -39.62 88.30
N ILE F 816 -32.09 -38.70 87.76
CA ILE F 816 -30.65 -38.94 87.66
C ILE F 816 -30.05 -39.14 89.05
N ALA F 817 -30.42 -38.29 90.01
CA ALA F 817 -29.90 -38.44 91.36
C ALA F 817 -30.29 -39.77 91.97
N LEU F 818 -31.55 -40.16 91.83
CA LEU F 818 -31.99 -41.42 92.40
C LEU F 818 -31.24 -42.60 91.80
N ALA F 819 -31.01 -42.57 90.48
CA ALA F 819 -30.25 -43.64 89.84
C ALA F 819 -28.82 -43.67 90.36
N ALA F 820 -28.09 -42.57 90.20
CA ALA F 820 -26.71 -42.51 90.65
C ALA F 820 -26.54 -42.86 92.11
N THR F 821 -27.57 -42.68 92.93
CA THR F 821 -27.46 -43.07 94.33
C THR F 821 -27.80 -44.53 94.56
N LEU F 822 -28.66 -45.13 93.73
CA LEU F 822 -29.06 -46.50 94.00
C LEU F 822 -28.22 -47.55 93.28
N LEU F 823 -27.43 -47.17 92.30
CA LEU F 823 -26.56 -48.13 91.62
C LEU F 823 -25.20 -48.17 92.31
N PRO F 824 -24.70 -49.35 92.68
CA PRO F 824 -23.57 -49.41 93.60
C PRO F 824 -22.23 -49.08 92.97
N ALA F 825 -22.11 -49.08 91.64
CA ALA F 825 -20.82 -48.83 91.01
C ALA F 825 -20.62 -47.38 90.64
N ILE F 826 -21.56 -46.50 90.95
CA ILE F 826 -21.46 -45.11 90.54
C ILE F 826 -21.13 -44.24 91.74
N GLU F 827 -20.32 -43.22 91.52
CA GLU F 827 -19.87 -42.35 92.60
C GLU F 827 -21.04 -41.68 93.29
N PRO F 828 -20.87 -41.27 94.55
CA PRO F 828 -21.96 -40.56 95.24
C PRO F 828 -22.18 -39.20 94.62
N VAL F 829 -23.34 -38.61 94.94
CA VAL F 829 -23.71 -37.34 94.37
C VAL F 829 -23.07 -36.20 95.15
N GLU F 830 -22.83 -35.10 94.46
CA GLU F 830 -22.19 -33.92 95.01
C GLU F 830 -23.15 -32.78 95.24
N TYR F 831 -23.97 -32.44 94.26
CA TYR F 831 -25.06 -31.49 94.38
C TYR F 831 -25.90 -31.54 93.12
N ALA F 832 -27.18 -31.19 93.27
CA ALA F 832 -28.13 -31.19 92.17
C ALA F 832 -28.82 -29.84 92.10
N THR F 833 -28.87 -29.26 90.91
CA THR F 833 -29.46 -27.95 90.70
C THR F 833 -30.33 -27.97 89.45
N ILE F 834 -31.33 -27.09 89.43
CA ILE F 834 -32.24 -26.98 88.29
C ILE F 834 -32.19 -25.60 87.66
N ILE F 835 -31.36 -24.71 88.21
CA ILE F 835 -31.21 -23.36 87.69
C ILE F 835 -30.30 -23.43 86.47
N PRO F 836 -30.79 -23.12 85.27
CA PRO F 836 -29.93 -23.13 84.10
C PRO F 836 -28.86 -22.06 84.19
N SER F 837 -27.70 -22.35 83.63
CA SER F 837 -26.61 -21.42 83.61
C SER F 837 -26.54 -20.75 82.24
N THR F 838 -25.49 -19.95 82.03
CA THR F 838 -25.38 -19.19 80.79
C THR F 838 -25.10 -20.09 79.59
N ARG F 839 -24.59 -21.29 79.81
CA ARG F 839 -24.18 -22.16 78.72
C ARG F 839 -24.97 -23.46 78.63
N SER F 840 -25.42 -24.01 79.76
CA SER F 840 -26.21 -25.22 79.74
C SER F 840 -27.68 -24.86 79.95
N PRO F 841 -28.54 -25.22 79.02
CA PRO F 841 -29.93 -24.76 79.09
C PRO F 841 -30.84 -25.61 79.97
N LEU F 842 -30.28 -26.46 80.82
CA LEU F 842 -31.09 -27.24 81.75
C LEU F 842 -30.29 -27.47 83.02
N GLY F 843 -30.82 -28.28 83.91
CA GLY F 843 -30.17 -28.49 85.19
C GLY F 843 -29.00 -29.45 85.10
N ARG F 844 -28.33 -29.63 86.23
CA ARG F 844 -27.16 -30.48 86.27
C ARG F 844 -27.11 -31.26 87.58
N THR F 845 -26.73 -32.52 87.50
CA THR F 845 -26.31 -33.30 88.65
C THR F 845 -24.83 -33.63 88.49
N VAL F 846 -24.08 -33.49 89.57
CA VAL F 846 -22.63 -33.66 89.56
C VAL F 846 -22.26 -34.80 90.50
N LEU F 847 -21.34 -35.64 90.05
CA LEU F 847 -20.85 -36.76 90.84
C LEU F 847 -19.47 -36.43 91.39
N LYS F 848 -19.13 -37.08 92.49
CA LYS F 848 -17.85 -36.83 93.12
C LYS F 848 -16.76 -37.57 92.36
N PRO F 849 -15.72 -36.88 91.89
CA PRO F 849 -14.72 -37.53 91.04
C PRO F 849 -13.94 -38.58 91.81
N HIS F 850 -13.90 -39.79 91.26
CA HIS F 850 -13.08 -40.87 91.79
C HIS F 850 -11.68 -40.75 91.21
N VAL F 851 -10.71 -40.46 92.08
CA VAL F 851 -9.37 -40.15 91.60
C VAL F 851 -8.68 -41.39 91.04
N GLY F 852 -9.04 -42.57 91.56
CA GLY F 852 -8.43 -43.80 91.08
C GLY F 852 -8.49 -43.93 89.56
N ARG F 853 -9.71 -44.08 89.03
CA ARG F 853 -9.86 -44.20 87.59
C ARG F 853 -9.28 -43.02 86.85
N TYR F 854 -9.48 -41.81 87.36
CA TYR F 854 -9.06 -40.64 86.63
C TYR F 854 -7.55 -40.57 86.47
N THR F 855 -6.81 -41.13 87.43
CA THR F 855 -5.36 -41.14 87.31
C THR F 855 -4.83 -42.34 86.56
N THR F 856 -5.46 -43.52 86.67
CA THR F 856 -4.95 -44.69 85.98
C THR F 856 -5.67 -45.05 84.70
N GLY F 857 -6.98 -44.90 84.65
CA GLY F 857 -7.69 -45.34 83.47
C GLY F 857 -8.31 -46.71 83.59
N VAL F 858 -8.41 -47.23 84.80
CA VAL F 858 -9.00 -48.55 85.03
C VAL F 858 -10.51 -48.32 85.19
N TRP F 859 -11.20 -48.24 84.07
CA TRP F 859 -12.67 -48.15 84.03
C TRP F 859 -13.19 -49.53 83.68
N THR F 860 -13.77 -50.24 84.65
CA THR F 860 -14.11 -51.62 84.44
C THR F 860 -15.35 -51.72 83.55
N TYR F 861 -15.91 -52.93 83.46
CA TYR F 861 -17.04 -53.18 82.59
C TYR F 861 -18.35 -53.00 83.34
N ARG F 862 -18.35 -53.37 84.61
CA ARG F 862 -19.47 -53.09 85.51
C ARG F 862 -19.81 -51.61 85.51
N TYR F 863 -18.77 -50.77 85.57
CA TYR F 863 -19.01 -49.34 85.60
C TYR F 863 -19.63 -48.85 84.32
N LEU F 864 -19.26 -49.42 83.19
CA LEU F 864 -19.82 -48.95 81.93
C LEU F 864 -21.28 -49.34 81.81
N ARG F 865 -21.65 -50.52 82.29
CA ARG F 865 -23.07 -50.88 82.29
C ARG F 865 -23.89 -49.91 83.16
N GLU F 866 -23.44 -49.66 84.39
CA GLU F 866 -24.18 -48.73 85.22
C GLU F 866 -24.22 -47.34 84.61
N GLN F 867 -23.15 -46.92 83.94
CA GLN F 867 -23.16 -45.60 83.33
C GLN F 867 -24.15 -45.52 82.18
N LEU F 868 -24.40 -46.62 81.50
CA LEU F 868 -25.48 -46.64 80.52
C LEU F 868 -26.83 -46.38 81.18
N LEU F 869 -27.11 -47.11 82.26
CA LEU F 869 -28.36 -46.87 82.99
C LEU F 869 -28.49 -45.40 83.40
N VAL F 870 -27.42 -44.82 83.93
CA VAL F 870 -27.49 -43.45 84.42
C VAL F 870 -27.68 -42.47 83.27
N ALA F 871 -27.19 -42.81 82.09
CA ALA F 871 -27.43 -41.92 80.96
C ALA F 871 -28.88 -41.96 80.50
N LEU F 872 -29.56 -43.08 80.68
CA LEU F 872 -30.97 -43.13 80.25
C LEU F 872 -31.98 -42.82 81.35
N ALA F 873 -31.53 -42.65 82.60
CA ALA F 873 -32.47 -42.42 83.70
C ALA F 873 -33.30 -41.16 83.52
N GLY F 874 -32.74 -40.13 82.89
CA GLY F 874 -33.48 -38.90 82.73
C GLY F 874 -34.75 -39.07 81.92
N ARG F 875 -34.62 -39.66 80.74
CA ARG F 875 -35.78 -39.93 79.90
C ARG F 875 -36.72 -40.93 80.55
N ALA F 876 -36.16 -41.93 81.24
CA ALA F 876 -37.01 -42.89 81.94
C ALA F 876 -37.95 -42.19 82.91
N GLY F 877 -37.40 -41.29 83.73
CA GLY F 877 -38.23 -40.63 84.72
C GLY F 877 -39.18 -39.62 84.12
N GLU F 878 -38.74 -38.91 83.08
CA GLU F 878 -39.63 -37.99 82.39
C GLU F 878 -40.87 -38.70 81.87
N GLU F 879 -40.68 -39.82 81.16
CA GLU F 879 -41.84 -40.54 80.65
C GLU F 879 -42.65 -41.19 81.77
N LEU F 880 -42.00 -41.55 82.88
CA LEU F 880 -42.77 -42.17 83.96
C LEU F 880 -43.68 -41.17 84.65
N VAL F 881 -43.20 -39.95 84.88
CA VAL F 881 -44.01 -38.99 85.62
C VAL F 881 -44.98 -38.27 84.70
N LEU F 882 -44.49 -37.73 83.58
CA LEU F 882 -45.30 -36.85 82.75
C LEU F 882 -46.01 -37.55 81.60
N GLY F 883 -46.20 -38.86 81.66
CA GLY F 883 -46.88 -39.57 80.59
C GLY F 883 -46.08 -39.59 79.30
N ARG F 884 -46.39 -40.57 78.45
CA ARG F 884 -45.54 -40.83 77.30
C ARG F 884 -45.64 -39.73 76.25
N ASP F 885 -46.79 -39.09 76.10
CA ASP F 885 -46.90 -38.09 75.04
C ASP F 885 -46.32 -36.74 75.42
N GLU F 886 -45.52 -36.68 76.49
CA GLU F 886 -44.86 -35.44 76.88
C GLU F 886 -43.34 -35.54 76.83
N LEU F 887 -42.81 -36.63 76.29
CA LEU F 887 -41.39 -36.72 76.05
C LEU F 887 -40.90 -35.48 75.32
N SER F 888 -39.85 -34.89 75.84
CA SER F 888 -39.39 -33.61 75.33
C SER F 888 -38.08 -33.81 74.58
N SER F 889 -37.59 -32.71 74.02
CA SER F 889 -36.29 -32.69 73.37
C SER F 889 -35.19 -32.25 74.32
N LEU F 890 -35.34 -32.48 75.60
CA LEU F 890 -34.32 -32.15 76.57
C LEU F 890 -33.33 -33.29 76.78
N ASN F 891 -33.64 -34.47 76.24
CA ASN F 891 -32.72 -35.61 76.28
C ASN F 891 -32.21 -35.96 74.90
N GLN F 892 -31.85 -34.96 74.09
CA GLN F 892 -31.18 -35.25 72.84
C GLN F 892 -29.72 -35.61 73.09
N HIS F 893 -29.09 -34.88 73.99
CA HIS F 893 -27.68 -35.06 74.23
C HIS F 893 -27.41 -36.21 75.19
N ARG F 894 -28.37 -36.55 76.04
CA ARG F 894 -28.21 -37.75 76.84
C ARG F 894 -28.40 -39.00 75.99
N LEU F 895 -29.16 -38.91 74.91
CA LEU F 895 -29.25 -40.04 73.99
C LEU F 895 -27.97 -40.20 73.19
N GLN F 896 -27.36 -39.08 72.76
CA GLN F 896 -26.06 -39.21 72.12
C GLN F 896 -25.00 -39.76 73.08
N MET F 897 -25.09 -39.39 74.36
CA MET F 897 -24.13 -39.90 75.34
C MET F 897 -24.30 -41.39 75.56
N ALA F 898 -25.54 -41.87 75.60
CA ALA F 898 -25.76 -43.30 75.76
C ALA F 898 -25.30 -44.06 74.54
N ARG F 899 -25.46 -43.50 73.34
CA ARG F 899 -24.90 -44.15 72.17
C ARG F 899 -23.39 -44.26 72.26
N GLN F 900 -22.72 -43.20 72.72
CA GLN F 900 -21.28 -43.25 72.94
C GLN F 900 -20.88 -44.40 73.85
N VAL F 901 -21.55 -44.52 74.99
CA VAL F 901 -21.20 -45.59 75.91
C VAL F 901 -21.40 -46.95 75.27
N ALA F 902 -22.52 -47.13 74.56
CA ALA F 902 -22.83 -48.45 74.04
C ALA F 902 -21.91 -48.85 72.91
N TRP F 903 -21.40 -47.88 72.13
CA TRP F 903 -20.47 -48.24 71.08
C TRP F 903 -19.04 -48.41 71.60
N LYS F 904 -18.69 -47.72 72.68
CA LYS F 904 -17.40 -47.97 73.31
C LYS F 904 -17.33 -49.37 73.88
N ILE F 905 -18.42 -49.85 74.47
CA ILE F 905 -18.41 -51.20 75.00
C ILE F 905 -18.07 -52.21 73.91
N MET F 906 -18.54 -51.99 72.69
CA MET F 906 -18.24 -52.91 71.60
C MET F 906 -16.84 -52.72 71.08
N ASN F 907 -16.41 -51.48 70.91
CA ASN F 907 -15.08 -51.19 70.41
C ASN F 907 -13.97 -51.54 71.39
N SER F 908 -14.30 -51.93 72.62
CA SER F 908 -13.27 -52.20 73.61
C SER F 908 -13.12 -53.69 73.91
N GLY F 909 -13.67 -54.55 73.07
CA GLY F 909 -13.50 -55.97 73.28
C GLY F 909 -14.30 -56.50 74.44
N MET F 910 -15.51 -56.01 74.64
CA MET F 910 -16.36 -56.38 75.75
C MET F 910 -17.70 -56.94 75.32
N SER F 911 -17.92 -57.14 74.03
CA SER F 911 -19.14 -57.71 73.52
C SER F 911 -19.36 -59.10 74.08
N SER F 912 -20.52 -59.66 73.80
CA SER F 912 -20.76 -61.05 74.13
C SER F 912 -20.82 -61.95 72.90
N HIS F 913 -20.70 -61.39 71.72
CA HIS F 913 -20.49 -62.19 70.52
C HIS F 913 -19.24 -63.03 70.69
N PRO F 914 -19.28 -64.32 70.40
CA PRO F 914 -18.07 -65.14 70.56
C PRO F 914 -16.95 -64.75 69.61
N ASP F 915 -17.28 -64.28 68.41
CA ASP F 915 -16.30 -63.81 67.45
C ASP F 915 -15.70 -62.48 67.83
N TYR F 916 -16.21 -61.84 68.87
CA TYR F 916 -15.75 -60.52 69.25
C TYR F 916 -15.36 -60.40 70.70
N GLN F 917 -15.57 -61.42 71.53
CA GLN F 917 -15.75 -61.14 72.95
C GLN F 917 -14.47 -60.62 73.57
N HIS F 918 -13.42 -61.43 73.60
CA HIS F 918 -12.20 -60.98 74.24
C HIS F 918 -11.07 -60.85 73.23
N LEU F 919 -11.42 -60.65 71.96
CA LEU F 919 -10.47 -60.73 70.86
C LEU F 919 -10.30 -59.44 70.09
N ARG F 920 -11.38 -58.73 69.78
CA ARG F 920 -11.31 -57.69 68.77
C ARG F 920 -12.00 -56.43 69.24
N GLY F 921 -11.66 -55.34 68.57
CA GLY F 921 -12.46 -54.15 68.56
C GLY F 921 -13.43 -54.16 67.41
N LEU F 922 -13.65 -52.99 66.82
CA LEU F 922 -14.50 -52.92 65.64
C LEU F 922 -13.71 -52.87 64.36
N GLY F 923 -12.56 -52.18 64.37
CA GLY F 923 -11.75 -52.03 63.19
C GLY F 923 -10.32 -51.69 63.52
N SER F 924 -9.75 -50.76 62.78
CA SER F 924 -8.35 -50.38 62.91
C SER F 924 -8.24 -49.02 63.56
N ASN F 925 -7.44 -48.93 64.61
CA ASN F 925 -7.29 -47.72 65.42
C ASN F 925 -6.15 -46.87 64.93
N TYR F 926 -6.42 -45.58 64.76
CA TYR F 926 -5.40 -44.59 64.43
C TYR F 926 -5.56 -43.41 65.37
N PHE F 927 -4.43 -42.92 65.88
CA PHE F 927 -4.45 -41.81 66.81
C PHE F 927 -3.90 -40.57 66.15
N ASP F 928 -4.32 -39.42 66.64
CA ASP F 928 -3.84 -38.16 66.09
C ASP F 928 -3.86 -37.10 67.16
N GLY F 929 -2.79 -36.32 67.26
CA GLY F 929 -2.63 -35.36 68.33
C GLY F 929 -3.63 -34.23 68.33
N SER F 930 -4.21 -33.95 69.49
CA SER F 930 -5.15 -32.86 69.67
C SER F 930 -4.39 -31.56 69.94
N SER F 931 -5.11 -30.54 70.40
CA SER F 931 -4.53 -29.21 70.64
C SER F 931 -3.93 -29.12 72.04
N GLU F 932 -2.93 -29.96 72.29
CA GLU F 932 -2.21 -30.00 73.56
C GLU F 932 -1.07 -30.99 73.42
N PRO F 933 -0.11 -30.98 74.35
CA PRO F 933 1.02 -31.90 74.22
C PRO F 933 0.65 -33.38 74.34
N GLY F 934 -0.02 -33.77 75.43
CA GLY F 934 -0.26 -35.17 75.69
C GLY F 934 -1.61 -35.69 75.25
N ARG F 935 -2.35 -34.97 74.42
CA ARG F 935 -3.69 -35.36 74.03
C ARG F 935 -3.67 -36.07 72.69
N PHE F 936 -4.43 -37.16 72.62
CA PHE F 936 -4.59 -37.93 71.39
C PHE F 936 -6.07 -38.17 71.14
N GLN F 937 -6.44 -38.30 69.88
CA GLN F 937 -7.80 -38.64 69.50
C GLN F 937 -7.79 -39.91 68.67
N GLN F 938 -8.69 -40.82 69.00
CA GLN F 938 -8.76 -42.15 68.42
C GLN F 938 -9.69 -42.14 67.22
N THR F 939 -9.48 -43.08 66.30
CA THR F 939 -10.31 -43.23 65.11
C THR F 939 -10.31 -44.68 64.69
N THR F 940 -11.49 -45.22 64.41
CA THR F 940 -11.62 -46.59 63.96
C THR F 940 -12.04 -46.61 62.51
N VAL F 941 -11.38 -47.41 61.69
CA VAL F 941 -11.77 -47.67 60.32
C VAL F 941 -12.30 -49.08 60.23
N VAL F 942 -13.51 -49.22 59.70
CA VAL F 942 -14.18 -50.50 59.50
C VAL F 942 -14.48 -50.62 58.02
N MET F 943 -13.99 -51.68 57.39
CA MET F 943 -14.20 -51.89 55.97
C MET F 943 -14.63 -53.33 55.75
N ASP F 944 -14.69 -53.73 54.49
CA ASP F 944 -15.04 -55.11 54.18
C ASP F 944 -13.93 -56.08 54.55
N ALA F 945 -12.73 -55.58 54.79
CA ALA F 945 -11.60 -56.42 55.14
C ALA F 945 -11.52 -56.73 56.62
N ASN F 946 -12.48 -56.28 57.44
CA ASN F 946 -12.49 -56.74 58.82
C ASN F 946 -13.88 -56.97 59.40
N GLN F 947 -14.96 -57.00 58.59
CA GLN F 947 -16.27 -57.13 59.23
C GLN F 947 -17.32 -58.00 58.54
N THR F 948 -17.05 -58.60 57.39
CA THR F 948 -17.76 -59.81 56.98
C THR F 948 -19.24 -59.69 56.58
N ARG F 949 -19.86 -58.54 56.75
CA ARG F 949 -21.20 -58.14 56.28
C ARG F 949 -22.34 -58.75 57.07
N SER F 950 -22.11 -59.75 57.90
CA SER F 950 -23.12 -60.21 58.83
C SER F 950 -22.67 -60.04 60.26
N GLU F 951 -21.46 -59.53 60.47
CA GLU F 951 -21.06 -59.02 61.75
C GLU F 951 -21.45 -57.57 61.92
N ALA F 952 -21.70 -56.87 60.82
CA ALA F 952 -22.27 -55.53 60.90
C ALA F 952 -23.68 -55.59 61.49
N VAL F 953 -24.49 -56.51 60.99
CA VAL F 953 -25.83 -56.71 61.52
C VAL F 953 -25.77 -57.09 62.99
N ASP F 954 -24.83 -57.94 63.36
CA ASP F 954 -24.72 -58.35 64.75
C ASP F 954 -24.30 -57.20 65.64
N ALA F 955 -23.37 -56.37 65.19
CA ALA F 955 -22.96 -55.21 65.98
C ALA F 955 -24.13 -54.29 66.24
N ASP F 956 -24.91 -53.97 65.21
CA ASP F 956 -26.10 -53.17 65.40
C ASP F 956 -27.08 -53.82 66.36
N MET F 957 -27.38 -55.10 66.15
CA MET F 957 -28.35 -55.78 67.01
C MET F 957 -27.92 -55.79 68.46
N GLU F 958 -26.63 -56.00 68.72
CA GLU F 958 -26.15 -56.04 70.09
C GLU F 958 -26.17 -54.67 70.74
N VAL F 959 -25.66 -53.65 70.06
CA VAL F 959 -25.70 -52.31 70.63
C VAL F 959 -27.12 -51.91 70.95
N GLU F 960 -28.06 -52.22 70.06
CA GLU F 960 -29.43 -51.81 70.27
C GLU F 960 -30.06 -52.58 71.42
N GLY F 961 -29.70 -53.86 71.58
CA GLY F 961 -30.12 -54.58 72.77
C GLY F 961 -29.61 -53.95 74.04
N LEU F 962 -28.35 -53.52 74.04
CA LEU F 962 -27.81 -52.84 75.21
C LEU F 962 -28.62 -51.59 75.53
N LEU F 963 -28.79 -50.72 74.54
CA LEU F 963 -29.51 -49.48 74.73
C LEU F 963 -30.92 -49.70 75.26
N ASN F 964 -31.68 -50.58 74.62
CA ASN F 964 -33.09 -50.69 74.97
C ASN F 964 -33.34 -51.55 76.20
N GLY F 965 -32.56 -52.61 76.41
CA GLY F 965 -32.66 -53.32 77.67
C GLY F 965 -32.23 -52.47 78.84
N GLY F 966 -31.27 -51.56 78.63
CA GLY F 966 -30.90 -50.65 79.69
C GLY F 966 -32.00 -49.67 80.02
N TYR F 967 -32.67 -49.16 78.99
CA TYR F 967 -33.82 -48.31 79.25
C TYR F 967 -34.87 -49.05 80.08
N LYS F 968 -35.23 -50.27 79.66
CA LYS F 968 -36.24 -51.02 80.41
C LYS F 968 -35.81 -51.25 81.85
N GLN F 969 -34.55 -51.59 82.07
CA GLN F 969 -34.08 -51.89 83.42
C GLN F 969 -34.16 -50.66 84.32
N VAL F 970 -33.66 -49.53 83.83
CA VAL F 970 -33.71 -48.34 84.67
C VAL F 970 -35.14 -47.88 84.87
N PHE F 971 -36.03 -48.15 83.91
CA PHE F 971 -37.43 -47.77 84.05
C PHE F 971 -38.10 -48.55 85.16
N GLU F 972 -37.90 -49.87 85.18
CA GLU F 972 -38.49 -50.66 86.25
C GLU F 972 -37.87 -50.32 87.59
N LEU F 973 -36.59 -49.94 87.59
CA LEU F 973 -35.97 -49.45 88.82
C LEU F 973 -36.72 -48.23 89.35
N LEU F 974 -36.84 -47.19 88.54
CA LEU F 974 -37.52 -45.97 88.98
C LEU F 974 -38.97 -46.24 89.33
N VAL F 975 -39.59 -47.26 88.74
CA VAL F 975 -40.95 -47.60 89.13
C VAL F 975 -40.98 -48.11 90.55
N ARG F 976 -40.07 -49.04 90.88
CA ARG F 976 -40.08 -49.59 92.24
C ARG F 976 -39.82 -48.54 93.32
N ASN F 977 -39.29 -47.37 92.96
CA ASN F 977 -38.92 -46.36 93.94
C ASN F 977 -39.64 -45.03 93.69
N ARG F 978 -40.96 -45.08 93.48
CA ARG F 978 -41.69 -43.87 93.11
C ARG F 978 -41.70 -42.85 94.24
N ALA F 979 -41.86 -43.32 95.48
CA ALA F 979 -41.97 -42.41 96.62
C ALA F 979 -40.73 -41.54 96.76
N ALA F 980 -39.54 -42.15 96.69
CA ALA F 980 -38.31 -41.38 96.79
C ALA F 980 -38.19 -40.39 95.65
N LEU F 981 -38.60 -40.78 94.44
CA LEU F 981 -38.51 -39.89 93.30
C LEU F 981 -39.36 -38.64 93.53
N ASP F 982 -40.60 -38.82 93.96
CA ASP F 982 -41.45 -37.65 94.14
C ASP F 982 -40.98 -36.79 95.31
N ALA F 983 -40.50 -37.41 96.39
CA ALA F 983 -39.96 -36.61 97.49
C ALA F 983 -38.79 -35.76 97.01
N LEU F 984 -37.89 -36.35 96.24
CA LEU F 984 -36.75 -35.59 95.73
C LEU F 984 -37.19 -34.45 94.84
N THR F 985 -38.17 -34.68 93.96
CA THR F 985 -38.52 -33.59 93.05
C THR F 985 -39.27 -32.47 93.79
N GLU F 986 -40.09 -32.80 94.78
CA GLU F 986 -40.70 -31.76 95.59
C GLU F 986 -39.63 -30.94 96.31
N LEU F 987 -38.65 -31.63 96.89
CA LEU F 987 -37.59 -30.92 97.60
C LEU F 987 -36.79 -30.02 96.66
N LEU F 988 -36.48 -30.52 95.47
CA LEU F 988 -35.74 -29.71 94.50
C LEU F 988 -36.54 -28.51 94.06
N LEU F 989 -37.84 -28.68 93.84
CA LEU F 989 -38.68 -27.55 93.46
C LEU F 989 -38.74 -26.50 94.56
N GLU F 990 -38.71 -26.93 95.82
CA GLU F 990 -38.83 -25.97 96.91
C GLU F 990 -37.50 -25.35 97.32
N ARG F 991 -36.36 -25.95 96.99
CA ARG F 991 -35.07 -25.41 97.40
C ARG F 991 -34.18 -24.95 96.26
N GLU F 992 -34.43 -25.43 95.04
CA GLU F 992 -33.77 -24.98 93.82
C GLU F 992 -32.32 -25.45 93.71
N LYS F 993 -31.78 -26.05 94.77
CA LYS F 993 -30.43 -26.61 94.75
C LYS F 993 -30.24 -27.39 96.03
N ILE F 994 -29.74 -28.63 95.94
CA ILE F 994 -29.55 -29.44 97.12
C ILE F 994 -28.18 -30.12 97.06
N SER F 995 -27.74 -30.60 98.22
CA SER F 995 -26.46 -31.26 98.39
C SER F 995 -26.66 -32.76 98.53
N GLY F 996 -25.56 -33.50 98.38
CA GLY F 996 -25.64 -34.95 98.29
C GLY F 996 -26.17 -35.63 99.53
N GLU F 997 -25.95 -35.04 100.69
CA GLU F 997 -26.39 -35.67 101.93
C GLU F 997 -27.90 -35.67 102.04
N GLU F 998 -28.56 -34.62 101.54
CA GLU F 998 -30.02 -34.59 101.55
C GLU F 998 -30.60 -35.69 100.68
N VAL F 999 -30.07 -35.84 99.46
CA VAL F 999 -30.49 -36.92 98.58
C VAL F 999 -30.27 -38.26 99.26
N VAL F 1000 -29.11 -38.45 99.89
CA VAL F 1000 -28.82 -39.73 100.52
C VAL F 1000 -29.82 -40.00 101.64
N GLN F 1001 -30.14 -38.99 102.44
CA GLN F 1001 -31.07 -39.17 103.54
C GLN F 1001 -32.46 -39.55 103.03
N VAL F 1002 -32.94 -38.82 102.02
CA VAL F 1002 -34.26 -39.11 101.46
C VAL F 1002 -34.31 -40.53 100.93
N VAL F 1003 -33.33 -40.90 100.08
CA VAL F 1003 -33.33 -42.23 99.48
C VAL F 1003 -33.23 -43.30 100.55
N GLU F 1004 -32.48 -43.03 101.63
CA GLU F 1004 -32.30 -44.04 102.66
C GLU F 1004 -33.57 -44.24 103.46
N GLU F 1005 -34.33 -43.17 103.68
CA GLU F 1005 -35.54 -43.33 104.48
C GLU F 1005 -36.76 -43.71 103.65
N LEU F 1006 -36.70 -43.61 102.32
CA LEU F 1006 -37.87 -43.85 101.49
C LEU F 1006 -37.72 -44.96 100.46
N GLY F 1007 -36.51 -45.37 100.13
CA GLY F 1007 -36.31 -46.28 99.01
C GLY F 1007 -36.89 -47.67 99.25
N HIS F 1008 -36.81 -48.47 98.20
CA HIS F 1008 -37.26 -49.86 98.28
C HIS F 1008 -36.29 -50.66 99.15
N PRO F 1009 -36.75 -51.71 99.83
CA PRO F 1009 -35.83 -52.48 100.67
C PRO F 1009 -34.78 -53.25 99.89
N GLU F 1010 -35.15 -53.88 98.77
CA GLU F 1010 -34.20 -54.68 98.02
C GLU F 1010 -33.10 -53.81 97.41
N ASP F 1011 -33.47 -52.63 96.92
CA ASP F 1011 -32.46 -51.73 96.38
C ASP F 1011 -31.52 -51.22 97.47
N LEU F 1012 -32.04 -50.97 98.67
CA LEU F 1012 -31.17 -50.53 99.76
C LEU F 1012 -30.25 -51.66 100.20
N ALA F 1013 -30.74 -52.90 100.17
CA ALA F 1013 -29.87 -54.03 100.48
C ALA F 1013 -28.76 -54.17 99.45
N ARG F 1014 -29.10 -54.13 98.18
CA ARG F 1014 -28.10 -54.20 97.11
C ARG F 1014 -27.11 -53.05 97.23
N ARG F 1015 -27.58 -51.88 97.65
CA ARG F 1015 -26.69 -50.73 97.81
C ARG F 1015 -25.74 -50.89 98.99
N ALA F 1016 -26.23 -51.44 100.11
CA ALA F 1016 -25.40 -51.59 101.29
C ALA F 1016 -24.45 -52.78 101.19
N GLN F 1017 -24.74 -53.74 100.33
CA GLN F 1017 -23.84 -54.87 100.17
C GLN F 1017 -22.49 -54.44 99.60
N TRP F 1018 -22.51 -53.56 98.60
CA TRP F 1018 -21.30 -53.06 97.95
C TRP F 1018 -20.89 -51.69 98.48
N ALA F 1019 -21.08 -51.44 99.77
CA ALA F 1019 -20.89 -50.10 100.29
C ALA F 1019 -19.41 -49.73 100.40
N GLY F 1020 -18.59 -50.62 100.97
CA GLY F 1020 -17.24 -50.24 101.34
C GLY F 1020 -16.21 -50.37 100.24
N TYR F 1021 -16.53 -51.09 99.17
CA TYR F 1021 -15.53 -51.42 98.17
C TYR F 1021 -14.94 -50.17 97.53
N GLU F 1022 -13.61 -50.12 97.48
CA GLU F 1022 -12.92 -48.94 96.97
C GLU F 1022 -13.17 -48.74 95.48
N LEU F 1023 -13.08 -49.82 94.72
CA LEU F 1023 -13.22 -49.78 93.28
C LEU F 1023 -14.04 -50.96 92.79
N LEU F 1024 -14.99 -50.69 91.91
CA LEU F 1024 -15.86 -51.73 91.36
C LEU F 1024 -15.88 -51.68 89.84
N PRO G 99 -90.69 -53.08 34.12
CA PRO G 99 -90.08 -52.82 32.81
C PRO G 99 -89.77 -51.34 32.61
N ALA G 100 -90.30 -50.77 31.54
CA ALA G 100 -90.08 -49.36 31.26
C ALA G 100 -90.86 -48.49 32.24
N TRP G 101 -90.80 -47.18 32.02
CA TRP G 101 -91.57 -46.25 32.82
C TRP G 101 -93.06 -46.53 32.66
N ARG G 102 -93.72 -46.88 33.75
CA ARG G 102 -95.17 -46.99 33.73
C ARG G 102 -95.82 -45.90 34.55
N GLY G 103 -95.55 -45.82 35.86
CA GLY G 103 -96.20 -44.89 36.73
C GLY G 103 -97.69 -44.82 36.51
N PRO G 104 -98.19 -43.66 36.08
CA PRO G 104 -99.60 -43.52 35.74
C PRO G 104 -99.97 -44.21 34.44
N GLY G 105 -101.19 -44.01 33.96
CA GLY G 105 -101.61 -44.61 32.72
C GLY G 105 -101.11 -43.83 31.52
N GLU G 106 -102.01 -43.52 30.59
CA GLU G 106 -101.66 -42.70 29.44
C GLU G 106 -101.84 -41.23 29.80
N VAL G 107 -100.77 -40.45 29.61
CA VAL G 107 -100.79 -39.06 30.03
C VAL G 107 -101.62 -38.22 29.06
N GLY G 108 -102.19 -37.13 29.56
CA GLY G 108 -103.04 -36.26 28.76
C GLY G 108 -102.28 -35.38 27.80
N ASP G 109 -102.74 -34.14 27.63
CA ASP G 109 -102.09 -33.20 26.73
C ASP G 109 -101.83 -31.83 27.35
N GLU G 110 -102.13 -31.64 28.63
CA GLU G 110 -101.80 -30.42 29.37
C GLU G 110 -100.64 -30.66 30.33
N ASP G 111 -100.75 -31.71 31.14
CA ASP G 111 -99.66 -32.10 32.00
C ASP G 111 -98.40 -32.40 31.20
N LYS G 112 -98.57 -32.88 29.96
CA LYS G 112 -97.41 -33.07 29.08
C LYS G 112 -96.64 -31.77 28.90
N ALA G 113 -97.35 -30.68 28.56
CA ALA G 113 -96.68 -29.42 28.29
C ALA G 113 -96.10 -28.80 29.56
N VAL G 114 -96.87 -28.81 30.65
CA VAL G 114 -96.33 -28.22 31.87
C VAL G 114 -95.13 -29.03 32.36
N GLY G 115 -95.15 -30.35 32.16
CA GLY G 115 -94.02 -31.17 32.55
C GLY G 115 -92.83 -30.97 31.66
N CYS G 116 -93.06 -30.66 30.37
CA CYS G 116 -91.92 -30.34 29.51
C CYS G 116 -91.22 -29.09 30.01
N LEU G 117 -92.00 -28.05 30.33
CA LEU G 117 -91.35 -26.84 30.86
C LEU G 117 -90.68 -27.11 32.20
N LEU G 118 -91.30 -27.92 33.06
CA LEU G 118 -90.70 -28.21 34.36
C LEU G 118 -89.41 -29.02 34.21
N GLY G 119 -89.39 -29.98 33.28
CA GLY G 119 -88.18 -30.75 33.06
C GLY G 119 -87.06 -29.91 32.49
N ALA G 120 -87.39 -29.02 31.55
CA ALA G 120 -86.39 -28.08 31.07
C ALA G 120 -85.83 -27.25 32.23
N ALA G 121 -86.70 -26.80 33.13
CA ALA G 121 -86.26 -26.01 34.27
C ALA G 121 -85.27 -26.79 35.12
N VAL G 122 -85.65 -28.00 35.55
CA VAL G 122 -84.78 -28.74 36.46
C VAL G 122 -83.48 -29.11 35.76
N GLY G 123 -83.53 -29.42 34.46
CA GLY G 123 -82.31 -29.77 33.76
C GLY G 123 -81.34 -28.60 33.67
N ASN G 124 -81.84 -27.43 33.31
CA ASN G 124 -80.95 -26.27 33.23
C ASN G 124 -80.38 -25.92 34.59
N VAL G 125 -81.23 -25.95 35.63
CA VAL G 125 -80.76 -25.54 36.95
C VAL G 125 -79.74 -26.55 37.48
N LEU G 126 -79.95 -27.83 37.20
CA LEU G 126 -79.04 -28.85 37.71
C LEU G 126 -77.71 -28.84 36.99
N ALA G 127 -77.70 -28.57 35.68
CA ALA G 127 -76.46 -28.66 34.95
C ALA G 127 -75.75 -27.33 34.80
N ALA G 128 -76.34 -26.23 35.27
CA ALA G 128 -75.70 -24.92 35.15
C ALA G 128 -74.27 -24.85 35.67
N PRO G 129 -73.93 -25.36 36.86
CA PRO G 129 -72.57 -25.13 37.38
C PRO G 129 -71.48 -25.89 36.65
N TYR G 130 -71.82 -26.92 35.88
CA TYR G 130 -70.85 -27.77 35.19
C TYR G 130 -70.74 -27.40 33.72
N GLN G 131 -70.80 -26.11 33.42
CA GLN G 131 -70.74 -25.64 32.04
C GLN G 131 -69.29 -25.47 31.64
N GLY G 132 -68.88 -26.20 30.60
CA GLY G 132 -67.58 -26.04 30.01
C GLY G 132 -66.46 -26.86 30.62
N ASP G 133 -66.74 -28.08 31.07
CA ASP G 133 -65.69 -28.97 31.54
C ASP G 133 -65.98 -30.39 31.07
N ARG G 134 -64.92 -31.18 31.01
CA ARG G 134 -64.97 -32.51 30.41
C ARG G 134 -65.70 -33.49 31.33
N HIS G 135 -65.98 -34.67 30.80
CA HIS G 135 -66.77 -35.61 31.58
C HIS G 135 -65.93 -36.27 32.66
N PHE G 136 -64.64 -36.49 32.42
CA PHE G 136 -63.83 -37.08 33.48
C PHE G 136 -63.65 -36.10 34.63
N GLU G 137 -63.50 -34.81 34.33
CA GLU G 137 -63.45 -33.82 35.39
C GLU G 137 -64.73 -33.79 36.19
N VAL G 138 -65.89 -33.83 35.52
CA VAL G 138 -67.16 -33.75 36.22
C VAL G 138 -67.36 -34.97 37.11
N ILE G 139 -67.05 -36.16 36.59
CA ILE G 139 -67.23 -37.35 37.40
C ILE G 139 -66.15 -37.52 38.45
N ARG G 140 -65.11 -36.70 38.42
CA ARG G 140 -64.16 -36.70 39.53
C ARG G 140 -64.44 -35.63 40.57
N LEU G 141 -65.17 -34.57 40.21
CA LEU G 141 -65.60 -33.60 41.22
C LEU G 141 -66.83 -34.08 41.98
N ARG G 142 -67.63 -34.96 41.38
CA ARG G 142 -68.91 -35.38 41.93
C ARG G 142 -68.93 -36.89 42.09
N ARG G 143 -67.94 -37.44 42.78
CA ARG G 143 -67.74 -38.88 42.89
C ARG G 143 -69.00 -39.65 43.26
N ASN G 144 -69.96 -38.99 43.90
CA ASN G 144 -71.20 -39.63 44.31
C ASN G 144 -72.35 -39.34 43.35
N GLY G 145 -72.08 -38.88 42.15
CA GLY G 145 -73.11 -38.63 41.17
C GLY G 145 -73.55 -37.19 41.14
N VAL G 146 -73.95 -36.72 39.97
CA VAL G 146 -74.52 -35.39 39.81
C VAL G 146 -76.03 -35.53 40.00
N THR G 147 -76.48 -35.51 41.25
CA THR G 147 -77.88 -35.78 41.54
C THR G 147 -78.57 -34.75 42.41
N ASP G 148 -77.94 -33.61 42.70
CA ASP G 148 -78.56 -32.61 43.54
C ASP G 148 -78.08 -31.23 43.12
N PHE G 149 -78.82 -30.21 43.56
CA PHE G 149 -78.52 -28.84 43.18
C PHE G 149 -77.26 -28.36 43.88
N TRP G 150 -76.27 -27.96 43.11
CA TRP G 150 -75.03 -27.45 43.68
C TRP G 150 -75.23 -26.05 44.23
N LYS G 151 -74.63 -25.79 45.38
CA LYS G 151 -74.68 -24.48 46.01
C LYS G 151 -73.45 -23.63 45.79
N TYR G 152 -72.28 -24.24 45.66
CA TYR G 152 -71.00 -23.54 45.72
C TYR G 152 -70.39 -23.52 44.33
N ASP G 153 -70.50 -22.40 43.64
CA ASP G 153 -69.97 -22.25 42.30
C ASP G 153 -68.99 -21.07 42.25
N ILE G 154 -67.86 -21.28 41.58
CA ILE G 154 -66.75 -20.35 41.65
C ILE G 154 -66.31 -19.90 40.27
N GLY G 155 -67.23 -19.88 39.32
CA GLY G 155 -66.89 -19.42 37.98
C GLY G 155 -66.58 -17.94 37.90
N ALA G 156 -66.47 -17.40 36.68
CA ALA G 156 -66.31 -15.97 36.54
C ALA G 156 -67.63 -15.24 36.74
N GLN G 157 -68.71 -15.74 36.16
CA GLN G 157 -70.04 -15.28 36.49
C GLN G 157 -70.74 -16.40 37.24
N PRO G 158 -70.70 -16.38 38.57
CA PRO G 158 -71.18 -17.52 39.34
C PRO G 158 -72.69 -17.65 39.30
N VAL G 159 -73.15 -18.87 39.07
CA VAL G 159 -74.54 -19.22 39.28
C VAL G 159 -74.82 -19.26 40.78
N GLN G 160 -76.00 -18.82 41.19
CA GLN G 160 -76.39 -18.92 42.58
C GLN G 160 -77.33 -20.11 42.76
N TYR G 161 -77.60 -20.45 44.02
CA TYR G 161 -78.32 -21.68 44.31
C TYR G 161 -79.74 -21.63 43.75
N GLY G 162 -80.06 -22.59 42.89
CA GLY G 162 -81.41 -22.73 42.39
C GLY G 162 -81.82 -21.73 41.34
N GLN G 163 -80.91 -21.35 40.45
CA GLN G 163 -81.20 -20.36 39.42
C GLN G 163 -80.75 -20.88 38.07
N TYR G 164 -81.58 -20.65 37.05
CA TYR G 164 -81.32 -21.12 35.70
C TYR G 164 -80.55 -20.07 34.91
N THR G 165 -80.17 -20.45 33.70
CA THR G 165 -79.35 -19.62 32.83
C THR G 165 -80.19 -19.02 31.71
N GLY G 166 -79.50 -18.35 30.79
CA GLY G 166 -80.19 -17.68 29.70
C GLY G 166 -80.88 -18.63 28.75
N ASP G 167 -80.40 -19.87 28.65
CA ASP G 167 -81.00 -20.81 27.70
C ASP G 167 -82.44 -21.11 28.06
N PHE G 168 -82.71 -21.45 29.32
CA PHE G 168 -84.08 -21.68 29.73
C PHE G 168 -84.90 -20.40 29.70
N ALA G 169 -84.26 -19.25 29.97
CA ALA G 169 -84.95 -17.98 29.84
C ALA G 169 -85.51 -17.81 28.43
N ASN G 170 -84.67 -18.07 27.42
CA ASN G 170 -85.11 -17.96 26.04
C ASN G 170 -86.18 -18.99 25.72
N LEU G 171 -86.00 -20.22 26.18
CA LEU G 171 -87.00 -21.27 25.93
C LEU G 171 -88.37 -20.86 26.46
N LEU G 172 -88.44 -20.47 27.74
CA LEU G 172 -89.72 -20.13 28.33
C LEU G 172 -90.29 -18.84 27.75
N ALA G 173 -89.44 -17.87 27.42
CA ALA G 173 -89.95 -16.67 26.77
C ALA G 173 -90.57 -17.00 25.42
N VAL G 174 -89.92 -17.89 24.66
CA VAL G 174 -90.51 -18.37 23.41
C VAL G 174 -91.87 -18.99 23.68
N ALA G 175 -91.96 -19.84 24.69
CA ALA G 175 -93.23 -20.51 25.00
C ALA G 175 -94.32 -19.51 25.34
N THR G 176 -94.03 -18.58 26.24
CA THR G 176 -95.04 -17.59 26.64
C THR G 176 -95.45 -16.72 25.46
N SER G 177 -94.50 -16.03 24.84
CA SER G 177 -94.82 -15.17 23.71
C SER G 177 -95.60 -15.92 22.64
N LEU G 178 -95.25 -17.18 22.39
CA LEU G 178 -96.00 -18.00 21.45
C LEU G 178 -97.44 -18.17 21.90
N SER G 179 -97.65 -18.44 23.19
CA SER G 179 -99.02 -18.57 23.68
C SER G 179 -99.77 -17.24 23.64
N ALA G 180 -99.05 -16.12 23.61
CA ALA G 180 -99.64 -14.80 23.51
C ALA G 180 -100.13 -14.50 22.10
N SER G 181 -99.25 -14.60 21.11
CA SER G 181 -99.66 -14.43 19.71
C SER G 181 -100.19 -15.71 19.10
N ARG G 182 -100.34 -16.78 19.87
CA ARG G 182 -100.97 -18.02 19.43
C ARG G 182 -100.23 -18.65 18.24
N GLY G 183 -98.95 -18.38 18.12
CA GLY G 183 -98.16 -18.92 17.03
C GLY G 183 -96.84 -18.18 16.94
N VAL G 184 -95.97 -18.71 16.10
CA VAL G 184 -94.62 -18.19 15.96
C VAL G 184 -94.67 -16.93 15.10
N GLU G 185 -94.70 -15.77 15.75
CA GLU G 185 -94.61 -14.49 15.06
C GLU G 185 -93.30 -13.84 15.46
N PRO G 186 -92.44 -13.50 14.49
CA PRO G 186 -91.05 -13.16 14.81
C PRO G 186 -90.87 -11.92 15.67
N ALA G 187 -91.50 -10.80 15.29
CA ALA G 187 -91.26 -9.55 16.02
C ALA G 187 -91.75 -9.65 17.46
N HIS G 188 -92.86 -10.33 17.69
CA HIS G 188 -93.40 -10.48 19.04
C HIS G 188 -92.40 -11.20 19.95
N LEU G 189 -91.96 -12.39 19.55
CA LEU G 189 -91.06 -13.14 20.41
C LEU G 189 -89.67 -12.51 20.47
N LEU G 190 -89.27 -11.75 19.45
CA LEU G 190 -87.99 -11.08 19.54
C LEU G 190 -88.05 -9.93 20.55
N GLY G 191 -89.16 -9.21 20.59
CA GLY G 191 -89.34 -8.23 21.65
C GLY G 191 -89.38 -8.87 23.02
N ALA G 192 -90.05 -10.01 23.14
CA ALA G 192 -90.07 -10.72 24.42
C ALA G 192 -88.67 -11.15 24.84
N LEU G 193 -87.87 -11.60 23.88
CA LEU G 193 -86.51 -12.03 24.17
C LEU G 193 -85.64 -10.87 24.61
N THR G 194 -85.72 -9.74 23.91
CA THR G 194 -84.92 -8.59 24.34
C THR G 194 -85.40 -8.06 25.68
N ARG G 195 -86.69 -8.25 26.00
CA ARG G 195 -87.15 -7.91 27.34
C ARG G 195 -86.50 -8.79 28.39
N ALA G 196 -86.59 -10.12 28.22
CA ALA G 196 -85.93 -11.03 29.15
C ALA G 196 -84.42 -10.78 29.25
N TYR G 197 -83.81 -10.30 28.18
CA TYR G 197 -82.39 -9.98 28.20
C TYR G 197 -82.13 -8.63 28.83
N ALA G 198 -83.17 -7.81 29.00
CA ALA G 198 -82.95 -6.43 29.45
C ALA G 198 -83.02 -6.30 30.97
N GLU G 199 -84.02 -6.91 31.61
CA GLU G 199 -84.32 -6.59 33.00
C GLU G 199 -83.19 -6.99 33.94
N GLY G 200 -83.12 -6.32 35.09
CA GLY G 200 -82.17 -6.62 36.13
C GLY G 200 -80.73 -6.32 35.81
N GLY G 201 -80.39 -6.08 34.55
CA GLY G 201 -79.00 -5.99 34.13
C GLY G 201 -78.31 -4.74 34.65
N SER G 202 -77.09 -4.56 34.15
CA SER G 202 -76.29 -3.38 34.48
C SER G 202 -75.29 -3.17 33.34
N SER G 203 -74.37 -2.23 33.55
CA SER G 203 -73.36 -1.94 32.55
C SER G 203 -72.08 -1.48 33.22
N VAL G 204 -71.02 -1.41 32.40
CA VAL G 204 -69.71 -0.93 32.82
C VAL G 204 -69.21 0.02 31.75
N GLU G 205 -68.39 0.99 32.15
CA GLU G 205 -67.84 1.91 31.17
C GLU G 205 -66.50 1.40 30.65
N VAL G 206 -65.75 2.31 30.03
CA VAL G 206 -64.54 1.95 29.27
C VAL G 206 -63.36 2.80 29.74
N GLU G 207 -62.19 2.46 29.19
CA GLU G 207 -61.00 3.30 29.30
C GLU G 207 -60.27 3.21 27.97
N ASP G 208 -60.43 4.24 27.14
CA ASP G 208 -59.77 4.31 25.84
C ASP G 208 -59.15 5.69 25.66
N ALA G 209 -58.01 5.72 24.98
CA ALA G 209 -57.19 6.92 24.86
C ALA G 209 -57.95 8.09 24.22
N SER G 210 -58.42 7.90 22.98
CA SER G 210 -59.10 8.96 22.27
C SER G 210 -60.46 9.31 22.86
N GLY G 211 -61.03 8.43 23.68
CA GLY G 211 -62.36 8.64 24.21
C GLY G 211 -63.37 7.68 23.60
N GLY G 212 -62.87 6.63 22.95
CA GLY G 212 -63.72 5.59 22.39
C GLY G 212 -64.57 4.94 23.47
N SER G 213 -65.84 4.67 23.15
CA SER G 213 -66.82 4.19 24.13
C SER G 213 -67.51 2.95 23.59
N SER G 214 -67.07 1.77 24.06
CA SER G 214 -67.78 0.52 23.82
C SER G 214 -68.18 -0.03 25.19
N SER G 215 -69.32 0.46 25.69
CA SER G 215 -69.78 0.09 27.03
C SER G 215 -70.23 -1.37 27.05
N GLY G 216 -69.89 -2.07 28.13
CA GLY G 216 -70.28 -3.46 28.26
C GLY G 216 -71.52 -3.65 29.10
N PHE G 217 -72.59 -4.16 28.47
CA PHE G 217 -73.82 -4.48 29.19
C PHE G 217 -73.68 -5.88 29.78
N LEU G 218 -73.86 -6.00 31.09
CA LEU G 218 -73.83 -7.30 31.74
C LEU G 218 -75.24 -7.67 32.14
N PRO G 219 -75.79 -8.76 31.61
CA PRO G 219 -77.12 -9.20 32.02
C PRO G 219 -77.10 -9.76 33.43
N ALA G 220 -78.26 -10.25 33.86
CA ALA G 220 -78.38 -10.87 35.17
C ALA G 220 -78.23 -12.39 35.12
N ARG G 221 -77.90 -12.94 33.96
CA ARG G 221 -77.79 -14.38 33.78
C ARG G 221 -76.63 -14.69 32.85
N ARG G 222 -76.48 -15.96 32.52
CA ARG G 222 -75.42 -16.37 31.62
C ARG G 222 -75.97 -16.58 30.22
N TYR G 223 -75.44 -15.83 29.26
CA TYR G 223 -75.81 -15.96 27.86
C TYR G 223 -74.56 -16.30 27.06
N SER G 224 -74.74 -17.14 26.04
CA SER G 224 -73.67 -17.40 25.11
C SER G 224 -73.18 -16.09 24.51
N PRO G 225 -71.88 -15.94 24.24
CA PRO G 225 -71.39 -14.67 23.71
C PRO G 225 -71.98 -14.31 22.36
N TYR G 226 -72.25 -15.29 21.50
CA TYR G 226 -72.87 -14.98 20.22
C TYR G 226 -74.30 -14.49 20.42
N ASP G 227 -75.07 -15.17 21.28
CA ASP G 227 -76.44 -14.74 21.54
C ASP G 227 -76.46 -13.40 22.26
N ARG G 228 -75.55 -13.20 23.20
CA ARG G 228 -75.39 -11.89 23.82
C ARG G 228 -75.17 -10.82 22.76
N LEU G 229 -74.26 -11.09 21.83
CA LEU G 229 -73.93 -10.09 20.80
C LEU G 229 -75.11 -9.82 19.90
N VAL G 230 -75.80 -10.87 19.44
CA VAL G 230 -76.87 -10.66 18.47
C VAL G 230 -78.08 -10.00 19.12
N MET G 231 -78.43 -10.44 20.33
CA MET G 231 -79.61 -9.89 20.99
C MET G 231 -79.30 -8.61 21.74
N ASP G 232 -78.06 -8.14 21.72
CA ASP G 232 -77.79 -6.76 22.09
C ASP G 232 -77.55 -5.87 20.88
N ALA G 233 -77.22 -6.46 19.72
CA ALA G 233 -77.27 -5.70 18.48
C ALA G 233 -78.71 -5.35 18.11
N VAL G 234 -79.65 -6.24 18.39
CA VAL G 234 -81.06 -5.90 18.25
C VAL G 234 -81.37 -4.62 19.02
N LEU G 235 -80.88 -4.51 20.25
CA LEU G 235 -81.07 -3.29 21.00
C LEU G 235 -80.17 -2.17 20.52
N ALA G 236 -79.14 -2.47 19.75
CA ALA G 236 -78.25 -1.43 19.24
C ALA G 236 -78.90 -0.61 18.13
N GLY G 237 -80.17 -0.85 17.82
CA GLY G 237 -80.89 -0.10 16.83
C GLY G 237 -80.92 -0.74 15.46
N THR G 238 -79.90 -1.52 15.10
CA THR G 238 -79.81 -2.06 13.76
C THR G 238 -80.94 -3.04 13.47
N ASP G 239 -80.95 -3.55 12.24
CA ASP G 239 -82.06 -4.35 11.75
C ASP G 239 -82.12 -5.69 12.48
N PRO G 240 -83.29 -6.34 12.49
CA PRO G 240 -83.41 -7.67 13.05
C PRO G 240 -83.19 -8.83 12.08
N LEU G 241 -83.22 -8.59 10.77
CA LEU G 241 -83.20 -9.71 9.83
C LEU G 241 -81.83 -9.96 9.22
N LYS G 242 -81.03 -8.91 9.04
CA LYS G 242 -79.73 -9.03 8.40
C LYS G 242 -78.59 -8.79 9.38
N VAL G 243 -78.83 -8.90 10.68
CA VAL G 243 -77.75 -8.93 11.67
C VAL G 243 -77.00 -10.27 11.62
N PRO G 244 -77.63 -11.42 11.32
CA PRO G 244 -76.81 -12.63 11.16
C PRO G 244 -75.68 -12.49 10.16
N GLU G 245 -75.88 -11.68 9.12
CA GLU G 245 -74.84 -11.52 8.12
C GLU G 245 -73.69 -10.67 8.64
N LEU G 246 -73.99 -9.74 9.54
CA LEU G 246 -72.93 -9.03 10.25
C LEU G 246 -72.24 -9.92 11.26
N ALA G 247 -72.96 -10.91 11.81
CA ALA G 247 -72.40 -11.74 12.88
C ALA G 247 -71.49 -12.82 12.31
N GLU G 248 -71.97 -13.56 11.34
CA GLU G 248 -71.13 -14.64 10.76
C GLU G 248 -69.77 -14.05 10.44
N ARG G 249 -69.73 -12.77 10.05
CA ARG G 249 -68.46 -12.16 9.61
C ARG G 249 -67.87 -11.31 10.75
N TYR G 250 -68.61 -11.20 11.86
CA TYR G 250 -68.08 -10.44 13.02
C TYR G 250 -67.43 -11.43 13.95
N LEU G 251 -68.19 -12.45 14.36
CA LEU G 251 -67.65 -13.51 15.25
C LEU G 251 -66.49 -14.19 14.52
N ALA G 252 -66.00 -13.56 13.45
CA ALA G 252 -64.91 -14.19 12.68
C ALA G 252 -63.58 -13.74 13.27
N GLU G 253 -63.52 -13.56 14.60
CA GLU G 253 -62.24 -13.25 15.27
C GLU G 253 -61.32 -14.44 14.97
N THR G 254 -61.92 -15.59 14.65
CA THR G 254 -61.12 -16.76 14.22
C THR G 254 -60.20 -16.33 13.11
N THR G 255 -60.60 -15.28 12.36
CA THR G 255 -59.78 -14.76 11.26
C THR G 255 -59.08 -15.91 10.58
N ARG G 256 -57.76 -15.95 10.71
CA ARG G 256 -56.95 -17.00 10.04
C ARG G 256 -56.71 -18.17 10.99
N ARG G 257 -56.60 -17.89 12.29
CA ARG G 257 -56.26 -18.97 13.26
C ARG G 257 -55.13 -19.75 12.61
N HIS G 258 -54.14 -19.02 12.10
CA HIS G 258 -52.97 -19.65 11.43
C HIS G 258 -52.55 -20.85 12.25
N ALA G 259 -52.43 -22.04 11.70
CA ALA G 259 -51.95 -23.13 12.60
C ALA G 259 -52.95 -23.39 13.72
N SER G 260 -52.48 -23.71 14.93
CA SER G 260 -53.36 -24.04 16.08
C SER G 260 -54.39 -25.09 15.65
N SER G 261 -54.15 -26.36 15.94
CA SER G 261 -54.99 -27.46 15.38
C SER G 261 -56.40 -27.57 15.94
N SER G 262 -56.59 -28.38 16.98
CA SER G 262 -57.95 -28.66 17.52
C SER G 262 -58.60 -27.41 18.13
N SER G 263 -59.93 -27.34 18.10
CA SER G 263 -60.66 -26.23 18.77
C SER G 263 -60.93 -26.67 20.22
N ASP G 264 -60.04 -27.48 20.79
CA ASP G 264 -60.27 -28.06 22.13
C ASP G 264 -60.90 -27.00 23.05
N ARG G 265 -60.31 -25.81 23.11
CA ARG G 265 -60.82 -24.77 24.06
C ARG G 265 -62.21 -24.32 23.61
N PRO G 266 -63.25 -24.36 24.46
CA PRO G 266 -64.55 -23.85 24.07
C PRO G 266 -64.33 -22.46 23.50
N ASP G 267 -63.15 -21.89 23.76
CA ASP G 267 -62.81 -20.52 23.25
C ASP G 267 -62.69 -20.53 21.72
N ARG G 268 -62.08 -21.58 21.15
CA ARG G 268 -61.83 -21.63 19.69
C ARG G 268 -62.94 -22.44 19.00
N GLU G 269 -63.98 -22.83 19.74
CA GLU G 269 -65.13 -23.56 19.13
C GLU G 269 -65.99 -22.54 18.38
N PRO G 270 -66.78 -22.95 17.36
CA PRO G 270 -67.55 -22.00 16.56
C PRO G 270 -68.90 -21.57 17.13
N HIS G 271 -68.93 -20.48 17.88
CA HIS G 271 -70.22 -19.94 18.41
C HIS G 271 -70.74 -18.92 17.40
N GLY G 272 -71.79 -19.27 16.68
CA GLY G 272 -72.33 -18.45 15.62
C GLY G 272 -73.66 -18.93 15.08
N PRO G 273 -73.97 -18.55 13.83
CA PRO G 273 -75.29 -18.84 13.26
C PRO G 273 -75.60 -20.32 13.14
N SER G 274 -74.62 -21.21 13.26
CA SER G 274 -74.84 -22.65 13.18
C SER G 274 -74.64 -23.35 14.52
N ASP G 275 -74.68 -22.61 15.61
CA ASP G 275 -74.46 -23.19 16.93
C ASP G 275 -75.77 -23.79 17.45
N LEU G 276 -75.80 -24.14 18.73
CA LEU G 276 -76.93 -24.80 19.35
C LEU G 276 -78.04 -23.85 19.78
N GLY G 277 -77.85 -22.54 19.60
CA GLY G 277 -78.81 -21.58 20.13
C GLY G 277 -80.23 -21.85 19.65
N ALA G 278 -80.39 -22.16 18.36
CA ALA G 278 -81.72 -22.40 17.82
C ALA G 278 -82.31 -23.71 18.30
N ALA G 279 -81.57 -24.81 18.20
CA ALA G 279 -82.09 -26.11 18.57
C ALA G 279 -82.41 -26.24 20.06
N ALA G 280 -82.00 -25.27 20.88
CA ALA G 280 -82.21 -25.36 22.32
C ALA G 280 -83.59 -24.91 22.75
N ARG G 281 -84.29 -24.13 21.92
CA ARG G 281 -85.58 -23.56 22.30
C ARG G 281 -86.69 -24.01 21.36
N ALA G 282 -86.60 -25.23 20.84
CA ALA G 282 -87.55 -25.72 19.85
C ALA G 282 -88.38 -26.89 20.32
N ALA G 283 -88.42 -27.14 21.62
CA ALA G 283 -89.32 -28.15 22.17
C ALA G 283 -90.73 -27.62 22.36
N PRO G 284 -90.92 -26.44 22.99
CA PRO G 284 -92.29 -25.93 23.13
C PRO G 284 -92.93 -25.59 21.79
N ILE G 285 -92.14 -25.04 20.88
CA ILE G 285 -92.63 -24.78 19.52
C ILE G 285 -93.10 -26.08 18.89
N GLY G 286 -92.26 -27.11 18.91
CA GLY G 286 -92.62 -28.39 18.34
C GLY G 286 -93.75 -29.09 19.07
N LEU G 287 -94.09 -28.63 20.28
CA LEU G 287 -95.24 -29.20 20.97
C LEU G 287 -96.52 -28.44 20.70
N ALA G 288 -96.42 -27.15 20.39
CA ALA G 288 -97.61 -26.40 20.02
C ALA G 288 -98.16 -26.87 18.67
N TYR G 289 -97.35 -27.59 17.90
CA TYR G 289 -97.69 -28.00 16.55
C TYR G 289 -97.71 -29.51 16.38
N ARG G 290 -98.20 -30.25 17.38
CA ARG G 290 -98.11 -31.71 17.28
C ARG G 290 -99.09 -32.28 16.27
N ARG G 291 -100.19 -31.58 15.97
CA ARG G 291 -101.20 -32.04 15.04
C ARG G 291 -101.42 -31.06 13.91
N ALA G 292 -100.34 -30.53 13.32
CA ALA G 292 -100.46 -29.49 12.31
C ALA G 292 -99.87 -29.86 10.96
N GLY G 293 -99.09 -30.94 10.88
CA GLY G 293 -98.44 -31.31 9.64
C GLY G 293 -96.97 -30.92 9.64
N GLY G 294 -96.17 -31.75 8.98
CA GLY G 294 -94.73 -31.58 9.02
C GLY G 294 -94.25 -30.30 8.37
N GLU G 295 -94.85 -29.93 7.23
CA GLU G 295 -94.40 -28.73 6.52
C GLU G 295 -94.82 -27.46 7.24
N ARG G 296 -96.01 -27.47 7.85
CA ARG G 296 -96.41 -26.34 8.68
C ARG G 296 -95.52 -26.21 9.90
N LEU G 297 -95.22 -27.34 10.55
CA LEU G 297 -94.25 -27.34 11.64
C LEU G 297 -92.92 -26.74 11.22
N LEU G 298 -92.45 -27.13 10.03
CA LEU G 298 -91.18 -26.61 9.54
C LEU G 298 -91.26 -25.11 9.28
N ALA G 299 -92.38 -24.65 8.75
CA ALA G 299 -92.55 -23.21 8.53
C ALA G 299 -92.49 -22.46 9.86
N ALA G 300 -93.14 -22.99 10.88
CA ALA G 300 -93.12 -22.36 12.20
C ALA G 300 -91.69 -22.28 12.73
N VAL G 301 -91.00 -23.42 12.79
CA VAL G 301 -89.66 -23.42 13.36
C VAL G 301 -88.70 -22.57 12.52
N ARG G 302 -88.96 -22.46 11.21
CA ARG G 302 -88.15 -21.58 10.39
C ARG G 302 -88.41 -20.12 10.73
N ARG G 303 -89.67 -19.76 10.95
CA ARG G 303 -89.99 -18.40 11.36
C ARG G 303 -89.29 -18.03 12.67
N SER G 304 -89.30 -18.95 13.63
CA SER G 304 -88.68 -18.66 14.93
C SER G 304 -87.17 -18.47 14.84
N LEU G 305 -86.54 -18.81 13.71
CA LEU G 305 -85.09 -18.79 13.58
C LEU G 305 -84.57 -17.64 12.73
N GLU G 306 -85.43 -17.00 11.94
CA GLU G 306 -84.99 -16.16 10.83
C GLU G 306 -83.94 -15.14 11.24
N PHE G 307 -84.06 -14.58 12.44
CA PHE G 307 -83.23 -13.45 12.84
C PHE G 307 -81.88 -13.86 13.41
N SER G 308 -81.69 -15.12 13.77
CA SER G 308 -80.42 -15.47 14.41
C SER G 308 -79.71 -16.65 13.78
N HIS G 309 -80.44 -17.67 13.34
CA HIS G 309 -79.85 -18.89 12.78
C HIS G 309 -80.35 -19.10 11.36
N PRO G 310 -79.87 -18.30 10.41
CA PRO G 310 -80.30 -18.48 9.02
C PRO G 310 -79.65 -19.66 8.30
N THR G 311 -78.56 -20.21 8.83
CA THR G 311 -77.84 -21.29 8.18
C THR G 311 -78.75 -22.50 8.01
N PRO G 312 -78.41 -23.42 7.09
CA PRO G 312 -79.25 -24.61 6.92
C PRO G 312 -79.03 -25.67 7.99
N LEU G 313 -77.81 -25.83 8.50
CA LEU G 313 -77.56 -26.90 9.46
C LEU G 313 -78.14 -26.56 10.84
N GLY G 314 -78.07 -25.29 11.24
CA GLY G 314 -78.74 -24.87 12.45
C GLY G 314 -80.24 -25.07 12.36
N LEU G 315 -80.81 -24.78 11.19
CA LEU G 315 -82.24 -25.03 11.00
C LEU G 315 -82.54 -26.52 11.02
N ASP G 316 -81.64 -27.35 10.50
CA ASP G 316 -81.83 -28.79 10.58
C ASP G 316 -81.80 -29.29 12.01
N ALA G 317 -80.89 -28.78 12.84
CA ALA G 317 -80.86 -29.15 14.25
C ALA G 317 -82.16 -28.75 14.94
N ALA G 318 -82.57 -27.48 14.77
CA ALA G 318 -83.85 -27.05 15.32
C ALA G 318 -84.98 -27.94 14.85
N HIS G 319 -84.95 -28.33 13.57
CA HIS G 319 -86.03 -29.12 13.01
C HIS G 319 -86.09 -30.50 13.62
N VAL G 320 -84.93 -31.15 13.82
CA VAL G 320 -84.96 -32.50 14.35
C VAL G 320 -85.39 -32.49 15.81
N VAL G 321 -84.95 -31.47 16.58
CA VAL G 321 -85.38 -31.44 17.98
C VAL G 321 -86.88 -31.14 18.08
N ALA G 322 -87.37 -30.21 17.26
CA ALA G 322 -88.80 -29.91 17.26
C ALA G 322 -89.62 -31.12 16.81
N ALA G 323 -89.11 -31.86 15.82
CA ALA G 323 -89.80 -33.05 15.34
C ALA G 323 -89.85 -34.13 16.41
N ALA G 324 -88.76 -34.31 17.15
CA ALA G 324 -88.77 -35.27 18.25
C ALA G 324 -89.77 -34.85 19.31
N ALA G 325 -89.82 -33.55 19.62
CA ALA G 325 -90.81 -33.04 20.58
C ALA G 325 -92.22 -33.37 20.14
N ALA G 326 -92.55 -33.06 18.88
CA ALA G 326 -93.89 -33.35 18.37
C ALA G 326 -94.18 -34.84 18.39
N TRP G 327 -93.23 -35.66 17.92
CA TRP G 327 -93.41 -37.11 17.89
C TRP G 327 -93.76 -37.64 19.27
N CYS G 328 -92.98 -37.26 20.29
CA CYS G 328 -93.26 -37.80 21.63
C CYS G 328 -94.51 -37.16 22.22
N GLY G 329 -94.87 -35.97 21.76
CA GLY G 329 -96.12 -35.38 22.19
C GLY G 329 -97.33 -36.16 21.72
N ARG G 330 -97.35 -36.55 20.44
CA ARG G 330 -98.47 -37.33 19.93
C ARG G 330 -98.53 -38.70 20.58
N GLN G 331 -97.40 -39.23 21.03
CA GLN G 331 -97.35 -40.59 21.55
C GLN G 331 -97.93 -40.66 22.95
N GLN G 332 -98.01 -41.90 23.46
CA GLN G 332 -98.42 -42.19 24.82
C GLN G 332 -97.42 -43.16 25.43
N PRO G 333 -97.09 -43.02 26.72
CA PRO G 333 -95.99 -43.81 27.29
C PRO G 333 -96.31 -45.27 27.51
N GLY G 334 -97.47 -45.75 27.08
CA GLY G 334 -97.86 -47.12 27.32
C GLY G 334 -97.76 -48.08 26.15
N ASP G 335 -97.69 -47.57 24.92
CA ASP G 335 -97.62 -48.45 23.76
C ASP G 335 -96.21 -49.03 23.65
N ALA G 336 -96.04 -50.25 24.15
CA ALA G 336 -94.73 -50.89 24.21
C ALA G 336 -94.17 -51.16 22.82
N VAL G 337 -94.90 -50.76 21.78
CA VAL G 337 -94.47 -50.91 20.40
C VAL G 337 -94.31 -49.56 19.71
N GLY G 338 -95.25 -48.64 19.96
CA GLY G 338 -95.12 -47.30 19.40
C GLY G 338 -94.05 -46.47 20.06
N ALA G 339 -93.89 -46.61 21.38
CA ALA G 339 -92.86 -45.88 22.13
C ALA G 339 -91.65 -46.79 22.29
N THR G 340 -90.84 -46.83 21.24
CA THR G 340 -89.56 -47.51 21.26
C THR G 340 -88.53 -46.60 20.59
N PRO G 341 -87.29 -46.60 21.08
CA PRO G 341 -86.29 -45.68 20.52
C PRO G 341 -86.05 -45.91 19.04
N ALA G 342 -86.02 -47.17 18.60
CA ALA G 342 -85.86 -47.47 17.19
C ALA G 342 -86.95 -46.80 16.37
N ALA G 343 -88.19 -46.83 16.87
CA ALA G 343 -89.29 -46.18 16.17
C ALA G 343 -89.00 -44.70 15.93
N LEU G 344 -88.69 -43.97 17.00
CA LEU G 344 -88.45 -42.54 16.88
C LEU G 344 -87.24 -42.26 15.99
N LEU G 345 -86.21 -43.09 16.08
CA LEU G 345 -84.99 -42.84 15.31
C LEU G 345 -85.23 -43.06 13.82
N SER G 346 -85.90 -44.15 13.45
CA SER G 346 -86.22 -44.37 12.05
C SER G 346 -87.17 -43.29 11.54
N HIS G 347 -88.19 -42.95 12.32
CA HIS G 347 -89.12 -41.90 11.93
C HIS G 347 -88.39 -40.58 11.70
N LEU G 348 -87.36 -40.30 12.49
CA LEU G 348 -86.53 -39.13 12.24
C LEU G 348 -85.73 -39.29 10.96
N LEU G 349 -85.15 -40.46 10.73
CA LEU G 349 -84.26 -40.65 9.60
C LEU G 349 -84.99 -40.48 8.28
N ASN G 350 -86.22 -40.98 8.20
CA ASN G 350 -86.91 -41.00 6.91
C ASN G 350 -87.43 -39.62 6.51
N ASP G 351 -88.30 -39.02 7.31
CA ASP G 351 -89.01 -37.83 6.88
C ASP G 351 -88.22 -36.53 7.04
N VAL G 352 -87.61 -36.29 8.21
CA VAL G 352 -87.13 -34.97 8.59
C VAL G 352 -85.66 -34.78 8.23
N ALA G 353 -84.81 -35.72 8.62
CA ALA G 353 -83.37 -35.59 8.41
C ALA G 353 -83.01 -35.55 6.93
N VAL G 354 -82.57 -34.38 6.45
CA VAL G 354 -82.26 -34.17 5.04
C VAL G 354 -80.77 -33.93 4.83
N THR G 355 -80.11 -33.25 5.77
CA THR G 355 -78.71 -32.90 5.59
C THR G 355 -77.83 -34.14 5.73
N ALA G 356 -76.61 -34.04 5.20
CA ALA G 356 -75.72 -35.18 5.09
C ALA G 356 -75.20 -35.61 6.46
N GLU G 357 -74.47 -34.71 7.12
CA GLU G 357 -73.82 -35.08 8.38
C GLU G 357 -74.83 -35.38 9.48
N GLN G 358 -75.96 -34.68 9.48
CA GLN G 358 -77.00 -35.00 10.45
C GLN G 358 -77.51 -36.42 10.26
N CYS G 359 -77.75 -36.81 9.02
CA CYS G 359 -78.13 -38.19 8.74
C CYS G 359 -77.05 -39.18 9.12
N GLY G 360 -75.78 -38.84 8.90
CA GLY G 360 -74.71 -39.75 9.28
C GLY G 360 -74.66 -39.97 10.78
N LYS G 361 -74.72 -38.89 11.55
CA LYS G 361 -74.73 -39.01 13.00
C LYS G 361 -75.96 -39.77 13.49
N LEU G 362 -77.11 -39.53 12.87
CA LEU G 362 -78.32 -40.24 13.29
C LEU G 362 -78.19 -41.73 13.02
N ARG G 363 -77.70 -42.11 11.84
CA ARG G 363 -77.52 -43.52 11.54
C ARG G 363 -76.53 -44.16 12.52
N LEU G 364 -75.42 -43.47 12.78
CA LEU G 364 -74.42 -43.97 13.71
C LEU G 364 -75.03 -44.21 15.08
N LEU G 365 -75.78 -43.23 15.59
CA LEU G 365 -76.46 -43.39 16.87
C LEU G 365 -77.44 -44.55 16.82
N ARG G 366 -78.09 -44.75 15.66
CA ARG G 366 -79.12 -45.78 15.56
C ARG G 366 -78.53 -47.18 15.66
N ASP G 367 -77.48 -47.46 14.90
CA ASP G 367 -77.02 -48.85 14.84
C ASP G 367 -76.03 -49.22 15.93
N ASN G 368 -75.70 -48.32 16.85
CA ASN G 368 -74.82 -48.62 17.97
C ASN G 368 -75.49 -48.33 19.30
N LEU G 369 -76.79 -48.10 19.28
CA LEU G 369 -77.56 -47.74 20.47
C LEU G 369 -77.64 -48.93 21.41
N PHE G 370 -77.54 -48.64 22.71
CA PHE G 370 -77.71 -49.66 23.74
C PHE G 370 -78.49 -49.03 24.89
N GLN G 371 -78.78 -49.84 25.91
CA GLN G 371 -79.69 -49.43 26.98
C GLN G 371 -79.05 -49.67 28.34
N LEU G 372 -78.96 -48.62 29.13
CA LEU G 372 -78.46 -48.72 30.50
C LEU G 372 -79.52 -49.32 31.41
N ASP G 373 -79.08 -50.15 32.33
CA ASP G 373 -79.96 -50.63 33.38
C ASP G 373 -80.07 -49.59 34.49
N GLU G 374 -80.98 -49.83 35.42
CA GLU G 374 -81.31 -48.81 36.41
C GLU G 374 -80.14 -48.56 37.34
N VAL G 375 -79.79 -47.30 37.50
CA VAL G 375 -78.62 -46.90 38.28
C VAL G 375 -79.10 -46.48 39.66
N THR G 376 -78.62 -47.19 40.69
CA THR G 376 -78.87 -46.80 42.07
C THR G 376 -77.62 -46.32 42.79
N ASP G 377 -76.45 -46.91 42.47
CA ASP G 377 -75.19 -46.51 43.08
C ASP G 377 -74.36 -45.84 41.99
N TRP G 378 -74.23 -44.52 42.07
CA TRP G 378 -73.56 -43.79 41.02
C TRP G 378 -72.05 -43.92 41.10
N ARG G 379 -71.50 -44.10 42.30
CA ARG G 379 -70.06 -44.22 42.43
C ARG G 379 -69.55 -45.48 41.75
N ALA G 380 -70.34 -46.55 41.77
CA ALA G 380 -69.97 -47.77 41.07
C ALA G 380 -70.30 -47.70 39.59
N PHE G 381 -71.30 -46.91 39.19
CA PHE G 381 -71.62 -46.78 37.79
C PHE G 381 -70.60 -45.94 37.05
N TYR G 382 -70.03 -44.94 37.74
CA TYR G 382 -69.10 -44.04 37.08
C TYR G 382 -67.76 -44.70 36.83
N ALA G 383 -67.59 -45.96 37.21
CA ALA G 383 -66.36 -46.71 37.00
C ALA G 383 -66.64 -48.11 36.48
N GLY G 384 -67.48 -48.24 35.47
CA GLY G 384 -67.86 -49.53 34.96
C GLY G 384 -67.81 -49.60 33.46
N PRO G 385 -68.01 -50.79 32.92
CA PRO G 385 -67.99 -50.96 31.45
C PRO G 385 -69.10 -50.18 30.75
N GLN G 386 -70.23 -50.00 31.41
CA GLN G 386 -71.37 -49.35 30.76
C GLN G 386 -71.12 -47.87 30.56
N TRP G 387 -70.72 -47.16 31.61
CA TRP G 387 -70.41 -45.76 31.48
C TRP G 387 -69.28 -45.54 30.47
N ALA G 388 -68.32 -46.46 30.44
CA ALA G 388 -67.22 -46.33 29.51
C ALA G 388 -67.69 -46.48 28.07
N ARG G 389 -68.55 -47.47 27.81
CA ARG G 389 -69.09 -47.64 26.47
C ARG G 389 -69.89 -46.42 26.04
N LEU G 390 -70.72 -45.89 26.94
CA LEU G 390 -71.50 -44.71 26.62
C LEU G 390 -70.59 -43.53 26.31
N THR G 391 -69.52 -43.37 27.07
CA THR G 391 -68.61 -42.25 26.85
C THR G 391 -67.83 -42.42 25.55
N ALA G 392 -67.54 -43.66 25.17
CA ALA G 392 -66.90 -43.90 23.88
C ALA G 392 -67.80 -43.48 22.73
N LEU G 393 -69.07 -43.90 22.77
CA LEU G 393 -70.00 -43.45 21.74
C LEU G 393 -70.14 -41.94 21.75
N PHE G 394 -70.18 -41.33 22.93
CA PHE G 394 -70.31 -39.88 23.02
C PHE G 394 -69.12 -39.18 22.39
N SER G 395 -67.92 -39.74 22.56
CA SER G 395 -66.74 -39.13 21.96
C SER G 395 -66.73 -39.33 20.45
N ARG G 396 -67.33 -40.42 19.97
CA ARG G 396 -67.53 -40.55 18.53
C ARG G 396 -68.45 -39.46 17.99
N LEU G 397 -69.55 -39.20 18.67
CA LEU G 397 -70.57 -38.27 18.17
C LEU G 397 -70.17 -36.81 18.21
N SER G 398 -69.04 -36.45 18.81
CA SER G 398 -68.69 -35.05 18.98
C SER G 398 -67.19 -34.88 18.74
N PHE G 399 -66.67 -33.70 19.06
CA PHE G 399 -65.24 -33.45 18.99
C PHE G 399 -64.70 -33.22 20.40
N HIS G 400 -63.91 -34.17 20.89
CA HIS G 400 -63.27 -34.07 22.20
C HIS G 400 -64.29 -33.74 23.29
N GLY G 401 -65.50 -34.24 23.15
CA GLY G 401 -66.53 -33.99 24.14
C GLY G 401 -67.02 -32.56 24.18
N LEU G 402 -67.38 -31.99 23.03
CA LEU G 402 -67.89 -30.62 22.95
C LEU G 402 -68.77 -30.51 21.72
N ALA G 403 -70.08 -30.54 21.92
CA ALA G 403 -71.03 -30.43 20.82
C ALA G 403 -71.42 -28.97 20.66
N THR G 404 -70.67 -28.24 19.82
CA THR G 404 -70.98 -26.86 19.51
C THR G 404 -71.88 -26.70 18.30
N ALA G 405 -71.65 -27.47 17.24
CA ALA G 405 -72.49 -27.44 16.07
C ALA G 405 -73.79 -28.18 16.33
N GLY G 406 -74.87 -27.67 15.73
CA GLY G 406 -76.20 -28.16 16.05
C GLY G 406 -76.36 -29.65 15.83
N SER G 407 -75.67 -30.21 14.84
CA SER G 407 -75.80 -31.63 14.55
C SER G 407 -75.26 -32.47 15.70
N GLU G 408 -74.03 -32.17 16.14
CA GLU G 408 -73.47 -32.85 17.30
C GLU G 408 -74.38 -32.69 18.51
N PHE G 409 -74.93 -31.49 18.69
CA PHE G 409 -75.81 -31.21 19.82
C PHE G 409 -77.01 -32.13 19.81
N ALA G 410 -77.71 -32.22 18.69
CA ALA G 410 -78.94 -33.00 18.63
C ALA G 410 -78.64 -34.49 18.73
N SER G 411 -77.52 -34.93 18.14
CA SER G 411 -77.16 -36.34 18.26
C SER G 411 -76.85 -36.70 19.71
N VAL G 412 -76.17 -35.81 20.43
CA VAL G 412 -75.88 -36.06 21.83
C VAL G 412 -77.15 -36.06 22.66
N VAL G 413 -78.07 -35.15 22.37
CA VAL G 413 -79.35 -35.11 23.07
C VAL G 413 -80.08 -36.43 22.89
N LEU G 414 -80.08 -37.02 21.73
CA LEU G 414 -80.89 -38.26 21.63
C LEU G 414 -80.21 -39.41 22.39
N LEU G 415 -78.87 -39.40 22.49
CA LEU G 415 -78.12 -40.52 23.14
C LEU G 415 -78.45 -40.60 24.64
N ALA G 416 -78.47 -39.46 25.33
CA ALA G 416 -78.76 -39.40 26.78
C ALA G 416 -80.18 -39.85 27.07
N LEU G 417 -81.12 -39.46 26.20
CA LEU G 417 -82.55 -39.81 26.40
C LEU G 417 -82.86 -41.24 25.94
N LEU G 418 -82.34 -41.66 24.78
CA LEU G 418 -82.74 -42.99 24.25
C LEU G 418 -82.00 -44.11 24.99
N SER G 419 -81.02 -43.75 25.83
CA SER G 419 -80.21 -44.78 26.53
C SER G 419 -80.89 -45.14 27.85
N SER G 420 -81.79 -44.29 28.31
CA SER G 420 -82.49 -44.51 29.60
C SER G 420 -83.98 -44.64 29.31
N TRP G 421 -84.36 -45.20 28.15
CA TRP G 421 -85.76 -45.29 27.79
C TRP G 421 -86.55 -45.86 28.95
N GLY G 422 -87.45 -45.06 29.50
CA GLY G 422 -88.24 -45.44 30.64
C GLY G 422 -87.74 -44.94 31.98
N ARG G 423 -86.79 -44.01 32.00
CA ARG G 423 -86.22 -43.49 33.23
C ARG G 423 -85.79 -42.05 33.00
N PRO G 424 -86.71 -41.09 33.08
CA PRO G 424 -86.38 -39.72 32.64
C PRO G 424 -85.38 -39.02 33.53
N GLU G 425 -85.52 -39.15 34.85
CA GLU G 425 -84.59 -38.51 35.76
C GLU G 425 -83.18 -39.06 35.56
N GLN G 426 -83.06 -40.37 35.38
CA GLN G 426 -81.75 -40.94 35.10
C GLN G 426 -81.16 -40.37 33.82
N ALA G 427 -82.01 -40.15 32.80
CA ALA G 427 -81.52 -39.62 31.54
C ALA G 427 -81.02 -38.20 31.71
N VAL G 428 -81.74 -37.38 32.47
CA VAL G 428 -81.28 -36.00 32.64
C VAL G 428 -80.01 -35.97 33.48
N ILE G 429 -79.85 -36.91 34.41
CA ILE G 429 -78.60 -36.96 35.17
C ILE G 429 -77.44 -37.36 34.27
N VAL G 430 -77.64 -38.38 33.42
CA VAL G 430 -76.59 -38.80 32.50
C VAL G 430 -76.23 -37.67 31.55
N ALA G 431 -77.21 -36.87 31.15
CA ALA G 431 -76.92 -35.75 30.26
C ALA G 431 -76.14 -34.65 30.97
N ALA G 432 -76.47 -34.39 32.24
CA ALA G 432 -75.71 -33.40 32.99
C ALA G 432 -74.32 -33.89 33.35
N SER G 433 -74.12 -35.20 33.39
CA SER G 433 -72.84 -35.78 33.77
C SER G 433 -71.81 -35.74 32.66
N LEU G 434 -72.13 -35.22 31.49
CA LEU G 434 -71.23 -35.24 30.35
C LEU G 434 -70.53 -33.92 30.11
N GLY G 435 -70.71 -32.94 31.00
CA GLY G 435 -70.09 -31.65 30.84
C GLY G 435 -70.41 -31.00 29.50
N GLY G 436 -69.41 -30.30 28.98
CA GLY G 436 -69.57 -29.61 27.72
C GLY G 436 -70.59 -28.50 27.80
N HIS G 437 -71.62 -28.56 26.96
CA HIS G 437 -72.75 -27.65 27.04
C HIS G 437 -73.85 -28.26 27.90
N ALA G 438 -73.50 -28.57 29.14
CA ALA G 438 -74.39 -29.32 30.00
C ALA G 438 -75.74 -28.63 30.25
N PRO G 439 -75.81 -27.32 30.48
CA PRO G 439 -77.14 -26.70 30.61
C PRO G 439 -78.03 -26.97 29.42
N ALA G 440 -77.55 -26.67 28.21
CA ALA G 440 -78.40 -26.80 27.03
C ALA G 440 -78.76 -28.26 26.76
N THR G 441 -77.77 -29.15 26.78
CA THR G 441 -78.03 -30.56 26.55
C THR G 441 -79.05 -31.11 27.53
N ALA G 442 -78.83 -30.88 28.82
CA ALA G 442 -79.70 -31.47 29.82
C ALA G 442 -81.07 -30.82 29.82
N GLN G 443 -81.14 -29.53 29.49
CA GLN G 443 -82.43 -28.85 29.44
C GLN G 443 -83.28 -29.38 28.30
N THR G 444 -82.66 -29.64 27.15
CA THR G 444 -83.41 -30.22 26.04
C THR G 444 -83.84 -31.66 26.35
N VAL G 445 -82.93 -32.46 26.92
CA VAL G 445 -83.31 -33.82 27.30
C VAL G 445 -84.47 -33.80 28.28
N GLY G 446 -84.47 -32.84 29.20
CA GLY G 446 -85.56 -32.75 30.17
C GLY G 446 -86.85 -32.30 29.54
N ALA G 447 -86.78 -31.32 28.62
CA ALA G 447 -87.96 -30.91 27.89
C ALA G 447 -88.62 -32.09 27.19
N LEU G 448 -87.81 -32.90 26.51
CA LEU G 448 -88.38 -34.03 25.78
C LEU G 448 -88.90 -35.10 26.73
N ALA G 449 -88.17 -35.38 27.81
CA ALA G 449 -88.66 -36.36 28.77
C ALA G 449 -89.97 -35.92 29.39
N GLY G 450 -90.15 -34.62 29.59
CA GLY G 450 -91.42 -34.12 30.10
C GLY G 450 -92.54 -34.25 29.09
N THR G 451 -92.33 -33.70 27.89
CA THR G 451 -93.38 -33.76 26.87
C THR G 451 -93.67 -35.17 26.41
N LEU G 452 -92.86 -36.15 26.80
CA LEU G 452 -93.25 -37.54 26.52
C LEU G 452 -93.90 -38.21 27.73
N TYR G 453 -93.26 -38.14 28.90
CA TYR G 453 -93.73 -38.85 30.07
C TYR G 453 -94.69 -38.02 30.91
N GLY G 454 -94.52 -36.71 30.95
CA GLY G 454 -95.47 -35.87 31.66
C GLY G 454 -94.95 -35.17 32.90
N GLN G 455 -95.49 -35.51 34.05
CA GLN G 455 -95.30 -34.73 35.28
C GLN G 455 -94.84 -35.54 36.48
N SER G 456 -95.21 -36.80 36.58
CA SER G 456 -95.05 -37.58 37.80
C SER G 456 -93.63 -38.09 38.02
N TRP G 457 -92.64 -37.61 37.27
CA TRP G 457 -91.29 -38.14 37.38
C TRP G 457 -90.31 -37.17 38.01
N VAL G 458 -90.66 -35.90 38.15
CA VAL G 458 -89.74 -34.96 38.80
C VAL G 458 -89.66 -35.26 40.29
N PRO G 459 -88.51 -35.68 40.80
CA PRO G 459 -88.41 -35.97 42.23
C PRO G 459 -88.76 -34.77 43.08
N GLU G 460 -89.24 -35.07 44.29
CA GLU G 460 -89.65 -34.03 45.22
C GLU G 460 -88.50 -33.11 45.58
N ARG G 461 -87.27 -33.63 45.59
CA ARG G 461 -86.14 -32.82 46.03
C ARG G 461 -85.81 -31.74 45.02
N TRP G 462 -86.02 -31.99 43.73
CA TRP G 462 -85.76 -30.94 42.74
C TRP G 462 -86.85 -29.88 42.78
N TRP G 463 -88.10 -30.28 43.02
CA TRP G 463 -89.16 -29.30 43.22
C TRP G 463 -88.87 -28.42 44.42
N ARG G 464 -88.50 -29.02 45.54
CA ARG G 464 -88.16 -28.24 46.73
C ARG G 464 -86.96 -27.34 46.47
N GLY G 465 -85.98 -27.82 45.72
CA GLY G 465 -84.83 -27.00 45.40
C GLY G 465 -85.19 -25.81 44.53
N LEU G 466 -86.11 -26.00 43.60
CA LEU G 466 -86.62 -24.85 42.85
C LEU G 466 -87.33 -23.88 43.77
N GLY G 467 -88.02 -24.40 44.78
CA GLY G 467 -88.71 -23.54 45.73
C GLY G 467 -87.76 -22.73 46.59
N GLU G 468 -86.65 -23.33 47.01
CA GLU G 468 -85.74 -22.71 47.97
C GLU G 468 -84.67 -21.84 47.32
N GLY G 469 -84.56 -21.83 46.01
CA GLY G 469 -83.57 -21.03 45.35
C GLY G 469 -83.92 -19.56 45.34
N VAL G 470 -83.22 -18.81 44.49
CA VAL G 470 -83.50 -17.38 44.37
C VAL G 470 -84.73 -17.15 43.51
N GLU G 471 -85.03 -18.07 42.59
CA GLU G 471 -86.25 -17.95 41.80
C GLU G 471 -87.49 -18.05 42.67
N GLY G 472 -87.47 -18.95 43.65
CA GLY G 472 -88.52 -19.02 44.64
C GLY G 472 -89.86 -19.45 44.07
N GLU G 473 -90.87 -19.31 44.93
CA GLU G 473 -92.23 -19.67 44.55
C GLU G 473 -92.71 -18.85 43.36
N ALA G 474 -92.33 -17.56 43.33
CA ALA G 474 -92.70 -16.71 42.21
C ALA G 474 -92.29 -17.33 40.88
N GLY G 475 -90.99 -17.58 40.70
CA GLY G 475 -90.52 -18.14 39.45
C GLY G 475 -91.03 -19.55 39.19
N ARG G 476 -91.10 -20.37 40.24
CA ARG G 476 -91.55 -21.74 40.07
C ARG G 476 -92.96 -21.79 39.51
N GLU G 477 -93.88 -21.05 40.12
CA GLU G 477 -95.26 -21.13 39.64
C GLU G 477 -95.49 -20.24 38.43
N ALA G 478 -94.60 -19.29 38.17
CA ALA G 478 -94.61 -18.64 36.86
C ALA G 478 -94.32 -19.65 35.77
N VAL G 479 -93.38 -20.57 36.02
CA VAL G 479 -93.09 -21.63 35.06
C VAL G 479 -94.30 -22.56 34.93
N VAL G 480 -94.88 -22.97 36.05
CA VAL G 480 -96.00 -23.90 35.95
C VAL G 480 -97.18 -23.23 35.25
N GLN G 481 -97.32 -21.90 35.40
CA GLN G 481 -98.45 -21.20 34.80
C GLN G 481 -98.23 -20.97 33.32
N ALA G 482 -97.00 -20.66 32.91
CA ALA G 482 -96.71 -20.57 31.48
C ALA G 482 -96.79 -21.93 30.82
N GLY G 483 -96.65 -23.01 31.60
CA GLY G 483 -96.85 -24.33 31.04
C GLY G 483 -98.32 -24.71 30.96
N ARG G 484 -99.13 -24.18 31.88
CA ARG G 484 -100.57 -24.40 31.80
C ARG G 484 -101.19 -23.60 30.65
N ALA G 485 -100.76 -22.34 30.50
CA ALA G 485 -101.27 -21.52 29.41
C ALA G 485 -100.50 -21.83 28.13
N LEU G 486 -100.37 -23.11 27.82
CA LEU G 486 -99.81 -23.59 26.56
C LEU G 486 -100.55 -24.79 26.01
N ALA G 487 -101.41 -25.44 26.78
CA ALA G 487 -101.99 -26.72 26.41
C ALA G 487 -102.95 -26.64 25.24
N ALA G 488 -103.49 -25.46 24.92
CA ALA G 488 -104.40 -25.29 23.79
C ALA G 488 -104.34 -23.85 23.28
N VAL G 489 -103.53 -23.63 22.25
CA VAL G 489 -103.45 -22.34 21.55
C VAL G 489 -103.18 -22.62 20.07
N GLU G 490 -104.14 -22.28 19.19
CA GLU G 490 -103.92 -22.65 17.80
C GLU G 490 -104.41 -21.60 16.79
N LEU G 491 -104.52 -20.33 17.17
CA LEU G 491 -104.89 -19.31 16.20
C LEU G 491 -103.87 -19.27 15.07
N ALA G 492 -104.36 -19.14 13.84
CA ALA G 492 -103.52 -19.10 12.64
C ALA G 492 -102.60 -20.31 12.55
N SER H 85 28.20 -69.72 -66.61
CA SER H 85 28.25 -68.54 -65.75
C SER H 85 26.90 -68.16 -65.12
N PRO H 86 25.81 -68.13 -65.90
CA PRO H 86 24.51 -67.84 -65.31
C PRO H 86 24.04 -69.01 -64.46
N LEU H 87 22.82 -68.91 -63.97
CA LEU H 87 22.29 -69.86 -63.01
C LEU H 87 21.02 -70.50 -63.53
N SER H 88 20.59 -71.56 -62.85
CA SER H 88 19.45 -72.37 -63.24
C SER H 88 18.36 -72.24 -62.19
N PRO H 89 17.10 -72.45 -62.58
CA PRO H 89 16.00 -72.34 -61.60
C PRO H 89 16.15 -73.25 -60.39
N GLU H 90 17.15 -74.12 -60.34
CA GLU H 90 17.27 -75.03 -59.21
C GLU H 90 18.28 -74.57 -58.17
N ASP H 91 19.32 -73.84 -58.57
CA ASP H 91 20.27 -73.38 -57.57
C ASP H 91 19.81 -72.11 -56.85
N ILE H 92 18.83 -71.39 -57.38
CA ILE H 92 18.30 -70.24 -56.66
C ILE H 92 17.46 -70.70 -55.47
N MET H 93 16.72 -71.80 -55.63
CA MET H 93 16.06 -72.42 -54.50
C MET H 93 17.10 -72.94 -53.50
N ARG H 94 18.21 -73.47 -54.00
CA ARG H 94 19.32 -73.83 -53.13
C ARG H 94 19.81 -72.61 -52.35
N LEU H 95 19.80 -71.45 -53.00
CA LEU H 95 20.27 -70.23 -52.33
C LEU H 95 19.30 -69.78 -51.25
N VAL H 96 17.99 -69.82 -51.52
CA VAL H 96 17.03 -69.44 -50.51
C VAL H 96 17.11 -70.39 -49.31
N GLN H 97 17.33 -71.69 -49.58
CA GLN H 97 17.49 -72.64 -48.49
C GLN H 97 18.74 -72.34 -47.68
N GLN H 98 19.86 -72.08 -48.36
CA GLN H 98 21.08 -71.66 -47.68
C GLN H 98 20.79 -70.52 -46.72
N HIS H 99 20.18 -69.45 -47.23
CA HIS H 99 19.97 -68.25 -46.42
C HIS H 99 19.07 -68.54 -45.23
N GLU H 100 17.93 -69.20 -45.46
CA GLU H 100 16.96 -69.37 -44.39
C GLU H 100 17.48 -70.32 -43.31
N ASP H 101 18.17 -71.40 -43.69
CA ASP H 101 18.75 -72.27 -42.68
C ASP H 101 19.87 -71.57 -41.91
N VAL H 102 20.64 -70.73 -42.59
CA VAL H 102 21.67 -69.95 -41.87
C VAL H 102 21.01 -69.05 -40.83
N ALA H 103 19.91 -68.40 -41.20
CA ALA H 103 19.23 -67.50 -40.25
C ALA H 103 18.67 -68.28 -39.06
N ALA H 104 18.07 -69.44 -39.34
CA ALA H 104 17.57 -70.28 -38.25
C ALA H 104 18.69 -70.68 -37.30
N ALA H 105 19.83 -71.09 -37.85
CA ALA H 105 20.96 -71.45 -37.00
C ALA H 105 21.43 -70.26 -36.18
N ALA H 106 21.40 -69.06 -36.78
CA ALA H 106 21.84 -67.87 -36.07
C ALA H 106 20.97 -67.60 -34.86
N GLU H 107 19.64 -67.65 -35.04
CA GLU H 107 18.76 -67.38 -33.90
C GLU H 107 18.85 -68.49 -32.86
N SER H 108 18.99 -69.75 -33.30
CA SER H 108 19.14 -70.84 -32.34
C SER H 108 20.41 -70.70 -31.52
N GLU H 109 21.49 -70.22 -32.12
CA GLU H 109 22.70 -69.95 -31.35
C GLU H 109 22.48 -68.78 -30.38
N GLN H 110 21.78 -67.74 -30.84
CA GLN H 110 21.55 -66.60 -29.97
C GLN H 110 20.74 -66.98 -28.73
N LEU H 111 19.84 -67.95 -28.87
CA LEU H 111 19.06 -68.37 -27.71
C LEU H 111 19.95 -68.93 -26.61
N VAL H 112 20.85 -69.85 -26.95
CA VAL H 112 21.68 -70.52 -25.95
C VAL H 112 22.87 -69.66 -25.49
N ALA H 113 23.28 -68.67 -26.28
CA ALA H 113 24.47 -67.89 -25.94
C ALA H 113 24.45 -67.38 -24.51
N GLN H 114 23.27 -67.05 -23.98
CA GLN H 114 23.19 -66.50 -22.63
C GLN H 114 23.45 -67.56 -21.57
N PHE H 115 22.87 -68.74 -21.73
CA PHE H 115 23.10 -69.81 -20.76
C PHE H 115 24.52 -70.36 -20.85
N ARG H 116 25.14 -70.28 -22.03
CA ARG H 116 26.38 -71.00 -22.25
C ARG H 116 27.50 -70.51 -21.33
N ASP H 117 27.52 -69.22 -21.02
CA ASP H 117 28.67 -68.64 -20.32
C ASP H 117 28.73 -69.10 -18.86
N ASP H 118 27.56 -69.22 -18.22
CA ASP H 118 27.50 -69.66 -16.82
C ASP H 118 26.21 -70.43 -16.58
N PRO H 119 26.24 -71.75 -16.58
CA PRO H 119 25.03 -72.53 -16.35
C PRO H 119 24.70 -72.68 -14.87
N GLN H 120 25.73 -72.62 -14.02
CA GLN H 120 25.51 -72.77 -12.59
C GLN H 120 24.61 -71.68 -12.02
N GLY H 121 24.46 -70.57 -12.74
CA GLY H 121 23.58 -69.51 -12.28
C GLY H 121 22.13 -69.74 -12.61
N LEU H 122 21.79 -70.84 -13.26
CA LEU H 122 20.38 -71.16 -13.47
C LEU H 122 19.73 -71.73 -12.22
N TYR H 123 20.52 -72.23 -11.28
CA TYR H 123 20.01 -72.62 -9.98
C TYR H 123 20.47 -71.69 -8.86
N GLU H 124 21.65 -71.11 -8.97
CA GLU H 124 22.26 -70.37 -7.87
C GLU H 124 21.87 -68.90 -7.83
N TYR H 125 20.74 -68.52 -8.44
CA TYR H 125 20.40 -67.11 -8.49
C TYR H 125 19.93 -66.60 -7.12
N VAL H 126 19.27 -67.44 -6.34
CA VAL H 126 18.74 -67.03 -5.05
C VAL H 126 19.86 -66.71 -4.08
N ASN H 127 20.90 -67.56 -4.05
CA ASN H 127 22.01 -67.30 -3.13
C ASN H 127 22.74 -66.03 -3.50
N ARG H 128 22.87 -65.73 -4.78
CA ARG H 128 23.52 -64.49 -5.18
C ARG H 128 22.67 -63.28 -4.80
N ALA H 129 21.35 -63.36 -5.01
CA ALA H 129 20.48 -62.28 -4.58
C ALA H 129 20.59 -62.04 -3.07
N TYR H 130 20.61 -63.12 -2.28
CA TYR H 130 20.82 -62.95 -0.84
C TYR H 130 22.16 -62.33 -0.54
N ALA H 131 23.20 -62.69 -1.29
CA ALA H 131 24.52 -62.16 -1.04
C ALA H 131 24.60 -60.67 -1.29
N GLU H 132 23.93 -60.16 -2.33
CA GLU H 132 24.10 -58.76 -2.67
C GLU H 132 23.38 -57.85 -1.67
N GLY H 133 22.32 -58.33 -1.03
CA GLY H 133 21.78 -57.67 0.14
C GLY H 133 20.49 -56.91 -0.08
N PRO H 134 20.07 -56.14 0.92
CA PRO H 134 18.91 -55.26 0.74
C PRO H 134 19.32 -54.00 0.00
N ARG H 135 18.42 -53.51 -0.85
CA ARG H 135 18.65 -52.31 -1.61
C ARG H 135 17.85 -51.16 -1.02
N ARG H 136 18.45 -49.99 -1.00
CA ARG H 136 17.82 -48.82 -0.39
C ARG H 136 16.99 -48.08 -1.44
N VAL H 137 15.69 -48.00 -1.21
CA VAL H 137 14.79 -47.34 -2.14
C VAL H 137 15.05 -45.84 -2.09
N THR H 138 15.26 -45.23 -3.25
CA THR H 138 15.48 -43.80 -3.35
C THR H 138 14.48 -43.22 -4.35
N THR H 139 13.27 -42.96 -3.86
CA THR H 139 12.33 -42.10 -4.55
C THR H 139 12.22 -40.81 -3.78
N PRO H 140 11.74 -39.73 -4.39
CA PRO H 140 11.64 -38.47 -3.64
C PRO H 140 10.84 -38.58 -2.37
N ILE H 141 9.73 -39.32 -2.36
CA ILE H 141 8.95 -39.48 -1.14
C ILE H 141 9.73 -40.28 -0.11
N SER H 142 10.42 -41.33 -0.55
CA SER H 142 11.22 -42.12 0.36
C SER H 142 12.31 -41.30 1.00
N LEU H 143 13.04 -40.52 0.21
CA LEU H 143 14.07 -39.65 0.75
C LEU H 143 13.49 -38.62 1.71
N LEU H 144 12.33 -38.06 1.37
CA LEU H 144 11.72 -37.08 2.26
C LEU H 144 11.36 -37.70 3.59
N GLN H 145 10.68 -38.85 3.57
CA GLN H 145 10.33 -39.55 4.80
C GLN H 145 11.57 -39.89 5.60
N GLU H 146 12.62 -40.34 4.94
CA GLU H 146 13.86 -40.70 5.62
C GLU H 146 14.53 -39.52 6.28
N GLU H 147 14.44 -38.33 5.68
CA GLU H 147 15.07 -37.17 6.28
C GLU H 147 14.19 -36.47 7.31
N ILE H 148 12.88 -36.66 7.25
CA ILE H 148 12.00 -36.07 8.26
C ILE H 148 12.12 -36.86 9.57
N THR H 149 11.72 -38.14 9.56
CA THR H 149 11.75 -38.81 10.86
C THR H 149 13.01 -39.64 11.09
N GLY H 150 13.05 -40.86 10.55
CA GLY H 150 14.29 -41.60 10.49
C GLY H 150 14.30 -42.73 9.48
N ALA H 151 13.17 -42.98 8.85
CA ALA H 151 12.83 -44.30 8.34
C ALA H 151 13.52 -44.59 7.02
N VAL H 152 14.28 -45.67 6.98
CA VAL H 152 14.88 -46.15 5.74
C VAL H 152 13.99 -47.25 5.16
N THR H 153 13.67 -47.12 3.88
CA THR H 153 12.85 -48.08 3.17
C THR H 153 13.76 -49.01 2.36
N GLU H 154 13.49 -50.31 2.42
CA GLU H 154 14.33 -51.30 1.77
C GLU H 154 13.50 -52.13 0.81
N SER H 155 14.16 -52.62 -0.24
CA SER H 155 13.55 -53.52 -1.20
C SER H 155 14.42 -54.77 -1.33
N TYR H 156 13.89 -55.76 -2.03
CA TYR H 156 14.59 -57.01 -2.27
C TYR H 156 14.33 -57.47 -3.69
N PRO H 157 15.28 -58.14 -4.31
CA PRO H 157 15.02 -58.73 -5.63
C PRO H 157 13.97 -59.81 -5.54
N ALA H 158 13.33 -60.08 -6.68
CA ALA H 158 12.15 -60.94 -6.68
C ALA H 158 12.48 -62.36 -6.25
N ALA H 159 13.73 -62.79 -6.38
CA ALA H 159 14.09 -64.13 -5.94
C ALA H 159 14.06 -64.23 -4.43
N VAL H 160 14.63 -63.24 -3.75
CA VAL H 160 14.56 -63.21 -2.29
C VAL H 160 13.11 -63.09 -1.84
N ALA H 161 12.30 -62.33 -2.56
CA ALA H 161 10.90 -62.16 -2.18
C ALA H 161 10.16 -63.49 -2.26
N ASN H 162 10.38 -64.27 -3.30
CA ASN H 162 9.61 -65.52 -3.48
C ASN H 162 10.17 -66.61 -2.57
N ASP H 163 11.23 -66.30 -1.82
CA ASP H 163 11.81 -67.26 -0.86
C ASP H 163 11.27 -66.93 0.53
N ILE H 164 10.89 -65.69 0.78
CA ILE H 164 10.22 -65.30 2.05
C ILE H 164 8.76 -65.77 2.00
N ILE H 165 8.11 -65.70 0.85
CA ILE H 165 6.70 -66.17 0.70
C ILE H 165 6.71 -67.70 0.83
N GLY H 166 7.56 -68.43 0.11
CA GLY H 166 7.56 -69.86 0.29
C GLY H 166 6.31 -70.51 -0.28
N MET H 167 5.84 -71.57 0.35
CA MET H 167 4.57 -72.20 -0.05
C MET H 167 3.43 -71.44 0.61
N GLY H 168 3.31 -70.17 0.22
CA GLY H 168 2.75 -69.13 1.04
C GLY H 168 1.42 -69.37 1.70
N SER H 169 0.35 -69.39 0.91
CA SER H 169 -0.98 -69.51 1.47
C SER H 169 -1.72 -70.67 0.84
N TRP H 170 -1.00 -71.72 0.47
CA TRP H 170 -1.67 -72.95 0.13
C TRP H 170 -2.43 -73.43 1.36
N ARG H 171 -3.61 -73.99 1.14
CA ARG H 171 -4.42 -74.41 2.27
C ARG H 171 -4.00 -75.76 2.81
N LEU H 172 -3.33 -76.57 2.01
CA LEU H 172 -2.93 -77.91 2.42
C LEU H 172 -1.48 -77.99 2.83
N LYS H 173 -0.83 -76.86 3.09
CA LYS H 173 0.51 -76.92 3.63
C LYS H 173 0.44 -77.52 5.04
N ASP H 174 1.61 -77.70 5.65
CA ASP H 174 1.79 -78.30 6.97
C ASP H 174 1.57 -79.80 6.96
N ASP H 175 1.05 -80.35 5.85
CA ASP H 175 1.01 -81.79 5.64
C ASP H 175 1.78 -82.19 4.40
N VAL H 176 2.50 -81.26 3.80
CA VAL H 176 3.23 -81.50 2.56
C VAL H 176 4.69 -81.73 2.92
N ASP H 177 5.30 -82.71 2.25
CA ASP H 177 6.68 -83.05 2.53
C ASP H 177 7.61 -81.87 2.21
N PRO H 178 8.77 -81.79 2.86
CA PRO H 178 9.66 -80.66 2.61
C PRO H 178 10.24 -80.61 1.21
N VAL H 179 10.41 -81.76 0.55
CA VAL H 179 10.87 -81.75 -0.83
C VAL H 179 9.81 -81.17 -1.74
N ILE H 180 8.57 -81.62 -1.58
CA ILE H 180 7.48 -81.08 -2.39
C ILE H 180 7.29 -79.60 -2.10
N GLU H 181 7.51 -79.19 -0.85
CA GLU H 181 7.45 -77.78 -0.51
C GLU H 181 8.48 -76.97 -1.28
N PHE H 182 9.73 -77.45 -1.25
CA PHE H 182 10.81 -76.79 -1.98
C PHE H 182 10.45 -76.64 -3.45
N LEU H 183 9.98 -77.73 -4.06
CA LEU H 183 9.73 -77.70 -5.51
C LEU H 183 8.58 -76.76 -5.86
N VAL H 184 7.49 -76.83 -5.10
CA VAL H 184 6.35 -75.96 -5.40
C VAL H 184 6.74 -74.49 -5.23
N ALA H 185 7.43 -74.17 -4.14
CA ALA H 185 7.85 -72.79 -3.93
C ALA H 185 8.69 -72.28 -5.09
N ARG H 186 9.67 -73.10 -5.51
CA ARG H 186 10.57 -72.68 -6.57
C ARG H 186 9.83 -72.48 -7.89
N LEU H 187 8.98 -73.43 -8.25
CA LEU H 187 8.28 -73.35 -9.53
C LEU H 187 7.37 -72.13 -9.60
N GLU H 188 6.53 -71.95 -8.59
CA GLU H 188 5.62 -70.82 -8.62
C GLU H 188 6.34 -69.49 -8.50
N GLY H 189 7.46 -69.45 -7.77
CA GLY H 189 8.24 -68.23 -7.75
C GLY H 189 8.83 -67.89 -9.10
N CYS H 190 9.26 -68.92 -9.84
CA CYS H 190 9.74 -68.67 -11.20
C CYS H 190 8.63 -68.10 -12.07
N TRP H 191 7.43 -68.68 -12.01
CA TRP H 191 6.33 -68.14 -12.79
C TRP H 191 6.03 -66.70 -12.42
N ARG H 192 6.08 -66.38 -11.14
CA ARG H 192 5.76 -65.04 -10.70
C ARG H 192 6.81 -64.02 -11.05
N GLU H 193 8.07 -64.43 -11.12
CA GLU H 193 9.15 -63.48 -11.37
C GLU H 193 9.45 -63.31 -12.84
N ILE H 194 9.23 -64.32 -13.67
CA ILE H 194 9.59 -64.24 -15.07
C ILE H 194 8.42 -63.79 -15.94
N LEU H 195 7.21 -64.27 -15.69
CA LEU H 195 6.05 -63.91 -16.48
C LEU H 195 5.16 -62.88 -15.79
N ASP H 196 5.74 -61.91 -15.10
CA ASP H 196 4.92 -61.07 -14.24
C ASP H 196 4.27 -59.91 -14.97
N THR H 197 4.29 -59.90 -16.30
CA THR H 197 3.59 -58.84 -17.01
C THR H 197 2.37 -59.34 -17.73
N ASP H 198 2.13 -60.65 -17.76
CA ASP H 198 0.95 -61.18 -18.41
C ASP H 198 0.31 -62.32 -17.64
N LEU H 199 0.81 -62.67 -16.47
CA LEU H 199 0.29 -63.81 -15.74
C LEU H 199 -1.08 -63.50 -15.15
N CYS H 200 -2.12 -63.88 -15.84
CA CYS H 200 -3.49 -63.85 -15.35
C CYS H 200 -3.72 -65.09 -14.50
N LEU H 201 -4.87 -65.18 -13.87
CA LEU H 201 -5.33 -66.43 -13.31
C LEU H 201 -6.40 -67.02 -14.21
N TYR H 202 -6.34 -68.32 -14.41
CA TYR H 202 -7.24 -68.98 -15.35
C TYR H 202 -8.69 -68.60 -15.08
N PRO H 203 -9.55 -68.50 -16.10
CA PRO H 203 -10.95 -68.13 -15.87
C PRO H 203 -11.65 -68.95 -14.81
N ARG H 204 -12.30 -68.28 -13.85
CA ARG H 204 -12.72 -68.94 -12.63
C ARG H 204 -13.92 -69.85 -12.83
N GLU H 205 -14.72 -69.62 -13.86
CA GLU H 205 -15.86 -70.49 -14.08
C GLU H 205 -15.47 -71.86 -14.61
N LYS H 206 -14.20 -72.08 -14.92
CA LYS H 206 -13.77 -73.37 -15.43
C LYS H 206 -13.35 -74.30 -14.31
N TRP H 207 -12.72 -73.79 -13.28
CA TRP H 207 -12.22 -74.67 -12.25
C TRP H 207 -12.60 -74.26 -10.84
N LYS H 208 -12.64 -72.97 -10.55
CA LYS H 208 -12.76 -72.51 -9.17
C LYS H 208 -14.20 -72.34 -8.72
N GLU H 209 -15.17 -72.36 -9.63
CA GLU H 209 -16.56 -72.29 -9.23
C GLU H 209 -17.14 -73.66 -8.93
N GLN H 210 -16.80 -74.66 -9.72
CA GLN H 210 -17.15 -76.03 -9.39
C GLN H 210 -16.50 -76.49 -8.10
N GLY H 211 -15.49 -75.78 -7.61
CA GLY H 211 -14.81 -76.16 -6.39
C GLY H 211 -13.69 -77.15 -6.57
N TRP H 212 -13.00 -77.12 -7.71
CA TRP H 212 -11.89 -78.03 -7.96
C TRP H 212 -10.54 -77.47 -7.54
N ASP H 213 -10.51 -76.37 -6.79
CA ASP H 213 -9.27 -75.85 -6.27
C ASP H 213 -8.87 -76.48 -4.97
N LEU H 214 -9.76 -77.25 -4.35
CA LEU H 214 -9.45 -77.95 -3.10
C LEU H 214 -10.49 -79.06 -2.99
N VAL H 215 -10.03 -80.30 -3.10
CA VAL H 215 -10.90 -81.46 -3.26
C VAL H 215 -10.64 -82.41 -2.12
N ASP H 216 -11.71 -82.85 -1.46
CA ASP H 216 -11.62 -83.81 -0.37
C ASP H 216 -12.46 -85.03 -0.71
N SER H 217 -12.01 -86.20 -0.26
CA SER H 217 -12.72 -87.44 -0.55
C SER H 217 -13.82 -87.72 0.46
N MET H 218 -13.74 -87.14 1.65
CA MET H 218 -14.79 -87.31 2.66
C MET H 218 -15.93 -86.34 2.48
N ASP H 219 -15.83 -85.42 1.52
CA ASP H 219 -16.84 -84.38 1.33
C ASP H 219 -16.88 -84.00 -0.14
N PRO H 220 -17.27 -84.93 -1.01
CA PRO H 220 -17.23 -84.64 -2.45
C PRO H 220 -18.29 -83.66 -2.90
N HIS H 221 -19.35 -83.47 -2.14
CA HIS H 221 -20.43 -82.57 -2.54
C HIS H 221 -20.27 -81.18 -1.96
N GLN H 222 -19.24 -80.96 -1.15
CA GLN H 222 -18.88 -79.62 -0.67
C GLN H 222 -19.99 -78.99 0.15
N GLU H 223 -20.45 -79.70 1.17
CA GLU H 223 -21.45 -79.13 2.07
C GLU H 223 -20.82 -78.47 3.28
N LEU H 224 -19.51 -78.57 3.45
CA LEU H 224 -18.81 -77.85 4.51
C LEU H 224 -18.13 -76.60 3.98
N GLU H 225 -18.55 -76.12 2.81
CA GLU H 225 -18.12 -74.84 2.24
C GLU H 225 -16.64 -74.80 1.91
N GLY H 226 -15.98 -75.95 1.88
CA GLY H 226 -14.56 -75.97 1.59
C GLY H 226 -13.65 -75.93 2.79
N PHE H 227 -14.16 -76.16 3.99
CA PHE H 227 -13.34 -76.31 5.18
C PHE H 227 -13.28 -77.73 5.66
N SER H 228 -13.59 -78.70 4.81
CA SER H 228 -13.58 -80.09 5.21
C SER H 228 -12.22 -80.54 5.71
N TYR H 229 -11.13 -79.97 5.22
CA TYR H 229 -9.81 -80.37 5.69
C TYR H 229 -9.60 -80.04 7.16
N ALA H 230 -10.47 -79.22 7.75
CA ALA H 230 -10.36 -78.86 9.16
C ALA H 230 -11.49 -79.41 10.02
N ASP H 231 -12.72 -79.43 9.52
CA ASP H 231 -13.87 -79.85 10.29
C ASP H 231 -13.96 -81.35 10.50
N ILE H 232 -13.40 -82.16 9.61
CA ILE H 232 -13.58 -83.59 9.61
C ILE H 232 -12.28 -84.25 10.06
N PRO H 233 -12.31 -85.17 11.01
CA PRO H 233 -11.09 -85.87 11.41
C PRO H 233 -10.72 -86.97 10.43
N ASP H 234 -9.53 -87.52 10.63
CA ASP H 234 -9.05 -88.58 9.76
C ASP H 234 -9.76 -89.89 10.11
N PRO H 235 -10.27 -90.61 9.11
CA PRO H 235 -10.86 -91.91 9.39
C PRO H 235 -9.81 -92.90 9.87
N ALA H 236 -10.24 -93.81 10.74
CA ALA H 236 -9.34 -94.84 11.23
C ALA H 236 -9.35 -96.03 10.28
N LYS H 237 -8.44 -96.96 10.53
CA LYS H 237 -8.27 -98.09 9.62
C LYS H 237 -9.54 -98.95 9.59
N GLY H 238 -9.91 -99.37 8.38
CA GLY H 238 -11.11 -100.14 8.19
C GLY H 238 -12.40 -99.35 8.20
N GLU H 239 -12.36 -98.06 8.52
CA GLU H 239 -13.57 -97.27 8.53
C GLU H 239 -13.95 -96.85 7.12
N ALA H 240 -15.19 -96.40 6.97
CA ALA H 240 -15.67 -95.95 5.67
C ALA H 240 -14.97 -94.65 5.29
N GLY H 241 -14.24 -94.66 4.19
CA GLY H 241 -13.50 -93.52 3.73
C GLY H 241 -12.00 -93.69 3.78
N TYR H 242 -11.50 -94.73 4.41
CA TYR H 242 -10.08 -95.00 4.41
C TYR H 242 -9.66 -95.60 3.08
N PRO H 243 -8.57 -95.12 2.45
CA PRO H 243 -7.74 -94.00 2.88
C PRO H 243 -8.18 -92.69 2.28
N ARG H 244 -8.06 -91.61 3.04
CA ARG H 244 -8.57 -90.31 2.62
C ARG H 244 -7.58 -89.64 1.68
N LEU H 245 -8.10 -89.00 0.63
CA LEU H 245 -7.28 -88.34 -0.37
C LEU H 245 -7.78 -86.92 -0.55
N GLN H 246 -6.84 -85.97 -0.63
CA GLN H 246 -7.18 -84.58 -0.85
C GLN H 246 -6.21 -83.93 -1.83
N LEU H 247 -6.75 -83.07 -2.69
CA LEU H 247 -6.01 -82.45 -3.78
C LEU H 247 -6.14 -80.95 -3.72
N GLU H 248 -5.10 -80.26 -4.16
CA GLU H 248 -5.13 -78.81 -4.29
C GLU H 248 -4.48 -78.41 -5.61
N ASN H 249 -5.19 -77.62 -6.40
CA ASN H 249 -4.74 -77.20 -7.72
C ASN H 249 -4.54 -75.70 -7.76
N ARG H 250 -3.75 -75.26 -8.73
CA ARG H 250 -3.64 -73.86 -9.10
C ARG H 250 -3.39 -73.82 -10.59
N VAL H 251 -4.07 -72.94 -11.31
CA VAL H 251 -4.01 -72.86 -12.76
C VAL H 251 -3.89 -71.40 -13.17
N TYR H 252 -2.94 -71.11 -14.06
CA TYR H 252 -2.76 -69.76 -14.59
C TYR H 252 -2.76 -69.76 -16.11
N CYS H 253 -3.01 -68.58 -16.67
CA CYS H 253 -2.87 -68.32 -18.10
C CYS H 253 -1.76 -67.30 -18.28
N SER H 254 -1.31 -67.12 -19.51
CA SER H 254 -0.37 -66.08 -19.81
C SER H 254 -0.41 -65.78 -21.30
N LYS H 255 0.58 -65.04 -21.77
CA LYS H 255 0.67 -64.66 -23.17
C LYS H 255 1.09 -65.84 -24.04
N VAL H 256 2.28 -66.39 -23.79
CA VAL H 256 2.73 -67.56 -24.52
C VAL H 256 2.01 -68.84 -24.12
N PHE H 257 1.58 -68.95 -22.87
CA PHE H 257 1.18 -70.23 -22.30
C PHE H 257 -0.31 -70.23 -22.04
N ARG H 258 -0.97 -71.28 -22.48
CA ARG H 258 -2.41 -71.32 -22.35
C ARG H 258 -2.85 -71.99 -21.07
N LYS H 259 -1.94 -72.63 -20.36
CA LYS H 259 -2.23 -73.23 -19.07
C LYS H 259 -0.95 -73.58 -18.36
N LEU H 260 -0.71 -72.98 -17.20
CA LEU H 260 0.35 -73.39 -16.30
C LEU H 260 -0.33 -73.96 -15.07
N HIS H 261 -0.20 -75.26 -14.84
CA HIS H 261 -1.00 -75.97 -13.86
C HIS H 261 -0.10 -76.69 -12.87
N VAL H 262 -0.27 -76.39 -11.58
CA VAL H 262 0.42 -77.14 -10.53
C VAL H 262 -0.63 -77.77 -9.65
N GLU H 263 -0.35 -78.98 -9.17
CA GLU H 263 -1.31 -79.74 -8.37
C GLU H 263 -0.59 -80.63 -7.37
N VAL H 264 -1.07 -80.64 -6.14
CA VAL H 264 -0.48 -81.43 -5.05
C VAL H 264 -1.58 -82.28 -4.43
N GLY H 265 -1.30 -83.56 -4.24
CA GLY H 265 -2.26 -84.47 -3.66
C GLY H 265 -1.65 -85.31 -2.56
N LEU H 266 -2.42 -85.52 -1.51
CA LEU H 266 -1.98 -86.34 -0.38
C LEU H 266 -3.00 -87.44 -0.12
N ARG H 267 -2.51 -88.63 0.18
CA ARG H 267 -3.36 -89.71 0.64
C ARG H 267 -3.00 -90.05 2.07
N GLN H 268 -3.90 -90.78 2.74
CA GLN H 268 -3.73 -91.01 4.17
C GLN H 268 -2.66 -92.04 4.46
N ASP H 269 -2.49 -93.03 3.57
CA ASP H 269 -1.52 -94.09 3.83
C ASP H 269 -0.07 -93.60 3.81
N GLY H 270 0.21 -92.44 3.25
CA GLY H 270 1.56 -91.90 3.29
C GLY H 270 2.12 -91.53 1.94
N LEU H 271 1.26 -91.48 0.93
CA LEU H 271 1.64 -91.20 -0.44
C LEU H 271 1.43 -89.72 -0.75
N GLN H 272 2.44 -89.07 -1.33
CA GLN H 272 2.31 -87.69 -1.76
C GLN H 272 2.78 -87.58 -3.20
N VAL H 273 2.08 -86.78 -4.00
CA VAL H 273 2.44 -86.57 -5.40
C VAL H 273 2.56 -85.09 -5.68
N LEU H 274 3.24 -84.78 -6.77
CA LEU H 274 3.32 -83.42 -7.29
C LEU H 274 3.36 -83.52 -8.80
N HIS H 275 2.53 -82.74 -9.49
CA HIS H 275 2.34 -82.87 -10.93
C HIS H 275 2.27 -81.48 -11.53
N VAL H 276 3.26 -81.12 -12.34
CA VAL H 276 3.36 -79.80 -12.96
C VAL H 276 3.38 -79.97 -14.46
N VAL H 277 2.66 -79.10 -15.18
CA VAL H 277 2.66 -79.17 -16.63
C VAL H 277 2.37 -77.80 -17.22
N VAL H 278 3.21 -77.39 -18.17
CA VAL H 278 3.18 -76.07 -18.78
C VAL H 278 2.96 -76.24 -20.28
N TYR H 279 1.86 -75.67 -20.78
CA TYR H 279 1.41 -75.83 -22.16
C TYR H 279 1.54 -74.52 -22.91
N PRO H 280 2.24 -74.46 -24.06
CA PRO H 280 2.28 -73.23 -24.82
C PRO H 280 1.03 -73.07 -25.67
N ARG H 281 0.79 -71.84 -26.12
CA ARG H 281 -0.40 -71.58 -26.91
C ARG H 281 -0.23 -72.16 -28.31
N TYR H 282 -1.36 -72.57 -28.89
CA TYR H 282 -1.35 -73.30 -30.15
C TYR H 282 -0.62 -72.58 -31.26
N SER H 283 -0.51 -71.26 -31.20
CA SER H 283 0.13 -70.47 -32.23
C SER H 283 1.65 -70.45 -32.11
N TYR H 284 2.20 -71.11 -31.09
CA TYR H 284 3.63 -71.11 -30.84
C TYR H 284 4.18 -72.50 -31.07
N ASP H 285 5.43 -72.59 -31.49
CA ASP H 285 6.05 -73.88 -31.75
C ASP H 285 7.15 -74.07 -30.69
N MET H 286 6.73 -74.57 -29.53
CA MET H 286 7.61 -74.88 -28.42
C MET H 286 7.19 -76.22 -27.84
N PRO H 287 8.08 -76.89 -27.11
CA PRO H 287 7.71 -78.15 -26.47
C PRO H 287 6.99 -77.90 -25.15
N ILE H 288 6.29 -78.93 -24.69
CA ILE H 288 5.55 -78.85 -23.43
C ILE H 288 6.50 -79.16 -22.30
N PHE H 289 6.30 -78.53 -21.14
CA PHE H 289 7.12 -78.85 -19.98
C PHE H 289 6.31 -79.71 -19.02
N GLY H 290 6.97 -80.69 -18.41
CA GLY H 290 6.27 -81.53 -17.47
C GLY H 290 7.15 -82.10 -16.39
N MET H 291 6.61 -82.23 -15.17
CA MET H 291 7.36 -82.75 -14.04
C MET H 291 6.42 -83.53 -13.13
N ASP H 292 6.89 -84.65 -12.63
CA ASP H 292 6.16 -85.44 -11.65
C ASP H 292 7.09 -85.95 -10.57
N ILE H 293 6.68 -85.79 -9.33
CA ILE H 293 7.32 -86.41 -8.19
C ILE H 293 6.28 -87.29 -7.51
N VAL H 294 6.69 -88.46 -7.04
CA VAL H 294 5.81 -89.35 -6.29
C VAL H 294 6.65 -89.96 -5.19
N MET H 295 6.29 -89.66 -3.93
CA MET H 295 7.08 -90.09 -2.79
C MET H 295 6.19 -90.78 -1.77
N VAL H 296 6.78 -91.72 -1.05
CA VAL H 296 6.07 -92.63 -0.16
C VAL H 296 6.84 -92.67 1.15
N ASP H 297 6.20 -92.25 2.24
CA ASP H 297 6.83 -92.13 3.56
C ASP H 297 8.17 -91.42 3.49
N GLY H 298 8.16 -90.24 2.89
CA GLY H 298 9.36 -89.43 2.83
C GLY H 298 10.47 -89.96 1.95
N ARG H 299 10.20 -90.96 1.13
CA ARG H 299 11.20 -91.53 0.23
C ARG H 299 10.69 -91.40 -1.20
N VAL H 300 11.42 -90.66 -2.02
CA VAL H 300 11.01 -90.44 -3.41
C VAL H 300 11.06 -91.77 -4.14
N THR H 301 9.90 -92.22 -4.63
CA THR H 301 9.86 -93.46 -5.40
C THR H 301 9.84 -93.24 -6.89
N LEU H 302 9.50 -92.03 -7.36
CA LEU H 302 9.57 -91.78 -8.79
C LEU H 302 9.71 -90.29 -9.04
N ALA H 303 10.67 -89.91 -9.88
CA ALA H 303 10.85 -88.51 -10.23
C ALA H 303 11.14 -88.43 -11.71
N VAL H 304 10.29 -87.75 -12.46
CA VAL H 304 10.45 -87.66 -13.91
C VAL H 304 10.30 -86.20 -14.33
N VAL H 305 11.20 -85.75 -15.20
CA VAL H 305 11.14 -84.40 -15.74
C VAL H 305 11.40 -84.48 -17.23
N ASP H 306 10.54 -83.81 -18.01
CA ASP H 306 10.69 -83.90 -19.46
C ASP H 306 10.25 -82.62 -20.12
N CYS H 307 11.11 -82.11 -21.00
CA CYS H 307 10.75 -81.07 -21.97
C CYS H 307 10.42 -81.83 -23.26
N CYS H 308 9.12 -82.08 -23.47
CA CYS H 308 8.58 -83.05 -24.41
C CYS H 308 8.23 -82.39 -25.74
N PRO H 309 8.63 -83.03 -26.84
CA PRO H 309 8.39 -82.46 -28.17
C PRO H 309 6.92 -82.32 -28.50
N VAL H 310 6.66 -81.54 -29.54
CA VAL H 310 5.31 -81.37 -30.08
C VAL H 310 5.23 -81.74 -31.55
N ARG H 311 6.35 -82.01 -32.21
CA ARG H 311 6.35 -82.38 -33.62
C ARG H 311 6.20 -83.90 -33.77
N ALA H 312 5.79 -84.30 -34.97
CA ALA H 312 5.61 -85.73 -35.25
C ALA H 312 6.93 -86.48 -35.31
N ASP H 313 8.05 -85.77 -35.39
CA ASP H 313 9.36 -86.39 -35.50
C ASP H 313 10.05 -86.57 -34.15
N LEU H 314 9.51 -85.96 -33.09
CA LEU H 314 9.97 -86.16 -31.73
C LEU H 314 11.44 -85.75 -31.58
N LYS H 315 11.77 -84.62 -32.18
CA LYS H 315 13.08 -84.01 -32.03
C LYS H 315 12.91 -82.51 -31.78
N LEU H 316 13.56 -82.01 -30.73
CA LEU H 316 13.39 -80.63 -30.32
C LEU H 316 14.17 -79.70 -31.23
N GLN H 317 14.08 -78.42 -30.95
CA GLN H 317 14.90 -77.42 -31.63
C GLN H 317 16.32 -77.47 -31.09
N PRO H 318 17.30 -76.99 -31.86
CA PRO H 318 18.69 -77.10 -31.41
C PRO H 318 18.93 -76.48 -30.05
N HIS H 319 18.25 -75.38 -29.73
CA HIS H 319 18.48 -74.76 -28.43
C HIS H 319 17.91 -75.60 -27.29
N TYR H 320 16.76 -76.24 -27.50
CA TYR H 320 16.19 -77.07 -26.44
C TYR H 320 17.11 -78.25 -26.12
N MET H 321 17.53 -78.98 -27.14
CA MET H 321 18.42 -80.12 -26.92
C MET H 321 19.76 -79.68 -26.37
N GLU H 322 20.33 -78.62 -26.93
CA GLU H 322 21.60 -78.10 -26.45
C GLU H 322 21.52 -77.74 -24.98
N THR H 323 20.43 -77.08 -24.56
CA THR H 323 20.29 -76.69 -23.18
C THR H 323 20.11 -77.89 -22.27
N MET H 324 19.27 -78.84 -22.66
CA MET H 324 19.09 -80.02 -21.81
C MET H 324 20.41 -80.77 -21.63
N ALA H 325 21.19 -80.88 -22.69
CA ALA H 325 22.46 -81.61 -22.59
C ALA H 325 23.47 -80.84 -21.75
N LEU H 326 23.59 -79.53 -21.98
CA LEU H 326 24.49 -78.72 -21.18
C LEU H 326 24.13 -78.80 -19.70
N LEU H 327 22.84 -78.75 -19.39
CA LEU H 327 22.42 -78.82 -18.00
C LEU H 327 22.67 -80.19 -17.40
N GLN H 328 22.43 -81.26 -18.16
CA GLN H 328 22.74 -82.59 -17.65
C GLN H 328 24.22 -82.75 -17.38
N ARG H 329 25.07 -82.12 -18.19
CA ARG H 329 26.50 -82.14 -17.88
C ARG H 329 26.82 -81.33 -16.63
N THR H 330 26.13 -80.22 -16.43
CA THR H 330 26.45 -79.35 -15.30
C THR H 330 26.00 -79.94 -13.97
N PHE H 331 24.80 -80.49 -13.91
CA PHE H 331 24.20 -80.89 -12.63
C PHE H 331 24.16 -82.40 -12.41
N LEU H 332 23.90 -83.18 -13.44
CA LEU H 332 23.77 -84.62 -13.29
C LEU H 332 25.10 -85.36 -13.39
N GLU H 333 26.23 -84.64 -13.31
CA GLU H 333 27.51 -85.31 -13.41
C GLU H 333 27.75 -86.20 -12.20
N GLY H 334 28.44 -87.32 -12.44
CA GLY H 334 28.64 -88.31 -11.40
C GLY H 334 27.41 -89.10 -11.04
N THR H 335 26.41 -89.13 -11.90
CA THR H 335 25.15 -89.82 -11.63
C THR H 335 24.98 -90.95 -12.64
N ASP H 336 24.33 -92.03 -12.19
CA ASP H 336 24.07 -93.20 -13.02
C ASP H 336 23.32 -92.80 -14.28
N PRO H 337 23.90 -92.97 -15.48
CA PRO H 337 23.15 -92.72 -16.70
C PRO H 337 22.16 -93.82 -17.03
N ALA H 338 22.41 -95.05 -16.59
CA ALA H 338 21.50 -96.17 -16.83
C ALA H 338 20.24 -96.11 -16.00
N LEU H 339 20.01 -95.00 -15.27
CA LEU H 339 18.82 -94.88 -14.45
C LEU H 339 17.70 -94.16 -15.20
N ARG H 340 18.03 -93.39 -16.22
CA ARG H 340 17.05 -92.60 -16.96
C ARG H 340 16.29 -93.49 -17.93
N ARG H 341 15.64 -94.52 -17.40
CA ARG H 341 14.96 -95.51 -18.20
C ARG H 341 13.77 -94.91 -18.93
N ILE H 342 13.39 -95.53 -20.04
CA ILE H 342 12.23 -95.12 -20.80
C ILE H 342 11.06 -96.03 -20.43
N PRO H 343 10.02 -95.52 -19.79
CA PRO H 343 8.84 -96.34 -19.52
C PRO H 343 8.10 -96.68 -20.80
N GLU H 344 7.20 -97.66 -20.68
CA GLU H 344 6.45 -98.14 -21.83
C GLU H 344 5.58 -97.05 -22.43
N TRP H 345 5.14 -96.10 -21.61
CA TRP H 345 4.41 -94.94 -22.11
C TRP H 345 5.29 -93.72 -22.33
N GLY H 346 6.62 -93.88 -22.25
CA GLY H 346 7.51 -92.74 -22.27
C GLY H 346 8.02 -92.34 -23.64
N SER H 347 8.54 -93.31 -24.41
CA SER H 347 9.18 -92.98 -25.69
C SER H 347 8.20 -92.36 -26.68
N LYS H 348 6.89 -92.49 -26.45
CA LYS H 348 5.90 -91.84 -27.29
C LYS H 348 5.75 -90.36 -27.00
N ILE H 349 6.34 -89.88 -25.91
CA ILE H 349 6.30 -88.45 -25.58
C ILE H 349 7.71 -87.96 -25.29
N PHE H 350 8.60 -88.87 -24.91
CA PHE H 350 9.89 -88.47 -24.35
C PHE H 350 10.82 -87.94 -25.42
N SER H 351 11.32 -86.73 -25.18
CA SER H 351 12.50 -86.30 -25.89
C SER H 351 13.65 -87.24 -25.54
N PRO H 352 14.55 -87.50 -26.48
CA PRO H 352 15.67 -88.41 -26.20
C PRO H 352 16.46 -88.05 -24.95
N LEU H 353 16.28 -86.84 -24.41
CA LEU H 353 17.01 -86.39 -23.23
C LEU H 353 16.11 -86.33 -21.99
N ALA H 354 14.89 -86.84 -22.09
CA ALA H 354 13.99 -86.83 -20.95
C ALA H 354 14.58 -87.65 -19.80
N LEU H 355 14.18 -87.32 -18.57
CA LEU H 355 14.74 -87.93 -17.38
C LEU H 355 13.65 -88.65 -16.61
N CYS H 356 13.89 -89.92 -16.27
CA CYS H 356 13.03 -90.70 -15.39
C CYS H 356 13.93 -91.45 -14.42
N ILE H 357 13.75 -91.21 -13.13
CA ILE H 357 14.69 -91.69 -12.13
C ILE H 357 13.92 -92.21 -10.92
N THR H 358 14.49 -93.23 -10.28
CA THR H 358 14.08 -93.66 -8.95
C THR H 358 15.25 -93.41 -8.02
N PRO H 359 15.34 -92.25 -7.38
CA PRO H 359 16.56 -91.88 -6.67
C PRO H 359 16.90 -92.84 -5.55
N SER H 360 18.19 -92.94 -5.26
CA SER H 360 18.69 -93.85 -4.21
C SER H 360 18.86 -93.11 -2.89
N GLY H 361 19.72 -92.09 -2.86
CA GLY H 361 20.04 -91.41 -1.62
C GLY H 361 19.96 -89.91 -1.74
N PRO H 362 20.54 -89.21 -0.76
CA PRO H 362 20.47 -87.74 -0.78
C PRO H 362 21.17 -87.11 -1.96
N GLU H 363 22.26 -87.71 -2.44
CA GLU H 363 23.01 -87.11 -3.54
C GLU H 363 22.21 -87.12 -4.83
N GLU H 364 21.60 -88.25 -5.16
CA GLU H 364 20.78 -88.34 -6.36
C GLU H 364 19.63 -87.34 -6.29
N LEU H 365 18.99 -87.22 -5.13
CA LEU H 365 17.85 -86.32 -4.99
C LEU H 365 18.28 -84.86 -5.10
N ALA H 366 19.38 -84.49 -4.46
CA ALA H 366 19.84 -83.11 -4.54
C ALA H 366 20.25 -82.75 -5.96
N ALA H 367 20.93 -83.65 -6.65
CA ALA H 367 21.31 -83.38 -8.03
C ALA H 367 20.09 -83.25 -8.92
N PHE H 368 19.13 -84.17 -8.78
CA PHE H 368 17.92 -84.08 -9.59
C PHE H 368 17.16 -82.80 -9.31
N ALA H 369 17.11 -82.38 -8.05
CA ALA H 369 16.37 -81.17 -7.70
C ALA H 369 17.00 -79.95 -8.35
N LYS H 370 18.32 -79.78 -8.18
CA LYS H 370 18.99 -78.66 -8.81
C LYS H 370 18.80 -78.68 -10.32
N TYR H 371 18.81 -79.87 -10.91
CA TYR H 371 18.71 -79.97 -12.36
C TYR H 371 17.31 -79.60 -12.85
N ALA H 372 16.27 -80.15 -12.24
CA ALA H 372 14.90 -79.81 -12.63
C ALA H 372 14.64 -78.32 -12.43
N VAL H 373 15.16 -77.74 -11.36
CA VAL H 373 14.96 -76.31 -11.15
C VAL H 373 15.61 -75.50 -12.27
N ALA H 374 16.86 -75.83 -12.61
CA ALA H 374 17.53 -75.08 -13.66
C ALA H 374 16.86 -75.28 -15.01
N LEU H 375 16.35 -76.48 -15.28
CA LEU H 375 15.70 -76.75 -16.55
C LEU H 375 14.41 -75.96 -16.70
N HIS H 376 13.61 -75.91 -15.64
CA HIS H 376 12.39 -75.11 -15.70
C HIS H 376 12.70 -73.65 -15.92
N ARG H 377 13.69 -73.13 -15.19
CA ARG H 377 14.04 -71.72 -15.34
C ARG H 377 14.53 -71.42 -16.76
N ALA H 378 15.32 -72.34 -17.34
CA ALA H 378 15.80 -72.15 -18.70
C ALA H 378 14.65 -72.16 -19.70
N TYR H 379 13.71 -73.08 -19.54
CA TYR H 379 12.56 -73.15 -20.43
C TYR H 379 11.80 -71.84 -20.43
N LEU H 380 11.60 -71.26 -19.25
CA LEU H 380 10.86 -70.01 -19.19
C LEU H 380 11.64 -68.86 -19.82
N THR H 381 12.93 -68.75 -19.49
CA THR H 381 13.73 -67.68 -20.07
C THR H 381 13.82 -67.80 -21.59
N MET H 382 13.74 -69.02 -22.13
CA MET H 382 13.70 -69.17 -23.58
C MET H 382 12.37 -68.73 -24.16
N SER H 383 11.26 -69.10 -23.52
CA SER H 383 9.96 -68.62 -23.99
C SER H 383 9.88 -67.10 -23.98
N LEU H 384 10.70 -66.45 -23.14
CA LEU H 384 10.65 -65.00 -23.01
C LEU H 384 10.81 -64.25 -24.33
N ASN H 385 11.33 -64.88 -25.38
CA ASN H 385 11.70 -64.19 -26.61
C ASN H 385 11.03 -64.83 -27.81
N ALA H 386 9.97 -65.59 -27.57
CA ALA H 386 9.32 -66.39 -28.61
C ALA H 386 8.49 -65.49 -29.50
N VAL H 387 8.29 -65.92 -30.74
CA VAL H 387 7.46 -65.19 -31.70
C VAL H 387 6.41 -66.14 -32.25
N PRO H 388 5.18 -65.69 -32.44
CA PRO H 388 4.13 -66.60 -32.89
C PRO H 388 4.39 -67.07 -34.31
N VAL H 389 3.87 -68.26 -34.61
CA VAL H 389 3.93 -68.81 -35.96
C VAL H 389 2.63 -68.43 -36.66
N VAL H 390 2.72 -67.47 -37.57
CA VAL H 390 1.55 -66.89 -38.23
C VAL H 390 1.44 -67.47 -39.64
N ALA H 391 0.21 -67.81 -40.02
CA ALA H 391 -0.05 -68.41 -41.33
C ALA H 391 -0.72 -67.37 -42.22
N GLY H 392 0.08 -66.67 -43.01
CA GLY H 392 -0.45 -65.70 -43.95
C GLY H 392 -1.16 -66.38 -45.10
N PRO H 393 -2.28 -65.79 -45.54
CA PRO H 393 -3.04 -66.40 -46.64
C PRO H 393 -2.24 -66.44 -47.94
N GLY H 394 -1.92 -67.64 -48.40
CA GLY H 394 -1.02 -67.82 -49.52
C GLY H 394 0.13 -68.73 -49.13
N ASP H 395 0.36 -68.86 -47.83
CA ASP H 395 1.40 -69.72 -47.29
C ASP H 395 0.72 -70.95 -46.70
N ARG H 396 1.00 -72.13 -47.26
CA ARG H 396 0.51 -73.39 -46.74
C ARG H 396 1.49 -74.04 -45.78
N ARG H 397 2.78 -73.71 -45.89
CA ARG H 397 3.77 -74.23 -44.96
C ARG H 397 3.36 -73.95 -43.52
N GLU H 398 2.95 -72.73 -43.22
CA GLU H 398 2.63 -72.37 -41.85
C GLU H 398 1.33 -73.02 -41.40
N ALA H 399 0.38 -73.20 -42.33
CA ALA H 399 -0.85 -73.91 -41.98
C ALA H 399 -0.55 -75.35 -41.59
N ALA H 400 0.32 -76.02 -42.35
CA ALA H 400 0.74 -77.37 -41.99
C ALA H 400 1.49 -77.37 -40.65
N ARG H 401 2.32 -76.36 -40.41
CA ARG H 401 3.03 -76.27 -39.14
C ARG H 401 2.06 -76.15 -37.98
N LEU H 402 1.03 -75.31 -38.12
CA LEU H 402 0.05 -75.14 -37.06
C LEU H 402 -0.74 -76.42 -36.84
N GLN H 403 -1.10 -77.11 -37.94
CA GLN H 403 -1.76 -78.41 -37.79
C GLN H 403 -0.88 -79.37 -37.01
N GLU H 404 0.42 -79.39 -37.31
CA GLU H 404 1.35 -80.26 -36.59
C GLU H 404 1.40 -79.91 -35.11
N ILE H 405 1.38 -78.61 -34.80
CA ILE H 405 1.36 -78.18 -33.40
C ILE H 405 0.12 -78.72 -32.71
N GLN H 406 -1.03 -78.62 -33.37
CA GLN H 406 -2.27 -79.15 -32.79
C GLN H 406 -2.17 -80.65 -32.55
N ASP H 407 -1.68 -81.39 -33.55
CA ASP H 407 -1.56 -82.84 -33.40
C ASP H 407 -0.64 -83.19 -32.23
N GLY H 408 0.50 -82.51 -32.10
CA GLY H 408 1.42 -82.84 -31.03
C GLY H 408 0.86 -82.53 -29.65
N GLN H 409 0.25 -81.35 -29.49
CA GLN H 409 -0.33 -81.01 -28.20
C GLN H 409 -1.43 -82.00 -27.81
N LYS H 410 -2.32 -82.35 -28.75
CA LYS H 410 -3.38 -83.29 -28.42
C LYS H 410 -2.84 -84.69 -28.18
N ARG H 411 -1.82 -85.10 -28.94
CA ARG H 411 -1.20 -86.40 -28.70
C ARG H 411 -0.68 -86.49 -27.28
N PHE H 412 0.08 -85.48 -26.84
CA PHE H 412 0.53 -85.45 -25.45
C PHE H 412 -0.65 -85.43 -24.48
N CYS H 413 -1.72 -84.71 -24.82
CA CYS H 413 -2.83 -84.56 -23.89
C CYS H 413 -3.51 -85.89 -23.61
N ASP H 414 -3.95 -86.61 -24.65
CA ASP H 414 -4.56 -87.91 -24.37
C ASP H 414 -3.53 -89.00 -24.11
N ASN H 415 -2.23 -88.72 -24.27
CA ASN H 415 -1.22 -89.68 -23.85
C ASN H 415 -0.82 -89.51 -22.40
N GLN H 416 -1.22 -88.41 -21.76
CA GLN H 416 -0.84 -88.22 -20.36
C GLN H 416 -1.88 -88.79 -19.41
N LEU H 417 -3.16 -88.76 -19.80
CA LEU H 417 -4.19 -89.32 -18.92
C LEU H 417 -4.10 -90.83 -18.81
N VAL H 418 -3.35 -91.49 -19.71
CA VAL H 418 -3.11 -92.93 -19.54
C VAL H 418 -1.95 -93.22 -18.62
N ASN H 419 -1.37 -92.20 -17.98
CA ASN H 419 -0.49 -92.40 -16.84
C ASN H 419 -1.40 -92.77 -15.68
N LYS H 420 -1.93 -93.98 -15.75
CA LYS H 420 -3.06 -94.40 -14.94
C LYS H 420 -2.73 -94.55 -13.47
N LYS H 421 -1.50 -94.28 -13.05
CA LYS H 421 -1.18 -94.33 -11.62
C LYS H 421 -1.97 -93.28 -10.86
N THR H 422 -1.78 -92.00 -11.20
CA THR H 422 -2.52 -90.94 -10.53
C THR H 422 -4.01 -91.01 -10.85
N ARG H 423 -4.37 -91.45 -12.06
CA ARG H 423 -5.78 -91.53 -12.39
C ARG H 423 -6.49 -92.61 -11.59
N ARG H 424 -5.82 -93.72 -11.32
CA ARG H 424 -6.43 -94.73 -10.46
C ARG H 424 -6.40 -94.31 -9.00
N VAL H 425 -5.37 -93.56 -8.60
CA VAL H 425 -5.40 -92.92 -7.29
C VAL H 425 -6.68 -92.10 -7.13
N LEU H 426 -7.02 -91.32 -8.16
CA LEU H 426 -8.21 -90.48 -8.08
C LEU H 426 -9.49 -91.32 -8.14
N GLU H 427 -9.52 -92.34 -8.99
CA GLU H 427 -10.77 -93.05 -9.20
C GLU H 427 -11.05 -94.09 -8.12
N VAL H 428 -10.06 -94.47 -7.32
CA VAL H 428 -10.31 -95.38 -6.20
C VAL H 428 -10.99 -94.68 -5.05
N ALA H 429 -10.97 -93.35 -5.01
CA ALA H 429 -11.53 -92.61 -3.90
C ALA H 429 -12.71 -91.74 -4.33
N MET H 430 -12.55 -91.01 -5.43
CA MET H 430 -13.58 -90.07 -5.87
C MET H 430 -14.60 -90.70 -6.81
N GLY H 431 -14.43 -91.97 -7.17
CA GLY H 431 -15.33 -92.60 -8.12
C GLY H 431 -14.87 -92.38 -9.54
N VAL H 432 -15.75 -92.71 -10.48
CA VAL H 432 -15.44 -92.55 -11.88
C VAL H 432 -16.27 -91.44 -12.53
N GLU H 433 -17.52 -91.27 -12.12
CA GLU H 433 -18.37 -90.25 -12.73
C GLU H 433 -17.88 -88.84 -12.42
N TRP H 434 -17.26 -88.65 -11.27
CA TRP H 434 -16.65 -87.35 -10.96
C TRP H 434 -15.28 -87.23 -11.61
N THR H 435 -14.54 -88.33 -11.66
CA THR H 435 -13.20 -88.28 -12.21
C THR H 435 -13.20 -87.98 -13.70
N GLU H 436 -14.14 -88.54 -14.45
CA GLU H 436 -14.21 -88.26 -15.88
C GLU H 436 -14.37 -86.76 -16.11
N ALA H 437 -15.29 -86.13 -15.38
CA ALA H 437 -15.52 -84.70 -15.54
C ALA H 437 -14.28 -83.90 -15.14
N TYR H 438 -13.76 -84.13 -13.94
CA TYR H 438 -12.63 -83.34 -13.46
C TYR H 438 -11.44 -83.46 -14.40
N MET H 439 -11.12 -84.69 -14.82
CA MET H 439 -9.99 -84.90 -15.71
C MET H 439 -10.22 -84.27 -17.08
N SER H 440 -11.37 -84.52 -17.69
CA SER H 440 -11.60 -84.06 -19.05
C SER H 440 -11.77 -82.55 -19.15
N GLN H 441 -12.10 -81.87 -18.06
CA GLN H 441 -12.20 -80.41 -18.11
C GLN H 441 -10.96 -79.69 -17.61
N LEU H 442 -10.20 -80.29 -16.70
CA LEU H 442 -9.05 -79.62 -16.11
C LEU H 442 -7.74 -80.35 -16.37
N MET H 443 -7.67 -81.66 -16.08
CA MET H 443 -6.38 -82.34 -15.97
C MET H 443 -5.59 -82.26 -17.26
N PHE H 444 -6.14 -82.83 -18.34
CA PHE H 444 -5.47 -82.80 -19.63
C PHE H 444 -6.46 -82.41 -20.71
N ASP H 445 -7.33 -81.46 -20.41
CA ASP H 445 -8.31 -81.00 -21.38
C ASP H 445 -7.61 -80.45 -22.62
N PHE H 446 -8.28 -80.61 -23.76
CA PHE H 446 -7.76 -80.10 -25.02
C PHE H 446 -8.93 -79.54 -25.81
N ASP H 447 -8.78 -78.30 -26.26
CA ASP H 447 -9.86 -77.61 -26.95
C ASP H 447 -9.22 -76.60 -27.90
N PRO H 448 -8.91 -77.00 -29.13
CA PRO H 448 -8.20 -76.09 -30.04
C PRO H 448 -8.95 -74.81 -30.32
N LYS H 449 -10.27 -74.82 -30.23
CA LYS H 449 -11.08 -73.63 -30.38
C LYS H 449 -11.12 -72.78 -29.12
N TYR H 450 -10.58 -73.28 -28.02
CA TYR H 450 -10.61 -72.55 -26.76
C TYR H 450 -9.22 -72.42 -26.19
N GLU H 451 -8.68 -71.21 -26.23
CA GLU H 451 -7.57 -70.82 -25.38
C GLU H 451 -7.96 -69.51 -24.72
N PRO H 452 -7.78 -69.41 -23.41
CA PRO H 452 -8.30 -68.27 -22.67
C PRO H 452 -7.58 -66.99 -23.04
N PRO H 453 -8.10 -65.83 -22.64
CA PRO H 453 -7.37 -64.58 -22.87
C PRO H 453 -6.31 -64.30 -21.81
N TYR H 454 -5.65 -63.15 -21.90
CA TYR H 454 -4.72 -62.74 -20.86
C TYR H 454 -4.80 -61.22 -20.72
N PHE H 455 -4.12 -60.70 -19.70
CA PHE H 455 -4.22 -59.29 -19.34
C PHE H 455 -2.83 -58.68 -19.39
N ASP H 456 -2.61 -57.81 -20.36
CA ASP H 456 -1.30 -57.25 -20.63
C ASP H 456 -1.09 -56.01 -19.77
N ALA H 457 -0.26 -56.13 -18.74
CA ALA H 457 -0.09 -55.09 -17.75
C ALA H 457 1.32 -54.53 -17.78
N SER H 458 1.86 -54.32 -18.97
CA SER H 458 3.23 -53.85 -19.09
C SER H 458 3.37 -52.36 -18.85
N PHE H 459 2.29 -51.59 -18.99
CA PHE H 459 2.35 -50.15 -18.75
C PHE H 459 2.78 -49.82 -17.33
N GLU H 460 2.58 -50.74 -16.37
CA GLU H 460 3.04 -50.50 -15.02
C GLU H 460 4.54 -50.27 -15.00
N LYS H 461 5.25 -50.95 -15.91
CA LYS H 461 6.70 -50.78 -16.00
C LYS H 461 7.06 -49.32 -16.17
N LEU H 462 6.18 -48.53 -16.78
CA LEU H 462 6.42 -47.10 -16.90
C LEU H 462 6.36 -46.42 -15.54
N TYR H 463 5.25 -46.63 -14.81
CA TYR H 463 5.05 -45.93 -13.55
C TYR H 463 6.22 -46.16 -12.61
N THR H 464 6.52 -47.43 -12.30
CA THR H 464 7.67 -47.74 -11.48
C THR H 464 8.92 -47.01 -11.96
N TYR H 465 9.18 -47.04 -13.27
CA TYR H 465 10.32 -46.34 -13.80
C TYR H 465 10.32 -44.88 -13.38
N PHE H 466 9.23 -44.18 -13.66
CA PHE H 466 9.17 -42.76 -13.37
C PHE H 466 9.11 -42.47 -11.88
N ASP H 467 9.21 -43.48 -11.03
CA ASP H 467 9.32 -43.22 -9.60
C ASP H 467 10.76 -43.14 -9.14
N GLU H 468 11.70 -43.67 -9.91
CA GLU H 468 13.11 -43.45 -9.62
C GLU H 468 13.75 -42.45 -10.57
N ASN H 469 13.05 -42.02 -11.61
CA ASN H 469 13.54 -40.99 -12.53
C ASN H 469 12.48 -39.90 -12.71
N PRO H 470 12.15 -39.18 -11.65
CA PRO H 470 11.10 -38.17 -11.75
C PRO H 470 11.63 -36.86 -12.33
N SER H 471 10.71 -36.09 -12.90
CA SER H 471 11.02 -34.74 -13.35
C SER H 471 10.11 -33.79 -12.60
N PHE H 472 10.68 -32.68 -12.15
CA PHE H 472 9.98 -31.73 -11.30
C PHE H 472 9.59 -30.49 -12.10
N GLY H 473 8.68 -29.71 -11.55
CA GLY H 473 7.85 -28.88 -12.40
C GLY H 473 8.28 -27.46 -12.72
N GLU H 474 9.48 -27.29 -13.30
CA GLU H 474 9.83 -26.03 -13.96
C GLU H 474 10.06 -24.89 -12.97
N MET H 475 9.69 -25.12 -11.71
CA MET H 475 9.92 -24.14 -10.66
C MET H 475 11.03 -24.56 -9.73
N ALA H 476 11.24 -25.87 -9.59
CA ALA H 476 12.37 -26.38 -8.84
C ALA H 476 13.69 -26.13 -9.54
N ASP H 477 13.67 -25.82 -10.84
CA ASP H 477 14.92 -25.60 -11.57
C ASP H 477 15.53 -24.24 -11.25
N GLU H 478 14.70 -23.20 -11.20
CA GLU H 478 15.18 -21.91 -10.72
C GLU H 478 15.79 -22.05 -9.32
N ALA H 479 15.09 -22.74 -8.43
CA ALA H 479 15.57 -22.88 -7.06
C ALA H 479 16.86 -23.69 -7.02
N MET H 480 16.98 -24.70 -7.87
CA MET H 480 18.19 -25.52 -7.86
C MET H 480 19.38 -24.77 -8.43
N GLU H 481 19.17 -23.95 -9.46
CA GLU H 481 20.25 -23.09 -9.91
C GLU H 481 20.65 -22.08 -8.85
N LEU H 482 19.67 -21.57 -8.10
CA LEU H 482 19.98 -20.71 -6.96
C LEU H 482 20.86 -21.45 -5.94
N GLU H 483 20.49 -22.67 -5.60
CA GLU H 483 21.26 -23.43 -4.60
C GLU H 483 22.66 -23.74 -5.11
N ARG H 484 22.78 -24.07 -6.39
CA ARG H 484 24.10 -24.38 -6.94
C ARG H 484 25.00 -23.15 -6.97
N GLY H 485 24.46 -22.03 -7.43
CA GLY H 485 25.23 -20.80 -7.44
C GLY H 485 25.48 -20.23 -6.06
N ALA H 486 24.73 -20.68 -5.06
CA ALA H 486 24.95 -20.22 -3.69
C ALA H 486 26.00 -21.05 -2.97
N GLU H 487 25.88 -22.37 -3.00
CA GLU H 487 26.86 -23.21 -2.31
C GLU H 487 28.23 -23.14 -2.96
N ALA H 488 28.30 -22.90 -4.27
CA ALA H 488 29.56 -22.80 -4.98
C ALA H 488 30.26 -21.47 -4.73
N GLU H 489 29.71 -20.61 -3.88
CA GLU H 489 30.40 -19.39 -3.50
C GLU H 489 31.70 -19.70 -2.79
N ARG H 490 31.75 -20.80 -2.03
CA ARG H 490 32.92 -21.15 -1.25
C ARG H 490 34.12 -21.51 -2.13
N SER I 60 -58.62 -55.36 9.55
CA SER I 60 -59.50 -55.98 10.53
C SER I 60 -59.18 -55.48 11.94
N ASN I 61 -58.90 -56.42 12.83
CA ASN I 61 -58.53 -56.14 14.22
C ASN I 61 -57.15 -56.69 14.51
N TRP I 62 -56.20 -56.44 13.60
CA TRP I 62 -54.86 -56.98 13.80
C TRP I 62 -54.27 -56.54 15.13
N TRP I 63 -54.65 -55.34 15.60
CA TRP I 63 -54.14 -54.86 16.88
C TRP I 63 -54.61 -55.71 18.04
N ALA I 64 -55.57 -56.60 17.83
CA ALA I 64 -55.94 -57.52 18.90
C ALA I 64 -54.87 -58.57 19.11
N SER I 65 -54.24 -59.01 18.02
CA SER I 65 -53.17 -60.01 18.13
C SER I 65 -51.78 -59.39 18.11
N ILE I 66 -51.52 -58.41 18.96
CA ILE I 66 -50.18 -57.84 19.09
C ILE I 66 -49.53 -58.50 20.28
N ASN I 67 -48.34 -59.07 20.07
CA ASN I 67 -47.65 -59.81 21.11
C ASN I 67 -46.28 -59.20 21.33
N ARG I 68 -45.92 -59.03 22.59
CA ARG I 68 -44.67 -58.40 22.97
C ARG I 68 -43.54 -59.41 23.10
N LYS I 69 -43.87 -60.65 23.45
CA LYS I 69 -42.87 -61.71 23.53
C LYS I 69 -42.45 -62.17 22.14
N THR I 70 -43.43 -62.57 21.31
CA THR I 70 -43.14 -63.18 20.03
C THR I 70 -42.75 -62.18 18.95
N GLY I 71 -42.87 -60.88 19.21
CA GLY I 71 -42.44 -59.90 18.23
C GLY I 71 -43.53 -58.93 17.83
N ILE I 72 -43.17 -57.67 17.71
CA ILE I 72 -44.12 -56.63 17.36
C ILE I 72 -43.98 -56.31 15.87
N ARG I 73 -45.09 -56.37 15.14
CA ARG I 73 -45.04 -56.08 13.71
C ARG I 73 -46.39 -55.55 13.26
N GLY I 74 -46.35 -54.57 12.35
CA GLY I 74 -47.56 -54.04 11.77
C GLY I 74 -48.14 -54.97 10.74
N PRO I 75 -49.19 -54.51 10.08
CA PRO I 75 -49.85 -55.36 9.08
C PRO I 75 -49.07 -55.47 7.78
N ASP I 76 -48.51 -54.36 7.33
CA ASP I 76 -47.94 -54.30 5.99
C ASP I 76 -46.56 -54.97 5.97
N PRO I 77 -46.25 -55.67 4.87
CA PRO I 77 -45.13 -56.64 4.84
C PRO I 77 -43.72 -56.07 4.73
N ALA I 78 -43.16 -55.71 5.89
CA ALA I 78 -41.71 -55.58 6.06
C ALA I 78 -41.06 -54.69 5.02
N PRO I 79 -41.18 -53.36 5.12
CA PRO I 79 -40.62 -52.49 4.10
C PRO I 79 -39.10 -52.55 4.07
N ALA I 80 -38.58 -53.63 3.50
CA ALA I 80 -37.16 -53.97 3.57
C ALA I 80 -36.32 -53.26 2.53
N GLU I 81 -36.78 -52.11 2.02
CA GLU I 81 -35.99 -51.34 1.08
C GLU I 81 -34.69 -50.89 1.72
N GLU I 82 -33.59 -51.13 1.01
CA GLU I 82 -32.27 -50.72 1.45
C GLU I 82 -31.33 -50.76 0.25
N HIS I 83 -30.29 -49.93 0.32
CA HIS I 83 -29.18 -49.98 -0.63
C HIS I 83 -27.93 -49.56 0.12
N THR I 84 -26.77 -49.87 -0.45
CA THR I 84 -25.53 -49.62 0.27
C THR I 84 -24.40 -49.37 -0.70
N ASN I 85 -23.64 -48.32 -0.43
CA ASN I 85 -22.33 -48.15 -1.02
C ASN I 85 -21.30 -48.75 -0.08
N GLY I 86 -20.03 -48.48 -0.30
CA GLY I 86 -19.01 -48.95 0.60
C GLY I 86 -19.05 -48.19 1.90
N PRO I 87 -18.26 -48.62 2.88
CA PRO I 87 -18.17 -47.84 4.12
C PRO I 87 -17.66 -46.42 3.91
N ALA I 88 -16.82 -46.18 2.92
CA ALA I 88 -16.30 -44.83 2.71
C ALA I 88 -17.37 -43.90 2.15
N ARG I 89 -18.06 -44.32 1.11
CA ARG I 89 -19.12 -43.51 0.53
C ARG I 89 -20.34 -43.42 1.42
N ASP I 90 -20.42 -44.24 2.46
CA ASP I 90 -21.46 -44.09 3.47
C ASP I 90 -21.09 -43.12 4.57
N ILE I 91 -19.85 -43.20 5.07
CA ILE I 91 -19.43 -42.29 6.12
C ILE I 91 -19.50 -40.84 5.65
N ILE I 92 -18.82 -40.53 4.55
CA ILE I 92 -19.03 -39.24 3.90
C ILE I 92 -20.24 -39.32 2.99
N GLY I 93 -20.70 -38.18 2.53
CA GLY I 93 -21.96 -38.13 1.80
C GLY I 93 -21.86 -38.65 0.39
N ASP I 94 -22.92 -38.41 -0.37
CA ASP I 94 -22.95 -38.70 -1.79
C ASP I 94 -22.51 -37.50 -2.62
N ARG I 95 -22.42 -36.33 -2.02
CA ARG I 95 -22.04 -35.10 -2.70
C ARG I 95 -20.56 -34.79 -2.56
N MET I 96 -19.91 -35.32 -1.53
CA MET I 96 -18.47 -35.18 -1.40
C MET I 96 -17.74 -36.31 -2.11
N SER I 97 -18.36 -37.47 -2.27
CA SER I 97 -17.75 -38.53 -3.06
C SER I 97 -17.48 -38.07 -4.48
N ARG I 98 -18.43 -37.37 -5.09
CA ARG I 98 -18.23 -36.87 -6.45
C ARG I 98 -17.05 -35.93 -6.53
N ARG I 99 -16.95 -35.02 -5.55
CA ARG I 99 -15.81 -34.10 -5.54
C ARG I 99 -14.50 -34.86 -5.47
N LEU I 100 -14.43 -35.85 -4.57
CA LEU I 100 -13.21 -36.65 -4.45
C LEU I 100 -12.89 -37.37 -5.75
N GLU I 101 -13.91 -37.92 -6.41
CA GLU I 101 -13.65 -38.71 -7.61
C GLU I 101 -13.21 -37.85 -8.77
N ASP I 102 -13.79 -36.65 -8.91
CA ASP I 102 -13.34 -35.76 -9.97
C ASP I 102 -11.92 -35.28 -9.71
N ILE I 103 -11.58 -35.00 -8.45
CA ILE I 103 -10.20 -34.63 -8.14
C ILE I 103 -9.24 -35.75 -8.53
N ASN I 104 -9.59 -36.98 -8.17
CA ASN I 104 -8.71 -38.11 -8.44
C ASN I 104 -8.53 -38.33 -9.93
N LYS I 105 -9.62 -38.27 -10.69
CA LYS I 105 -9.55 -38.49 -12.13
C LYS I 105 -8.69 -37.42 -12.80
N ALA I 106 -8.90 -36.15 -12.43
CA ALA I 106 -8.10 -35.09 -13.01
C ALA I 106 -6.62 -35.27 -12.70
N GLU I 107 -6.30 -35.67 -11.46
CA GLU I 107 -4.89 -35.83 -11.11
C GLU I 107 -4.25 -36.99 -11.85
N ARG I 108 -4.96 -38.12 -11.98
CA ARG I 108 -4.43 -39.24 -12.74
C ARG I 108 -4.14 -38.83 -14.18
N GLN I 109 -5.06 -38.08 -14.79
CA GLN I 109 -4.85 -37.68 -16.17
C GLN I 109 -3.64 -36.76 -16.32
N ARG I 110 -3.51 -35.81 -15.41
CA ARG I 110 -2.36 -34.90 -15.49
C ARG I 110 -1.05 -35.66 -15.38
N VAL I 111 -0.99 -36.63 -14.48
CA VAL I 111 0.27 -37.36 -14.32
C VAL I 111 0.58 -38.20 -15.56
N TRP I 112 -0.43 -38.81 -16.17
CA TRP I 112 -0.16 -39.59 -17.38
C TRP I 112 0.33 -38.69 -18.51
N ASP I 113 -0.22 -37.48 -18.61
CA ASP I 113 0.24 -36.58 -19.67
C ASP I 113 1.67 -36.12 -19.43
N ALA I 114 2.00 -35.78 -18.19
CA ALA I 114 3.38 -35.43 -17.88
C ALA I 114 4.32 -36.58 -18.18
N MET I 115 3.87 -37.82 -17.95
CA MET I 115 4.68 -38.98 -18.28
C MET I 115 4.92 -39.09 -19.77
N ARG I 116 3.88 -38.94 -20.58
CA ARG I 116 4.07 -39.01 -22.02
C ARG I 116 5.10 -37.99 -22.49
N VAL I 117 5.02 -36.77 -21.96
CA VAL I 117 5.94 -35.72 -22.41
C VAL I 117 7.37 -36.04 -21.99
N ALA I 118 7.57 -36.41 -20.72
CA ALA I 118 8.94 -36.64 -20.25
C ALA I 118 9.54 -37.89 -20.90
N ALA I 119 8.73 -38.90 -21.16
CA ALA I 119 9.24 -40.08 -21.84
C ALA I 119 9.61 -39.77 -23.28
N ALA I 120 8.85 -38.88 -23.94
CA ALA I 120 9.22 -38.49 -25.29
C ALA I 120 10.55 -37.74 -25.29
N HIS I 121 10.76 -36.87 -24.31
CA HIS I 121 12.00 -36.11 -24.30
C HIS I 121 13.17 -36.96 -23.85
N ARG I 122 12.89 -38.10 -23.21
CA ARG I 122 13.98 -38.99 -22.82
C ARG I 122 14.29 -40.02 -23.90
N TYR I 123 13.30 -40.32 -24.74
CA TYR I 123 13.50 -41.32 -25.79
C TYR I 123 14.02 -40.68 -27.06
N ALA I 124 13.73 -39.40 -27.28
CA ALA I 124 14.31 -38.71 -28.42
C ALA I 124 15.77 -38.36 -28.21
N SER I 125 16.35 -38.72 -27.07
CA SER I 125 17.77 -38.47 -26.82
C SER I 125 18.49 -39.70 -26.28
N GLY I 126 17.96 -40.89 -26.52
CA GLY I 126 18.70 -42.11 -26.28
C GLY I 126 18.43 -42.87 -24.99
N GLN I 127 18.29 -42.17 -23.87
CA GLN I 127 18.30 -42.83 -22.57
C GLN I 127 16.92 -43.39 -22.23
N MET I 128 16.59 -44.55 -22.78
CA MET I 128 15.36 -45.23 -22.44
C MET I 128 15.64 -46.72 -22.30
N PRO I 129 15.07 -47.39 -21.30
CA PRO I 129 15.61 -48.67 -20.85
C PRO I 129 15.40 -49.85 -21.81
N ALA I 130 15.02 -49.60 -23.06
CA ALA I 130 15.06 -50.61 -24.10
C ALA I 130 13.98 -51.69 -23.97
N TRP I 131 13.23 -51.67 -22.87
CA TRP I 131 11.93 -52.32 -22.90
C TRP I 131 10.83 -51.35 -23.26
N PHE I 132 11.17 -50.08 -23.45
CA PHE I 132 10.17 -49.05 -23.72
C PHE I 132 9.67 -49.17 -25.13
N ASP I 133 8.36 -49.34 -25.28
CA ASP I 133 7.71 -49.45 -26.57
C ASP I 133 7.19 -48.09 -26.98
N PRO I 134 7.80 -47.40 -27.94
CA PRO I 134 7.44 -46.00 -28.21
C PRO I 134 6.02 -45.80 -28.71
N GLU I 135 5.23 -46.86 -28.82
CA GLU I 135 3.83 -46.71 -29.16
C GLU I 135 2.95 -46.44 -27.95
N TRP I 136 3.53 -46.41 -26.76
CA TRP I 136 2.76 -46.07 -25.57
C TRP I 136 2.42 -44.59 -25.51
N LEU I 137 3.22 -43.74 -26.13
CA LEU I 137 2.93 -42.31 -26.17
C LEU I 137 1.72 -41.99 -27.01
N GLN I 138 1.06 -42.98 -27.59
CA GLN I 138 -0.16 -42.77 -28.36
C GLN I 138 -1.41 -43.05 -27.55
N GLN I 139 -1.30 -43.79 -26.45
CA GLN I 139 -2.43 -44.00 -25.56
C GLN I 139 -2.72 -42.68 -24.88
N GLU I 140 -3.78 -42.01 -25.32
CA GLU I 140 -4.06 -40.67 -24.83
C GLU I 140 -4.58 -40.64 -23.41
N GLU I 141 -5.43 -41.57 -23.01
CA GLU I 141 -6.25 -41.26 -21.85
C GLU I 141 -5.53 -41.45 -20.53
N ALA I 142 -5.45 -42.68 -20.06
CA ALA I 142 -4.67 -43.15 -18.94
C ALA I 142 -5.12 -44.60 -18.79
N PRO I 143 -4.29 -45.51 -18.30
CA PRO I 143 -4.79 -46.87 -18.15
C PRO I 143 -5.86 -46.99 -17.07
N LEU I 144 -5.66 -46.34 -15.92
CA LEU I 144 -6.63 -46.43 -14.83
C LEU I 144 -7.97 -45.81 -15.23
N ASN I 145 -7.95 -44.55 -15.66
CA ASN I 145 -9.17 -43.88 -16.06
C ASN I 145 -9.89 -44.65 -17.15
N ALA I 146 -9.13 -45.27 -18.05
CA ALA I 146 -9.74 -46.03 -19.13
C ALA I 146 -10.43 -47.28 -18.61
N MET I 147 -9.80 -47.99 -17.68
CA MET I 147 -10.44 -49.17 -17.11
C MET I 147 -11.71 -48.80 -16.36
N ASP I 148 -11.68 -47.70 -15.62
CA ASP I 148 -12.87 -47.24 -14.91
C ASP I 148 -13.99 -46.92 -15.89
N ARG I 149 -13.67 -46.17 -16.94
CA ARG I 149 -14.70 -45.79 -17.91
C ARG I 149 -15.27 -47.01 -18.62
N MET I 150 -14.41 -47.97 -18.96
CA MET I 150 -14.89 -49.16 -19.66
C MET I 150 -15.83 -49.98 -18.79
N ARG I 151 -15.43 -50.21 -17.53
CA ARG I 151 -16.29 -50.94 -16.61
C ARG I 151 -17.63 -50.26 -16.45
N GLY I 152 -17.61 -48.95 -16.15
CA GLY I 152 -18.86 -48.23 -15.99
C GLY I 152 -19.73 -48.26 -17.22
N GLU I 153 -19.11 -48.14 -18.39
CA GLU I 153 -19.88 -48.11 -19.64
C GLU I 153 -20.54 -49.45 -19.91
N GLN I 154 -19.80 -50.55 -19.76
CA GLN I 154 -20.42 -51.84 -20.00
C GLN I 154 -21.50 -52.13 -18.97
N ARG I 155 -21.32 -51.69 -17.73
CA ARG I 155 -22.38 -51.88 -16.74
C ARG I 155 -23.63 -51.10 -17.11
N ARG I 156 -23.48 -49.84 -17.51
CA ARG I 156 -24.62 -49.05 -17.93
C ARG I 156 -25.35 -49.72 -19.09
N ILE I 157 -24.62 -50.07 -20.15
CA ILE I 157 -25.29 -50.60 -21.33
C ILE I 157 -25.80 -52.02 -21.11
N GLU I 158 -25.34 -52.72 -20.07
CA GLU I 158 -25.90 -54.03 -19.79
C GLU I 158 -27.15 -53.93 -18.93
N GLU I 159 -27.18 -53.01 -17.98
CA GLU I 159 -28.32 -52.89 -17.08
C GLU I 159 -29.46 -52.07 -17.67
N GLN I 160 -29.30 -51.49 -18.85
CA GLN I 160 -30.39 -50.81 -19.52
C GLN I 160 -31.14 -51.71 -20.50
N GLN I 161 -30.55 -52.83 -20.89
CA GLN I 161 -31.20 -53.84 -21.72
C GLN I 161 -31.71 -55.01 -20.89
N GLN I 162 -32.21 -54.73 -19.69
CA GLN I 162 -32.71 -55.73 -18.74
C GLN I 162 -33.51 -56.86 -19.38
N TRP I 198 -24.60 -31.97 -50.50
CA TRP I 198 -25.76 -32.57 -51.13
C TRP I 198 -26.80 -33.01 -50.09
N TRP I 199 -27.32 -34.23 -50.26
CA TRP I 199 -28.36 -34.76 -49.40
C TRP I 199 -28.16 -36.26 -49.22
N ARG I 200 -28.48 -36.75 -48.02
CA ARG I 200 -28.40 -38.18 -47.68
C ARG I 200 -29.61 -38.49 -46.80
N GLU I 201 -30.60 -39.19 -47.36
CA GLU I 201 -31.88 -39.34 -46.69
C GLU I 201 -31.82 -40.28 -45.49
N ASP I 202 -30.70 -40.96 -45.28
CA ASP I 202 -30.57 -41.83 -44.11
C ASP I 202 -30.00 -41.07 -42.92
N ASP I 203 -29.20 -40.05 -43.18
CA ASP I 203 -28.79 -39.08 -42.16
C ASP I 203 -28.61 -37.73 -42.85
N PRO I 204 -29.51 -36.78 -42.65
CA PRO I 204 -29.36 -35.48 -43.32
C PRO I 204 -28.30 -34.62 -42.65
N TYR I 205 -28.09 -34.84 -41.36
CA TYR I 205 -27.15 -34.06 -40.58
C TYR I 205 -25.76 -34.72 -40.54
N TRP I 206 -25.24 -35.03 -41.72
CA TRP I 206 -23.89 -35.58 -41.84
C TRP I 206 -22.81 -34.54 -41.59
N PRO I 207 -22.99 -33.24 -41.92
CA PRO I 207 -21.91 -32.29 -41.61
C PRO I 207 -21.72 -32.07 -40.12
N LEU I 208 -22.79 -32.03 -39.35
CA LEU I 208 -22.70 -31.76 -37.92
C LEU I 208 -22.30 -33.01 -37.14
N ARG I 209 -21.20 -33.63 -37.59
CA ARG I 209 -20.67 -34.82 -36.97
C ARG I 209 -19.17 -34.67 -36.86
N ASP I 210 -18.61 -35.14 -35.75
CA ASP I 210 -17.19 -34.96 -35.49
C ASP I 210 -16.39 -35.89 -36.40
N TRP I 211 -15.68 -35.30 -37.35
CA TRP I 211 -14.78 -36.06 -38.21
C TRP I 211 -13.33 -35.95 -37.79
N GLY I 212 -13.00 -35.01 -36.92
CA GLY I 212 -11.64 -34.85 -36.42
C GLY I 212 -10.96 -33.58 -36.85
N ASP I 213 -11.55 -32.82 -37.76
CA ASP I 213 -10.94 -31.59 -38.25
C ASP I 213 -11.81 -30.39 -37.89
N HIS I 214 -11.21 -29.21 -38.01
CA HIS I 214 -11.86 -27.94 -37.72
C HIS I 214 -13.05 -27.74 -38.66
N PRO I 215 -14.12 -27.10 -38.18
CA PRO I 215 -15.25 -26.85 -39.08
C PRO I 215 -14.92 -25.89 -40.22
N MET I 216 -14.22 -24.80 -39.93
CA MET I 216 -13.91 -23.80 -40.96
C MET I 216 -12.71 -24.22 -41.79
N ARG I 217 -12.71 -25.46 -42.27
CA ARG I 217 -11.54 -26.00 -42.95
C ARG I 217 -11.62 -25.93 -44.46
N TRP I 218 -12.78 -26.26 -45.04
CA TRP I 218 -12.93 -26.11 -46.48
C TRP I 218 -13.09 -24.65 -46.88
N TRP I 219 -13.54 -23.80 -45.95
CA TRP I 219 -13.58 -22.38 -46.22
C TRP I 219 -12.18 -21.80 -46.33
N THR I 220 -11.25 -22.27 -45.50
CA THR I 220 -9.87 -21.78 -45.58
C THR I 220 -9.26 -22.11 -46.93
N LEU I 221 -9.40 -23.36 -47.37
CA LEU I 221 -8.84 -23.76 -48.65
C LEU I 221 -9.56 -23.09 -49.81
N ALA I 222 -10.89 -23.00 -49.73
CA ALA I 222 -11.64 -22.29 -50.76
C ALA I 222 -11.17 -20.85 -50.89
N PHE I 223 -10.96 -20.18 -49.77
CA PHE I 223 -10.52 -18.79 -49.83
C PHE I 223 -9.11 -18.67 -50.34
N ALA I 224 -8.24 -19.63 -50.01
CA ALA I 224 -6.89 -19.60 -50.55
C ALA I 224 -6.90 -19.76 -52.07
N ALA I 225 -7.72 -20.68 -52.57
CA ALA I 225 -7.84 -20.85 -54.01
C ALA I 225 -8.38 -19.60 -54.68
N ILE I 226 -9.45 -19.02 -54.11
CA ILE I 226 -10.03 -17.81 -54.66
C ILE I 226 -9.00 -16.68 -54.67
N MET I 227 -8.24 -16.54 -53.60
CA MET I 227 -7.24 -15.48 -53.52
C MET I 227 -6.17 -15.65 -54.59
N ALA I 228 -5.64 -16.87 -54.76
CA ALA I 228 -4.59 -17.07 -55.75
C ALA I 228 -5.12 -16.86 -57.16
N ALA I 229 -6.34 -17.33 -57.43
CA ALA I 229 -6.91 -17.18 -58.76
C ALA I 229 -7.15 -15.71 -59.09
N GLY I 230 -7.77 -14.97 -58.17
CA GLY I 230 -7.98 -13.54 -58.40
C GLY I 230 -6.67 -12.79 -58.54
N GLY I 231 -5.69 -13.12 -57.71
CA GLY I 231 -4.39 -12.49 -57.83
C GLY I 231 -3.82 -12.65 -59.23
N LEU I 232 -3.73 -13.89 -59.70
CA LEU I 232 -3.16 -14.12 -61.03
C LEU I 232 -3.98 -13.42 -62.11
N ALA I 233 -5.31 -13.61 -62.09
CA ALA I 233 -6.17 -13.01 -63.10
C ALA I 233 -5.96 -11.51 -63.18
N THR I 234 -6.15 -10.81 -62.07
CA THR I 234 -6.11 -9.35 -62.10
C THR I 234 -4.70 -8.84 -62.38
N SER I 235 -3.68 -9.50 -61.85
CA SER I 235 -2.33 -8.99 -62.06
C SER I 235 -1.78 -9.28 -63.44
N VAL I 236 -2.37 -10.21 -64.18
CA VAL I 236 -2.00 -10.35 -65.59
C VAL I 236 -2.84 -9.42 -66.45
N ALA I 237 -4.12 -9.28 -66.13
CA ALA I 237 -5.01 -8.45 -66.93
C ALA I 237 -4.75 -6.96 -66.76
N THR I 238 -3.88 -6.56 -65.84
CA THR I 238 -3.53 -5.16 -65.67
C THR I 238 -2.05 -4.89 -65.91
N GLY I 239 -1.17 -5.64 -65.24
CA GLY I 239 0.25 -5.39 -65.38
C GLY I 239 0.92 -4.96 -64.09
N TYR I 240 0.11 -4.83 -63.03
CA TYR I 240 0.64 -4.50 -61.72
C TYR I 240 1.20 -5.74 -61.04
N VAL I 241 2.30 -5.55 -60.32
CA VAL I 241 2.98 -6.68 -59.69
C VAL I 241 2.53 -6.92 -58.24
N GLU I 242 1.70 -6.05 -57.69
CA GLU I 242 1.30 -6.22 -56.29
C GLU I 242 0.21 -7.27 -56.11
N PRO I 243 -0.89 -7.24 -56.90
CA PRO I 243 -1.98 -8.18 -56.63
C PRO I 243 -1.58 -9.63 -56.71
N VAL I 244 -0.68 -10.02 -57.62
CA VAL I 244 -0.34 -11.44 -57.70
C VAL I 244 0.54 -11.84 -56.52
N GLN I 245 1.44 -10.95 -56.09
CA GLN I 245 2.27 -11.28 -54.94
C GLN I 245 1.42 -11.43 -53.68
N ALA I 246 0.52 -10.47 -53.45
CA ALA I 246 -0.37 -10.57 -52.31
C ALA I 246 -1.24 -11.82 -52.39
N GLY I 247 -1.82 -12.09 -53.57
CA GLY I 247 -2.71 -13.21 -53.70
C GLY I 247 -2.04 -14.55 -53.51
N LEU I 248 -0.83 -14.70 -54.05
CA LEU I 248 -0.12 -15.96 -53.91
C LEU I 248 0.40 -16.16 -52.49
N GLY I 249 0.90 -15.10 -51.85
CA GLY I 249 1.29 -15.23 -50.45
C GLY I 249 0.12 -15.62 -49.57
N ALA I 250 -1.00 -14.92 -49.73
CA ALA I 250 -2.19 -15.26 -48.95
C ALA I 250 -2.64 -16.68 -49.24
N GLY I 251 -2.64 -17.09 -50.51
CA GLY I 251 -3.06 -18.44 -50.83
C GLY I 251 -2.17 -19.49 -50.22
N ALA I 252 -0.85 -19.28 -50.27
CA ALA I 252 0.07 -20.28 -49.73
C ALA I 252 -0.08 -20.40 -48.23
N LEU I 253 -0.17 -19.27 -47.52
CA LEU I 253 -0.30 -19.33 -46.08
C LEU I 253 -1.64 -19.92 -45.66
N LEU I 254 -2.71 -19.59 -46.37
CA LEU I 254 -4.01 -20.17 -46.01
C LEU I 254 -4.08 -21.64 -46.38
N ALA I 255 -3.37 -22.08 -47.41
CA ALA I 255 -3.32 -23.50 -47.72
C ALA I 255 -2.57 -24.28 -46.66
N LEU I 256 -1.44 -23.76 -46.19
CA LEU I 256 -0.73 -24.40 -45.10
C LEU I 256 -1.58 -24.45 -43.84
N ALA I 257 -2.29 -23.36 -43.56
CA ALA I 257 -3.18 -23.34 -42.40
C ALA I 257 -4.28 -24.38 -42.52
N GLY I 258 -4.92 -24.46 -43.69
CA GLY I 258 -5.96 -25.46 -43.90
C GLY I 258 -5.44 -26.87 -43.93
N ALA I 259 -4.14 -27.05 -44.10
CA ALA I 259 -3.55 -28.37 -43.94
C ALA I 259 -3.36 -28.72 -42.47
N ALA I 260 -2.79 -27.80 -41.69
CA ALA I 260 -2.60 -28.07 -40.27
C ALA I 260 -3.92 -28.15 -39.52
N MET I 261 -4.98 -27.55 -40.05
CA MET I 261 -6.30 -27.65 -39.45
C MET I 261 -6.96 -28.94 -39.71
N SER I 262 -6.30 -29.95 -40.26
CA SER I 262 -6.95 -31.21 -40.57
C SER I 262 -6.90 -32.20 -39.42
N ASP I 263 -6.27 -31.85 -38.31
CA ASP I 263 -6.33 -32.64 -37.08
C ASP I 263 -6.52 -31.66 -35.93
N ALA I 264 -7.77 -31.44 -35.53
CA ALA I 264 -8.08 -30.37 -34.60
C ALA I 264 -7.75 -30.72 -33.15
N ARG I 265 -7.42 -31.97 -32.87
CA ARG I 265 -7.11 -32.36 -31.49
C ARG I 265 -5.69 -31.97 -31.11
N CYS I 266 -4.77 -31.99 -32.06
CA CYS I 266 -3.36 -31.80 -31.76
C CYS I 266 -3.03 -30.31 -31.60
N VAL I 267 -1.74 -30.03 -31.45
CA VAL I 267 -1.23 -28.67 -31.30
C VAL I 267 -1.13 -27.97 -32.66
N PRO I 268 -0.65 -28.62 -33.72
CA PRO I 268 -0.74 -27.99 -35.04
C PRO I 268 -2.15 -27.60 -35.43
N GLY I 269 -3.16 -28.36 -35.00
CA GLY I 269 -4.53 -27.99 -35.31
C GLY I 269 -4.94 -26.67 -34.68
N ALA I 270 -4.16 -26.19 -33.72
CA ALA I 270 -4.45 -24.92 -33.08
C ALA I 270 -3.60 -23.79 -33.65
N LEU I 271 -2.31 -24.05 -33.85
CA LEU I 271 -1.47 -23.07 -34.52
C LEU I 271 -1.96 -22.79 -35.93
N GLY I 272 -2.69 -23.74 -36.53
CA GLY I 272 -3.26 -23.49 -37.85
C GLY I 272 -4.33 -22.41 -37.83
N VAL I 273 -5.29 -22.54 -36.91
CA VAL I 273 -6.32 -21.51 -36.82
C VAL I 273 -5.72 -20.17 -36.45
N LYS I 274 -4.69 -20.19 -35.60
CA LYS I 274 -4.01 -18.94 -35.30
C LYS I 274 -3.47 -18.27 -36.55
N LEU I 275 -2.70 -19.02 -37.35
CA LEU I 275 -2.13 -18.46 -38.58
C LEU I 275 -3.21 -17.98 -39.54
N ALA I 276 -4.31 -18.72 -39.63
CA ALA I 276 -5.36 -18.34 -40.56
C ALA I 276 -6.02 -17.03 -40.14
N TRP I 277 -6.36 -16.91 -38.86
CA TRP I 277 -6.92 -15.66 -38.37
C TRP I 277 -5.98 -14.50 -38.61
N ALA I 278 -4.68 -14.70 -38.33
CA ALA I 278 -3.73 -13.61 -38.54
C ALA I 278 -3.71 -13.16 -39.98
N VAL I 279 -3.71 -14.10 -40.93
CA VAL I 279 -3.60 -13.71 -42.33
C VAL I 279 -4.86 -12.99 -42.80
N CYS I 280 -6.04 -13.52 -42.48
CA CYS I 280 -7.25 -12.82 -42.92
C CYS I 280 -7.40 -11.45 -42.26
N ALA I 281 -6.95 -11.32 -41.01
CA ALA I 281 -6.99 -10.02 -40.35
C ALA I 281 -6.07 -9.03 -41.04
N LEU I 282 -4.87 -9.46 -41.42
CA LEU I 282 -3.96 -8.57 -42.14
C LEU I 282 -4.57 -8.15 -43.48
N ILE I 283 -5.27 -9.07 -44.14
CA ILE I 283 -5.93 -8.72 -45.41
C ILE I 283 -6.96 -7.62 -45.18
N VAL I 284 -7.83 -7.81 -44.19
CA VAL I 284 -8.86 -6.80 -43.90
C VAL I 284 -8.21 -5.46 -43.58
N LEU I 285 -7.15 -5.50 -42.77
CA LEU I 285 -6.43 -4.28 -42.41
C LEU I 285 -5.94 -3.55 -43.65
N LYS I 286 -5.12 -4.23 -44.48
CA LYS I 286 -4.58 -3.57 -45.65
C LYS I 286 -5.68 -3.02 -46.54
N GLU I 287 -6.75 -3.79 -46.75
CA GLU I 287 -7.81 -3.29 -47.60
C GLU I 287 -8.45 -2.02 -47.04
N VAL I 288 -8.95 -2.06 -45.81
CA VAL I 288 -9.73 -0.95 -45.30
C VAL I 288 -8.89 0.23 -44.82
N SER I 289 -7.57 0.10 -44.77
CA SER I 289 -6.74 1.20 -44.31
C SER I 289 -5.76 1.74 -45.33
N VAL I 290 -5.34 0.94 -46.31
CA VAL I 290 -4.38 1.41 -47.31
C VAL I 290 -4.93 1.21 -48.72
N GLY I 291 -5.89 0.31 -48.86
CA GLY I 291 -6.48 0.06 -50.17
C GLY I 291 -5.52 -0.68 -51.09
N TRP I 292 -5.96 -0.86 -52.33
CA TRP I 292 -5.25 -1.62 -53.33
C TRP I 292 -4.54 -0.71 -54.34
N GLN I 293 -3.29 -1.03 -54.65
CA GLN I 293 -2.52 -0.21 -55.57
C GLN I 293 -3.17 -0.11 -56.94
N HIS I 294 -3.68 -1.22 -57.48
CA HIS I 294 -4.27 -1.21 -58.80
C HIS I 294 -5.62 -0.51 -58.86
N LYS I 295 -6.09 0.04 -57.74
CA LYS I 295 -7.37 0.75 -57.71
C LYS I 295 -7.17 2.24 -57.50
N ARG I 296 -6.02 2.76 -57.92
CA ARG I 296 -5.74 4.19 -57.84
C ARG I 296 -6.39 4.92 -59.01
N LYS I 297 -6.90 6.11 -58.72
CA LYS I 297 -7.49 6.96 -59.75
C LYS I 297 -6.92 8.38 -59.62
N ARG I 298 -7.46 9.28 -60.44
CA ARG I 298 -6.95 10.65 -60.46
C ARG I 298 -7.50 11.47 -59.31
N ARG I 299 -8.77 11.29 -58.97
CA ARG I 299 -9.36 12.02 -57.85
C ARG I 299 -8.73 11.57 -56.54
N LEU I 300 -9.07 12.27 -55.46
CA LEU I 300 -8.54 11.96 -54.14
C LEU I 300 -9.60 11.49 -53.16
N ALA I 301 -10.87 11.70 -53.45
CA ALA I 301 -11.93 11.15 -52.63
C ALA I 301 -12.49 9.84 -53.18
N ALA I 302 -12.20 9.53 -54.45
CA ALA I 302 -12.64 8.27 -55.02
C ALA I 302 -11.59 7.18 -54.86
N SER I 303 -10.32 7.55 -54.82
CA SER I 303 -9.23 6.61 -54.60
C SER I 303 -8.93 6.40 -53.12
N ALA I 304 -9.91 6.62 -52.26
CA ALA I 304 -9.80 6.44 -50.82
C ALA I 304 -10.22 5.02 -50.44
N PRO I 305 -9.58 4.44 -49.43
CA PRO I 305 -9.84 3.04 -49.09
C PRO I 305 -11.20 2.80 -48.45
N ARG I 306 -12.06 2.04 -49.14
CA ARG I 306 -13.29 1.54 -48.57
C ARG I 306 -13.20 0.01 -48.50
N LEU I 307 -14.27 -0.63 -48.01
CA LEU I 307 -14.30 -2.08 -47.82
C LEU I 307 -15.00 -2.73 -48.99
N GLU I 308 -14.26 -3.50 -49.77
CA GLU I 308 -14.78 -4.20 -50.93
C GLU I 308 -14.97 -5.68 -50.63
N LEU I 309 -15.22 -6.48 -51.67
CA LEU I 309 -15.64 -7.87 -51.50
C LEU I 309 -14.62 -8.69 -50.73
N THR I 310 -13.35 -8.68 -51.14
CA THR I 310 -12.37 -9.57 -50.53
C THR I 310 -12.19 -9.26 -49.06
N GLY I 311 -12.24 -7.98 -48.69
CA GLY I 311 -12.20 -7.63 -47.29
C GLY I 311 -13.38 -8.17 -46.52
N LEU I 312 -14.57 -8.14 -47.13
CA LEU I 312 -15.75 -8.66 -46.46
C LEU I 312 -15.64 -10.16 -46.26
N ALA I 313 -15.12 -10.88 -47.26
CA ALA I 313 -14.94 -12.32 -47.10
C ALA I 313 -13.91 -12.63 -46.03
N ALA I 314 -12.80 -11.90 -46.01
CA ALA I 314 -11.80 -12.11 -44.97
C ALA I 314 -12.36 -11.82 -43.59
N ALA I 315 -13.22 -10.81 -43.47
CA ALA I 315 -13.81 -10.49 -42.18
C ALA I 315 -14.78 -11.59 -41.75
N ALA I 316 -15.58 -12.10 -42.68
CA ALA I 316 -16.43 -13.25 -42.38
C ALA I 316 -15.61 -14.43 -41.90
N LEU I 317 -14.42 -14.61 -42.48
CA LEU I 317 -13.55 -15.71 -42.06
C LEU I 317 -13.05 -15.50 -40.63
N CYS I 318 -12.55 -14.31 -40.31
CA CYS I 318 -12.09 -14.07 -38.95
C CYS I 318 -13.22 -14.26 -37.94
N ALA I 319 -14.41 -13.77 -38.26
CA ALA I 319 -15.53 -13.95 -37.34
C ALA I 319 -15.87 -15.43 -37.18
N GLY I 320 -15.87 -16.19 -38.28
CA GLY I 320 -16.20 -17.60 -38.18
C GLY I 320 -15.16 -18.39 -37.42
N TYR I 321 -13.89 -17.99 -37.54
CA TYR I 321 -12.85 -18.62 -36.74
C TYR I 321 -13.07 -18.35 -35.26
N MET I 322 -13.31 -17.09 -34.91
CA MET I 322 -13.48 -16.75 -33.50
C MET I 322 -14.71 -17.38 -32.89
N LEU I 323 -15.80 -17.53 -33.64
CA LEU I 323 -17.01 -18.11 -33.11
C LEU I 323 -16.99 -19.63 -33.05
N THR I 324 -15.93 -20.27 -33.54
CA THR I 324 -15.87 -21.76 -33.57
C THR I 324 -14.93 -22.22 -32.48
N ASP I 325 -13.63 -22.19 -32.70
CA ASP I 325 -12.67 -22.50 -31.60
C ASP I 325 -11.33 -21.85 -31.89
N MET I 326 -10.89 -20.91 -31.05
CA MET I 326 -9.55 -20.31 -31.17
C MET I 326 -8.97 -20.31 -29.76
N SER I 327 -9.52 -21.12 -28.87
CA SER I 327 -9.14 -21.10 -27.44
C SER I 327 -7.85 -21.83 -27.14
N GLY I 328 -7.10 -22.18 -28.17
CA GLY I 328 -5.91 -23.00 -27.94
C GLY I 328 -4.69 -22.21 -27.64
N MET I 329 -3.71 -22.81 -27.00
CA MET I 329 -2.41 -22.24 -26.64
C MET I 329 -2.59 -21.09 -25.67
N GLY I 330 -3.45 -21.28 -24.69
CA GLY I 330 -3.87 -20.20 -23.81
C GLY I 330 -2.87 -19.81 -22.74
N GLU I 331 -1.71 -20.45 -22.68
CA GLU I 331 -0.72 -20.11 -21.67
C GLU I 331 0.31 -19.13 -22.17
N VAL I 332 0.07 -18.50 -23.31
CA VAL I 332 0.95 -17.46 -23.85
C VAL I 332 0.25 -16.13 -23.63
N ALA I 333 0.79 -15.32 -22.73
CA ALA I 333 0.28 -13.99 -22.45
C ALA I 333 1.42 -13.18 -21.84
N LEU I 334 1.14 -11.97 -21.48
CA LEU I 334 2.17 -11.21 -20.79
C LEU I 334 2.39 -11.81 -19.41
N PRO I 335 3.62 -11.73 -18.89
CA PRO I 335 3.90 -12.38 -17.62
C PRO I 335 3.18 -11.70 -16.48
N PRO I 336 3.04 -12.36 -15.33
CA PRO I 336 2.30 -11.77 -14.22
C PRO I 336 3.12 -10.72 -13.47
N ASN I 337 2.42 -9.71 -12.96
CA ASN I 337 3.01 -8.59 -12.25
C ASN I 337 3.25 -8.94 -10.79
N PRO I 338 3.89 -8.04 -10.04
CA PRO I 338 3.78 -8.11 -8.58
C PRO I 338 2.41 -7.77 -8.07
N GLY I 339 1.47 -7.46 -8.94
CA GLY I 339 0.14 -7.10 -8.53
C GLY I 339 -0.79 -8.29 -8.57
N ALA I 340 -0.40 -9.34 -9.28
CA ALA I 340 -1.16 -10.57 -9.31
C ALA I 340 -0.75 -11.54 -8.22
N VAL I 341 0.45 -11.39 -7.67
CA VAL I 341 0.95 -12.27 -6.62
C VAL I 341 0.89 -11.61 -5.26
N PHE I 342 0.15 -10.52 -5.11
CA PHE I 342 0.06 -9.89 -3.80
C PHE I 342 -0.62 -10.81 -2.79
N LYS I 343 -1.77 -11.36 -3.17
CA LYS I 343 -2.50 -12.29 -2.30
C LYS I 343 -2.32 -13.73 -2.72
N SER I 344 -1.19 -14.08 -3.30
CA SER I 344 -1.01 -15.48 -3.60
C SER I 344 -0.56 -16.23 -2.35
N PRO I 345 -0.99 -17.48 -2.18
CA PRO I 345 -0.69 -18.20 -0.94
C PRO I 345 0.68 -18.84 -0.90
N ASP I 346 1.61 -18.46 -1.77
CA ASP I 346 2.89 -19.14 -1.89
C ASP I 346 4.01 -18.12 -1.94
N VAL I 347 5.03 -18.34 -1.12
CA VAL I 347 6.08 -17.34 -0.93
C VAL I 347 7.17 -17.45 -1.98
N ALA I 348 7.49 -18.66 -2.41
CA ALA I 348 8.56 -18.83 -3.39
C ALA I 348 8.15 -18.26 -4.74
N TYR I 349 6.91 -18.50 -5.15
CA TYR I 349 6.42 -17.94 -6.39
C TYR I 349 6.44 -16.42 -6.37
N ARG I 350 5.96 -15.84 -5.27
CA ARG I 350 5.89 -14.39 -5.19
C ARG I 350 7.28 -13.78 -5.17
N ALA I 351 8.20 -14.39 -4.44
CA ALA I 351 9.57 -13.90 -4.46
C ALA I 351 10.16 -13.99 -5.85
N SER I 352 9.85 -15.05 -6.58
CA SER I 352 10.30 -15.16 -7.96
C SER I 352 9.80 -14.00 -8.81
N VAL I 353 8.50 -13.69 -8.69
CA VAL I 353 7.92 -12.66 -9.53
C VAL I 353 8.51 -11.29 -9.19
N TRP I 354 8.62 -10.99 -7.90
CA TRP I 354 9.24 -9.74 -7.48
C TRP I 354 10.66 -9.64 -8.02
N GLN I 355 11.43 -10.71 -7.86
CA GLN I 355 12.82 -10.69 -8.33
C GLN I 355 12.89 -10.39 -9.82
N LYS I 356 12.01 -10.99 -10.61
CA LYS I 356 12.02 -10.72 -12.04
C LYS I 356 11.70 -9.29 -12.36
N TRP I 357 10.64 -8.74 -11.76
CA TRP I 357 10.20 -7.40 -12.11
C TRP I 357 11.04 -6.30 -11.47
N GLY I 358 12.12 -6.63 -10.80
CA GLY I 358 13.04 -5.64 -10.28
C GLY I 358 12.85 -5.22 -8.84
N TYR I 359 12.22 -6.05 -8.02
CA TYR I 359 11.94 -5.71 -6.62
C TYR I 359 12.50 -6.74 -5.65
N GLY I 360 13.67 -7.31 -5.96
CA GLY I 360 14.21 -8.36 -5.13
C GLY I 360 14.62 -7.92 -3.74
N GLN I 361 14.81 -6.62 -3.54
CA GLN I 361 15.28 -6.10 -2.26
C GLN I 361 14.16 -5.72 -1.31
N VAL I 362 12.97 -5.39 -1.83
CA VAL I 362 11.85 -5.02 -0.97
C VAL I 362 11.62 -6.12 0.06
N GLN I 363 11.34 -5.70 1.29
CA GLN I 363 11.17 -6.64 2.39
C GLN I 363 9.79 -7.26 2.35
N MET I 364 9.74 -8.58 2.52
CA MET I 364 8.49 -9.33 2.52
C MET I 364 7.98 -9.54 3.94
N ARG I 365 7.42 -8.48 4.50
CA ARG I 365 6.85 -8.56 5.84
C ARG I 365 5.67 -9.52 5.90
N VAL I 366 5.22 -10.02 4.77
CA VAL I 366 4.13 -10.99 4.67
C VAL I 366 4.23 -12.07 5.73
N ALA J 33 -33.72 -30.39 -4.34
CA ALA J 33 -33.80 -31.61 -3.53
C ALA J 33 -35.23 -31.87 -3.08
N ALA J 34 -35.56 -31.43 -1.86
CA ALA J 34 -36.90 -31.58 -1.33
C ALA J 34 -37.78 -30.43 -1.82
N VAL J 35 -38.72 -30.74 -2.68
CA VAL J 35 -39.59 -29.75 -3.30
C VAL J 35 -41.03 -30.00 -2.88
N ASP J 36 -41.77 -28.91 -2.70
CA ASP J 36 -43.17 -28.97 -2.29
C ASP J 36 -44.03 -29.03 -3.56
N LYS J 37 -44.49 -30.23 -3.89
CA LYS J 37 -45.28 -30.40 -5.10
C LYS J 37 -46.63 -29.70 -5.01
N ALA J 38 -47.11 -29.43 -3.80
CA ALA J 38 -48.41 -28.78 -3.63
C ALA J 38 -48.40 -27.38 -4.23
N LYS J 39 -47.46 -26.54 -3.81
CA LYS J 39 -47.40 -25.17 -4.30
C LYS J 39 -47.21 -25.14 -5.82
N VAL J 40 -46.30 -25.99 -6.31
CA VAL J 40 -46.05 -26.04 -7.74
C VAL J 40 -47.32 -26.39 -8.49
N LEU J 41 -48.07 -27.38 -8.00
CA LEU J 41 -49.30 -27.78 -8.67
C LEU J 41 -50.32 -26.67 -8.65
N GLU J 42 -50.49 -26.01 -7.50
CA GLU J 42 -51.39 -24.88 -7.42
C GLU J 42 -51.06 -23.83 -8.47
N ASP J 43 -49.79 -23.45 -8.58
CA ASP J 43 -49.45 -22.35 -9.46
C ASP J 43 -49.50 -22.76 -10.92
N VAL J 44 -49.18 -24.01 -11.23
CA VAL J 44 -49.35 -24.48 -12.60
C VAL J 44 -50.82 -24.41 -13.00
N ARG J 45 -51.72 -24.85 -12.10
CA ARG J 45 -53.14 -24.76 -12.40
C ARG J 45 -53.56 -23.31 -12.61
N SER J 46 -53.09 -22.41 -11.75
CA SER J 46 -53.43 -21.00 -11.91
C SER J 46 -52.96 -20.46 -13.25
N ILE J 47 -51.75 -20.83 -13.67
CA ILE J 47 -51.19 -20.31 -14.92
C ILE J 47 -51.98 -20.83 -16.11
N ILE J 48 -52.31 -22.12 -16.10
CA ILE J 48 -53.10 -22.69 -17.19
C ILE J 48 -54.46 -21.99 -17.27
N SER J 49 -55.14 -21.87 -16.14
CA SER J 49 -56.42 -21.18 -16.10
C SER J 49 -56.30 -19.78 -16.69
N THR J 50 -55.44 -18.95 -16.11
CA THR J 50 -55.27 -17.59 -16.61
C THR J 50 -54.88 -17.54 -18.07
N GLN J 51 -54.25 -18.58 -18.59
CA GLN J 51 -53.81 -18.54 -19.98
C GLN J 51 -54.95 -18.87 -20.93
N LEU J 52 -55.77 -19.87 -20.60
CA LEU J 52 -56.83 -20.30 -21.50
C LEU J 52 -58.12 -19.50 -21.34
N GLY J 53 -58.41 -19.00 -20.14
CA GLY J 53 -59.67 -18.36 -19.88
C GLY J 53 -60.69 -19.22 -19.17
N THR J 54 -60.29 -20.38 -18.69
CA THR J 54 -61.16 -21.30 -17.96
C THR J 54 -60.97 -21.11 -16.45
N GLU J 55 -62.08 -21.21 -15.73
CA GLU J 55 -62.05 -20.98 -14.29
C GLU J 55 -61.28 -22.08 -13.58
N LEU J 56 -60.64 -21.71 -12.47
CA LEU J 56 -59.60 -22.54 -11.87
C LEU J 56 -60.14 -23.88 -11.38
N GLU J 57 -61.39 -23.93 -10.94
CA GLU J 57 -61.91 -25.19 -10.40
C GLU J 57 -62.32 -26.14 -11.51
N LYS J 58 -62.27 -25.69 -12.76
CA LYS J 58 -62.58 -26.58 -13.88
C LYS J 58 -61.38 -27.37 -14.36
N VAL J 59 -60.18 -26.81 -14.27
CA VAL J 59 -58.96 -27.50 -14.70
C VAL J 59 -58.56 -28.50 -13.63
N ALA J 60 -58.83 -29.74 -13.89
CA ALA J 60 -58.57 -30.79 -12.92
C ALA J 60 -57.10 -31.20 -12.97
N PRO J 61 -56.58 -31.77 -11.87
CA PRO J 61 -55.16 -32.19 -11.88
C PRO J 61 -54.84 -33.25 -12.92
N GLU J 62 -55.84 -33.84 -13.58
CA GLU J 62 -55.60 -34.80 -14.63
C GLU J 62 -56.18 -34.40 -15.97
N ALA J 63 -56.75 -33.20 -16.07
CA ALA J 63 -57.32 -32.73 -17.32
C ALA J 63 -56.24 -32.51 -18.37
N LYS J 64 -56.37 -33.16 -19.52
CA LYS J 64 -55.43 -32.98 -20.60
C LYS J 64 -55.60 -31.60 -21.25
N PHE J 65 -54.81 -31.36 -22.29
CA PHE J 65 -54.63 -29.99 -22.76
C PHE J 65 -55.45 -29.64 -23.99
N VAL J 66 -55.93 -30.63 -24.74
CA VAL J 66 -56.77 -30.34 -25.90
C VAL J 66 -58.23 -30.18 -25.48
N ASP J 67 -58.65 -30.88 -24.41
CA ASP J 67 -60.01 -30.83 -23.93
C ASP J 67 -60.34 -29.54 -23.18
N LEU J 68 -59.31 -28.74 -22.90
CA LEU J 68 -59.53 -27.54 -22.06
C LEU J 68 -59.50 -26.28 -22.94
N GLY J 69 -59.68 -26.44 -24.24
CA GLY J 69 -59.70 -25.27 -25.13
C GLY J 69 -58.31 -24.88 -25.57
N ALA J 70 -57.50 -25.84 -26.04
CA ALA J 70 -56.15 -25.52 -26.56
C ALA J 70 -55.77 -26.50 -27.68
N ASP J 71 -55.08 -26.00 -28.71
CA ASP J 71 -54.66 -26.86 -29.86
C ASP J 71 -53.24 -27.36 -29.66
O 4HH J 72 -49.12 -26.43 -29.77
C 4HH J 72 -50.11 -26.42 -30.52
CA 4HH J 72 -50.99 -27.66 -30.61
N 4HH J 72 -52.41 -27.26 -30.70
CB 4HH J 72 -50.63 -28.54 -31.79
OG 4HH J 72 -50.61 -27.71 -32.97
CJ 4HH J 72 -51.75 -26.38 -35.31
CK 4HH J 72 -51.99 -25.76 -36.68
CL1 4HH J 72 -53.40 -25.15 -36.71
CL2 4HH J 72 -51.89 -26.83 -37.75
CL3 4HH J 72 -50.83 -24.32 -38.43
CM 4HH J 72 -50.95 -24.65 -36.95
OM 4HH J 72 -49.70 -25.09 -36.46
NN 4HH J 72 -49.65 -24.52 -39.00
ON 4HH J 72 -51.81 -23.89 -39.05
P 4HH J 72 -50.32 -28.39 -34.39
O1P 4HH J 72 -51.40 -29.40 -34.65
O2P 4HH J 72 -48.88 -28.80 -34.44
O3P 4HH J 72 -50.53 -27.16 -35.41
CO 4HH J 72 -49.46 -24.46 -40.44
CP 4HH J 72 -49.36 -23.04 -40.95
CQ 4HH J 72 -49.58 -22.98 -42.45
CS 4HH J 72 -47.52 -21.66 -42.65
CT 4HH J 72 -47.65 -20.21 -43.04
NR 4HH J 72 -48.60 -22.47 -43.19
OR 4HH J 72 -50.64 -23.37 -42.95
SU 4HH J 72 -49.24 -19.52 -42.55
N LEU J 73 -50.46 -25.37 -31.26
CA LEU J 73 -49.69 -24.11 -31.22
C LEU J 73 -50.19 -23.27 -30.05
N ASP J 74 -50.69 -23.91 -28.99
CA ASP J 74 -51.08 -23.14 -27.79
C ASP J 74 -50.62 -23.92 -26.56
N THR J 75 -50.15 -25.15 -26.75
CA THR J 75 -49.60 -25.87 -25.59
C THR J 75 -48.16 -25.43 -25.47
N VAL J 76 -47.61 -24.80 -26.52
CA VAL J 76 -46.26 -24.23 -26.45
C VAL J 76 -46.29 -22.85 -25.83
N GLU J 77 -47.35 -22.07 -26.06
CA GLU J 77 -47.44 -20.78 -25.39
C GLU J 77 -47.58 -20.94 -23.88
N ILE J 78 -48.32 -21.96 -23.43
CA ILE J 78 -48.43 -22.14 -21.98
C ILE J 78 -47.15 -22.73 -21.42
N MET J 79 -46.40 -23.48 -22.23
CA MET J 79 -45.06 -23.88 -21.81
C MET J 79 -44.16 -22.66 -21.59
N MET J 80 -44.18 -21.73 -22.53
CA MET J 80 -43.42 -20.50 -22.38
C MET J 80 -43.86 -19.73 -21.15
N ALA J 81 -45.17 -19.64 -20.91
CA ALA J 81 -45.66 -18.92 -19.74
C ALA J 81 -45.23 -19.62 -18.45
N LEU J 82 -45.16 -20.94 -18.47
CA LEU J 82 -44.70 -21.67 -17.29
C LEU J 82 -43.24 -21.37 -17.00
N GLU J 83 -42.39 -21.43 -18.02
CA GLU J 83 -40.99 -21.07 -17.83
C GLU J 83 -40.87 -19.64 -17.32
N GLU J 84 -41.69 -18.74 -17.85
CA GLU J 84 -41.62 -17.34 -17.43
C GLU J 84 -42.07 -17.16 -15.99
N LYS J 85 -43.02 -17.99 -15.54
CA LYS J 85 -43.52 -17.86 -14.17
C LYS J 85 -42.52 -18.43 -13.17
N PHE J 86 -41.92 -19.58 -13.47
CA PHE J 86 -40.99 -20.19 -12.53
C PHE J 86 -39.54 -19.82 -12.77
N GLU J 87 -39.23 -19.16 -13.89
CA GLU J 87 -37.87 -18.77 -14.22
C GLU J 87 -36.91 -19.96 -14.31
N ILE J 88 -37.37 -21.06 -14.89
CA ILE J 88 -36.49 -22.21 -15.13
C ILE J 88 -36.55 -22.57 -16.60
N ALA J 89 -35.70 -23.49 -17.02
CA ALA J 89 -35.68 -23.95 -18.40
C ALA J 89 -36.20 -25.38 -18.45
N LEU J 90 -37.19 -25.59 -19.32
CA LEU J 90 -37.78 -26.91 -19.48
C LEU J 90 -36.90 -27.76 -20.40
N GLU J 91 -36.66 -29.01 -19.99
CA GLU J 91 -36.02 -29.95 -20.88
C GLU J 91 -36.96 -30.27 -22.03
N GLU J 92 -36.40 -30.48 -23.22
CA GLU J 92 -37.20 -30.47 -24.43
C GLU J 92 -37.87 -31.83 -24.68
N GLU J 93 -37.14 -32.93 -24.52
CA GLU J 93 -37.76 -34.24 -24.69
C GLU J 93 -38.89 -34.44 -23.70
N GLY J 94 -38.65 -34.13 -22.42
CA GLY J 94 -39.70 -34.17 -21.42
C GLY J 94 -40.86 -33.24 -21.73
N ALA J 95 -40.63 -32.21 -22.55
CA ALA J 95 -41.71 -31.35 -22.99
C ALA J 95 -42.43 -31.91 -24.20
N GLU J 96 -41.83 -32.86 -24.91
CA GLU J 96 -42.57 -33.52 -25.98
C GLU J 96 -43.59 -34.52 -25.46
N LYS J 97 -43.49 -34.91 -24.20
CA LYS J 97 -44.37 -35.92 -23.62
C LYS J 97 -45.15 -35.35 -22.44
N ILE J 98 -45.69 -34.15 -22.60
CA ILE J 98 -46.56 -33.54 -21.61
C ILE J 98 -47.99 -33.65 -22.11
N ALA J 99 -48.85 -34.27 -21.31
CA ALA J 99 -50.26 -34.45 -21.67
C ALA J 99 -51.24 -34.11 -20.56
N THR J 100 -50.81 -34.14 -19.30
CA THR J 100 -51.68 -33.85 -18.17
C THR J 100 -51.01 -32.80 -17.31
N VAL J 101 -51.82 -31.91 -16.73
CA VAL J 101 -51.24 -30.85 -15.90
C VAL J 101 -50.43 -31.45 -14.76
N GLN J 102 -50.71 -32.71 -14.42
CA GLN J 102 -49.90 -33.39 -13.41
C GLN J 102 -48.49 -33.64 -13.91
N ASP J 103 -48.33 -34.08 -15.16
CA ASP J 103 -46.98 -34.32 -15.66
C ASP J 103 -46.23 -33.02 -15.87
N ALA J 104 -46.93 -31.95 -16.27
CA ALA J 104 -46.30 -30.64 -16.35
C ALA J 104 -45.78 -30.21 -14.98
N ALA J 105 -46.63 -30.31 -13.95
CA ALA J 105 -46.21 -29.96 -12.61
C ALA J 105 -45.04 -30.82 -12.16
N ASP J 106 -45.04 -32.10 -12.56
CA ASP J 106 -43.96 -32.99 -12.14
C ASP J 106 -42.65 -32.64 -12.83
N MET J 107 -42.71 -32.30 -14.11
CA MET J 107 -41.51 -31.85 -14.83
C MET J 107 -40.94 -30.59 -14.18
N ILE J 108 -41.82 -29.63 -13.88
CA ILE J 108 -41.36 -28.39 -13.27
C ILE J 108 -40.76 -28.65 -11.89
N ALA J 109 -41.39 -29.53 -11.12
CA ALA J 109 -40.85 -29.86 -9.80
C ALA J 109 -39.50 -30.55 -9.90
N ALA J 110 -39.32 -31.38 -10.93
CA ALA J 110 -38.03 -32.05 -11.10
C ALA J 110 -36.96 -31.06 -11.52
N GLN J 111 -37.32 -30.09 -12.36
CA GLN J 111 -36.37 -29.03 -12.72
C GLN J 111 -35.94 -28.23 -11.51
N ILE J 112 -36.90 -27.73 -10.73
CA ILE J 112 -36.56 -26.94 -9.55
C ILE J 112 -35.82 -27.79 -8.53
N ALA J 113 -36.08 -29.09 -8.52
CA ALA J 113 -35.40 -29.97 -7.57
C ALA J 113 -33.89 -29.95 -7.77
N ALA J 114 -33.44 -30.11 -9.01
CA ALA J 114 -32.02 -30.13 -9.31
C ALA J 114 -31.55 -28.77 -9.84
N LYS J 115 -31.37 -27.83 -8.92
CA LYS J 115 -30.97 -26.48 -9.25
C LYS J 115 -29.55 -26.16 -8.81
N GLY J 116 -29.23 -26.37 -7.54
CA GLY J 116 -27.90 -26.04 -7.06
C GLY J 116 -26.85 -27.01 -7.54
N ASN J 117 -27.25 -28.24 -7.84
CA ASN J 117 -26.31 -29.26 -8.28
C ASN J 117 -26.64 -29.72 -9.70
N THR K 67 -8.24 -48.60 -33.56
CA THR K 67 -7.92 -48.48 -32.13
C THR K 67 -6.46 -48.09 -31.93
N SER K 68 -6.18 -46.79 -31.97
CA SER K 68 -4.82 -46.31 -31.79
C SER K 68 -4.32 -46.59 -30.38
N ALA K 69 -5.22 -46.68 -29.42
CA ALA K 69 -4.87 -46.91 -28.02
C ALA K 69 -4.29 -48.31 -27.85
N PRO K 70 -3.03 -48.43 -27.41
CA PRO K 70 -2.45 -49.78 -27.23
C PRO K 70 -3.05 -50.56 -26.07
N PHE K 71 -3.18 -49.95 -24.89
CA PHE K 71 -3.50 -50.69 -23.68
C PHE K 71 -5.00 -50.89 -23.61
N ILE K 72 -5.80 -49.84 -23.54
CA ILE K 72 -7.23 -49.95 -23.24
C ILE K 72 -8.01 -49.22 -24.32
N SER K 73 -9.08 -49.83 -24.80
CA SER K 73 -9.93 -49.23 -25.82
C SER K 73 -11.38 -49.64 -25.57
N PRO K 74 -12.11 -48.87 -24.77
CA PRO K 74 -13.53 -49.17 -24.56
C PRO K 74 -14.31 -48.98 -25.84
N MET K 75 -15.56 -49.44 -25.88
CA MET K 75 -16.32 -49.34 -27.11
C MET K 75 -16.58 -47.91 -27.55
N THR K 76 -16.46 -46.95 -26.64
CA THR K 76 -16.62 -45.54 -26.97
C THR K 76 -15.27 -44.85 -27.00
N PRO K 77 -14.94 -44.14 -28.07
CA PRO K 77 -13.62 -43.53 -28.17
C PRO K 77 -13.46 -42.39 -27.17
N TYR K 78 -12.23 -42.24 -26.67
CA TYR K 78 -11.95 -41.22 -25.68
C TYR K 78 -11.80 -39.87 -26.36
N VAL K 79 -12.59 -38.90 -25.94
CA VAL K 79 -12.46 -37.52 -26.39
C VAL K 79 -11.89 -36.70 -25.24
N PRO K 80 -10.73 -36.07 -25.41
CA PRO K 80 -10.09 -35.37 -24.29
C PRO K 80 -10.99 -34.31 -23.69
N GLU K 81 -10.83 -34.10 -22.40
CA GLU K 81 -11.51 -33.02 -21.68
C GLU K 81 -10.50 -31.92 -21.36
N GLU K 82 -10.93 -30.67 -21.49
CA GLU K 82 -10.10 -29.53 -21.17
C GLU K 82 -10.83 -28.59 -20.22
N GLU K 83 -10.05 -27.84 -19.45
CA GLU K 83 -10.60 -26.94 -18.46
C GLU K 83 -11.53 -25.92 -19.13
N PRO K 84 -12.59 -25.49 -18.46
CA PRO K 84 -13.48 -24.50 -19.08
C PRO K 84 -12.79 -23.17 -19.27
N THR K 85 -13.36 -22.35 -20.13
CA THR K 85 -12.79 -21.06 -20.46
C THR K 85 -13.65 -19.88 -20.06
N ARG K 86 -14.91 -20.10 -19.70
CA ARG K 86 -15.76 -19.02 -19.24
C ARG K 86 -16.57 -19.48 -18.04
N THR K 87 -17.01 -18.53 -17.25
CA THR K 87 -17.81 -18.80 -16.07
C THR K 87 -19.22 -19.18 -16.49
N PRO K 88 -19.87 -20.11 -15.78
CA PRO K 88 -21.21 -20.57 -16.18
C PRO K 88 -22.25 -19.48 -16.00
N PRO K 89 -23.42 -19.61 -16.62
CA PRO K 89 -24.53 -18.71 -16.30
C PRO K 89 -24.86 -18.81 -14.81
N SER K 90 -25.39 -17.72 -14.25
CA SER K 90 -25.14 -17.50 -12.84
C SER K 90 -25.70 -18.59 -11.93
N ILE K 91 -26.95 -18.46 -11.53
CA ILE K 91 -27.83 -19.58 -11.19
C ILE K 91 -29.21 -19.05 -11.52
N LYS K 92 -29.30 -17.74 -11.63
CA LYS K 92 -30.54 -16.99 -11.60
C LYS K 92 -31.11 -16.72 -12.98
N ASP K 93 -30.26 -16.64 -13.99
CA ASP K 93 -30.68 -16.25 -15.32
C ASP K 93 -31.27 -17.43 -16.08
N THR K 94 -32.28 -17.14 -16.88
CA THR K 94 -32.82 -18.06 -17.86
C THR K 94 -31.92 -18.08 -19.09
N GLY K 95 -32.00 -19.17 -19.84
CA GLY K 95 -31.24 -19.24 -21.08
C GLY K 95 -31.68 -18.24 -22.13
N THR K 96 -32.79 -17.55 -21.91
CA THR K 96 -33.42 -16.69 -22.88
C THR K 96 -32.88 -15.27 -22.77
N LEU K 97 -33.58 -14.33 -23.40
CA LEU K 97 -33.19 -12.93 -23.42
C LEU K 97 -33.85 -12.11 -22.33
N ARG K 98 -34.88 -12.63 -21.67
CA ARG K 98 -35.50 -11.78 -20.67
C ARG K 98 -34.63 -11.66 -19.44
N PRO K 99 -34.59 -10.48 -18.81
CA PRO K 99 -33.79 -10.31 -17.60
C PRO K 99 -34.32 -11.16 -16.46
N ALA K 100 -33.59 -11.14 -15.36
CA ALA K 100 -33.95 -11.98 -14.21
C ALA K 100 -34.71 -11.16 -13.17
N SER K 101 -35.08 -11.81 -12.06
CA SER K 101 -35.92 -11.16 -11.06
C SER K 101 -35.16 -10.08 -10.28
N GLU K 102 -33.86 -9.98 -10.53
CA GLU K 102 -32.94 -8.91 -10.17
C GLU K 102 -32.55 -8.90 -8.68
N TRP K 103 -33.25 -9.61 -7.80
CA TRP K 103 -32.55 -10.07 -6.60
C TRP K 103 -32.76 -11.55 -6.32
N TYR K 104 -34.01 -12.00 -6.29
CA TYR K 104 -34.29 -13.36 -5.86
C TYR K 104 -35.03 -14.12 -6.93
N PRO K 105 -34.54 -15.28 -7.34
CA PRO K 105 -35.26 -16.08 -8.31
C PRO K 105 -36.59 -16.56 -7.76
N GLN K 106 -37.49 -16.90 -8.66
CA GLN K 106 -38.82 -17.32 -8.23
C GLN K 106 -38.83 -18.73 -7.68
N TRP K 107 -37.92 -19.59 -8.14
CA TRP K 107 -37.92 -20.97 -7.66
C TRP K 107 -37.45 -21.07 -6.21
N MET K 108 -36.72 -20.08 -5.71
CA MET K 108 -36.25 -20.12 -4.34
C MET K 108 -37.38 -20.30 -3.35
N GLN K 109 -38.61 -20.03 -3.76
CA GLN K 109 -39.76 -20.10 -2.88
C GLN K 109 -40.33 -21.50 -2.74
N TYR K 110 -39.91 -22.46 -3.55
CA TYR K 110 -40.50 -23.79 -3.50
C TYR K 110 -39.55 -24.83 -2.94
N ARG K 111 -38.50 -24.41 -2.27
CA ARG K 111 -37.56 -25.33 -1.66
C ARG K 111 -37.42 -25.02 -0.18
N ARG K 112 -36.85 -25.97 0.56
CA ARG K 112 -36.66 -25.79 1.98
C ARG K 112 -35.63 -24.71 2.25
N ARG K 113 -35.81 -23.98 3.36
CA ARG K 113 -34.87 -22.94 3.72
C ARG K 113 -33.47 -23.51 3.88
N GLU K 114 -33.37 -24.75 4.24
CA GLU K 114 -32.04 -25.29 4.47
C GLU K 114 -31.42 -25.84 3.22
N ASP K 115 -32.10 -25.70 2.07
CA ASP K 115 -31.56 -26.14 0.80
C ASP K 115 -31.21 -25.00 -0.14
N ASN K 116 -31.48 -23.75 0.23
CA ASN K 116 -31.19 -22.59 -0.59
C ASN K 116 -29.89 -21.92 -0.21
N TYR K 117 -28.92 -22.67 0.30
CA TYR K 117 -27.58 -22.14 0.40
C TYR K 117 -26.88 -22.07 -0.94
N VAL K 118 -27.48 -22.65 -1.98
CA VAL K 118 -26.86 -22.70 -3.29
C VAL K 118 -26.85 -21.34 -3.96
N PHE K 119 -27.77 -20.45 -3.58
CA PHE K 119 -27.74 -19.08 -4.07
C PHE K 119 -26.44 -18.39 -3.69
N TRP K 120 -26.20 -18.24 -2.40
CA TRP K 120 -25.00 -17.54 -1.95
C TRP K 120 -23.75 -18.33 -2.27
N GLN K 121 -23.86 -19.65 -2.38
CA GLN K 121 -22.68 -20.43 -2.76
C GLN K 121 -22.29 -20.18 -4.20
N ASP K 122 -23.28 -20.14 -5.10
CA ASP K 122 -23.02 -19.82 -6.49
C ASP K 122 -22.45 -18.42 -6.63
N LYS K 123 -22.92 -17.49 -5.80
CA LYS K 123 -22.31 -16.16 -5.77
C LYS K 123 -20.84 -16.24 -5.41
N PHE K 124 -20.51 -16.86 -4.29
CA PHE K 124 -19.12 -17.00 -3.88
C PHE K 124 -18.28 -17.65 -4.96
N MET K 125 -18.87 -18.56 -5.73
CA MET K 125 -18.09 -19.27 -6.73
C MET K 125 -17.79 -18.38 -7.92
N ARG K 126 -18.81 -17.80 -8.53
CA ARG K 126 -18.57 -16.96 -9.70
C ARG K 126 -17.73 -15.74 -9.36
N CYS K 127 -17.80 -15.27 -8.12
CA CYS K 127 -17.09 -14.03 -7.81
C CYS K 127 -15.68 -14.26 -7.27
N SER K 128 -15.45 -15.31 -6.53
CA SER K 128 -14.11 -15.35 -5.95
C SER K 128 -13.37 -16.66 -6.11
N THR K 129 -14.05 -17.80 -6.12
CA THR K 129 -13.37 -19.06 -5.83
C THR K 129 -13.02 -19.90 -7.05
N ASP K 130 -13.89 -20.05 -8.04
CA ASP K 130 -13.55 -20.84 -9.22
C ASP K 130 -13.58 -19.95 -10.47
N ILE K 131 -12.44 -19.30 -10.74
CA ILE K 131 -12.25 -18.50 -11.93
C ILE K 131 -11.24 -19.24 -12.81
N PRO K 132 -11.52 -19.41 -14.11
CA PRO K 132 -10.90 -20.49 -14.88
C PRO K 132 -9.50 -20.23 -15.41
N TRP K 133 -8.76 -19.24 -14.92
CA TRP K 133 -7.37 -19.01 -15.35
C TRP K 133 -7.29 -18.57 -16.80
N ALA K 134 -8.41 -18.60 -17.50
CA ALA K 134 -8.51 -18.01 -18.82
C ALA K 134 -9.18 -16.66 -18.79
N GLU K 135 -9.72 -16.29 -17.64
CA GLU K 135 -10.28 -14.97 -17.39
C GLU K 135 -9.31 -14.09 -16.65
N LYS K 136 -8.14 -14.62 -16.28
CA LYS K 136 -7.06 -13.84 -15.71
C LYS K 136 -5.86 -13.76 -16.63
N ARG K 137 -6.06 -13.79 -17.95
CA ARG K 137 -4.96 -13.62 -18.88
C ARG K 137 -4.68 -12.16 -19.12
N TRP K 138 -3.42 -11.74 -18.98
CA TRP K 138 -3.04 -10.36 -19.21
C TRP K 138 -2.62 -10.22 -20.66
N THR K 139 -3.38 -9.42 -21.42
CA THR K 139 -3.15 -9.20 -22.83
C THR K 139 -3.22 -7.72 -23.14
N LEU K 140 -2.84 -7.35 -24.36
CA LEU K 140 -2.92 -5.95 -24.77
C LEU K 140 -4.36 -5.48 -24.90
N PHE K 141 -5.30 -6.39 -25.11
CA PHE K 141 -6.69 -5.96 -25.21
C PHE K 141 -7.30 -5.75 -23.85
N SER K 142 -6.93 -6.56 -22.87
CA SER K 142 -7.52 -6.44 -21.56
C SER K 142 -7.05 -5.21 -20.80
N THR K 143 -5.87 -4.69 -21.11
CA THR K 143 -5.39 -3.49 -20.43
C THR K 143 -5.98 -2.20 -20.96
N VAL K 144 -6.88 -2.28 -21.95
CA VAL K 144 -7.66 -1.14 -22.40
C VAL K 144 -9.13 -1.31 -22.03
N TRP K 145 -9.61 -2.55 -22.12
CA TRP K 145 -10.88 -2.85 -21.48
C TRP K 145 -10.86 -2.51 -20.00
N TYR K 146 -9.68 -2.53 -19.37
CA TYR K 146 -9.60 -2.09 -17.99
C TYR K 146 -9.96 -0.62 -17.86
N LEU K 147 -9.43 0.21 -18.75
CA LEU K 147 -9.79 1.62 -18.73
C LEU K 147 -11.28 1.81 -18.90
N VAL K 148 -11.89 1.08 -19.85
CA VAL K 148 -13.32 1.23 -20.08
C VAL K 148 -14.11 0.87 -18.82
N GLN K 149 -13.82 -0.30 -18.26
CA GLN K 149 -14.56 -0.76 -17.09
C GLN K 149 -14.32 0.13 -15.88
N GLN K 150 -13.10 0.65 -15.71
CA GLN K 150 -12.83 1.50 -14.57
C GLN K 150 -13.52 2.85 -14.71
N LEU K 151 -13.63 3.36 -15.93
CA LEU K 151 -14.50 4.51 -16.16
C LEU K 151 -15.90 4.21 -15.67
N ARG K 152 -16.47 3.10 -16.13
CA ARG K 152 -17.85 2.79 -15.80
C ARG K 152 -18.05 2.58 -14.30
N PHE K 153 -17.03 2.09 -13.60
CA PHE K 153 -17.23 1.73 -12.19
C PHE K 153 -16.75 2.78 -11.20
N VAL K 154 -15.89 3.71 -11.59
CA VAL K 154 -15.32 4.63 -10.62
C VAL K 154 -15.50 6.08 -11.08
N GLY K 155 -15.65 6.29 -12.38
CA GLY K 155 -15.75 7.64 -12.87
C GLY K 155 -17.14 8.11 -13.15
N THR K 156 -18.13 7.24 -13.01
CA THR K 156 -19.51 7.63 -13.21
C THR K 156 -20.26 7.61 -11.89
N PRO K 157 -21.17 8.56 -11.65
CA PRO K 157 -21.96 8.50 -10.43
C PRO K 157 -23.01 7.41 -10.52
N PRO K 158 -23.31 6.75 -9.41
CA PRO K 158 -24.28 5.63 -9.45
C PRO K 158 -25.66 6.00 -9.93
N ALA K 159 -26.06 7.27 -9.88
CA ALA K 159 -27.41 7.65 -10.29
C ALA K 159 -27.61 7.49 -11.79
N LEU K 160 -26.69 8.04 -12.59
CA LEU K 160 -26.78 7.86 -14.04
C LEU K 160 -26.68 6.39 -14.41
N ARG K 161 -25.81 5.66 -13.73
CA ARG K 161 -25.73 4.21 -13.94
C ARG K 161 -27.07 3.55 -13.71
N TYR K 162 -27.79 3.98 -12.66
CA TYR K 162 -29.09 3.40 -12.35
C TYR K 162 -30.11 3.70 -13.44
N VAL K 163 -30.12 4.93 -13.93
CA VAL K 163 -31.07 5.29 -14.99
C VAL K 163 -30.79 4.47 -16.25
N ALA K 164 -29.51 4.37 -16.63
CA ALA K 164 -29.16 3.55 -17.78
C ALA K 164 -29.57 2.10 -17.57
N PHE K 165 -29.42 1.60 -16.35
CA PHE K 165 -29.84 0.24 -16.02
C PHE K 165 -31.33 0.05 -16.28
N LEU K 166 -32.16 0.99 -15.82
CA LEU K 166 -33.60 0.86 -16.03
C LEU K 166 -33.94 0.87 -17.52
N GLY K 167 -33.34 1.79 -18.28
CA GLY K 167 -33.61 1.83 -19.70
C GLY K 167 -33.22 0.55 -20.41
N TRP K 168 -32.06 -0.01 -20.05
CA TRP K 168 -31.61 -1.24 -20.66
C TRP K 168 -32.54 -2.40 -20.34
N ARG K 169 -33.01 -2.48 -19.09
CA ARG K 169 -33.96 -3.53 -18.74
C ARG K 169 -35.22 -3.44 -19.59
N ALA K 170 -35.77 -2.24 -19.73
CA ALA K 170 -36.99 -2.09 -20.54
C ALA K 170 -36.76 -2.53 -21.97
N LEU K 171 -35.65 -2.08 -22.56
CA LEU K 171 -35.33 -2.45 -23.93
C LEU K 171 -35.22 -3.95 -24.10
N MET K 172 -34.54 -4.62 -23.15
CA MET K 172 -34.38 -6.06 -23.27
C MET K 172 -35.69 -6.80 -23.12
N PHE K 173 -36.60 -6.29 -22.29
CA PHE K 173 -37.92 -6.92 -22.22
C PHE K 173 -38.63 -6.85 -23.55
N GLN K 174 -38.59 -5.68 -24.20
CA GLN K 174 -39.24 -5.57 -25.51
C GLN K 174 -38.60 -6.50 -26.53
N VAL K 175 -37.28 -6.61 -26.49
CA VAL K 175 -36.58 -7.50 -27.42
C VAL K 175 -37.02 -8.95 -27.21
N TYR K 176 -37.18 -9.35 -25.95
CA TYR K 176 -37.62 -10.72 -25.68
C TYR K 176 -39.01 -10.96 -26.23
N ALA K 177 -39.92 -10.00 -26.03
CA ALA K 177 -41.27 -10.17 -26.58
C ALA K 177 -41.23 -10.36 -28.09
N ALA K 178 -40.41 -9.55 -28.77
CA ALA K 178 -40.29 -9.67 -30.21
C ALA K 178 -39.76 -11.06 -30.59
N HIS K 179 -38.74 -11.54 -29.87
CA HIS K 179 -38.17 -12.84 -30.20
C HIS K 179 -39.19 -13.95 -30.01
N LYS K 180 -40.01 -13.86 -28.96
CA LYS K 180 -41.02 -14.89 -28.74
C LYS K 180 -42.04 -14.91 -29.88
N ALA K 181 -42.50 -13.73 -30.30
CA ALA K 181 -43.41 -13.68 -31.44
C ALA K 181 -42.78 -14.31 -32.68
N LEU K 182 -41.51 -14.00 -32.93
CA LEU K 182 -40.83 -14.56 -34.10
C LEU K 182 -40.73 -16.08 -34.01
N VAL K 183 -40.47 -16.61 -32.81
CA VAL K 183 -40.40 -18.05 -32.66
C VAL K 183 -41.73 -18.70 -32.97
N LEU K 184 -42.83 -18.11 -32.49
CA LEU K 184 -44.14 -18.68 -32.78
C LEU K 184 -44.42 -18.68 -34.28
N TRP K 185 -44.12 -17.56 -34.96
CA TRP K 185 -44.32 -17.52 -36.40
C TRP K 185 -43.47 -18.58 -37.10
N GLN K 186 -42.26 -18.82 -36.59
CA GLN K 186 -41.39 -19.83 -37.19
C GLN K 186 -42.00 -21.22 -37.06
N CYS K 187 -42.56 -21.54 -35.89
CA CYS K 187 -43.21 -22.84 -35.74
C CYS K 187 -44.38 -22.98 -36.70
N LYS K 188 -45.16 -21.91 -36.89
CA LYS K 188 -46.23 -22.04 -37.91
C LYS K 188 -45.59 -22.39 -39.25
N LEU K 189 -44.63 -21.58 -39.68
CA LEU K 189 -44.09 -21.79 -41.03
C LEU K 189 -43.55 -23.20 -41.20
N ASP K 190 -42.85 -23.73 -40.20
CA ASP K 190 -42.29 -25.07 -40.34
C ASP K 190 -43.37 -26.14 -40.34
N ALA K 191 -44.42 -25.98 -39.52
CA ALA K 191 -45.54 -26.91 -39.60
C ALA K 191 -46.17 -26.86 -40.98
N GLY K 192 -46.23 -25.67 -41.58
CA GLY K 192 -46.77 -25.56 -42.93
C GLY K 192 -45.90 -26.22 -43.97
N LEU K 193 -44.58 -26.12 -43.83
CA LEU K 193 -43.68 -26.66 -44.85
C LEU K 193 -43.54 -28.17 -44.75
N ALA K 194 -43.62 -28.73 -43.54
CA ALA K 194 -43.59 -30.18 -43.42
C ALA K 194 -44.75 -30.84 -44.13
N ARG K 195 -45.85 -30.10 -44.33
CA ARG K 195 -46.97 -30.62 -45.10
C ARG K 195 -46.58 -30.88 -46.55
N ILE K 196 -46.05 -29.86 -47.22
CA ILE K 196 -45.51 -30.04 -48.57
C ILE K 196 -44.47 -31.15 -48.57
N GLY K 197 -43.61 -31.16 -47.55
CA GLY K 197 -42.55 -32.15 -47.48
C GLY K 197 -43.04 -33.58 -47.48
N SER K 198 -43.71 -34.00 -46.41
CA SER K 198 -44.23 -35.35 -46.37
C SER K 198 -45.42 -35.54 -47.31
N GLY K 199 -46.07 -34.45 -47.72
CA GLY K 199 -47.14 -34.54 -48.68
C GLY K 199 -48.50 -34.79 -48.09
N GLY K 200 -48.55 -35.56 -46.99
CA GLY K 200 -49.82 -36.06 -46.50
C GLY K 200 -50.43 -35.32 -45.32
N ALA K 201 -50.48 -36.00 -44.17
CA ALA K 201 -51.38 -35.59 -43.09
C ALA K 201 -50.71 -34.67 -42.08
N THR K 202 -49.43 -34.92 -41.77
CA THR K 202 -48.76 -34.21 -40.68
C THR K 202 -48.76 -32.70 -40.89
N ALA K 203 -49.52 -32.00 -40.06
CA ALA K 203 -49.42 -30.56 -39.92
C ALA K 203 -48.63 -30.18 -38.68
N THR K 204 -47.91 -31.14 -38.11
CA THR K 204 -47.36 -31.02 -36.77
C THR K 204 -45.97 -30.38 -36.81
N PHE K 205 -45.58 -29.82 -35.67
CA PHE K 205 -44.20 -29.45 -35.41
C PHE K 205 -43.73 -30.19 -34.16
N SER K 206 -42.55 -29.83 -33.69
CA SER K 206 -41.97 -30.42 -32.49
C SER K 206 -41.79 -29.33 -31.44
N LYS K 207 -42.38 -29.54 -30.26
CA LYS K 207 -42.13 -28.64 -29.14
C LYS K 207 -40.66 -28.60 -28.79
N THR K 208 -39.96 -29.71 -29.02
CA THR K 208 -38.51 -29.74 -28.85
C THR K 208 -37.85 -28.62 -29.63
N MET K 209 -38.20 -28.47 -30.91
CA MET K 209 -37.53 -27.46 -31.72
C MET K 209 -37.96 -26.06 -31.33
N ALA K 210 -39.21 -25.88 -30.90
CA ALA K 210 -39.63 -24.56 -30.44
C ALA K 210 -38.85 -24.14 -29.22
N LEU K 211 -38.73 -25.03 -28.23
CA LEU K 211 -37.95 -24.70 -27.05
C LEU K 211 -36.48 -24.49 -27.37
N ARG K 212 -35.91 -25.33 -28.23
CA ARG K 212 -34.50 -25.16 -28.59
C ARG K 212 -34.27 -23.86 -29.35
N ARG K 213 -35.27 -23.38 -30.07
CA ARG K 213 -35.15 -22.09 -30.73
C ARG K 213 -35.27 -20.96 -29.73
N LEU K 214 -36.09 -21.13 -28.70
CA LEU K 214 -36.29 -20.05 -27.74
C LEU K 214 -35.08 -19.90 -26.80
N HIS K 215 -34.27 -20.94 -26.66
CA HIS K 215 -33.11 -20.92 -25.78
C HIS K 215 -31.80 -20.83 -26.54
N TRP K 216 -31.84 -20.55 -27.85
CA TRP K 216 -30.64 -20.41 -28.66
C TRP K 216 -29.72 -21.61 -28.52
N ARG K 217 -30.22 -22.78 -28.93
CA ARG K 217 -29.45 -24.01 -28.86
C ARG K 217 -29.14 -24.59 -30.23
N ASN K 218 -29.46 -23.89 -31.30
CA ASN K 218 -29.22 -24.38 -32.65
C ASN K 218 -28.28 -23.43 -33.39
N SER K 219 -27.33 -24.00 -34.11
CA SER K 219 -26.53 -23.23 -35.04
C SER K 219 -27.32 -23.04 -36.34
N PRO K 220 -27.01 -22.00 -37.11
CA PRO K 220 -27.78 -21.76 -38.34
C PRO K 220 -27.75 -22.93 -39.31
N LEU K 221 -26.60 -23.60 -39.45
CA LEU K 221 -26.53 -24.77 -40.30
C LEU K 221 -27.54 -25.83 -39.87
N ALA K 222 -27.76 -25.94 -38.56
CA ALA K 222 -28.69 -26.95 -38.05
C ALA K 222 -30.11 -26.65 -38.48
N GLU K 223 -30.53 -25.40 -38.39
CA GLU K 223 -31.90 -25.05 -38.78
C GLU K 223 -32.06 -25.15 -40.29
N ALA K 224 -31.00 -24.86 -41.05
CA ALA K 224 -31.09 -25.04 -42.50
C ALA K 224 -31.26 -26.51 -42.87
N LEU K 225 -30.40 -27.38 -42.32
CA LEU K 225 -30.55 -28.81 -42.56
C LEU K 225 -31.91 -29.31 -42.11
N TYR K 226 -32.44 -28.78 -41.01
CA TYR K 226 -33.75 -29.22 -40.55
C TYR K 226 -34.85 -28.78 -41.50
N ALA K 227 -34.77 -27.56 -42.02
CA ALA K 227 -35.75 -27.10 -43.00
C ALA K 227 -35.73 -27.99 -44.24
N LEU K 228 -34.53 -28.29 -44.74
CA LEU K 228 -34.43 -29.19 -45.89
C LEU K 228 -35.02 -30.56 -45.58
N ASN K 229 -34.70 -31.11 -44.42
CA ASN K 229 -35.16 -32.45 -44.08
C ASN K 229 -36.68 -32.48 -43.97
N LEU K 230 -37.27 -31.41 -43.43
CA LEU K 230 -38.73 -31.32 -43.36
C LEU K 230 -39.33 -31.23 -44.74
N TYR K 231 -38.82 -30.31 -45.56
CA TYR K 231 -39.38 -30.07 -46.89
C TYR K 231 -39.18 -31.26 -47.81
N LYS K 232 -38.28 -32.19 -47.49
CA LYS K 232 -38.08 -33.29 -48.41
C LYS K 232 -38.65 -34.62 -47.90
N THR K 233 -38.54 -34.90 -46.60
CA THR K 233 -38.99 -36.18 -46.08
C THR K 233 -39.97 -36.06 -44.93
N GLY K 234 -40.45 -34.88 -44.59
CA GLY K 234 -41.18 -34.73 -43.36
C GLY K 234 -40.28 -35.12 -42.20
N ARG K 235 -40.63 -36.18 -41.49
CA ARG K 235 -39.84 -36.67 -40.35
C ARG K 235 -39.63 -35.57 -39.33
N VAL K 236 -40.75 -35.00 -38.87
CA VAL K 236 -40.70 -33.82 -38.01
C VAL K 236 -40.08 -34.13 -36.65
N HIS K 237 -39.76 -35.39 -36.37
CA HIS K 237 -39.13 -35.77 -35.12
C HIS K 237 -37.65 -36.12 -35.28
N LEU K 238 -37.04 -35.75 -36.41
CA LEU K 238 -35.61 -35.92 -36.61
C LEU K 238 -34.94 -34.56 -36.55
N LEU K 239 -34.19 -34.31 -35.47
CA LEU K 239 -33.68 -32.99 -35.18
C LEU K 239 -32.16 -32.97 -35.18
N PRO K 240 -31.55 -31.83 -35.52
CA PRO K 240 -30.09 -31.72 -35.48
C PRO K 240 -29.58 -32.00 -34.08
N PRO K 241 -28.31 -32.41 -33.93
CA PRO K 241 -27.89 -32.95 -32.63
C PRO K 241 -27.98 -31.96 -31.48
N VAL K 242 -27.09 -30.96 -31.45
CA VAL K 242 -27.21 -29.79 -30.58
C VAL K 242 -26.03 -28.87 -30.91
N ALA K 243 -26.17 -27.58 -30.60
CA ALA K 243 -25.02 -26.69 -30.65
C ALA K 243 -24.20 -26.81 -29.38
N LYS K 244 -22.87 -26.83 -29.54
CA LYS K 244 -21.95 -26.93 -28.41
C LYS K 244 -21.49 -25.54 -27.99
N PRO K 245 -21.04 -25.37 -26.74
CA PRO K 245 -20.73 -24.03 -26.24
C PRO K 245 -19.49 -23.45 -26.90
N ILE K 246 -19.54 -22.16 -27.17
CA ILE K 246 -18.43 -21.45 -27.80
C ILE K 246 -17.34 -21.21 -26.77
N PRO K 247 -16.10 -21.56 -27.03
CA PRO K 247 -15.01 -21.28 -26.09
C PRO K 247 -14.53 -19.84 -26.25
N ARG K 248 -13.72 -19.41 -25.29
CA ARG K 248 -13.26 -18.03 -25.25
C ARG K 248 -12.09 -17.85 -26.21
N PRO K 249 -12.18 -16.94 -27.17
CA PRO K 249 -11.09 -16.79 -28.14
C PRO K 249 -9.85 -16.21 -27.50
N THR K 250 -8.70 -16.80 -27.81
CA THR K 250 -7.42 -16.27 -27.40
C THR K 250 -6.51 -16.27 -28.61
N PHE K 251 -5.62 -15.27 -28.69
CA PHE K 251 -4.60 -15.29 -29.73
C PHE K 251 -3.21 -15.42 -29.14
N PHE K 252 -2.71 -14.41 -28.45
CA PHE K 252 -1.36 -14.38 -27.94
C PHE K 252 -1.33 -13.25 -26.93
N TRP K 253 -0.18 -12.62 -26.71
CA TRP K 253 -0.19 -11.36 -25.97
C TRP K 253 -1.14 -10.33 -26.56
N LEU K 254 -1.72 -10.59 -27.72
CA LEU K 254 -2.58 -9.63 -28.39
C LEU K 254 -3.95 -9.53 -27.73
N PHE K 255 -4.72 -10.61 -27.74
CA PHE K 255 -6.00 -10.59 -27.05
C PHE K 255 -6.32 -11.94 -26.44
N PRO L 153 -75.56 35.21 -2.46
CA PRO L 153 -75.45 35.92 -3.74
C PRO L 153 -74.15 36.72 -3.83
N LEU L 154 -73.87 37.52 -2.81
CA LEU L 154 -72.65 38.32 -2.80
C LEU L 154 -71.44 37.49 -2.40
N THR L 155 -71.53 36.76 -1.29
CA THR L 155 -70.36 36.07 -0.75
C THR L 155 -69.85 35.00 -1.71
N ARG L 156 -70.76 34.36 -2.44
CA ARG L 156 -70.32 33.35 -3.40
C ARG L 156 -69.51 33.95 -4.55
N ALA L 157 -69.97 35.08 -5.12
CA ALA L 157 -69.21 35.73 -6.18
C ALA L 157 -67.89 36.28 -5.64
N VAL L 158 -67.89 36.73 -4.39
CA VAL L 158 -66.65 37.25 -3.79
C VAL L 158 -65.63 36.14 -3.63
N LEU L 159 -66.03 35.00 -3.05
CA LEU L 159 -65.10 33.90 -2.92
C LEU L 159 -64.70 33.34 -4.28
N ALA L 160 -65.58 33.46 -5.28
CA ALA L 160 -65.21 33.01 -6.62
C ALA L 160 -64.12 33.91 -7.23
N VAL L 161 -64.25 35.22 -7.08
CA VAL L 161 -63.25 36.11 -7.67
C VAL L 161 -61.94 35.99 -6.89
N VAL L 162 -62.00 35.71 -5.59
CA VAL L 162 -60.76 35.41 -4.86
C VAL L 162 -60.18 34.07 -5.31
N ARG L 163 -61.03 33.09 -5.61
CA ARG L 163 -60.56 31.84 -6.21
C ARG L 163 -59.78 32.13 -7.49
N VAL L 164 -60.31 33.01 -8.33
CA VAL L 164 -59.68 33.28 -9.63
C VAL L 164 -58.37 34.06 -9.43
N ARG L 165 -58.35 34.99 -8.48
CA ARG L 165 -57.10 35.73 -8.28
C ARG L 165 -56.03 34.89 -7.58
N GLU L 166 -56.41 33.90 -6.77
CA GLU L 166 -55.39 32.99 -6.27
C GLU L 166 -54.98 31.98 -7.35
N LEU L 167 -55.87 31.68 -8.30
CA LEU L 167 -55.44 30.99 -9.51
C LEU L 167 -54.42 31.83 -10.26
N LEU L 168 -54.59 33.16 -10.24
CA LEU L 168 -53.58 34.06 -10.79
C LEU L 168 -52.26 33.92 -10.03
N ARG L 169 -52.33 33.94 -8.70
CA ARG L 169 -51.14 33.68 -7.90
C ARG L 169 -50.47 32.37 -8.32
N ALA L 170 -51.27 31.37 -8.67
CA ALA L 170 -50.70 30.09 -9.08
C ALA L 170 -50.07 30.18 -10.47
N LEU L 171 -50.65 30.97 -11.36
CA LEU L 171 -50.08 31.11 -12.70
C LEU L 171 -48.77 31.88 -12.66
N LEU L 172 -48.64 32.85 -11.76
CA LEU L 172 -47.35 33.53 -11.63
C LEU L 172 -46.36 32.72 -10.81
N LEU L 173 -46.72 31.50 -10.42
CA LEU L 173 -45.87 30.63 -9.61
C LEU L 173 -45.84 29.20 -10.14
N LEU L 174 -46.16 28.99 -11.41
CA LEU L 174 -46.17 27.63 -11.96
C LEU L 174 -44.77 27.05 -12.17
N PRO L 175 -43.81 27.73 -12.82
CA PRO L 175 -42.51 27.07 -13.07
C PRO L 175 -41.77 26.68 -11.80
N PHE L 176 -41.82 27.51 -10.76
CA PHE L 176 -41.10 27.19 -9.53
C PHE L 176 -41.63 25.92 -8.89
N SER L 177 -42.95 25.84 -8.69
CA SER L 177 -43.54 24.64 -8.10
C SER L 177 -43.35 23.43 -9.02
N ALA L 178 -43.33 23.66 -10.33
CA ALA L 178 -43.12 22.56 -11.28
C ALA L 178 -41.72 21.97 -11.11
N VAL L 179 -40.69 22.83 -11.08
CA VAL L 179 -39.33 22.31 -10.93
C VAL L 179 -39.13 21.74 -9.52
N GLY L 180 -39.86 22.25 -8.53
CA GLY L 180 -39.83 21.65 -7.21
C GLY L 180 -40.38 20.23 -7.23
N GLY L 181 -41.51 20.03 -7.89
CA GLY L 181 -42.03 18.68 -8.06
C GLY L 181 -41.06 17.80 -8.84
N ALA L 182 -40.37 18.39 -9.81
CA ALA L 182 -39.39 17.62 -10.59
C ALA L 182 -38.24 17.13 -9.72
N VAL L 183 -37.66 18.02 -8.91
CA VAL L 183 -36.54 17.61 -8.07
C VAL L 183 -37.01 16.66 -6.98
N ALA L 184 -38.27 16.81 -6.53
CA ALA L 184 -38.80 15.85 -5.56
C ALA L 184 -38.95 14.47 -6.19
N ALA L 185 -39.45 14.40 -7.42
CA ALA L 185 -39.57 13.11 -8.09
C ALA L 185 -38.21 12.50 -8.38
N TRP L 186 -37.22 13.33 -8.68
CA TRP L 186 -35.86 12.83 -8.87
C TRP L 186 -35.31 12.25 -7.57
N GLN L 187 -35.44 12.99 -6.46
CA GLN L 187 -35.03 12.47 -5.18
C GLN L 187 -35.88 11.31 -4.69
N GLY L 188 -36.98 11.02 -5.37
CA GLY L 188 -37.80 9.88 -4.98
C GLY L 188 -37.31 8.55 -5.50
N LEU L 189 -36.57 8.56 -6.61
CA LEU L 189 -36.03 7.32 -7.15
C LEU L 189 -34.95 6.71 -6.25
N PHE L 190 -34.17 7.54 -5.59
CA PHE L 190 -32.97 7.10 -4.89
C PHE L 190 -33.22 6.87 -3.41
N ASN L 191 -34.42 6.41 -3.05
CA ASN L 191 -34.71 6.00 -1.69
C ASN L 191 -35.57 4.74 -1.64
N SER L 192 -35.88 4.13 -2.79
CA SER L 192 -36.69 2.93 -2.82
C SER L 192 -35.87 1.75 -2.30
N GLN L 193 -36.46 0.56 -2.37
CA GLN L 193 -35.68 -0.66 -2.18
C GLN L 193 -35.02 -1.08 -3.48
N ARG L 194 -35.58 -0.68 -4.62
CA ARG L 194 -34.95 -0.95 -5.90
C ARG L 194 -33.55 -0.37 -5.97
N TYR L 195 -33.34 0.83 -5.43
CA TYR L 195 -32.05 1.46 -5.57
C TYR L 195 -31.01 0.80 -4.67
N GLU L 196 -31.41 0.26 -3.53
CA GLU L 196 -30.43 -0.46 -2.70
C GLU L 196 -30.15 -1.84 -3.28
N ASN L 197 -31.16 -2.48 -3.88
CA ASN L 197 -30.89 -3.69 -4.62
C ASN L 197 -29.88 -3.43 -5.73
N PHE L 198 -30.04 -2.32 -6.44
CA PHE L 198 -29.11 -1.97 -7.51
C PHE L 198 -27.71 -1.75 -6.96
N LEU L 199 -27.61 -1.00 -5.87
CA LEU L 199 -26.29 -0.78 -5.28
C LEU L 199 -25.63 -2.07 -4.87
N MET L 200 -26.39 -3.02 -4.36
CA MET L 200 -25.77 -4.27 -3.91
C MET L 200 -25.33 -5.13 -5.08
N SER L 201 -26.14 -5.18 -6.15
CA SER L 201 -25.68 -5.89 -7.34
C SER L 201 -24.46 -5.21 -7.96
N GLU L 202 -24.39 -3.88 -7.93
CA GLU L 202 -23.19 -3.21 -8.39
C GLU L 202 -21.99 -3.59 -7.56
N GLY L 203 -22.18 -3.78 -6.25
CA GLY L 203 -21.10 -4.25 -5.43
C GLY L 203 -20.60 -5.63 -5.84
N GLU L 204 -21.53 -6.53 -6.14
CA GLU L 204 -21.14 -7.86 -6.60
C GLU L 204 -20.36 -7.78 -7.92
N ARG L 205 -20.80 -6.90 -8.82
CA ARG L 205 -20.10 -6.76 -10.09
C ARG L 205 -18.70 -6.21 -9.89
N ILE L 206 -18.53 -5.27 -8.96
CA ILE L 206 -17.20 -4.74 -8.71
C ILE L 206 -16.31 -5.81 -8.08
N TRP L 207 -16.88 -6.70 -7.28
CA TRP L 207 -16.09 -7.76 -6.69
C TRP L 207 -15.59 -8.74 -7.75
N ALA L 208 -16.49 -9.18 -8.63
CA ALA L 208 -16.08 -10.08 -9.71
C ALA L 208 -15.08 -9.41 -10.65
N TRP L 209 -15.24 -8.11 -10.91
CA TRP L 209 -14.32 -7.42 -11.80
C TRP L 209 -12.97 -7.18 -11.16
N ARG L 210 -12.92 -7.02 -9.85
CA ARG L 210 -11.64 -6.87 -9.19
C ARG L 210 -10.86 -8.16 -9.15
N ASN L 211 -11.56 -9.30 -9.08
CA ASN L 211 -10.82 -10.55 -9.01
C ASN L 211 -10.19 -10.96 -10.34
N ARG L 212 -10.61 -10.41 -11.46
CA ARG L 212 -10.12 -10.85 -12.76
C ARG L 212 -9.15 -9.88 -13.41
N SER L 213 -8.80 -8.78 -12.77
CA SER L 213 -7.99 -7.75 -13.42
C SER L 213 -6.93 -7.20 -12.48
N GLU L 214 -6.19 -8.08 -11.82
CA GLU L 214 -5.13 -7.62 -10.92
C GLU L 214 -3.92 -7.11 -11.68
N ASN L 215 -3.54 -7.79 -12.77
CA ASN L 215 -2.38 -7.37 -13.55
C ASN L 215 -2.60 -6.01 -14.19
N GLU L 216 -3.74 -5.83 -14.85
CA GLU L 216 -4.04 -4.55 -15.48
C GLU L 216 -4.09 -3.43 -14.45
N ARG L 217 -4.63 -3.72 -13.27
CA ARG L 217 -4.71 -2.70 -12.22
C ARG L 217 -3.33 -2.27 -11.79
N TRP L 218 -2.45 -3.22 -11.46
CA TRP L 218 -1.11 -2.84 -11.07
C TRP L 218 -0.38 -2.15 -12.20
N PHE L 219 -0.64 -2.52 -13.46
CA PHE L 219 0.00 -1.83 -14.56
C PHE L 219 -0.38 -0.37 -14.57
N TRP L 220 -1.67 -0.08 -14.59
CA TRP L 220 -2.11 1.30 -14.70
C TRP L 220 -1.82 2.12 -13.45
N GLU L 221 -1.68 1.49 -12.29
CA GLU L 221 -1.41 2.30 -11.09
C GLU L 221 0.06 2.47 -10.80
N VAL L 222 0.93 1.56 -11.22
CA VAL L 222 2.32 1.62 -10.77
C VAL L 222 3.30 1.66 -11.93
N PHE L 223 2.93 1.11 -13.08
CA PHE L 223 3.89 0.94 -14.16
C PHE L 223 3.73 1.92 -15.30
N ALA L 224 2.51 2.35 -15.61
CA ALA L 224 2.27 3.04 -16.87
C ALA L 224 3.10 4.31 -16.99
N TRP L 225 3.09 5.15 -15.97
CA TRP L 225 3.79 6.42 -16.04
C TRP L 225 5.22 6.30 -15.52
N ASP L 226 5.37 5.78 -14.31
CA ASP L 226 6.65 5.87 -13.61
C ASP L 226 7.77 5.11 -14.32
N ARG L 227 7.45 4.01 -14.98
CA ARG L 227 8.49 3.17 -15.57
C ARG L 227 8.34 2.96 -17.07
N LEU L 228 7.35 3.55 -17.71
CA LEU L 228 7.22 3.42 -19.16
C LEU L 228 7.24 4.77 -19.88
N ILE L 229 6.40 5.71 -19.48
CA ILE L 229 6.20 6.93 -20.26
C ILE L 229 7.12 8.05 -19.79
N PHE L 230 7.27 8.19 -18.48
CA PHE L 230 8.11 9.27 -17.96
C PHE L 230 9.56 9.17 -18.37
N PRO L 231 10.24 8.02 -18.30
CA PRO L 231 11.64 8.00 -18.73
C PRO L 231 11.82 8.26 -20.21
N ILE L 232 10.96 7.70 -21.04
CA ILE L 232 10.99 8.02 -22.47
C ILE L 232 10.88 9.52 -22.67
N LEU L 233 9.86 10.14 -22.06
CA LEU L 233 9.65 11.57 -22.24
C LEU L 233 10.86 12.37 -21.76
N VAL L 234 11.43 11.97 -20.62
CA VAL L 234 12.51 12.74 -20.03
C VAL L 234 13.75 12.70 -20.92
N ILE L 235 14.08 11.52 -21.45
CA ILE L 235 15.27 11.43 -22.29
C ILE L 235 15.06 12.19 -23.59
N VAL L 236 13.91 12.02 -24.24
CA VAL L 236 13.67 12.74 -25.49
C VAL L 236 13.67 14.24 -25.25
N ALA L 237 13.07 14.70 -24.16
CA ALA L 237 13.06 16.12 -23.85
C ALA L 237 14.47 16.64 -23.62
N TRP L 238 15.28 15.93 -22.85
CA TRP L 238 16.64 16.39 -22.58
C TRP L 238 17.43 16.48 -23.87
N GLU L 239 17.27 15.51 -24.76
CA GLU L 239 18.05 15.54 -25.99
C GLU L 239 17.50 16.52 -27.01
N TYR L 240 16.27 17.00 -26.84
CA TYR L 240 15.78 18.03 -27.74
C TYR L 240 16.43 19.39 -27.44
N LEU L 241 16.58 19.70 -26.16
CA LEU L 241 17.38 20.83 -25.70
C LEU L 241 18.84 20.41 -25.72
N VAL L 242 19.73 21.11 -25.01
CA VAL L 242 21.06 20.56 -24.75
C VAL L 242 21.88 20.43 -26.03
N PRO L 243 22.60 21.49 -26.42
CA PRO L 243 23.31 21.52 -27.72
C PRO L 243 24.15 20.29 -28.06
N ASN L 244 24.45 20.13 -29.35
CA ASN L 244 25.06 18.91 -29.88
C ASN L 244 26.55 18.83 -29.59
N HIS L 245 26.88 18.68 -28.32
CA HIS L 245 28.23 18.32 -27.94
C HIS L 245 28.22 16.88 -27.41
N LEU L 246 29.36 16.42 -26.90
CA LEU L 246 29.40 15.13 -26.23
C LEU L 246 29.30 15.23 -24.72
N VAL L 247 29.82 16.30 -24.13
CA VAL L 247 29.74 16.49 -22.69
C VAL L 247 28.29 16.67 -22.26
N TRP L 248 27.45 17.21 -23.15
CA TRP L 248 26.05 17.46 -22.84
C TRP L 248 25.13 16.36 -23.34
N ALA L 249 25.43 15.76 -24.47
CA ALA L 249 24.50 14.80 -25.05
C ALA L 249 24.69 13.38 -24.51
N VAL L 250 25.88 13.04 -24.02
CA VAL L 250 26.12 11.70 -23.52
C VAL L 250 26.65 11.69 -22.10
N LEU L 251 27.64 12.52 -21.81
CA LEU L 251 28.39 12.36 -20.57
C LEU L 251 27.59 12.77 -19.34
N ALA L 252 26.94 13.93 -19.37
CA ALA L 252 26.16 14.38 -18.23
C ALA L 252 24.85 13.62 -18.08
N PRO L 253 24.19 13.22 -19.17
CA PRO L 253 23.05 12.32 -19.02
C PRO L 253 23.36 11.06 -18.24
N LEU L 254 24.49 10.41 -18.48
CA LEU L 254 24.81 9.20 -17.73
C LEU L 254 24.97 9.49 -16.25
N ALA L 255 25.75 10.53 -15.91
CA ALA L 255 25.93 10.87 -14.50
C ALA L 255 24.60 11.13 -13.82
N LEU L 256 23.73 11.91 -14.47
CA LEU L 256 22.46 12.28 -13.83
C LEU L 256 21.52 11.08 -13.75
N LEU L 257 21.55 10.20 -14.75
CA LEU L 257 20.70 9.01 -14.71
C LEU L 257 21.13 8.06 -13.61
N THR L 258 22.44 7.87 -13.43
CA THR L 258 22.88 7.00 -12.35
C THR L 258 22.59 7.62 -11.00
N TRP L 259 22.74 8.93 -10.87
CA TRP L 259 22.42 9.55 -9.59
C TRP L 259 20.94 9.44 -9.27
N MET L 260 20.08 9.64 -10.26
CA MET L 260 18.64 9.61 -10.02
C MET L 260 18.13 8.19 -9.81
N SER L 261 18.33 7.32 -10.81
CA SER L 261 17.79 5.96 -10.75
C SER L 261 18.54 5.08 -9.78
N GLY L 262 19.75 5.47 -9.38
CA GLY L 262 20.53 4.67 -8.47
C GLY L 262 21.19 3.45 -9.06
N ARG L 263 21.55 3.49 -10.34
CA ARG L 263 22.29 2.40 -10.96
C ARG L 263 22.76 2.84 -12.34
N LEU L 264 23.89 2.30 -12.77
CA LEU L 264 24.50 2.72 -14.02
C LEU L 264 23.82 2.06 -15.21
N PRO L 265 23.61 2.78 -16.31
CA PRO L 265 22.98 2.17 -17.49
C PRO L 265 23.98 1.37 -18.30
N THR L 266 23.76 0.06 -18.35
CA THR L 266 24.60 -0.87 -19.08
C THR L 266 23.84 -1.38 -20.30
N PRO L 267 24.50 -2.01 -21.27
CA PRO L 267 23.78 -2.46 -22.48
C PRO L 267 22.68 -3.48 -22.20
N ALA L 268 22.51 -3.86 -20.93
CA ALA L 268 21.44 -4.77 -20.55
C ALA L 268 20.12 -4.05 -20.28
N THR L 269 20.13 -2.71 -20.20
CA THR L 269 19.03 -1.85 -19.82
C THR L 269 18.51 -1.06 -21.01
N PRO L 270 17.25 -0.62 -20.99
CA PRO L 270 16.75 0.22 -22.08
C PRO L 270 17.26 1.66 -22.02
N GLU L 271 17.67 2.14 -20.84
CA GLU L 271 18.17 3.50 -20.73
C GLU L 271 19.43 3.70 -21.55
N PHE L 272 20.36 2.74 -21.46
CA PHE L 272 21.59 2.83 -22.24
C PHE L 272 21.30 2.90 -23.73
N TRP L 273 20.36 2.09 -24.22
CA TRP L 273 20.09 2.08 -25.65
C TRP L 273 19.36 3.33 -26.11
N MET L 274 18.45 3.87 -25.29
CA MET L 274 17.80 5.12 -25.63
C MET L 274 18.80 6.26 -25.69
N LEU L 275 19.64 6.38 -24.66
CA LEU L 275 20.69 7.38 -24.66
C LEU L 275 21.58 7.22 -25.89
N ALA L 276 22.10 6.01 -26.11
CA ALA L 276 22.94 5.73 -27.25
C ALA L 276 22.30 6.22 -28.53
N TYR L 277 21.15 5.66 -28.89
CA TYR L 277 20.51 6.03 -30.15
C TYR L 277 20.30 7.53 -30.21
N PHE L 278 19.43 8.09 -29.38
CA PHE L 278 19.09 9.49 -29.55
C PHE L 278 20.33 10.36 -29.44
N GLY L 279 20.92 10.43 -28.25
CA GLY L 279 22.05 11.30 -28.04
C GLY L 279 23.19 11.05 -29.00
N PHE L 280 23.83 9.88 -28.91
CA PHE L 280 25.03 9.66 -29.71
C PHE L 280 24.71 9.70 -31.20
N TYR L 281 23.79 8.85 -31.66
CA TYR L 281 23.63 8.71 -33.09
C TYR L 281 23.07 9.97 -33.75
N ARG L 282 22.27 10.78 -33.05
CA ARG L 282 21.67 11.91 -33.73
C ARG L 282 22.24 13.25 -33.30
N LYS L 283 23.23 13.27 -32.42
CA LYS L 283 23.83 14.54 -32.03
C LYS L 283 25.32 14.63 -32.29
N VAL L 284 26.10 13.58 -31.99
CA VAL L 284 27.54 13.63 -32.20
C VAL L 284 28.00 12.81 -33.40
N TRP L 285 27.29 11.75 -33.76
CA TRP L 285 27.76 10.90 -34.85
C TRP L 285 27.78 11.60 -36.22
N PRO L 286 26.75 12.36 -36.64
CA PRO L 286 26.82 12.99 -37.96
C PRO L 286 27.96 13.98 -38.13
N ASP L 287 28.75 14.22 -37.09
CA ASP L 287 29.92 15.08 -37.18
C ASP L 287 31.21 14.35 -36.86
N ALA L 288 31.23 13.51 -35.81
CA ALA L 288 32.39 12.68 -35.57
C ALA L 288 32.64 11.72 -36.73
N ALA L 289 31.60 11.41 -37.51
CA ALA L 289 31.78 10.63 -38.72
C ALA L 289 32.67 11.35 -39.71
N ALA L 290 32.38 12.63 -39.95
CA ALA L 290 33.24 13.43 -40.83
C ALA L 290 34.64 13.57 -40.25
N TRP L 291 34.73 13.71 -38.92
CA TRP L 291 36.04 13.82 -38.29
C TRP L 291 36.89 12.58 -38.55
N LEU L 292 36.33 11.39 -38.32
CA LEU L 292 37.10 10.18 -38.58
C LEU L 292 37.32 9.95 -40.06
N GLN L 293 36.39 10.37 -40.91
CA GLN L 293 36.57 10.26 -42.35
C GLN L 293 37.64 11.23 -42.87
N GLY L 294 38.00 12.24 -42.08
CA GLY L 294 39.02 13.17 -42.49
C GLY L 294 40.31 13.11 -41.70
N TYR L 295 40.38 12.29 -40.66
CA TYR L 295 41.57 12.26 -39.80
C TYR L 295 42.17 10.88 -39.56
N VAL L 296 41.38 9.81 -39.53
CA VAL L 296 41.91 8.51 -39.10
C VAL L 296 41.89 7.50 -40.24
N VAL L 297 40.93 7.62 -41.16
CA VAL L 297 40.87 6.71 -42.30
C VAL L 297 42.02 6.94 -43.28
N PRO L 298 42.58 8.16 -43.43
CA PRO L 298 43.74 8.27 -44.33
C PRO L 298 44.93 7.42 -43.87
N LEU L 299 45.10 7.24 -42.56
CA LEU L 299 46.21 6.43 -42.08
C LEU L 299 46.16 5.02 -42.63
N MET L 300 44.99 4.38 -42.56
CA MET L 300 44.83 3.06 -43.14
C MET L 300 44.90 3.12 -44.66
N GLY L 301 44.77 1.94 -45.29
CA GLY L 301 45.01 1.84 -46.72
C GLY L 301 44.08 2.71 -47.55
N PHE L 302 42.78 2.39 -47.55
CA PHE L 302 41.85 3.16 -48.36
C PHE L 302 41.74 4.59 -47.84
N ALA L 303 41.74 5.53 -48.77
CA ALA L 303 41.66 6.95 -48.43
C ALA L 303 40.31 7.28 -47.81
N THR M 261 5.86 -63.13 -65.27
CA THR M 261 6.03 -64.16 -66.27
C THR M 261 4.73 -64.46 -67.01
N SER M 262 4.61 -63.94 -68.24
CA SER M 262 3.45 -64.17 -69.07
C SER M 262 3.73 -65.02 -70.30
N LEU M 263 4.69 -64.62 -71.13
CA LEU M 263 5.15 -65.47 -72.23
C LEU M 263 6.44 -66.16 -71.81
N ASP M 264 6.29 -67.04 -70.84
CA ASP M 264 7.42 -67.77 -70.29
C ASP M 264 7.79 -68.93 -71.21
N GLY M 265 8.53 -69.90 -70.67
CA GLY M 265 9.27 -70.88 -71.44
C GLY M 265 8.63 -71.43 -72.69
N LEU M 266 9.31 -71.19 -73.81
CA LEU M 266 9.04 -71.68 -75.15
C LEU M 266 10.30 -71.34 -75.94
N PRO M 267 10.52 -71.88 -77.13
CA PRO M 267 11.75 -71.60 -77.87
C PRO M 267 12.06 -70.11 -77.95
N GLU M 268 13.35 -69.80 -77.82
CA GLU M 268 13.82 -68.41 -77.80
C GLU M 268 13.62 -67.71 -79.13
N THR M 269 13.33 -68.46 -80.21
CA THR M 269 13.12 -67.84 -81.50
C THR M 269 11.88 -66.95 -81.50
N GLN M 270 10.78 -67.44 -80.94
CA GLN M 270 9.55 -66.65 -80.95
C GLN M 270 9.63 -65.51 -79.95
N LYS M 271 10.35 -65.69 -78.85
CA LYS M 271 10.53 -64.57 -77.94
C LYS M 271 11.43 -63.50 -78.57
N TYR M 272 12.36 -63.92 -79.44
CA TYR M 272 13.20 -62.93 -80.13
C TYR M 272 12.40 -62.20 -81.20
N VAL M 273 11.54 -62.90 -81.92
CA VAL M 273 10.71 -62.20 -82.91
C VAL M 273 9.70 -61.30 -82.21
N TYR M 274 9.27 -61.68 -81.00
CA TYR M 274 8.42 -60.79 -80.22
C TYR M 274 9.20 -59.55 -79.77
N ALA M 275 10.45 -59.74 -79.35
CA ALA M 275 11.30 -58.63 -78.94
C ALA M 275 11.56 -57.68 -80.10
N ASP M 276 11.67 -58.22 -81.32
CA ASP M 276 11.85 -57.35 -82.46
C ASP M 276 10.54 -56.68 -82.88
N GLU M 277 9.40 -57.36 -82.67
CA GLU M 277 8.11 -56.74 -82.96
C GLU M 277 7.84 -55.59 -82.00
N TRP M 278 8.25 -55.73 -80.74
CA TRP M 278 7.98 -54.74 -79.71
C TRP M 278 9.13 -53.76 -79.52
N GLY M 279 10.24 -53.93 -80.24
CA GLY M 279 11.39 -53.10 -80.02
C GLY M 279 12.23 -53.48 -78.82
N PHE M 280 11.93 -54.59 -78.17
CA PHE M 280 12.64 -55.01 -76.97
C PHE M 280 13.97 -55.64 -77.33
N SER M 281 14.97 -55.40 -76.48
CA SER M 281 16.30 -55.97 -76.72
C SER M 281 16.42 -57.40 -76.20
N ARG M 282 15.43 -57.87 -75.45
CA ARG M 282 15.49 -59.19 -74.83
C ARG M 282 14.15 -59.49 -74.19
N VAL M 283 13.87 -60.78 -73.98
CA VAL M 283 12.72 -61.23 -73.19
C VAL M 283 13.23 -62.22 -72.15
N GLY M 284 12.67 -62.13 -70.94
CA GLY M 284 13.21 -62.88 -69.83
C GLY M 284 12.99 -64.37 -69.92
N ALA M 285 13.75 -65.11 -69.10
CA ALA M 285 13.59 -66.54 -68.97
C ALA M 285 12.59 -66.84 -67.86
N ASP M 286 12.52 -68.10 -67.43
CA ASP M 286 11.57 -68.52 -66.41
C ASP M 286 12.10 -68.23 -65.02
N PHE M 287 11.22 -67.76 -64.14
CA PHE M 287 11.60 -67.53 -62.75
C PHE M 287 10.69 -68.35 -61.82
N PRO M 288 11.29 -69.10 -60.90
CA PRO M 288 10.50 -69.93 -59.99
C PRO M 288 10.10 -69.16 -58.75
N PRO M 289 8.98 -69.52 -58.12
CA PRO M 289 8.51 -68.75 -56.96
C PRO M 289 9.42 -68.94 -55.74
N GLY M 290 9.05 -68.23 -54.68
CA GLY M 290 9.77 -68.33 -53.42
C GLY M 290 11.16 -67.74 -53.45
N SER M 291 11.27 -66.43 -53.59
CA SER M 291 12.56 -65.76 -53.56
C SER M 291 12.36 -64.37 -52.98
N HIS M 292 13.48 -63.71 -52.68
CA HIS M 292 13.46 -62.39 -52.08
C HIS M 292 14.30 -61.49 -52.96
N PRO M 293 13.77 -60.36 -53.44
CA PRO M 293 14.56 -59.48 -54.30
C PRO M 293 15.86 -59.01 -53.66
N SER M 294 16.05 -59.20 -52.36
CA SER M 294 17.30 -58.86 -51.71
C SER M 294 18.34 -59.96 -51.79
N LEU M 295 17.97 -61.14 -52.29
CA LEU M 295 18.89 -62.27 -52.38
C LEU M 295 20.14 -61.92 -53.18
N PHE M 296 19.93 -61.58 -54.45
CA PHE M 296 21.02 -61.38 -55.40
C PHE M 296 21.92 -60.20 -55.03
N SER M 297 21.65 -59.51 -53.94
CA SER M 297 22.59 -58.51 -53.46
C SER M 297 23.85 -59.15 -52.88
N GLN M 298 23.80 -60.44 -52.55
CA GLN M 298 24.97 -61.14 -52.03
C GLN M 298 26.03 -61.35 -53.09
N LEU M 299 25.71 -61.14 -54.37
CA LEU M 299 26.67 -61.37 -55.44
C LEU M 299 27.64 -60.20 -55.62
N LEU M 300 27.15 -58.97 -55.45
CA LEU M 300 27.95 -57.80 -55.80
C LEU M 300 29.21 -57.72 -54.93
N PRO M 301 30.32 -57.27 -55.48
CA PRO M 301 31.54 -57.13 -54.67
C PRO M 301 31.34 -56.12 -53.55
N GLN M 302 32.16 -56.25 -52.51
CA GLN M 302 32.06 -55.37 -51.35
C GLN M 302 32.63 -53.98 -51.61
N ALA M 303 32.96 -53.65 -52.87
CA ALA M 303 33.44 -52.30 -53.17
C ALA M 303 32.41 -51.53 -53.99
N LEU M 304 31.32 -52.17 -54.39
CA LEU M 304 30.28 -51.47 -55.16
C LEU M 304 29.45 -50.58 -54.25
N PHE M 305 29.54 -50.76 -52.94
CA PHE M 305 28.87 -49.88 -51.99
C PHE M 305 29.78 -48.81 -51.46
N ALA M 306 30.76 -48.33 -52.22
CA ALA M 306 31.77 -47.41 -51.73
C ALA M 306 31.30 -45.97 -51.84
N PHE M 307 31.92 -45.11 -51.02
CA PHE M 307 31.61 -43.68 -51.05
C PHE M 307 32.83 -42.90 -51.57
N ASP M 308 32.55 -41.89 -52.38
CA ASP M 308 33.59 -41.01 -52.89
C ASP M 308 32.99 -39.66 -53.23
N ALA M 309 33.79 -38.61 -53.08
CA ALA M 309 33.27 -37.25 -53.21
C ALA M 309 33.15 -36.80 -54.66
N ARG M 310 34.13 -37.13 -55.50
CA ARG M 310 34.20 -36.56 -56.84
C ARG M 310 32.99 -36.98 -57.68
N ALA M 311 32.62 -38.26 -57.63
CA ALA M 311 31.51 -38.73 -58.45
C ALA M 311 30.20 -38.04 -58.05
N ALA M 312 29.98 -37.88 -56.75
CA ALA M 312 28.76 -37.23 -56.29
C ALA M 312 28.72 -35.76 -56.69
N VAL M 313 29.83 -35.05 -56.48
CA VAL M 313 29.82 -33.64 -56.84
C VAL M 313 29.66 -33.46 -58.34
N ALA M 314 30.20 -34.39 -59.14
CA ALA M 314 29.95 -34.34 -60.56
C ALA M 314 28.48 -34.58 -60.87
N ALA M 315 27.89 -35.58 -60.21
CA ALA M 315 26.50 -35.93 -60.45
C ALA M 315 25.56 -34.78 -60.07
N VAL M 316 25.98 -33.91 -59.16
CA VAL M 316 25.13 -32.77 -58.80
C VAL M 316 25.44 -31.52 -59.61
N ALA M 317 26.68 -31.32 -60.04
CA ALA M 317 27.09 -30.08 -60.68
C ALA M 317 27.08 -30.13 -62.20
N VAL M 318 26.95 -31.31 -62.81
CA VAL M 318 26.92 -31.41 -64.26
C VAL M 318 25.55 -30.98 -64.79
N PRO M 319 24.44 -31.57 -64.32
CA PRO M 319 23.14 -31.08 -64.79
C PRO M 319 22.86 -29.66 -64.33
N LEU M 320 23.44 -29.27 -63.20
CA LEU M 320 23.40 -27.87 -62.81
C LEU M 320 24.01 -26.98 -63.89
N ALA M 321 25.19 -27.37 -64.40
CA ALA M 321 25.82 -26.59 -65.45
C ALA M 321 25.01 -26.62 -66.73
N ALA M 322 24.37 -27.74 -67.03
CA ALA M 322 23.47 -27.79 -68.19
C ALA M 322 22.36 -26.77 -68.07
N MET M 323 21.66 -26.78 -66.92
CA MET M 323 20.59 -25.82 -66.70
C MET M 323 21.09 -24.39 -66.76
N ALA M 324 22.27 -24.14 -66.18
CA ALA M 324 22.81 -22.78 -66.15
C ALA M 324 23.16 -22.31 -67.55
N ALA M 325 23.72 -23.19 -68.37
CA ALA M 325 24.02 -22.85 -69.75
C ALA M 325 22.74 -22.52 -70.50
N GLY M 326 21.69 -23.35 -70.32
CA GLY M 326 20.44 -23.07 -70.97
C GLY M 326 19.84 -21.74 -70.56
N TYR M 327 19.78 -21.48 -69.26
CA TYR M 327 19.25 -20.17 -68.81
C TYR M 327 20.12 -19.05 -69.42
N GLY M 328 21.44 -19.09 -69.24
CA GLY M 328 22.25 -18.02 -69.77
C GLY M 328 22.00 -17.77 -71.25
N TRP M 329 21.90 -18.86 -72.02
CA TRP M 329 21.57 -18.75 -73.43
C TRP M 329 20.22 -18.07 -73.64
N LEU M 330 19.24 -18.40 -72.79
CA LEU M 330 17.93 -17.80 -72.95
C LEU M 330 17.95 -16.32 -72.56
N TRP M 331 18.40 -16.01 -71.34
CA TRP M 331 18.43 -14.63 -70.88
C TRP M 331 19.30 -13.75 -71.77
N TYR M 332 20.22 -14.36 -72.51
CA TYR M 332 20.98 -13.61 -73.51
C TYR M 332 20.08 -13.04 -74.59
N MET M 333 19.02 -13.77 -74.94
CA MET M 333 18.08 -13.36 -75.98
C MET M 333 16.65 -13.61 -75.51
N HIS M 334 16.33 -13.06 -74.33
CA HIS M 334 15.22 -13.50 -73.49
C HIS M 334 13.98 -13.95 -74.24
N SER M 335 13.40 -13.09 -75.07
CA SER M 335 12.16 -13.42 -75.76
C SER M 335 12.21 -13.21 -77.27
N ILE M 336 13.33 -12.73 -77.81
CA ILE M 336 13.44 -12.54 -79.26
C ILE M 336 13.78 -13.84 -79.98
N ALA M 337 13.95 -14.95 -79.27
CA ALA M 337 14.27 -16.22 -79.88
C ALA M 337 13.07 -16.80 -80.61
N PRO M 338 13.30 -17.59 -81.66
CA PRO M 338 12.19 -18.27 -82.33
C PRO M 338 11.65 -19.44 -81.52
N VAL M 339 10.73 -20.21 -82.10
CA VAL M 339 10.05 -21.25 -81.33
C VAL M 339 10.95 -22.44 -81.05
N TRP M 340 11.69 -22.93 -82.05
CA TRP M 340 12.46 -24.15 -81.86
C TRP M 340 13.72 -23.91 -81.04
N GLN M 341 14.30 -22.71 -81.09
CA GLN M 341 15.36 -22.38 -80.16
C GLN M 341 14.86 -22.41 -78.73
N GLN M 342 13.67 -21.84 -78.49
CA GLN M 342 13.05 -21.93 -77.18
C GLN M 342 12.83 -23.37 -76.77
N ALA M 343 12.40 -24.22 -77.70
CA ALA M 343 12.19 -25.62 -77.39
C ALA M 343 13.51 -26.30 -77.02
N LEU M 344 14.59 -25.95 -77.71
CA LEU M 344 15.90 -26.51 -77.38
C LEU M 344 16.32 -26.13 -75.97
N CYS M 345 16.21 -24.85 -75.63
CA CYS M 345 16.58 -24.44 -74.27
C CYS M 345 15.70 -25.08 -73.22
N ALA M 346 14.40 -25.20 -73.50
CA ALA M 346 13.49 -25.85 -72.55
C ALA M 346 13.89 -27.30 -72.33
N ALA M 347 14.17 -28.03 -73.42
CA ALA M 347 14.58 -29.43 -73.29
C ALA M 347 15.87 -29.56 -72.51
N LEU M 348 16.84 -28.68 -72.77
CA LEU M 348 18.11 -28.75 -72.08
C LEU M 348 17.95 -28.52 -70.59
N ILE M 349 17.18 -27.49 -70.22
CA ILE M 349 16.98 -27.18 -68.81
C ILE M 349 16.19 -28.29 -68.12
N GLY M 350 15.19 -28.84 -68.80
CA GLY M 350 14.42 -29.91 -68.21
C GLY M 350 15.24 -31.15 -67.99
N THR M 351 16.18 -31.43 -68.89
CA THR M 351 17.05 -32.60 -68.71
C THR M 351 18.02 -32.38 -67.55
N GLY M 352 18.62 -31.19 -67.46
CA GLY M 352 19.44 -30.88 -66.30
C GLY M 352 18.66 -31.00 -65.00
N TYR M 353 17.40 -30.58 -65.00
CA TYR M 353 16.63 -30.69 -63.77
C TYR M 353 16.22 -32.13 -63.49
N ALA M 354 15.97 -32.94 -64.51
CA ALA M 354 15.74 -34.35 -64.25
C ALA M 354 16.95 -34.99 -63.58
N GLY M 355 18.15 -34.59 -63.98
CA GLY M 355 19.34 -35.11 -63.31
C GLY M 355 19.40 -34.68 -61.86
N LEU M 356 19.20 -33.38 -61.60
CA LEU M 356 19.18 -32.91 -60.22
C LEU M 356 18.09 -33.59 -59.39
N PHE M 357 16.96 -33.89 -60.04
CA PHE M 357 15.86 -34.54 -59.34
C PHE M 357 16.18 -36.00 -59.02
N LYS M 358 16.96 -36.68 -59.87
CA LYS M 358 17.41 -38.01 -59.49
C LYS M 358 18.37 -37.95 -58.31
N VAL M 359 19.22 -36.92 -58.25
CA VAL M 359 20.04 -36.76 -57.04
C VAL M 359 19.14 -36.59 -55.82
N ALA M 360 18.06 -35.79 -55.97
CA ALA M 360 17.09 -35.64 -54.89
C ALA M 360 16.52 -36.99 -54.47
N HIS M 361 15.96 -37.74 -55.42
CA HIS M 361 15.38 -39.05 -55.14
C HIS M 361 16.39 -39.99 -54.53
N GLU M 362 17.68 -39.75 -54.75
CA GLU M 362 18.70 -40.53 -54.06
C GLU M 362 18.76 -40.16 -52.59
N CYS M 363 18.90 -38.86 -52.29
CA CYS M 363 19.00 -38.48 -50.88
C CYS M 363 17.69 -38.67 -50.13
N ALA M 364 16.57 -38.87 -50.83
CA ALA M 364 15.32 -39.19 -50.15
C ALA M 364 15.34 -40.59 -49.56
N MET M 365 15.95 -41.55 -50.26
CA MET M 365 16.10 -42.90 -49.73
C MET M 365 17.36 -43.06 -48.89
N MET M 366 18.02 -41.97 -48.52
CA MET M 366 19.09 -41.96 -47.52
C MET M 366 20.35 -42.67 -48.03
N ARG M 367 20.46 -42.86 -49.35
CA ARG M 367 21.61 -43.57 -49.89
C ARG M 367 22.52 -42.69 -50.73
N PHE M 368 22.46 -41.37 -50.56
CA PHE M 368 23.31 -40.46 -51.31
C PHE M 368 24.58 -40.08 -50.54
N ILE M 369 24.41 -39.48 -49.37
CA ILE M 369 25.54 -39.25 -48.46
C ILE M 369 25.08 -39.63 -47.06
N PRO M 370 25.08 -40.93 -46.71
CA PRO M 370 24.68 -41.31 -45.34
C PRO M 370 25.58 -40.74 -44.27
N GLN M 371 26.71 -40.12 -44.63
CA GLN M 371 27.60 -39.54 -43.64
C GLN M 371 26.97 -38.31 -42.97
N MET M 372 26.28 -37.49 -43.77
CA MET M 372 25.57 -36.33 -43.25
C MET M 372 24.08 -36.50 -43.52
N PRO M 373 23.30 -37.03 -42.59
CA PRO M 373 21.87 -37.22 -42.85
C PRO M 373 21.11 -35.91 -42.91
N GLY M 374 21.48 -34.96 -42.06
CA GLY M 374 20.79 -33.68 -42.06
C GLY M 374 21.07 -32.88 -43.32
N LEU M 375 22.34 -32.76 -43.69
CA LEU M 375 22.69 -32.05 -44.90
C LEU M 375 22.06 -32.70 -46.12
N GLN M 376 22.01 -34.03 -46.16
CA GLN M 376 21.43 -34.67 -47.34
C GLN M 376 19.91 -34.53 -47.38
N ALA M 377 19.24 -34.53 -46.22
CA ALA M 377 17.81 -34.29 -46.21
C ALA M 377 17.50 -32.86 -46.66
N ALA M 378 18.31 -31.90 -46.20
CA ALA M 378 18.13 -30.51 -46.62
C ALA M 378 18.37 -30.37 -48.12
N LEU M 379 19.37 -31.07 -48.65
CA LEU M 379 19.62 -31.02 -50.08
C LEU M 379 18.46 -31.61 -50.86
N GLY M 380 17.93 -32.74 -50.41
CA GLY M 380 16.78 -33.33 -51.10
C GLY M 380 15.57 -32.42 -51.09
N THR M 381 15.31 -31.77 -49.95
CA THR M 381 14.19 -30.85 -49.86
C THR M 381 14.38 -29.66 -50.79
N LEU M 382 15.57 -29.05 -50.76
CA LEU M 382 15.85 -27.91 -51.60
C LEU M 382 15.71 -28.25 -53.08
N LEU M 383 16.19 -29.43 -53.49
CA LEU M 383 16.14 -29.77 -54.90
C LEU M 383 14.79 -30.27 -55.35
N MET M 384 13.97 -30.78 -54.43
CA MET M 384 12.61 -31.16 -54.77
C MET M 384 11.69 -29.96 -54.85
N ALA M 385 11.98 -28.90 -54.08
CA ALA M 385 11.12 -27.72 -54.05
C ALA M 385 10.76 -27.18 -55.43
N PRO M 386 11.70 -26.86 -56.33
CA PRO M 386 11.33 -26.20 -57.59
C PRO M 386 10.37 -26.99 -58.46
N ALA M 387 10.22 -28.29 -58.22
CA ALA M 387 9.26 -29.09 -58.95
C ALA M 387 7.96 -29.28 -58.21
N LEU M 388 7.83 -28.67 -57.02
CA LEU M 388 6.63 -28.74 -56.19
C LEU M 388 6.40 -30.17 -55.69
N TYR M 389 7.43 -30.74 -55.09
CA TYR M 389 7.38 -32.10 -54.55
C TYR M 389 7.84 -32.10 -53.11
N SER M 390 7.06 -32.77 -52.26
CA SER M 390 7.37 -32.92 -50.85
C SER M 390 8.19 -34.18 -50.64
N LEU M 391 9.31 -34.03 -49.95
CA LEU M 391 10.22 -35.16 -49.79
C LEU M 391 9.59 -36.35 -49.06
N PRO M 392 8.94 -36.18 -47.90
CA PRO M 392 8.47 -37.37 -47.18
C PRO M 392 7.30 -38.07 -47.84
N SER M 393 6.39 -37.35 -48.48
CA SER M 393 5.33 -38.03 -49.22
C SER M 393 5.91 -38.83 -50.38
N TRP M 394 6.94 -38.30 -51.02
CA TRP M 394 7.61 -39.04 -52.08
C TRP M 394 8.25 -40.31 -51.53
N ARG M 395 8.92 -40.21 -50.39
CA ARG M 395 9.57 -41.39 -49.83
C ARG M 395 8.55 -42.45 -49.43
N LEU M 396 7.46 -42.03 -48.78
CA LEU M 396 6.41 -42.97 -48.44
C LEU M 396 5.85 -43.66 -49.67
N HIS M 397 5.54 -42.88 -50.71
CA HIS M 397 4.96 -43.48 -51.91
C HIS M 397 5.95 -44.40 -52.62
N HIS M 398 7.24 -44.10 -52.57
CA HIS M 398 8.20 -44.97 -53.25
C HIS M 398 8.39 -46.28 -52.50
N LEU M 399 8.46 -46.24 -51.17
CA LEU M 399 8.50 -47.50 -50.43
C LEU M 399 7.22 -48.30 -50.65
N HIS M 400 6.07 -47.62 -50.64
CA HIS M 400 4.82 -48.32 -50.89
C HIS M 400 4.78 -48.91 -52.29
N HIS M 401 5.54 -48.32 -53.22
CA HIS M 401 5.67 -48.92 -54.53
C HIS M 401 6.53 -50.18 -54.48
N LEU M 402 7.76 -50.05 -53.99
CA LEU M 402 8.66 -51.20 -53.84
C LEU M 402 7.98 -52.39 -53.18
N LEU M 403 7.13 -52.16 -52.18
CA LEU M 403 6.51 -53.28 -51.48
C LEU M 403 5.48 -54.00 -52.33
N HIS M 404 4.78 -53.31 -53.22
CA HIS M 404 3.68 -53.91 -53.97
C HIS M 404 3.99 -53.98 -55.47
N THR M 405 5.26 -54.07 -55.82
CA THR M 405 5.68 -53.95 -57.22
C THR M 405 4.90 -54.90 -58.10
N ASN M 406 4.19 -54.35 -59.08
CA ASN M 406 3.41 -55.09 -60.07
C ASN M 406 2.28 -55.90 -59.45
N MET M 407 1.72 -55.47 -58.33
CA MET M 407 0.59 -56.17 -57.71
C MET M 407 -0.70 -55.48 -58.13
N LEU M 408 -1.75 -56.27 -58.34
CA LEU M 408 -3.01 -55.71 -58.79
C LEU M 408 -3.80 -55.13 -57.63
N TRP M 409 -4.50 -54.02 -57.87
CA TRP M 409 -5.28 -53.28 -56.90
C TRP M 409 -4.45 -52.78 -55.72
N GLN M 410 -3.13 -52.85 -55.78
CA GLN M 410 -2.34 -52.51 -54.61
C GLN M 410 -1.27 -51.47 -54.89
N ASP M 411 -0.64 -51.50 -56.06
CA ASP M 411 0.38 -50.50 -56.40
C ASP M 411 -0.26 -49.39 -57.23
N VAL M 412 -0.77 -48.38 -56.53
CA VAL M 412 -1.34 -47.22 -57.19
C VAL M 412 -0.35 -46.08 -57.29
N TRP M 413 0.81 -46.18 -56.66
CA TRP M 413 1.86 -45.20 -56.80
C TRP M 413 2.89 -45.59 -57.86
N GLY M 414 2.49 -46.47 -58.78
CA GLY M 414 3.24 -46.74 -59.98
C GLY M 414 2.32 -46.57 -61.18
N TRP M 415 2.56 -47.31 -62.26
CA TRP M 415 1.69 -47.24 -63.43
C TRP M 415 0.63 -48.34 -63.36
N HIS M 416 -0.31 -48.18 -62.45
CA HIS M 416 -1.37 -49.16 -62.31
C HIS M 416 -2.16 -49.26 -63.61
N PRO M 417 -2.22 -50.42 -64.24
CA PRO M 417 -2.93 -50.54 -65.51
C PRO M 417 -4.44 -50.59 -65.31
N LEU M 418 -5.16 -50.20 -66.34
CA LEU M 418 -6.63 -50.22 -66.30
C LEU M 418 -7.11 -51.56 -66.84
N THR M 419 -7.92 -52.26 -66.04
CA THR M 419 -8.32 -53.61 -66.40
C THR M 419 -9.68 -53.62 -67.08
N LYS M 420 -10.19 -54.83 -67.33
CA LYS M 420 -11.33 -55.01 -68.22
C LYS M 420 -12.66 -54.99 -67.47
N VAL M 421 -12.77 -55.77 -66.39
CA VAL M 421 -14.04 -55.84 -65.66
C VAL M 421 -14.41 -54.48 -65.09
N GLU M 422 -13.42 -53.74 -64.59
CA GLU M 422 -13.69 -52.40 -64.09
C GLU M 422 -14.16 -51.46 -65.21
N LEU M 423 -13.62 -51.60 -66.42
CA LEU M 423 -14.06 -50.71 -67.49
C LEU M 423 -15.47 -51.06 -67.93
N ALA M 424 -15.83 -52.35 -67.90
CA ALA M 424 -17.22 -52.72 -68.16
C ALA M 424 -18.14 -52.19 -67.06
N ASP M 425 -17.69 -52.24 -65.81
CA ASP M 425 -18.47 -51.67 -64.71
C ASP M 425 -18.72 -50.19 -64.93
N GLU M 426 -17.68 -49.44 -65.30
CA GLU M 426 -17.86 -48.02 -65.59
C GLU M 426 -18.73 -47.80 -66.82
N MET M 427 -18.60 -48.68 -67.82
CA MET M 427 -19.46 -48.63 -69.00
C MET M 427 -20.93 -48.69 -68.61
N VAL M 428 -21.28 -49.59 -67.69
CA VAL M 428 -22.67 -49.68 -67.25
C VAL M 428 -23.01 -48.52 -66.32
N ARG M 429 -22.08 -48.10 -65.47
CA ARG M 429 -22.32 -47.05 -64.49
C ARG M 429 -22.53 -45.68 -65.12
N SER M 430 -21.97 -45.44 -66.31
CA SER M 430 -22.17 -44.18 -67.01
C SER M 430 -23.32 -44.23 -67.99
N GLY M 431 -23.82 -45.43 -68.30
CA GLY M 431 -24.90 -45.59 -69.26
C GLY M 431 -24.42 -45.33 -70.68
N GLY M 432 -23.31 -45.97 -71.04
CA GLY M 432 -22.71 -45.78 -72.34
C GLY M 432 -21.35 -45.11 -72.25
N SER M 433 -20.67 -45.08 -73.41
CA SER M 433 -19.35 -44.49 -73.52
C SER M 433 -19.40 -43.01 -73.87
N GLY M 434 -20.50 -42.32 -73.54
CA GLY M 434 -20.66 -40.93 -73.91
C GLY M 434 -20.59 -39.98 -72.74
N GLY M 435 -20.33 -40.50 -71.55
CA GLY M 435 -20.15 -39.66 -70.39
C GLY M 435 -18.78 -39.01 -70.37
N ALA M 436 -18.58 -38.14 -69.38
CA ALA M 436 -17.32 -37.42 -69.25
C ALA M 436 -16.18 -38.38 -68.89
N ALA M 437 -16.46 -39.35 -68.02
CA ALA M 437 -15.41 -40.24 -67.53
C ALA M 437 -14.78 -41.05 -68.66
N MET M 438 -15.63 -41.69 -69.48
CA MET M 438 -15.11 -42.53 -70.55
C MET M 438 -14.33 -41.73 -71.58
N ALA M 439 -14.86 -40.56 -71.95
CA ALA M 439 -14.15 -39.70 -72.90
C ALA M 439 -12.81 -39.25 -72.33
N ALA M 440 -12.78 -38.93 -71.03
CA ALA M 440 -11.53 -38.51 -70.40
C ALA M 440 -10.51 -39.63 -70.42
N ALA M 441 -10.92 -40.83 -70.02
CA ALA M 441 -10.02 -41.98 -70.05
C ALA M 441 -9.47 -42.20 -71.46
N ARG M 442 -10.35 -42.19 -72.46
CA ARG M 442 -9.91 -42.39 -73.83
C ARG M 442 -8.86 -41.34 -74.21
N LEU M 443 -9.22 -40.06 -74.11
CA LEU M 443 -8.31 -39.01 -74.54
C LEU M 443 -7.00 -39.00 -73.76
N VAL M 444 -6.98 -39.50 -72.53
CA VAL M 444 -5.74 -39.47 -71.76
C VAL M 444 -4.85 -40.65 -72.08
N LEU M 445 -5.43 -41.81 -72.39
CA LEU M 445 -4.63 -43.00 -72.67
C LEU M 445 -4.45 -43.28 -74.17
N THR M 446 -4.83 -42.34 -75.06
CA THR M 446 -4.66 -42.56 -76.49
C THR M 446 -3.72 -41.60 -77.19
N THR M 447 -3.59 -40.37 -76.74
CA THR M 447 -2.76 -39.37 -77.38
C THR M 447 -1.46 -39.17 -76.61
N PRO M 448 -0.43 -38.58 -77.24
CA PRO M 448 0.87 -38.43 -76.57
C PRO M 448 0.83 -37.69 -75.24
N ILE M 449 -0.31 -37.12 -74.84
CA ILE M 449 -0.43 -36.57 -73.49
C ILE M 449 -0.25 -37.64 -72.43
N LYS M 450 -0.42 -38.91 -72.80
CA LYS M 450 -0.08 -40.00 -71.90
C LYS M 450 1.37 -39.91 -71.45
N LEU M 451 2.25 -39.44 -72.32
CA LEU M 451 3.66 -39.31 -72.00
C LEU M 451 3.89 -38.23 -70.94
N PHE M 452 2.82 -37.54 -70.55
CA PHE M 452 2.89 -36.54 -69.49
C PHE M 452 1.97 -36.88 -68.33
N ALA M 453 1.42 -38.10 -68.30
CA ALA M 453 0.49 -38.48 -67.25
C ALA M 453 1.08 -38.36 -65.86
N SER M 454 2.42 -38.28 -65.73
CA SER M 454 3.01 -38.06 -64.43
C SER M 454 2.49 -36.81 -63.75
N VAL M 455 2.02 -35.83 -64.54
CA VAL M 455 1.41 -34.63 -63.96
C VAL M 455 0.28 -35.02 -63.01
N GLY M 456 -0.57 -35.97 -63.42
CA GLY M 456 -1.62 -36.43 -62.54
C GLY M 456 -1.08 -37.01 -61.24
N HIS M 457 0.03 -37.73 -61.33
CA HIS M 457 0.68 -38.22 -60.12
C HIS M 457 1.04 -37.07 -59.19
N TRP M 458 1.49 -35.95 -59.76
CA TRP M 458 1.83 -34.80 -58.93
C TRP M 458 0.61 -34.26 -58.21
N LEU M 459 -0.59 -34.46 -58.77
CA LEU M 459 -1.79 -34.01 -58.10
C LEU M 459 -2.30 -35.05 -57.10
N ARG M 460 -1.72 -36.24 -57.10
CA ARG M 460 -2.13 -37.24 -56.13
C ARG M 460 -1.23 -37.25 -54.90
N SER M 461 -0.05 -36.65 -54.98
CA SER M 461 0.59 -36.16 -53.77
C SER M 461 -0.31 -35.07 -53.18
N TRP M 462 0.06 -34.57 -52.00
CA TRP M 462 -0.85 -33.72 -51.24
C TRP M 462 -2.16 -34.47 -50.99
N ASP M 463 -2.08 -35.48 -50.14
CA ASP M 463 -3.17 -36.44 -50.06
C ASP M 463 -4.40 -35.74 -49.49
N GLY M 464 -5.01 -34.89 -50.30
CA GLY M 464 -6.01 -33.96 -49.83
C GLY M 464 -5.49 -32.90 -48.90
N LEU M 465 -4.17 -32.75 -48.77
CA LEU M 465 -3.55 -31.92 -47.75
C LEU M 465 -4.13 -32.25 -46.38
N ASP M 466 -4.05 -33.51 -46.02
CA ASP M 466 -4.81 -34.08 -44.90
C ASP M 466 -3.87 -34.91 -44.05
N LEU M 467 -3.65 -34.47 -42.81
CA LEU M 467 -2.78 -35.22 -41.91
C LEU M 467 -3.45 -36.46 -41.35
N ARG M 468 -4.71 -36.72 -41.68
CA ARG M 468 -5.38 -37.90 -41.17
C ARG M 468 -5.00 -39.17 -41.93
N HIS M 469 -4.08 -39.07 -42.88
CA HIS M 469 -3.56 -40.21 -43.60
C HIS M 469 -2.25 -40.72 -43.05
N PHE M 470 -1.72 -40.10 -42.00
CA PHE M 470 -0.37 -40.35 -41.56
C PHE M 470 -0.35 -40.75 -40.10
N HIS M 471 0.85 -41.00 -39.59
CA HIS M 471 1.03 -41.40 -38.21
C HIS M 471 1.27 -40.17 -37.35
N PRO M 472 0.52 -40.00 -36.26
CA PRO M 472 0.63 -38.75 -35.47
C PRO M 472 2.03 -38.33 -35.11
N ALA M 473 2.90 -39.26 -34.74
CA ALA M 473 4.25 -38.92 -34.33
C ALA M 473 5.07 -38.37 -35.48
N SER M 474 4.45 -38.24 -36.66
CA SER M 474 5.12 -37.69 -37.83
C SER M 474 4.56 -36.36 -38.30
N TYR M 475 3.54 -35.82 -37.63
CA TYR M 475 2.83 -34.65 -38.17
C TYR M 475 3.79 -33.50 -38.43
N VAL M 476 4.59 -33.13 -37.43
CA VAL M 476 5.45 -31.95 -37.57
C VAL M 476 6.45 -32.13 -38.69
N GLU M 477 6.75 -33.37 -39.07
CA GLU M 477 7.65 -33.58 -40.20
C GLU M 477 6.93 -33.53 -41.53
N VAL M 478 5.69 -34.00 -41.59
CA VAL M 478 4.97 -34.01 -42.85
C VAL M 478 4.62 -32.59 -43.27
N LEU M 479 4.19 -31.76 -42.32
CA LEU M 479 3.83 -30.39 -42.61
C LEU M 479 5.02 -29.60 -43.14
N SER M 480 6.16 -29.68 -42.46
CA SER M 480 7.36 -29.05 -43.00
C SER M 480 7.66 -29.55 -44.40
N GLY M 481 7.34 -30.82 -44.67
CA GLY M 481 7.52 -31.33 -46.01
C GLY M 481 6.63 -30.63 -47.03
N TRP M 482 5.40 -30.30 -46.63
CA TRP M 482 4.54 -29.52 -47.51
C TRP M 482 4.89 -28.05 -47.50
N ALA M 483 5.87 -27.63 -46.71
CA ALA M 483 6.19 -26.22 -46.60
C ALA M 483 7.10 -25.72 -47.70
N ALA M 484 8.19 -26.43 -47.97
CA ALA M 484 9.17 -26.03 -48.97
C ALA M 484 8.56 -25.92 -50.36
N PRO M 485 7.71 -26.87 -50.80
CA PRO M 485 6.99 -26.62 -52.07
C PRO M 485 6.13 -25.37 -52.02
N LEU M 486 5.20 -25.30 -51.07
CA LEU M 486 4.29 -24.17 -50.99
C LEU M 486 5.05 -22.85 -50.95
N ALA M 487 5.99 -22.72 -50.02
CA ALA M 487 6.78 -21.50 -49.93
C ALA M 487 7.33 -21.11 -51.29
N PHE M 488 7.87 -22.07 -52.03
CA PHE M 488 8.35 -21.78 -53.38
C PHE M 488 7.25 -21.17 -54.23
N ALA M 489 6.15 -21.87 -54.39
CA ALA M 489 5.06 -21.40 -55.23
C ALA M 489 4.36 -20.22 -54.58
N GLY M 490 4.90 -19.72 -53.48
CA GLY M 490 4.33 -18.56 -52.83
C GLY M 490 5.27 -17.38 -52.93
N LEU M 491 6.56 -17.64 -53.09
CA LEU M 491 7.55 -16.58 -53.14
C LEU M 491 8.17 -16.43 -54.52
N VAL M 492 8.72 -17.50 -55.09
CA VAL M 492 9.47 -17.38 -56.32
C VAL M 492 8.54 -17.23 -57.52
N LEU M 493 7.52 -18.08 -57.62
CA LEU M 493 6.60 -18.02 -58.75
C LEU M 493 6.01 -16.62 -58.95
N PRO M 494 5.65 -15.88 -57.91
CA PRO M 494 5.26 -14.48 -58.14
C PRO M 494 6.38 -13.64 -58.72
N ALA M 495 7.54 -13.62 -58.06
CA ALA M 495 8.67 -12.81 -58.52
C ALA M 495 8.88 -12.95 -60.02
N VAL M 496 9.04 -14.19 -60.49
CA VAL M 496 9.24 -14.45 -61.91
C VAL M 496 8.18 -13.72 -62.73
N VAL M 497 6.90 -14.00 -62.45
CA VAL M 497 5.82 -13.34 -63.18
C VAL M 497 5.99 -11.83 -63.10
N SER M 498 6.23 -11.31 -61.89
CA SER M 498 6.39 -9.88 -61.71
C SER M 498 7.45 -9.32 -62.64
N ALA M 499 8.55 -10.05 -62.81
CA ALA M 499 9.65 -9.59 -63.63
C ALA M 499 9.64 -10.17 -65.03
N GLY M 500 8.61 -10.92 -65.41
CA GLY M 500 8.66 -11.48 -66.75
C GLY M 500 7.36 -11.48 -67.53
N GLY M 501 6.26 -11.14 -66.89
CA GLY M 501 4.97 -11.23 -67.56
C GLY M 501 4.57 -12.64 -67.94
N LEU M 502 3.33 -12.82 -68.40
CA LEU M 502 2.79 -14.15 -68.64
C LEU M 502 3.70 -14.97 -69.54
N SER M 503 4.05 -14.43 -70.70
CA SER M 503 4.95 -15.13 -71.60
C SER M 503 6.27 -15.46 -70.91
N GLY M 504 6.86 -14.48 -70.22
CA GLY M 504 8.11 -14.69 -69.52
C GLY M 504 8.00 -15.74 -68.44
N PHE M 505 6.80 -16.22 -68.16
CA PHE M 505 6.55 -17.34 -67.25
C PHE M 505 6.43 -18.65 -68.01
N VAL M 506 5.71 -18.64 -69.14
CA VAL M 506 5.61 -19.84 -69.96
C VAL M 506 6.96 -20.23 -70.55
N SER M 507 7.97 -19.38 -70.42
CA SER M 507 9.27 -19.67 -70.98
C SER M 507 10.26 -20.21 -69.97
N CYS M 508 10.50 -19.47 -68.89
CA CYS M 508 11.57 -19.84 -67.96
C CYS M 508 11.13 -20.83 -66.89
N TYR M 509 9.83 -21.07 -66.73
CA TYR M 509 9.39 -22.06 -65.76
C TYR M 509 8.59 -23.20 -66.37
N LEU M 510 7.50 -22.91 -67.07
CA LEU M 510 6.53 -23.97 -67.39
C LEU M 510 7.09 -25.00 -68.36
N ALA M 511 7.90 -24.57 -69.33
CA ALA M 511 8.41 -25.53 -70.30
C ALA M 511 9.42 -26.49 -69.69
N PRO M 512 10.43 -26.06 -68.92
CA PRO M 512 11.28 -27.05 -68.25
C PRO M 512 10.49 -27.96 -67.32
N TRP M 513 9.38 -27.45 -66.76
CA TRP M 513 8.51 -28.29 -65.95
C TRP M 513 7.92 -29.42 -66.78
N LEU M 514 7.36 -29.09 -67.95
CA LEU M 514 6.79 -30.14 -68.79
C LEU M 514 7.86 -31.09 -69.30
N VAL M 515 9.08 -30.60 -69.51
CA VAL M 515 10.16 -31.49 -69.91
C VAL M 515 10.48 -32.50 -68.81
N PHE M 516 10.68 -32.02 -67.59
CA PHE M 516 10.99 -32.91 -66.48
C PHE M 516 9.86 -33.92 -66.25
N HIS M 517 8.62 -33.48 -66.40
CA HIS M 517 7.52 -34.41 -66.21
C HIS M 517 7.44 -35.45 -67.33
N PHE M 518 7.75 -35.05 -68.56
CA PHE M 518 7.89 -36.02 -69.64
C PHE M 518 8.92 -37.08 -69.29
N TRP M 519 10.12 -36.63 -68.89
CA TRP M 519 11.19 -37.58 -68.59
C TRP M 519 10.78 -38.55 -67.51
N LEU M 520 10.22 -38.03 -66.41
CA LEU M 520 9.74 -38.88 -65.32
C LEU M 520 8.72 -39.91 -65.81
N SER M 521 7.69 -39.43 -66.52
CA SER M 521 6.60 -40.32 -66.91
C SER M 521 7.10 -41.42 -67.83
N VAL M 522 7.93 -41.07 -68.81
CA VAL M 522 8.39 -42.08 -69.77
C VAL M 522 9.34 -43.06 -69.09
N LEU M 523 10.20 -42.57 -68.19
CA LEU M 523 11.08 -43.49 -67.47
C LEU M 523 10.27 -44.55 -66.76
N SER M 524 9.30 -44.13 -65.95
CA SER M 524 8.51 -45.11 -65.20
C SER M 524 7.72 -46.01 -66.14
N LEU M 525 7.00 -45.42 -67.09
CA LEU M 525 6.11 -46.17 -67.97
C LEU M 525 6.86 -47.25 -68.74
N THR M 526 8.07 -46.94 -69.20
CA THR M 526 8.84 -47.94 -69.92
C THR M 526 9.57 -48.87 -68.98
N ALA M 527 9.77 -48.49 -67.72
CA ALA M 527 10.48 -49.37 -66.80
C ALA M 527 9.59 -50.52 -66.34
N HIS M 528 8.29 -50.27 -66.15
CA HIS M 528 7.47 -51.30 -65.54
C HIS M 528 6.25 -51.70 -66.37
N THR M 529 6.23 -51.43 -67.67
CA THR M 529 5.13 -51.87 -68.51
C THR M 529 5.69 -52.61 -69.71
N ALA M 530 5.03 -53.71 -70.08
CA ALA M 530 5.40 -54.55 -71.21
C ALA M 530 4.32 -55.61 -71.38
N PRO M 531 4.18 -56.17 -72.59
CA PRO M 531 3.15 -57.20 -72.77
C PRO M 531 3.54 -58.55 -72.19
N HIS M 532 4.83 -58.81 -72.03
CA HIS M 532 5.29 -60.06 -71.43
C HIS M 532 5.37 -59.99 -69.92
N ILE M 533 4.71 -59.01 -69.30
CA ILE M 533 4.70 -58.84 -67.86
C ILE M 533 3.24 -58.88 -67.39
N PRO M 534 2.84 -59.89 -66.63
CA PRO M 534 1.46 -59.95 -66.13
C PRO M 534 1.32 -59.16 -64.83
N TRP M 535 0.08 -58.81 -64.52
CA TRP M 535 -0.25 -58.07 -63.30
C TRP M 535 -1.21 -58.93 -62.48
N ARG M 536 -0.66 -59.75 -61.60
CA ARG M 536 -1.46 -60.65 -60.77
C ARG M 536 -1.82 -59.98 -59.47
N ALA M 537 -3.02 -60.30 -58.96
CA ALA M 537 -3.36 -59.97 -57.59
C ALA M 537 -2.82 -61.05 -56.66
N GLU M 538 -2.28 -60.62 -55.50
CA GLU M 538 -1.62 -61.54 -54.61
C GLU M 538 -2.62 -62.45 -53.92
N GLY M 539 -2.25 -63.71 -53.75
CA GLY M 539 -3.17 -64.79 -53.46
C GLY M 539 -3.49 -65.53 -54.74
N ASP M 540 -3.70 -64.78 -55.83
CA ASP M 540 -3.82 -65.37 -57.16
C ASP M 540 -2.49 -65.37 -57.90
N GLY M 541 -1.44 -65.87 -57.25
CA GLY M 541 -0.17 -66.04 -57.91
C GLY M 541 0.72 -64.82 -57.97
N TRP M 542 1.07 -64.23 -56.82
CA TRP M 542 2.06 -63.17 -56.81
C TRP M 542 3.32 -63.63 -56.07
N ASP M 543 4.45 -62.97 -56.37
CA ASP M 543 5.69 -63.26 -55.69
C ASP M 543 6.61 -62.06 -55.77
N ALA M 544 7.41 -61.86 -54.72
CA ALA M 544 8.24 -60.68 -54.61
C ALA M 544 9.38 -60.69 -55.63
N GLY M 545 10.27 -61.69 -55.55
CA GLY M 545 11.37 -61.77 -56.49
C GLY M 545 10.91 -61.91 -57.93
N ARG M 546 9.82 -62.65 -58.15
CA ARG M 546 9.30 -62.82 -59.50
C ARG M 546 8.82 -61.50 -60.09
N ALA M 547 7.84 -60.86 -59.45
CA ALA M 547 7.31 -59.60 -59.97
C ALA M 547 8.35 -58.49 -59.89
N ALA M 548 9.44 -58.70 -59.18
CA ALA M 548 10.52 -57.72 -59.16
C ALA M 548 11.43 -57.86 -60.36
N VAL M 549 12.06 -59.03 -60.52
CA VAL M 549 13.07 -59.20 -61.56
C VAL M 549 12.43 -59.58 -62.89
N ALA M 550 11.49 -60.52 -62.86
CA ALA M 550 10.88 -60.98 -64.10
C ALA M 550 9.95 -59.96 -64.73
N GLY M 551 9.21 -59.20 -63.92
CA GLY M 551 8.31 -58.19 -64.46
C GLY M 551 8.89 -56.79 -64.53
N THR M 552 10.10 -56.66 -65.09
CA THR M 552 10.75 -55.36 -65.14
C THR M 552 11.42 -55.19 -66.51
N VAL M 553 11.83 -53.95 -66.79
CA VAL M 553 12.51 -53.58 -68.03
C VAL M 553 13.58 -52.55 -67.69
N THR M 554 14.72 -52.63 -68.38
CA THR M 554 15.78 -51.64 -68.24
C THR M 554 16.04 -51.01 -69.60
N LEU M 555 16.20 -49.69 -69.64
CA LEU M 555 16.28 -48.96 -70.89
C LEU M 555 17.71 -48.47 -71.13
N ARG M 556 18.06 -48.30 -72.40
CA ARG M 556 19.41 -47.89 -72.79
C ARG M 556 19.42 -46.43 -73.21
N LEU M 557 20.50 -45.72 -72.88
CA LEU M 557 20.68 -44.31 -73.14
C LEU M 557 22.03 -44.05 -73.82
N PRO M 558 22.19 -42.92 -74.51
CA PRO M 558 23.53 -42.50 -74.91
C PRO M 558 24.30 -42.00 -73.70
N ARG M 559 25.59 -42.32 -73.66
CA ARG M 559 26.38 -41.96 -72.48
C ARG M 559 26.34 -40.49 -72.13
N PRO M 560 26.21 -39.54 -73.08
CA PRO M 560 25.90 -38.16 -72.67
C PRO M 560 24.63 -38.05 -71.82
N LEU M 561 23.54 -38.69 -72.26
CA LEU M 561 22.31 -38.62 -71.48
C LEU M 561 22.45 -39.38 -70.17
N GLU M 562 23.31 -40.39 -70.14
CA GLU M 562 23.48 -41.17 -68.93
C GLU M 562 24.31 -40.42 -67.91
N VAL M 563 25.22 -39.56 -68.36
CA VAL M 563 25.94 -38.71 -67.40
C VAL M 563 25.12 -37.50 -67.04
N LEU M 564 24.16 -37.10 -67.88
CA LEU M 564 23.28 -36.00 -67.52
C LEU M 564 22.21 -36.43 -66.52
N LEU M 565 21.35 -37.36 -66.90
CA LEU M 565 20.26 -37.85 -66.04
C LEU M 565 20.77 -38.58 -64.82
N ASN M 566 22.08 -38.80 -64.70
CA ASN M 566 22.69 -39.47 -63.56
C ASN M 566 22.13 -40.88 -63.37
N ASN M 567 22.33 -41.72 -64.38
CA ASN M 567 21.92 -43.13 -64.33
C ASN M 567 20.44 -43.27 -63.98
N ALA M 568 19.62 -42.40 -64.57
CA ALA M 568 18.21 -42.37 -64.22
C ALA M 568 17.43 -43.55 -64.74
N ASN M 569 18.03 -44.45 -65.52
CA ASN M 569 17.28 -45.57 -66.07
C ASN M 569 17.61 -46.89 -65.43
N TYR M 570 18.63 -46.96 -64.57
CA TYR M 570 18.99 -48.19 -63.89
C TYR M 570 18.18 -48.32 -62.61
N MET M 571 17.01 -48.96 -62.71
CA MET M 571 16.12 -49.10 -61.57
C MET M 571 16.23 -50.44 -60.86
N LEU M 572 16.77 -51.46 -61.51
CA LEU M 572 16.92 -52.79 -60.92
C LEU M 572 18.18 -52.95 -60.08
N PRO M 573 19.34 -52.44 -60.51
CA PRO M 573 20.52 -52.50 -59.63
C PRO M 573 20.27 -51.95 -58.24
N GLN M 574 19.29 -51.06 -58.09
CA GLN M 574 18.91 -50.52 -56.79
C GLN M 574 17.56 -51.03 -56.32
N ALA M 575 16.98 -52.02 -57.00
CA ALA M 575 15.85 -52.76 -56.47
C ALA M 575 16.27 -54.10 -55.88
N VAL M 576 17.47 -54.58 -56.18
CA VAL M 576 18.03 -55.78 -55.59
C VAL M 576 18.87 -55.34 -54.40
N ALA M 577 19.35 -54.10 -54.44
CA ALA M 577 20.19 -53.52 -53.39
C ALA M 577 19.67 -52.12 -53.14
N PRO M 578 18.74 -51.94 -52.20
CA PRO M 578 18.20 -50.61 -51.92
C PRO M 578 19.21 -49.63 -51.37
N GLY M 579 20.35 -50.11 -50.86
CA GLY M 579 21.41 -49.23 -50.40
C GLY M 579 22.57 -49.10 -51.36
N LEU M 580 22.34 -49.22 -52.65
CA LEU M 580 23.44 -49.11 -53.60
C LEU M 580 23.58 -47.67 -54.07
N PRO M 581 24.75 -47.04 -53.91
CA PRO M 581 24.92 -45.66 -54.35
C PRO M 581 24.70 -45.47 -55.85
N MET M 582 24.76 -44.23 -56.32
CA MET M 582 24.29 -43.87 -57.65
C MET M 582 25.38 -43.96 -58.71
N TRP M 583 26.61 -43.57 -58.39
CA TRP M 583 27.71 -43.67 -59.34
C TRP M 583 28.16 -45.11 -59.57
N SER M 584 27.50 -46.08 -58.94
CA SER M 584 27.83 -47.48 -59.10
C SER M 584 26.71 -48.28 -59.74
N ALA M 585 25.65 -47.63 -60.19
CA ALA M 585 24.49 -48.32 -60.75
C ALA M 585 24.79 -49.01 -62.08
N PRO M 586 25.60 -48.43 -62.98
CA PRO M 586 25.97 -49.18 -64.19
C PRO M 586 26.85 -50.38 -63.89
N ALA M 587 27.91 -50.16 -63.09
CA ALA M 587 28.85 -51.22 -62.78
C ALA M 587 28.15 -52.43 -62.18
N ALA M 588 27.23 -52.19 -61.23
CA ALA M 588 26.48 -53.28 -60.65
C ALA M 588 25.69 -54.05 -61.70
N TYR M 589 25.10 -53.33 -62.66
CA TYR M 589 24.40 -54.00 -63.74
C TYR M 589 25.34 -54.91 -64.51
N ALA M 590 26.59 -54.46 -64.69
CA ALA M 590 27.60 -55.31 -65.32
C ALA M 590 27.70 -56.67 -64.65
N VAL M 591 27.54 -56.70 -63.33
CA VAL M 591 27.61 -57.98 -62.62
C VAL M 591 26.32 -58.77 -62.82
N LEU M 592 25.18 -58.08 -62.81
CA LEU M 592 23.90 -58.80 -62.76
C LEU M 592 23.65 -59.61 -64.02
N ALA M 593 23.93 -59.03 -65.19
CA ALA M 593 23.79 -59.78 -66.43
C ALA M 593 24.68 -61.01 -66.46
N ALA M 594 25.80 -60.97 -65.72
CA ALA M 594 26.67 -62.14 -65.63
C ALA M 594 25.99 -63.31 -64.95
N ARG M 595 24.98 -63.04 -64.13
CA ARG M 595 24.35 -64.09 -63.32
C ARG M 595 22.93 -64.38 -63.77
N LEU M 596 22.09 -63.35 -63.88
CA LEU M 596 20.70 -63.54 -64.23
C LEU M 596 20.41 -63.14 -65.67
N GLY M 597 21.39 -63.23 -66.56
CA GLY M 597 21.26 -62.88 -67.95
C GLY M 597 19.96 -63.31 -68.62
N PRO M 598 19.66 -64.61 -68.61
CA PRO M 598 18.47 -65.08 -69.33
C PRO M 598 17.16 -64.51 -68.82
N TYR M 599 17.08 -64.12 -67.55
CA TYR M 599 15.83 -63.63 -66.99
C TYR M 599 15.65 -62.13 -67.12
N LEU M 600 16.72 -61.37 -67.34
CA LEU M 600 16.60 -59.93 -67.50
C LEU M 600 15.76 -59.59 -68.73
N THR M 601 15.35 -58.33 -68.80
CA THR M 601 14.68 -57.77 -69.97
C THR M 601 15.31 -56.41 -70.24
N GLU M 602 15.44 -56.04 -71.51
CA GLU M 602 16.09 -54.80 -71.87
C GLU M 602 15.38 -54.16 -73.06
N ALA M 603 15.60 -52.86 -73.23
CA ALA M 603 15.01 -52.12 -74.34
C ALA M 603 15.81 -50.84 -74.54
N SER M 604 15.51 -50.16 -75.64
CA SER M 604 16.24 -48.97 -76.05
C SER M 604 15.29 -47.82 -76.35
N MET M 605 15.86 -46.62 -76.52
CA MET M 605 15.09 -45.47 -76.96
C MET M 605 14.64 -45.68 -78.39
N SER M 606 13.33 -45.68 -78.60
CA SER M 606 12.77 -45.79 -79.93
C SER M 606 11.38 -45.18 -79.92
N LEU M 607 11.11 -44.34 -80.92
CA LEU M 607 9.76 -43.80 -81.06
C LEU M 607 8.76 -44.89 -81.40
N LYS M 608 9.24 -46.03 -81.91
CA LYS M 608 8.34 -47.15 -82.16
C LYS M 608 7.82 -47.74 -80.85
N LEU M 609 8.70 -47.87 -79.85
CA LEU M 609 8.26 -48.34 -78.54
C LEU M 609 7.19 -47.42 -77.96
N LEU M 610 7.44 -46.11 -78.01
CA LEU M 610 6.47 -45.15 -77.50
C LEU M 610 5.17 -45.21 -78.30
N THR M 611 5.27 -45.37 -79.61
CA THR M 611 4.08 -45.44 -80.44
C THR M 611 3.25 -46.68 -80.11
N ASN M 612 3.92 -47.78 -79.77
CA ASN M 612 3.18 -48.98 -79.36
C ASN M 612 2.59 -48.82 -77.97
N HIS M 613 3.28 -48.08 -77.09
CA HIS M 613 2.70 -47.74 -75.80
C HIS M 613 1.47 -46.87 -75.96
N VAL M 614 1.46 -46.04 -77.00
CA VAL M 614 0.37 -45.09 -77.22
C VAL M 614 -0.82 -45.73 -77.91
N THR M 615 -0.57 -46.60 -78.90
CA THR M 615 -1.62 -47.10 -79.78
C THR M 615 -1.94 -48.57 -79.58
N ARG M 616 -0.93 -49.39 -79.27
CA ARG M 616 -1.15 -50.82 -79.15
C ARG M 616 -1.44 -51.24 -77.70
N TRP M 617 -0.49 -50.98 -76.81
CA TRP M 617 -0.62 -51.41 -75.41
C TRP M 617 -1.39 -50.33 -74.66
N GLN M 618 -2.71 -50.48 -74.58
CA GLN M 618 -3.56 -49.48 -73.96
C GLN M 618 -4.42 -50.02 -72.83
N ILE M 619 -5.01 -51.20 -73.00
CA ILE M 619 -5.88 -51.80 -71.98
C ILE M 619 -5.31 -53.16 -71.59
N TYR M 620 -5.24 -53.43 -70.31
CA TYR M 620 -4.75 -54.72 -69.83
C TYR M 620 -5.90 -55.68 -69.64
N ASP M 621 -5.81 -56.85 -70.27
CA ASP M 621 -6.77 -57.92 -70.06
C ASP M 621 -6.11 -59.02 -69.25
N GLU M 622 -6.82 -59.51 -68.24
CA GLU M 622 -6.31 -60.54 -67.35
C GLU M 622 -6.54 -61.95 -67.88
N GLU M 623 -7.43 -62.11 -68.86
CA GLU M 623 -7.64 -63.42 -69.48
C GLU M 623 -6.42 -63.81 -70.29
N ALA M 624 -6.09 -63.03 -71.31
CA ALA M 624 -4.84 -63.23 -72.04
C ALA M 624 -3.63 -62.69 -71.27
N HIS M 625 -3.87 -61.97 -70.18
CA HIS M 625 -2.81 -61.42 -69.33
C HIS M 625 -1.84 -60.57 -70.14
N THR M 626 -2.38 -59.68 -70.96
CA THR M 626 -1.53 -58.83 -71.78
C THR M 626 -2.30 -57.59 -72.20
N TYR M 627 -1.60 -56.69 -72.89
CA TYR M 627 -2.12 -55.38 -73.26
C TYR M 627 -2.66 -55.43 -74.68
N ARG M 628 -3.75 -54.71 -74.91
CA ARG M 628 -4.52 -54.68 -76.15
C ARG M 628 -4.85 -53.25 -76.51
N PRO M 629 -5.20 -52.99 -77.79
CA PRO M 629 -5.56 -51.64 -78.20
C PRO M 629 -6.95 -51.26 -77.70
N MET M 630 -7.16 -49.95 -77.49
CA MET M 630 -8.33 -49.50 -76.74
C MET M 630 -9.58 -49.51 -77.60
N GLU M 631 -9.47 -49.21 -78.90
CA GLU M 631 -10.67 -49.18 -79.73
C GLU M 631 -11.20 -50.59 -79.98
N GLU M 632 -10.30 -51.56 -80.17
CA GLU M 632 -10.74 -52.95 -80.31
C GLU M 632 -11.38 -53.44 -79.01
N VAL M 633 -10.74 -53.15 -77.88
CA VAL M 633 -11.28 -53.55 -76.59
C VAL M 633 -12.65 -52.90 -76.36
N VAL M 634 -12.79 -51.64 -76.75
CA VAL M 634 -14.03 -50.94 -76.46
C VAL M 634 -15.15 -51.46 -77.36
N ASP M 635 -14.85 -51.74 -78.62
CA ASP M 635 -15.86 -52.34 -79.48
C ASP M 635 -16.21 -53.75 -79.02
N GLU M 636 -15.23 -54.50 -78.53
CA GLU M 636 -15.51 -55.88 -78.12
C GLU M 636 -16.29 -55.93 -76.81
N ILE M 637 -16.07 -54.99 -75.89
CA ILE M 637 -16.90 -55.04 -74.69
C ILE M 637 -18.27 -54.41 -74.97
N GLU M 638 -18.37 -53.55 -75.99
CA GLU M 638 -19.69 -53.24 -76.52
C GLU M 638 -20.38 -54.47 -77.09
N ALA M 639 -19.61 -55.35 -77.73
CA ALA M 639 -20.16 -56.59 -78.23
C ALA M 639 -20.58 -57.51 -77.09
N ASP M 640 -19.80 -57.56 -76.01
CA ASP M 640 -20.25 -58.32 -74.84
C ASP M 640 -21.46 -57.70 -74.18
N LEU M 641 -21.61 -56.37 -74.24
CA LEU M 641 -22.85 -55.75 -73.82
C LEU M 641 -24.01 -56.23 -74.70
N GLN M 642 -23.78 -56.30 -76.02
CA GLN M 642 -24.77 -56.90 -76.91
C GLN M 642 -25.11 -58.32 -76.50
N GLN M 643 -24.09 -59.10 -76.11
CA GLN M 643 -24.30 -60.47 -75.65
C GLN M 643 -25.18 -60.52 -74.41
N LEU M 644 -24.84 -59.77 -73.36
CA LEU M 644 -25.61 -59.79 -72.13
C LEU M 644 -27.01 -59.21 -72.33
N ALA M 645 -27.16 -58.28 -73.28
CA ALA M 645 -28.48 -57.80 -73.64
C ALA M 645 -29.28 -58.87 -74.35
N ALA M 646 -28.62 -59.65 -75.22
CA ALA M 646 -29.30 -60.78 -75.85
C ALA M 646 -29.75 -61.80 -74.81
N ALA M 647 -28.94 -62.01 -73.78
CA ALA M 647 -29.36 -62.85 -72.67
C ALA M 647 -30.40 -62.17 -71.79
N ALA M 648 -30.68 -60.89 -72.03
CA ALA M 648 -31.59 -60.12 -71.19
C ALA M 648 -32.90 -59.77 -71.88
N GLN M 649 -33.03 -59.99 -73.19
CA GLN M 649 -34.27 -59.66 -73.87
C GLN M 649 -35.42 -60.53 -73.38
N GLN M 650 -35.11 -61.69 -72.82
CA GLN M 650 -36.13 -62.57 -72.25
C GLN M 650 -35.95 -62.70 -70.75
N ARG N 23 -56.48 80.52 -30.42
CA ARG N 23 -56.02 80.89 -31.76
C ARG N 23 -54.81 80.05 -32.16
N ARG N 24 -54.72 79.72 -33.44
CA ARG N 24 -53.61 78.96 -33.98
C ARG N 24 -53.28 79.50 -35.36
N GLU N 25 -52.13 79.08 -35.88
CA GLU N 25 -51.75 79.36 -37.26
C GLU N 25 -51.64 78.04 -38.01
N ALA N 26 -51.91 78.10 -39.31
CA ALA N 26 -51.95 76.89 -40.13
C ALA N 26 -50.92 76.99 -41.24
N ILE N 27 -50.23 75.88 -41.47
CA ILE N 27 -49.29 75.75 -42.57
C ILE N 27 -49.75 74.60 -43.45
N PRO N 28 -49.51 74.64 -44.75
CA PRO N 28 -49.86 73.49 -45.59
C PRO N 28 -49.00 72.29 -45.20
N ALA N 29 -49.62 71.11 -45.20
CA ALA N 29 -48.86 69.89 -44.94
C ALA N 29 -48.02 69.47 -46.11
N GLU N 30 -48.23 70.07 -47.29
CA GLU N 30 -47.50 69.72 -48.50
C GLU N 30 -46.21 70.51 -48.65
N LEU N 31 -45.86 71.34 -47.67
CA LEU N 31 -44.54 71.95 -47.59
C LEU N 31 -43.59 71.16 -46.72
N LEU N 32 -44.10 70.21 -45.94
CA LEU N 32 -43.29 69.45 -45.01
C LEU N 32 -43.09 68.00 -45.42
N LEU N 33 -43.90 67.47 -46.33
CA LEU N 33 -43.71 66.15 -46.89
C LEU N 33 -42.81 66.25 -48.12
N VAL N 34 -41.72 65.52 -48.09
CA VAL N 34 -40.74 65.59 -49.17
C VAL N 34 -41.23 64.78 -50.36
N LYS N 35 -40.79 65.18 -51.55
CA LYS N 35 -41.18 64.55 -52.81
C LYS N 35 -39.95 63.88 -53.40
N GLU N 36 -40.04 62.57 -53.64
CA GLU N 36 -38.93 61.80 -54.16
C GLU N 36 -39.39 61.01 -55.39
N ASP N 37 -38.41 60.42 -56.09
CA ASP N 37 -38.66 59.70 -57.32
C ASP N 37 -37.94 58.37 -57.28
N PRO N 38 -38.64 57.27 -56.97
CA PRO N 38 -37.93 55.98 -56.81
C PRO N 38 -37.22 55.51 -58.06
N SER N 39 -37.75 55.82 -59.25
CA SER N 39 -37.11 55.35 -60.48
C SER N 39 -36.00 56.27 -60.97
N LYS N 40 -35.83 57.44 -60.36
CA LYS N 40 -34.80 58.39 -60.76
C LYS N 40 -33.53 58.26 -59.92
N LEU N 41 -33.38 57.15 -59.22
CA LEU N 41 -32.23 56.91 -58.37
C LEU N 41 -31.22 56.03 -59.08
N PRO N 42 -29.96 56.08 -58.66
CA PRO N 42 -28.93 55.26 -59.31
C PRO N 42 -29.24 53.77 -59.22
N ALA N 43 -28.38 52.99 -59.89
CA ALA N 43 -28.68 51.61 -60.25
C ALA N 43 -29.17 50.79 -59.06
N GLY N 44 -28.33 50.64 -58.04
CA GLY N 44 -28.67 49.75 -56.95
C GLY N 44 -28.86 50.40 -55.60
N VAL N 45 -29.37 51.63 -55.59
CA VAL N 45 -29.53 52.38 -54.35
C VAL N 45 -30.66 51.82 -53.50
N LEU N 46 -31.74 51.36 -54.14
CA LEU N 46 -32.88 50.86 -53.40
C LEU N 46 -32.73 49.37 -53.11
N GLN N 47 -32.98 49.01 -51.85
CA GLN N 47 -32.79 47.64 -51.38
C GLN N 47 -34.09 46.85 -51.51
N THR N 48 -33.95 45.61 -52.01
CA THR N 48 -35.09 44.76 -52.29
C THR N 48 -35.60 44.11 -51.00
N ARG N 49 -36.47 43.11 -51.15
CA ARG N 49 -37.05 42.45 -49.99
C ARG N 49 -36.06 41.50 -49.32
N GLU N 50 -35.41 40.62 -50.10
CA GLU N 50 -34.47 39.68 -49.53
C GLU N 50 -33.30 40.38 -48.87
N GLN N 51 -32.88 41.53 -49.43
CA GLN N 51 -31.79 42.28 -48.83
C GLN N 51 -32.17 42.83 -47.47
N LEU N 52 -33.38 43.37 -47.34
CA LEU N 52 -33.81 43.91 -46.06
C LEU N 52 -34.03 42.80 -45.04
N LYS N 53 -34.51 41.64 -45.50
CA LYS N 53 -34.65 40.51 -44.57
C LYS N 53 -33.28 40.04 -44.09
N GLN N 54 -32.30 39.98 -44.99
CA GLN N 54 -30.95 39.62 -44.58
C GLN N 54 -30.40 40.62 -43.58
N ALA N 55 -30.61 41.92 -43.83
CA ALA N 55 -30.12 42.92 -42.89
C ALA N 55 -30.78 42.79 -41.53
N GLN N 56 -32.08 42.45 -41.50
CA GLN N 56 -32.75 42.26 -40.23
C GLN N 56 -32.20 41.05 -39.49
N ARG N 57 -32.02 39.94 -40.20
CA ARG N 57 -31.43 38.76 -39.57
C ARG N 57 -30.05 39.07 -39.02
N ASP N 58 -29.25 39.81 -39.79
CA ASP N 58 -27.92 40.21 -39.35
C ASP N 58 -27.96 41.10 -38.11
N ILE N 59 -28.91 42.01 -38.01
CA ILE N 59 -28.98 42.86 -36.81
C ILE N 59 -29.38 42.02 -35.60
N ASN N 60 -30.28 41.05 -35.79
CA ASN N 60 -30.64 40.17 -34.68
C ASN N 60 -29.43 39.36 -34.22
N TRP N 61 -28.68 38.82 -35.18
CA TRP N 61 -27.47 38.06 -34.84
C TRP N 61 -26.46 38.92 -34.11
N ALA N 62 -26.23 40.14 -34.60
CA ALA N 62 -25.35 41.07 -33.90
C ALA N 62 -25.85 41.34 -32.49
N GLY N 63 -27.17 41.35 -32.30
CA GLY N 63 -27.70 41.60 -30.97
C GLY N 63 -27.48 40.47 -30.00
N LYS N 64 -27.62 39.22 -30.45
CA LYS N 64 -27.60 38.09 -29.52
C LYS N 64 -26.31 37.28 -29.53
N ARG N 65 -25.33 37.65 -30.35
CA ARG N 65 -24.13 36.82 -30.52
C ARG N 65 -23.33 36.70 -29.23
N GLU N 66 -22.99 37.83 -28.61
CA GLU N 66 -22.13 37.80 -27.43
C GLU N 66 -22.78 37.06 -26.29
N GLN N 67 -24.09 37.28 -26.09
CA GLN N 67 -24.80 36.60 -25.01
C GLN N 67 -24.87 35.10 -25.27
N VAL N 68 -25.10 34.69 -26.52
CA VAL N 68 -25.12 33.26 -26.84
C VAL N 68 -23.77 32.62 -26.49
N PHE N 69 -22.68 33.27 -26.89
CA PHE N 69 -21.37 32.70 -26.65
C PHE N 69 -21.05 32.61 -25.16
N ALA N 70 -21.28 33.68 -24.42
CA ALA N 70 -21.04 33.63 -22.98
C ALA N 70 -21.90 32.56 -22.32
N ALA N 71 -23.14 32.41 -22.79
CA ALA N 71 -24.02 31.41 -22.22
C ALA N 71 -23.47 30.00 -22.42
N VAL N 72 -22.98 29.70 -23.62
CA VAL N 72 -22.42 28.37 -23.87
C VAL N 72 -21.19 28.14 -22.99
N ALA N 73 -20.31 29.15 -22.91
CA ALA N 73 -19.07 28.97 -22.16
C ALA N 73 -19.32 28.87 -20.66
N ALA N 74 -20.49 29.32 -20.20
CA ALA N 74 -20.86 29.09 -18.80
C ALA N 74 -21.59 27.76 -18.62
N GLY N 75 -22.38 27.36 -19.62
CA GLY N 75 -23.11 26.11 -19.52
C GLY N 75 -22.20 24.90 -19.47
N TRP N 76 -21.02 25.01 -20.09
CA TRP N 76 -20.06 23.91 -19.95
C TRP N 76 -19.69 23.69 -18.48
N HIS N 77 -19.21 24.73 -17.81
CA HIS N 77 -18.87 24.60 -16.39
C HIS N 77 -20.08 24.16 -15.58
N LEU N 78 -21.27 24.64 -15.93
CA LEU N 78 -22.44 24.28 -15.13
C LEU N 78 -22.78 22.80 -15.29
N ALA N 79 -22.65 22.27 -16.50
CA ALA N 79 -22.86 20.84 -16.70
C ALA N 79 -21.84 20.03 -15.91
N SER N 80 -20.58 20.44 -15.92
CA SER N 80 -19.57 19.71 -15.15
C SER N 80 -19.89 19.76 -13.65
N PHE N 81 -20.32 20.92 -13.16
CA PHE N 81 -20.65 21.03 -11.74
C PHE N 81 -21.86 20.17 -11.39
N ALA N 82 -22.87 20.14 -12.25
CA ALA N 82 -24.02 19.28 -12.01
C ALA N 82 -23.61 17.81 -11.96
N LEU N 83 -22.75 17.40 -12.88
CA LEU N 83 -22.24 16.03 -12.87
C LEU N 83 -21.52 15.73 -11.57
N ASN N 84 -20.69 16.65 -11.10
CA ASN N 84 -19.97 16.41 -9.85
C ASN N 84 -20.94 16.39 -8.66
N LEU N 85 -22.05 17.13 -8.77
CA LEU N 85 -23.05 17.11 -7.71
C LEU N 85 -23.77 15.78 -7.65
N ALA N 86 -24.02 15.16 -8.81
CA ALA N 86 -24.76 13.90 -8.85
C ALA N 86 -24.03 12.79 -8.12
N PHE N 87 -22.78 13.02 -7.71
CA PHE N 87 -22.03 12.01 -6.98
C PHE N 87 -22.51 11.92 -5.54
N TRP N 88 -22.41 13.04 -4.82
CA TRP N 88 -22.99 13.30 -3.51
C TRP N 88 -22.24 12.64 -2.35
N GLY N 89 -21.23 11.81 -2.60
CA GLY N 89 -20.54 11.19 -1.49
C GLY N 89 -19.62 10.05 -1.82
N VAL N 90 -19.68 8.97 -1.04
CA VAL N 90 -18.80 7.83 -1.26
C VAL N 90 -19.63 6.54 -1.34
N GLU N 91 -20.95 6.68 -1.24
CA GLU N 91 -21.85 5.55 -1.37
C GLU N 91 -21.79 5.02 -2.79
N GLY N 92 -21.27 3.82 -2.97
CA GLY N 92 -21.04 3.26 -4.28
C GLY N 92 -19.56 3.08 -4.56
N MET N 93 -18.71 3.72 -3.75
CA MET N 93 -17.28 3.64 -3.89
C MET N 93 -16.70 2.61 -2.94
N PRO N 94 -16.13 1.52 -3.45
CA PRO N 94 -15.58 0.49 -2.59
C PRO N 94 -14.22 0.91 -2.06
N PRO N 95 -13.62 0.16 -1.15
CA PRO N 95 -12.27 0.47 -0.70
C PRO N 95 -11.25 0.28 -1.82
N ASP N 96 -10.05 0.77 -1.57
CA ASP N 96 -8.96 0.67 -2.52
C ASP N 96 -7.66 0.63 -1.75
N ARG N 97 -6.74 -0.21 -2.19
CA ARG N 97 -5.50 -0.37 -1.44
C ARG N 97 -4.35 0.44 -2.00
N TYR N 98 -4.42 0.85 -3.26
CA TYR N 98 -3.42 1.77 -3.78
C TYR N 98 -3.71 3.21 -3.38
N TRP N 99 -4.79 3.46 -2.65
CA TRP N 99 -5.20 4.82 -2.30
C TRP N 99 -5.95 4.80 -0.97
N PRO N 100 -5.23 4.66 0.14
CA PRO N 100 -5.89 4.80 1.44
C PRO N 100 -6.46 6.19 1.63
N THR N 101 -7.19 6.36 2.73
CA THR N 101 -7.80 7.66 3.02
C THR N 101 -6.88 8.58 3.81
N SER N 102 -5.90 8.05 4.53
CA SER N 102 -4.96 8.86 5.27
C SER N 102 -3.70 9.05 4.45
N PRO N 103 -3.31 10.28 4.09
CA PRO N 103 -2.08 10.46 3.31
C PRO N 103 -0.83 10.00 4.01
N ARG N 104 -0.84 9.90 5.33
CA ARG N 104 0.38 9.52 6.04
C ARG N 104 0.72 8.04 5.87
N ILE N 105 -0.30 7.17 5.85
CA ILE N 105 -0.06 5.76 5.59
C ILE N 105 0.49 5.58 4.17
N ARG N 106 -0.17 6.20 3.20
CA ARG N 106 0.24 6.06 1.81
C ARG N 106 1.64 6.62 1.58
N LEU N 107 2.00 7.69 2.29
CA LEU N 107 3.28 8.36 2.07
C LEU N 107 4.36 7.96 3.06
N GLN N 108 4.06 7.07 4.01
CA GLN N 108 5.05 6.55 4.95
C GLN N 108 5.68 7.68 5.77
N ILE N 109 4.86 8.36 6.55
CA ILE N 109 5.28 9.50 7.37
C ILE N 109 5.07 9.16 8.83
N ARG N 110 6.15 9.14 9.60
CA ARG N 110 6.10 8.82 11.02
C ARG N 110 7.12 9.67 11.74
N PRO N 111 6.77 10.24 12.90
CA PRO N 111 7.73 11.11 13.61
C PRO N 111 8.93 10.33 14.11
N GLY N 112 9.99 11.07 14.42
CA GLY N 112 11.23 10.48 14.89
C GLY N 112 11.48 10.66 16.37
N ARG N 113 12.66 11.17 16.72
CA ARG N 113 13.01 11.40 18.12
C ARG N 113 13.06 12.87 18.50
N TYR N 114 13.78 13.70 17.75
CA TYR N 114 13.90 15.11 18.07
C TYR N 114 12.56 15.82 17.84
N GLY N 115 12.54 17.10 18.18
CA GLY N 115 11.32 17.87 18.09
C GLY N 115 10.18 17.34 18.94
N ASN N 116 10.45 16.45 19.88
CA ASN N 116 9.44 15.84 20.72
C ASN N 116 9.42 16.57 22.06
N MET N 117 8.41 17.42 22.24
CA MET N 117 8.17 18.06 23.52
C MET N 117 7.17 17.25 24.31
N ASP N 118 7.46 17.05 25.60
CA ASP N 118 6.56 16.28 26.45
C ASP N 118 5.20 16.93 26.56
N GLY N 119 5.14 18.25 26.70
CA GLY N 119 3.87 18.94 26.81
C GLY N 119 3.34 19.39 25.46
N GLY N 120 3.98 18.92 24.39
CA GLY N 120 3.42 19.15 23.07
C GLY N 120 2.15 18.38 22.84
N GLN N 121 2.04 17.19 23.42
CA GLN N 121 0.79 16.43 23.34
C GLN N 121 -0.39 17.27 23.80
N ARG N 122 -0.21 18.04 24.87
CA ARG N 122 -1.22 18.98 25.32
C ARG N 122 -1.73 19.81 24.14
N VAL N 123 -0.82 20.51 23.47
CA VAL N 123 -1.19 21.31 22.30
C VAL N 123 -1.96 20.46 21.32
N TYR N 124 -1.42 19.28 21.00
CA TYR N 124 -2.09 18.34 20.10
C TYR N 124 -3.58 18.29 20.40
N MET N 125 -3.92 18.01 21.66
CA MET N 125 -5.33 17.84 22.04
C MET N 125 -6.17 19.02 21.59
N ASP N 126 -5.79 20.24 21.96
CA ASP N 126 -6.69 21.35 21.65
C ASP N 126 -6.77 21.59 20.15
N TYR N 127 -5.69 21.30 19.41
CA TYR N 127 -5.77 21.40 17.96
C TYR N 127 -6.87 20.47 17.43
N LEU N 128 -6.88 19.23 17.92
CA LEU N 128 -8.01 18.34 17.66
C LEU N 128 -9.30 18.99 18.13
N ALA N 129 -9.31 19.47 19.38
CA ALA N 129 -10.47 20.19 19.90
C ALA N 129 -10.74 21.46 19.11
N ARG N 130 -9.75 22.01 18.43
CA ARG N 130 -10.00 23.17 17.59
C ARG N 130 -10.80 22.80 16.35
N SER N 131 -10.61 21.59 15.83
CA SER N 131 -11.25 21.20 14.55
C SER N 131 -12.42 20.24 14.78
N GLU N 132 -12.36 19.43 15.85
CA GLU N 132 -13.53 18.56 16.15
C GLU N 132 -14.69 19.46 16.61
N GLY N 133 -14.44 20.77 16.61
CA GLY N 133 -15.49 21.81 16.58
C GLY N 133 -16.05 22.01 17.97
N VAL N 134 -15.48 21.32 18.97
CA VAL N 134 -15.97 21.42 20.37
C VAL N 134 -15.62 22.81 20.92
N PRO N 135 -16.57 23.77 20.97
CA PRO N 135 -16.27 25.13 21.44
C PRO N 135 -15.75 25.22 22.87
N LEU N 136 -15.54 24.09 23.56
CA LEU N 136 -14.95 24.14 24.89
C LEU N 136 -13.53 24.70 24.83
N ASN N 137 -12.62 23.99 24.17
CA ASN N 137 -11.24 24.40 23.96
C ASN N 137 -10.56 24.97 25.21
N PRO O 93 47.11 -42.52 -40.93
CA PRO O 93 47.87 -41.84 -41.99
C PRO O 93 48.56 -40.58 -41.48
N GLU O 94 49.47 -40.75 -40.53
CA GLU O 94 50.22 -39.63 -39.97
C GLU O 94 51.35 -39.24 -40.92
N LEU O 95 52.25 -38.37 -40.47
CA LEU O 95 53.40 -37.96 -41.26
C LEU O 95 54.64 -38.68 -40.75
N PRO O 96 55.14 -39.70 -41.45
CA PRO O 96 56.39 -40.34 -41.03
C PRO O 96 57.58 -39.39 -41.07
N LEU O 97 58.71 -39.80 -40.50
CA LEU O 97 59.85 -38.90 -40.35
C LEU O 97 60.44 -38.52 -41.71
N SER O 98 60.27 -39.37 -42.72
CA SER O 98 60.78 -39.07 -44.05
C SER O 98 60.13 -37.82 -44.62
N THR O 99 58.79 -37.82 -44.69
CA THR O 99 58.05 -36.65 -45.14
C THR O 99 58.38 -35.43 -44.30
N ASN O 100 58.56 -35.62 -42.98
CA ASN O 100 58.88 -34.52 -42.09
C ASN O 100 60.19 -33.86 -42.47
N ARG O 101 61.26 -34.65 -42.60
CA ARG O 101 62.55 -34.08 -42.97
C ARG O 101 62.54 -33.54 -44.39
N ALA O 102 61.76 -34.14 -45.29
CA ALA O 102 61.69 -33.64 -46.66
C ALA O 102 61.04 -32.25 -46.71
N ALA O 103 59.90 -32.10 -46.03
CA ALA O 103 59.26 -30.79 -45.96
C ALA O 103 60.13 -29.80 -45.20
N GLY O 104 60.90 -30.28 -44.22
CA GLY O 104 61.82 -29.41 -43.51
C GLY O 104 62.89 -28.84 -44.43
N THR O 105 63.54 -29.70 -45.21
CA THR O 105 64.50 -29.21 -46.19
C THR O 105 63.85 -28.29 -47.22
N GLN O 106 62.67 -28.67 -47.74
CA GLN O 106 61.98 -27.80 -48.69
C GLN O 106 61.77 -26.40 -48.12
N TYR O 107 61.11 -26.32 -46.97
CA TYR O 107 60.76 -25.02 -46.40
C TYR O 107 62.00 -24.24 -46.01
N LEU O 108 62.98 -24.88 -45.36
CA LEU O 108 64.17 -24.18 -44.92
C LEU O 108 64.98 -23.67 -46.11
N ALA O 109 65.13 -24.48 -47.15
CA ALA O 109 65.90 -24.08 -48.31
C ALA O 109 65.24 -22.90 -49.03
N ILE O 110 63.93 -23.02 -49.29
CA ILE O 110 63.29 -21.92 -50.02
C ILE O 110 63.18 -20.67 -49.14
N GLY O 111 63.11 -20.83 -47.81
CA GLY O 111 63.07 -19.67 -46.95
C GLY O 111 64.42 -18.98 -46.84
N ALA O 112 65.50 -19.76 -46.84
CA ALA O 112 66.83 -19.16 -46.87
C ALA O 112 67.08 -18.46 -48.20
N ALA O 113 66.60 -19.05 -49.29
CA ALA O 113 66.66 -18.37 -50.58
C ALA O 113 65.87 -17.07 -50.56
N TYR O 114 64.70 -17.09 -49.92
CA TYR O 114 63.90 -15.87 -49.79
C TYR O 114 64.62 -14.82 -48.95
N ALA O 115 65.33 -15.25 -47.90
CA ALA O 115 66.05 -14.30 -47.05
C ALA O 115 67.23 -13.69 -47.80
N VAL O 116 67.96 -14.51 -48.56
CA VAL O 116 69.04 -13.99 -49.40
C VAL O 116 68.48 -13.03 -50.44
N ALA O 117 67.34 -13.37 -51.05
CA ALA O 117 66.70 -12.46 -52.00
C ALA O 117 66.29 -11.16 -51.33
N ALA O 118 65.79 -11.22 -50.09
CA ALA O 118 65.39 -10.02 -49.37
C ALA O 118 66.60 -9.12 -49.11
N GLY O 119 67.70 -9.70 -48.66
CA GLY O 119 68.92 -8.91 -48.49
C GLY O 119 69.41 -8.31 -49.79
N ALA O 120 69.28 -9.07 -50.89
CA ALA O 120 69.76 -8.61 -52.18
C ALA O 120 68.92 -7.45 -52.70
N VAL O 121 67.59 -7.55 -52.59
CA VAL O 121 66.77 -6.42 -53.02
C VAL O 121 66.86 -5.28 -52.02
N ALA O 122 67.26 -5.56 -50.77
CA ALA O 122 67.51 -4.48 -49.82
C ALA O 122 68.71 -3.65 -50.27
N VAL O 123 69.83 -4.29 -50.59
CA VAL O 123 70.97 -3.53 -51.09
C VAL O 123 70.71 -2.97 -52.48
N ALA O 124 69.78 -3.56 -53.23
CA ALA O 124 69.33 -2.96 -54.49
C ALA O 124 68.63 -1.63 -54.26
N ALA O 125 67.62 -1.61 -53.39
CA ALA O 125 66.99 -0.36 -52.99
C ALA O 125 68.00 0.58 -52.35
N LEU O 126 69.07 0.03 -51.76
CA LEU O 126 70.16 0.84 -51.25
C LEU O 126 70.90 1.60 -52.34
N GLN O 127 71.29 0.92 -53.43
CA GLN O 127 72.08 1.63 -54.44
C GLN O 127 71.23 2.12 -55.60
N GLY O 128 70.58 1.21 -56.33
CA GLY O 128 69.91 1.61 -57.54
C GLY O 128 68.78 0.69 -57.97
N PRO O 129 67.74 1.29 -58.58
CA PRO O 129 66.59 0.48 -59.04
C PRO O 129 66.82 -0.24 -60.35
N GLN O 130 67.59 0.33 -61.28
CA GLN O 130 67.84 -0.36 -62.55
C GLN O 130 68.80 -1.54 -62.40
N LEU O 131 69.24 -1.85 -61.18
CA LEU O 131 69.94 -3.10 -60.92
C LEU O 131 69.12 -4.31 -61.37
N LEU O 132 67.79 -4.24 -61.27
CA LEU O 132 66.91 -5.33 -61.63
C LEU O 132 66.18 -5.11 -62.95
N LEU O 133 66.41 -3.98 -63.61
CA LEU O 133 65.64 -3.65 -64.80
C LEU O 133 66.54 -3.40 -66.02
N ALA O 134 65.92 -3.08 -67.16
CA ALA O 134 66.67 -2.67 -68.35
C ALA O 134 66.04 -1.45 -69.00
N SER O 135 64.89 -0.98 -68.52
CA SER O 135 64.16 0.13 -69.11
C SER O 135 64.79 1.46 -68.67
N PRO O 136 64.69 2.51 -69.49
CA PRO O 136 65.43 3.75 -69.21
C PRO O 136 64.86 4.58 -68.06
N ALA O 137 63.56 4.47 -67.77
CA ALA O 137 62.91 5.30 -66.77
C ALA O 137 63.14 4.81 -65.35
N ALA O 138 64.17 3.99 -65.13
CA ALA O 138 64.52 3.49 -63.80
C ALA O 138 65.55 4.36 -63.10
N ALA O 139 65.57 5.66 -63.39
CA ALA O 139 66.39 6.62 -62.66
C ALA O 139 65.56 7.38 -61.62
N ASP O 140 64.51 6.75 -61.09
CA ASP O 140 63.54 7.42 -60.25
C ASP O 140 63.61 6.91 -58.81
N PRO O 141 63.53 7.81 -57.83
CA PRO O 141 63.65 7.38 -56.42
C PRO O 141 62.46 6.55 -55.93
N TRP O 142 61.25 6.80 -56.46
CA TRP O 142 60.10 6.03 -56.02
C TRP O 142 60.20 4.57 -56.44
N SER O 143 60.92 4.29 -57.52
CA SER O 143 61.18 2.90 -57.87
C SER O 143 62.02 2.22 -56.80
N SER O 144 63.05 2.91 -56.28
CA SER O 144 63.87 2.32 -55.23
C SER O 144 63.10 2.22 -53.92
N VAL O 145 62.17 3.16 -53.69
CA VAL O 145 61.35 3.09 -52.48
C VAL O 145 60.41 1.89 -52.51
N LEU O 146 59.71 1.70 -53.63
CA LEU O 146 58.89 0.49 -53.77
C LEU O 146 59.76 -0.75 -53.75
N LEU O 147 60.99 -0.65 -54.26
CA LEU O 147 61.92 -1.77 -54.21
C LEU O 147 62.23 -2.16 -52.77
N GLY O 148 62.45 -1.17 -51.91
CA GLY O 148 62.66 -1.45 -50.50
C GLY O 148 61.41 -2.01 -49.83
N CYS O 149 60.23 -1.60 -50.32
CA CYS O 149 59.00 -2.16 -49.74
C CYS O 149 58.80 -3.62 -50.16
N VAL O 150 59.18 -3.97 -51.39
CA VAL O 150 59.17 -5.38 -51.78
C VAL O 150 60.29 -6.14 -51.07
N ALA O 151 61.36 -5.45 -50.69
CA ALA O 151 62.39 -6.09 -49.86
C ALA O 151 61.84 -6.42 -48.48
N ALA O 152 61.06 -5.51 -47.89
CA ALA O 152 60.46 -5.79 -46.60
C ALA O 152 59.41 -6.90 -46.70
N THR O 153 58.64 -6.93 -47.80
CA THR O 153 57.70 -8.02 -47.96
C THR O 153 58.42 -9.34 -48.23
N TYR O 154 59.62 -9.30 -48.80
CA TYR O 154 60.39 -10.53 -48.97
C TYR O 154 60.99 -10.98 -47.64
N LEU O 155 61.37 -10.04 -46.78
CA LEU O 155 61.72 -10.38 -45.41
C LEU O 155 60.55 -11.09 -44.73
N ARG O 156 59.34 -10.54 -44.88
CA ARG O 156 58.17 -11.20 -44.33
C ARG O 156 57.97 -12.58 -44.95
N ALA O 157 58.24 -12.73 -46.24
CA ALA O 157 58.04 -14.01 -46.91
C ALA O 157 59.03 -15.06 -46.42
N ALA O 158 60.29 -14.66 -46.23
CA ALA O 158 61.27 -15.56 -45.64
C ALA O 158 60.87 -15.95 -44.23
N GLY O 159 60.30 -14.99 -43.48
CA GLY O 159 59.77 -15.33 -42.16
C GLY O 159 58.62 -16.32 -42.24
N VAL O 160 57.72 -16.14 -43.20
CA VAL O 160 56.62 -17.07 -43.39
C VAL O 160 57.15 -18.47 -43.71
N PHE O 161 58.19 -18.55 -44.54
CA PHE O 161 58.71 -19.87 -44.88
C PHE O 161 59.43 -20.50 -43.69
N LEU O 162 60.15 -19.70 -42.91
CA LEU O 162 60.82 -20.26 -41.74
C LEU O 162 59.82 -20.63 -40.64
N GLN O 163 58.65 -19.99 -40.61
CA GLN O 163 57.64 -20.43 -39.64
C GLN O 163 56.86 -21.63 -40.17
N LEU O 164 56.79 -21.77 -41.49
CA LEU O 164 56.41 -23.06 -42.06
C LEU O 164 57.31 -24.17 -41.55
N LYS O 165 58.63 -23.92 -41.58
CA LYS O 165 59.58 -24.85 -40.98
C LYS O 165 59.32 -25.04 -39.49
N ALA O 166 59.07 -23.94 -38.78
CA ALA O 166 58.89 -24.00 -37.34
C ALA O 166 57.67 -24.82 -36.95
N ALA O 167 56.60 -24.74 -37.74
CA ALA O 167 55.47 -25.64 -37.58
C ALA O 167 55.79 -27.06 -38.03
N SER O 168 56.74 -27.21 -38.96
CA SER O 168 57.16 -28.52 -39.42
C SER O 168 57.99 -29.29 -38.40
N ASP O 169 58.22 -28.73 -37.20
CA ASP O 169 58.90 -29.48 -36.15
C ASP O 169 57.99 -30.50 -35.50
N ALA O 170 56.72 -30.16 -35.27
CA ALA O 170 55.76 -31.07 -34.68
C ALA O 170 54.87 -31.73 -35.71
N ALA O 171 55.24 -31.67 -37.00
CA ALA O 171 54.45 -32.21 -38.10
C ALA O 171 53.04 -31.62 -38.07
N GLU O 172 52.97 -30.31 -38.23
CA GLU O 172 51.75 -29.53 -38.00
C GLU O 172 51.34 -28.79 -39.25
N LEU O 173 51.30 -29.49 -40.37
CA LEU O 173 50.69 -29.00 -41.60
C LEU O 173 49.54 -29.91 -42.02
N LEU O 174 48.89 -30.53 -41.04
CA LEU O 174 47.68 -31.31 -41.23
C LEU O 174 46.46 -30.69 -40.58
N CYS O 175 46.62 -29.66 -39.75
CA CYS O 175 45.47 -28.90 -39.29
C CYS O 175 44.87 -28.13 -40.46
N TRP O 176 43.54 -28.09 -40.52
CA TRP O 176 42.87 -27.48 -41.66
C TRP O 176 43.28 -26.04 -41.88
N ARG O 177 43.66 -25.32 -40.82
CA ARG O 177 44.15 -23.96 -40.99
C ARG O 177 45.49 -23.95 -41.70
N HIS O 178 46.40 -24.84 -41.31
CA HIS O 178 47.67 -24.97 -42.04
C HIS O 178 47.45 -25.38 -43.48
N GLN O 179 46.45 -26.23 -43.74
CA GLN O 179 46.12 -26.61 -45.11
C GLN O 179 45.65 -25.41 -45.91
N ARG O 180 44.78 -24.59 -45.30
CA ARG O 180 44.32 -23.37 -45.97
C ARG O 180 45.47 -22.40 -46.21
N LEU O 181 46.43 -22.32 -45.29
CA LEU O 181 47.57 -21.43 -45.50
C LEU O 181 48.49 -21.94 -46.58
N ALA O 182 48.63 -23.26 -46.70
CA ALA O 182 49.36 -23.81 -47.84
C ALA O 182 48.63 -23.50 -49.15
N LEU O 183 47.30 -23.64 -49.16
CA LEU O 183 46.53 -23.29 -50.34
C LEU O 183 46.65 -21.82 -50.70
N THR O 184 46.73 -20.94 -49.69
CA THR O 184 46.89 -19.52 -49.97
C THR O 184 48.31 -19.21 -50.44
N ALA O 185 49.30 -19.94 -49.93
CA ALA O 185 50.66 -19.82 -50.46
C ALA O 185 50.73 -20.30 -51.91
N ALA O 186 49.84 -21.22 -52.28
CA ALA O 186 49.74 -21.64 -53.68
C ALA O 186 49.09 -20.55 -54.52
N ALA O 187 47.96 -20.03 -54.06
CA ALA O 187 47.28 -18.95 -54.77
C ALA O 187 48.15 -17.70 -54.86
N TYR O 188 49.08 -17.52 -53.93
CA TYR O 188 50.07 -16.46 -54.01
C TYR O 188 50.86 -16.53 -55.32
N GLY O 189 51.53 -17.67 -55.56
CA GLY O 189 52.24 -17.84 -56.80
C GLY O 189 51.32 -17.86 -58.01
N MET O 190 50.09 -18.37 -57.85
CA MET O 190 49.16 -18.42 -58.97
C MET O 190 48.77 -17.01 -59.42
N VAL O 191 48.45 -16.13 -58.46
CA VAL O 191 48.10 -14.77 -58.85
C VAL O 191 49.34 -13.98 -59.20
N ALA O 192 50.53 -14.44 -58.77
CA ALA O 192 51.75 -13.76 -59.20
C ALA O 192 52.01 -14.02 -60.68
N VAL O 193 51.91 -15.27 -61.11
CA VAL O 193 52.05 -15.56 -62.53
C VAL O 193 50.89 -14.95 -63.30
N LEU O 194 49.70 -14.82 -62.68
CA LEU O 194 48.60 -14.10 -63.31
C LEU O 194 48.96 -12.63 -63.54
N THR O 195 49.58 -11.99 -62.54
CA THR O 195 49.91 -10.58 -62.65
C THR O 195 51.01 -10.34 -63.68
N GLN O 196 51.99 -11.24 -63.77
CA GLN O 196 53.01 -11.10 -64.82
C GLN O 196 52.43 -11.47 -66.19
N ALA O 197 51.41 -12.33 -66.22
CA ALA O 197 50.73 -12.62 -67.47
C ALA O 197 49.95 -11.41 -67.96
N ALA O 198 49.40 -10.62 -67.03
CA ALA O 198 48.79 -9.36 -67.41
C ALA O 198 49.82 -8.34 -67.88
N GLY O 199 51.08 -8.50 -67.48
CA GLY O 199 52.18 -7.67 -67.92
C GLY O 199 53.44 -8.00 -67.15
N LEU O 200 54.57 -8.13 -67.85
CA LEU O 200 55.84 -8.46 -67.23
C LEU O 200 56.85 -7.40 -67.62
N ALA O 201 57.43 -6.75 -66.60
CA ALA O 201 58.20 -5.53 -66.83
C ALA O 201 59.70 -5.78 -66.81
N SER O 202 60.14 -6.91 -66.26
CA SER O 202 61.56 -7.18 -66.14
C SER O 202 61.84 -8.66 -66.34
N PRO O 203 62.91 -9.00 -67.06
CA PRO O 203 63.36 -10.40 -67.08
C PRO O 203 63.84 -10.86 -65.72
N GLN O 204 64.40 -9.95 -64.92
CA GLN O 204 64.80 -10.28 -63.56
C GLN O 204 63.59 -10.55 -62.67
N LEU O 205 62.49 -9.83 -62.88
CA LEU O 205 61.24 -10.17 -62.21
C LEU O 205 60.81 -11.59 -62.53
N LEU O 206 60.76 -11.92 -63.82
CA LEU O 206 60.46 -13.29 -64.25
C LEU O 206 61.35 -14.28 -63.52
N GLY O 207 62.66 -14.15 -63.70
CA GLY O 207 63.62 -15.06 -63.09
C GLY O 207 63.39 -15.24 -61.60
N LEU O 208 63.53 -14.15 -60.85
CA LEU O 208 63.43 -14.20 -59.39
C LEU O 208 62.12 -14.85 -58.95
N GLN O 209 60.97 -14.25 -59.30
CA GLN O 209 59.74 -14.69 -58.66
C GLN O 209 59.18 -15.94 -59.30
N LEU O 210 59.50 -16.21 -60.57
CA LEU O 210 59.18 -17.53 -61.11
C LEU O 210 59.97 -18.62 -60.38
N LEU O 211 61.28 -18.43 -60.17
CA LEU O 211 62.03 -19.37 -59.36
C LEU O 211 61.27 -19.64 -58.06
N LEU O 212 61.07 -18.58 -57.26
CA LEU O 212 60.49 -18.79 -55.93
C LEU O 212 59.08 -19.39 -56.02
N SER O 213 58.21 -18.82 -56.87
CA SER O 213 56.79 -19.17 -56.85
C SER O 213 56.52 -20.50 -57.53
N VAL O 214 57.25 -20.85 -58.58
CA VAL O 214 57.06 -22.16 -59.19
C VAL O 214 57.65 -23.26 -58.32
N ALA O 215 58.77 -22.98 -57.63
CA ALA O 215 59.22 -23.93 -56.61
C ALA O 215 58.13 -24.13 -55.56
N SER O 216 57.59 -23.03 -55.04
CA SER O 216 56.51 -23.11 -54.07
C SER O 216 55.31 -23.85 -54.64
N ALA O 217 55.04 -23.70 -55.94
CA ALA O 217 53.84 -24.26 -56.54
C ALA O 217 53.96 -25.79 -56.66
N ALA O 218 55.08 -26.27 -57.18
CA ALA O 218 55.31 -27.72 -57.19
C ALA O 218 55.29 -28.26 -55.77
N VAL O 219 55.93 -27.56 -54.84
CA VAL O 219 55.98 -28.02 -53.46
C VAL O 219 54.58 -28.11 -52.87
N VAL O 220 53.74 -27.09 -53.10
CA VAL O 220 52.43 -27.07 -52.48
C VAL O 220 51.51 -28.09 -53.13
N ALA O 221 51.67 -28.33 -54.43
CA ALA O 221 50.90 -29.39 -55.08
C ALA O 221 51.22 -30.74 -54.45
N ASN O 222 52.51 -31.05 -54.30
CA ASN O 222 52.88 -32.33 -53.73
C ASN O 222 52.47 -32.46 -52.26
N VAL O 223 52.62 -31.39 -51.48
CA VAL O 223 52.24 -31.47 -50.07
C VAL O 223 50.74 -31.48 -49.89
N ALA O 224 49.97 -30.92 -50.83
CA ALA O 224 48.53 -31.04 -50.79
C ALA O 224 48.09 -32.46 -51.12
N ARG O 225 48.77 -33.11 -52.08
CA ARG O 225 48.48 -34.51 -52.34
C ARG O 225 48.89 -35.37 -51.14
N SER O 226 49.94 -34.96 -50.43
CA SER O 226 50.35 -35.67 -49.22
C SER O 226 49.31 -35.54 -48.10
N ALA O 227 48.88 -34.31 -47.81
CA ALA O 227 47.92 -34.08 -46.73
C ALA O 227 46.51 -34.54 -47.06
N TRP O 228 46.14 -34.57 -48.33
CA TRP O 228 44.78 -34.96 -48.69
C TRP O 228 44.56 -36.46 -48.54
N ALA O 229 45.59 -37.26 -48.81
CA ALA O 229 45.46 -38.71 -48.78
C ALA O 229 45.37 -39.28 -47.37
N VAL O 230 45.23 -38.44 -46.35
CA VAL O 230 45.13 -38.94 -44.98
C VAL O 230 43.66 -39.02 -44.57
N THR O 260 40.39 -9.98 -29.12
CA THR O 260 41.02 -8.75 -28.67
C THR O 260 41.53 -7.93 -29.85
N VAL O 261 42.12 -6.78 -29.54
CA VAL O 261 42.54 -5.83 -30.57
C VAL O 261 43.60 -6.45 -31.48
N ALA O 262 44.22 -7.55 -31.04
CA ALA O 262 45.09 -8.29 -31.95
C ALA O 262 44.29 -8.85 -33.12
N GLY O 263 43.17 -9.51 -32.82
CA GLY O 263 42.32 -10.01 -33.89
C GLY O 263 41.82 -8.91 -34.80
N LEU O 264 41.38 -7.80 -34.23
CA LEU O 264 40.92 -6.67 -35.04
C LEU O 264 42.04 -6.14 -35.91
N LEU O 265 43.22 -5.93 -35.32
CA LEU O 265 44.40 -5.53 -36.08
C LEU O 265 44.60 -6.41 -37.29
N LEU O 266 44.78 -7.72 -37.07
CA LEU O 266 45.15 -8.59 -38.18
C LEU O 266 44.01 -8.71 -39.20
N THR O 267 42.75 -8.80 -38.76
CA THR O 267 41.67 -8.95 -39.74
C THR O 267 41.47 -7.66 -40.53
N THR O 268 41.79 -6.51 -39.93
CA THR O 268 41.71 -5.26 -40.69
C THR O 268 42.85 -5.19 -41.70
N THR O 269 44.04 -5.67 -41.33
CA THR O 269 45.11 -5.78 -42.32
C THR O 269 44.73 -6.73 -43.45
N ILE O 270 44.01 -7.81 -43.10
CA ILE O 270 43.47 -8.71 -44.13
C ILE O 270 42.59 -7.94 -45.10
N VAL O 271 41.55 -7.29 -44.57
CA VAL O 271 40.60 -6.57 -45.43
C VAL O 271 41.31 -5.54 -46.28
N VAL O 272 42.20 -4.75 -45.68
CA VAL O 272 42.82 -3.65 -46.40
C VAL O 272 43.76 -4.18 -47.49
N SER O 273 44.51 -5.25 -47.19
CA SER O 273 45.43 -5.79 -48.20
C SER O 273 44.67 -6.49 -49.31
N LEU O 274 43.60 -7.21 -48.99
CA LEU O 274 42.85 -7.89 -50.04
C LEU O 274 42.12 -6.88 -50.93
N TYR O 275 41.65 -5.77 -50.35
CA TYR O 275 41.04 -4.74 -51.18
C TYR O 275 42.09 -4.04 -52.04
N GLY O 276 43.28 -3.82 -51.50
CA GLY O 276 44.36 -3.30 -52.32
C GLY O 276 44.69 -4.21 -53.48
N LEU O 277 44.63 -5.52 -53.25
CA LEU O 277 44.85 -6.48 -54.34
C LEU O 277 43.69 -6.43 -55.34
N PHE O 278 42.46 -6.43 -54.85
CA PHE O 278 41.29 -6.46 -55.71
C PHE O 278 41.18 -5.18 -56.55
N ALA O 279 41.76 -4.09 -56.08
CA ALA O 279 41.80 -2.85 -56.85
C ALA O 279 43.10 -2.65 -57.61
N ALA O 280 44.12 -3.48 -57.34
CA ALA O 280 45.40 -3.34 -58.02
C ALA O 280 45.61 -4.38 -59.13
N VAL O 281 44.93 -5.52 -59.06
CA VAL O 281 45.19 -6.60 -60.02
C VAL O 281 44.04 -6.67 -61.00
N PHE O 282 42.99 -5.89 -60.77
CA PHE O 282 41.84 -5.86 -61.67
C PHE O 282 41.86 -4.68 -62.63
N ALA O 283 42.63 -3.63 -62.34
CA ALA O 283 42.71 -2.49 -63.24
C ALA O 283 44.06 -2.45 -63.93
N PRO O 284 44.10 -2.10 -65.22
CA PRO O 284 45.39 -2.01 -65.92
C PRO O 284 46.33 -1.02 -65.27
N ALA O 285 45.92 0.25 -65.18
CA ALA O 285 46.71 1.30 -64.57
C ALA O 285 45.91 2.59 -64.46
N PRO O 286 46.19 3.42 -63.46
CA PRO O 286 45.65 4.79 -63.45
C PRO O 286 46.38 5.67 -64.45
N ALA O 287 46.13 6.98 -64.43
CA ALA O 287 46.82 7.90 -65.31
C ALA O 287 47.32 9.11 -64.52
N LEU O 288 48.56 9.52 -64.81
CA LEU O 288 49.16 10.68 -64.18
C LEU O 288 48.64 11.96 -64.83
N PRO O 289 48.29 12.96 -64.01
CA PRO O 289 47.76 14.21 -64.57
C PRO O 289 48.74 14.87 -65.51
N VAL O 290 48.20 15.47 -66.58
CA VAL O 290 49.04 15.97 -67.66
C VAL O 290 49.73 17.27 -67.26
N ALA O 291 49.11 18.04 -66.36
CA ALA O 291 49.63 19.35 -65.92
C ALA O 291 49.83 20.27 -67.12
N VAL O 292 48.69 20.63 -67.72
CA VAL O 292 48.64 21.26 -69.03
C VAL O 292 49.65 22.41 -69.12
N GLY O 293 50.53 22.34 -70.12
CA GLY O 293 51.50 23.39 -70.35
C GLY O 293 52.80 23.26 -69.60
N ALA O 294 53.13 22.08 -69.08
CA ALA O 294 54.35 21.86 -68.30
C ALA O 294 55.46 21.41 -69.23
N TRP O 295 56.29 22.38 -69.65
CA TRP O 295 57.48 22.13 -70.45
C TRP O 295 57.18 21.18 -71.61
N PRO O 296 56.50 21.66 -72.66
CA PRO O 296 55.99 20.77 -73.71
C PRO O 296 57.05 19.91 -74.39
N GLY O 297 58.32 20.13 -74.07
CA GLY O 297 59.40 19.31 -74.59
C GLY O 297 59.78 18.18 -73.67
N THR O 298 60.94 18.31 -73.02
CA THR O 298 61.49 17.28 -72.16
C THR O 298 60.79 17.33 -70.79
N ALA O 299 61.40 16.70 -69.78
CA ALA O 299 60.94 16.64 -68.39
C ALA O 299 59.80 15.66 -68.17
N ALA O 300 59.58 14.74 -69.10
CA ALA O 300 58.64 13.62 -68.99
C ALA O 300 57.20 14.05 -68.74
N ALA O 301 56.88 15.33 -68.90
CA ALA O 301 55.54 15.81 -68.66
C ALA O 301 54.67 15.60 -69.90
N ALA O 302 53.35 15.52 -69.68
CA ALA O 302 52.36 15.30 -70.74
C ALA O 302 52.67 14.01 -71.50
N ALA O 303 52.87 12.94 -70.74
CA ALA O 303 53.22 11.63 -71.27
C ALA O 303 52.28 10.57 -70.68
N VAL O 304 52.62 9.31 -70.91
CA VAL O 304 51.89 8.18 -70.35
C VAL O 304 52.78 7.51 -69.31
N MET O 305 52.16 6.72 -68.44
CA MET O 305 52.95 5.89 -67.54
C MET O 305 53.63 4.77 -68.31
N ASP O 306 54.76 4.34 -67.80
CA ASP O 306 55.68 3.48 -68.54
C ASP O 306 55.42 2.02 -68.19
N GLY O 307 55.90 1.13 -69.06
CA GLY O 307 55.96 -0.28 -68.78
C GLY O 307 57.00 -0.65 -67.75
N SER O 308 57.64 0.32 -67.11
CA SER O 308 58.60 0.10 -66.04
C SER O 308 57.97 0.30 -64.66
N ALA O 309 56.67 0.56 -64.60
CA ALA O 309 55.98 0.75 -63.34
C ALA O 309 54.75 -0.13 -63.16
N ALA O 310 54.16 -0.65 -64.24
CA ALA O 310 53.05 -1.59 -64.09
C ALA O 310 53.52 -2.86 -63.38
N GLY O 311 54.64 -3.42 -63.83
CA GLY O 311 55.23 -4.55 -63.13
C GLY O 311 55.62 -4.19 -61.70
N LEU O 312 56.05 -2.95 -61.48
CA LEU O 312 56.28 -2.46 -60.13
C LEU O 312 55.01 -2.52 -59.29
N ARG O 313 53.89 -2.06 -59.86
CA ARG O 313 52.62 -2.12 -59.15
C ARG O 313 52.22 -3.56 -58.85
N ARG O 314 52.42 -4.47 -59.81
CA ARG O 314 52.08 -5.87 -59.58
C ARG O 314 52.98 -6.50 -58.53
N LEU O 315 54.25 -6.08 -58.46
CA LEU O 315 55.14 -6.60 -57.44
C LEU O 315 54.73 -6.11 -56.06
N ALA O 316 54.40 -4.82 -55.96
CA ALA O 316 53.82 -4.30 -54.72
C ALA O 316 52.56 -5.05 -54.32
N ALA O 317 51.68 -5.34 -55.29
CA ALA O 317 50.46 -6.07 -55.01
C ALA O 317 50.75 -7.49 -54.55
N GLY O 318 51.73 -8.14 -55.17
CA GLY O 318 52.09 -9.50 -54.75
C GLY O 318 52.67 -9.55 -53.36
N GLY O 319 53.51 -8.57 -53.01
CA GLY O 319 53.99 -8.49 -51.64
C GLY O 319 52.88 -8.22 -50.66
N LEU O 320 51.96 -7.33 -51.04
CA LEU O 320 50.80 -7.06 -50.19
C LEU O 320 49.94 -8.29 -50.01
N LEU O 321 49.79 -9.12 -51.05
CA LEU O 321 49.04 -10.35 -50.92
C LEU O 321 49.76 -11.36 -50.03
N LEU O 322 51.08 -11.49 -50.18
CA LEU O 322 51.81 -12.42 -49.35
C LEU O 322 51.70 -12.03 -47.87
N THR O 323 51.82 -10.73 -47.58
CA THR O 323 51.68 -10.31 -46.18
C THR O 323 50.22 -10.39 -45.73
N ALA O 324 49.28 -10.30 -46.67
CA ALA O 324 47.87 -10.50 -46.32
C ALA O 324 47.62 -11.94 -45.89
N ALA O 325 48.10 -12.90 -46.69
CA ALA O 325 47.93 -14.31 -46.34
C ALA O 325 48.72 -14.64 -45.08
N ALA O 326 49.86 -14.00 -44.88
CA ALA O 326 50.62 -14.19 -43.65
C ALA O 326 49.83 -13.70 -42.43
N SER O 327 49.21 -12.53 -42.56
CA SER O 327 48.37 -12.02 -41.48
C SER O 327 47.16 -12.90 -41.25
N HIS O 328 46.53 -13.42 -42.30
CA HIS O 328 45.40 -14.33 -42.13
C HIS O 328 45.83 -15.61 -41.41
N GLY O 329 46.99 -16.13 -41.79
CA GLY O 329 47.51 -17.30 -41.11
C GLY O 329 47.77 -17.05 -39.64
N LEU O 330 48.48 -15.96 -39.34
CA LEU O 330 48.76 -15.62 -37.94
C LEU O 330 47.48 -15.40 -37.15
N PHE O 331 46.51 -14.71 -37.76
CA PHE O 331 45.26 -14.41 -37.08
C PHE O 331 44.50 -15.69 -36.75
N ASP O 332 44.22 -16.52 -37.75
CA ASP O 332 43.47 -17.75 -37.47
C ASP O 332 44.29 -18.80 -36.76
N PHE O 333 45.61 -18.63 -36.66
CA PHE O 333 46.44 -19.51 -35.85
C PHE O 333 46.38 -19.11 -34.38
N ALA O 334 46.76 -17.86 -34.07
CA ALA O 334 46.79 -17.34 -32.72
C ALA O 334 45.42 -16.88 -32.23
N GLY O 335 44.34 -17.22 -32.95
CA GLY O 335 43.02 -17.02 -32.41
C GLY O 335 42.81 -17.59 -31.02
N SER O 336 43.68 -18.50 -30.59
CA SER O 336 43.63 -19.07 -29.24
C SER O 336 44.41 -18.25 -28.22
N VAL O 337 44.92 -17.09 -28.62
CA VAL O 337 45.71 -16.24 -27.71
C VAL O 337 44.79 -15.64 -26.65
N PRO O 370 48.69 -24.11 -33.61
CA PRO O 370 48.61 -24.68 -32.26
C PRO O 370 49.61 -24.03 -31.31
N ASN O 371 50.70 -23.51 -31.88
CA ASN O 371 51.82 -22.96 -31.12
C ASN O 371 51.50 -21.53 -30.67
N PRO O 372 51.35 -21.29 -29.37
CA PRO O 372 51.04 -19.94 -28.90
C PRO O 372 52.26 -19.03 -28.84
N THR O 373 53.46 -19.60 -28.88
CA THR O 373 54.68 -18.86 -28.62
C THR O 373 55.72 -18.95 -29.72
N ILE O 374 55.58 -19.89 -30.67
CA ILE O 374 56.54 -20.01 -31.76
C ILE O 374 56.57 -18.78 -32.65
N TYR O 375 55.40 -18.19 -32.94
CA TYR O 375 55.30 -17.05 -33.83
C TYR O 375 56.16 -15.88 -33.37
N SER O 376 56.66 -15.95 -32.13
CA SER O 376 57.62 -14.97 -31.63
C SER O 376 58.76 -14.76 -32.62
N LEU O 377 59.15 -15.80 -33.34
CA LEU O 377 60.12 -15.60 -34.42
C LEU O 377 59.55 -14.70 -35.51
N LEU O 378 58.45 -15.15 -36.14
CA LEU O 378 57.85 -14.39 -37.23
C LEU O 378 57.30 -13.06 -36.73
N ASN O 379 56.98 -12.97 -35.43
CA ASN O 379 56.71 -11.67 -34.82
C ASN O 379 57.73 -10.64 -35.29
N LEU O 380 59.02 -10.95 -35.12
CA LEU O 380 60.09 -10.13 -35.72
C LEU O 380 59.74 -9.75 -37.15
N GLY O 381 59.68 -10.75 -38.03
CA GLY O 381 59.38 -10.51 -39.43
C GLY O 381 58.08 -9.78 -39.65
N PHE O 382 57.09 -9.97 -38.78
CA PHE O 382 55.81 -9.33 -39.05
C PHE O 382 55.81 -7.84 -38.69
N VAL O 383 56.73 -7.39 -37.82
CA VAL O 383 56.67 -6.04 -37.29
C VAL O 383 57.84 -5.19 -37.76
N ALA O 384 59.07 -5.64 -37.50
CA ALA O 384 60.26 -4.81 -37.73
C ALA O 384 60.26 -4.23 -39.14
N ALA O 385 60.25 -5.09 -40.15
CA ALA O 385 60.22 -4.66 -41.54
C ALA O 385 59.09 -3.66 -41.79
N ALA O 386 57.90 -3.96 -41.26
CA ALA O 386 56.77 -3.04 -41.34
C ALA O 386 57.19 -1.64 -40.92
N VAL O 387 57.73 -1.53 -39.70
CA VAL O 387 58.23 -0.24 -39.23
C VAL O 387 59.26 0.30 -40.21
N LEU O 388 60.23 -0.54 -40.58
CA LEU O 388 61.20 -0.16 -41.60
C LEU O 388 60.51 0.33 -42.86
N GLN O 389 59.47 -0.39 -43.30
CA GLN O 389 58.62 0.07 -44.39
C GLN O 389 58.27 1.54 -44.21
N SER O 390 57.63 1.88 -43.09
CA SER O 390 57.23 3.25 -42.81
C SER O 390 58.42 4.19 -42.94
N TYR O 391 59.57 3.78 -42.41
CA TYR O 391 60.77 4.60 -42.50
C TYR O 391 61.03 5.02 -43.94
N PHE O 392 61.02 4.06 -44.86
CA PHE O 392 61.11 4.38 -46.28
C PHE O 392 60.12 5.47 -46.67
N LEU O 393 58.83 5.23 -46.39
CA LEU O 393 57.83 6.23 -46.72
C LEU O 393 58.02 7.50 -45.90
N TYR O 394 58.57 7.38 -44.68
CA TYR O 394 58.83 8.59 -43.91
C TYR O 394 59.95 9.42 -44.53
N ILE O 395 60.84 8.80 -45.31
CA ILE O 395 61.82 9.53 -46.09
C ILE O 395 61.30 9.83 -47.49
N ALA O 396 60.10 9.36 -47.82
CA ALA O 396 59.54 9.62 -49.15
C ALA O 396 59.33 11.11 -49.43
N PRO O 397 58.76 11.91 -48.54
CA PRO O 397 58.69 13.36 -48.82
C PRO O 397 60.07 14.01 -48.92
N ALA O 398 61.08 13.45 -48.23
CA ALA O 398 62.43 13.97 -48.36
C ALA O 398 62.97 13.75 -49.76
N TRP O 399 62.81 12.54 -50.31
CA TRP O 399 63.18 12.29 -51.69
C TRP O 399 62.31 13.04 -52.69
N GLY O 400 61.21 13.65 -52.23
CA GLY O 400 60.35 14.40 -53.12
C GLY O 400 59.44 13.56 -53.99
N VAL O 401 59.26 12.29 -53.67
CA VAL O 401 58.37 11.41 -54.41
C VAL O 401 56.94 11.72 -53.99
N ASN O 402 56.03 11.78 -54.96
CA ASN O 402 54.65 12.18 -54.74
C ASN O 402 53.81 10.92 -54.49
N VAL O 403 53.13 10.88 -53.34
CA VAL O 403 52.34 9.73 -52.95
C VAL O 403 50.87 10.09 -52.80
N ASN O 404 50.53 11.38 -52.85
CA ASN O 404 49.17 11.84 -52.63
C ASN O 404 48.28 11.75 -53.86
N TRP O 405 48.87 11.70 -55.05
CA TRP O 405 48.07 11.74 -56.27
C TRP O 405 47.47 10.38 -56.60
N ASP O 406 48.24 9.30 -56.47
CA ASP O 406 47.78 7.97 -56.86
C ASP O 406 47.12 7.29 -55.68
N THR O 407 46.25 6.33 -55.97
CA THR O 407 45.43 5.70 -54.96
C THR O 407 45.88 4.31 -54.59
N ALA O 408 46.13 3.44 -55.57
CA ALA O 408 46.33 2.02 -55.35
C ALA O 408 47.76 1.64 -54.97
N LEU O 409 48.64 2.61 -54.76
CA LEU O 409 50.05 2.34 -54.51
C LEU O 409 50.47 2.65 -53.09
N TRP O 410 50.28 3.89 -52.63
CA TRP O 410 50.78 4.30 -51.33
C TRP O 410 49.72 4.26 -50.23
N GLY O 411 48.45 4.15 -50.60
CA GLY O 411 47.40 4.00 -49.62
C GLY O 411 47.63 2.80 -48.74
N PRO O 412 47.53 1.59 -49.33
CA PRO O 412 47.85 0.38 -48.55
C PRO O 412 49.27 0.36 -48.03
N MET O 413 50.19 1.06 -48.69
CA MET O 413 51.56 1.21 -48.16
C MET O 413 51.53 1.76 -46.75
N TYR O 414 51.07 3.01 -46.60
CA TYR O 414 51.05 3.65 -45.29
C TYR O 414 50.10 2.94 -44.36
N GLY O 415 48.99 2.43 -44.89
CA GLY O 415 48.04 1.72 -44.06
C GLY O 415 48.67 0.52 -43.37
N THR O 416 49.22 -0.40 -44.16
CA THR O 416 49.78 -1.63 -43.59
C THR O 416 51.04 -1.34 -42.78
N ALA O 417 51.81 -0.33 -43.16
CA ALA O 417 53.00 0.03 -42.37
C ALA O 417 52.61 0.54 -40.99
N PHE O 418 51.66 1.47 -40.94
CA PHE O 418 51.19 1.97 -39.65
C PHE O 418 50.48 0.88 -38.86
N LEU O 419 49.77 -0.02 -39.55
CA LEU O 419 49.11 -1.12 -38.85
C LEU O 419 50.13 -2.10 -38.28
N GLY O 420 51.27 -2.25 -38.94
CA GLY O 420 52.32 -3.10 -38.39
C GLY O 420 52.95 -2.47 -37.17
N LEU O 421 53.16 -1.16 -37.19
CA LEU O 421 53.62 -0.46 -35.99
C LEU O 421 52.59 -0.58 -34.87
N VAL O 422 51.31 -0.54 -35.24
CA VAL O 422 50.24 -0.67 -34.23
C VAL O 422 50.17 -2.09 -33.69
N TYR O 423 50.52 -3.10 -34.49
CA TYR O 423 50.62 -4.44 -33.95
C TYR O 423 51.82 -4.56 -33.02
N GLY O 424 52.91 -3.88 -33.36
CA GLY O 424 54.00 -3.72 -32.41
C GLY O 424 53.53 -3.09 -31.11
N LEU O 425 52.55 -2.19 -31.20
CA LEU O 425 51.96 -1.62 -29.99
C LEU O 425 51.11 -2.64 -29.24
N VAL O 426 50.24 -3.37 -29.96
CA VAL O 426 49.37 -4.36 -29.35
C VAL O 426 50.20 -5.43 -28.64
N ALA O 427 51.37 -5.74 -29.17
CA ALA O 427 52.30 -6.61 -28.46
C ALA O 427 53.19 -5.84 -27.48
N LEU O 428 53.21 -4.51 -27.55
CA LEU O 428 54.06 -3.68 -26.72
C LEU O 428 53.44 -3.31 -25.38
N THR O 429 52.14 -3.00 -25.36
CA THR O 429 51.44 -2.66 -24.13
C THR O 429 50.35 -3.65 -23.77
N LYS O 430 50.01 -4.58 -24.66
CA LYS O 430 49.15 -5.72 -24.36
C LYS O 430 47.77 -5.26 -23.88
N PHE O 431 47.04 -4.59 -24.77
CA PHE O 431 45.68 -4.19 -24.47
C PHE O 431 44.83 -5.42 -24.20
N ASP O 432 44.24 -5.48 -23.00
CA ASP O 432 43.46 -6.64 -22.58
C ASP O 432 42.14 -6.78 -23.29
N TRP O 433 41.77 -5.79 -24.12
CA TRP O 433 40.43 -5.61 -24.69
C TRP O 433 39.42 -5.23 -23.61
N SER O 434 39.85 -5.21 -22.34
CA SER O 434 39.07 -4.66 -21.25
C SER O 434 39.79 -3.54 -20.52
N SER O 435 40.99 -3.17 -20.97
CA SER O 435 41.74 -2.07 -20.38
C SER O 435 41.38 -0.73 -20.99
N VAL O 436 41.19 -0.66 -22.32
CA VAL O 436 40.67 0.56 -22.92
C VAL O 436 39.27 0.85 -22.41
N VAL O 437 38.48 -0.20 -22.15
CA VAL O 437 37.19 -0.02 -21.51
C VAL O 437 37.37 0.56 -20.11
N ASP O 438 38.46 0.16 -19.43
CA ASP O 438 38.73 0.73 -18.13
C ASP O 438 39.11 2.21 -18.23
N ALA O 439 39.80 2.61 -19.31
CA ALA O 439 40.10 4.02 -19.50
C ALA O 439 38.83 4.81 -19.79
N VAL O 440 37.94 4.23 -20.61
CA VAL O 440 36.62 4.79 -20.81
C VAL O 440 35.94 5.03 -19.45
N LEU O 441 35.94 4.01 -18.59
CA LEU O 441 35.31 4.15 -17.29
C LEU O 441 35.99 5.19 -16.42
N ARG O 442 37.32 5.32 -16.53
CA ARG O 442 38.03 6.32 -15.76
C ARG O 442 37.63 7.73 -16.17
N VAL O 443 37.58 8.00 -17.47
CA VAL O 443 37.21 9.34 -17.92
C VAL O 443 35.74 9.60 -17.66
N ALA O 444 34.91 8.56 -17.73
CA ALA O 444 33.49 8.73 -17.41
C ALA O 444 33.30 9.06 -15.94
N CYS O 445 34.05 8.40 -15.05
CA CYS O 445 33.95 8.69 -13.63
C CYS O 445 34.45 10.09 -13.33
N TRP O 446 35.53 10.52 -14.00
CA TRP O 446 36.03 11.88 -13.77
C TRP O 446 35.01 12.92 -14.21
N PHE O 447 34.44 12.75 -15.41
CA PHE O 447 33.44 13.71 -15.88
C PHE O 447 32.19 13.67 -15.02
N ALA O 448 31.80 12.49 -14.53
CA ALA O 448 30.67 12.42 -13.60
C ALA O 448 30.95 13.22 -12.34
N GLU O 449 32.15 13.09 -11.78
CA GLU O 449 32.47 13.86 -10.58
C GLU O 449 32.55 15.34 -10.88
N LEU O 450 32.84 15.71 -12.13
CA LEU O 450 32.81 17.12 -12.49
C LEU O 450 31.39 17.65 -12.56
N THR O 451 30.48 16.90 -13.20
CA THR O 451 29.12 17.37 -13.36
C THR O 451 28.35 17.36 -12.05
N MET O 452 28.65 16.42 -11.14
CA MET O 452 28.01 16.46 -9.84
C MET O 452 28.39 17.72 -9.08
N TRP O 453 29.66 18.11 -9.14
CA TRP O 453 30.09 19.35 -8.50
C TRP O 453 29.44 20.55 -9.16
N PHE O 454 29.41 20.57 -10.50
CA PHE O 454 28.78 21.67 -11.21
C PHE O 454 27.33 21.82 -10.81
N TRP O 455 26.60 20.71 -10.76
CA TRP O 455 25.21 20.75 -10.32
C TRP O 455 25.09 21.31 -8.92
N ASP O 456 25.74 20.66 -7.94
CA ASP O 456 25.55 21.09 -6.56
C ASP O 456 26.05 22.51 -6.30
N THR O 457 26.84 23.08 -7.21
CA THR O 457 27.34 24.42 -6.99
C THR O 457 26.58 25.50 -7.75
N PHE O 458 26.15 25.24 -8.98
CA PHE O 458 25.59 26.29 -9.83
C PHE O 458 24.17 26.08 -10.30
N VAL O 459 23.52 24.97 -9.94
CA VAL O 459 22.20 24.68 -10.47
C VAL O 459 21.19 24.51 -9.35
N TRP O 460 21.40 23.52 -8.49
CA TRP O 460 20.48 23.29 -7.38
C TRP O 460 21.18 22.42 -6.36
N LYS O 461 21.06 22.80 -5.09
CA LYS O 461 21.80 22.11 -4.03
C LYS O 461 21.28 20.69 -3.84
N PHE O 462 22.21 19.75 -3.70
CA PHE O 462 21.80 18.35 -3.51
C PHE O 462 21.03 18.17 -2.21
N SER O 463 21.22 19.06 -1.24
CA SER O 463 20.42 18.98 -0.03
C SER O 463 18.98 19.41 -0.25
N TRP O 464 18.73 20.22 -1.27
CA TRP O 464 17.38 20.66 -1.61
C TRP O 464 16.64 19.63 -2.44
N SER O 465 17.29 19.07 -3.46
CA SER O 465 16.65 18.16 -4.39
C SER O 465 16.23 16.85 -3.72
N GLU O 466 17.10 16.28 -2.90
CA GLU O 466 16.84 14.98 -2.31
C GLU O 466 15.95 15.09 -1.08
N LYS O 467 15.09 14.10 -0.92
CA LYS O 467 14.19 14.06 0.23
C LYS O 467 14.94 13.69 1.49
N THR O 468 14.57 14.35 2.59
CA THR O 468 15.10 14.05 3.91
C THR O 468 14.03 13.33 4.73
N ARG O 469 14.47 12.57 5.72
CA ARG O 469 13.61 11.68 6.48
C ARG O 469 13.64 12.05 7.96
N ARG O 470 13.03 11.20 8.78
CA ARG O 470 12.89 11.27 10.23
C ARG O 470 11.79 12.23 10.68
N ALA O 471 11.16 12.99 9.78
CA ALA O 471 10.14 13.94 10.20
C ALA O 471 9.22 14.34 9.06
N ASP P 57 50.80 75.89 -52.36
CA ASP P 57 50.42 74.87 -53.33
C ASP P 57 51.46 74.76 -54.45
N LEU P 58 51.15 73.93 -55.43
CA LEU P 58 51.98 73.74 -56.62
C LEU P 58 51.76 74.86 -57.62
N SER P 59 52.20 74.63 -58.86
CA SER P 59 52.13 75.61 -59.95
C SER P 59 53.02 76.82 -59.66
N ARG P 60 54.31 76.54 -59.56
CA ARG P 60 55.37 77.55 -59.56
C ARG P 60 56.24 77.33 -60.80
N PRO P 61 55.68 77.49 -62.01
CA PRO P 61 56.38 77.01 -63.20
C PRO P 61 57.40 78.01 -63.73
N ALA P 62 57.99 77.69 -64.89
CA ALA P 62 58.99 78.55 -65.52
C ALA P 62 58.62 78.81 -66.98
N GLU P 63 59.52 79.46 -67.70
CA GLU P 63 59.30 79.80 -69.11
C GLU P 63 60.04 78.84 -70.02
N SER P 64 59.90 79.06 -71.32
CA SER P 64 60.55 78.22 -72.32
C SER P 64 62.03 78.58 -72.45
N LEU P 65 62.86 78.08 -71.53
CA LEU P 65 64.28 78.38 -71.56
C LEU P 65 65.07 77.19 -72.10
N PRO P 66 66.15 77.44 -72.82
CA PRO P 66 66.96 76.32 -73.35
C PRO P 66 67.87 75.71 -72.29
N ALA P 67 67.52 74.51 -71.83
CA ALA P 67 68.38 73.74 -70.93
C ALA P 67 68.85 72.44 -71.56
N ARG P 68 67.93 71.61 -72.06
CA ARG P 68 68.30 70.40 -72.80
C ARG P 68 68.91 70.80 -74.13
N ALA P 69 70.20 70.56 -74.30
CA ALA P 69 70.92 71.09 -75.44
C ALA P 69 71.20 70.05 -76.53
N ASP P 70 70.48 68.93 -76.56
CA ASP P 70 70.48 68.03 -77.72
C ASP P 70 71.90 67.54 -78.03
N GLU P 71 72.35 66.60 -77.18
CA GLU P 71 73.76 66.31 -76.90
C GLU P 71 74.69 66.42 -78.10
N ALA P 72 74.18 66.17 -79.31
CA ALA P 72 74.98 66.36 -80.53
C ALA P 72 75.64 67.74 -80.56
N ALA P 73 75.00 68.74 -79.94
CA ALA P 73 75.59 70.08 -79.85
C ALA P 73 76.42 70.28 -78.59
N VAL P 74 76.16 69.51 -77.52
CA VAL P 74 76.91 69.69 -76.29
C VAL P 74 78.34 69.18 -76.41
N GLN P 75 78.60 68.21 -77.29
CA GLN P 75 79.99 67.76 -77.47
C GLN P 75 80.86 68.86 -78.05
N ALA P 76 80.23 69.89 -78.64
CA ALA P 76 80.99 71.09 -78.98
C ALA P 76 81.54 71.78 -77.74
N ALA P 77 80.81 71.72 -76.62
CA ALA P 77 81.34 72.19 -75.34
C ALA P 77 82.22 71.14 -74.67
N LEU P 78 82.04 69.86 -75.00
CA LEU P 78 82.95 68.82 -74.55
C LEU P 78 84.35 68.96 -75.14
N ALA P 79 84.45 69.42 -76.38
CA ALA P 79 85.72 69.77 -76.99
C ALA P 79 86.02 71.26 -76.93
N ASP P 80 85.46 71.97 -75.96
CA ASP P 80 85.64 73.40 -75.84
C ASP P 80 86.85 73.72 -74.96
N ASP P 81 87.43 74.89 -75.17
CA ASP P 81 88.54 75.37 -74.36
C ASP P 81 88.39 76.88 -74.21
N GLY P 82 89.09 77.44 -73.22
CA GLY P 82 88.97 78.85 -72.92
C GLY P 82 87.68 79.25 -72.25
N GLY P 83 86.88 78.30 -71.77
CA GLY P 83 85.70 78.62 -71.02
C GLY P 83 86.05 79.14 -69.64
N TRP P 84 85.02 79.21 -68.79
CA TRP P 84 85.19 79.79 -67.46
C TRP P 84 83.92 79.54 -66.65
N VAL P 85 83.99 79.88 -65.36
CA VAL P 85 82.86 79.83 -64.44
C VAL P 85 82.79 81.17 -63.70
N GLY P 86 81.60 81.73 -63.60
CA GLY P 86 81.40 82.95 -62.83
C GLY P 86 80.43 83.88 -63.54
N THR P 87 80.56 85.17 -63.21
CA THR P 87 79.85 86.25 -63.91
C THR P 87 80.57 87.55 -63.62
N PRO P 88 80.97 88.29 -64.66
CA PRO P 88 81.77 89.50 -64.45
C PRO P 88 80.93 90.65 -63.89
N ASP P 89 81.58 91.82 -63.83
CA ASP P 89 80.91 93.05 -63.45
C ASP P 89 79.69 93.28 -64.33
N PRO P 90 78.55 93.66 -63.73
CA PRO P 90 77.39 94.09 -64.53
C PRO P 90 77.54 95.50 -65.08
N SER P 91 78.39 96.34 -64.49
CA SER P 91 78.50 97.72 -64.93
C SER P 91 79.17 97.85 -66.30
N LYS P 92 79.86 96.80 -66.76
CA LYS P 92 80.53 96.84 -68.05
C LYS P 92 79.89 95.98 -69.12
N TYR P 93 79.55 94.73 -68.82
CA TYR P 93 78.95 93.82 -69.78
C TYR P 93 77.54 93.47 -69.33
N ALA P 94 76.69 93.11 -70.30
CA ALA P 94 75.27 92.90 -70.03
C ALA P 94 75.04 91.55 -69.36
N ALA P 95 73.88 91.44 -68.72
CA ALA P 95 73.49 90.23 -68.00
C ALA P 95 73.17 89.12 -69.00
N GLY P 96 73.76 87.94 -68.78
CA GLY P 96 73.64 86.83 -69.71
C GLY P 96 74.99 86.41 -70.22
N THR P 97 76.02 86.68 -69.42
CA THR P 97 77.41 86.59 -69.87
C THR P 97 77.88 85.13 -69.83
N THR P 98 78.03 84.55 -71.03
CA THR P 98 78.88 83.39 -71.25
C THR P 98 80.07 83.72 -72.14
N GLN P 99 80.14 84.94 -72.65
CA GLN P 99 81.22 85.42 -73.52
C GLN P 99 82.38 85.91 -72.66
N LEU P 100 83.58 85.42 -72.95
CA LEU P 100 84.82 85.97 -72.41
C LEU P 100 85.93 85.79 -73.44
N SER P 101 86.35 86.90 -74.03
CA SER P 101 87.48 86.90 -74.95
C SER P 101 88.78 86.94 -74.16
N ALA P 102 89.89 87.17 -74.88
CA ALA P 102 91.20 87.20 -74.23
C ALA P 102 91.37 88.46 -73.38
N ARG P 103 91.14 89.62 -73.98
CA ARG P 103 91.39 90.89 -73.30
C ARG P 103 90.56 91.01 -72.02
N GLU P 104 89.25 90.86 -72.13
CA GLU P 104 88.37 91.17 -71.00
C GLU P 104 88.49 90.12 -69.89
N LEU P 105 88.63 88.84 -70.25
CA LEU P 105 88.87 87.84 -69.21
C LEU P 105 90.22 88.06 -68.54
N GLN P 106 91.24 88.42 -69.32
CA GLN P 106 92.54 88.80 -68.77
C GLN P 106 92.38 89.91 -67.73
N GLU P 107 91.68 90.97 -68.10
CA GLU P 107 91.57 92.11 -67.20
C GLU P 107 90.78 91.75 -65.94
N GLU P 108 89.68 90.99 -66.07
CA GLU P 108 88.87 90.70 -64.89
C GLU P 108 89.53 89.65 -64.01
N VAL P 109 90.36 88.78 -64.61
CA VAL P 109 91.13 87.83 -63.82
C VAL P 109 92.30 88.49 -63.11
N ALA P 110 92.75 89.65 -63.61
CA ALA P 110 93.63 90.49 -62.81
C ALA P 110 92.86 91.38 -61.84
N LYS P 111 91.55 91.55 -62.04
CA LYS P 111 90.73 92.40 -61.20
C LYS P 111 90.05 91.65 -60.05
N GLY P 112 89.59 90.43 -60.29
CA GLY P 112 88.80 89.70 -59.31
C GLY P 112 87.34 89.53 -59.67
N ASN P 113 87.01 89.37 -60.96
CA ASN P 113 85.61 89.20 -61.37
C ASN P 113 85.29 87.74 -61.67
N VAL P 114 86.07 87.12 -62.56
CA VAL P 114 85.80 85.77 -63.05
C VAL P 114 87.12 85.01 -63.15
N MET P 115 87.08 83.74 -62.75
CA MET P 115 88.20 82.83 -62.93
C MET P 115 87.97 81.99 -64.17
N THR P 116 89.06 81.48 -64.74
CA THR P 116 88.95 80.69 -65.96
C THR P 116 88.47 79.27 -65.64
N TRP P 117 88.27 78.47 -66.70
CA TRP P 117 87.71 77.13 -66.50
C TRP P 117 88.74 76.20 -65.87
N LYS P 118 89.97 76.20 -66.37
CA LYS P 118 91.01 75.37 -65.76
C LYS P 118 91.47 75.95 -64.42
N ASP P 119 91.25 77.25 -64.21
CA ASP P 119 91.27 77.76 -62.85
C ASP P 119 90.36 76.94 -61.96
N PHE P 120 89.07 76.87 -62.30
CA PHE P 120 88.12 76.03 -61.54
C PHE P 120 88.56 74.58 -61.48
N LYS P 121 89.18 74.08 -62.56
CA LYS P 121 89.80 72.76 -62.54
C LYS P 121 90.68 72.58 -61.31
N GLN P 122 91.76 73.35 -61.21
CA GLN P 122 92.66 73.15 -60.09
C GLN P 122 92.12 73.69 -58.77
N GLN P 123 91.07 74.51 -58.78
CA GLN P 123 90.43 74.89 -57.52
C GLN P 123 89.65 73.71 -56.95
N VAL P 124 88.87 73.02 -57.79
CA VAL P 124 88.22 71.80 -57.36
C VAL P 124 89.24 70.74 -56.98
N SER P 125 90.33 70.64 -57.74
CA SER P 125 91.42 69.72 -57.39
C SER P 125 91.96 70.03 -55.99
N GLY P 126 92.17 71.32 -55.70
CA GLY P 126 92.66 71.69 -54.38
C GLY P 126 91.62 71.70 -53.28
N LEU P 127 90.35 71.92 -53.63
CA LEU P 127 89.31 72.03 -52.60
C LEU P 127 89.10 70.70 -51.90
N GLN P 128 89.38 70.68 -50.59
CA GLN P 128 89.24 69.49 -49.77
C GLN P 128 88.30 69.77 -48.60
N GLY P 129 87.50 68.76 -48.25
CA GLY P 129 86.76 68.78 -47.02
C GLY P 129 85.54 69.69 -47.00
N PRO P 130 85.53 70.65 -46.07
CA PRO P 130 84.29 71.40 -45.80
C PRO P 130 83.83 72.31 -46.93
N GLU P 131 84.72 73.08 -47.55
CA GLU P 131 84.29 73.94 -48.63
C GLU P 131 84.14 73.15 -49.92
N ARG P 132 84.84 72.02 -50.03
CA ARG P 132 84.51 71.05 -51.06
C ARG P 132 83.04 70.65 -50.96
N GLU P 133 82.59 70.34 -49.74
CA GLU P 133 81.17 70.10 -49.49
C GLU P 133 80.32 71.31 -49.83
N ALA P 134 80.80 72.50 -49.48
CA ALA P 134 80.02 73.71 -49.73
C ALA P 134 79.73 73.89 -51.22
N LEU P 135 80.78 73.87 -52.05
CA LEU P 135 80.59 74.05 -53.48
C LEU P 135 79.93 72.83 -54.11
N LEU P 136 80.12 71.64 -53.52
CA LEU P 136 79.36 70.47 -53.96
C LEU P 136 77.87 70.71 -53.85
N ALA P 137 77.39 71.00 -52.64
CA ALA P 137 75.96 71.25 -52.45
C ALA P 137 75.50 72.45 -53.28
N LEU P 138 76.38 73.45 -53.41
CA LEU P 138 76.05 74.62 -54.21
C LEU P 138 75.73 74.25 -55.66
N VAL P 139 76.71 73.67 -56.37
CA VAL P 139 76.47 73.32 -57.76
C VAL P 139 75.37 72.27 -57.87
N ALA P 140 75.23 71.42 -56.86
CA ALA P 140 74.20 70.40 -56.88
C ALA P 140 72.80 71.01 -56.94
N GLN P 141 72.45 71.82 -55.93
CA GLN P 141 71.11 72.37 -55.93
C GLN P 141 70.94 73.41 -57.02
N ARG P 142 72.06 74.01 -57.47
CA ARG P 142 71.99 74.92 -58.61
C ARG P 142 71.53 74.17 -59.87
N VAL P 143 72.20 73.08 -60.21
CA VAL P 143 71.85 72.33 -61.41
C VAL P 143 70.48 71.67 -61.24
N ALA P 144 70.12 71.37 -59.99
CA ALA P 144 68.80 70.83 -59.70
C ALA P 144 67.72 71.90 -59.90
N ALA P 145 68.12 73.17 -59.78
CA ALA P 145 67.17 74.26 -59.89
C ALA P 145 67.02 74.80 -61.30
N GLU P 146 68.08 74.85 -62.10
CA GLU P 146 67.95 75.53 -63.39
C GLU P 146 68.30 74.61 -64.56
N ARG P 147 68.42 73.31 -64.31
CA ARG P 147 68.73 72.48 -65.47
C ARG P 147 67.81 71.28 -65.67
N MET P 148 67.40 70.62 -64.58
CA MET P 148 66.51 69.46 -64.68
C MET P 148 65.14 69.85 -64.17
N PHE P 149 64.14 69.75 -65.04
CA PHE P 149 62.76 70.05 -64.72
C PHE P 149 61.84 68.89 -65.14
N PHE P 150 60.67 68.85 -64.52
CA PHE P 150 59.57 68.00 -64.97
C PHE P 150 58.66 68.83 -65.87
N THR P 151 57.47 68.30 -66.17
CA THR P 151 56.50 69.05 -66.95
C THR P 151 55.13 68.94 -66.30
N LEU P 152 54.40 70.04 -66.30
CA LEU P 152 52.99 70.03 -65.89
C LEU P 152 52.14 69.58 -67.07
N GLU P 153 50.83 69.74 -66.97
CA GLU P 153 49.97 69.48 -68.12
C GLU P 153 50.06 70.62 -69.12
N ASP P 154 50.41 71.82 -68.65
CA ASP P 154 50.60 72.95 -69.56
C ASP P 154 51.92 72.88 -70.30
N GLY P 155 52.83 72.01 -69.86
CA GLY P 155 54.09 71.82 -70.53
C GLY P 155 55.24 72.70 -70.07
N SER P 156 55.15 73.29 -68.88
CA SER P 156 56.21 74.14 -68.37
C SER P 156 57.21 73.31 -67.56
N LYS P 157 58.14 74.03 -66.92
CA LYS P 157 59.27 73.31 -66.25
C LYS P 157 59.43 73.59 -64.76
N VAL P 158 59.05 72.63 -63.92
CA VAL P 158 59.25 72.69 -62.47
C VAL P 158 60.49 71.86 -62.15
N SER P 159 61.42 72.45 -61.41
CA SER P 159 62.76 71.89 -61.30
C SER P 159 62.85 70.86 -60.16
N LEU P 160 64.08 70.42 -59.90
CA LEU P 160 64.32 69.40 -58.89
C LEU P 160 64.36 70.00 -57.48
N TRP P 161 65.05 71.13 -57.32
CA TRP P 161 65.30 71.64 -55.98
C TRP P 161 64.04 72.25 -55.38
N ASP P 162 63.34 73.08 -56.15
CA ASP P 162 62.11 73.68 -55.65
C ASP P 162 61.06 72.61 -55.34
N LEU P 163 60.99 71.56 -56.16
CA LEU P 163 60.05 70.47 -55.89
C LEU P 163 60.46 69.68 -54.66
N GLN P 164 61.76 69.40 -54.51
CA GLN P 164 62.28 68.78 -53.30
C GLN P 164 61.86 69.55 -52.06
N GLN P 165 62.05 70.87 -52.08
CA GLN P 165 61.75 71.68 -50.92
C GLN P 165 60.24 71.77 -50.68
N TYR P 166 59.46 71.88 -51.76
CA TYR P 166 58.02 71.88 -51.63
C TYR P 166 57.50 70.59 -51.01
N VAL P 167 58.11 69.46 -51.34
CA VAL P 167 57.66 68.19 -50.79
C VAL P 167 58.08 68.05 -49.33
N ASP P 168 59.37 68.14 -49.05
CA ASP P 168 59.84 67.88 -47.69
C ASP P 168 60.04 69.14 -46.87
N ASN P 169 59.31 70.21 -47.15
CA ASN P 169 59.37 71.44 -46.37
C ASN P 169 58.12 71.68 -45.54
N ASN P 170 56.94 71.59 -46.15
CA ASN P 170 55.70 71.81 -45.41
C ASN P 170 55.35 70.56 -44.61
N PRO P 171 55.44 70.59 -43.29
CA PRO P 171 55.05 69.41 -42.51
C PRO P 171 53.55 69.41 -42.23
N GLU P 172 52.91 70.57 -42.42
CA GLU P 172 51.48 70.67 -42.21
C GLU P 172 50.70 69.94 -43.30
N LEU P 173 51.14 70.08 -44.55
CA LEU P 173 50.51 69.30 -45.61
C LEU P 173 50.78 67.82 -45.45
N ALA P 174 51.92 67.45 -44.89
CA ALA P 174 52.18 66.06 -44.56
C ALA P 174 51.22 65.56 -43.48
N ALA P 175 50.92 66.41 -42.49
CA ALA P 175 49.96 66.05 -41.46
C ALA P 175 48.56 65.91 -42.04
N LEU P 176 48.22 66.77 -43.00
CA LEU P 176 46.94 66.63 -43.71
C LEU P 176 46.88 65.31 -44.46
N ALA P 177 47.96 64.97 -45.17
CA ALA P 177 47.98 63.75 -45.97
C ALA P 177 47.99 62.49 -45.12
N ALA P 178 48.56 62.55 -43.91
CA ALA P 178 48.67 61.35 -43.09
C ALA P 178 47.31 60.88 -42.59
N SER P 179 46.45 61.83 -42.22
CA SER P 179 45.11 61.48 -41.73
C SER P 179 44.19 61.20 -42.91
N VAL P 180 42.89 61.12 -42.66
CA VAL P 180 41.93 60.77 -43.69
C VAL P 180 40.99 61.91 -44.05
N ARG P 181 40.87 62.94 -43.20
CA ARG P 181 39.80 63.92 -43.32
C ARG P 181 39.70 64.46 -44.74
N ARG P 182 38.58 64.16 -45.41
CA ARG P 182 38.28 64.70 -46.72
C ARG P 182 37.40 65.92 -46.55
N ILE P 183 37.74 67.00 -47.23
CA ILE P 183 37.06 68.28 -47.08
C ILE P 183 36.51 68.69 -48.44
N ALA P 184 35.19 68.88 -48.50
CA ALA P 184 34.58 69.40 -49.72
C ALA P 184 35.18 70.76 -50.07
N VAL P 185 35.03 71.13 -51.34
CA VAL P 185 35.60 72.36 -51.87
C VAL P 185 34.45 73.29 -52.21
N ALA P 186 34.56 74.55 -51.78
CA ALA P 186 33.57 75.55 -52.12
C ALA P 186 33.61 75.80 -53.62
N ASP P 187 32.44 76.03 -54.21
CA ASP P 187 32.35 76.32 -55.62
C ASP P 187 33.01 77.65 -55.93
N PRO P 188 33.94 77.71 -56.89
CA PRO P 188 34.43 79.02 -57.36
C PRO P 188 33.32 79.94 -57.86
N GLU P 189 32.18 79.39 -58.26
CA GLU P 189 30.98 80.19 -58.44
C GLU P 189 30.69 80.94 -57.15
N ASP P 190 30.56 82.26 -57.23
CA ASP P 190 30.55 83.09 -56.02
C ASP P 190 29.27 83.04 -55.19
N PRO P 191 28.05 82.75 -55.74
CA PRO P 191 26.82 83.12 -55.00
C PRO P 191 26.74 82.58 -53.57
N ALA P 192 26.83 81.26 -53.39
CA ALA P 192 26.57 80.68 -52.09
C ALA P 192 27.68 79.81 -51.54
N GLY P 193 28.74 79.56 -52.32
CA GLY P 193 29.79 78.68 -51.85
C GLY P 193 29.33 77.28 -51.52
N ARG P 194 28.28 76.80 -52.19
CA ARG P 194 27.76 75.48 -51.93
C ARG P 194 28.76 74.42 -52.41
N PRO P 195 29.14 73.49 -51.55
CA PRO P 195 30.10 72.46 -51.94
C PRO P 195 29.52 71.56 -53.03
N LEU P 196 30.38 71.19 -53.97
CA LEU P 196 29.94 70.45 -55.14
C LEU P 196 29.80 68.96 -54.80
N PRO P 197 29.10 68.19 -55.62
CA PRO P 197 28.90 66.76 -55.34
C PRO P 197 30.12 65.89 -55.59
N GLY P 198 31.31 66.46 -55.71
CA GLY P 198 32.53 65.69 -55.93
C GLY P 198 32.68 64.49 -55.02
N GLY P 199 32.90 64.73 -53.73
CA GLY P 199 32.86 63.65 -52.76
C GLY P 199 33.88 62.58 -53.07
N GLY P 200 33.39 61.43 -53.54
CA GLY P 200 34.25 60.36 -54.00
C GLY P 200 34.41 59.21 -53.03
N ALA P 201 34.28 57.98 -53.52
CA ALA P 201 34.50 56.79 -52.73
C ALA P 201 35.92 56.26 -52.81
N SER P 202 36.52 56.26 -54.01
CA SER P 202 37.96 56.03 -54.18
C SER P 202 38.38 54.68 -53.56
N GLY P 203 37.94 53.61 -54.22
CA GLY P 203 38.11 52.26 -53.70
C GLY P 203 39.48 51.92 -53.14
N LEU P 204 40.50 52.73 -53.46
CA LEU P 204 41.77 52.62 -52.76
C LEU P 204 41.67 53.17 -51.35
N ASP P 205 40.78 54.13 -51.13
CA ASP P 205 40.52 54.67 -49.79
C ASP P 205 39.56 53.78 -49.01
N ARG P 206 38.63 53.14 -49.68
CA ARG P 206 37.69 52.23 -49.04
C ARG P 206 38.36 50.95 -48.55
N SER P 207 39.63 50.75 -48.84
CA SER P 207 40.28 49.46 -48.61
C SER P 207 41.25 49.45 -47.45
N ARG P 208 41.46 50.57 -46.76
CA ARG P 208 42.33 50.56 -45.59
C ARG P 208 41.64 49.86 -44.44
N GLY P 209 42.42 49.41 -43.47
CA GLY P 209 41.92 48.56 -42.42
C GLY P 209 41.87 47.10 -42.79
N LEU P 210 41.80 46.78 -44.07
CA LEU P 210 41.85 45.40 -44.54
C LEU P 210 43.22 44.81 -44.30
N THR P 211 43.35 43.51 -44.57
CA THR P 211 44.58 42.78 -44.26
C THR P 211 45.30 42.30 -45.51
N GLY P 212 44.62 41.53 -46.35
CA GLY P 212 45.30 40.91 -47.47
C GLY P 212 45.65 41.86 -48.61
N ALA P 213 44.63 42.37 -49.28
CA ALA P 213 44.82 43.17 -50.48
C ALA P 213 43.80 44.31 -50.44
N ALA P 214 43.62 44.96 -51.58
CA ALA P 214 42.73 46.11 -51.71
C ALA P 214 41.74 45.84 -52.83
N HIS P 215 40.53 45.41 -52.47
CA HIS P 215 39.43 45.35 -53.42
C HIS P 215 39.28 46.70 -54.11
N MET P 216 39.01 46.68 -55.41
CA MET P 216 39.24 47.87 -56.23
C MET P 216 38.12 48.19 -57.21
N SER P 217 37.05 47.39 -57.25
CA SER P 217 35.89 47.65 -58.10
C SER P 217 36.30 47.75 -59.59
N GLY P 218 37.25 46.91 -59.95
CA GLY P 218 37.64 46.81 -61.34
C GLY P 218 38.25 48.07 -61.93
N GLN P 219 37.45 48.77 -62.75
CA GLN P 219 37.93 49.86 -63.60
C GLN P 219 38.87 50.83 -62.87
N GLU P 220 38.68 51.02 -61.57
CA GLU P 220 39.55 51.91 -60.81
C GLU P 220 40.99 51.42 -60.86
N ALA P 221 41.21 50.11 -60.69
CA ALA P 221 42.56 49.58 -60.79
C ALA P 221 43.09 49.69 -62.21
N GLU P 222 42.20 49.68 -63.21
CA GLU P 222 42.64 49.85 -64.59
C GLU P 222 43.14 51.27 -64.86
N GLU P 223 42.43 52.28 -64.35
CA GLU P 223 42.87 53.66 -64.51
C GLU P 223 44.05 54.02 -63.62
N LEU P 224 44.50 53.09 -62.77
CA LEU P 224 45.67 53.29 -61.93
C LEU P 224 46.94 52.71 -62.56
N GLU P 225 46.83 52.06 -63.71
CA GLU P 225 47.97 51.47 -64.41
C GLU P 225 48.67 50.41 -63.57
N LEU P 226 47.89 49.46 -63.06
CA LEU P 226 48.44 48.28 -62.39
C LEU P 226 48.51 47.13 -63.38
N ASP P 227 49.37 47.32 -64.38
CA ASP P 227 49.41 46.44 -65.56
C ASP P 227 50.25 45.20 -65.32
N TRP P 228 49.96 44.49 -64.22
CA TRP P 228 50.59 43.19 -63.96
C TRP P 228 49.51 42.26 -63.42
N GLY P 229 48.84 41.55 -64.31
CA GLY P 229 47.85 40.57 -63.91
C GLY P 229 48.51 39.34 -63.31
N GLN P 230 47.89 38.79 -62.26
CA GLN P 230 48.42 37.61 -61.62
C GLN P 230 48.39 36.44 -62.59
N VAL P 231 49.46 35.65 -62.58
CA VAL P 231 49.59 34.55 -63.53
C VAL P 231 49.63 33.18 -62.88
N GLY P 232 50.29 33.02 -61.74
CA GLY P 232 50.34 31.71 -61.14
C GLY P 232 50.67 31.76 -59.67
N ARG P 233 50.06 30.84 -58.93
CA ARG P 233 50.32 30.68 -57.51
C ARG P 233 50.96 29.33 -57.25
N GLY P 234 52.02 29.34 -56.46
CA GLY P 234 52.67 28.12 -56.05
C GLY P 234 53.17 28.25 -54.64
N ALA P 235 53.76 27.17 -54.14
CA ALA P 235 54.19 27.15 -52.76
C ALA P 235 55.54 26.44 -52.66
N LEU P 236 56.45 27.04 -51.90
CA LEU P 236 57.72 26.41 -51.57
C LEU P 236 57.51 25.70 -50.24
N TRP P 237 57.55 24.37 -50.28
CA TRP P 237 57.29 23.53 -49.11
C TRP P 237 58.61 23.06 -48.52
N ARG P 238 58.78 23.23 -47.22
CA ARG P 238 59.84 22.51 -46.52
C ARG P 238 59.61 21.01 -46.64
N ARG P 239 58.35 20.58 -46.62
CA ARG P 239 57.96 19.21 -46.90
C ARG P 239 56.51 19.20 -47.31
N ARG P 240 56.23 18.78 -48.54
CA ARG P 240 54.87 18.79 -49.06
C ARG P 240 53.99 17.88 -48.22
N PRO P 241 52.68 18.14 -48.15
CA PRO P 241 51.83 17.38 -47.23
C PRO P 241 51.39 16.05 -47.83
N THR P 242 51.26 15.05 -46.96
CA THR P 242 50.88 13.71 -47.38
C THR P 242 49.39 13.48 -47.12
N ARG P 243 48.71 12.86 -48.08
CA ARG P 243 47.31 12.50 -47.91
C ARG P 243 47.15 11.42 -46.86
N TRP P 244 48.15 10.56 -46.69
CA TRP P 244 47.97 9.35 -45.91
C TRP P 244 48.09 9.61 -44.41
N LEU P 245 49.18 10.22 -43.96
CA LEU P 245 49.29 10.52 -42.54
C LEU P 245 48.22 11.50 -42.11
N LEU P 246 47.98 11.56 -40.80
CA LEU P 246 46.80 12.20 -40.22
C LEU P 246 46.72 13.66 -40.65
N GLY P 247 45.68 13.98 -41.43
CA GLY P 247 45.32 15.36 -41.70
C GLY P 247 46.32 16.18 -42.48
N GLY P 248 47.41 15.59 -42.94
CA GLY P 248 48.41 16.35 -43.66
C GLY P 248 49.12 17.39 -42.83
N LEU P 249 49.19 17.21 -41.51
CA LEU P 249 49.95 18.11 -40.65
C LEU P 249 51.44 18.07 -40.93
N ASP P 250 51.92 16.98 -41.53
CA ASP P 250 53.32 16.88 -41.94
C ASP P 250 53.71 17.98 -42.93
N GLY P 251 52.74 18.59 -43.61
CA GLY P 251 53.05 19.62 -44.56
C GLY P 251 53.53 20.89 -43.87
N VAL P 252 54.76 21.29 -44.23
CA VAL P 252 55.38 22.50 -43.70
C VAL P 252 55.86 23.32 -44.88
N LYS P 253 55.29 24.50 -45.05
CA LYS P 253 55.53 25.31 -46.24
C LYS P 253 56.54 26.42 -45.94
N ASP P 254 57.55 26.54 -46.80
CA ASP P 254 58.55 27.60 -46.64
C ASP P 254 57.95 28.96 -46.98
N TRP P 255 57.46 29.12 -48.21
CA TRP P 255 56.94 30.40 -48.68
C TRP P 255 55.72 30.18 -49.55
N GLU P 256 54.94 31.24 -49.74
CA GLU P 256 53.79 31.23 -50.63
C GLU P 256 54.01 32.23 -51.75
N LEU P 257 54.28 31.74 -52.96
CA LEU P 257 54.75 32.59 -54.04
C LEU P 257 53.68 32.76 -55.11
N GLU P 258 53.63 33.94 -55.70
CA GLU P 258 52.76 34.27 -56.80
C GLU P 258 53.60 34.95 -57.88
N ALA P 259 53.10 34.95 -59.11
CA ALA P 259 53.80 35.59 -60.21
C ALA P 259 52.85 36.50 -60.97
N TYR P 260 53.42 37.50 -61.64
CA TYR P 260 52.68 38.47 -62.43
C TYR P 260 53.52 38.82 -63.65
N ALA P 261 52.86 39.32 -64.70
CA ALA P 261 53.55 39.71 -65.91
C ALA P 261 52.76 40.80 -66.63
N HIS P 262 53.48 41.66 -67.34
CA HIS P 262 52.87 42.78 -68.04
C HIS P 262 51.94 42.27 -69.13
N GLU P 263 50.65 42.61 -69.02
CA GLU P 263 49.62 42.10 -69.92
C GLU P 263 49.56 42.84 -71.26
N PRO P 264 49.67 44.17 -71.30
CA PRO P 264 49.71 44.83 -72.62
C PRO P 264 50.88 44.36 -73.48
N LEU P 265 52.07 44.28 -72.90
CA LEU P 265 53.21 43.77 -73.67
C LEU P 265 53.07 42.28 -73.96
N ALA P 266 52.49 41.51 -73.04
CA ALA P 266 52.24 40.10 -73.32
C ALA P 266 51.33 39.93 -74.53
N ASN P 267 50.39 40.86 -74.71
CA ASN P 267 49.58 40.84 -75.93
C ASN P 267 50.38 41.35 -77.12
N GLN P 268 51.28 42.31 -76.89
CA GLN P 268 51.99 42.94 -78.00
C GLN P 268 52.97 41.98 -78.66
N LEU P 269 53.88 41.40 -77.89
CA LEU P 269 54.89 40.51 -78.48
C LEU P 269 54.32 39.12 -78.77
N LEU P 270 53.90 38.41 -77.73
CA LEU P 270 53.50 37.01 -77.92
C LEU P 270 52.16 36.88 -78.62
N GLY P 271 51.35 37.94 -78.63
CA GLY P 271 50.06 37.89 -79.30
C GLY P 271 50.14 38.00 -80.80
N ALA P 272 51.22 38.58 -81.33
CA ALA P 272 51.36 38.75 -82.77
C ALA P 272 51.94 37.53 -83.45
N LYS P 273 52.55 36.60 -82.70
CA LYS P 273 53.19 35.43 -83.27
C LYS P 273 52.43 34.15 -82.97
N TYR P 274 52.15 33.88 -81.69
CA TYR P 274 51.46 32.66 -81.29
C TYR P 274 49.95 32.85 -81.18
N GLY P 275 49.44 34.03 -81.51
CA GLY P 275 48.00 34.24 -81.52
C GLY P 275 47.38 33.80 -82.84
N GLY P 276 46.10 33.46 -82.78
CA GLY P 276 45.39 33.06 -83.97
C GLY P 276 45.44 31.58 -84.29
N ARG P 277 45.98 30.76 -83.40
CA ARG P 277 46.05 29.32 -83.61
C ARG P 277 45.26 28.60 -82.51
N ASP P 278 45.36 27.28 -82.53
CA ASP P 278 44.80 26.46 -81.46
C ASP P 278 45.62 26.68 -80.19
N PRO P 279 45.01 27.10 -79.08
CA PRO P 279 45.80 27.27 -77.84
C PRO P 279 46.61 26.04 -77.45
N ARG P 280 45.99 24.86 -77.51
CA ARG P 280 46.71 23.63 -77.20
C ARG P 280 47.89 23.44 -78.16
N ALA P 281 47.68 23.71 -79.44
CA ALA P 281 48.75 23.55 -80.42
C ALA P 281 49.86 24.56 -80.20
N VAL P 282 49.50 25.77 -79.74
CA VAL P 282 50.51 26.79 -79.50
C VAL P 282 51.36 26.44 -78.28
N VAL P 283 50.74 25.97 -77.20
CA VAL P 283 51.53 25.64 -76.02
C VAL P 283 52.25 24.30 -76.21
N ALA P 284 51.77 23.47 -77.15
CA ALA P 284 52.28 22.11 -77.28
C ALA P 284 53.69 22.06 -77.84
N ASP P 285 54.10 23.08 -78.59
CA ASP P 285 55.43 22.90 -79.12
C ASP P 285 56.47 23.68 -78.30
N PRO P 286 57.68 23.12 -78.16
CA PRO P 286 58.68 23.74 -77.29
C PRO P 286 59.23 25.07 -77.81
N ALA P 287 58.91 25.45 -79.06
CA ALA P 287 59.26 26.78 -79.51
C ALA P 287 58.63 27.83 -78.62
N TYR P 288 57.36 27.65 -78.26
CA TYR P 288 56.70 28.55 -77.33
C TYR P 288 57.35 28.49 -75.95
N ALA P 289 57.89 27.31 -75.59
CA ALA P 289 58.56 27.18 -74.29
C ALA P 289 59.83 28.02 -74.24
N ALA P 290 60.68 27.91 -75.27
CA ALA P 290 61.86 28.76 -75.32
C ALA P 290 61.48 30.23 -75.49
N ASP P 291 60.34 30.50 -76.13
CA ASP P 291 59.84 31.87 -76.22
C ASP P 291 59.56 32.44 -74.83
N VAL P 292 58.73 31.75 -74.04
CA VAL P 292 58.40 32.24 -72.71
C VAL P 292 59.59 32.17 -71.77
N LEU P 293 60.60 31.37 -72.10
CA LEU P 293 61.80 31.36 -71.27
C LEU P 293 62.68 32.57 -71.55
N ARG P 294 62.97 32.85 -72.82
CA ARG P 294 63.95 33.89 -73.15
C ARG P 294 63.33 35.28 -73.16
N ALA P 295 62.04 35.40 -73.49
CA ALA P 295 61.38 36.69 -73.55
C ALA P 295 60.74 37.08 -72.22
N GLY P 296 61.01 36.33 -71.16
CA GLY P 296 60.49 36.63 -69.85
C GLY P 296 60.96 37.96 -69.30
N PRO P 297 62.28 38.09 -69.09
CA PRO P 297 62.81 39.36 -68.55
C PRO P 297 62.49 40.58 -69.38
N LEU P 298 62.06 40.41 -70.63
CA LEU P 298 61.64 41.56 -71.43
C LEU P 298 60.32 42.13 -70.95
N LEU P 299 59.43 41.29 -70.43
CA LEU P 299 58.13 41.72 -69.96
C LEU P 299 58.17 42.40 -68.60
N GLY P 300 59.32 42.44 -67.95
CA GLY P 300 59.36 42.92 -66.57
C GLY P 300 58.56 42.04 -65.64
N MET P 301 58.72 40.73 -65.75
CA MET P 301 57.93 39.80 -64.96
C MET P 301 58.24 39.97 -63.48
N THR P 302 57.22 39.78 -62.64
CA THR P 302 57.33 39.98 -61.20
C THR P 302 57.04 38.67 -60.49
N PHE P 303 57.78 38.44 -59.42
CA PHE P 303 57.51 37.31 -58.52
C PHE P 303 57.37 37.84 -57.11
N VAL P 304 56.18 37.66 -56.53
CA VAL P 304 55.84 38.14 -55.21
C VAL P 304 55.63 36.94 -54.31
N LEU P 305 56.63 36.64 -53.48
CA LEU P 305 56.55 35.49 -52.59
C LEU P 305 56.54 35.99 -51.15
N ARG P 306 55.60 35.48 -50.36
CA ARG P 306 55.29 35.97 -49.03
C ARG P 306 55.66 34.92 -47.99
N ALA P 307 55.96 35.39 -46.78
CA ALA P 307 56.29 34.50 -45.67
C ALA P 307 55.03 33.89 -45.09
N ALA P 308 55.03 32.57 -44.94
CA ALA P 308 53.89 31.84 -44.39
C ALA P 308 54.09 31.40 -42.95
N ARG P 309 55.28 31.57 -42.40
CA ARG P 309 55.55 31.12 -41.03
C ARG P 309 56.77 31.89 -40.50
N ASP P 310 57.30 31.42 -39.38
CA ASP P 310 58.46 32.04 -38.78
C ASP P 310 59.72 31.62 -39.54
N LEU P 311 60.57 32.62 -39.83
CA LEU P 311 61.74 32.40 -40.66
C LEU P 311 62.95 33.09 -40.04
N PRO P 312 63.95 32.33 -39.56
CA PRO P 312 65.23 32.95 -39.22
C PRO P 312 66.04 33.20 -40.48
N LEU P 313 66.73 34.35 -40.50
CA LEU P 313 67.37 34.80 -41.73
C LEU P 313 68.51 33.89 -42.16
N GLN P 314 69.29 33.38 -41.19
CA GLN P 314 70.39 32.47 -41.53
C GLN P 314 69.87 31.22 -42.23
N GLU P 315 68.80 30.63 -41.69
CA GLU P 315 68.23 29.42 -42.26
C GLU P 315 67.84 29.62 -43.72
N VAL P 316 66.92 30.57 -43.98
CA VAL P 316 66.42 30.77 -45.33
C VAL P 316 67.51 31.33 -46.24
N ALA P 317 68.52 31.96 -45.65
CA ALA P 317 69.62 32.48 -46.46
C ALA P 317 70.48 31.35 -47.01
N SER P 318 70.89 30.42 -46.14
CA SER P 318 71.61 29.25 -46.63
C SER P 318 70.76 28.45 -47.59
N SER P 319 69.45 28.37 -47.32
CA SER P 319 68.52 27.72 -48.24
C SER P 319 68.55 28.38 -49.62
N TRP P 320 68.52 29.71 -49.68
CA TRP P 320 68.53 30.40 -50.95
C TRP P 320 69.86 30.22 -51.69
N ARG P 321 70.96 30.21 -50.94
CA ARG P 321 72.25 29.97 -51.57
C ARG P 321 72.29 28.60 -52.23
N GLY P 322 71.91 27.56 -51.49
CA GLY P 322 71.86 26.22 -52.08
C GLY P 322 70.82 26.12 -53.19
N LEU P 323 69.78 26.95 -53.13
CA LEU P 323 68.73 26.91 -54.13
C LEU P 323 69.18 27.50 -55.46
N LEU P 324 69.86 28.64 -55.44
CA LEU P 324 70.29 29.36 -56.67
C LEU P 324 71.72 28.97 -57.08
N GLY P 325 72.41 28.09 -56.34
CA GLY P 325 73.68 27.57 -56.82
C GLY P 325 73.55 26.72 -58.06
N ASN P 326 72.64 25.74 -58.04
CA ASN P 326 72.51 24.82 -59.16
C ASN P 326 72.01 25.54 -60.40
N TYR P 327 71.14 26.54 -60.23
CA TYR P 327 70.69 27.32 -61.37
C TYR P 327 71.79 28.24 -61.89
N LEU P 328 72.76 28.57 -61.02
CA LEU P 328 73.90 29.34 -61.47
C LEU P 328 74.87 28.50 -62.28
N GLN P 329 75.02 27.22 -61.90
CA GLN P 329 75.98 26.37 -62.59
C GLN P 329 75.48 25.92 -63.96
N ARG P 330 74.24 25.42 -64.04
CA ARG P 330 73.83 24.61 -65.17
C ARG P 330 73.12 25.36 -66.30
N GLN P 331 73.54 26.60 -66.62
CA GLN P 331 72.85 27.37 -67.64
C GLN P 331 73.82 27.94 -68.67
N ALA P 332 73.37 27.99 -69.91
CA ALA P 332 74.13 28.34 -71.11
C ALA P 332 74.13 29.84 -71.32
N PRO P 333 74.84 30.32 -72.36
CA PRO P 333 74.75 31.75 -72.70
C PRO P 333 73.32 32.24 -72.86
N LEU P 334 73.12 33.53 -72.60
CA LEU P 334 71.81 34.15 -72.61
C LEU P 334 71.43 34.58 -74.03
N SER P 335 70.12 34.63 -74.27
CA SER P 335 69.57 35.02 -75.56
C SER P 335 68.91 36.39 -75.42
N LEU P 336 69.55 37.42 -75.99
CA LEU P 336 69.10 38.79 -75.78
C LEU P 336 68.70 39.45 -77.10
N PRO P 337 67.74 40.37 -77.07
CA PRO P 337 67.40 41.12 -78.28
C PRO P 337 68.45 42.17 -78.59
N LYS P 338 68.14 42.98 -79.60
CA LYS P 338 69.00 44.07 -80.05
C LYS P 338 68.33 45.41 -79.76
N ALA P 339 69.12 46.35 -79.22
CA ALA P 339 68.60 47.66 -78.85
C ALA P 339 68.52 48.53 -80.10
N VAL P 340 67.29 48.77 -80.58
CA VAL P 340 67.11 49.55 -81.78
C VAL P 340 67.28 51.06 -81.54
N ARG P 341 66.71 51.58 -80.47
CA ARG P 341 66.76 53.01 -80.19
C ARG P 341 67.59 53.28 -78.95
N PRO P 342 68.32 54.39 -78.93
CA PRO P 342 69.16 54.67 -77.75
C PRO P 342 68.36 55.01 -76.51
N ALA P 343 67.24 55.73 -76.67
CA ALA P 343 66.44 56.22 -75.54
C ALA P 343 67.31 57.06 -74.60
N HIS P 344 67.80 58.18 -75.13
CA HIS P 344 68.55 59.10 -74.24
C HIS P 344 67.51 59.74 -73.31
N LEU P 345 67.97 60.25 -72.17
CA LEU P 345 67.04 60.93 -71.25
C LEU P 345 66.93 62.39 -71.69
N ASP P 346 65.87 63.09 -71.27
CA ASP P 346 65.78 64.54 -71.57
C ASP P 346 65.77 65.29 -70.24
N PRO P 347 66.86 65.27 -69.43
CA PRO P 347 66.85 65.87 -68.11
C PRO P 347 65.89 67.04 -67.86
N THR P 348 65.90 68.04 -68.75
CA THR P 348 64.96 69.17 -68.62
C THR P 348 63.53 68.68 -68.69
N ASP P 349 63.25 67.60 -69.44
CA ASP P 349 61.93 67.00 -69.31
C ASP P 349 62.11 65.65 -68.61
N LEU P 350 61.96 65.64 -67.28
CA LEU P 350 62.29 64.47 -66.48
C LEU P 350 61.08 63.61 -66.11
N ASN P 351 59.96 63.73 -66.83
CA ASN P 351 58.88 62.76 -66.68
C ASN P 351 58.23 62.45 -68.04
N GLY P 352 58.91 62.82 -69.12
CA GLY P 352 58.43 62.52 -70.45
C GLY P 352 59.03 61.24 -70.99
N VAL P 353 58.18 60.39 -71.56
CA VAL P 353 58.59 59.11 -72.12
C VAL P 353 58.09 59.05 -73.55
N ALA P 354 58.87 58.39 -74.41
CA ALA P 354 58.70 58.55 -75.85
C ALA P 354 57.82 57.49 -76.50
N TRP P 355 57.44 56.43 -75.78
CA TRP P 355 56.69 55.35 -76.42
C TRP P 355 55.39 55.79 -77.09
N PRO P 356 54.65 56.81 -76.61
CA PRO P 356 53.55 57.31 -77.43
C PRO P 356 54.01 57.88 -78.76
N ALA P 357 55.10 58.63 -78.77
CA ALA P 357 55.68 59.08 -80.03
C ALA P 357 56.22 57.89 -80.82
N LEU P 358 56.75 56.89 -80.12
CA LEU P 358 57.32 55.73 -80.80
C LEU P 358 56.24 54.93 -81.54
N LEU P 359 55.00 54.98 -81.05
CA LEU P 359 53.93 54.28 -81.74
C LEU P 359 53.16 55.18 -82.70
N SER P 360 53.27 56.50 -82.53
CA SER P 360 52.50 57.46 -83.31
C SER P 360 53.40 58.56 -83.84
N ARG P 361 54.55 58.19 -84.40
CA ARG P 361 55.44 59.21 -84.96
C ARG P 361 54.88 59.77 -86.27
N PRO P 362 54.75 59.02 -87.36
CA PRO P 362 54.08 59.54 -88.56
C PRO P 362 52.63 59.10 -88.74
N ALA P 363 52.06 58.41 -87.75
CA ALA P 363 50.86 57.58 -87.90
C ALA P 363 51.12 56.39 -88.82
N ALA P 364 52.36 56.23 -89.29
CA ALA P 364 52.79 55.09 -90.11
C ALA P 364 54.13 54.60 -89.57
N ALA P 365 54.20 54.40 -88.26
CA ALA P 365 55.47 54.10 -87.60
C ALA P 365 56.08 52.78 -88.04
N ALA P 366 55.34 51.96 -88.79
CA ALA P 366 55.89 50.70 -89.28
C ALA P 366 57.10 50.94 -90.16
N HIS P 367 56.97 51.83 -91.14
CA HIS P 367 58.04 52.05 -92.11
C HIS P 367 59.25 52.74 -91.46
N ALA P 368 59.01 53.74 -90.62
CA ALA P 368 60.11 54.41 -89.94
C ALA P 368 60.80 53.46 -88.97
N ALA P 369 60.04 52.63 -88.27
CA ALA P 369 60.64 51.64 -87.38
C ALA P 369 61.46 50.62 -88.17
N ALA P 370 61.01 50.27 -89.37
CA ALA P 370 61.74 49.33 -90.21
C ALA P 370 63.07 49.93 -90.67
N GLU P 371 63.02 51.16 -91.20
CA GLU P 371 64.26 51.80 -91.61
C GLU P 371 65.14 52.15 -90.42
N ALA P 372 64.58 52.14 -89.20
CA ALA P 372 65.40 52.36 -88.01
C ALA P 372 66.11 51.09 -87.58
N GLU P 373 65.39 49.96 -87.56
CA GLU P 373 66.05 48.69 -87.27
C GLU P 373 66.98 48.25 -88.40
N ALA P 374 66.86 48.85 -89.58
CA ALA P 374 67.83 48.60 -90.64
C ALA P 374 69.27 48.77 -90.16
N ALA P 375 69.52 49.75 -89.28
CA ALA P 375 70.86 49.95 -88.75
C ALA P 375 71.26 48.82 -87.81
N GLY P 376 70.48 48.62 -86.75
CA GLY P 376 70.81 47.60 -85.76
C GLY P 376 70.75 46.19 -86.29
N ALA P 377 69.54 45.71 -86.60
CA ALA P 377 69.35 44.36 -87.11
C ALA P 377 67.89 44.18 -87.50
N VAL P 378 67.64 43.19 -88.35
CA VAL P 378 66.29 42.83 -88.77
C VAL P 378 65.80 41.74 -87.82
N PRO P 379 64.56 41.79 -87.35
CA PRO P 379 64.09 40.79 -86.37
C PRO P 379 64.20 39.36 -86.90
N ASP P 380 64.35 38.43 -85.96
CA ASP P 380 64.52 37.01 -86.28
C ASP P 380 63.19 36.28 -86.43
N ASP P 381 62.07 36.90 -86.11
CA ASP P 381 60.79 36.21 -86.13
C ASP P 381 59.67 37.23 -86.26
N GLU P 382 58.44 36.79 -85.97
CA GLU P 382 57.24 37.57 -86.25
C GLU P 382 57.05 38.75 -85.32
N MET P 383 57.34 38.62 -84.03
CA MET P 383 56.96 39.65 -83.08
C MET P 383 57.79 40.91 -83.25
N GLY P 384 59.04 40.77 -83.67
CA GLY P 384 59.90 41.91 -83.94
C GLY P 384 61.18 41.95 -83.16
N VAL P 385 61.71 40.82 -82.72
CA VAL P 385 62.95 40.80 -81.96
C VAL P 385 64.06 40.18 -82.80
N ALA P 386 65.21 40.85 -82.82
CA ALA P 386 66.41 40.35 -83.47
C ALA P 386 67.29 39.71 -82.40
N TRP P 387 67.14 38.41 -82.22
CA TRP P 387 67.82 37.71 -81.15
C TRP P 387 69.33 37.70 -81.37
N ARG P 388 70.06 37.65 -80.27
CA ARG P 388 71.52 37.52 -80.31
C ARG P 388 71.96 36.77 -79.07
N VAL P 389 72.12 35.46 -79.20
CA VAL P 389 72.65 34.65 -78.12
C VAL P 389 74.15 34.84 -78.06
N GLN P 390 74.63 35.39 -76.94
CA GLN P 390 76.05 35.74 -76.85
C GLN P 390 76.92 34.51 -77.02
N SER P 391 78.15 34.74 -77.47
CA SER P 391 79.08 33.68 -77.85
C SER P 391 79.72 33.08 -76.60
N GLY P 392 80.80 32.32 -76.82
CA GLY P 392 81.52 31.64 -75.75
C GLY P 392 81.87 32.50 -74.56
N LYS P 393 82.59 33.59 -74.77
CA LYS P 393 82.89 34.52 -73.70
C LYS P 393 81.64 35.37 -73.43
N GLU P 394 81.67 36.18 -72.38
CA GLU P 394 80.52 36.89 -71.81
C GLU P 394 79.48 35.93 -71.25
N ALA P 395 79.74 34.63 -71.29
CA ALA P 395 78.83 33.62 -70.77
C ALA P 395 79.33 32.98 -69.48
N ALA P 396 80.59 33.16 -69.14
CA ALA P 396 81.13 32.72 -67.87
C ALA P 396 81.54 33.88 -66.97
N ALA P 397 82.09 34.94 -67.56
CA ALA P 397 82.40 36.13 -66.78
C ALA P 397 81.16 36.70 -66.10
N SER P 398 80.04 36.75 -66.81
CA SER P 398 78.79 37.18 -66.19
C SER P 398 78.33 36.18 -65.14
N VAL P 399 78.50 34.88 -65.42
CA VAL P 399 78.14 33.85 -64.45
C VAL P 399 79.07 33.91 -63.25
N ALA P 400 80.35 34.22 -63.46
CA ALA P 400 81.26 34.38 -62.34
C ALA P 400 80.90 35.59 -61.50
N ALA P 401 80.51 36.69 -62.13
CA ALA P 401 80.07 37.87 -61.40
C ALA P 401 78.76 37.60 -60.65
N ALA P 402 77.89 36.77 -61.22
CA ALA P 402 76.66 36.38 -60.55
C ALA P 402 76.96 35.53 -59.32
N GLN P 403 77.85 34.55 -59.46
CA GLN P 403 78.29 33.76 -58.31
C GLN P 403 78.90 34.65 -57.25
N GLN P 404 79.65 35.68 -57.66
CA GLN P 404 80.18 36.64 -56.70
C GLN P 404 79.07 37.39 -55.98
N LEU P 405 78.09 37.90 -56.73
CA LEU P 405 76.99 38.64 -56.13
C LEU P 405 76.21 37.78 -55.13
N LEU P 406 76.11 36.48 -55.42
CA LEU P 406 75.48 35.58 -54.45
C LEU P 406 76.41 35.27 -53.29
N GLN P 407 77.73 35.32 -53.51
CA GLN P 407 78.69 35.13 -52.43
C GLN P 407 78.60 36.24 -51.39
N SER P 408 77.91 37.34 -51.69
CA SER P 408 77.76 38.45 -50.77
C SER P 408 76.51 38.30 -49.90
N LEU P 409 75.82 37.17 -50.00
CA LEU P 409 74.58 37.00 -49.27
C LEU P 409 74.81 36.78 -47.78
N PRO P 410 75.67 35.83 -47.36
CA PRO P 410 75.91 35.69 -45.91
C PRO P 410 76.59 36.91 -45.31
N ASP P 411 77.27 37.71 -46.13
CA ASP P 411 77.87 38.94 -45.63
C ASP P 411 76.89 40.10 -45.59
N ALA P 412 76.10 40.30 -46.65
CA ALA P 412 75.15 41.41 -46.66
C ALA P 412 73.97 41.12 -45.73
N LEU P 413 73.49 39.88 -45.70
CA LEU P 413 72.35 39.52 -44.81
C LEU P 413 72.83 39.46 -43.35
N CYS P 414 74.03 38.89 -43.12
CA CYS P 414 74.60 38.77 -41.79
C CYS P 414 75.99 39.42 -41.76
N PRO P 415 76.04 40.74 -41.66
CA PRO P 415 77.34 41.40 -41.43
C PRO P 415 77.66 41.47 -39.94
N GLY P 416 78.69 40.73 -39.54
CA GLY P 416 79.16 40.78 -38.18
C GLY P 416 78.27 40.05 -37.20
N PRO P 417 78.67 40.03 -35.93
CA PRO P 417 77.91 39.31 -34.90
C PRO P 417 76.87 40.15 -34.17
N SER P 418 76.78 41.45 -34.43
CA SER P 418 75.87 42.32 -33.70
C SER P 418 74.65 42.63 -34.54
N PRO P 419 73.46 42.18 -34.13
CA PRO P 419 72.24 42.59 -34.84
C PRO P 419 71.93 44.07 -34.74
N ALA P 420 72.48 44.77 -33.73
CA ALA P 420 72.25 46.20 -33.58
C ALA P 420 72.67 46.97 -34.81
N ALA P 421 73.66 46.48 -35.55
CA ALA P 421 74.08 47.09 -36.79
C ALA P 421 73.57 46.34 -38.02
N TRP P 422 72.81 45.27 -37.80
CA TRP P 422 72.26 44.58 -38.96
C TRP P 422 71.21 45.44 -39.66
N PRO P 423 71.11 45.32 -40.98
CA PRO P 423 70.17 46.18 -41.72
C PRO P 423 68.72 45.82 -41.48
N LEU P 424 68.44 44.63 -40.97
CA LEU P 424 67.07 44.18 -40.74
C LEU P 424 66.46 44.73 -39.46
N THR P 425 67.27 44.99 -38.43
CA THR P 425 66.75 45.46 -37.16
C THR P 425 66.21 46.88 -37.26
N GLY P 426 65.24 47.19 -36.42
CA GLY P 426 64.70 48.53 -36.36
C GLY P 426 63.48 48.77 -37.22
N THR P 427 62.92 47.72 -37.81
CA THR P 427 61.72 47.84 -38.63
C THR P 427 61.00 46.51 -38.67
N LYS P 428 59.68 46.56 -38.85
CA LYS P 428 58.77 45.45 -38.64
C LYS P 428 58.85 44.35 -39.70
N LEU P 429 59.75 44.37 -40.69
CA LEU P 429 59.87 43.21 -41.58
C LEU P 429 60.44 42.00 -40.85
N VAL P 430 61.22 42.23 -39.80
CA VAL P 430 61.74 41.18 -38.93
C VAL P 430 61.32 41.50 -37.52
N ASP P 431 61.45 40.52 -36.63
CA ASP P 431 61.10 40.74 -35.23
C ASP P 431 62.07 41.71 -34.58
N GLU P 432 61.68 42.21 -33.40
CA GLU P 432 62.59 43.04 -32.62
C GLU P 432 63.78 42.26 -32.07
N GLY P 433 63.68 40.94 -31.99
CA GLY P 433 64.80 40.13 -31.54
C GLY P 433 65.95 40.09 -32.52
N GLY P 434 65.71 40.45 -33.77
CA GLY P 434 66.78 40.59 -34.75
C GLY P 434 67.17 39.32 -35.47
N ARG P 435 66.47 38.21 -35.26
CA ARG P 435 66.86 36.95 -35.89
C ARG P 435 65.71 36.16 -36.47
N ASN P 436 64.49 36.68 -36.49
CA ASN P 436 63.36 36.03 -37.14
C ASN P 436 62.67 37.01 -38.07
N TRP P 437 62.15 36.47 -39.18
CA TRP P 437 61.40 37.24 -40.16
C TRP P 437 59.91 37.01 -39.93
N ARG P 438 59.13 38.08 -40.02
CA ARG P 438 57.72 38.00 -39.64
C ARG P 438 56.88 37.36 -40.73
N ARG P 439 55.87 36.60 -40.32
CA ARG P 439 54.85 36.13 -41.24
C ARG P 439 54.10 37.32 -41.82
N GLY P 440 53.67 37.18 -43.08
CA GLY P 440 53.10 38.28 -43.82
C GLY P 440 54.11 39.17 -44.49
N GLY P 441 55.40 38.88 -44.32
CA GLY P 441 56.42 39.59 -45.06
C GLY P 441 56.49 39.12 -46.50
N SER P 442 56.62 40.08 -47.42
CA SER P 442 56.51 39.81 -48.85
C SER P 442 57.75 40.33 -49.55
N VAL P 443 58.20 39.58 -50.55
CA VAL P 443 59.34 39.94 -51.37
C VAL P 443 58.90 39.99 -52.82
N TRP P 444 59.18 41.12 -53.48
CA TRP P 444 58.86 41.36 -54.88
C TRP P 444 60.15 41.37 -55.67
N VAL P 445 60.16 40.64 -56.78
CA VAL P 445 61.29 40.56 -57.69
C VAL P 445 60.83 40.97 -59.07
N THR P 446 61.59 41.82 -59.74
CA THR P 446 61.34 42.18 -61.14
C THR P 446 62.65 42.18 -61.91
N LEU P 447 62.56 41.87 -63.20
CA LEU P 447 63.72 41.71 -64.05
C LEU P 447 63.57 42.60 -65.29
N GLN P 448 64.40 43.63 -65.36
CA GLN P 448 64.51 44.49 -66.51
C GLN P 448 65.08 43.72 -67.70
N PRO P 449 64.94 44.24 -68.92
CA PRO P 449 65.51 43.55 -70.08
C PRO P 449 67.01 43.33 -69.98
N GLU P 450 67.78 44.40 -69.80
CA GLU P 450 69.24 44.33 -69.88
C GLU P 450 69.83 43.92 -68.52
N GLY P 451 69.51 42.69 -68.12
CA GLY P 451 70.12 42.10 -66.95
C GLY P 451 69.94 42.86 -65.65
N GLY P 452 69.07 43.87 -65.62
CA GLY P 452 68.85 44.63 -64.40
C GLY P 452 67.86 43.95 -63.49
N VAL P 453 68.09 44.04 -62.18
CA VAL P 453 67.24 43.40 -61.19
C VAL P 453 66.67 44.48 -60.28
N LEU P 454 65.37 44.38 -59.98
CA LEU P 454 64.69 45.24 -59.04
C LEU P 454 64.14 44.32 -57.95
N VAL P 455 64.24 44.74 -56.70
CA VAL P 455 63.85 43.90 -55.58
C VAL P 455 63.33 44.79 -54.45
N GLN P 456 62.13 44.47 -53.97
CA GLN P 456 61.46 45.26 -52.94
C GLN P 456 60.87 44.31 -51.90
N ALA P 457 60.55 44.87 -50.75
CA ALA P 457 60.00 44.13 -49.63
C ALA P 457 58.81 44.88 -49.07
N GLN P 458 57.95 44.15 -48.36
CA GLN P 458 56.75 44.77 -47.81
C GLN P 458 56.20 43.93 -46.67
N THR P 459 56.20 44.51 -45.47
CA THR P 459 55.59 43.86 -44.34
C THR P 459 54.07 44.05 -44.38
N GLY P 460 53.35 42.93 -44.35
CA GLY P 460 51.92 42.94 -44.53
C GLY P 460 51.16 43.23 -43.25
N GLY P 461 49.84 43.17 -43.36
CA GLY P 461 48.95 43.44 -42.25
C GLY P 461 47.91 44.49 -42.61
N VAL P 462 47.74 45.44 -41.68
CA VAL P 462 46.75 46.49 -41.86
C VAL P 462 47.15 47.39 -43.04
N VAL P 463 46.31 47.38 -44.08
CA VAL P 463 46.62 48.12 -45.30
C VAL P 463 46.87 49.59 -45.00
N GLY P 464 46.27 50.12 -43.94
CA GLY P 464 46.45 51.51 -43.57
C GLY P 464 47.86 51.88 -43.16
N GLU P 465 48.69 50.92 -42.76
CA GLU P 465 50.05 51.19 -42.30
C GLU P 465 51.07 50.23 -42.87
N GLN P 466 50.87 49.75 -44.10
CA GLN P 466 51.80 48.79 -44.75
C GLN P 466 53.12 49.50 -45.09
N GLU P 467 54.27 48.84 -44.85
CA GLU P 467 55.60 49.47 -45.09
C GLU P 467 56.30 48.80 -46.28
N SER P 468 56.49 49.55 -47.38
CA SER P 468 57.22 49.01 -48.57
C SER P 468 58.70 49.39 -48.49
N TYR P 469 59.60 48.53 -48.99
CA TYR P 469 61.06 48.80 -48.88
C TYR P 469 61.75 48.46 -50.18
N LEU P 470 62.66 49.30 -50.66
CA LEU P 470 63.43 48.99 -51.86
C LEU P 470 64.80 48.48 -51.41
N LEU P 471 65.17 47.28 -51.87
CA LEU P 471 66.36 46.62 -51.35
C LEU P 471 67.63 47.01 -52.11
N THR P 472 67.69 46.72 -53.41
CA THR P 472 68.84 47.10 -54.23
C THR P 472 68.45 47.08 -55.70
N HIS P 473 69.25 47.76 -56.52
CA HIS P 473 69.02 47.81 -57.96
C HIS P 473 70.38 47.61 -58.64
N VAL P 474 70.68 46.35 -58.97
CA VAL P 474 71.89 46.01 -59.70
C VAL P 474 71.57 45.99 -61.19
N GLN P 475 72.57 46.25 -62.03
CA GLN P 475 72.39 46.34 -63.46
C GLN P 475 73.45 45.50 -64.17
N GLY P 476 73.12 45.07 -65.39
CA GLY P 476 74.02 44.27 -66.19
C GLY P 476 74.07 42.80 -65.83
N GLN P 477 73.56 42.42 -64.67
CA GLN P 477 73.63 41.04 -64.19
C GLN P 477 72.64 40.19 -64.98
N GLU P 478 73.02 39.85 -66.22
CA GLU P 478 72.18 39.00 -67.05
C GLU P 478 72.15 37.57 -66.52
N ALA P 479 73.21 37.14 -65.82
CA ALA P 479 73.28 35.76 -65.36
C ALA P 479 72.25 35.47 -64.29
N LEU P 480 72.13 36.34 -63.29
CA LEU P 480 71.13 36.12 -62.23
C LEU P 480 69.72 36.34 -62.76
N ALA P 481 69.54 37.23 -63.73
CA ALA P 481 68.23 37.40 -64.34
C ALA P 481 67.79 36.13 -65.06
N GLY P 482 68.68 35.59 -65.90
CA GLY P 482 68.39 34.32 -66.54
C GLY P 482 68.18 33.20 -65.54
N ALA P 483 68.96 33.20 -64.46
CA ALA P 483 68.82 32.17 -63.44
C ALA P 483 67.47 32.24 -62.77
N VAL P 484 67.01 33.44 -62.41
CA VAL P 484 65.71 33.59 -61.79
C VAL P 484 64.59 33.16 -62.74
N MET P 485 64.64 33.63 -63.99
CA MET P 485 63.53 33.33 -64.90
C MET P 485 63.49 31.83 -65.23
N SER P 486 64.65 31.23 -65.53
CA SER P 486 64.67 29.81 -65.86
C SER P 486 64.72 28.93 -64.61
N ALA P 487 64.68 29.52 -63.43
CA ALA P 487 64.47 28.74 -62.22
C ALA P 487 63.00 28.70 -61.82
N PHE P 488 62.31 29.84 -61.91
CA PHE P 488 60.87 29.88 -61.71
C PHE P 488 60.10 29.16 -62.82
N MET P 489 60.49 29.35 -64.08
CA MET P 489 59.73 28.83 -65.21
C MET P 489 60.54 27.92 -66.11
N GLY P 490 61.78 27.61 -65.76
CA GLY P 490 62.66 26.86 -66.64
C GLY P 490 62.28 25.41 -66.82
N PRO P 491 63.17 24.63 -67.42
CA PRO P 491 62.87 23.20 -67.65
C PRO P 491 62.64 22.43 -66.36
N GLN P 492 63.46 22.67 -65.33
CA GLN P 492 63.32 22.05 -64.03
C GLN P 492 63.04 23.15 -63.00
N PRO P 493 61.81 23.66 -62.96
CA PRO P 493 61.48 24.71 -61.99
C PRO P 493 61.26 24.12 -60.60
N LEU P 494 61.12 25.01 -59.62
CA LEU P 494 60.88 24.60 -58.25
C LEU P 494 59.54 23.88 -58.08
N ASP P 495 58.56 24.14 -58.95
CA ASP P 495 57.29 23.44 -58.94
C ASP P 495 56.67 23.54 -60.34
N PRO P 496 56.74 22.48 -61.14
CA PRO P 496 56.27 22.60 -62.53
C PRO P 496 54.81 22.98 -62.67
N GLU P 497 54.00 22.82 -61.61
CA GLU P 497 52.59 23.16 -61.72
C GLU P 497 52.38 24.65 -61.98
N LEU P 498 53.03 25.52 -61.20
CA LEU P 498 52.88 26.95 -61.44
C LEU P 498 53.51 27.34 -62.77
N ALA P 499 54.57 26.64 -63.19
CA ALA P 499 55.16 26.94 -64.49
C ALA P 499 54.16 26.67 -65.61
N ALA P 500 53.51 25.51 -65.57
CA ALA P 500 52.50 25.18 -66.59
C ALA P 500 51.35 26.16 -66.54
N ALA P 501 50.82 26.43 -65.34
CA ALA P 501 49.68 27.31 -65.20
C ALA P 501 50.01 28.71 -65.71
N ALA P 502 51.20 29.22 -65.37
CA ALA P 502 51.59 30.55 -65.78
C ALA P 502 51.81 30.63 -67.29
N ARG P 503 52.35 29.57 -67.88
CA ARG P 503 52.52 29.58 -69.33
C ARG P 503 51.16 29.58 -70.04
N SER P 504 50.22 28.78 -69.56
CA SER P 504 48.90 28.74 -70.19
C SER P 504 48.16 30.06 -69.99
N VAL P 505 48.29 30.67 -68.81
CA VAL P 505 47.62 31.94 -68.55
C VAL P 505 48.38 33.11 -69.14
N LEU P 506 49.59 32.87 -69.64
CA LEU P 506 50.26 33.87 -70.47
C LEU P 506 49.86 33.69 -71.93
N LEU P 507 49.45 32.48 -72.29
CA LEU P 507 48.82 32.26 -73.59
C LEU P 507 47.46 32.95 -73.68
N VAL P 508 46.66 32.85 -72.62
CA VAL P 508 45.27 33.32 -72.70
C VAL P 508 45.14 34.81 -73.02
N PRO P 509 46.00 35.72 -72.56
CA PRO P 509 45.84 37.12 -72.97
C PRO P 509 46.43 37.43 -74.34
N ALA P 510 47.26 36.53 -74.88
CA ALA P 510 47.80 36.73 -76.22
C ALA P 510 46.70 36.76 -77.28
N ASN P 511 45.51 36.23 -76.96
CA ASN P 511 44.34 36.36 -77.81
C ASN P 511 43.71 37.75 -77.67
N GLY P 512 44.17 38.54 -76.71
CA GLY P 512 43.70 39.91 -76.57
C GLY P 512 43.15 40.26 -75.20
N PHE P 513 42.48 39.30 -74.57
CA PHE P 513 41.81 39.54 -73.30
C PHE P 513 42.84 39.67 -72.17
N THR P 514 42.33 39.75 -70.94
CA THR P 514 43.15 39.87 -69.75
C THR P 514 42.54 39.06 -68.62
N ALA P 515 43.33 38.17 -68.04
CA ALA P 515 42.90 37.50 -66.81
C ALA P 515 42.66 38.55 -65.73
N ALA P 516 41.72 38.25 -64.83
CA ALA P 516 41.14 39.28 -63.98
C ALA P 516 40.51 40.33 -64.88
N ASN P 517 39.41 39.97 -65.55
CA ASN P 517 38.93 40.67 -66.74
C ASN P 517 38.47 42.08 -66.42
N LYS P 518 39.37 43.05 -66.61
CA LYS P 518 39.06 44.46 -66.39
C LYS P 518 38.61 45.16 -67.67
N GLU P 519 37.67 44.56 -68.40
CA GLU P 519 36.95 45.26 -69.45
C GLU P 519 35.50 44.80 -69.55
N ARG P 520 35.05 43.90 -68.68
CA ARG P 520 33.68 43.39 -68.68
C ARG P 520 33.29 42.86 -70.06
N ASP P 521 34.23 42.16 -70.70
CA ASP P 521 34.00 41.59 -72.01
C ASP P 521 33.12 40.36 -71.89
N PRO P 522 31.95 40.33 -72.51
CA PRO P 522 31.04 39.19 -72.34
C PRO P 522 31.55 37.88 -72.92
N ASN P 523 32.62 37.91 -73.71
CA ASN P 523 33.21 36.70 -74.27
C ASN P 523 34.55 36.36 -73.63
N HIS P 524 34.79 36.84 -72.41
CA HIS P 524 36.00 36.48 -71.70
C HIS P 524 35.94 35.00 -71.31
N PRO P 525 36.97 34.22 -71.65
CA PRO P 525 36.87 32.76 -71.47
C PRO P 525 36.88 32.31 -70.01
N LEU P 526 37.48 33.09 -69.10
CA LEU P 526 37.64 32.67 -67.71
C LEU P 526 36.65 33.37 -66.77
N TYR P 527 36.40 34.66 -66.99
CA TYR P 527 35.52 35.45 -66.15
C TYR P 527 34.60 36.28 -67.04
N PRO P 528 33.52 35.70 -67.54
CA PRO P 528 32.63 36.42 -68.45
C PRO P 528 31.63 37.28 -67.70
N SER P 529 31.24 38.37 -68.33
CA SER P 529 30.22 39.26 -67.78
C SER P 529 28.86 38.90 -68.36
N PHE P 530 27.83 39.04 -67.53
CA PHE P 530 26.46 38.70 -67.93
C PHE P 530 25.68 39.97 -68.25
N THR P 531 24.55 39.78 -68.91
CA THR P 531 23.66 40.88 -69.27
C THR P 531 22.50 40.94 -68.30
N GLY P 532 22.05 42.16 -68.02
CA GLY P 532 21.01 42.38 -67.03
C GLY P 532 19.63 41.90 -67.42
N VAL P 533 19.43 41.50 -68.66
CA VAL P 533 18.12 41.02 -69.10
C VAL P 533 17.82 39.68 -68.45
N ARG P 534 16.54 39.43 -68.23
CA ARG P 534 16.17 38.14 -67.66
C ARG P 534 15.64 37.21 -68.74
N PRO P 535 16.01 35.92 -68.68
CA PRO P 535 15.50 34.95 -69.67
C PRO P 535 13.99 34.93 -69.66
N GLY P 536 13.38 35.36 -70.76
CA GLY P 536 11.93 35.44 -70.84
C GLY P 536 11.32 34.08 -71.15
N ARG P 537 10.27 33.76 -70.40
CA ARG P 537 9.51 32.53 -70.61
C ARG P 537 8.33 32.86 -71.50
N ALA P 538 8.39 32.45 -72.76
CA ALA P 538 7.31 32.70 -73.68
C ALA P 538 6.04 32.00 -73.18
N PRO P 539 4.93 32.74 -73.02
CA PRO P 539 3.73 32.14 -72.43
C PRO P 539 2.97 31.28 -73.42
N ARG P 540 2.23 30.31 -72.88
CA ARG P 540 1.42 29.45 -73.73
C ARG P 540 0.22 30.20 -74.30
N ASP P 541 -0.53 30.91 -73.46
CA ASP P 541 -1.70 31.64 -73.93
C ASP P 541 -1.24 32.84 -74.75
N VAL P 542 -1.95 33.10 -75.84
CA VAL P 542 -1.58 34.20 -76.76
C VAL P 542 -2.27 35.45 -76.20
N ALA P 543 -1.61 36.06 -75.22
CA ALA P 543 -2.08 37.31 -74.65
C ALA P 543 -0.98 38.36 -74.53
N ALA P 544 0.28 37.96 -74.40
CA ALA P 544 1.40 38.87 -74.35
C ALA P 544 2.09 39.03 -75.71
N TYR P 545 1.75 38.18 -76.68
CA TYR P 545 2.24 38.31 -78.05
C TYR P 545 1.48 39.47 -78.69
N THR P 546 2.00 40.67 -78.45
CA THR P 546 1.28 41.88 -78.83
C THR P 546 1.26 42.07 -80.35
N LEU P 547 2.43 42.20 -80.95
CA LEU P 547 2.65 42.60 -82.35
C LEU P 547 2.27 44.06 -82.59
N ALA P 548 1.81 44.77 -81.55
CA ALA P 548 1.53 46.20 -81.69
C ALA P 548 2.78 47.03 -81.85
N GLY P 549 3.97 46.45 -81.66
CA GLY P 549 5.19 47.19 -81.87
C GLY P 549 5.51 47.35 -83.35
N GLY P 550 6.14 48.47 -83.67
CA GLY P 550 6.45 48.79 -85.05
C GLY P 550 7.69 48.09 -85.59
N ARG P 551 8.72 47.94 -84.77
CA ARG P 551 10.01 47.45 -85.25
C ARG P 551 10.78 46.73 -84.15
N THR P 552 11.54 45.72 -84.55
CA THR P 552 12.52 44.99 -83.75
C THR P 552 13.57 44.43 -84.70
N PRO P 553 14.85 44.44 -84.31
CA PRO P 553 15.92 44.17 -85.27
C PRO P 553 15.87 42.75 -85.81
N LEU P 554 16.15 42.61 -87.11
CA LEU P 554 16.19 41.32 -87.76
C LEU P 554 17.37 40.51 -87.24
N LEU P 555 17.09 39.30 -86.74
CA LEU P 555 18.12 38.43 -86.18
C LEU P 555 18.01 37.00 -86.69
N ALA P 556 17.55 36.81 -87.92
CA ALA P 556 17.45 35.46 -88.46
C ALA P 556 18.81 34.98 -88.95
N ALA P 557 18.85 33.71 -89.33
CA ALA P 557 20.04 33.11 -89.92
C ALA P 557 19.97 33.26 -91.44
N GLY P 558 20.83 32.52 -92.16
CA GLY P 558 20.83 32.57 -93.61
C GLY P 558 19.47 32.30 -94.20
N GLY P 559 18.85 33.33 -94.78
CA GLY P 559 17.49 33.24 -95.25
C GLY P 559 17.28 33.86 -96.61
N PRO P 560 16.02 33.95 -97.02
CA PRO P 560 15.71 34.47 -98.36
C PRO P 560 15.84 35.98 -98.47
N GLY P 561 15.66 36.70 -97.37
CA GLY P 561 15.76 38.15 -97.42
C GLY P 561 17.12 38.70 -97.05
N GLU P 562 17.83 38.02 -96.15
CA GLU P 562 19.11 38.54 -95.68
C GLU P 562 20.20 38.35 -96.72
N ALA P 563 20.16 37.27 -97.49
CA ALA P 563 21.09 37.16 -98.62
C ALA P 563 20.91 38.34 -99.58
N LYS P 564 19.66 38.71 -99.84
CA LYS P 564 19.39 39.82 -100.74
C LYS P 564 19.88 41.15 -100.18
N LEU P 565 19.56 41.44 -98.91
CA LEU P 565 20.00 42.72 -98.34
C LEU P 565 21.51 42.78 -98.26
N ALA P 566 22.16 41.63 -98.01
CA ALA P 566 23.62 41.60 -98.02
C ALA P 566 24.18 41.81 -99.41
N SER P 567 23.52 41.29 -100.44
CA SER P 567 24.05 41.48 -101.79
C SER P 567 23.86 42.92 -102.27
N GLU P 568 22.77 43.58 -101.87
CA GLU P 568 22.60 44.98 -102.21
C GLU P 568 23.55 45.87 -101.41
N LEU P 569 23.78 45.52 -100.13
CA LEU P 569 24.85 46.17 -99.39
C LEU P 569 26.20 45.91 -100.05
N ARG P 570 26.36 44.77 -100.71
CA ARG P 570 27.59 44.49 -101.43
C ARG P 570 27.71 45.36 -102.67
N THR P 571 26.59 45.61 -103.36
CA THR P 571 26.57 46.61 -104.42
C THR P 571 27.06 47.96 -103.93
N VAL P 572 26.49 48.42 -102.81
CA VAL P 572 26.94 49.65 -102.18
C VAL P 572 28.41 49.54 -101.78
N MET P 573 28.85 48.36 -101.36
CA MET P 573 30.25 48.11 -101.01
C MET P 573 31.17 48.39 -102.20
N GLU P 574 30.88 47.76 -103.34
CA GLU P 574 31.73 47.96 -104.51
C GLU P 574 31.69 49.40 -104.99
N ALA P 575 30.51 50.03 -104.99
CA ALA P 575 30.44 51.45 -105.33
C ALA P 575 31.34 52.27 -104.41
N ALA P 576 31.30 51.99 -103.11
CA ALA P 576 32.06 52.77 -102.15
C ALA P 576 33.56 52.54 -102.30
N LEU P 577 33.98 51.29 -102.44
CA LEU P 577 35.41 51.01 -102.54
C LEU P 577 35.98 51.47 -103.86
N ALA P 578 35.17 51.43 -104.94
CA ALA P 578 35.62 52.01 -106.19
C ALA P 578 35.76 53.52 -106.10
N ALA P 579 34.82 54.18 -105.40
CA ALA P 579 34.96 55.60 -105.13
C ALA P 579 36.24 55.88 -104.34
N ALA P 580 36.54 55.02 -103.36
CA ALA P 580 37.76 55.18 -102.58
C ALA P 580 38.99 55.04 -103.47
N ALA P 581 39.01 54.04 -104.34
CA ALA P 581 40.17 53.81 -105.22
C ALA P 581 40.36 54.99 -106.17
N ARG P 582 39.27 55.50 -106.74
CA ARG P 582 39.41 56.62 -107.66
C ARG P 582 39.78 57.91 -106.92
N ALA P 583 39.35 58.06 -105.66
CA ALA P 583 39.79 59.20 -104.87
C ALA P 583 41.28 59.10 -104.55
N GLU P 584 41.77 57.87 -104.32
CA GLU P 584 43.20 57.67 -104.12
C GLU P 584 43.98 57.97 -105.39
N ALA P 585 43.44 57.60 -106.55
CA ALA P 585 44.11 57.96 -107.81
C ALA P 585 44.08 59.47 -108.05
N GLU P 586 42.99 60.12 -107.65
CA GLU P 586 42.92 61.56 -107.69
C GLU P 586 43.98 62.20 -106.81
N ALA P 587 44.15 61.72 -105.57
CA ALA P 587 45.19 62.24 -104.70
C ALA P 587 46.57 61.93 -105.26
N LEU P 588 46.70 60.81 -105.97
CA LEU P 588 47.94 60.50 -106.67
C LEU P 588 48.27 61.57 -107.69
N ALA P 589 47.30 61.91 -108.55
CA ALA P 589 47.52 62.95 -109.55
C ALA P 589 47.78 64.30 -108.89
N ASP P 590 47.12 64.56 -107.75
CA ASP P 590 47.35 65.79 -107.01
C ASP P 590 48.80 65.88 -106.52
N ALA P 591 49.28 64.80 -105.89
CA ALA P 591 50.65 64.80 -105.38
C ALA P 591 51.68 64.79 -106.51
N ALA P 592 51.30 64.27 -107.68
CA ALA P 592 52.26 64.18 -108.78
C ALA P 592 52.38 65.50 -109.54
N THR P 593 51.25 66.07 -109.98
CA THR P 593 51.28 67.19 -110.90
C THR P 593 51.60 68.52 -110.24
N SER P 594 51.86 68.55 -108.93
CA SER P 594 52.15 69.82 -108.26
C SER P 594 53.65 70.03 -108.21
N PRO P 595 54.15 71.25 -108.48
CA PRO P 595 55.60 71.47 -108.52
C PRO P 595 56.21 71.61 -107.13
N SER P 596 56.51 70.49 -106.48
CA SER P 596 57.13 70.52 -105.16
C SER P 596 58.58 70.98 -105.29
N SER P 597 58.89 72.13 -104.70
CA SER P 597 60.25 72.64 -104.72
C SER P 597 61.07 71.94 -103.64
N THR P 598 61.73 70.85 -104.01
CA THR P 598 62.41 69.99 -103.04
C THR P 598 63.80 69.67 -103.55
N SER P 599 64.81 70.01 -102.76
CA SER P 599 66.17 69.58 -103.05
C SER P 599 66.34 68.13 -102.61
N SER P 600 66.77 67.28 -103.53
CA SER P 600 66.85 65.85 -103.28
C SER P 600 67.95 65.57 -102.26
N ARG P 601 67.54 65.27 -101.02
CA ARG P 601 68.46 65.10 -99.92
C ARG P 601 67.70 64.48 -98.76
N ALA P 602 68.43 63.81 -97.86
CA ALA P 602 67.87 63.13 -96.70
C ALA P 602 66.89 62.04 -97.12
N ALA P 603 67.44 61.02 -97.77
CA ALA P 603 66.65 59.88 -98.24
C ALA P 603 65.70 59.29 -97.21
N PRO P 604 66.02 59.23 -95.91
CA PRO P 604 64.98 58.81 -94.94
C PRO P 604 63.78 59.75 -94.93
N ALA P 605 64.00 61.07 -94.96
CA ALA P 605 62.89 62.00 -95.02
C ALA P 605 62.08 61.84 -96.31
N ALA P 606 62.76 61.56 -97.43
CA ALA P 606 62.05 61.35 -98.69
C ALA P 606 61.21 60.07 -98.65
N ALA P 607 61.76 59.01 -98.04
CA ALA P 607 60.99 57.77 -97.89
C ALA P 607 59.80 57.99 -96.97
N LEU P 608 59.97 58.78 -95.91
CA LEU P 608 58.85 59.12 -95.05
C LEU P 608 57.78 59.89 -95.82
N ALA P 609 58.21 60.85 -96.64
CA ALA P 609 57.26 61.60 -97.45
C ALA P 609 56.52 60.68 -98.42
N GLU P 610 57.23 59.71 -99.00
CA GLU P 610 56.60 58.68 -99.82
C GLU P 610 55.51 57.96 -99.05
N ALA P 611 55.88 57.42 -97.88
CA ALA P 611 54.93 56.62 -97.10
C ALA P 611 53.71 57.42 -96.68
N GLU P 612 53.92 58.65 -96.21
CA GLU P 612 52.78 59.43 -95.75
C GLU P 612 52.01 60.13 -96.87
N ALA P 613 52.60 60.30 -98.06
CA ALA P 613 51.78 60.69 -99.21
C ALA P 613 50.86 59.54 -99.62
N ALA P 614 51.39 58.31 -99.64
CA ALA P 614 50.52 57.16 -99.83
C ALA P 614 49.46 57.10 -98.74
N GLU P 615 49.84 57.41 -97.50
CA GLU P 615 48.90 57.41 -96.38
C GLU P 615 47.81 58.45 -96.58
N ALA P 616 48.18 59.64 -97.07
CA ALA P 616 47.19 60.68 -97.34
C ALA P 616 46.23 60.27 -98.43
N ARG P 617 46.73 59.62 -99.48
CA ARG P 617 45.85 59.10 -100.51
C ARG P 617 44.90 58.05 -99.93
N ARG P 618 45.43 57.16 -99.09
CA ARG P 618 44.58 56.16 -98.43
C ARG P 618 43.51 56.83 -97.56
N ALA P 619 43.88 57.88 -96.85
CA ALA P 619 42.93 58.54 -95.96
C ALA P 619 41.84 59.26 -96.74
N ARG P 620 42.20 59.87 -97.89
CA ARG P 620 41.19 60.51 -98.72
C ARG P 620 40.25 59.48 -99.31
N GLY P 621 40.81 58.32 -99.72
CA GLY P 621 39.96 57.22 -100.15
C GLY P 621 39.04 56.74 -99.04
N ARG P 622 39.56 56.66 -97.82
CA ARG P 622 38.74 56.26 -96.68
C ARG P 622 37.60 57.23 -96.45
N ALA P 623 37.87 58.53 -96.55
CA ALA P 623 36.82 59.53 -96.37
C ALA P 623 35.76 59.41 -97.47
N ALA P 624 36.20 59.26 -98.72
CA ALA P 624 35.27 59.06 -99.82
C ALA P 624 34.38 57.85 -99.58
N ALA P 625 35.00 56.72 -99.22
CA ALA P 625 34.26 55.49 -99.00
C ALA P 625 33.29 55.64 -97.83
N ALA P 626 33.69 56.33 -96.77
CA ALA P 626 32.77 56.59 -95.67
C ALA P 626 31.59 57.43 -96.12
N ALA P 627 31.83 58.41 -96.98
CA ALA P 627 30.75 59.24 -97.49
C ALA P 627 29.73 58.40 -98.27
N VAL P 628 30.21 57.58 -99.21
CA VAL P 628 29.27 56.78 -100.00
C VAL P 628 28.70 55.64 -99.16
N MET P 629 29.37 55.26 -98.07
CA MET P 629 28.83 54.32 -97.10
C MET P 629 27.60 54.88 -96.42
N ALA P 630 27.74 56.10 -95.89
CA ALA P 630 26.59 56.80 -95.33
C ALA P 630 25.50 56.94 -96.37
N GLU P 631 25.87 57.27 -97.61
CA GLU P 631 24.92 57.34 -98.71
C GLU P 631 24.08 56.07 -98.83
N GLY P 632 24.75 54.94 -99.07
CA GLY P 632 24.03 53.69 -99.31
C GLY P 632 23.23 53.22 -98.13
N LEU P 633 23.86 53.19 -96.94
CA LEU P 633 23.15 52.66 -95.78
C LEU P 633 22.14 53.66 -95.22
N ARG P 634 22.17 54.91 -95.68
CA ARG P 634 21.04 55.81 -95.50
C ARG P 634 19.93 55.48 -96.47
N ARG P 635 20.29 55.08 -97.69
CA ARG P 635 19.29 54.77 -98.70
C ARG P 635 18.49 53.52 -98.32
N LEU P 636 19.16 52.48 -97.83
CA LEU P 636 18.46 51.22 -97.61
C LEU P 636 17.90 51.06 -96.20
N GLY P 637 18.66 51.41 -95.16
CA GLY P 637 18.12 51.34 -93.81
C GLY P 637 19.09 50.79 -92.77
N PRO P 638 18.62 50.69 -91.53
CA PRO P 638 19.52 50.30 -90.42
C PRO P 638 19.81 48.81 -90.35
N ASP P 639 18.97 47.95 -90.91
CA ASP P 639 19.26 46.51 -90.90
C ASP P 639 20.58 46.22 -91.58
N ALA P 640 20.84 46.93 -92.68
CA ALA P 640 22.11 46.77 -93.39
C ALA P 640 23.28 47.17 -92.50
N VAL P 641 23.19 48.32 -91.84
CA VAL P 641 24.29 48.76 -90.97
C VAL P 641 24.49 47.77 -89.84
N ALA P 642 23.40 47.19 -89.33
CA ALA P 642 23.52 46.26 -88.21
C ALA P 642 24.22 44.99 -88.62
N MET P 643 23.82 44.40 -89.74
CA MET P 643 24.43 43.14 -90.16
C MET P 643 25.87 43.37 -90.64
N LEU P 644 26.14 44.55 -91.21
CA LEU P 644 27.50 44.87 -91.61
C LEU P 644 28.40 45.06 -90.39
N GLU P 645 27.89 45.75 -89.37
CA GLU P 645 28.60 45.84 -88.10
C GLU P 645 28.91 44.46 -87.54
N ARG P 646 27.92 43.56 -87.59
CA ARG P 646 28.13 42.21 -87.07
C ARG P 646 29.27 41.51 -87.82
N THR P 647 29.19 41.48 -89.16
CA THR P 647 30.17 40.72 -89.92
C THR P 647 31.56 41.36 -89.82
N ALA P 648 31.64 42.68 -89.81
CA ALA P 648 32.94 43.34 -89.66
C ALA P 648 33.53 43.08 -88.29
N ALA P 649 32.72 43.25 -87.24
CA ALA P 649 33.21 43.06 -85.87
C ALA P 649 33.74 41.66 -85.66
N GLU P 650 33.03 40.65 -86.18
CA GLU P 650 33.58 39.30 -86.06
C GLU P 650 34.81 39.12 -86.94
N ALA P 651 34.83 39.80 -88.10
CA ALA P 651 35.95 39.67 -89.03
C ALA P 651 37.26 40.23 -88.49
N GLU P 652 37.18 41.15 -87.53
CA GLU P 652 38.38 41.68 -86.91
C GLU P 652 39.07 40.61 -86.07
N ALA P 653 40.40 40.57 -86.15
CA ALA P 653 41.15 39.62 -85.34
C ALA P 653 40.99 39.94 -83.86
N PRO P 654 40.84 38.91 -83.02
CA PRO P 654 40.66 39.15 -81.59
C PRO P 654 41.91 39.66 -80.89
N GLN P 655 43.08 39.55 -81.51
CA GLN P 655 44.34 39.88 -80.84
C GLN P 655 45.18 40.91 -81.56
N GLY P 656 44.62 41.62 -82.53
CA GLY P 656 45.39 42.57 -83.30
C GLY P 656 44.63 43.86 -83.53
N GLY P 657 45.39 44.89 -83.94
CA GLY P 657 44.75 46.13 -84.37
C GLY P 657 43.83 45.90 -85.55
N GLY P 658 44.37 45.36 -86.64
CA GLY P 658 43.57 44.91 -87.76
C GLY P 658 44.22 43.74 -88.47
N ALA P 659 43.51 42.61 -88.52
CA ALA P 659 44.09 41.38 -89.02
C ALA P 659 43.00 40.37 -89.37
N VAL P 660 43.40 39.12 -89.56
CA VAL P 660 42.53 37.98 -89.89
C VAL P 660 41.10 38.05 -89.32
N THR P 677 39.18 40.97 -99.32
CA THR P 677 38.44 40.13 -98.38
C THR P 677 38.13 40.89 -97.10
N SER P 678 38.27 40.20 -95.96
CA SER P 678 37.87 40.78 -94.67
C SER P 678 38.54 42.12 -94.40
N SER P 679 39.73 42.33 -94.97
CA SER P 679 40.42 43.61 -94.80
C SER P 679 39.56 44.77 -95.29
N ASP P 680 38.93 44.61 -96.45
CA ASP P 680 38.11 45.68 -97.01
C ASP P 680 36.97 46.06 -96.08
N ILE P 681 36.21 45.05 -95.61
CA ILE P 681 35.03 45.34 -94.80
C ILE P 681 35.43 45.88 -93.43
N PHE P 682 36.51 45.39 -92.83
CA PHE P 682 36.85 45.92 -91.52
C PHE P 682 37.50 47.30 -91.61
N SER P 683 38.21 47.61 -92.70
CA SER P 683 38.65 48.98 -92.91
C SER P 683 37.45 49.91 -93.09
N LEU P 684 36.45 49.47 -93.84
CA LEU P 684 35.26 50.30 -94.01
C LEU P 684 34.44 50.40 -92.73
N ALA P 685 34.53 49.38 -91.88
CA ALA P 685 33.98 49.48 -90.54
C ALA P 685 34.72 50.54 -89.73
N ARG P 686 36.02 50.64 -89.93
CA ARG P 686 36.75 51.77 -89.37
C ARG P 686 36.32 53.09 -89.99
N THR P 687 35.75 53.04 -91.21
CA THR P 687 35.15 54.24 -91.78
C THR P 687 33.78 54.52 -91.19
N LEU P 688 33.21 53.54 -90.47
CA LEU P 688 32.00 53.76 -89.68
C LEU P 688 32.25 54.67 -88.48
N GLU P 689 33.46 55.17 -88.29
CA GLU P 689 33.81 55.94 -87.11
C GLU P 689 33.83 57.44 -87.41
N MET Q 96 28.25 37.07 -75.87
CA MET Q 96 27.40 36.45 -74.86
C MET Q 96 27.98 35.13 -74.39
N ALA Q 97 28.18 35.00 -73.08
CA ALA Q 97 28.78 33.79 -72.54
C ALA Q 97 27.85 32.60 -72.74
N LYS Q 98 28.40 31.40 -72.54
CA LYS Q 98 27.67 30.18 -72.87
C LYS Q 98 26.55 29.89 -71.88
N ASP Q 99 26.67 30.39 -70.65
CA ASP Q 99 25.62 30.17 -69.67
C ASP Q 99 24.32 30.84 -70.09
N GLU Q 100 24.40 32.01 -70.71
CA GLU Q 100 23.19 32.69 -71.18
C GLU Q 100 22.43 31.85 -72.18
N VAL Q 101 23.14 31.31 -73.18
CA VAL Q 101 22.48 30.50 -74.20
C VAL Q 101 22.02 29.16 -73.62
N LYS Q 102 22.75 28.66 -72.62
CA LYS Q 102 22.30 27.44 -71.95
C LYS Q 102 20.99 27.68 -71.19
N ALA Q 103 20.79 28.91 -70.73
CA ALA Q 103 19.52 29.25 -70.08
C ALA Q 103 18.43 29.61 -71.08
N ARG Q 104 18.79 30.14 -72.26
CA ARG Q 104 17.80 30.61 -73.21
C ARG Q 104 17.31 29.52 -74.13
N LEU Q 105 18.09 28.47 -74.33
CA LEU Q 105 17.68 27.38 -75.21
C LEU Q 105 16.98 26.24 -74.47
N ALA Q 106 16.92 26.32 -73.14
CA ALA Q 106 16.35 25.22 -72.37
C ALA Q 106 14.90 24.89 -72.70
N PRO Q 107 13.97 25.84 -72.86
CA PRO Q 107 12.56 25.45 -73.06
C PRO Q 107 12.32 24.52 -74.23
N VAL Q 108 13.09 24.62 -75.31
CA VAL Q 108 12.87 23.78 -76.48
C VAL Q 108 13.57 22.43 -76.32
N PRO Q 109 12.83 21.33 -76.40
CA PRO Q 109 13.44 20.00 -76.25
C PRO Q 109 13.86 19.38 -77.57
N VAL Q 110 14.42 18.18 -77.46
CA VAL Q 110 14.78 17.35 -78.60
C VAL Q 110 14.89 15.91 -78.12
N TYR Q 111 14.47 14.99 -78.98
CA TYR Q 111 14.40 13.57 -78.64
C TYR Q 111 15.53 12.82 -79.31
N THR Q 112 16.13 11.88 -78.59
CA THR Q 112 17.05 10.91 -79.15
C THR Q 112 16.85 9.58 -78.44
N VAL Q 113 17.78 8.66 -78.63
CA VAL Q 113 17.66 7.31 -78.06
C VAL Q 113 18.99 6.94 -77.41
N ALA Q 114 18.89 6.30 -76.24
CA ALA Q 114 20.05 5.85 -75.49
C ALA Q 114 19.88 4.38 -75.10
N ASN Q 115 20.96 3.82 -74.58
CA ASN Q 115 20.99 2.46 -74.09
C ASN Q 115 20.62 2.44 -72.60
N PRO Q 116 20.36 1.25 -72.03
CA PRO Q 116 20.21 1.19 -70.57
C PRO Q 116 21.46 1.64 -69.83
N LYS Q 117 22.62 1.59 -70.47
CA LYS Q 117 23.85 2.14 -69.91
C LYS Q 117 23.94 3.66 -70.07
N ASN Q 118 22.88 4.30 -70.55
CA ASN Q 118 22.86 5.74 -70.79
C ASN Q 118 23.94 6.14 -71.80
N GLU Q 119 23.99 5.39 -72.90
CA GLU Q 119 24.95 5.63 -73.98
C GLU Q 119 24.18 5.93 -75.26
N PHE Q 120 24.70 6.87 -76.05
CA PHE Q 120 24.06 7.22 -77.30
C PHE Q 120 24.24 6.12 -78.34
N VAL Q 121 23.27 5.99 -79.23
CA VAL Q 121 23.36 5.08 -80.37
C VAL Q 121 23.86 5.88 -81.56
N LEU Q 122 24.66 5.24 -82.41
CA LEU Q 122 25.23 5.88 -83.59
C LEU Q 122 25.13 4.94 -84.78
N VAL Q 123 25.55 5.44 -85.94
CA VAL Q 123 25.51 4.69 -87.18
C VAL Q 123 26.93 4.55 -87.72
N ALA Q 124 27.40 3.32 -87.83
CA ALA Q 124 28.73 3.07 -88.35
C ALA Q 124 28.73 3.18 -89.87
N GLY Q 125 29.85 3.63 -90.42
CA GLY Q 125 30.03 3.78 -91.85
C GLY Q 125 31.35 3.18 -92.29
N GLU Q 126 31.99 3.88 -93.22
CA GLU Q 126 33.26 3.45 -93.79
C GLU Q 126 34.40 4.22 -93.14
N ASN Q 127 35.58 3.60 -93.16
CA ASN Q 127 36.82 4.11 -92.59
C ASN Q 127 36.61 4.82 -91.26
N ASN Q 128 36.00 4.12 -90.30
CA ASN Q 128 35.91 4.57 -88.91
C ASN Q 128 35.16 5.91 -88.80
N THR Q 129 33.88 5.86 -89.16
CA THR Q 129 33.02 7.01 -88.98
C THR Q 129 31.76 6.62 -88.20
N GLN Q 130 31.33 7.55 -87.35
CA GLN Q 130 30.11 7.44 -86.56
C GLN Q 130 29.53 8.85 -86.46
N LEU Q 131 28.26 8.94 -86.09
CA LEU Q 131 27.61 10.24 -85.97
C LEU Q 131 26.41 10.16 -85.05
N GLY Q 132 26.20 11.23 -84.28
CA GLY Q 132 25.05 11.35 -83.42
C GLY Q 132 23.89 12.07 -84.12
N PHE Q 133 22.69 11.84 -83.59
CA PHE Q 133 21.49 12.39 -84.19
C PHE Q 133 20.61 12.97 -83.09
N PHE Q 134 19.75 13.90 -83.49
CA PHE Q 134 18.82 14.56 -82.58
C PHE Q 134 17.58 14.94 -83.36
N PHE Q 135 16.48 14.26 -83.09
CA PHE Q 135 15.26 14.38 -83.87
C PHE Q 135 14.22 15.22 -83.12
N PHE Q 136 13.79 16.31 -83.75
CA PHE Q 136 12.82 17.21 -83.14
C PHE Q 136 11.46 16.58 -82.96
N ARG Q 137 11.20 15.45 -83.60
CA ARG Q 137 9.98 14.68 -83.40
C ARG Q 137 10.39 13.24 -83.12
N LYS Q 138 10.03 12.73 -81.94
CA LYS Q 138 10.53 11.43 -81.50
C LYS Q 138 10.16 10.31 -82.45
N GLU Q 139 9.10 10.48 -83.26
CA GLU Q 139 8.74 9.44 -84.22
C GLU Q 139 9.88 9.16 -85.19
N ASP Q 140 10.75 10.14 -85.42
CA ASP Q 140 11.88 9.91 -86.32
C ASP Q 140 12.86 8.89 -85.73
N ALA Q 141 13.21 9.04 -84.45
CA ALA Q 141 14.08 8.06 -83.81
C ALA Q 141 13.37 6.73 -83.64
N GLU Q 142 12.07 6.75 -83.36
CA GLU Q 142 11.32 5.50 -83.28
C GLU Q 142 11.35 4.75 -84.60
N ALA Q 143 11.19 5.46 -85.73
CA ALA Q 143 11.28 4.82 -87.02
C ALA Q 143 12.71 4.35 -87.30
N LEU Q 144 13.71 5.09 -86.82
CA LEU Q 144 15.09 4.65 -86.95
C LEU Q 144 15.30 3.30 -86.29
N ILE Q 145 14.78 3.12 -85.08
CA ILE Q 145 14.99 1.85 -84.39
C ILE Q 145 14.02 0.79 -84.87
N GLU Q 146 12.92 1.20 -85.48
CA GLU Q 146 12.14 0.22 -86.23
C GLU Q 146 12.92 -0.33 -87.42
N LYS Q 147 13.71 0.51 -88.08
CA LYS Q 147 14.68 0.05 -89.08
C LYS Q 147 15.80 -0.78 -88.45
N ILE Q 148 16.18 -0.46 -87.21
CA ILE Q 148 17.15 -1.27 -86.51
C ILE Q 148 16.60 -2.67 -86.29
N ARG Q 149 15.32 -2.78 -85.94
CA ARG Q 149 14.68 -4.08 -85.75
C ARG Q 149 14.69 -4.89 -87.04
N GLU Q 150 14.66 -4.22 -88.18
CA GLU Q 150 14.78 -4.87 -89.48
C GLU Q 150 16.08 -5.65 -89.62
N GLU Q 151 17.16 -5.20 -88.97
CA GLU Q 151 18.46 -5.85 -89.13
C GLU Q 151 19.09 -6.28 -87.81
N ASN Q 152 18.65 -5.75 -86.67
CA ASN Q 152 19.20 -6.14 -85.39
C ASN Q 152 18.11 -6.14 -84.32
N PRO Q 153 17.71 -7.33 -83.83
CA PRO Q 153 16.65 -7.37 -82.81
C PRO Q 153 17.17 -7.07 -81.42
N ARG Q 154 18.43 -7.43 -81.17
CA ARG Q 154 19.06 -7.14 -79.88
C ARG Q 154 19.10 -5.64 -79.62
N LEU Q 155 19.69 -4.87 -80.53
CA LEU Q 155 19.77 -3.43 -80.36
C LEU Q 155 18.38 -2.81 -80.30
N ALA Q 156 17.40 -3.42 -80.98
CA ALA Q 156 16.05 -2.89 -80.97
C ALA Q 156 15.33 -3.16 -79.67
N ARG Q 157 15.70 -4.21 -78.94
CA ARG Q 157 15.20 -4.39 -77.58
C ARG Q 157 16.00 -3.53 -76.60
N ASP Q 158 17.26 -3.21 -76.93
CA ASP Q 158 18.15 -2.46 -76.06
C ASP Q 158 17.95 -0.96 -76.12
N SER Q 159 16.86 -0.48 -76.73
CA SER Q 159 16.67 0.95 -76.90
C SER Q 159 15.80 1.54 -75.79
N LYS Q 160 16.06 2.82 -75.49
CA LYS Q 160 15.16 3.62 -74.66
C LYS Q 160 15.14 5.04 -75.19
N ILE Q 161 13.99 5.70 -75.06
CA ILE Q 161 13.73 6.96 -75.74
C ILE Q 161 13.98 8.08 -74.74
N LEU Q 162 14.97 8.93 -75.02
CA LEU Q 162 15.31 10.05 -74.16
C LEU Q 162 14.85 11.36 -74.78
N ARG Q 163 14.49 12.30 -73.92
CA ARG Q 163 14.09 13.65 -74.33
C ARG Q 163 14.83 14.66 -73.46
N VAL Q 164 15.74 15.41 -74.07
CA VAL Q 164 16.48 16.42 -73.31
C VAL Q 164 16.39 17.75 -74.07
N PRO Q 165 16.49 18.89 -73.41
CA PRO Q 165 16.55 20.16 -74.14
C PRO Q 165 17.84 20.26 -74.93
N MET Q 166 17.98 21.37 -75.65
CA MET Q 166 19.25 21.64 -76.33
C MET Q 166 20.31 22.09 -75.35
N ASP Q 167 19.96 22.18 -74.06
CA ASP Q 167 20.90 22.65 -73.05
C ASP Q 167 22.18 21.83 -73.03
N ASN Q 168 22.09 20.55 -72.68
CA ASN Q 168 23.32 19.81 -72.43
C ASN Q 168 23.95 19.31 -73.72
N VAL Q 169 23.18 19.20 -74.79
CA VAL Q 169 23.80 18.87 -76.07
C VAL Q 169 24.61 20.07 -76.58
N TYR Q 170 24.12 21.29 -76.35
CA TYR Q 170 24.92 22.46 -76.68
C TYR Q 170 26.13 22.56 -75.75
N GLU Q 171 25.95 22.16 -74.49
CA GLU Q 171 27.08 22.07 -73.57
C GLU Q 171 28.17 21.14 -74.10
N VAL Q 172 27.77 19.94 -74.55
CA VAL Q 172 28.75 18.96 -75.03
C VAL Q 172 29.33 19.40 -76.37
N PHE Q 173 28.58 20.21 -77.13
CA PHE Q 173 29.17 20.84 -78.29
C PHE Q 173 30.31 21.76 -77.89
N THR Q 174 30.17 22.43 -76.74
CA THR Q 174 31.15 23.38 -76.25
C THR Q 174 32.14 22.69 -75.31
N THR Q 175 32.69 21.57 -75.79
CA THR Q 175 33.60 20.75 -75.02
C THR Q 175 34.59 20.11 -75.98
N PRO Q 176 35.73 19.63 -75.47
CA PRO Q 176 36.63 18.85 -76.33
C PRO Q 176 36.01 17.50 -76.65
N ARG Q 177 35.65 17.26 -77.91
CA ARG Q 177 34.93 16.05 -78.25
C ARG Q 177 35.81 14.81 -78.13
N GLU Q 178 37.13 14.99 -78.21
CA GLU Q 178 38.02 13.83 -78.04
C GLU Q 178 38.26 13.51 -76.57
N GLN Q 179 37.73 14.32 -75.64
CA GLN Q 179 37.79 13.95 -74.24
C GLN Q 179 36.85 12.80 -73.94
N THR Q 180 35.69 12.78 -74.59
CA THR Q 180 34.77 11.65 -74.49
C THR Q 180 35.06 10.57 -75.53
N GLY Q 181 35.96 10.82 -76.48
CA GLY Q 181 36.27 9.86 -77.51
C GLY Q 181 35.77 10.28 -78.88
N LEU Q 182 36.68 10.75 -79.73
CA LEU Q 182 36.29 11.25 -81.04
C LEU Q 182 37.38 10.96 -82.05
N GLN Q 183 37.07 10.12 -83.04
CA GLN Q 183 37.87 10.02 -84.26
C GLN Q 183 36.95 9.91 -85.47
N GLY Q 184 35.93 10.78 -85.52
CA GLY Q 184 35.00 10.80 -86.63
C GLY Q 184 33.54 10.81 -86.23
N ILE Q 185 33.26 11.10 -84.95
CA ILE Q 185 31.88 11.15 -84.45
C ILE Q 185 31.40 12.58 -84.62
N HIS Q 186 30.52 12.78 -85.60
CA HIS Q 186 30.02 14.11 -85.95
C HIS Q 186 28.52 14.18 -85.62
N PHE Q 187 28.19 14.76 -84.47
CA PHE Q 187 26.81 14.95 -84.10
C PHE Q 187 26.13 15.92 -85.05
N ARG Q 188 24.99 15.51 -85.59
CA ARG Q 188 24.19 16.35 -86.47
C ARG Q 188 22.75 16.32 -85.99
N PHE Q 189 21.95 17.22 -86.53
CA PHE Q 189 20.52 17.29 -86.25
C PHE Q 189 19.74 16.72 -87.42
N MET Q 190 18.44 16.50 -87.20
CA MET Q 190 17.57 15.93 -88.23
C MET Q 190 16.17 16.51 -88.08
N PRO Q 191 15.92 17.64 -88.73
CA PRO Q 191 14.57 18.22 -88.69
C PRO Q 191 13.58 17.42 -89.52
N ASP Q 192 12.31 17.56 -89.16
CA ASP Q 192 11.24 16.92 -89.93
C ASP Q 192 11.11 17.57 -91.29
N MET Q 193 10.69 16.78 -92.28
CA MET Q 193 10.61 17.29 -93.65
C MET Q 193 9.44 18.24 -93.87
N LYS Q 194 8.41 18.19 -93.02
CA LYS Q 194 7.27 19.09 -93.16
C LYS Q 194 7.71 20.55 -93.03
N GLN Q 195 8.38 20.88 -91.93
CA GLN Q 195 8.73 22.27 -91.67
C GLN Q 195 9.87 22.72 -92.55
N VAL Q 196 10.75 21.82 -92.98
CA VAL Q 196 11.79 22.24 -93.92
C VAL Q 196 11.19 22.47 -95.31
N ALA Q 197 10.13 21.74 -95.66
CA ALA Q 197 9.43 22.03 -96.91
C ALA Q 197 8.72 23.37 -96.84
N HIS Q 198 8.05 23.65 -95.73
CA HIS Q 198 7.46 24.97 -95.53
C HIS Q 198 8.54 26.05 -95.57
N ALA Q 199 9.71 25.75 -95.02
CA ALA Q 199 10.83 26.68 -95.05
C ALA Q 199 11.29 26.96 -96.46
N LEU Q 200 11.41 25.93 -97.31
CA LEU Q 200 11.90 26.13 -98.66
C LEU Q 200 10.85 26.80 -99.54
N GLN Q 201 9.56 26.55 -99.28
CA GLN Q 201 8.56 27.29 -100.01
C GLN Q 201 8.57 28.76 -99.60
N LEU Q 202 8.83 29.05 -98.32
CA LEU Q 202 9.13 30.42 -97.91
C LEU Q 202 10.31 30.96 -98.70
N TYR Q 203 11.41 30.20 -98.72
CA TYR Q 203 12.65 30.55 -99.42
C TYR Q 203 12.43 30.96 -100.86
N LYS Q 204 11.65 30.17 -101.60
CA LYS Q 204 11.53 30.42 -103.05
C LYS Q 204 10.30 31.23 -103.43
N ASP Q 205 9.40 31.51 -102.49
CA ASP Q 205 8.42 32.56 -102.73
C ASP Q 205 9.02 33.95 -102.55
N ALA Q 206 10.32 34.06 -102.36
CA ALA Q 206 10.99 35.36 -102.31
C ALA Q 206 11.58 35.76 -103.66
N GLY Q 207 12.04 34.81 -104.46
CA GLY Q 207 12.59 35.13 -105.77
C GLY Q 207 13.75 34.27 -106.22
N VAL Q 208 14.36 33.54 -105.30
CA VAL Q 208 15.49 32.67 -105.65
C VAL Q 208 15.08 31.22 -105.41
N PRO Q 209 14.57 30.51 -106.43
CA PRO Q 209 14.03 29.17 -106.21
C PRO Q 209 15.13 28.12 -106.16
N THR Q 210 15.26 27.47 -105.00
CA THR Q 210 16.16 26.34 -104.83
C THR Q 210 15.41 25.27 -104.04
N ARG Q 211 16.03 24.12 -103.84
CA ARG Q 211 15.42 22.99 -103.15
C ARG Q 211 16.40 22.36 -102.16
N GLN Q 212 17.29 23.18 -101.61
CA GLN Q 212 18.24 22.72 -100.59
C GLN Q 212 18.23 23.70 -99.43
N PHE Q 213 18.58 23.20 -98.25
CA PHE Q 213 18.43 23.96 -97.01
C PHE Q 213 19.67 23.78 -96.14
N ILE Q 214 19.96 24.79 -95.33
CA ILE Q 214 21.05 24.75 -94.36
C ILE Q 214 20.43 24.84 -92.97
N GLY Q 215 20.87 23.97 -92.07
CA GLY Q 215 20.51 24.06 -90.66
C GLY Q 215 19.16 23.45 -90.35
N VAL Q 216 18.60 23.90 -89.23
CA VAL Q 216 17.27 23.53 -88.80
C VAL Q 216 16.34 24.73 -89.00
N PRO Q 217 15.17 24.55 -89.60
CA PRO Q 217 14.32 25.71 -89.92
C PRO Q 217 13.69 26.36 -88.69
N VAL Q 218 13.97 27.66 -88.54
CA VAL Q 218 13.34 28.50 -87.54
C VAL Q 218 12.48 29.52 -88.26
N PHE Q 219 11.36 29.89 -87.64
CA PHE Q 219 10.42 30.86 -88.20
C PHE Q 219 10.27 32.05 -87.27
N GLN Q 220 10.09 33.22 -87.87
CA GLN Q 220 9.73 34.43 -87.13
C GLN Q 220 8.84 35.28 -88.03
N ALA Q 221 8.27 36.33 -87.43
CA ALA Q 221 7.34 37.22 -88.14
C ALA Q 221 7.74 38.66 -87.84
N GLU Q 222 7.57 39.53 -88.84
CA GLU Q 222 7.85 40.95 -88.64
C GLU Q 222 6.73 41.61 -87.85
N GLY Q 223 7.10 42.54 -86.97
CA GLY Q 223 6.17 43.17 -86.06
C GLY Q 223 5.86 42.36 -84.82
N LEU Q 224 5.91 41.03 -84.93
CA LEU Q 224 5.61 40.15 -83.81
C LEU Q 224 6.70 40.21 -82.75
N THR Q 225 6.29 40.42 -81.50
CA THR Q 225 7.20 40.36 -80.36
C THR Q 225 6.35 40.23 -79.10
N VAL Q 226 6.65 39.25 -78.27
CA VAL Q 226 5.87 39.02 -77.06
C VAL Q 226 6.33 39.99 -75.97
N THR Q 227 5.41 40.81 -75.49
CA THR Q 227 5.73 41.83 -74.49
C THR Q 227 5.44 41.29 -73.10
N THR Q 228 6.35 41.54 -72.17
CA THR Q 228 6.22 41.13 -70.79
C THR Q 228 5.78 42.33 -69.95
N ARG Q 229 5.75 42.14 -68.64
CA ARG Q 229 5.47 43.25 -67.73
C ARG Q 229 6.56 44.31 -67.78
N ASP Q 230 7.69 44.03 -68.40
CA ASP Q 230 8.85 44.91 -68.40
C ASP Q 230 9.38 45.22 -69.80
N MET Q 231 9.41 44.25 -70.70
CA MET Q 231 9.97 44.44 -72.03
C MET Q 231 9.30 43.52 -73.03
N GLN Q 232 9.55 43.78 -74.31
CA GLN Q 232 8.93 43.07 -75.42
C GLN Q 232 9.95 42.12 -76.05
N TYR Q 233 9.96 40.88 -75.59
CA TYR Q 233 10.89 39.87 -76.10
C TYR Q 233 10.36 39.30 -77.42
N VAL Q 234 11.27 38.68 -78.18
CA VAL Q 234 10.96 38.13 -79.49
C VAL Q 234 10.82 36.61 -79.36
N PRO Q 235 9.66 36.04 -79.67
CA PRO Q 235 9.51 34.59 -79.65
C PRO Q 235 9.90 33.95 -80.98
N LEU Q 236 10.60 32.83 -80.87
CA LEU Q 236 11.11 32.11 -82.02
C LEU Q 236 10.36 30.80 -82.18
N PHE Q 237 9.84 30.55 -83.37
CA PHE Q 237 8.96 29.41 -83.65
C PHE Q 237 9.64 28.46 -84.61
N LEU Q 238 9.85 27.22 -84.16
CA LEU Q 238 10.26 26.18 -85.09
C LEU Q 238 9.08 25.69 -85.93
N CYS Q 239 7.86 26.01 -85.52
CA CYS Q 239 6.66 25.52 -86.16
C CYS Q 239 5.90 26.68 -86.80
N LYS Q 240 5.80 26.64 -88.13
CA LYS Q 240 5.01 27.64 -88.84
C LYS Q 240 3.56 27.63 -88.41
N GLU Q 241 3.02 26.47 -88.05
CA GLU Q 241 1.65 26.42 -87.55
C GLU Q 241 1.50 27.23 -86.26
N ASP Q 242 2.34 26.94 -85.26
CA ASP Q 242 2.30 27.70 -84.01
C ASP Q 242 2.64 29.16 -84.23
N LEU Q 243 3.64 29.43 -85.08
CA LEU Q 243 3.97 30.80 -85.44
C LEU Q 243 2.74 31.56 -85.91
N ASP Q 244 2.05 31.03 -86.94
CA ASP Q 244 0.94 31.78 -87.50
C ASP Q 244 -0.31 31.69 -86.63
N ILE Q 245 -0.38 30.73 -85.71
CA ILE Q 245 -1.48 30.75 -84.74
C ILE Q 245 -1.31 31.92 -83.79
N ALA Q 246 -0.08 32.17 -83.34
CA ALA Q 246 0.17 33.38 -82.57
C ALA Q 246 -0.03 34.63 -83.41
N VAL Q 247 0.46 34.59 -84.66
CA VAL Q 247 0.37 35.72 -85.57
C VAL Q 247 -1.07 36.08 -85.90
N GLN Q 248 -1.97 35.10 -86.01
CA GLN Q 248 -3.36 35.40 -86.33
C GLN Q 248 -4.05 36.07 -85.16
N SER Q 249 -3.81 35.58 -83.94
CA SER Q 249 -4.34 36.28 -82.76
C SER Q 249 -3.81 37.72 -82.71
N ALA Q 250 -2.51 37.90 -82.90
CA ALA Q 250 -1.93 39.24 -82.86
C ALA Q 250 -2.50 40.12 -83.96
N TYR Q 251 -2.66 39.56 -85.15
CA TYR Q 251 -3.19 40.31 -86.29
C TYR Q 251 -4.64 40.71 -86.05
N VAL Q 252 -5.46 39.78 -85.56
CA VAL Q 252 -6.85 40.08 -85.26
C VAL Q 252 -6.93 41.19 -84.23
N GLN Q 253 -6.16 41.09 -83.15
CA GLN Q 253 -6.26 42.09 -82.10
C GLN Q 253 -5.76 43.46 -82.58
N ARG Q 254 -4.71 43.48 -83.40
CA ARG Q 254 -4.18 44.77 -83.86
C ARG Q 254 -5.08 45.40 -84.91
N ASN Q 255 -5.61 44.63 -85.86
CA ASN Q 255 -6.49 45.22 -86.85
C ASN Q 255 -7.84 45.59 -86.25
N ALA Q 256 -8.27 44.91 -85.19
CA ALA Q 256 -9.43 45.38 -84.44
C ALA Q 256 -9.11 46.67 -83.70
N ALA Q 257 -7.92 46.76 -83.10
CA ALA Q 257 -7.48 48.02 -82.51
C ALA Q 257 -7.52 49.13 -83.53
N GLN Q 258 -7.15 48.84 -84.78
CA GLN Q 258 -7.16 49.84 -85.84
C GLN Q 258 -8.58 50.20 -86.28
N ILE Q 259 -9.48 49.23 -86.35
CA ILE Q 259 -10.87 49.54 -86.72
C ILE Q 259 -11.52 50.41 -85.66
N LYS Q 260 -11.33 50.09 -84.38
CA LYS Q 260 -11.85 50.96 -83.33
C LYS Q 260 -11.05 52.24 -83.18
N LEU Q 261 -9.80 52.28 -83.65
CA LEU Q 261 -9.08 53.55 -83.75
C LEU Q 261 -9.73 54.46 -84.77
N TYR Q 262 -10.11 53.90 -85.93
CA TYR Q 262 -10.83 54.70 -86.91
C TYR Q 262 -12.24 55.06 -86.43
N LYS Q 263 -12.84 54.25 -85.56
CA LYS Q 263 -14.07 54.69 -84.91
C LYS Q 263 -13.84 55.81 -83.89
N ASP Q 264 -12.70 55.80 -83.20
CA ASP Q 264 -12.30 56.94 -82.37
C ASP Q 264 -12.20 58.21 -83.21
N LYS Q 265 -11.52 58.13 -84.35
CA LYS Q 265 -11.43 59.29 -85.23
C LYS Q 265 -12.76 59.60 -85.89
N ALA Q 266 -13.65 58.61 -85.97
CA ALA Q 266 -15.02 58.89 -86.40
C ALA Q 266 -15.75 59.75 -85.39
N ASP Q 267 -15.57 59.48 -84.10
CA ASP Q 267 -16.09 60.36 -83.05
C ASP Q 267 -15.49 61.75 -83.19
N LYS Q 268 -14.16 61.83 -83.18
CA LYS Q 268 -13.46 63.10 -83.34
C LYS Q 268 -13.93 63.87 -84.58
N TYR Q 269 -14.23 63.18 -85.67
CA TYR Q 269 -14.58 63.87 -86.90
C TYR Q 269 -16.07 64.18 -87.04
N GLN Q 270 -16.96 63.40 -86.42
CA GLN Q 270 -18.32 63.90 -86.31
C GLN Q 270 -18.33 65.20 -85.51
N ALA Q 271 -17.49 65.29 -84.46
CA ALA Q 271 -17.32 66.58 -83.78
C ALA Q 271 -16.69 67.62 -84.72
N ASP Q 272 -15.72 67.20 -85.53
CA ASP Q 272 -15.08 68.11 -86.47
C ASP Q 272 -16.10 68.75 -87.40
N TYR Q 273 -16.80 67.95 -88.20
CA TYR Q 273 -17.69 68.60 -89.20
C TYR Q 273 -18.73 69.47 -88.47
N ASP Q 274 -18.96 69.21 -87.18
CA ASP Q 274 -19.94 70.00 -86.39
C ASP Q 274 -19.54 71.49 -86.41
N GLN Q 275 -18.31 71.80 -86.01
CA GLN Q 275 -17.82 73.20 -86.02
C GLN Q 275 -17.80 73.72 -87.46
N ILE Q 276 -17.24 72.92 -88.38
CA ILE Q 276 -17.13 73.34 -89.81
C ILE Q 276 -18.53 73.66 -90.34
N ALA Q 277 -19.51 72.81 -90.02
CA ALA Q 277 -20.91 73.02 -90.48
C ALA Q 277 -21.55 74.15 -89.68
N SER Q 278 -21.07 74.39 -88.46
CA SER Q 278 -21.71 75.41 -87.58
C SER Q 278 -21.46 76.84 -88.08
N GLN Q 279 -20.67 77.01 -89.15
CA GLN Q 279 -20.50 78.38 -89.71
C GLN Q 279 -20.27 78.30 -91.23
N LEU Q 280 -20.48 77.12 -91.83
CA LEU Q 280 -20.35 77.06 -93.28
C LEU Q 280 -21.47 77.79 -94.01
N GLU Q 281 -22.72 77.64 -93.54
CA GLU Q 281 -23.82 78.45 -94.07
C GLU Q 281 -24.65 79.08 -92.95
N ALA Q 282 -24.20 79.00 -91.70
CA ALA Q 282 -25.01 79.50 -90.59
C ALA Q 282 -24.87 81.01 -90.43
N ALA Q 283 -23.75 81.58 -90.86
CA ALA Q 283 -23.52 83.02 -90.78
C ALA Q 283 -23.40 83.58 -92.20
N ALA Q 284 -23.10 84.87 -92.29
CA ALA Q 284 -22.84 85.48 -93.58
C ALA Q 284 -21.61 84.84 -94.22
N ASN Q 285 -21.70 84.58 -95.52
CA ASN Q 285 -20.66 83.87 -96.24
C ASN Q 285 -19.70 84.84 -96.93
N GLY Q 286 -18.59 84.31 -97.41
CA GLY Q 286 -17.47 85.11 -97.86
C GLY Q 286 -16.14 84.48 -97.48
N ARG Q 287 -15.36 85.20 -96.68
CA ARG Q 287 -14.10 84.66 -96.17
C ARG Q 287 -14.30 83.32 -95.47
N GLU Q 288 -15.19 83.30 -94.47
CA GLU Q 288 -15.28 82.15 -93.58
C GLU Q 288 -15.82 80.92 -94.30
N ARG Q 289 -16.79 81.10 -95.21
CA ARG Q 289 -17.28 79.95 -95.96
C ARG Q 289 -16.17 79.29 -96.76
N GLY Q 290 -15.39 80.07 -97.50
CA GLY Q 290 -14.28 79.51 -98.25
C GLY Q 290 -13.27 78.84 -97.35
N GLY Q 291 -12.82 79.55 -96.32
CA GLY Q 291 -11.83 78.98 -95.42
C GLY Q 291 -12.28 77.70 -94.77
N LEU Q 292 -13.53 77.66 -94.29
CA LEU Q 292 -14.00 76.52 -93.53
C LEU Q 292 -14.44 75.35 -94.40
N GLU Q 293 -14.88 75.58 -95.64
CA GLU Q 293 -15.11 74.41 -96.48
C GLU Q 293 -13.82 73.91 -97.12
N SER Q 294 -12.81 74.78 -97.27
CA SER Q 294 -11.47 74.26 -97.54
C SER Q 294 -10.98 73.45 -96.36
N ARG Q 295 -11.35 73.86 -95.14
CA ARG Q 295 -11.06 73.07 -93.95
C ARG Q 295 -11.77 71.73 -93.97
N LEU Q 296 -13.03 71.71 -94.43
CA LEU Q 296 -13.76 70.45 -94.56
C LEU Q 296 -13.12 69.54 -95.60
N ALA Q 297 -12.72 70.11 -96.73
CA ALA Q 297 -12.00 69.34 -97.75
C ALA Q 297 -10.72 68.77 -97.17
N LYS Q 298 -9.90 69.63 -96.55
CA LYS Q 298 -8.76 69.20 -95.74
C LYS Q 298 -9.08 67.97 -94.90
N ALA Q 299 -10.03 68.14 -93.96
CA ALA Q 299 -10.30 67.12 -92.96
C ALA Q 299 -10.74 65.82 -93.58
N ARG Q 300 -11.67 65.88 -94.55
CA ARG Q 300 -12.22 64.62 -95.02
C ARG Q 300 -11.39 63.97 -96.12
N VAL Q 301 -10.65 64.72 -96.94
CA VAL Q 301 -9.70 64.06 -97.83
C VAL Q 301 -8.61 63.38 -97.00
N LYS Q 302 -8.19 64.04 -95.91
CA LYS Q 302 -7.21 63.42 -95.02
C LYS Q 302 -7.77 62.18 -94.35
N LEU Q 303 -9.02 62.22 -93.87
CA LEU Q 303 -9.59 61.08 -93.15
C LEU Q 303 -9.94 59.95 -94.11
N GLU Q 304 -10.25 60.28 -95.37
CA GLU Q 304 -10.43 59.24 -96.38
C GLU Q 304 -9.13 58.55 -96.72
N ALA Q 305 -8.04 59.30 -96.97
CA ALA Q 305 -6.75 58.65 -97.12
C ALA Q 305 -6.37 57.89 -95.84
N ALA Q 306 -6.82 58.37 -94.69
CA ALA Q 306 -6.56 57.68 -93.44
C ALA Q 306 -7.22 56.31 -93.41
N ARG Q 307 -8.53 56.24 -93.69
CA ARG Q 307 -9.20 54.94 -93.73
C ARG Q 307 -8.64 54.04 -94.82
N ASP Q 308 -8.22 54.63 -95.94
CA ASP Q 308 -7.50 53.87 -96.94
C ASP Q 308 -6.30 53.17 -96.31
N LYS Q 309 -5.51 53.91 -95.55
CA LYS Q 309 -4.38 53.31 -94.84
C LYS Q 309 -4.83 52.24 -93.87
N VAL Q 310 -5.84 52.55 -93.05
CA VAL Q 310 -6.29 51.64 -92.00
C VAL Q 310 -6.68 50.28 -92.57
N GLU Q 311 -7.49 50.25 -93.62
CA GLU Q 311 -7.98 48.97 -94.12
C GLU Q 311 -7.01 48.36 -95.12
N SER Q 312 -6.23 49.19 -95.83
CA SER Q 312 -5.13 48.67 -96.61
C SER Q 312 -4.13 47.92 -95.75
N VAL Q 313 -4.06 48.26 -94.46
CA VAL Q 313 -3.25 47.49 -93.52
C VAL Q 313 -3.73 46.04 -93.49
N GLU Q 314 -5.05 45.83 -93.52
CA GLU Q 314 -5.57 44.47 -93.62
C GLU Q 314 -5.44 43.94 -95.05
N ARG Q 315 -5.67 44.80 -96.04
CA ARG Q 315 -5.40 44.43 -97.43
C ARG Q 315 -3.91 44.34 -97.74
N ALA Q 316 -3.06 44.83 -96.85
CA ALA Q 316 -1.64 44.53 -96.93
C ALA Q 316 -1.42 43.07 -96.59
N PRO Q 317 -0.36 42.43 -97.07
CA PRO Q 317 -0.21 40.98 -96.88
C PRO Q 317 0.08 40.63 -95.44
N LEU Q 318 0.19 39.32 -95.20
CA LEU Q 318 0.66 38.74 -93.96
C LEU Q 318 2.02 39.35 -93.61
N PRO Q 319 2.22 39.82 -92.39
CA PRO Q 319 3.51 40.38 -92.01
C PRO Q 319 4.65 39.40 -92.32
N LYS Q 320 5.72 39.92 -92.92
CA LYS Q 320 6.75 39.12 -93.56
C LYS Q 320 7.30 38.04 -92.65
N VAL Q 321 7.07 36.79 -93.01
CA VAL Q 321 7.59 35.66 -92.25
C VAL Q 321 8.97 35.31 -92.76
N GLU Q 322 9.90 35.08 -91.83
CA GLU Q 322 11.28 34.77 -92.15
C GLU Q 322 11.64 33.40 -91.62
N VAL Q 323 12.53 32.72 -92.34
CA VAL Q 323 13.03 31.41 -91.95
C VAL Q 323 14.55 31.46 -91.92
N GLY Q 324 15.14 30.78 -90.94
CA GLY Q 324 16.57 30.72 -90.80
C GLY Q 324 17.02 29.34 -90.35
N SER Q 325 18.33 29.20 -90.18
CA SER Q 325 18.96 27.97 -89.73
C SER Q 325 19.27 28.02 -88.25
N PHE Q 326 18.88 26.97 -87.53
CA PHE Q 326 19.15 26.91 -86.09
C PHE Q 326 20.64 26.89 -85.82
N GLU Q 327 21.40 26.11 -86.61
CA GLU Q 327 22.85 26.11 -86.51
C GLU Q 327 23.38 27.53 -86.46
N GLU Q 328 23.00 28.34 -87.44
CA GLU Q 328 23.56 29.68 -87.58
C GLU Q 328 23.09 30.61 -86.47
N VAL Q 329 21.80 30.58 -86.11
CA VAL Q 329 21.33 31.49 -85.07
C VAL Q 329 22.00 31.16 -83.74
N VAL Q 330 22.26 29.88 -83.47
CA VAL Q 330 22.96 29.53 -82.24
C VAL Q 330 24.42 30.00 -82.28
N MET Q 331 25.14 29.68 -83.37
CA MET Q 331 26.55 30.09 -83.39
C MET Q 331 26.69 31.60 -83.44
N ARG Q 332 25.63 32.31 -83.83
CA ARG Q 332 25.64 33.77 -83.75
C ARG Q 332 25.32 34.23 -82.33
N MET Q 333 24.38 33.56 -81.67
CA MET Q 333 24.08 33.89 -80.27
C MET Q 333 25.31 33.74 -79.40
N THR Q 334 26.13 32.71 -79.66
CA THR Q 334 27.30 32.46 -78.83
C THR Q 334 28.35 33.54 -79.02
N ALA Q 335 28.64 33.89 -80.26
CA ALA Q 335 29.69 34.87 -80.58
C ALA Q 335 29.13 36.27 -80.76
N SER Q 336 28.52 36.81 -79.70
CA SER Q 336 27.93 38.13 -79.73
C SER Q 336 28.53 39.01 -78.65
N ALA Q 337 28.78 40.27 -79.00
CA ALA Q 337 29.29 41.24 -78.03
C ALA Q 337 29.07 42.64 -78.57
N GLY Q 338 28.32 43.45 -77.83
CA GLY Q 338 28.11 44.85 -78.20
C GLY Q 338 26.68 45.18 -78.58
N ASN Q 339 26.47 45.58 -79.83
CA ASN Q 339 25.11 45.88 -80.29
C ASN Q 339 24.32 44.60 -80.51
N GLU Q 340 24.90 43.62 -81.21
CA GLU Q 340 24.25 42.34 -81.37
C GLU Q 340 24.02 41.67 -80.02
N LEU Q 341 24.78 42.06 -78.98
CA LEU Q 341 24.47 41.60 -77.64
C LEU Q 341 23.06 41.97 -77.23
N ALA Q 342 22.75 43.27 -77.23
CA ALA Q 342 21.41 43.73 -76.87
C ALA Q 342 20.38 43.26 -77.88
N ALA Q 343 20.80 42.99 -79.11
CA ALA Q 343 19.87 42.40 -80.08
C ALA Q 343 19.44 41.00 -79.65
N TRP Q 344 20.41 40.09 -79.53
CA TRP Q 344 20.12 38.70 -79.19
C TRP Q 344 19.59 38.54 -77.77
N SER Q 345 19.81 39.52 -76.89
CA SER Q 345 19.51 39.33 -75.48
C SER Q 345 18.03 39.25 -75.18
N GLN Q 346 17.16 39.55 -76.16
CA GLN Q 346 15.72 39.53 -75.93
C GLN Q 346 14.99 38.59 -76.88
N VAL Q 347 15.70 37.71 -77.56
CA VAL Q 347 15.07 36.69 -78.37
C VAL Q 347 15.15 35.35 -77.66
N MET Q 348 14.01 34.66 -77.59
CA MET Q 348 13.97 33.34 -76.97
C MET Q 348 12.97 32.46 -77.71
N PHE Q 349 13.18 31.14 -77.61
CA PHE Q 349 12.53 30.16 -78.47
C PHE Q 349 11.39 29.50 -77.73
N VAL Q 350 10.24 29.39 -78.39
CA VAL Q 350 9.05 28.78 -77.82
C VAL Q 350 9.12 27.28 -78.01
N ALA Q 351 8.30 26.53 -77.27
CA ALA Q 351 8.31 25.09 -77.37
C ALA Q 351 7.55 24.63 -78.61
N PRO Q 352 8.03 23.59 -79.28
CA PRO Q 352 7.34 23.09 -80.47
C PRO Q 352 5.97 22.51 -80.12
N GLU Q 353 4.98 22.83 -80.94
CA GLU Q 353 3.60 22.37 -80.76
C GLU Q 353 3.09 22.69 -79.36
N LEU Q 354 3.49 23.86 -78.85
CA LEU Q 354 3.03 24.36 -77.56
C LEU Q 354 1.83 25.28 -77.71
N LEU Q 355 1.88 26.19 -78.70
CA LEU Q 355 0.80 27.13 -78.94
C LEU Q 355 -0.47 26.48 -79.46
N ARG Q 356 -0.37 25.27 -80.03
CA ARG Q 356 -1.55 24.61 -80.58
C ARG Q 356 -2.48 24.13 -79.47
N ASP Q 357 -2.00 23.22 -78.63
CA ASP Q 357 -2.82 22.66 -77.57
C ASP Q 357 -2.43 23.22 -76.22
N MET R 1 18.14 32.30 27.75
CA MET R 1 18.05 32.65 29.17
C MET R 1 17.24 31.61 29.94
N GLY R 2 17.69 30.35 29.88
CA GLY R 2 17.07 29.28 30.64
C GLY R 2 15.59 29.10 30.37
N GLN R 3 15.14 29.42 29.16
CA GLN R 3 13.74 29.26 28.79
C GLN R 3 13.35 27.82 28.54
N PHE R 4 14.32 26.91 28.46
CA PHE R 4 14.07 25.49 28.21
C PHE R 4 14.08 24.68 29.50
N TYR R 5 13.55 25.24 30.58
CA TYR R 5 13.52 24.56 31.87
C TYR R 5 12.12 24.22 32.34
N SER R 6 11.10 24.98 31.91
CA SER R 6 9.88 25.13 32.70
C SER R 6 9.19 23.82 33.03
N ARG R 7 8.53 23.18 32.06
CA ARG R 7 8.03 21.83 32.30
C ARG R 7 8.23 20.91 31.12
N GLU R 8 8.03 21.44 29.91
CA GLU R 8 7.61 20.63 28.77
C GLU R 8 8.64 20.58 27.65
N PHE R 9 9.91 20.40 28.00
CA PHE R 9 10.96 20.16 27.01
C PHE R 9 11.62 18.81 27.19
N ASP R 10 11.07 17.96 28.06
CA ASP R 10 11.67 16.66 28.32
C ASP R 10 11.34 15.68 27.19
N GLY R 11 12.33 14.84 26.86
CA GLY R 11 12.18 13.87 25.79
C GLY R 11 12.94 14.20 24.53
N ASP R 12 13.79 15.22 24.54
CA ASP R 12 14.57 15.62 23.37
C ASP R 12 16.05 15.51 23.70
N PRO R 13 16.80 14.62 23.04
CA PRO R 13 18.21 14.44 23.42
C PRO R 13 19.05 15.70 23.35
N TYR R 14 18.68 16.65 22.50
CA TYR R 14 19.47 17.86 22.35
C TYR R 14 19.01 19.01 23.24
N VAL R 15 17.71 19.07 23.56
CA VAL R 15 17.22 20.17 24.39
C VAL R 15 17.70 20.01 25.82
N ASP R 16 17.66 18.78 26.35
CA ASP R 16 18.20 18.57 27.69
C ASP R 16 19.69 18.86 27.77
N LEU R 17 20.42 18.66 26.67
CA LEU R 17 21.82 19.10 26.65
C LEU R 17 21.92 20.61 26.66
N MET R 18 21.01 21.30 25.95
CA MET R 18 20.97 22.75 26.01
C MET R 18 20.59 23.27 27.38
N ARG R 19 19.92 22.44 28.19
CA ARG R 19 19.63 22.82 29.57
C ARG R 19 20.90 23.06 30.37
N SER R 20 21.97 22.32 30.06
CA SER R 20 23.21 22.39 30.81
C SER R 20 24.13 23.51 30.37
N LEU R 21 23.90 24.12 29.21
CA LEU R 21 24.76 25.18 28.70
C LEU R 21 23.90 26.32 28.17
N PRO R 22 23.99 27.52 28.76
CA PRO R 22 23.19 28.64 28.25
C PRO R 22 23.67 29.18 26.92
N GLU R 23 24.97 29.09 26.62
CA GLU R 23 25.47 29.58 25.36
C GLU R 23 24.88 28.82 24.18
N ARG R 24 24.73 27.51 24.31
CA ARG R 24 24.08 26.73 23.26
C ARG R 24 22.66 27.20 23.04
N GLU R 25 21.93 27.48 24.12
CA GLU R 25 20.58 28.01 24.00
C GLU R 25 20.56 29.35 23.27
N LEU R 26 21.49 30.24 23.61
CA LEU R 26 21.48 31.58 23.01
C LEU R 26 21.86 31.53 21.53
N VAL R 27 22.85 30.70 21.16
CA VAL R 27 23.20 30.58 19.75
C VAL R 27 22.09 29.86 19.00
N TRP R 28 21.35 28.98 19.68
CA TRP R 28 20.17 28.37 19.07
C TRP R 28 19.14 29.43 18.74
N TRP R 29 18.91 30.37 19.67
CA TRP R 29 17.94 31.44 19.40
C TRP R 29 18.41 32.33 18.26
N ALA R 30 19.71 32.69 18.24
CA ALA R 30 20.24 33.51 17.16
C ALA R 30 20.04 32.82 15.82
N GLN R 31 20.42 31.54 15.72
CA GLN R 31 20.22 30.79 14.49
C GLN R 31 18.75 30.73 14.12
N LYS R 32 17.88 30.58 15.11
CA LYS R 32 16.45 30.48 14.83
C LYS R 32 15.94 31.75 14.17
N VAL R 33 16.41 32.92 14.62
CA VAL R 33 15.91 34.15 14.02
C VAL R 33 16.59 34.39 12.66
N ILE R 34 17.83 33.96 12.51
CA ILE R 34 18.53 34.20 11.25
C ILE R 34 17.94 33.34 10.15
N TRP R 35 17.54 32.11 10.47
CA TRP R 35 16.90 31.26 9.49
C TRP R 35 15.59 31.87 8.99
N LEU R 36 14.84 32.52 9.87
CA LEU R 36 13.61 33.16 9.45
C LEU R 36 13.90 34.36 8.55
N ALA R 37 14.94 35.13 8.87
CA ALA R 37 15.32 36.21 7.97
C ALA R 37 15.69 35.67 6.60
N GLU R 38 16.41 34.55 6.56
CA GLU R 38 16.79 33.94 5.29
C GLU R 38 15.56 33.50 4.50
N GLY R 39 14.59 32.88 5.18
CA GLY R 39 13.38 32.47 4.51
C GLY R 39 12.60 33.65 3.94
N PHE R 40 12.50 34.73 4.70
CA PHE R 40 11.84 35.93 4.19
C PHE R 40 12.54 36.45 2.94
N THR R 41 13.88 36.42 2.94
CA THR R 41 14.61 36.89 1.77
C THR R 41 14.33 36.02 0.56
N PHE R 42 14.41 34.69 0.73
CA PHE R 42 14.10 33.78 -0.36
C PHE R 42 12.73 34.07 -0.95
N VAL R 43 11.72 34.19 -0.09
CA VAL R 43 10.35 34.32 -0.58
C VAL R 43 10.16 35.65 -1.28
N ASP R 44 10.72 36.74 -0.75
CA ASP R 44 10.43 38.02 -1.39
C ASP R 44 11.24 38.20 -2.67
N HIS R 45 12.40 37.56 -2.76
CA HIS R 45 13.08 37.48 -4.05
C HIS R 45 12.22 36.76 -5.08
N PHE R 46 11.72 35.58 -4.72
CA PHE R 46 10.84 34.85 -5.62
C PHE R 46 9.66 35.72 -6.05
N ALA R 47 9.05 36.43 -5.10
CA ALA R 47 7.82 37.15 -5.40
C ALA R 47 8.05 38.42 -6.19
N ARG R 48 9.26 38.98 -6.18
CA ARG R 48 9.51 40.12 -7.06
C ARG R 48 10.13 39.69 -8.38
N THR R 49 10.58 38.44 -8.47
CA THR R 49 11.17 37.98 -9.73
C THR R 49 10.20 37.21 -10.62
N TYR R 50 9.32 36.39 -10.04
CA TYR R 50 8.42 35.58 -10.86
C TYR R 50 7.46 36.38 -11.72
N PRO R 51 6.83 37.48 -11.25
CA PRO R 51 5.90 38.21 -12.12
C PRO R 51 6.48 38.70 -13.43
N ARG R 52 7.79 38.78 -13.59
CA ARG R 52 8.34 39.27 -14.84
C ARG R 52 8.19 38.26 -15.97
N LEU R 53 7.84 37.03 -15.65
CA LEU R 53 7.63 36.02 -16.69
C LEU R 53 6.26 36.18 -17.35
N LEU R 54 5.27 36.66 -16.62
CA LEU R 54 3.90 36.68 -17.10
C LEU R 54 3.52 37.97 -17.79
N GLN R 55 4.44 38.90 -17.97
CA GLN R 55 4.13 40.19 -18.56
C GLN R 55 4.22 40.13 -20.07
N HIS R 56 3.13 40.50 -20.74
CA HIS R 56 3.09 40.56 -22.19
C HIS R 56 2.82 41.98 -22.63
N LYS R 57 3.21 42.30 -23.85
CA LYS R 57 3.14 43.66 -24.36
C LYS R 57 2.31 43.70 -25.64
N CYS R 58 1.53 44.75 -25.79
CA CYS R 58 0.82 44.98 -27.04
C CYS R 58 1.83 45.06 -28.17
N GLN R 59 1.59 44.28 -29.22
CA GLN R 59 2.58 44.16 -30.28
C GLN R 59 2.50 45.28 -31.31
N ARG R 60 1.41 46.04 -31.34
CA ARG R 60 1.28 47.06 -32.37
C ARG R 60 2.00 48.34 -31.98
N CYS R 61 1.94 48.71 -30.71
CA CYS R 61 2.70 49.85 -30.21
C CYS R 61 4.03 49.46 -29.60
N LYS R 62 4.27 48.16 -29.40
CA LYS R 62 5.48 47.65 -28.76
C LYS R 62 5.59 48.12 -27.31
N GLY R 63 4.46 48.06 -26.59
CA GLY R 63 4.46 48.44 -25.20
C GLY R 63 4.46 49.93 -24.95
N ALA R 64 4.55 50.75 -26.00
CA ALA R 64 4.43 52.18 -25.80
C ALA R 64 3.03 52.58 -25.38
N GLY R 65 2.01 51.98 -25.99
CA GLY R 65 0.64 52.29 -25.70
C GLY R 65 0.10 53.49 -26.45
N VAL R 66 0.86 54.02 -27.39
CA VAL R 66 0.59 55.34 -27.94
C VAL R 66 1.29 55.42 -29.28
N MET R 67 0.57 55.91 -30.29
CA MET R 67 1.06 55.98 -31.65
C MET R 67 1.18 57.44 -32.09
N THR R 68 1.73 57.65 -33.27
CA THR R 68 2.06 58.98 -33.74
C THR R 68 0.90 59.63 -34.49
N CYS R 69 0.82 60.96 -34.40
CA CYS R 69 -0.05 61.78 -35.21
C CYS R 69 0.80 62.42 -36.30
N PRO R 70 0.83 61.88 -37.52
CA PRO R 70 1.72 62.46 -38.53
C PRO R 70 1.31 63.87 -38.95
N ALA R 71 0.03 64.23 -38.75
CA ALA R 71 -0.45 65.54 -39.12
C ALA R 71 0.35 66.67 -38.49
N CYS R 72 1.12 66.39 -37.44
CA CYS R 72 1.90 67.39 -36.76
C CYS R 72 3.40 67.24 -36.96
N LEU R 73 3.87 66.14 -37.56
CA LEU R 73 5.32 65.99 -37.65
C LEU R 73 5.95 66.89 -38.71
N GLY R 74 5.18 67.35 -39.69
CA GLY R 74 5.70 68.22 -40.72
C GLY R 74 5.85 69.66 -40.26
N GLY R 111 -6.69 75.59 -33.48
CA GLY R 111 -6.29 76.01 -34.82
C GLY R 111 -5.42 74.99 -35.52
N GLY R 112 -5.08 73.92 -34.83
CA GLY R 112 -4.25 72.86 -35.36
C GLY R 112 -4.96 71.52 -35.32
N CYS R 113 -4.16 70.45 -35.23
CA CYS R 113 -4.72 69.11 -35.14
C CYS R 113 -5.65 69.00 -33.94
N ARG R 114 -6.78 68.32 -34.13
CA ARG R 114 -7.76 68.17 -33.07
C ARG R 114 -7.97 66.73 -32.65
N VAL R 115 -7.17 65.80 -33.18
CA VAL R 115 -7.25 64.41 -32.78
C VAL R 115 -6.24 64.05 -31.69
N CYS R 116 -5.14 64.79 -31.59
CA CYS R 116 -3.94 64.32 -30.89
C CYS R 116 -3.69 65.08 -29.59
N GLY R 117 -4.31 64.64 -28.50
CA GLY R 117 -3.86 64.99 -27.17
C GLY R 117 -3.95 66.44 -26.73
N THR R 118 -3.87 66.66 -25.43
CA THR R 118 -3.90 67.98 -24.83
C THR R 118 -2.50 68.41 -24.43
N ALA R 119 -2.10 69.60 -24.90
CA ALA R 119 -0.76 70.09 -24.63
C ALA R 119 -0.48 70.10 -23.13
N CYS R 120 0.78 69.84 -22.79
CA CYS R 120 1.17 69.68 -21.40
C CYS R 120 1.39 71.05 -20.75
N ALA R 121 1.61 71.03 -19.43
CA ALA R 121 1.69 72.26 -18.66
C ALA R 121 2.96 73.05 -18.94
N TRP R 122 3.96 72.42 -19.55
CA TRP R 122 5.24 73.08 -19.79
C TRP R 122 5.48 73.40 -21.27
N ASP R 123 4.46 73.27 -22.11
CA ASP R 123 4.62 73.66 -23.51
C ASP R 123 4.70 75.18 -23.65
N ALA R 124 4.23 75.90 -22.64
CA ALA R 124 4.26 77.36 -22.66
C ALA R 124 5.66 77.84 -22.32
N GLU R 125 6.42 78.20 -23.33
CA GLU R 125 7.82 78.55 -23.17
C GLU R 125 7.97 79.92 -22.52
N SEP R 126 6.90 80.71 -22.56
CA SEP R 126 6.94 82.05 -22.01
CB SEP R 126 6.03 82.97 -22.83
OG SEP R 126 6.36 82.85 -24.20
C SEP R 126 6.52 82.07 -20.55
O SEP R 126 6.22 83.12 -19.99
P SEP R 126 5.04 83.02 -25.10
O1P SEP R 126 5.31 82.39 -26.55
O2P SEP R 126 3.82 82.24 -24.39
O3P SEP R 126 4.69 84.58 -25.24
N GLU R 127 6.49 80.89 -19.94
CA GLU R 127 6.12 80.75 -18.55
C GLU R 127 7.17 79.96 -17.79
N TRP R 128 8.35 79.81 -18.40
CA TRP R 128 9.34 78.88 -17.87
C TRP R 128 10.05 79.44 -16.65
N MET R 129 10.66 80.62 -16.78
CA MET R 129 11.43 81.18 -15.68
C MET R 129 10.54 81.58 -14.51
N GLU R 130 9.27 81.88 -14.77
CA GLU R 130 8.34 82.16 -13.68
C GLU R 130 8.10 80.93 -12.82
N ARG R 131 7.72 79.81 -13.45
CA ARG R 131 7.54 78.57 -12.71
C ARG R 131 8.82 78.14 -12.03
N TRP R 132 9.95 78.33 -12.70
CA TRP R 132 11.22 78.00 -12.08
C TRP R 132 11.49 78.86 -10.86
N GLY R 133 11.11 80.15 -10.92
CA GLY R 133 11.26 81.00 -9.76
C GLY R 133 10.43 80.54 -8.58
N GLU R 134 9.15 80.26 -8.83
CA GLU R 134 8.31 79.75 -7.75
C GLU R 134 8.90 78.49 -7.14
N TRP R 135 9.35 77.57 -7.99
CA TRP R 135 9.82 76.29 -7.48
C TRP R 135 11.12 76.44 -6.72
N GLU R 136 12.04 77.28 -7.21
CA GLU R 136 13.28 77.46 -6.48
C GLU R 136 13.06 78.22 -5.18
N SER R 137 12.08 79.12 -5.13
CA SER R 137 11.71 79.73 -3.87
C SER R 137 11.24 78.68 -2.87
N ARG R 138 10.30 77.83 -3.30
CA ARG R 138 9.83 76.77 -2.41
C ARG R 138 10.96 75.85 -1.98
N LEU R 139 11.93 75.62 -2.87
CA LEU R 139 13.04 74.73 -2.56
C LEU R 139 14.06 75.38 -1.65
N ALA R 140 14.11 76.71 -1.62
CA ALA R 140 15.05 77.40 -0.74
C ALA R 140 14.73 77.15 0.73
N TYR R 141 13.45 76.95 1.06
CA TYR R 141 13.07 76.71 2.45
C TYR R 141 13.66 75.39 2.96
N TYR R 142 13.33 74.29 2.29
CA TYR R 142 13.79 72.96 2.70
C TYR R 142 15.31 72.85 2.76
N ASP R 143 16.04 73.69 2.03
CA ASP R 143 17.46 73.49 1.84
C ASP R 143 18.21 73.52 3.17
N LYS R 144 19.15 72.59 3.33
CA LYS R 144 20.08 72.62 4.46
C LYS R 144 21.52 72.38 4.00
N ALA R 145 21.91 72.96 2.87
CA ALA R 145 23.29 72.85 2.43
C ALA R 145 24.20 73.73 3.28
N THR R 146 23.75 74.93 3.62
CA THR R 146 24.47 75.82 4.53
C THR R 146 24.00 75.71 5.97
N GLY R 147 23.56 74.52 6.38
CA GLY R 147 23.11 74.28 7.73
C GLY R 147 24.09 74.63 8.84
N PRO R 148 25.36 74.22 8.75
CA PRO R 148 26.28 74.49 9.87
C PRO R 148 26.57 75.96 10.09
N LEU R 149 26.82 76.72 9.02
CA LEU R 149 27.11 78.15 9.18
C LEU R 149 25.89 78.90 9.70
N MET R 150 24.70 78.59 9.17
CA MET R 150 23.49 79.19 9.71
C MET R 150 23.30 78.83 11.17
N ASP R 151 23.63 77.60 11.54
CA ASP R 151 23.48 77.17 12.93
C ASP R 151 24.41 77.95 13.86
N GLU R 152 25.67 78.09 13.48
CA GLU R 152 26.60 78.77 14.38
C GLU R 152 26.40 80.29 14.34
N TRP R 153 25.84 80.82 13.24
CA TRP R 153 25.41 82.22 13.27
C TRP R 153 24.24 82.43 14.23
N TYR R 154 23.30 81.49 14.25
CA TYR R 154 22.22 81.55 15.24
C TYR R 154 22.76 81.38 16.64
N GLU R 155 23.83 80.61 16.80
CA GLU R 155 24.44 80.42 18.12
C GLU R 155 25.30 81.61 18.53
N ASP R 156 25.75 82.41 17.57
CA ASP R 156 26.45 83.66 17.85
C ASP R 156 25.49 84.80 18.20
N VAL R 157 24.44 85.00 17.41
CA VAL R 157 23.45 86.01 17.73
C VAL R 157 22.55 85.58 18.89
N LEU R 158 22.53 84.28 19.20
CA LEU R 158 21.65 83.77 20.23
C LEU R 158 22.03 84.30 21.61
N ASN R 159 23.24 83.98 22.06
CA ASN R 159 23.67 84.39 23.40
C ASN R 159 24.38 85.74 23.36
N ALA R 160 25.35 85.88 22.45
CA ALA R 160 26.24 87.05 22.42
C ALA R 160 26.90 87.25 23.79
N GLY R 161 27.22 86.15 24.46
CA GLY R 161 27.85 86.20 25.77
C GLY R 161 29.17 85.47 25.81
N ASN R 162 29.47 84.73 24.73
CA ASN R 162 30.72 83.97 24.67
C ASN R 162 31.91 84.90 24.52
N LEU R 163 31.99 85.61 23.38
CA LEU R 163 33.01 86.62 23.09
C LEU R 163 34.42 86.18 23.52
N GLU R 164 34.84 85.03 23.01
CA GLU R 164 36.24 84.62 23.14
C GLU R 164 37.08 85.17 21.99
N GLU R 165 37.13 86.50 21.90
CA GLU R 165 37.81 87.16 20.80
C GLU R 165 39.31 86.85 20.81
N ASP R 166 39.83 86.53 19.63
CA ASP R 166 41.27 86.35 19.46
C ASP R 166 41.92 87.70 19.21
N TPO R 167 42.94 87.72 18.36
CA TPO R 167 43.63 88.96 18.04
CB TPO R 167 45.13 88.72 17.91
CG2 TPO R 167 45.87 90.05 17.75
OG1 TPO R 167 45.59 88.05 19.08
P TPO R 167 46.08 86.61 18.58
O1P TPO R 167 47.14 86.09 19.47
O2P TPO R 167 44.83 85.60 18.55
O3P TPO R 167 46.65 86.75 17.08
C TPO R 167 43.07 89.59 16.78
O TPO R 167 43.12 88.99 15.71
N PRO R 168 42.52 90.81 16.91
CA PRO R 168 41.96 91.59 15.80
C PRO R 168 42.96 91.81 14.66
N PRO R 169 42.46 91.98 13.44
CA PRO R 169 43.36 92.09 12.29
C PRO R 169 43.94 93.49 12.16
N VAL R 170 45.05 93.57 11.43
CA VAL R 170 45.62 94.86 11.06
C VAL R 170 44.67 95.47 10.03
N GLU R 171 43.88 96.46 10.45
CA GLU R 171 42.76 96.95 9.67
C GLU R 171 43.22 97.95 8.62
N ASP R 172 42.71 97.79 7.40
CA ASP R 172 43.01 98.70 6.30
C ASP R 172 42.06 99.91 6.34
N ASP R 173 42.40 100.91 5.55
CA ASP R 173 41.39 101.95 5.44
C ASP R 173 41.14 102.28 3.98
N PRO R 174 39.90 102.62 3.63
CA PRO R 174 39.56 102.78 2.22
C PRO R 174 40.07 104.11 1.68
N PRO R 175 40.44 104.16 0.39
CA PRO R 175 40.71 105.46 -0.23
C PRO R 175 39.46 106.33 -0.18
N GLY R 176 39.63 107.54 0.34
CA GLY R 176 38.53 108.44 0.58
C GLY R 176 37.74 108.77 -0.68
N PRO R 177 36.58 109.40 -0.49
CA PRO R 177 35.73 109.73 -1.64
C PRO R 177 36.38 110.78 -2.53
N GLU R 178 35.63 111.18 -3.57
CA GLU R 178 36.07 112.08 -4.63
C GLU R 178 37.14 111.47 -5.52
N VAL R 179 37.49 110.20 -5.28
CA VAL R 179 38.40 109.47 -6.17
C VAL R 179 37.56 108.46 -6.93
N THR R 180 37.12 108.83 -8.13
CA THR R 180 36.23 107.99 -8.92
C THR R 180 37.05 106.90 -9.60
N GLY R 181 36.91 105.68 -9.10
CA GLY R 181 37.62 104.55 -9.68
C GLY R 181 36.94 103.27 -9.22
N ARG R 182 36.83 102.35 -10.16
CA ARG R 182 36.11 101.11 -9.89
C ARG R 182 36.73 100.36 -8.72
N TRP R 183 38.07 100.34 -8.63
CA TRP R 183 38.74 99.76 -7.49
C TRP R 183 38.37 100.50 -6.20
N ALA R 184 38.34 101.83 -6.26
CA ALA R 184 37.98 102.62 -5.08
C ALA R 184 36.54 102.36 -4.66
N GLU R 185 35.63 102.26 -5.63
CA GLU R 185 34.24 101.98 -5.29
C GLU R 185 34.10 100.59 -4.68
N HIS R 186 34.83 99.61 -5.23
CA HIS R 186 34.87 98.29 -4.62
C HIS R 186 35.30 98.37 -3.17
N ASP R 187 36.37 99.13 -2.90
CA ASP R 187 36.89 99.22 -1.54
C ASP R 187 35.89 99.89 -0.61
N ARG R 188 35.28 100.99 -1.05
CA ARG R 188 34.32 101.69 -0.20
C ARG R 188 33.10 100.83 0.09
N ALA R 189 32.62 100.08 -0.92
CA ALA R 189 31.50 99.18 -0.69
C ALA R 189 31.91 98.03 0.22
N LEU R 190 33.18 97.63 0.17
CA LEU R 190 33.67 96.58 1.05
C LEU R 190 33.76 97.05 2.49
N HIS R 191 34.08 98.33 2.70
CA HIS R 191 34.17 98.86 4.06
C HIS R 191 32.80 99.20 4.64
N LYS R 192 31.79 99.37 3.80
CA LYS R 192 30.42 99.60 4.26
C LYS R 192 29.64 98.29 4.32
N ASP R 193 29.92 97.46 5.32
CA ASP R 193 29.30 96.14 5.40
C ASP R 193 28.72 95.82 6.77
N LYS R 194 29.28 96.36 7.85
CA LYS R 194 28.84 95.97 9.19
C LYS R 194 27.56 96.70 9.58
N LYS R 195 27.54 98.02 9.37
CA LYS R 195 26.33 98.79 9.60
C LYS R 195 25.17 98.28 8.74
N ARG R 196 25.44 97.94 7.48
CA ARG R 196 24.40 97.38 6.61
C ARG R 196 23.96 96.01 7.10
N MET R 197 24.90 95.23 7.65
CA MET R 197 24.55 93.95 8.24
C MET R 197 23.56 94.13 9.39
N ALA R 198 23.86 95.06 10.30
CA ALA R 198 22.94 95.33 11.39
C ALA R 198 21.61 95.88 10.88
N ALA R 199 21.65 96.67 9.81
CA ALA R 199 20.42 97.23 9.25
C ALA R 199 19.51 96.12 8.73
N LEU R 200 20.05 95.21 7.91
CA LEU R 200 19.24 94.12 7.41
C LEU R 200 18.80 93.18 8.52
N MET R 201 19.66 92.96 9.52
CA MET R 201 19.24 92.17 10.68
C MET R 201 18.05 92.80 11.37
N ARG R 202 18.00 94.15 11.40
CA ARG R 202 16.81 94.84 11.87
C ARG R 202 15.62 94.56 10.95
N ARG R 203 15.80 94.76 9.64
CA ARG R 203 14.69 94.57 8.71
C ARG R 203 14.28 93.11 8.60
N TRP R 204 15.25 92.21 8.43
CA TRP R 204 15.00 90.77 8.37
C TRP R 204 15.86 90.08 9.41
N GLY R 205 15.23 89.56 10.45
CA GLY R 205 15.95 88.88 11.51
C GLY R 205 16.57 87.59 11.03
N HIS R 206 17.06 86.82 11.99
CA HIS R 206 17.64 85.53 11.68
C HIS R 206 16.57 84.62 11.09
N PRO R 207 16.82 83.99 9.95
CA PRO R 207 15.76 83.18 9.30
C PRO R 207 15.27 82.03 10.16
N TYR R 208 16.04 81.61 11.16
CA TYR R 208 15.59 80.55 12.06
C TYR R 208 14.43 81.01 12.93
N ASP R 209 14.24 82.31 13.11
CA ASP R 209 13.13 82.82 13.90
C ASP R 209 11.95 83.23 13.06
N ALA R 210 12.20 83.81 11.88
CA ALA R 210 11.16 84.06 10.88
C ALA R 210 10.64 82.78 10.25
N ASP R 211 11.19 81.62 10.65
CA ASP R 211 10.82 80.29 10.15
C ASP R 211 10.75 80.26 8.62
N ALA R 212 11.49 81.16 7.98
CA ALA R 212 11.59 81.14 6.52
C ALA R 212 12.40 79.96 6.02
N ASN R 213 13.32 79.45 6.83
CA ASN R 213 14.07 78.25 6.55
C ASN R 213 13.63 77.17 7.54
N LEU R 214 13.94 75.92 7.21
CA LEU R 214 13.62 74.82 8.11
C LEU R 214 14.29 75.04 9.47
N GLY R 215 13.70 74.46 10.51
CA GLY R 215 14.05 74.78 11.88
C GLY R 215 15.50 74.55 12.28
N TYR R 216 15.79 74.80 13.56
CA TYR R 216 17.18 74.84 14.01
C TYR R 216 17.86 73.48 13.83
N GLN R 217 17.34 72.44 14.48
CA GLN R 217 17.93 71.11 14.43
C GLN R 217 16.85 70.06 14.21
N ILE R 218 15.98 70.27 13.22
CA ILE R 218 14.93 69.30 12.93
C ILE R 218 15.54 67.98 12.44
N VAL R 219 16.58 68.06 11.61
CA VAL R 219 17.21 66.89 11.04
C VAL R 219 18.71 67.08 10.97
N ASP R 220 19.46 66.01 11.21
CA ASP R 220 20.86 65.92 10.83
C ASP R 220 21.09 64.50 10.33
N PRO R 221 21.97 64.29 9.36
CA PRO R 221 21.97 63.01 8.62
C PRO R 221 22.61 61.86 9.34
N THR R 222 22.76 61.89 10.66
CA THR R 222 23.48 60.84 11.36
C THR R 222 22.62 60.10 12.38
N ALA R 223 21.33 60.42 12.41
CA ALA R 223 20.41 59.71 13.33
C ALA R 223 19.75 58.54 12.57
N SER R 224 18.43 58.45 12.67
CA SER R 224 17.70 57.39 11.91
C SER R 224 16.67 58.08 11.03
N MET R 225 16.50 57.65 9.79
CA MET R 225 15.42 58.25 8.96
C MET R 225 14.11 58.07 9.74
N GLY R 226 14.03 57.05 10.58
CA GLY R 226 12.84 56.88 11.43
C GLY R 226 12.64 58.08 12.33
N GLU R 227 13.70 58.52 13.00
CA GLU R 227 13.61 59.73 13.84
C GLU R 227 13.41 60.96 12.96
N ASN R 228 14.20 61.08 11.89
CA ASN R 228 14.15 62.29 11.03
C ASN R 228 12.74 62.52 10.47
N VAL R 229 11.97 61.48 10.15
CA VAL R 229 10.57 61.75 9.69
C VAL R 229 9.75 62.31 10.86
N TRP R 230 9.66 61.58 11.97
CA TRP R 230 8.84 62.02 13.11
C TRP R 230 9.05 63.51 13.37
N ASN R 231 10.31 63.95 13.40
CA ASN R 231 10.59 65.37 13.58
C ASN R 231 10.04 66.20 12.43
N MET R 232 9.97 65.62 11.24
CA MET R 232 9.51 66.37 10.07
C MET R 232 8.00 66.55 10.10
N ALA R 233 7.26 65.56 10.59
CA ALA R 233 5.81 65.62 10.63
C ALA R 233 5.26 66.06 11.98
N GLN R 234 6.01 66.86 12.73
CA GLN R 234 5.52 67.29 14.05
C GLN R 234 4.47 68.38 13.89
N VAL R 235 4.87 69.54 13.35
CA VAL R 235 3.91 70.61 13.10
C VAL R 235 4.18 71.21 11.73
N TYR R 236 3.52 70.67 10.71
CA TYR R 236 3.51 71.21 9.35
C TYR R 236 4.89 71.71 8.90
N ASN R 237 5.92 70.96 9.31
CA ASN R 237 7.27 71.29 8.86
C ASN R 237 7.53 70.77 7.45
N SER R 238 6.64 69.95 6.93
CA SER R 238 6.71 69.41 5.57
C SER R 238 6.24 70.41 4.52
N LEU R 239 5.93 71.64 4.91
CA LEU R 239 5.54 72.67 3.98
C LEU R 239 6.29 73.95 4.29
N PRO R 240 6.43 74.85 3.32
CA PRO R 240 6.96 76.18 3.62
C PRO R 240 5.89 77.03 4.30
N PRO R 241 6.24 78.21 4.79
CA PRO R 241 5.21 79.07 5.41
C PRO R 241 4.09 79.47 4.46
N GLU R 242 4.39 79.85 3.23
CA GLU R 242 3.40 80.44 2.34
C GLU R 242 2.19 79.54 2.11
N LEU R 243 2.31 78.25 2.38
CA LEU R 243 1.19 77.33 2.24
C LEU R 243 0.69 76.79 3.58
N ASN R 244 1.44 77.02 4.65
CA ASN R 244 1.05 76.50 5.96
C ASN R 244 -0.27 77.11 6.39
N PRO R 245 -1.24 76.30 6.84
CA PRO R 245 -2.52 76.87 7.27
C PRO R 245 -2.50 77.45 8.68
N LEU R 246 -1.49 77.14 9.49
CA LEU R 246 -1.37 77.76 10.80
C LEU R 246 -1.15 79.26 10.69
N ARG R 247 -0.49 79.72 9.63
CA ARG R 247 -0.27 81.14 9.43
C ARG R 247 -1.56 81.89 9.12
N THR R 248 -2.58 81.20 8.62
CA THR R 248 -3.79 81.84 8.13
C THR R 248 -5.04 81.46 8.92
N GLN R 249 -4.94 80.53 9.87
CA GLN R 249 -6.14 80.04 10.55
C GLN R 249 -6.81 81.11 11.39
N HIS R 250 -6.17 82.26 11.60
CA HIS R 250 -6.71 83.27 12.50
C HIS R 250 -7.57 84.32 11.80
N LEU R 251 -7.40 84.53 10.50
CA LEU R 251 -8.11 85.59 9.80
C LEU R 251 -8.76 85.04 8.53
N ALA R 252 -10.09 85.07 8.51
CA ALA R 252 -10.89 84.75 7.33
C ALA R 252 -12.23 85.45 7.48
N ASP R 253 -12.56 86.33 6.54
CA ASP R 253 -13.56 87.37 6.82
C ASP R 253 -14.56 87.42 5.68
N ARG R 254 -15.39 88.46 5.70
CA ARG R 254 -16.43 88.62 4.68
C ARG R 254 -15.85 89.15 3.38
N GLY R 255 -14.74 89.88 3.46
CA GLY R 255 -14.17 90.58 2.32
C GLY R 255 -13.89 89.74 1.10
N GLY R 256 -12.94 88.83 1.20
CA GLY R 256 -12.59 87.99 0.06
C GLY R 256 -13.05 86.55 0.18
N GLY R 257 -12.92 85.96 1.36
CA GLY R 257 -13.16 84.54 1.50
C GLY R 257 -12.10 83.67 0.86
N ASN R 258 -10.99 84.27 0.44
CA ASN R 258 -9.90 83.55 -0.18
C ASN R 258 -8.72 83.28 0.74
N THR R 259 -8.69 83.86 1.94
CA THR R 259 -7.51 83.73 2.78
C THR R 259 -7.35 82.32 3.30
N GLN R 260 -8.46 81.61 3.52
CA GLN R 260 -8.38 80.21 3.92
C GLN R 260 -8.76 79.25 2.80
N ALA R 261 -9.21 79.76 1.65
CA ALA R 261 -9.59 78.93 0.52
C ALA R 261 -8.52 78.94 -0.58
N ALA R 262 -8.00 80.12 -0.91
CA ALA R 262 -6.98 80.21 -1.95
C ALA R 262 -5.61 79.80 -1.47
N VAL R 263 -5.46 79.37 -0.22
CA VAL R 263 -4.22 78.74 0.22
C VAL R 263 -4.37 77.22 0.26
N GLU R 264 -5.57 76.73 0.58
CA GLU R 264 -5.85 75.31 0.40
C GLU R 264 -5.85 74.93 -1.08
N ALA R 265 -6.28 75.83 -1.96
CA ALA R 265 -6.24 75.56 -3.39
C ALA R 265 -4.81 75.63 -3.94
N ALA R 266 -3.85 76.09 -3.14
CA ALA R 266 -2.46 76.03 -3.56
C ALA R 266 -1.75 74.82 -2.96
N ARG R 267 -2.05 74.50 -1.71
CA ARG R 267 -1.57 73.26 -1.11
C ARG R 267 -1.90 72.05 -1.99
N SER R 268 -3.09 72.05 -2.57
CA SER R 268 -3.53 70.92 -3.38
C SER R 268 -2.65 70.75 -4.62
N ALA R 269 -2.42 71.84 -5.35
CA ALA R 269 -1.54 71.77 -6.51
C ALA R 269 -0.13 71.37 -6.11
N PHE R 270 0.32 71.82 -4.94
CA PHE R 270 1.65 71.42 -4.46
C PHE R 270 1.74 69.90 -4.32
N ASP R 271 0.80 69.30 -3.59
CA ASP R 271 0.84 67.86 -3.41
C ASP R 271 0.67 67.12 -4.74
N ALA R 272 -0.14 67.68 -5.65
CA ALA R 272 -0.29 67.03 -6.95
C ALA R 272 1.03 66.99 -7.71
N GLN R 273 1.77 68.09 -7.70
CA GLN R 273 3.06 68.10 -8.39
C GLN R 273 4.04 67.13 -7.73
N VAL R 274 4.01 67.03 -6.41
CA VAL R 274 4.92 66.10 -5.73
C VAL R 274 4.60 64.66 -6.13
N VAL R 275 3.31 64.31 -6.16
CA VAL R 275 2.94 62.96 -6.56
C VAL R 275 3.30 62.69 -8.01
N MET R 276 3.14 63.68 -8.89
CA MET R 276 3.54 63.49 -10.28
C MET R 276 5.03 63.23 -10.39
N GLU R 277 5.84 63.92 -9.60
CA GLU R 277 7.27 63.65 -9.64
C GLU R 277 7.57 62.23 -9.20
N ALA R 278 6.91 61.76 -8.13
CA ALA R 278 7.11 60.38 -7.70
C ALA R 278 6.77 59.39 -8.80
N ALA R 279 5.64 59.61 -9.49
CA ALA R 279 5.22 58.69 -10.55
C ALA R 279 6.21 58.70 -11.71
N LEU R 280 6.61 59.88 -12.17
CA LEU R 280 7.56 59.95 -13.28
C LEU R 280 8.87 59.28 -12.93
N LEU R 281 9.30 59.36 -11.67
CA LEU R 281 10.54 58.70 -11.30
C LEU R 281 10.37 57.19 -11.24
N GLN R 282 9.20 56.70 -10.81
CA GLN R 282 8.98 55.25 -10.89
C GLN R 282 9.03 54.77 -12.34
N ASN R 283 8.47 55.56 -13.27
CA ASN R 283 8.55 55.19 -14.67
C ASN R 283 9.99 55.20 -15.18
N LEU R 284 10.77 56.20 -14.79
CA LEU R 284 12.17 56.24 -15.20
C LEU R 284 12.94 55.06 -14.65
N GLU R 285 12.63 54.63 -13.43
CA GLU R 285 13.31 53.46 -12.90
C GLU R 285 12.91 52.20 -13.64
N ALA R 286 11.66 52.10 -14.08
CA ALA R 286 11.26 50.91 -14.83
C ALA R 286 11.81 50.94 -16.25
N ALA R 287 12.15 52.11 -16.76
CA ALA R 287 12.73 52.18 -18.09
C ALA R 287 14.25 52.17 -18.07
N ALA R 288 14.88 52.32 -16.91
CA ALA R 288 16.32 52.18 -16.83
C ALA R 288 16.74 50.75 -17.13
N GLN R 289 16.00 49.79 -16.60
CA GLN R 289 16.02 48.41 -17.08
C GLN R 289 15.12 48.36 -18.30
N ASP R 290 14.75 47.18 -18.77
CA ASP R 290 13.86 47.15 -19.91
C ASP R 290 12.47 46.72 -19.46
N LEU R 291 12.09 47.16 -18.37
CA LEU R 291 10.78 46.71 -17.97
C LEU R 291 9.70 47.59 -18.59
N PRO R 292 8.46 47.11 -18.62
CA PRO R 292 7.35 47.98 -19.00
C PRO R 292 7.00 48.95 -17.87
N LYS R 293 6.70 50.18 -18.25
CA LYS R 293 6.43 51.26 -17.31
C LYS R 293 5.09 51.04 -16.64
N PRO R 294 5.00 51.29 -15.32
CA PRO R 294 3.78 50.91 -14.61
C PRO R 294 2.65 51.90 -14.75
N HIS R 295 2.94 53.16 -15.06
CA HIS R 295 1.95 54.23 -15.08
C HIS R 295 1.67 54.62 -16.52
N ARG R 296 0.43 54.37 -16.96
CA ARG R 296 0.03 54.63 -18.32
C ARG R 296 -0.63 56.01 -18.38
N LEU R 297 0.13 57.00 -18.78
CA LEU R 297 -0.34 58.36 -18.82
C LEU R 297 -1.06 58.65 -20.13
N PRO R 298 -1.95 59.63 -20.14
CA PRO R 298 -2.74 59.93 -21.34
C PRO R 298 -1.86 60.50 -22.44
N PRO R 299 -2.32 60.49 -23.68
CA PRO R 299 -1.51 61.01 -24.79
C PRO R 299 -1.24 62.49 -24.64
N THR R 300 -0.43 63.01 -25.55
CA THR R 300 -0.02 64.40 -25.51
C THR R 300 -0.12 65.01 -26.90
N ALA R 301 0.47 66.19 -27.06
CA ALA R 301 0.18 67.05 -28.19
C ALA R 301 0.77 66.56 -29.50
N GLY R 302 1.24 65.32 -29.59
CA GLY R 302 1.74 64.86 -30.86
C GLY R 302 1.39 63.43 -31.14
N THR R 303 0.67 62.79 -30.21
CA THR R 303 0.44 61.37 -30.28
C THR R 303 -1.02 61.07 -29.95
N VAL R 304 -1.50 59.95 -30.49
CA VAL R 304 -2.84 59.46 -30.23
C VAL R 304 -2.71 58.12 -29.51
N ALA R 305 -3.81 57.65 -28.95
CA ALA R 305 -3.76 56.39 -28.24
C ALA R 305 -3.77 55.21 -29.20
N CYS R 306 -3.12 54.13 -28.80
CA CYS R 306 -3.14 52.92 -29.61
C CYS R 306 -4.56 52.37 -29.65
N ASN R 307 -5.04 52.07 -30.85
CA ASN R 307 -6.38 51.53 -31.00
C ASN R 307 -6.45 50.04 -30.70
N GLU R 308 -5.42 49.27 -31.03
CA GLU R 308 -5.47 47.83 -30.82
C GLU R 308 -5.65 47.50 -29.35
N CYS R 309 -4.77 48.01 -28.50
CA CYS R 309 -5.00 47.96 -27.08
C CYS R 309 -5.83 49.18 -26.69
N GLY R 310 -6.20 49.27 -25.43
CA GLY R 310 -6.96 50.44 -25.04
C GLY R 310 -6.14 51.68 -24.82
N GLY R 311 -4.83 51.58 -25.00
CA GLY R 311 -3.88 52.49 -24.39
C GLY R 311 -3.18 51.88 -23.19
N ALA R 312 -3.76 50.86 -22.59
CA ALA R 312 -3.02 49.94 -21.74
C ALA R 312 -2.03 49.19 -22.59
N ALA R 313 -0.75 49.26 -22.22
CA ALA R 313 0.28 48.80 -23.15
C ALA R 313 0.78 47.40 -22.85
N TRP R 314 0.29 46.75 -21.79
CA TRP R 314 0.82 45.45 -21.40
C TRP R 314 -0.09 44.85 -20.34
N GLY R 315 0.22 43.63 -19.93
CA GLY R 315 -0.54 43.02 -18.85
C GLY R 315 -0.04 41.64 -18.50
N TYR R 316 -0.55 41.10 -17.39
CA TYR R 316 -0.23 39.77 -16.92
C TYR R 316 -1.20 38.77 -17.55
N SER R 317 -0.73 37.54 -17.78
CA SER R 317 -1.52 36.63 -18.59
C SER R 317 -1.58 35.16 -18.20
N PHE R 318 -0.86 34.72 -17.17
CA PHE R 318 -0.89 33.32 -16.74
C PHE R 318 -0.19 32.40 -17.75
N PHE R 319 0.17 32.92 -18.91
CA PHE R 319 0.98 32.22 -19.91
C PHE R 319 2.39 32.80 -19.93
N PRO R 320 3.40 31.95 -19.85
CA PRO R 320 4.72 32.39 -19.37
C PRO R 320 5.53 33.33 -20.26
N ASN R 321 5.06 33.80 -21.42
CA ASN R 321 5.83 34.74 -22.22
C ASN R 321 7.23 34.18 -22.53
N THR R 322 7.23 33.13 -23.34
CA THR R 322 8.43 32.37 -23.65
C THR R 322 9.62 33.23 -24.07
N ALA R 323 9.39 34.41 -24.64
CA ALA R 323 10.49 35.22 -25.15
C ALA R 323 11.31 35.82 -24.00
N VAL R 324 10.68 36.07 -22.87
CA VAL R 324 11.41 36.55 -21.70
C VAL R 324 12.11 35.41 -20.99
N MET R 325 11.46 34.26 -20.92
CA MET R 325 12.05 33.11 -20.24
C MET R 325 13.29 32.61 -20.98
N PHE R 326 13.24 32.59 -22.31
CA PHE R 326 14.37 32.14 -23.11
C PHE R 326 15.29 33.26 -23.52
N GLY R 327 15.05 34.48 -23.06
CA GLY R 327 15.95 35.59 -23.32
C GLY R 327 16.06 35.98 -24.77
N LEU R 328 14.94 36.06 -25.47
CA LEU R 328 14.91 36.43 -26.88
C LEU R 328 14.18 37.74 -27.10
N GLU R 329 14.22 38.63 -26.12
CA GLU R 329 13.39 39.84 -26.19
C GLU R 329 13.90 40.82 -27.23
N ARG R 330 15.21 41.06 -27.28
CA ARG R 330 15.60 42.21 -28.09
C ARG R 330 16.10 41.77 -29.46
N PRO R 331 15.92 42.63 -30.47
CA PRO R 331 15.85 42.16 -31.86
C PRO R 331 17.14 42.08 -32.68
N PHE R 332 18.33 42.08 -32.08
CA PHE R 332 19.53 41.86 -32.90
C PHE R 332 19.79 42.91 -33.97
N TRP R 333 20.45 44.00 -33.59
CA TRP R 333 20.67 45.23 -34.34
C TRP R 333 20.65 45.13 -35.86
N GLY R 334 21.30 44.13 -36.44
CA GLY R 334 21.31 44.02 -37.89
C GLY R 334 19.93 43.86 -38.49
N ASP R 335 19.04 43.15 -37.79
CA ASP R 335 17.68 42.95 -38.28
C ASP R 335 16.94 44.27 -38.36
N THR R 336 17.05 45.08 -37.31
CA THR R 336 16.41 46.39 -37.32
C THR R 336 17.02 47.28 -38.39
N LEU R 337 18.33 47.20 -38.59
CA LEU R 337 18.96 47.96 -39.67
C LEU R 337 18.35 47.61 -41.01
N ALA R 338 18.22 46.32 -41.29
CA ALA R 338 17.64 45.89 -42.56
C ALA R 338 16.21 46.39 -42.70
N ARG R 339 15.43 46.28 -41.63
CA ARG R 339 14.04 46.70 -41.68
C ARG R 339 13.93 48.19 -41.99
N LEU R 340 14.63 49.03 -41.23
CA LEU R 340 14.55 50.47 -41.45
C LEU R 340 15.12 50.86 -42.80
N SER R 341 16.17 50.18 -43.25
CA SER R 341 16.74 50.50 -44.56
C SER R 341 15.80 50.16 -45.70
N LYS R 342 15.00 49.11 -45.54
CA LYS R 342 14.02 48.81 -46.58
C LYS R 342 12.70 49.55 -46.40
N TYR R 343 12.51 50.24 -45.27
CA TYR R 343 11.29 51.04 -45.10
C TYR R 343 11.48 52.47 -45.57
N TRP R 344 12.70 52.99 -45.51
CA TRP R 344 12.95 54.36 -45.93
C TRP R 344 13.33 54.46 -47.41
N ASN R 345 13.41 53.33 -48.11
CA ASN R 345 13.80 53.30 -49.51
C ASN R 345 12.73 52.55 -50.31
N PRO R 346 11.58 53.17 -50.54
CA PRO R 346 10.58 52.54 -51.40
C PRO R 346 11.08 52.49 -52.84
N THR R 347 10.40 51.71 -53.66
CA THR R 347 10.81 51.49 -55.04
C THR R 347 9.69 51.80 -56.01
N GLN R 348 10.06 52.28 -57.19
CA GLN R 348 9.14 52.53 -58.28
C GLN R 348 9.47 51.57 -59.42
N VAL R 349 8.67 50.52 -59.57
CA VAL R 349 8.95 49.49 -60.57
C VAL R 349 8.27 49.86 -61.88
N ALA R 350 7.19 50.61 -61.80
CA ALA R 350 6.57 51.13 -63.01
C ALA R 350 7.34 52.36 -63.50
N ASP R 351 7.38 52.53 -64.82
CA ASP R 351 8.09 53.67 -65.39
C ASP R 351 7.12 54.59 -66.11
N PRO R 352 7.34 55.91 -66.02
CA PRO R 352 6.41 56.85 -66.68
C PRO R 352 6.35 56.70 -68.18
N ALA R 353 7.14 55.82 -68.78
CA ALA R 353 7.08 55.63 -70.22
C ALA R 353 5.68 55.18 -70.65
N ARG R 354 5.24 54.02 -70.18
CA ARG R 354 3.88 53.57 -70.50
C ARG R 354 2.84 54.34 -69.69
N THR R 355 2.93 54.30 -68.37
CA THR R 355 1.94 54.96 -67.52
C THR R 355 2.09 56.47 -67.67
N GLY R 356 0.98 57.14 -67.95
CA GLY R 356 1.02 58.56 -68.26
C GLY R 356 1.12 59.46 -67.05
N GLN R 357 2.01 59.11 -66.11
CA GLN R 357 2.26 59.89 -64.92
C GLN R 357 3.71 60.34 -64.92
N LEU R 358 3.93 61.62 -65.16
CA LEU R 358 5.28 62.18 -65.11
C LEU R 358 5.55 62.96 -63.83
N LEU R 359 4.53 63.25 -63.05
CA LEU R 359 4.66 63.94 -61.79
C LEU R 359 4.83 62.96 -60.65
N PRO R 360 5.54 63.35 -59.59
CA PRO R 360 5.61 62.51 -58.39
C PRO R 360 4.28 62.48 -57.67
N TYR R 361 4.16 61.53 -56.73
CA TYR R 361 2.92 61.37 -56.00
C TYR R 361 2.62 62.61 -55.17
N GLY R 362 1.35 62.79 -54.85
CA GLY R 362 0.90 63.91 -54.06
C GLY R 362 -0.26 64.59 -54.74
N GLU R 363 -0.64 65.75 -54.22
CA GLU R 363 -1.74 66.52 -54.75
C GLU R 363 -1.26 67.91 -55.13
N GLY R 364 -1.97 68.53 -56.06
CA GLY R 364 -1.62 69.86 -56.54
C GLY R 364 -0.26 69.92 -57.20
N GLY R 365 0.02 68.95 -58.09
CA GLY R 365 1.34 68.88 -58.69
C GLY R 365 1.63 70.02 -59.65
N LEU R 366 0.61 70.43 -60.43
CA LEU R 366 0.80 71.54 -61.35
C LEU R 366 1.17 72.82 -60.61
N ARG R 367 0.49 73.10 -59.49
CA ARG R 367 0.90 74.20 -58.64
C ARG R 367 2.11 73.84 -57.80
N ARG R 368 2.38 72.54 -57.62
CA ARG R 368 3.59 72.16 -56.90
C ARG R 368 4.84 72.53 -57.68
N LEU R 369 4.76 72.55 -59.00
CA LEU R 369 5.94 72.70 -59.84
C LEU R 369 6.21 74.15 -60.28
N LEU R 370 5.44 75.12 -59.79
CA LEU R 370 5.63 76.51 -60.22
C LEU R 370 7.04 76.98 -59.91
N ALA R 383 15.49 84.25 -49.05
CA ALA R 383 16.54 84.94 -49.79
C ALA R 383 17.91 84.35 -49.50
N LEU R 384 18.55 84.86 -48.45
CA LEU R 384 19.87 84.38 -48.05
C LEU R 384 19.74 83.10 -47.23
N GLU R 385 19.19 82.07 -47.87
CA GLU R 385 18.98 80.82 -47.12
C GLU R 385 20.18 79.93 -47.48
N ALA R 386 20.93 80.34 -48.50
CA ALA R 386 22.05 79.52 -48.97
C ALA R 386 23.34 79.90 -48.23
N VAL R 387 23.33 81.04 -47.52
CA VAL R 387 24.52 81.47 -46.73
C VAL R 387 24.17 81.31 -45.25
N VAL R 388 23.79 82.40 -44.58
CA VAL R 388 23.38 82.33 -43.15
C VAL R 388 22.26 81.29 -43.03
N GLY R 389 21.26 81.37 -43.90
CA GLY R 389 20.18 80.41 -43.93
C GLY R 389 18.93 80.87 -43.19
N LYS R 390 18.34 79.93 -42.48
CA LYS R 390 17.04 80.13 -41.87
C LYS R 390 17.12 81.05 -40.66
N ALA R 391 16.02 81.72 -40.39
CA ALA R 391 15.89 82.47 -39.17
C ALA R 391 15.12 81.66 -38.14
N PRO R 392 15.67 81.48 -36.94
CA PRO R 392 15.00 80.65 -35.93
C PRO R 392 13.81 81.38 -35.34
N ALA R 393 12.62 80.79 -35.47
CA ALA R 393 11.42 81.37 -34.89
C ALA R 393 10.98 80.50 -33.72
N THR R 394 11.68 80.69 -32.61
CA THR R 394 11.21 80.23 -31.30
C THR R 394 11.62 81.19 -30.20
N THR R 395 12.32 82.27 -30.52
CA THR R 395 13.04 83.05 -29.52
C THR R 395 12.98 84.55 -29.81
N GLY R 396 11.93 85.00 -30.51
CA GLY R 396 11.74 86.42 -30.68
C GLY R 396 11.50 87.13 -29.36
N ARG R 397 10.93 86.43 -28.39
CA ARG R 397 10.58 87.03 -27.11
C ARG R 397 11.78 87.53 -26.33
N TYR R 398 13.00 87.32 -26.83
CA TYR R 398 14.19 87.83 -26.17
C TYR R 398 14.88 88.92 -26.96
N ARG R 399 14.48 89.13 -28.22
CA ARG R 399 15.10 90.13 -29.09
C ARG R 399 15.27 91.45 -28.35
N ARG R 400 14.15 92.04 -27.91
CA ARG R 400 14.18 93.28 -27.15
C ARG R 400 15.28 93.28 -26.10
N ASP R 401 15.28 92.25 -25.24
CA ASP R 401 16.25 92.21 -24.14
C ASP R 401 17.67 92.31 -24.66
N LEU R 402 18.00 91.54 -25.70
CA LEU R 402 19.35 91.58 -26.24
C LEU R 402 19.72 92.99 -26.67
N GLU R 403 18.78 93.69 -27.31
CA GLU R 403 19.04 95.07 -27.72
C GLU R 403 19.45 95.91 -26.52
N LEU R 404 18.72 95.79 -25.41
CA LEU R 404 19.10 96.52 -24.21
C LEU R 404 20.48 96.13 -23.73
N LEU R 405 20.80 94.84 -23.78
CA LEU R 405 22.12 94.37 -23.36
C LEU R 405 23.22 94.94 -24.24
N LEU R 406 22.88 95.46 -25.41
CA LEU R 406 23.85 96.13 -26.25
C LEU R 406 23.91 97.63 -26.01
N ALA R 407 22.81 98.23 -25.55
CA ALA R 407 22.77 99.67 -25.34
C ALA R 407 23.40 100.10 -24.04
N HIS R 408 23.61 99.18 -23.10
CA HIS R 408 24.16 99.49 -21.78
C HIS R 408 25.25 98.47 -21.47
N PRO R 409 26.47 98.71 -21.94
CA PRO R 409 27.54 97.72 -21.71
C PRO R 409 27.85 97.50 -20.24
N GLU R 410 27.66 98.52 -19.41
CA GLU R 410 27.98 98.40 -17.99
C GLU R 410 27.21 97.28 -17.29
N LEU R 411 26.07 96.86 -17.84
CA LEU R 411 25.33 95.75 -17.24
C LEU R 411 26.08 94.43 -17.34
N ARG R 412 27.22 94.39 -18.01
CA ARG R 412 27.97 93.16 -18.19
C ARG R 412 29.04 92.95 -17.12
N ASP R 413 29.04 93.73 -16.05
CA ASP R 413 30.05 93.56 -15.02
C ASP R 413 29.58 92.57 -13.96
N GLY R 414 30.55 91.97 -13.25
CA GLY R 414 30.26 90.90 -12.32
C GLY R 414 29.63 91.34 -11.01
N ALA R 415 29.57 92.65 -10.76
CA ALA R 415 28.96 93.13 -9.53
C ALA R 415 27.45 93.03 -9.56
N LEU R 416 26.83 93.06 -10.74
CA LEU R 416 25.39 92.99 -10.89
C LEU R 416 24.94 91.55 -11.05
N ARG R 417 23.87 91.18 -10.36
CA ARG R 417 23.31 89.84 -10.43
C ARG R 417 21.79 89.96 -10.49
N VAL R 418 21.27 90.07 -11.71
CA VAL R 418 19.83 90.25 -11.94
C VAL R 418 19.13 88.92 -11.70
N PRO R 419 17.89 88.91 -11.19
CA PRO R 419 17.16 87.64 -11.02
C PRO R 419 17.03 86.83 -12.30
N GLY R 420 16.42 87.41 -13.33
CA GLY R 420 16.27 86.69 -14.58
C GLY R 420 14.87 86.66 -15.14
N GLY R 421 14.76 86.37 -16.42
CA GLY R 421 13.49 86.42 -17.13
C GLY R 421 13.62 87.18 -18.44
N TRP R 422 12.48 87.30 -19.11
CA TRP R 422 12.46 87.95 -20.42
C TRP R 422 11.60 89.20 -20.49
N GLY R 423 10.36 89.16 -20.03
CA GLY R 423 9.43 90.25 -20.24
C GLY R 423 9.84 91.52 -19.54
N PRO R 424 9.07 92.59 -19.76
CA PRO R 424 9.34 93.86 -19.06
C PRO R 424 9.21 93.76 -17.55
N GLU R 425 8.45 92.79 -17.05
CA GLU R 425 8.27 92.58 -15.63
C GLU R 425 9.30 91.62 -15.04
N GLY R 426 10.33 91.27 -15.81
CA GLY R 426 11.31 90.32 -15.34
C GLY R 426 12.72 90.65 -15.76
N GLY R 427 13.67 90.45 -14.86
CA GLY R 427 15.07 90.55 -15.18
C GLY R 427 15.60 91.93 -15.49
N LEU R 428 16.32 92.02 -16.62
CA LEU R 428 17.12 93.21 -16.91
C LEU R 428 16.28 94.48 -16.95
N GLN R 429 15.05 94.37 -17.48
CA GLN R 429 14.20 95.56 -17.57
C GLN R 429 13.80 96.07 -16.20
N THR R 430 13.68 95.18 -15.21
CA THR R 430 13.42 95.64 -13.85
C THR R 430 14.54 96.55 -13.35
N TYR R 431 15.79 96.10 -13.53
CA TYR R 431 16.91 96.90 -13.08
C TYR R 431 17.00 98.22 -13.85
N LEU R 432 16.73 98.18 -15.16
CA LEU R 432 16.77 99.41 -15.94
C LEU R 432 15.71 100.39 -15.48
N ARG R 433 14.48 99.92 -15.26
CA ARG R 433 13.42 100.79 -14.79
C ARG R 433 13.75 101.36 -13.43
N GLY R 434 14.22 100.51 -12.51
CA GLY R 434 14.62 101.00 -11.20
C GLY R 434 15.67 102.10 -11.30
N GLN R 435 16.72 101.86 -12.09
CA GLN R 435 17.79 102.84 -12.22
C GLN R 435 17.28 104.16 -12.79
N GLN R 436 16.52 104.10 -13.89
CA GLN R 436 16.08 105.33 -14.53
C GLN R 436 15.09 106.09 -13.66
N GLU R 437 14.13 105.38 -13.06
CA GLU R 437 13.15 106.05 -12.22
C GLU R 437 13.78 106.62 -10.96
N GLU R 438 14.79 105.95 -10.39
CA GLU R 438 15.40 106.46 -9.18
C GLU R 438 16.30 107.66 -9.48
N GLN R 439 17.03 107.61 -10.60
CA GLN R 439 17.85 108.76 -10.95
C GLN R 439 16.99 109.96 -11.26
N ALA R 440 15.87 109.78 -11.97
CA ALA R 440 14.97 110.89 -12.22
C ALA R 440 14.31 111.38 -10.94
N ARG R 441 13.90 110.45 -10.08
CA ARG R 441 13.25 110.81 -8.82
C ARG R 441 14.15 111.67 -7.95
N MET R 442 15.39 111.23 -7.73
CA MET R 442 16.25 111.99 -6.82
C MET R 442 16.91 113.18 -7.50
N GLN R 443 16.99 113.20 -8.83
CA GLN R 443 17.39 114.43 -9.50
C GLN R 443 16.31 115.49 -9.34
N ARG R 444 15.03 115.08 -9.43
CA ARG R 444 13.94 116.02 -9.15
C ARG R 444 13.89 116.37 -7.67
N ARG R 445 14.35 115.47 -6.81
CA ARG R 445 14.59 115.80 -5.41
C ARG R 445 15.66 116.87 -5.27
N ARG R 446 16.65 116.88 -6.15
CA ARG R 446 17.63 117.97 -6.15
C ARG R 446 17.00 119.28 -6.57
N ASP R 447 15.96 119.22 -7.41
CA ASP R 447 15.26 120.42 -7.86
C ASP R 447 14.49 121.11 -6.75
N LEU R 448 14.18 120.41 -5.66
CA LEU R 448 13.47 121.05 -4.56
C LEU R 448 14.39 122.00 -3.79
N ALA R 449 15.70 121.79 -3.89
CA ALA R 449 16.67 122.66 -3.24
C ALA R 449 17.91 122.82 -4.12
N PRO S 14 32.27 45.46 10.73
CA PRO S 14 31.34 46.55 11.03
C PRO S 14 31.32 47.61 9.94
N ARG S 15 30.13 48.15 9.64
CA ARG S 15 29.95 49.21 8.65
C ARG S 15 30.44 48.75 7.27
N LEU S 16 29.70 47.77 6.73
CA LEU S 16 29.99 47.20 5.43
C LEU S 16 30.22 48.26 4.36
N ALA S 17 29.52 49.39 4.46
CA ALA S 17 29.70 50.50 3.53
C ALA S 17 31.13 51.00 3.50
N ALA S 18 31.87 50.87 4.61
CA ALA S 18 33.29 51.19 4.62
C ALA S 18 34.16 49.99 4.28
N VAL S 19 33.70 48.78 4.59
CA VAL S 19 34.49 47.59 4.35
C VAL S 19 34.62 47.26 2.87
N MET S 20 33.53 47.41 2.10
CA MET S 20 33.58 47.00 0.69
C MET S 20 34.59 47.80 -0.12
N PRO S 21 34.62 49.13 -0.07
CA PRO S 21 35.66 49.85 -0.83
C PRO S 21 37.06 49.47 -0.39
N ASP S 22 37.30 49.32 0.92
CA ASP S 22 38.61 48.86 1.36
C ASP S 22 38.89 47.45 0.84
N ALA S 23 37.87 46.59 0.80
CA ALA S 23 38.07 45.24 0.30
C ALA S 23 38.53 45.25 -1.15
N VAL S 24 37.85 46.02 -2.00
CA VAL S 24 38.22 46.02 -3.42
C VAL S 24 39.56 46.71 -3.62
N TYR S 25 39.82 47.79 -2.88
CA TYR S 25 41.09 48.46 -2.98
C TYR S 25 42.24 47.52 -2.61
N ALA S 26 42.09 46.80 -1.50
CA ALA S 26 43.11 45.84 -1.10
C ALA S 26 43.29 44.75 -2.15
N LEU S 27 42.17 44.27 -2.71
CA LEU S 27 42.27 43.24 -3.75
C LEU S 27 43.12 43.72 -4.91
N VAL S 28 42.79 44.87 -5.49
CA VAL S 28 43.49 45.31 -6.70
C VAL S 28 44.93 45.71 -6.38
N GLN S 29 45.17 46.29 -5.20
CA GLN S 29 46.54 46.67 -4.85
C GLN S 29 47.41 45.44 -4.61
N GLY S 30 46.85 44.42 -3.95
CA GLY S 30 47.58 43.18 -3.80
C GLY S 30 47.88 42.51 -5.12
N THR S 31 46.90 42.52 -6.03
CA THR S 31 47.16 41.98 -7.37
C THR S 31 48.26 42.75 -8.07
N HIS S 32 48.30 44.08 -7.88
CA HIS S 32 49.37 44.88 -8.47
C HIS S 32 50.73 44.51 -7.89
N LYS S 33 50.79 44.30 -6.58
CA LYS S 33 52.04 43.88 -5.95
C LYS S 33 52.50 42.53 -6.48
N LEU S 34 51.58 41.56 -6.56
CA LEU S 34 51.95 40.24 -7.05
C LEU S 34 52.38 40.30 -8.50
N GLY S 35 51.78 41.19 -9.29
CA GLY S 35 52.23 41.36 -10.67
C GLY S 35 53.61 41.98 -10.75
N GLU S 36 53.90 42.95 -9.88
CA GLU S 36 55.24 43.51 -9.82
C GLU S 36 56.26 42.44 -9.47
N TYR S 37 55.92 41.56 -8.52
CA TYR S 37 56.82 40.47 -8.17
C TYR S 37 56.99 39.51 -9.34
N ALA S 38 55.89 39.19 -10.03
CA ALA S 38 55.96 38.34 -11.21
C ALA S 38 56.78 38.95 -12.32
N HIS S 39 56.91 40.28 -12.36
CA HIS S 39 57.70 40.93 -13.39
C HIS S 39 59.15 41.18 -12.99
N ASP S 40 59.45 41.26 -11.69
CA ASP S 40 60.83 41.51 -11.28
C ASP S 40 61.67 40.24 -11.25
N LEU S 41 61.05 39.06 -11.18
CA LEU S 41 61.79 37.80 -11.17
C LEU S 41 62.03 37.28 -12.58
N VAL S 42 61.00 37.28 -13.43
CA VAL S 42 61.17 36.88 -14.81
C VAL S 42 62.07 37.87 -15.54
N PHE S 43 61.70 39.14 -15.52
CA PHE S 43 62.54 40.18 -16.11
C PHE S 43 63.26 40.93 -15.01
N PRO S 44 64.52 40.62 -14.75
CA PRO S 44 65.21 41.22 -13.60
C PRO S 44 65.31 42.71 -13.76
N PRO S 45 65.45 43.45 -12.65
CA PRO S 45 65.38 44.91 -12.72
C PRO S 45 66.58 45.50 -13.43
N THR S 46 66.38 46.68 -14.03
CA THR S 46 67.47 47.38 -14.69
C THR S 46 68.49 47.85 -13.65
N PRO S 47 69.78 47.80 -13.99
CA PRO S 47 70.81 48.25 -13.03
C PRO S 47 70.97 49.76 -12.98
N GLU S 48 70.85 50.46 -14.11
CA GLU S 48 71.15 51.88 -14.16
C GLU S 48 69.97 52.75 -14.61
N ASP S 49 69.02 52.19 -15.35
CA ASP S 49 67.81 52.95 -15.68
C ASP S 49 66.95 53.19 -14.45
N LEU S 50 67.26 52.54 -13.33
CA LEU S 50 66.70 52.93 -12.05
C LEU S 50 67.08 54.36 -11.70
N ARG S 51 68.20 54.85 -12.22
CA ARG S 51 68.53 56.28 -12.13
C ARG S 51 67.71 57.12 -13.09
N LYS S 52 67.39 56.58 -14.27
CA LYS S 52 66.48 57.26 -15.17
C LYS S 52 65.14 57.53 -14.48
N LEU S 53 64.54 56.47 -13.90
CA LEU S 53 63.29 56.66 -13.18
C LEU S 53 63.51 57.49 -11.91
N GLU S 54 64.66 57.33 -11.25
CA GLU S 54 65.00 58.19 -10.13
C GLU S 54 64.83 59.66 -10.49
N GLN S 55 65.55 60.11 -11.52
CA GLN S 55 65.53 61.53 -11.86
C GLN S 55 64.20 61.94 -12.48
N GLN S 56 63.49 61.01 -13.13
CA GLN S 56 62.25 61.39 -13.81
C GLN S 56 61.05 61.34 -12.86
N VAL S 57 61.23 60.77 -11.66
CA VAL S 57 60.26 61.03 -10.61
C VAL S 57 60.74 62.19 -9.76
N ASN S 58 62.03 62.54 -9.84
CA ASN S 58 62.54 63.72 -9.16
C ASN S 58 62.10 65.01 -9.85
N ALA S 59 62.08 65.04 -11.18
CA ALA S 59 61.84 66.25 -11.94
C ALA S 59 60.47 66.86 -11.73
N THR S 60 59.46 66.05 -11.44
CA THR S 60 58.10 66.54 -11.27
C THR S 60 57.81 66.98 -9.84
N ILE S 61 58.76 66.83 -8.93
CA ILE S 61 58.57 67.36 -7.57
C ILE S 61 58.49 68.88 -7.65
N PRO S 62 57.44 69.51 -7.13
CA PRO S 62 57.31 70.97 -7.26
C PRO S 62 58.47 71.69 -6.60
N ARG S 63 58.58 72.98 -6.91
CA ARG S 63 59.67 73.78 -6.35
C ARG S 63 59.54 73.90 -4.83
N GLU S 64 58.33 74.00 -4.31
CA GLU S 64 58.13 74.21 -2.88
C GLU S 64 58.62 73.03 -2.05
N PHE S 65 58.91 71.90 -2.69
CA PHE S 65 59.49 70.76 -1.99
C PHE S 65 61.01 70.68 -2.14
N ASP S 66 61.56 71.28 -3.20
CA ASP S 66 63.01 71.23 -3.36
C ASP S 66 63.74 71.88 -2.19
N ARG S 67 63.06 72.74 -1.44
CA ARG S 67 63.69 73.38 -0.28
C ARG S 67 64.03 72.35 0.79
N VAL S 68 63.26 71.27 0.90
CA VAL S 68 63.61 70.24 1.88
C VAL S 68 64.49 69.18 1.24
N ARG S 69 64.40 69.02 -0.09
CA ARG S 69 65.27 68.07 -0.79
C ARG S 69 66.74 68.37 -0.51
N GLN S 70 67.14 69.64 -0.66
CA GLN S 70 68.49 70.03 -0.23
C GLN S 70 68.65 69.84 1.26
N ARG S 71 67.63 70.19 2.05
CA ARG S 71 67.66 69.91 3.47
C ARG S 71 67.69 68.41 3.75
N TYR S 72 67.26 67.59 2.78
CA TYR S 72 67.38 66.15 2.92
C TYR S 72 68.78 65.66 2.59
N ALA S 73 69.54 66.43 1.81
CA ALA S 73 70.88 65.99 1.44
C ALA S 73 71.87 66.25 2.56
N GLU S 74 71.82 67.43 3.18
CA GLU S 74 72.86 67.87 4.11
C GLU S 74 72.55 67.62 5.57
N GLY S 75 72.32 66.37 5.97
CA GLY S 75 72.41 66.00 7.38
C GLY S 75 71.28 66.44 8.28
N LYS S 76 70.89 67.70 8.20
CA LYS S 76 70.00 68.32 9.17
C LYS S 76 68.53 68.04 8.83
N ILE S 77 68.26 66.89 8.20
CA ILE S 77 66.89 66.59 7.77
C ILE S 77 65.94 66.66 8.96
N ALA S 78 66.04 65.72 9.88
CA ALA S 78 65.17 65.60 11.05
C ALA S 78 65.72 64.54 11.98
N ASN S 79 64.95 64.14 12.98
CA ASN S 79 65.23 62.86 13.64
C ASN S 79 64.41 61.80 12.94
N ASP S 80 63.09 61.86 13.09
CA ASP S 80 62.14 61.40 12.09
C ASP S 80 60.89 62.27 12.00
N GLU S 81 60.67 63.15 12.97
CA GLU S 81 59.42 63.88 13.19
C GLU S 81 59.45 65.32 12.68
N GLN S 82 60.63 65.95 12.63
CA GLN S 82 60.68 67.36 12.26
C GLN S 82 60.43 67.58 10.78
N LEU S 83 60.73 66.58 9.95
CA LEU S 83 60.42 66.68 8.54
C LEU S 83 58.92 66.48 8.35
N SEP S 84 58.35 65.54 9.11
CA SEP S 84 56.93 65.24 9.03
CB SEP S 84 56.61 63.95 9.79
OG SEP S 84 56.47 62.85 8.90
C SEP S 84 56.06 66.37 9.56
O SEP S 84 54.85 66.23 9.70
P SEP S 84 54.98 62.25 9.02
O1P SEP S 84 54.98 60.71 8.53
O2P SEP S 84 53.96 63.10 8.10
O3P SEP S 84 54.49 62.32 10.56
N SEP S 85 56.69 67.49 9.89
CA SEP S 85 55.98 68.73 10.16
CB SEP S 85 55.99 69.06 11.64
OG SEP S 85 55.32 70.29 11.87
C SEP S 85 56.62 69.85 9.35
O SEP S 85 56.17 71.00 9.39
P SEP S 85 54.66 70.30 13.33
O1P SEP S 85 55.80 70.57 14.43
O2P SEP S 85 53.96 68.87 13.62
O3P SEP S 85 53.56 71.47 13.40
N GLU S 86 57.68 69.52 8.63
CA GLU S 86 58.34 70.46 7.74
C GLU S 86 57.65 70.48 6.39
N LEU S 87 57.56 69.30 5.76
CA LEU S 87 56.94 69.21 4.44
C LEU S 87 55.45 69.46 4.48
N GLU S 88 54.86 69.49 5.68
CA GLU S 88 53.44 69.82 5.81
C GLU S 88 53.16 71.23 5.33
N ASP S 89 53.97 72.20 5.75
CA ASP S 89 53.75 73.58 5.34
C ASP S 89 54.13 73.79 3.87
N ALA S 90 55.05 72.97 3.36
CA ALA S 90 55.31 72.98 1.93
C ALA S 90 54.10 72.49 1.15
N SER S 91 53.51 71.37 1.58
CA SER S 91 52.25 70.92 0.99
C SER S 91 51.20 72.01 1.05
N PHE S 92 51.10 72.71 2.18
CA PHE S 92 50.03 73.69 2.34
C PHE S 92 50.26 74.93 1.49
N ASN S 93 51.51 75.40 1.34
CA ASN S 93 51.73 76.58 0.51
C ASN S 93 51.59 76.21 -0.96
N TRP S 94 51.96 74.99 -1.35
CA TRP S 94 51.63 74.53 -2.69
C TRP S 94 50.12 74.48 -2.89
N TYR S 95 49.39 74.07 -1.85
CA TYR S 95 47.94 74.00 -1.90
C TYR S 95 47.34 75.38 -2.14
N ARG S 96 47.74 76.37 -1.34
CA ARG S 96 47.20 77.71 -1.50
C ARG S 96 47.67 78.36 -2.81
N ARG S 97 48.88 78.02 -3.25
CA ARG S 97 49.35 78.52 -4.53
C ARG S 97 48.51 77.97 -5.68
N GLN S 98 48.18 76.68 -5.63
CA GLN S 98 47.32 76.10 -6.65
C GLN S 98 45.92 76.69 -6.57
N LEU S 99 45.45 77.01 -5.36
CA LEU S 99 44.16 77.66 -5.23
C LEU S 99 44.18 79.03 -5.90
N ARG S 100 45.26 79.79 -5.73
CA ARG S 100 45.36 81.09 -6.37
C ARG S 100 45.51 80.96 -7.88
N THR S 101 46.19 79.91 -8.34
CA THR S 101 46.27 79.68 -9.78
C THR S 101 44.91 79.32 -10.34
N SER S 102 44.08 78.63 -9.56
CA SER S 102 42.73 78.32 -9.99
C SER S 102 41.89 79.58 -10.09
N VAL S 103 41.91 80.42 -9.05
CA VAL S 103 41.00 81.56 -8.98
C VAL S 103 41.57 82.78 -9.71
N VAL S 104 42.69 83.31 -9.22
CA VAL S 104 43.29 84.54 -9.73
C VAL S 104 44.32 84.28 -10.81
N GLY S 105 44.56 83.01 -11.15
CA GLY S 105 45.47 82.66 -12.21
C GLY S 105 46.92 82.54 -11.74
N ALA S 106 47.78 82.26 -12.72
CA ALA S 106 49.20 82.07 -12.46
C ALA S 106 49.93 83.40 -12.37
N TPO S 107 51.26 83.34 -12.43
CA TPO S 107 52.10 84.51 -12.23
CB TPO S 107 53.49 84.06 -11.77
CG2 TPO S 107 54.45 85.24 -11.64
OG1 TPO S 107 53.36 83.43 -10.49
P TPO S 107 53.55 81.84 -10.70
O1P TPO S 107 54.95 81.37 -10.05
O2P TPO S 107 53.54 81.50 -12.27
O3P TPO S 107 52.44 81.12 -10.02
C TPO S 107 52.20 85.36 -13.49
O TPO S 107 52.29 86.59 -13.41
N ASP S 108 52.16 84.72 -14.65
CA ASP S 108 52.30 85.43 -15.91
C ASP S 108 50.98 85.48 -16.68
N GLU S 109 49.87 85.52 -15.96
CA GLU S 109 48.57 85.33 -16.58
C GLU S 109 47.53 86.18 -15.87
N GLU S 110 46.88 87.08 -16.62
CA GLU S 110 45.89 87.97 -16.06
C GLU S 110 44.48 87.47 -16.39
N LEU S 111 43.46 88.16 -15.88
CA LEU S 111 42.08 87.68 -15.94
C LEU S 111 41.60 87.43 -17.36
N GLU S 112 42.00 88.25 -18.32
CA GLU S 112 41.65 87.99 -19.71
C GLU S 112 42.15 86.62 -20.15
N ASP S 113 43.38 86.26 -19.75
CA ASP S 113 43.92 84.97 -20.15
C ASP S 113 43.24 83.83 -19.39
N VAL S 114 42.78 84.08 -18.17
CA VAL S 114 42.00 83.06 -17.47
C VAL S 114 40.70 82.79 -18.19
N ALA S 115 40.00 83.86 -18.59
CA ALA S 115 38.78 83.68 -19.38
C ALA S 115 39.07 82.99 -20.71
N VAL S 116 40.25 83.26 -21.28
CA VAL S 116 40.64 82.58 -22.51
C VAL S 116 40.82 81.08 -22.25
N ARG S 117 41.46 80.74 -21.14
CA ARG S 117 41.83 79.35 -20.90
C ARG S 117 40.61 78.51 -20.51
N LYS S 118 39.74 79.04 -19.66
CA LYS S 118 38.59 78.26 -19.22
C LYS S 118 37.41 78.32 -20.20
N LEU S 119 37.45 79.22 -21.19
CA LEU S 119 36.50 79.18 -22.28
C LEU S 119 36.97 78.26 -23.41
N ARG S 120 38.20 77.75 -23.30
CA ARG S 120 38.79 76.90 -24.34
C ARG S 120 38.76 77.59 -25.70
N LEU S 121 39.28 78.81 -25.73
CA LEU S 121 39.26 79.64 -26.93
C LEU S 121 40.44 79.39 -27.86
N GLU S 122 41.60 79.05 -27.32
CA GLU S 122 42.79 78.90 -28.14
C GLU S 122 43.02 77.43 -28.47
N PRO S 123 43.49 77.11 -29.68
CA PRO S 123 43.84 75.73 -29.99
C PRO S 123 45.28 75.45 -29.61
N PRO S 124 45.62 74.19 -29.39
CA PRO S 124 47.05 73.84 -29.22
C PRO S 124 47.81 74.14 -30.51
N ALA S 125 48.96 74.80 -30.35
CA ALA S 125 49.76 75.26 -31.48
C ALA S 125 50.14 74.08 -32.36
N LEU S 126 49.68 74.11 -33.61
CA LEU S 126 49.95 73.05 -34.57
C LEU S 126 51.17 73.35 -35.44
N GLN S 127 51.40 74.62 -35.79
CA GLN S 127 52.57 74.96 -36.58
C GLN S 127 53.85 74.73 -35.77
N ALA S 128 53.81 75.04 -34.48
CA ALA S 128 55.01 74.89 -33.65
C ALA S 128 55.29 73.42 -33.35
N SER S 129 54.30 72.55 -33.51
CA SER S 129 54.45 71.12 -33.29
C SER S 129 55.45 70.48 -34.24
N LEU S 130 55.51 70.93 -35.49
CA LEU S 130 56.43 70.39 -36.48
C LEU S 130 56.71 71.40 -37.58
N SER T 15 5.56 110.99 -1.08
CA SER T 15 6.30 109.75 -0.94
C SER T 15 6.66 109.49 0.51
N GLU T 16 7.96 109.29 0.78
CA GLU T 16 8.49 109.03 2.12
C GLU T 16 7.84 107.78 2.73
N ASP T 17 8.15 106.65 2.10
CA ASP T 17 7.63 105.36 2.55
C ASP T 17 8.56 104.69 3.56
N SEP T 18 8.14 103.52 4.04
CA SEP T 18 8.68 102.86 5.23
CB SEP T 18 8.28 101.37 5.21
OG SEP T 18 8.75 100.74 4.03
C SEP T 18 10.18 102.95 5.51
O SEP T 18 10.59 103.53 6.51
P SEP T 18 8.22 99.23 3.99
O1P SEP T 18 8.79 98.50 2.66
O2P SEP T 18 6.61 99.21 3.94
O3P SEP T 18 8.72 98.43 5.29
N VAL T 19 10.99 102.37 4.63
CA VAL T 19 12.41 102.16 4.92
C VAL T 19 13.20 103.46 5.14
N GLU T 20 12.78 104.58 4.55
CA GLU T 20 13.48 105.83 4.83
C GLU T 20 12.81 106.60 5.96
N GLN T 21 11.80 106.03 6.60
CA GLN T 21 11.31 106.53 7.87
C GLN T 21 12.03 105.87 9.04
N GLU T 22 12.11 104.54 9.03
CA GLU T 22 12.79 103.80 10.09
C GLU T 22 14.29 104.07 10.05
N PHE T 23 14.93 103.80 8.91
CA PHE T 23 16.34 104.12 8.74
C PHE T 23 16.58 105.58 8.44
N GLY T 24 16.09 106.09 7.30
CA GLY T 24 16.23 107.48 6.95
C GLY T 24 17.67 107.99 7.06
N GLY T 25 17.90 108.87 8.03
CA GLY T 25 19.25 109.33 8.31
C GLY T 25 20.16 108.30 8.94
N ASP T 26 19.72 107.04 9.03
CA ASP T 26 20.58 105.98 9.53
C ASP T 26 21.76 105.73 8.60
N TYR T 27 21.62 106.02 7.31
CA TYR T 27 22.66 105.73 6.34
C TYR T 27 22.64 106.70 5.17
N SEP T 28 23.67 106.61 4.34
CA SEP T 28 23.74 107.38 3.10
CB SEP T 28 25.14 107.25 2.49
OG SEP T 28 25.43 105.91 2.16
C SEP T 28 22.69 106.89 2.11
O SEP T 28 21.98 105.92 2.38
P SEP T 28 26.36 105.22 3.28
O1P SEP T 28 26.49 103.64 2.97
O2P SEP T 28 25.72 105.42 4.74
O3P SEP T 28 27.83 105.89 3.25
N GLU T 29 22.61 107.57 0.97
CA GLU T 29 21.63 107.21 -0.06
C GLU T 29 22.02 105.91 -0.75
N ALA T 30 23.30 105.55 -0.63
CA ALA T 30 23.77 104.29 -1.22
C ALA T 30 23.11 103.10 -0.55
N SER T 31 23.12 103.07 0.78
CA SER T 31 22.49 101.96 1.47
C SER T 31 20.98 102.00 1.32
N LEU T 32 20.42 103.17 0.99
CA LEU T 32 19.00 103.22 0.66
C LEU T 32 18.65 102.25 -0.46
N GLU T 33 19.23 102.48 -1.64
CA GLU T 33 19.02 101.54 -2.76
C GLU T 33 19.48 100.14 -2.32
N TYR T 34 20.61 100.07 -1.61
CA TYR T 34 21.15 98.77 -1.23
C TYR T 34 20.10 97.92 -0.53
N ILE T 35 19.40 98.50 0.44
CA ILE T 35 18.38 97.76 1.20
C ILE T 35 17.09 97.63 0.42
N ARG T 36 16.75 98.62 -0.42
CA ARG T 36 15.47 98.61 -1.11
C ARG T 36 15.31 97.44 -2.06
N ALA T 37 16.39 96.79 -2.46
CA ALA T 37 16.36 95.78 -3.52
C ALA T 37 16.23 94.35 -3.01
N LEU T 38 15.68 94.13 -1.82
CA LEU T 38 15.63 92.79 -1.23
C LEU T 38 14.23 92.35 -0.82
N GLY T 39 13.18 92.94 -1.38
CA GLY T 39 11.84 92.49 -1.09
C GLY T 39 10.96 93.61 -0.56
N PRO T 40 9.63 93.45 -0.69
CA PRO T 40 8.75 94.56 -0.31
C PRO T 40 8.82 94.95 1.16
N LYS T 41 8.32 94.14 2.08
CA LYS T 41 8.73 94.33 3.47
C LYS T 41 9.19 93.04 4.14
N LYS T 42 8.24 92.17 4.45
CA LYS T 42 8.46 90.87 5.07
C LYS T 42 7.11 90.15 5.06
N GLY T 43 6.97 89.05 4.35
CA GLY T 43 5.63 88.53 4.18
C GLY T 43 5.42 87.04 4.35
N ALA T 44 4.56 86.49 3.49
CA ALA T 44 4.25 85.06 3.56
C ALA T 44 5.47 84.16 3.59
N PRO T 45 6.55 84.43 2.84
CA PRO T 45 7.77 83.62 3.00
C PRO T 45 8.34 83.66 4.41
N PHE T 46 7.85 84.55 5.28
CA PHE T 46 8.38 84.71 6.63
C PHE T 46 7.27 84.58 7.68
N ALA T 47 6.25 83.78 7.39
CA ALA T 47 5.13 83.49 8.29
C ALA T 47 4.32 84.73 8.66
N GLU T 48 4.59 85.87 8.04
CA GLU T 48 3.87 87.10 8.34
C GLU T 48 2.53 87.09 7.62
N VAL T 49 1.80 88.20 7.71
CA VAL T 49 0.57 88.42 6.97
C VAL T 49 0.75 89.68 6.13
N ASP T 50 0.96 89.49 4.83
CA ASP T 50 1.33 90.60 3.95
C ASP T 50 0.27 91.69 3.98
N PRO T 51 0.64 92.94 3.68
CA PRO T 51 -0.37 94.01 3.62
C PRO T 51 -1.43 93.77 2.56
N ALA T 52 -1.04 93.26 1.39
CA ALA T 52 -2.00 93.08 0.30
C ALA T 52 -3.00 91.97 0.61
N GLU T 53 -2.54 90.90 1.26
CA GLU T 53 -3.45 89.83 1.64
C GLU T 53 -4.33 90.21 2.82
N GLN T 54 -3.81 91.01 3.76
CA GLN T 54 -4.62 91.44 4.89
C GLN T 54 -5.64 92.47 4.45
N ALA T 55 -5.32 93.27 3.43
CA ALA T 55 -6.22 94.32 2.94
C ALA T 55 -7.59 93.80 2.55
N ALA T 56 -7.71 92.52 2.22
CA ALA T 56 -9.01 91.92 1.95
C ALA T 56 -9.73 91.49 3.22
N ALA T 57 -9.00 91.30 4.32
CA ALA T 57 -9.58 90.88 5.59
C ALA T 57 -10.31 92.01 6.30
N LEU T 58 -10.39 93.22 5.69
CA LEU T 58 -11.16 94.33 6.25
C LEU T 58 -12.43 94.55 5.43
N PRO T 59 -13.57 94.71 6.10
CA PRO T 59 -14.83 94.94 5.39
C PRO T 59 -14.96 96.40 4.99
N PRO T 60 -15.99 96.74 4.22
CA PRO T 60 -16.19 98.15 3.86
C PRO T 60 -16.54 99.01 5.06
N SER T 61 -16.44 100.33 4.86
CA SER T 61 -16.56 101.30 5.94
C SER T 61 -18.02 101.73 6.12
N GLN T 62 -18.22 102.83 6.85
CA GLN T 62 -19.58 103.34 7.07
C GLN T 62 -20.18 103.90 5.79
N ALA T 63 -19.34 104.20 4.78
CA ALA T 63 -19.88 104.56 3.47
C ALA T 63 -20.85 103.49 2.98
N GLU T 64 -20.40 102.23 3.04
CA GLU T 64 -21.30 101.09 2.90
C GLU T 64 -22.56 101.28 3.72
N CYS T 65 -22.39 101.63 5.00
CA CYS T 65 -23.53 101.67 5.92
C CYS T 65 -24.62 102.61 5.42
N GLU T 66 -24.33 103.91 5.37
CA GLU T 66 -25.43 104.79 5.05
C GLU T 66 -25.75 104.84 3.56
N ALA T 67 -24.85 104.43 2.67
CA ALA T 67 -25.24 104.29 1.28
C ALA T 67 -26.28 103.18 1.10
N ALA T 68 -26.05 102.03 1.73
CA ALA T 68 -27.02 100.95 1.65
C ALA T 68 -28.29 101.32 2.41
N LYS T 69 -28.18 102.11 3.47
CA LYS T 69 -29.39 102.61 4.12
C LYS T 69 -30.19 103.53 3.19
N ALA T 70 -29.49 104.34 2.39
CA ALA T 70 -30.16 105.22 1.45
C ALA T 70 -30.85 104.42 0.35
N VAL T 71 -30.18 103.39 -0.16
CA VAL T 71 -30.84 102.54 -1.15
C VAL T 71 -31.99 101.76 -0.50
N LEU T 72 -31.92 101.49 0.81
CA LEU T 72 -33.04 100.87 1.51
C LEU T 72 -34.23 101.83 1.56
N GLU T 73 -33.97 103.10 1.86
CA GLU T 73 -35.04 104.09 1.89
C GLU T 73 -35.66 104.27 0.52
N ASN T 74 -34.84 104.29 -0.54
CA ASN T 74 -35.37 104.33 -1.89
C ASN T 74 -36.20 103.10 -2.20
N TYR T 75 -35.76 101.93 -1.70
CA TYR T 75 -36.52 100.71 -1.88
C TYR T 75 -37.88 100.80 -1.19
N LYS T 76 -37.94 101.35 0.02
CA LYS T 76 -39.23 101.51 0.70
C LYS T 76 -40.13 102.48 -0.07
N ARG T 77 -39.55 103.61 -0.49
CA ARG T 77 -40.29 104.57 -1.31
C ARG T 77 -40.95 103.88 -2.50
N ASP T 78 -40.16 103.18 -3.32
CA ASP T 78 -40.70 102.62 -4.54
C ASP T 78 -41.54 101.37 -4.29
N ILE T 79 -41.34 100.69 -3.17
CA ILE T 79 -42.17 99.53 -2.84
C ILE T 79 -43.56 99.98 -2.42
N ASP T 80 -43.68 101.06 -1.66
CA ASP T 80 -45.02 101.57 -1.42
C ASP T 80 -45.61 102.22 -2.66
N ALA T 81 -44.75 102.75 -3.55
CA ALA T 81 -45.22 103.17 -4.86
C ALA T 81 -45.83 102.01 -5.64
N LEU T 82 -45.23 100.82 -5.51
CA LEU T 82 -45.82 99.62 -6.09
C LEU T 82 -47.12 99.25 -5.39
N LYS T 83 -47.16 99.37 -4.06
CA LYS T 83 -48.36 98.99 -3.32
C LYS T 83 -49.54 99.90 -3.65
N THR T 84 -49.29 101.14 -4.06
CA THR T 84 -50.36 102.00 -4.54
C THR T 84 -50.58 101.90 -6.04
N TYR T 85 -49.94 100.94 -6.71
CA TYR T 85 -50.14 100.75 -8.14
C TYR T 85 -51.32 99.82 -8.40
N ARG T 86 -51.96 100.01 -9.55
CA ARG T 86 -53.01 99.15 -10.05
C ARG T 86 -52.90 99.09 -11.57
N PRO T 87 -53.19 97.94 -12.18
CA PRO T 87 -52.99 97.78 -13.62
C PRO T 87 -53.98 98.60 -14.43
N SER T 88 -53.68 98.72 -15.72
CA SER T 88 -54.54 99.45 -16.66
C SER T 88 -55.53 98.47 -17.28
N GLU T 89 -56.41 98.99 -18.13
CA GLU T 89 -57.46 98.16 -18.70
C GLU T 89 -56.98 97.37 -19.92
N GLN T 90 -56.11 97.99 -20.73
CA GLN T 90 -55.56 97.30 -21.90
C GLN T 90 -54.61 96.18 -21.52
N GLU T 91 -53.64 96.44 -20.65
CA GLU T 91 -52.73 95.38 -20.25
C GLU T 91 -53.45 94.31 -19.45
N ARG T 92 -54.62 94.64 -18.90
CA ARG T 92 -55.40 93.62 -18.20
C ARG T 92 -55.98 92.60 -19.18
N ALA T 93 -56.53 93.06 -20.30
CA ALA T 93 -56.97 92.13 -21.34
C ALA T 93 -55.77 91.43 -21.97
N ALA T 94 -54.62 92.11 -21.99
CA ALA T 94 -53.40 91.46 -22.46
C ALA T 94 -53.03 90.28 -21.55
N ILE T 95 -53.12 90.48 -20.24
CA ILE T 95 -52.86 89.40 -19.30
C ILE T 95 -53.91 88.31 -19.45
N ASP T 96 -55.15 88.69 -19.75
CA ASP T 96 -56.16 87.70 -20.09
C ASP T 96 -55.69 86.80 -21.22
N ALA T 97 -55.28 87.39 -22.34
CA ALA T 97 -54.84 86.60 -23.49
C ALA T 97 -53.57 85.81 -23.16
N ARG T 98 -52.68 86.39 -22.36
CA ARG T 98 -51.43 85.71 -22.04
C ARG T 98 -51.66 84.49 -21.16
N ARG T 99 -52.50 84.61 -20.14
CA ARG T 99 -52.84 83.47 -19.31
C ARG T 99 -53.62 82.42 -20.12
N ALA T 100 -54.49 82.89 -21.03
CA ALA T 100 -55.16 81.96 -21.93
C ALA T 100 -54.14 81.13 -22.70
N LEU T 101 -53.18 81.78 -23.34
CA LEU T 101 -52.16 81.04 -24.10
C LEU T 101 -51.33 80.16 -23.18
N ALA T 102 -51.07 80.63 -21.96
CA ALA T 102 -50.29 79.86 -21.00
C ALA T 102 -50.95 78.53 -20.66
N LEU T 103 -52.27 78.50 -20.49
CA LEU T 103 -52.93 77.22 -20.25
C LEU T 103 -53.17 76.44 -21.54
N GLU T 104 -53.38 77.14 -22.65
CA GLU T 104 -53.79 76.49 -23.90
C GLU T 104 -52.63 76.18 -24.83
N ALA T 105 -51.47 75.81 -24.27
CA ALA T 105 -50.34 75.37 -25.06
C ALA T 105 -49.61 74.24 -24.35
N THR T 106 -48.65 73.65 -25.04
CA THR T 106 -47.75 72.66 -24.49
C THR T 106 -46.39 73.29 -24.22
N PRO T 107 -45.60 72.70 -23.31
CA PRO T 107 -44.25 73.23 -23.09
C PRO T 107 -43.42 73.29 -24.36
N GLU T 108 -43.60 72.33 -25.27
CA GLU T 108 -42.90 72.38 -26.56
C GLU T 108 -43.24 73.65 -27.31
N GLU T 109 -44.52 73.97 -27.44
CA GLU T 109 -44.91 75.22 -28.09
C GLU T 109 -44.53 76.43 -27.25
N LEU T 110 -44.43 76.25 -25.93
CA LEU T 110 -43.94 77.32 -25.08
C LEU T 110 -42.52 77.74 -25.46
N THR T 111 -41.59 76.78 -25.45
CA THR T 111 -40.22 77.10 -25.86
C THR T 111 -40.15 77.45 -27.34
N TRP T 112 -41.12 76.96 -28.13
CA TRP T 112 -41.17 77.34 -29.54
C TRP T 112 -41.39 78.84 -29.68
N LEU T 113 -42.44 79.36 -29.06
CA LEU T 113 -42.67 80.80 -29.11
C LEU T 113 -41.61 81.57 -28.35
N LYS T 114 -40.93 80.94 -27.40
CA LYS T 114 -39.78 81.59 -26.77
C LYS T 114 -38.67 81.80 -27.78
N MET T 115 -38.38 80.79 -28.59
CA MET T 115 -37.42 80.95 -29.68
C MET T 115 -37.92 81.96 -30.70
N ARG T 116 -39.24 81.99 -30.92
CA ARG T 116 -39.82 83.01 -31.80
C ARG T 116 -39.50 84.41 -31.28
N GLU T 117 -39.71 84.64 -29.99
CA GLU T 117 -39.41 85.93 -29.38
C GLU T 117 -37.94 86.27 -29.47
N TYR T 118 -37.07 85.29 -29.20
CA TYR T 118 -35.64 85.55 -29.25
C TYR T 118 -35.18 85.89 -30.65
N TYR T 119 -35.67 85.16 -31.66
CA TYR T 119 -35.27 85.46 -33.03
C TYR T 119 -35.92 86.74 -33.53
N ALA T 120 -37.04 87.14 -32.93
CA ALA T 120 -37.63 88.44 -33.25
C ALA T 120 -36.78 89.57 -32.70
N THR T 121 -36.31 89.44 -31.46
CA THR T 121 -35.47 90.49 -30.89
C THR T 121 -34.10 90.50 -31.56
N GLN T 122 -33.66 89.36 -32.07
CA GLN T 122 -32.35 89.31 -32.72
C GLN T 122 -32.41 89.86 -34.13
N ARG T 123 -33.39 89.44 -34.92
CA ARG T 123 -33.53 89.92 -36.30
C ARG T 123 -33.77 91.42 -36.38
N ALA T 124 -34.09 92.07 -35.27
CA ALA T 124 -34.30 93.51 -35.25
C ALA T 124 -33.90 94.09 -33.90
N UNK U 29 28.51 21.41 -86.82
CA UNK U 29 28.35 22.27 -87.99
C UNK U 29 27.00 22.07 -88.65
N UNK U 30 26.95 22.28 -89.97
CA UNK U 30 25.71 22.29 -90.72
C UNK U 30 25.56 20.97 -91.48
N UNK U 31 24.36 20.73 -92.00
CA UNK U 31 24.06 19.57 -92.82
C UNK U 31 23.16 20.00 -93.97
N UNK U 32 23.42 19.45 -95.15
CA UNK U 32 22.63 19.78 -96.33
C UNK U 32 21.44 18.84 -96.47
N TYR U 33 20.33 19.41 -96.94
CA TYR U 33 19.08 18.67 -97.10
C TYR U 33 18.50 18.95 -98.46
N UNK U 34 17.87 17.94 -99.06
CA UNK U 34 17.23 18.06 -100.37
C UNK U 34 15.89 17.34 -100.33
N UNK U 35 14.80 18.11 -100.38
CA UNK U 35 13.45 17.56 -100.31
C UNK U 35 13.06 17.02 -101.69
N UNK U 36 13.38 15.75 -101.91
CA UNK U 36 13.06 15.10 -103.18
C UNK U 36 11.94 14.07 -103.00
N UNK U 40 10.83 11.43 -100.21
CA UNK U 40 12.15 10.93 -99.83
C UNK U 40 13.21 12.00 -99.99
N UNK U 41 13.61 12.60 -98.87
CA UNK U 41 14.55 13.72 -98.86
C UNK U 41 15.94 13.19 -98.53
N UNK U 42 16.94 13.60 -99.31
CA UNK U 42 18.31 13.19 -99.06
C UNK U 42 19.00 14.16 -98.10
N UNK U 43 20.00 13.64 -97.39
CA UNK U 43 20.73 14.45 -96.44
C UNK U 43 22.22 14.17 -96.59
N UNK U 44 23.02 15.20 -96.31
CA UNK U 44 24.47 15.12 -96.46
C UNK U 44 25.14 15.77 -95.27
N UNK U 45 26.08 15.05 -94.67
CA UNK U 45 26.86 15.56 -93.54
C UNK U 45 28.23 16.03 -94.03
N UNK U 46 28.68 17.15 -93.48
CA UNK U 46 29.95 17.74 -93.87
C UNK U 46 31.13 16.87 -93.43
N UNK U 60 26.93 8.32 -92.51
CA UNK U 60 27.74 8.90 -93.59
C UNK U 60 26.94 9.94 -94.37
N UNK U 61 26.03 9.46 -95.22
CA UNK U 61 25.15 10.31 -96.02
C UNK U 61 23.73 9.81 -95.83
N UNK U 62 23.06 10.33 -94.80
CA UNK U 62 21.75 9.84 -94.43
C UNK U 62 20.74 10.11 -95.55
N UNK U 63 19.79 9.18 -95.70
CA UNK U 63 18.73 9.30 -96.70
C UNK U 63 17.41 8.99 -95.99
N UNK U 64 16.56 10.02 -95.89
CA UNK U 64 15.29 9.90 -95.17
C UNK U 64 14.21 9.45 -96.14
N UNK U 65 14.29 8.17 -96.52
CA UNK U 65 13.28 7.57 -97.39
C UNK U 65 11.98 7.44 -96.62
N UNK U 66 10.92 8.06 -97.14
CA UNK U 66 9.62 8.08 -96.47
C UNK U 66 9.08 6.69 -96.20
N UNK U 70 9.88 5.38 -92.97
CA UNK U 70 11.09 4.61 -92.73
C UNK U 70 12.33 5.50 -92.88
N VAL U 71 13.47 4.87 -93.16
CA VAL U 71 14.72 5.60 -93.37
C VAL U 71 15.68 4.69 -94.09
N HIS U 72 16.68 5.28 -94.74
CA HIS U 72 17.74 4.54 -95.41
C HIS U 72 19.08 5.15 -94.97
N VAL U 73 19.77 4.46 -94.07
CA VAL U 73 21.04 4.96 -93.53
C VAL U 73 22.12 4.52 -94.51
N PHE U 74 22.31 5.32 -95.55
CA PHE U 74 23.30 5.00 -96.57
C PHE U 74 24.71 5.25 -96.06
N ARG U 75 25.69 4.69 -96.77
CA ARG U 75 27.09 4.90 -96.48
C ARG U 75 27.85 5.12 -97.78
N LYS U 76 28.63 6.20 -97.84
CA LYS U 76 29.40 6.52 -99.03
C LYS U 76 30.54 7.47 -98.71
N UNK U 144 24.28 0.61 -91.24
CA UNK U 144 24.85 -0.26 -90.21
C UNK U 144 25.09 0.50 -88.91
N UNK U 145 24.06 0.62 -88.09
CA UNK U 145 24.17 1.35 -86.84
C UNK U 145 24.65 0.45 -85.71
N UNK U 146 25.83 -0.14 -85.89
CA UNK U 146 26.43 -1.01 -84.87
C UNK U 146 27.52 -0.22 -84.14
N UNK U 147 27.09 0.59 -83.18
CA UNK U 147 28.01 1.41 -82.40
C UNK U 147 27.24 1.97 -81.21
N UNK U 148 27.98 2.49 -80.23
CA UNK U 148 27.40 3.11 -79.04
C UNK U 148 28.45 4.02 -78.42
N UNK U 149 28.02 4.81 -77.45
CA UNK U 149 28.93 5.69 -76.74
C UNK U 149 29.93 4.89 -75.91
N UNK U 150 30.99 5.55 -75.49
CA UNK U 150 32.01 4.92 -74.67
C UNK U 150 32.47 5.84 -73.56
N UNK V 3 -42.01 48.61 -14.00
CA UNK V 3 -40.62 48.20 -14.14
C UNK V 3 -40.29 47.04 -13.19
N UNK V 4 -39.13 47.14 -12.53
CA UNK V 4 -38.76 46.13 -11.54
C UNK V 4 -39.62 46.25 -10.28
N UNK V 5 -40.10 47.45 -9.97
CA UNK V 5 -41.00 47.63 -8.83
C UNK V 5 -42.27 46.80 -9.01
N UNK V 6 -42.75 46.66 -10.25
CA UNK V 6 -43.93 45.84 -10.49
C UNK V 6 -43.67 44.38 -10.16
N UNK V 7 -42.53 43.82 -10.59
CA UNK V 7 -42.21 42.44 -10.27
C UNK V 7 -42.02 42.26 -8.76
N UNK V 8 -41.39 43.24 -8.11
CA UNK V 8 -41.25 43.17 -6.66
C UNK V 8 -42.60 43.15 -5.96
N UNK V 9 -43.52 44.02 -6.39
CA UNK V 9 -44.84 44.05 -5.78
C UNK V 9 -45.61 42.76 -6.04
N UNK V 10 -45.45 42.20 -7.24
CA UNK V 10 -46.14 40.95 -7.56
C UNK V 10 -45.61 39.80 -6.70
N UNK V 11 -44.28 39.72 -6.53
CA UNK V 11 -43.70 38.70 -5.68
C UNK V 11 -44.16 38.87 -4.24
N UNK V 12 -44.18 40.11 -3.76
CA UNK V 12 -44.64 40.36 -2.39
C UNK V 12 -46.10 39.99 -2.21
N UNK V 13 -46.95 40.27 -3.21
CA UNK V 13 -48.35 39.89 -3.13
C UNK V 13 -48.51 38.37 -3.12
N UNK V 14 -47.72 37.68 -3.94
CA UNK V 14 -47.73 36.22 -3.89
C UNK V 14 -47.30 35.73 -2.51
N UNK V 15 -46.34 36.42 -1.89
CA UNK V 15 -45.91 36.03 -0.55
C UNK V 15 -46.90 36.50 0.52
N UNK V 16 -47.45 37.70 0.35
CA UNK V 16 -48.43 38.22 1.30
C UNK V 16 -49.81 37.64 1.03
N UNK V 31 -49.35 46.43 8.32
CA UNK V 31 -49.11 47.24 7.14
C UNK V 31 -47.87 46.75 6.39
N UNK V 32 -48.08 45.80 5.47
CA UNK V 32 -46.98 45.29 4.66
C UNK V 32 -46.96 45.92 3.27
N UNK V 33 -48.12 46.07 2.63
CA UNK V 33 -48.17 46.69 1.31
C UNK V 33 -47.79 48.17 1.38
N UNK V 34 -48.20 48.85 2.45
CA UNK V 34 -47.82 50.24 2.63
C UNK V 34 -46.32 50.39 2.79
N UNK V 35 -45.71 49.54 3.62
CA UNK V 35 -44.26 49.57 3.79
C UNK V 35 -43.56 49.21 2.48
N UNK V 36 -44.15 48.31 1.69
CA UNK V 36 -43.57 47.95 0.40
C UNK V 36 -43.59 49.14 -0.55
N UNK V 37 -44.71 49.87 -0.59
CA UNK V 37 -44.77 51.06 -1.42
C UNK V 37 -43.79 52.12 -0.93
N UNK V 38 -43.63 52.25 0.39
CA UNK V 38 -42.66 53.19 0.92
C UNK V 38 -41.23 52.83 0.53
N UNK V 39 -40.91 51.54 0.56
CA UNK V 39 -39.59 51.09 0.10
C UNK V 39 -39.41 51.31 -1.39
N UNK V 40 -40.49 51.12 -2.17
CA UNK V 40 -40.43 51.41 -3.59
C UNK V 40 -40.24 52.89 -3.88
N UNK V 41 -40.72 53.77 -3.00
CA UNK V 41 -40.46 55.19 -3.16
C UNK V 41 -38.98 55.52 -3.00
N UNK V 42 -38.31 54.87 -2.06
CA UNK V 42 -36.88 55.10 -1.83
C UNK V 42 -36.19 53.79 -1.47
N UNK V 44 -35.17 50.60 -4.07
CA UNK V 44 -36.24 49.62 -4.22
C UNK V 44 -35.68 48.20 -4.21
N UNK V 45 -34.50 48.04 -4.79
CA UNK V 45 -33.88 46.71 -4.86
C UNK V 45 -33.36 46.24 -3.51
N UNK V 46 -33.19 47.16 -2.55
CA UNK V 46 -32.71 46.77 -1.23
C UNK V 46 -33.67 45.80 -0.55
N UNK V 47 -34.97 46.07 -0.66
CA UNK V 47 -35.96 45.18 -0.05
C UNK V 47 -35.93 43.80 -0.70
N UNK V 48 -35.79 43.75 -2.02
CA UNK V 48 -35.72 42.48 -2.72
C UNK V 48 -34.47 41.69 -2.29
N UNK V 49 -33.33 42.37 -2.19
CA UNK V 49 -32.12 41.70 -1.76
C UNK V 49 -32.22 41.20 -0.32
N UNK V 50 -32.80 42.01 0.58
CA UNK V 50 -32.96 41.58 1.96
C UNK V 50 -33.93 40.41 2.06
N UNK V 51 -34.97 40.41 1.23
CA UNK V 51 -35.90 39.28 1.22
C UNK V 51 -35.23 38.02 0.70
N UNK V 52 -34.39 38.13 -0.33
CA UNK V 52 -33.64 36.98 -0.81
C UNK V 52 -32.73 36.45 0.28
N UNK V 53 -32.06 37.35 1.01
CA UNK V 53 -31.21 36.93 2.11
C UNK V 53 -32.00 36.23 3.20
N UNK V 54 -33.20 36.74 3.51
CA UNK V 54 -34.03 36.11 4.53
C UNK V 54 -34.47 34.72 4.09
N UNK V 55 -34.86 34.58 2.82
CA UNK V 55 -35.24 33.27 2.31
C UNK V 55 -34.06 32.31 2.36
N UNK V 56 -32.87 32.78 2.00
CA UNK V 56 -31.69 31.93 2.06
C UNK V 56 -31.40 31.49 3.49
N UNK V 57 -31.56 32.40 4.45
CA UNK V 57 -31.35 32.03 5.85
C UNK V 57 -32.41 31.05 6.34
N UNK V 58 -33.66 31.20 5.87
CA UNK V 58 -34.70 30.26 6.23
C UNK V 58 -34.41 28.86 5.69
N UNK V 59 -33.92 28.79 4.44
CA UNK V 59 -33.53 27.51 3.87
C UNK V 59 -32.34 26.91 4.61
N UNK V 60 -31.36 27.75 4.97
CA UNK V 60 -30.19 27.28 5.70
C UNK V 60 -30.51 26.92 7.13
N UNK V 61 -31.68 27.31 7.64
CA UNK V 61 -32.11 26.84 8.95
C UNK V 61 -32.28 25.32 8.97
N UNK V 62 -32.78 24.75 7.88
CA UNK V 62 -32.95 23.31 7.79
C UNK V 62 -31.63 22.61 7.48
N UNK V 64 -28.21 22.53 10.52
CA UNK V 64 -27.26 23.42 9.88
C UNK V 64 -27.20 24.75 10.63
N UNK V 65 -27.55 24.72 11.91
CA UNK V 65 -27.53 25.92 12.72
C UNK V 65 -26.13 26.48 12.92
N UNK V 66 -25.10 25.71 12.62
CA UNK V 66 -23.73 26.23 12.71
C UNK V 66 -23.51 27.35 11.70
N UNK V 67 -24.05 27.19 10.48
CA UNK V 67 -23.93 28.23 9.49
C UNK V 67 -24.64 29.51 9.93
N UNK V 68 -25.85 29.36 10.49
CA UNK V 68 -26.58 30.52 10.99
C UNK V 68 -25.81 31.19 12.12
N UNK V 69 -25.22 30.41 13.01
CA UNK V 69 -24.44 30.97 14.11
C UNK V 69 -23.23 31.73 13.59
N UNK V 70 -22.54 31.18 12.60
CA UNK V 70 -21.37 31.85 12.03
C UNK V 70 -21.78 33.14 11.34
N UNK V 71 -22.86 33.11 10.55
CA UNK V 71 -23.33 34.32 9.87
C UNK V 71 -23.73 35.39 10.87
N UNK V 72 -24.45 35.00 11.93
CA UNK V 72 -24.87 35.97 12.94
C UNK V 72 -23.67 36.55 13.69
N UNK V 73 -22.68 35.71 14.00
CA UNK V 73 -21.49 36.21 14.69
C UNK V 73 -20.73 37.19 13.81
N UNK V 74 -20.59 36.88 12.51
CA UNK V 74 -19.92 37.78 11.59
C UNK V 74 -20.68 39.10 11.47
N UNK V 75 -22.01 39.03 11.38
CA UNK V 75 -22.80 40.25 11.33
C UNK V 75 -22.61 41.10 12.58
N UNK V 76 -22.62 40.45 13.75
CA UNK V 76 -22.42 41.18 15.00
C UNK V 76 -21.05 41.85 15.03
N UNK V 77 -20.00 41.12 14.62
CA UNK V 77 -18.67 41.70 14.60
C UNK V 77 -18.60 42.91 13.67
N UNK V 78 -19.13 42.76 12.45
CA UNK V 78 -19.08 43.84 11.49
C UNK V 78 -19.83 45.07 11.99
N UNK V 79 -21.06 44.89 12.48
CA UNK V 79 -21.85 46.03 12.93
C UNK V 79 -21.24 46.68 14.15
N UNK V 80 -20.70 45.88 15.07
CA UNK V 80 -20.05 46.44 16.25
C UNK V 80 -18.83 47.27 15.87
N UNK V 81 -17.97 46.73 14.99
CA UNK V 81 -16.80 47.49 14.58
C UNK V 81 -17.19 48.74 13.84
N UNK V 82 -18.23 48.68 13.01
CA UNK V 82 -18.66 49.85 12.26
C UNK V 82 -19.19 50.94 13.19
N UNK V 83 -20.04 50.57 14.15
CA UNK V 83 -20.60 51.56 15.06
C UNK V 83 -19.56 52.07 16.05
N UNK V 84 -18.53 51.27 16.34
CA UNK V 84 -17.49 51.73 17.25
C UNK V 84 -16.52 52.68 16.56
N UNK V 85 -16.13 52.38 15.32
CA UNK V 85 -15.23 53.26 14.59
C UNK V 85 -15.91 54.55 14.16
N UNK V 86 -17.20 54.73 14.46
CA UNK V 86 -17.93 55.92 14.08
C UNK V 86 -17.54 57.14 14.93
C1 LMG W . 26.15 40.47 -14.03
O1 LMG W . 27.04 39.40 -14.17
C2 LMG W . 25.25 40.40 -15.23
O2 LMG W . 26.09 40.70 -16.30
C3 LMG W . 24.27 41.56 -15.06
O3 LMG W . 23.39 41.43 -16.13
C4 LMG W . 23.49 41.40 -13.75
O4 LMG W . 22.69 40.29 -13.84
C5 LMG W . 24.49 41.17 -12.59
O5 LMG W . 23.14 41.93 -10.87
C6 LMG W . 23.73 40.77 -11.34
O6 LMG W . 25.39 40.14 -12.90
C7 LMG W . 27.82 39.16 -13.03
C8 LMG W . 29.29 39.09 -13.50
C9 LMG W . 29.49 37.86 -14.38
O7 LMG W . 29.58 40.19 -14.33
C10 LMG W . 30.79 40.78 -14.19
O9 LMG W . 31.26 40.86 -13.06
C11 LMG W . 31.55 40.79 -15.47
C12 LMG W . 33.00 40.46 -15.21
C13 LMG W . 33.81 41.64 -14.75
C14 LMG W . 35.07 41.08 -14.17
C15 LMG W . 35.97 42.21 -13.72
C16 LMG W . 37.01 41.66 -12.77
C17 LMG W . 36.26 40.95 -11.66
C18 LMG W . 37.26 40.69 -10.55
C19 LMG W . 38.10 39.51 -10.96
C20 LMG W . 38.73 38.98 -9.69
C21 LMG W . 40.19 39.35 -9.73
C22 LMG W . 40.94 38.05 -9.90
C23 LMG W . 42.38 38.34 -9.64
O8 LMG W . 29.60 36.78 -13.49
C28 LMG W . 30.84 36.41 -13.12
O10 LMG W . 31.43 35.59 -13.80
C29 LMG W . 31.14 36.70 -11.69
C30 LMG W . 32.63 36.93 -11.49
C31 LMG W . 32.84 37.73 -10.22
C32 LMG W . 33.87 37.03 -9.31
C33 LMG W . 34.67 36.01 -10.12
C34 LMG W . 36.04 36.57 -10.42
C35 LMG W . 36.24 36.46 -11.93
C36 LMG W . 37.68 36.08 -12.16
C37 LMG W . 38.07 36.52 -13.55
C38 LMG W . 37.52 35.42 -14.40
C39 LMG W . 38.16 35.47 -15.76
C40 LMG W . 39.09 34.30 -15.72
MG MG X . 22.30 -16.07 62.81
O6 SQD Y . 19.47 37.48 -11.11
C44 SQD Y . 20.75 38.06 -11.24
C45 SQD Y . 21.80 36.97 -11.35
C46 SQD Y . 21.97 36.61 -12.81
O47 SQD Y . 23.04 37.39 -10.85
C7 SQD Y . 23.64 36.71 -9.77
O49 SQD Y . 22.95 35.96 -9.10
C8 SQD Y . 25.16 36.52 -9.76
C9 SQD Y . 25.84 37.84 -9.38
C10 SQD Y . 27.34 37.59 -9.28
C11 SQD Y . 27.73 37.37 -7.81
C12 SQD Y . 29.03 38.10 -7.48
C13 SQD Y . 29.75 37.39 -6.33
C14 SQD Y . 28.93 37.48 -5.05
C15 SQD Y . 29.43 38.65 -4.21
C16 SQD Y . 28.42 38.98 -3.12
C17 SQD Y . 28.19 40.49 -3.09
O48 SQD Y . 23.35 36.63 -13.07
C23 SQD Y . 23.87 35.77 -14.07
O10 SQD Y . 24.02 36.23 -15.18
C24 SQD Y . 24.76 34.62 -13.64
C25 SQD Y . 26.20 35.01 -13.97
C26 SQD Y . 27.11 33.81 -13.68
C27 SQD Y . 26.61 32.61 -14.51
C28 SQD Y . 27.81 31.72 -14.82
C29 SQD Y . 28.42 31.19 -13.51
C30 SQD Y . 29.63 30.31 -13.83
C31 SQD Y . 29.29 29.38 -14.99
C32 SQD Y . 30.54 28.58 -15.37
C33 SQD Y . 30.25 27.72 -16.61
C34 SQD Y . 31.55 27.22 -17.20
C35 SQD Y . 32.44 28.39 -17.53
C1 SQD Y . 18.59 37.74 -12.17
C2 SQD Y . 17.24 37.12 -12.03
O2 SQD Y . 17.36 35.76 -11.85
C3 SQD Y . 16.54 37.34 -13.33
O3 SQD Y . 15.23 36.95 -13.19
C4 SQD Y . 16.56 38.76 -13.83
O4 SQD Y . 16.37 38.75 -15.18
C5 SQD Y . 17.86 39.48 -13.55
C6 SQD Y . 17.62 40.96 -13.52
O5 SQD Y . 18.46 39.12 -12.35
S SQD Y . 19.17 41.81 -13.41
O7 SQD Y . 19.08 43.15 -13.90
O8 SQD Y . 20.24 41.08 -14.09
O9 SQD Y . 19.51 42.07 -12.05
O1 LMG Z . -29.89 19.26 1.53
C7 LMG Z . -30.08 19.21 0.13
C8 LMG Z . -29.29 20.43 -0.44
C9 LMG Z . -28.05 20.67 0.45
O7 LMG Z . -28.80 20.06 -1.72
C10 LMG Z . -29.55 20.29 -2.82
O9 LMG Z . -30.72 19.92 -2.85
C11 LMG Z . -28.74 20.82 -3.97
C12 LMG Z . -28.35 22.27 -3.72
C13 LMG Z . -27.59 22.87 -4.89
C14 LMG Z . -27.45 24.36 -4.61
C15 LMG Z . -26.22 24.87 -5.32
C16 LMG Z . -25.10 25.04 -4.30
C17 LMG Z . -24.25 26.20 -4.75
O8 LMG Z . -27.49 21.91 0.04
C28 LMG Z . -27.26 22.81 1.02
O10 LMG Z . -27.63 22.58 2.16
C29 LMG Z . -26.40 23.96 0.60
C30 LMG Z . -26.38 25.02 1.70
C31 LMG Z . -25.02 25.68 1.69
C32 LMG Z . -24.99 26.68 0.53
C33 LMG Z . -23.78 26.34 -0.30
C34 LMG Z . -22.88 27.56 -0.38
C35 LMG Z . -22.60 27.77 -1.86
C36 LMG Z . -21.34 28.59 -1.94
CA1 DGA AA . 11.40 30.18 -12.46
CA2 DGA AA . 11.57 29.13 -13.60
CA3 DGA AA . 11.79 29.86 -14.96
CA4 DGA AA . 12.30 28.80 -15.98
CA5 DGA AA . 13.51 29.38 -16.76
CA6 DGA AA . 14.43 28.22 -17.22
CA7 DGA AA . 15.11 28.59 -18.55
CA8 DGA AA . 15.29 27.32 -19.42
CA9 DGA AA . 16.54 26.51 -18.93
CAA DGA AA . 16.10 25.30 -18.10
CBA DGA AA . 17.17 24.20 -18.18
CCA DGA AA . 16.54 22.87 -18.64
CDA DGA AA . 17.67 21.92 -19.12
OA1 DGA AA . 10.38 30.78 -12.37
CB1 DGA AA . 14.66 27.52 -10.08
CB2 DGA AA . 14.96 26.69 -11.35
CB3 DGA AA . 14.95 25.19 -10.91
CB4 DGA AA . 16.22 24.45 -11.40
CB5 DGA AA . 15.94 23.80 -12.77
CB6 DGA AA . 17.01 22.73 -13.04
CB7 DGA AA . 16.35 21.42 -13.53
CB8 DGA AA . 16.73 21.17 -15.00
CB9 DGA AA . 17.33 19.77 -15.16
CAB DGA AA . 16.42 18.71 -14.53
CBB DGA AA . 17.26 17.48 -14.10
CCB DGA AA . 18.27 17.12 -15.21
CDB DGA AA . 17.22 15.99 -15.44
CEB DGA AA . 17.91 14.60 -15.26
CFB DGA AA . 18.86 14.33 -16.45
CGB DGA AA . 18.04 13.74 -17.62
CHB DGA AA . 18.90 12.73 -18.38
CIB DGA AA . 18.06 12.09 -19.51
OB1 DGA AA . 14.96 27.06 -9.04
OG1 DGA AA . 12.45 30.41 -11.52
CG1 DGA AA . 12.06 30.17 -10.18
CG2 DGA AA . 12.67 28.85 -9.74
OG2 DGA AA . 14.02 28.80 -10.14
CG3 DGA AA . 12.56 28.75 -8.24
OXT DGA AA . 11.38 28.07 -7.89
CAA Y01 BA . -2.05 -0.44 -23.37
CBA Y01 BA . -0.81 0.24 -23.91
CAB Y01 BA . -0.40 1.42 -23.03
CAN Y01 BA . 0.34 -0.74 -24.08
CAJ Y01 BA . 0.78 -1.45 -22.83
CAO Y01 BA . 2.06 -2.20 -23.03
CBB Y01 BA . 2.56 -3.02 -21.82
CAC Y01 BA . 1.53 -4.07 -21.43
CBE Y01 BA . 3.94 -3.60 -22.17
CAP Y01 BA . 4.91 -2.49 -22.63
CAQ Y01 BA . 6.33 -2.93 -22.24
CBG Y01 BA . 6.14 -4.39 -21.84
CBI Y01 BA . 4.77 -4.40 -21.13
CAE Y01 BA . 4.82 -3.64 -19.79
CAU Y01 BA . 4.38 -5.86 -20.90
CAS Y01 BA . 5.49 -6.67 -20.21
CBF Y01 BA . 6.84 -6.58 -20.94
CBD Y01 BA . 7.27 -5.11 -21.13
CAK Y01 BA . 8.56 -5.01 -21.95
CAI Y01 BA . 9.49 -6.16 -21.78
CAZ Y01 BA . 9.25 -7.25 -21.07
CAV Y01 BA . 10.22 -8.41 -21.03
CBH Y01 BA . 7.95 -7.45 -20.30
CAD Y01 BA . 8.19 -7.09 -18.82
CAT Y01 BA . 7.57 -8.94 -20.43
CAR Y01 BA . 8.13 -9.58 -21.70
CBC Y01 BA . 9.63 -9.65 -21.67
OAW Y01 BA . 10.04 -10.80 -20.88
CAY Y01 BA . 9.73 -12.01 -21.34
OAG Y01 BA . 9.69 -12.28 -22.50
CAM Y01 BA . 9.41 -12.97 -20.23
CAL Y01 BA . 8.97 -14.35 -20.67
CAX Y01 BA . 8.51 -15.26 -19.53
OAH Y01 BA . 9.34 -15.54 -18.64
OAF Y01 BA . 7.34 -15.67 -19.54
O6 SQD CA . -16.64 -33.36 -46.88
C44 SQD CA . -17.23 -34.02 -47.98
C45 SQD CA . -17.47 -33.03 -49.11
C46 SQD CA . -16.13 -32.47 -49.58
O47 SQD CA . -18.18 -33.62 -50.18
C7 SQD CA . -19.60 -33.63 -50.20
O49 SQD CA . -20.19 -34.60 -49.75
C8 SQD CA . -20.33 -32.78 -51.23
C9 SQD CA . -21.19 -31.73 -50.53
C10 SQD CA . -20.35 -30.49 -50.27
C11 SQD CA . -21.26 -29.25 -50.21
C12 SQD CA . -21.07 -28.36 -51.43
C13 SQD CA . -19.62 -28.39 -51.91
C14 SQD CA . -19.54 -28.72 -53.40
C15 SQD CA . -18.90 -27.56 -54.16
C16 SQD CA . -19.88 -26.42 -54.31
C17 SQD CA . -19.26 -25.29 -55.14
O48 SQD CA . -16.35 -31.27 -50.29
C23 SQD CA . -15.31 -30.70 -51.06
O10 SQD CA . -14.33 -31.37 -51.36
C24 SQD CA . -15.38 -29.25 -51.51
C25 SQD CA . -13.98 -28.74 -51.84
C26 SQD CA . -13.97 -27.21 -51.81
C27 SQD CA . -12.56 -26.72 -51.47
C28 SQD CA . -11.66 -26.73 -52.71
C29 SQD CA . -10.23 -27.09 -52.30
C30 SQD CA . -9.23 -26.09 -52.89
C31 SQD CA . -7.82 -26.47 -52.44
C32 SQD CA . -6.81 -25.62 -53.21
C33 SQD CA . -5.59 -25.32 -52.32
C34 SQD CA . -4.50 -24.70 -53.19
C35 SQD CA . -3.95 -23.46 -52.52
C36 SQD CA . -3.18 -22.64 -53.53
C37 SQD CA . -1.90 -22.17 -52.91
C38 SQD CA . -1.06 -21.46 -53.94
C1 SQD CA . -15.87 -34.13 -45.98
C2 SQD CA . -15.51 -33.41 -44.71
O2 SQD CA . -14.83 -32.25 -45.00
C3 SQD CA . -14.60 -34.27 -43.90
O3 SQD CA . -14.44 -33.69 -42.67
C4 SQD CA . -15.08 -35.69 -43.72
O4 SQD CA . -13.99 -36.49 -43.49
C5 SQD CA . -15.83 -36.25 -44.88
C6 SQD CA . -16.83 -37.25 -44.35
O5 SQD CA . -16.53 -35.33 -45.67
S SQD CA . -17.72 -37.98 -45.71
O7 SQD CA . -17.11 -37.68 -46.98
O8 SQD CA . -17.85 -39.43 -45.51
O9 SQD CA . -19.01 -37.35 -45.88
C1 LMG DA . -17.59 -30.44 -39.65
O1 LMG DA . -17.46 -29.56 -40.73
C2 LMG DA . -16.16 -30.68 -39.16
O2 LMG DA . -15.55 -31.40 -40.18
C3 LMG DA . -16.29 -31.61 -37.95
O3 LMG DA . -14.99 -31.71 -37.46
C4 LMG DA . -17.18 -30.94 -36.87
O4 LMG DA . -16.53 -29.85 -36.36
C5 LMG DA . -18.50 -30.45 -37.54
O5 LMG DA . -18.82 -29.96 -35.28
C6 LMG DA . -19.26 -29.57 -36.55
O6 LMG DA . -18.25 -29.68 -38.68
C7 LMG DA . -18.52 -28.65 -40.86
C8 LMG DA . -18.99 -28.77 -42.33
C9 LMG DA . -19.00 -27.37 -42.93
O7 LMG DA . -18.01 -29.47 -43.05
C10 LMG DA . -18.42 -30.17 -44.15
O9 LMG DA . -19.43 -30.86 -44.08
C11 LMG DA . -17.60 -29.87 -45.36
C12 LMG DA . -18.52 -29.51 -46.53
C13 LMG DA . -18.52 -28.02 -46.81
C14 LMG DA . -17.60 -27.78 -47.99
C15 LMG DA . -17.96 -26.46 -48.60
C16 LMG DA . -16.90 -26.05 -49.59
C17 LMG DA . -17.07 -24.57 -49.82
O8 LMG DA . -19.93 -27.40 -43.97
C28 LMG DA . -20.52 -26.22 -44.28
O10 LMG DA . -20.02 -25.19 -43.86
C29 LMG DA . -21.92 -26.38 -44.77
C30 LMG DA . -21.99 -27.35 -45.92
C31 LMG DA . -22.19 -26.55 -47.18
C32 LMG DA . -23.56 -25.89 -47.09
C1A DGD EA . -11.87 -13.88 -57.97
C2A DGD EA . -11.21 -14.82 -58.88
C3A DGD EA . -12.17 -15.91 -59.32
C4A DGD EA . -11.78 -17.23 -58.67
O1A DGD EA . -13.05 -13.80 -57.66
C1B DGD EA . -13.13 -11.59 -54.84
C2B DGD EA . -13.73 -11.83 -53.50
C3B DGD EA . -14.49 -13.13 -53.50
C4B DGD EA . -15.63 -13.07 -52.51
C5B DGD EA . -16.14 -14.50 -52.48
C6B DGD EA . -16.46 -14.81 -51.02
O1B DGD EA . -13.49 -10.74 -55.64
O1G DGD EA . -10.92 -13.24 -57.24
C1G DGD EA . -10.96 -11.85 -57.12
C2G DGD EA . -10.90 -11.55 -55.60
O2G DGD EA . -11.95 -12.21 -54.97
C3G DGD EA . -9.63 -12.20 -55.09
O3G DGD EA . -8.67 -11.38 -55.69
C1D DGD EA . -7.99 -10.65 -54.77
C2D DGD EA . -6.52 -10.97 -55.01
O2D DGD EA . -6.36 -12.26 -54.55
C3D DGD EA . -5.75 -10.02 -54.08
O3D DGD EA . -4.39 -10.17 -54.29
C4D DGD EA . -6.11 -8.57 -54.45
O4D DGD EA . -5.81 -8.34 -55.78
C5D DGD EA . -7.64 -8.43 -54.35
O5D DGD EA . -9.53 -7.09 -54.73
C6D DGD EA . -8.12 -7.08 -54.87
O6D DGD EA . -8.25 -9.36 -55.19
C1E DGD EA . -10.11 -5.86 -55.01
C2E DGD EA . -11.60 -5.84 -54.59
O2E DGD EA . -11.66 -6.01 -53.22
C3E DGD EA . -12.34 -6.98 -55.30
O3E DGD EA . -13.68 -6.87 -54.94
C4E DGD EA . -12.19 -6.69 -56.80
O4E DGD EA . -12.67 -5.41 -57.06
C5E DGD EA . -10.70 -6.69 -57.15
O6E DGD EA . -9.99 -5.74 -56.39
C6E DGD EA . -10.42 -6.20 -58.59
O5E DGD EA . -9.13 -5.65 -58.53
C1 LMG FA . -20.28 -25.54 -34.77
O1 LMG FA . -20.66 -25.64 -36.12
C2 LMG FA . -21.33 -26.33 -33.97
O2 LMG FA . -22.51 -25.59 -34.08
C3 LMG FA . -20.86 -26.25 -32.51
O3 LMG FA . -21.81 -26.97 -31.77
C4 LMG FA . -19.49 -26.93 -32.40
O4 LMG FA . -19.62 -28.26 -32.77
C5 LMG FA . -18.52 -26.22 -33.41
O5 LMG FA . -16.31 -26.17 -32.69
C6 LMG FA . -17.20 -26.97 -33.42
O6 LMG FA . -19.05 -26.24 -34.71
C7 LMG FA . -20.18 -24.60 -36.92
C8 LMG FA . -21.22 -24.42 -38.05
C9 LMG FA . -22.32 -23.45 -37.58
O7 LMG FA . -20.58 -23.78 -39.13
C10 LMG FA . -19.97 -24.56 -40.07
O9 LMG FA . -19.99 -25.77 -39.93
C11 LMG FA . -19.15 -23.76 -41.03
C12 LMG FA . -19.92 -22.55 -41.51
C13 LMG FA . -19.05 -21.55 -42.24
C14 LMG FA . -19.55 -20.16 -41.88
C15 LMG FA . -18.58 -19.14 -42.42
C16 LMG FA . -19.14 -18.57 -43.70
C17 LMG FA . -18.35 -17.33 -44.03
C18 LMG FA . -17.13 -17.77 -44.80
C19 LMG FA . -17.05 -16.91 -46.03
C20 LMG FA . -15.75 -17.26 -46.70
C21 LMG FA . -16.06 -17.63 -48.12
C22 LMG FA . -14.73 -17.67 -48.81
C23 LMG FA . -14.86 -18.65 -49.93
O8 LMG FA . -21.76 -22.15 -37.62
C28 LMG FA . -21.62 -21.51 -36.44
O10 LMG FA . -21.72 -22.13 -35.40
C29 LMG FA . -21.52 -20.03 -36.56
C30 LMG FA . -20.45 -19.63 -37.53
C31 LMG FA . -20.83 -18.27 -38.10
C32 LMG FA . -19.72 -17.82 -39.03
C33 LMG FA . -20.38 -17.06 -40.15
C34 LMG FA . -20.63 -15.65 -39.69
C35 LMG FA . -22.08 -15.35 -40.02
O6 SQD GA . -12.50 -8.91 -21.65
C44 SQD GA . -13.85 -8.53 -21.74
C45 SQD GA . -14.47 -9.06 -23.04
C46 SQD GA . -14.35 -10.58 -23.09
O47 SQD GA . -15.81 -8.67 -23.14
C7 SQD GA . -16.15 -7.50 -23.84
O49 SQD GA . -17.13 -6.86 -23.51
C8 SQD GA . -15.50 -7.20 -25.20
C9 SQD GA . -16.55 -6.57 -26.11
C10 SQD GA . -15.85 -5.59 -27.04
C11 SQD GA . -14.99 -6.37 -28.04
C12 SQD GA . -15.31 -5.94 -29.45
C13 SQD GA . -14.59 -4.62 -29.75
C14 SQD GA . -13.57 -4.84 -30.88
C15 SQD GA . -12.24 -4.19 -30.48
O48 SQD GA . -13.33 -10.96 -23.99
C23 SQD GA . -13.62 -11.07 -25.38
O10 SQD GA . -14.76 -10.94 -25.75
C24 SQD GA . -12.49 -10.99 -26.40
C25 SQD GA . -12.98 -10.17 -27.58
C26 SQD GA . -12.11 -10.51 -28.80
C27 SQD GA . -10.93 -9.53 -28.88
C28 SQD GA . -11.29 -8.42 -29.87
C29 SQD GA . -10.34 -8.46 -31.07
C30 SQD GA . -8.95 -8.00 -30.64
C31 SQD GA . -8.30 -7.21 -31.78
C32 SQD GA . -6.93 -6.69 -31.32
C33 SQD GA . -7.08 -5.99 -29.97
C34 SQD GA . -6.01 -4.90 -29.82
C35 SQD GA . -6.52 -3.82 -28.90
C36 SQD GA . -5.51 -2.72 -28.80
C1 SQD GA . -12.12 -9.61 -20.50
C2 SQD GA . -10.65 -9.70 -20.29
O2 SQD GA . -10.07 -10.18 -21.43
C3 SQD GA . -10.43 -10.71 -19.21
O3 SQD GA . -9.15 -10.59 -18.75
C4 SQD GA . -11.35 -10.62 -18.03
O4 SQD GA . -11.69 -11.90 -17.66
C5 SQD GA . -12.63 -9.85 -18.22
C6 SQD GA . -12.86 -9.02 -17.00
O5 SQD GA . -12.70 -9.05 -19.36
S SQD GA . -14.47 -8.29 -17.13
O7 SQD GA . -15.27 -8.96 -18.10
O8 SQD GA . -15.13 -8.23 -15.82
O9 SQD GA . -14.38 -6.99 -17.73
CA1 DGA HA . 6.21 16.64 -31.98
CA2 DGA HA . 5.86 16.70 -30.47
CA3 DGA HA . 4.57 15.85 -30.22
CA4 DGA HA . 4.38 15.66 -28.69
CA5 DGA HA . 3.17 16.54 -28.23
CA6 DGA HA . 2.59 15.94 -26.90
CA7 DGA HA . 1.08 15.63 -27.10
CA8 DGA HA . 0.24 16.75 -26.43
CA9 DGA HA . -0.61 16.14 -25.26
CAA DGA HA . -0.38 16.99 -23.99
CBA DGA HA . -1.00 16.28 -22.78
OA1 DGA HA . 5.58 17.27 -32.77
CB1 DGA HA . 10.37 16.51 -30.41
CB2 DGA HA . 9.39 16.78 -29.24
CB3 DGA HA . 9.87 15.97 -28.00
CB4 DGA HA . 9.86 16.89 -26.76
CB5 DGA HA . 8.90 16.31 -25.71
CB6 DGA HA . 7.75 17.29 -25.51
CB7 DGA HA . 7.28 17.21 -24.05
CB8 DGA HA . 5.75 17.35 -24.03
CB9 DGA HA . 5.27 17.16 -22.59
CAB DGA HA . 4.18 18.20 -22.30
CBB DGA HA . 3.04 17.49 -21.54
CCB DGA HA . 3.14 17.87 -20.05
CDB DGA HA . 2.34 16.53 -19.93
CEB DGA HA . 2.02 16.25 -18.43
CFB DGA HA . 0.50 16.01 -18.28
OB1 DGA HA . 11.53 16.69 -30.25
OG1 DGA HA . 7.31 15.84 -32.43
CG1 DGA HA . 8.20 16.51 -33.31
CG2 DGA HA . 9.39 17.06 -32.51
OG2 DGA HA . 9.88 16.03 -31.67
CG3 DGA HA . 10.48 17.48 -33.46
OXT DGA HA . 10.35 18.86 -33.75
C1 LMG IA . -2.32 -44.68 -62.29
O1 LMG IA . -1.17 -44.06 -62.78
C2 LMG IA . -2.38 -44.28 -60.80
O2 LMG IA . -1.26 -44.88 -60.21
C3 LMG IA . -3.64 -44.97 -60.26
O3 LMG IA . -3.70 -44.64 -58.91
C4 LMG IA . -4.84 -44.37 -61.00
O4 LMG IA . -4.88 -43.00 -60.77
C5 LMG IA . -4.63 -44.60 -62.53
O5 LMG IA . -5.88 -42.64 -62.78
C6 LMG IA . -5.76 -43.92 -63.32
O6 LMG IA . -3.39 -44.07 -62.97
C7 LMG IA . -1.40 -43.03 -63.71
C8 LMG IA . -0.38 -41.95 -63.34
C9 LMG IA . 0.96 -42.35 -63.95
O7 LMG IA . -0.77 -40.77 -63.99
C10 LMG IA . -2.05 -40.34 -63.84
O9 LMG IA . -2.51 -40.18 -62.72
C11 LMG IA . -2.65 -39.86 -65.12
C12 LMG IA . -4.12 -39.60 -64.95
C13 LMG IA . -4.43 -38.13 -64.70
C14 LMG IA . -4.96 -37.55 -66.00
C15 LMG IA . -3.83 -36.84 -66.72
C16 LMG IA . -4.18 -35.37 -66.89
C17 LMG IA . -3.00 -34.72 -67.57
C18 LMG IA . -3.26 -33.22 -67.57
C19 LMG IA . -2.85 -32.71 -68.93
C20 LMG IA . -1.36 -32.55 -68.89
C21 LMG IA . -1.04 -31.15 -69.34
C22 LMG IA . -1.09 -31.21 -70.83
C23 LMG IA . 0.08 -32.04 -71.27
O8 LMG IA . 1.93 -41.53 -63.37
C28 LMG IA . 2.67 -42.10 -62.40
O10 LMG IA . 2.18 -42.98 -61.72
C29 LMG IA . 4.12 -41.81 -62.50
C30 LMG IA . 4.86 -42.51 -61.40
C31 LMG IA . 6.10 -41.71 -61.08
C32 LMG IA . 6.93 -42.53 -60.12
C33 LMG IA . 8.36 -42.14 -60.33
C34 LMG IA . 9.19 -43.40 -60.28
C35 LMG IA . 10.41 -43.13 -61.15
C36 LMG IA . 11.43 -42.51 -60.25
C37 LMG IA . 12.60 -42.08 -61.09
C38 LMG IA . 13.26 -41.07 -60.21
C39 LMG IA . 14.46 -40.51 -60.90
C40 LMG IA . 13.83 -39.58 -61.90
C41 LMG IA . 14.80 -38.49 -62.22
C42 LMG IA . 14.01 -37.60 -63.13
CAA Y01 JA . -1.07 -22.03 -58.99
CBA Y01 JA . 0.31 -22.64 -59.18
CAB Y01 JA . 1.07 -21.91 -60.28
CAN Y01 JA . 1.11 -22.69 -57.88
CAJ Y01 JA . 1.11 -24.00 -57.13
CAO Y01 JA . -0.26 -24.43 -56.66
CBB Y01 JA . -0.34 -25.80 -56.00
CAC Y01 JA . 0.38 -25.78 -54.65
CBE Y01 JA . -1.80 -26.25 -55.92
CAP Y01 JA . -2.51 -26.17 -57.31
CAQ Y01 JA . -3.36 -27.44 -57.45
CBG Y01 JA . -3.58 -27.83 -55.99
CBI Y01 JA . -2.18 -27.66 -55.36
CAE Y01 JA . -1.19 -28.72 -55.87
CAU Y01 JA . -2.38 -27.77 -53.85
CAS Y01 JA . -3.06 -29.10 -53.45
CBF Y01 JA . -4.40 -29.31 -54.17
CBD Y01 JA . -4.24 -29.17 -55.69
CAK Y01 JA . -5.60 -29.26 -56.38
CAI Y01 JA . -6.51 -30.29 -55.79
CAZ Y01 JA . -6.35 -30.84 -54.61
CAV Y01 JA . -7.45 -31.63 -53.94
CBH Y01 JA . -5.08 -30.66 -53.78
CAD Y01 JA . -4.14 -31.86 -54.04
CAT Y01 JA . -5.50 -30.63 -52.29
CAR Y01 JA . -6.90 -30.06 -52.08
CBC Y01 JA . -7.98 -30.91 -52.72
OAW Y01 JA . -8.47 -31.92 -51.79
CAY Y01 JA . -9.65 -32.48 -52.04
OAG Y01 JA . -10.34 -32.19 -52.97
CAM Y01 JA . -10.00 -33.50 -51.00
CAL Y01 JA . -10.45 -34.87 -51.47
CAX Y01 JA . -11.83 -34.90 -52.12
OAH Y01 JA . -12.47 -33.83 -52.19
OAF Y01 JA . -12.26 -35.99 -52.54
C1A DGD KA . -31.13 17.88 -10.06
C2A DGD KA . -32.42 17.80 -10.77
C3A DGD KA . -32.27 17.02 -12.07
C4A DGD KA . -33.61 16.87 -12.73
C5A DGD KA . -33.75 17.86 -13.87
O1A DGD KA . -30.91 18.05 -8.87
C1B DGD KA . -28.33 15.48 -12.59
C2B DGD KA . -27.30 14.89 -13.51
C3B DGD KA . -26.71 15.95 -14.40
C4B DGD KA . -26.30 15.35 -15.73
C5B DGD KA . -25.72 16.52 -16.50
C6B DGD KA . -24.81 15.93 -17.56
O1B DGD KA . -29.53 15.34 -12.69
O1G DGD KA . -30.13 17.98 -10.98
C1G DGD KA . -28.82 17.80 -10.56
C2G DGD KA . -28.63 16.29 -10.41
O2G DGD KA . -27.77 15.86 -11.42
C3G DGD KA . -27.88 16.10 -9.10
O3G DGD KA . -28.91 15.60 -8.28
C1D DGD KA . -28.43 15.15 -7.07
C2D DGD KA . -29.22 15.90 -5.97
O2D DGD KA . -28.66 17.18 -5.94
C3D DGD KA . -28.87 15.21 -4.64
O3D DGD KA . -29.70 15.72 -3.64
C4D DGD KA . -29.18 13.70 -4.75
O4D DGD KA . -30.50 13.51 -5.13
C5D DGD KA . -28.34 13.17 -5.92
O5D DGD KA . -27.97 11.06 -5.06
C6D DGD KA . -28.53 11.68 -6.19
O6D DGD KA . -28.77 13.79 -7.09
C1E DGD KA . -28.22 9.70 -4.95
C2E DGD KA . -27.98 9.24 -3.49
O2E DGD KA . -28.88 9.90 -2.69
C3E DGD KA . -26.54 9.62 -3.09
O3E DGD KA . -26.34 9.08 -1.83
C4E DGD KA . -25.57 8.96 -4.10
O4E DGD KA . -25.72 7.58 -4.05
C5E DGD KA . -25.96 9.39 -5.52
O6E DGD KA . -27.30 9.11 -5.80
C6E DGD KA . -25.23 8.58 -6.59
O5E DGD KA . -25.13 9.45 -7.67
C15 A1LXL LA . 71.18 44.31 -48.65
C14 A1LXL LA . 70.19 43.88 -47.56
C13 A1LXL LA . 69.55 42.37 -47.85
C12 A1LXL LA . 69.10 42.14 -49.15
C11 A1LXL LA . 70.03 42.79 -50.26
C01 A1LXL LA . 63.88 38.78 -48.77
C02 A1LXL LA . 64.99 37.75 -48.53
C03 A1LXL LA . 65.72 38.17 -47.26
C04 A1LXL LA . 67.20 38.24 -47.54
C05 A1LXL LA . 67.60 39.72 -47.93
C06 A1LXL LA . 67.81 39.84 -49.56
C07 A1LXL LA . 66.43 40.35 -50.21
C08 A1LXL LA . 68.94 40.59 -49.79
C09 A1LXL LA . 69.16 40.81 -51.49
C10 A1LXL LA . 69.36 42.37 -51.67
C16 A1LXL LA . 70.49 44.22 -50.00
C17 A1LXL LA . 71.46 44.66 -51.28
C18 A1LXL LA . 72.71 45.37 -50.84
C19 A1LXL LA . 72.39 46.44 -49.64
C20 A1LXL LA . 71.85 45.79 -48.35
C21 A1LXL LA . 72.90 45.56 -47.28
C22 A1LXL LA . 73.90 46.70 -47.12
C23 A1LXL LA . 74.51 47.01 -48.40
C24 A1LXL LA . 73.43 47.55 -49.33
C26 A1LXL LA . 70.79 46.73 -47.79
C27 A1LXL LA . 67.77 42.88 -49.14
C28 A1LXL LA . 65.48 37.15 -46.09
C29 A1LXL LA . 63.96 37.22 -45.67
C30 A1LXL LA . 65.83 35.70 -46.43
O25 A1LXL LA . 75.53 47.98 -48.23
C15 A1LXL MA . 71.22 38.62 -55.13
C14 A1LXL MA . 70.92 37.25 -54.49
C13 A1LXL MA . 69.32 37.01 -54.08
C12 A1LXL MA . 68.38 37.35 -55.07
C11 A1LXL MA . 69.05 38.13 -56.28
C01 A1LXL MA . 66.63 30.74 -55.83
C02 A1LXL MA . 66.31 32.11 -55.21
C03 A1LXL MA . 64.82 32.43 -55.33
C04 A1LXL MA . 64.44 33.90 -55.52
C05 A1LXL MA . 65.46 34.84 -56.27
C06 A1LXL MA . 66.31 35.80 -55.21
C07 A1LXL MA . 66.78 35.02 -53.89
C08 A1LXL MA . 67.40 36.26 -55.86
C09 A1LXL MA . 66.93 37.14 -57.25
C10 A1LXL MA . 67.87 38.43 -57.33
C16 A1LXL MA . 70.00 39.22 -55.80
C17 A1LXL MA . 70.54 40.25 -57.00
C18 A1LXL MA . 71.51 41.26 -56.38
C19 A1LXL MA . 71.70 41.14 -54.73
C20 A1LXL MA . 71.85 39.74 -54.12
C21 A1LXL MA . 73.29 39.38 -53.84
C22 A1LXL MA . 74.00 40.41 -52.98
C23 A1LXL MA . 73.91 41.77 -53.50
C24 A1LXL MA . 72.50 42.21 -53.92
C26 A1LXL MA . 71.08 39.68 -52.80
C27 A1LXL MA . 67.47 38.32 -54.32
C28 A1LXL MA . 64.16 31.98 -53.98
C29 A1LXL MA . 62.60 32.27 -54.00
C30 A1LXL MA . 64.29 30.48 -53.75
O25 A1LXL MA . 74.32 42.65 -52.44
ZN ZN NA . -1.29 49.00 -28.48
ZN ZN OA . -0.72 66.25 -34.02
#